data_4KXF
#
_entry.id   4KXF
#
_cell.length_a   334.052
_cell.length_b   334.052
_cell.length_c   177.567
_cell.angle_alpha   90.00
_cell.angle_beta   90.00
_cell.angle_gamma   90.00
#
_symmetry.space_group_name_H-M   'P 41 21 2'
#
loop_
_entity.id
_entity.type
_entity.pdbx_description
1 polymer 'NLR family CARD domain-containing protein 4'
2 non-polymer "ADENOSINE-5'-DIPHOSPHATE"
3 non-polymer 'SULFATE ION'
#
_entity_poly.entity_id   1
_entity_poly.type   'polypeptide(L)'
_entity_poly.pdbx_seq_one_letter_code
;MNFIRNNRRALIQRMGLTVTKQICDDLFALNVLNNQEANVIYCEPLEQEAARKIIHMTMQKGSAACNLFLKSLENWDYFV
YQDLTGQNLSYQVTEEDLNVLAQNLKDLYNSPAFLNFYPLGEDIDIIFNLEKTFTEPIMWKKDHRHHRVEQLTLGSLLEA
LKSPCLIEGESGKGKSTLLQRIAMLWASGGCRALKGFRLVFFIHLRSARGGLFETLYDQLLNIPDFISKPTFKALLLKLH
KEVLFLLDGYNEFHPQNCPEIEALIKENHRFKNMVIVTTTTECLRHIRHVGALTAEVGDMTEDSAKDLIEAVLVPDQVER
LWAQIQESRCLRNLMKTPLFVVITCAIQMGRQEFQAHTQTMLFQTFYDLLIQKNSHRYRGGASGDFARSLDYCGDLALEG
VFAHKFDFEPEHGSSMNEDVLVTIGLLCKYTAQRLKPTYKFFHKSFQEYTAGRRLSSLLTSKEPEEVSKGNSYLNKMVSI
SDITSLYGNLLLYTCGSSTEATRAVMRHLAMVYQHGSLQGLSVTKRPLWRQE(SEP)IQSLRNTTEQDVLKAINVNSFVE
CGINLFSESMSKSDLSQEFEAFFQGKSLYINSENIPDYLFDFFEYLPNCASALDFVKLDFYERATESQDKAEENVPGVHT
EGPSETYIPPRAVSLFFNWKQEFKTLEVTLRDINKLNKQDIKYLGKIFSSATNLRLHIKRCAAMAGRLSSVLRTCKNMHT
LMVEASPLTTDDEQYITSVTGLQNLSIHRLHTQQLPGGLIDSLGNLKNLERLILDDIRMNEEDAKNLAEGLRSLKKMRLL
HLTHLSDIGEGMDYIVKSLSEESCDLQEMKLVACCLTANSVKVLAQNLHNLIKLSILDISENYLEKDGNEALQELIGRLG
VLGELTTLMLPWCWDVHTSLPKLLKQLEGTPGLAKLGLKNWRLRDEEIKSLGEFLEMNPLRDLQQLDLAGHCVSSDGWLY
FMNVFENLKQLVFFDFSTEEFLPDAALVRKLSQVLSKLTLLQEVKLTGWEFDDYDISAIKGTFKLVTA
;
_entity_poly.pdbx_strand_id   K,B,D,F,H,L,N,P
#
loop_
_chem_comp.id
_chem_comp.type
_chem_comp.name
_chem_comp.formula
ADP non-polymer ADENOSINE-5'-DIPHOSPHATE 'C10 H15 N5 O10 P2'
SO4 non-polymer 'SULFATE ION' 'O4 S -2'
#
# COMPACT_ATOMS: atom_id res chain seq x y z
N VAL A 93 16.02 -51.09 32.23
CA VAL A 93 15.98 -50.30 33.46
C VAL A 93 14.53 -50.03 33.84
N THR A 94 13.82 -51.08 34.24
CA THR A 94 12.40 -50.96 34.56
C THR A 94 12.16 -49.95 35.67
N GLU A 95 10.98 -49.34 35.63
CA GLU A 95 10.59 -48.31 36.58
C GLU A 95 10.27 -49.02 37.89
N GLU A 96 9.87 -50.27 37.76
CA GLU A 96 9.67 -51.16 38.89
C GLU A 96 10.96 -51.29 39.69
N ASP A 97 12.06 -51.49 38.97
CA ASP A 97 13.37 -51.65 39.59
C ASP A 97 13.83 -50.37 40.28
N LEU A 98 13.51 -49.23 39.67
CA LEU A 98 13.85 -47.93 40.23
C LEU A 98 13.09 -47.74 41.55
N ASN A 99 11.81 -48.10 41.56
CA ASN A 99 11.01 -48.01 42.78
C ASN A 99 11.50 -48.99 43.85
N VAL A 100 11.98 -50.15 43.43
CA VAL A 100 12.54 -51.12 44.37
C VAL A 100 13.83 -50.57 44.98
N LEU A 101 14.58 -49.81 44.18
CA LEU A 101 15.79 -49.15 44.66
C LEU A 101 15.44 -48.11 45.71
N ALA A 102 14.48 -47.24 45.37
CA ALA A 102 14.07 -46.17 46.26
C ALA A 102 13.50 -46.72 47.56
N GLN A 103 12.73 -47.79 47.46
CA GLN A 103 12.17 -48.43 48.63
C GLN A 103 13.25 -49.01 49.55
N ASN A 104 14.32 -49.52 48.95
CA ASN A 104 15.43 -50.07 49.72
C ASN A 104 16.18 -48.96 50.46
N LEU A 105 16.41 -47.85 49.77
CA LEU A 105 17.05 -46.70 50.40
C LEU A 105 16.21 -46.17 51.56
N LYS A 106 14.90 -46.02 51.32
CA LYS A 106 13.99 -45.55 52.34
C LYS A 106 13.97 -46.50 53.53
N ASP A 107 14.00 -47.80 53.25
CA ASP A 107 14.02 -48.81 54.30
C ASP A 107 15.27 -48.66 55.14
N LEU A 108 16.41 -48.43 54.49
CA LEU A 108 17.66 -48.29 55.21
C LEU A 108 17.64 -47.05 56.10
N TYR A 109 17.23 -45.90 55.54
CA TYR A 109 17.25 -44.65 56.29
C TYR A 109 16.22 -44.61 57.41
N ASN A 110 15.20 -45.46 57.32
CA ASN A 110 14.14 -45.49 58.33
C ASN A 110 14.35 -46.55 59.39
N SER A 111 15.45 -47.29 59.28
CA SER A 111 15.74 -48.38 60.21
C SER A 111 16.33 -47.84 61.50
N PRO A 112 16.12 -48.56 62.61
CA PRO A 112 16.71 -48.16 63.89
C PRO A 112 18.23 -48.16 63.81
N ALA A 113 18.77 -48.95 62.89
CA ALA A 113 20.21 -49.02 62.68
C ALA A 113 20.79 -47.72 62.14
N PHE A 114 20.11 -47.12 61.17
CA PHE A 114 20.52 -45.83 60.63
C PHE A 114 20.14 -44.70 61.59
N LEU A 115 18.98 -44.84 62.22
CA LEU A 115 18.43 -43.82 63.10
C LEU A 115 19.26 -43.66 64.36
N ASN A 116 19.79 -44.76 64.87
CA ASN A 116 20.54 -44.74 66.13
C ASN A 116 22.01 -45.10 65.95
N PHE A 117 22.88 -44.36 66.62
CA PHE A 117 24.30 -44.70 66.64
C PHE A 117 24.97 -44.32 67.96
N TYR A 118 26.12 -44.93 68.24
CA TYR A 118 26.93 -44.61 69.40
C TYR A 118 27.99 -43.61 68.98
N PRO A 119 27.88 -42.35 69.45
CA PRO A 119 28.83 -41.31 69.09
C PRO A 119 30.24 -41.62 69.58
N LEU A 120 30.33 -42.12 70.80
CA LEU A 120 31.63 -42.37 71.44
C LEU A 120 32.07 -43.83 71.32
N GLY A 121 31.29 -44.61 70.60
CA GLY A 121 31.56 -46.03 70.44
C GLY A 121 30.59 -46.90 71.25
N GLU A 122 30.61 -48.19 70.95
CA GLU A 122 29.65 -49.13 71.52
C GLU A 122 29.92 -49.45 73.00
N ASP A 123 31.12 -49.11 73.48
CA ASP A 123 31.54 -49.49 74.82
C ASP A 123 31.27 -48.41 75.86
N ILE A 124 30.70 -47.31 75.40
CA ILE A 124 30.31 -46.21 76.27
C ILE A 124 28.82 -46.01 76.03
N ASP A 125 28.03 -45.89 77.09
CA ASP A 125 26.61 -45.82 76.87
C ASP A 125 26.21 -44.37 76.69
N ILE A 126 26.12 -43.97 75.42
CA ILE A 126 25.50 -42.74 74.97
C ILE A 126 24.90 -43.11 73.62
N ILE A 127 23.63 -42.78 73.38
CA ILE A 127 23.02 -43.10 72.10
C ILE A 127 22.36 -41.89 71.47
N PHE A 128 22.68 -41.65 70.21
CA PHE A 128 22.10 -40.51 69.50
C PHE A 128 21.07 -41.00 68.49
N ASN A 129 19.91 -40.35 68.48
CA ASN A 129 18.85 -40.69 67.55
C ASN A 129 18.58 -39.51 66.62
N LEU A 130 18.59 -39.78 65.32
CA LEU A 130 18.45 -38.75 64.28
C LEU A 130 17.13 -38.00 64.37
N GLU A 131 16.12 -38.70 64.88
CA GLU A 131 14.80 -38.12 65.09
C GLU A 131 14.74 -37.43 66.46
N LYS A 132 14.94 -38.20 67.53
CA LYS A 132 14.68 -37.75 68.89
C LYS A 132 15.75 -36.86 69.56
N THR A 133 17.02 -37.21 69.38
CA THR A 133 18.09 -36.51 70.07
C THR A 133 18.57 -35.28 69.32
N PHE A 134 18.05 -35.11 68.11
CA PHE A 134 18.54 -34.07 67.20
C PHE A 134 17.93 -32.71 67.56
N THR A 135 18.79 -31.72 67.78
CA THR A 135 18.34 -30.35 67.97
C THR A 135 18.68 -29.56 66.72
N GLU A 136 17.78 -28.68 66.31
CA GLU A 136 17.96 -27.96 65.06
C GLU A 136 19.11 -26.97 65.17
N PRO A 137 20.13 -27.10 64.30
CA PRO A 137 21.27 -26.19 64.40
C PRO A 137 20.97 -24.85 63.74
N ILE A 138 21.86 -23.87 63.91
CA ILE A 138 21.76 -22.63 63.18
C ILE A 138 22.83 -22.65 62.08
N MET A 139 22.44 -22.30 60.86
CA MET A 139 23.35 -22.40 59.73
C MET A 139 23.55 -21.03 59.14
N TRP A 140 24.65 -20.84 58.40
CA TRP A 140 24.89 -19.53 57.81
C TRP A 140 25.27 -19.64 56.34
N LYS A 141 24.60 -18.84 55.51
CA LYS A 141 24.93 -18.78 54.10
C LYS A 141 26.25 -18.05 54.00
N LYS A 142 27.13 -18.54 53.13
CA LYS A 142 28.47 -17.96 53.08
C LYS A 142 28.83 -17.23 51.80
N ASP A 143 29.52 -16.12 52.03
CA ASP A 143 29.99 -15.20 51.02
C ASP A 143 31.42 -15.61 50.65
N HIS A 144 31.77 -15.36 49.40
CA HIS A 144 33.12 -15.65 48.87
C HIS A 144 34.25 -15.26 49.83
N ARG A 145 34.09 -14.10 50.48
CA ARG A 145 35.02 -13.57 51.48
C ARG A 145 34.92 -14.26 52.85
N HIS A 146 34.08 -15.30 52.93
CA HIS A 146 33.85 -16.10 54.16
C HIS A 146 33.16 -15.30 55.27
N HIS A 147 32.40 -14.30 54.86
CA HIS A 147 31.57 -13.53 55.78
C HIS A 147 30.16 -14.11 55.72
N ARG A 148 29.43 -14.10 56.83
CA ARG A 148 28.12 -14.74 56.85
C ARG A 148 27.03 -13.79 56.38
N VAL A 149 26.44 -14.13 55.24
CA VAL A 149 25.41 -13.30 54.63
C VAL A 149 24.07 -13.40 55.35
N GLU A 150 23.60 -14.62 55.55
CA GLU A 150 22.23 -14.82 56.02
C GLU A 150 22.10 -16.03 56.96
N GLN A 151 21.21 -15.93 57.93
CA GLN A 151 20.99 -17.05 58.84
C GLN A 151 19.95 -17.99 58.23
N LEU A 152 20.19 -19.29 58.33
CA LEU A 152 19.31 -20.28 57.72
C LEU A 152 18.91 -21.39 58.69
N THR A 153 18.02 -22.25 58.22
CA THR A 153 17.67 -23.46 58.93
C THR A 153 17.96 -24.58 57.96
N LEU A 154 17.98 -25.82 58.43
CA LEU A 154 18.18 -26.97 57.55
C LEU A 154 17.11 -27.00 56.47
N GLY A 155 15.89 -26.69 56.87
CA GLY A 155 14.77 -26.66 55.95
C GLY A 155 14.96 -25.58 54.90
N SER A 156 15.36 -24.38 55.34
CA SER A 156 15.58 -23.28 54.41
C SER A 156 16.74 -23.58 53.47
N LEU A 157 17.76 -24.26 53.98
CA LEU A 157 18.91 -24.64 53.17
C LEU A 157 18.51 -25.64 52.09
N LEU A 158 17.71 -26.64 52.48
CA LEU A 158 17.24 -27.64 51.54
C LEU A 158 16.31 -27.00 50.51
N GLU A 159 15.57 -25.98 50.95
CA GLU A 159 14.66 -25.24 50.09
C GLU A 159 15.41 -24.40 49.07
N ALA A 160 16.56 -23.90 49.47
CA ALA A 160 17.37 -23.00 48.66
C ALA A 160 18.46 -23.74 47.87
N LEU A 161 18.42 -25.07 47.90
CA LEU A 161 19.53 -25.90 47.44
C LEU A 161 20.03 -25.59 46.03
N LYS A 162 21.34 -25.42 45.90
CA LYS A 162 22.00 -25.32 44.61
C LYS A 162 23.17 -26.27 44.68
N SER A 163 23.55 -26.86 43.56
CA SER A 163 24.60 -27.86 43.58
C SER A 163 25.84 -27.39 42.85
N PRO A 164 27.02 -27.82 43.32
CA PRO A 164 27.26 -28.50 44.62
C PRO A 164 27.10 -27.59 45.83
N CYS A 165 26.43 -28.08 46.88
CA CYS A 165 26.30 -27.36 48.13
C CYS A 165 27.35 -27.87 49.10
N LEU A 166 28.03 -26.96 49.79
CA LEU A 166 29.09 -27.32 50.72
C LEU A 166 28.69 -26.95 52.13
N ILE A 167 28.78 -27.90 53.05
CA ILE A 167 28.55 -27.59 54.47
C ILE A 167 29.85 -27.71 55.25
N GLU A 168 30.23 -26.62 55.91
CA GLU A 168 31.50 -26.52 56.60
C GLU A 168 31.35 -26.13 58.06
N GLY A 169 32.42 -26.37 58.84
CA GLY A 169 32.47 -25.99 60.23
C GLY A 169 33.67 -26.66 60.89
N GLU A 170 33.93 -26.38 62.16
CA GLU A 170 35.01 -27.06 62.84
C GLU A 170 34.62 -28.51 63.07
N SER A 171 35.60 -29.34 63.41
CA SER A 171 35.35 -30.75 63.64
C SER A 171 34.45 -30.94 64.85
N GLY A 172 33.42 -31.77 64.69
CA GLY A 172 32.47 -32.03 65.76
C GLY A 172 31.30 -31.09 65.79
N LYS A 173 31.13 -30.30 64.73
CA LYS A 173 30.07 -29.31 64.66
C LYS A 173 28.69 -29.92 64.35
N GLY A 174 28.68 -31.17 63.89
CA GLY A 174 27.43 -31.83 63.57
C GLY A 174 27.08 -31.99 62.10
N LYS A 175 28.06 -31.80 61.21
CA LYS A 175 27.81 -31.90 59.77
C LYS A 175 27.36 -33.29 59.29
N SER A 176 28.06 -34.32 59.75
CA SER A 176 27.72 -35.69 59.38
C SER A 176 26.30 -36.00 59.79
N THR A 177 25.96 -35.64 61.03
CA THR A 177 24.61 -35.80 61.54
C THR A 177 23.61 -34.99 60.73
N LEU A 178 24.06 -33.87 60.15
CA LEU A 178 23.19 -33.06 59.31
C LEU A 178 22.84 -33.85 58.05
N LEU A 179 23.84 -34.50 57.47
CA LEU A 179 23.60 -35.31 56.28
C LEU A 179 22.67 -36.49 56.59
N GLN A 180 22.93 -37.17 57.70
CA GLN A 180 22.09 -38.28 58.12
C GLN A 180 20.66 -37.83 58.38
N ARG A 181 20.53 -36.63 58.93
CA ARG A 181 19.25 -35.96 59.17
C ARG A 181 18.49 -35.71 57.86
N ILE A 182 19.22 -35.26 56.84
CA ILE A 182 18.62 -35.04 55.53
C ILE A 182 18.12 -36.36 54.94
N ALA A 183 18.96 -37.39 55.03
CA ALA A 183 18.60 -38.70 54.50
C ALA A 183 17.35 -39.21 55.19
N MET A 184 17.33 -39.10 56.52
CA MET A 184 16.21 -39.53 57.33
C MET A 184 14.93 -38.73 57.04
N LEU A 185 15.08 -37.45 56.73
CA LEU A 185 13.94 -36.60 56.40
C LEU A 185 13.34 -36.99 55.06
N TRP A 186 14.20 -37.34 54.10
CA TRP A 186 13.73 -37.77 52.79
C TRP A 186 12.90 -39.05 52.89
N ALA A 187 13.37 -40.00 53.69
CA ALA A 187 12.66 -41.24 53.94
C ALA A 187 11.33 -40.94 54.61
N SER A 188 11.39 -40.28 55.77
CA SER A 188 10.23 -39.91 56.55
C SER A 188 9.13 -39.20 55.74
N GLY A 189 9.55 -38.44 54.72
CA GLY A 189 8.62 -37.62 53.95
C GLY A 189 8.43 -36.31 54.71
N GLY A 190 9.04 -36.25 55.89
CA GLY A 190 9.01 -35.11 56.78
C GLY A 190 9.40 -33.77 56.19
N CYS A 191 10.07 -33.79 55.04
CA CYS A 191 10.51 -32.57 54.39
C CYS A 191 9.94 -32.44 52.99
N ARG A 192 9.29 -31.30 52.74
CA ARG A 192 8.74 -30.99 51.42
C ARG A 192 9.83 -30.73 50.40
N ALA A 193 10.93 -30.09 50.84
CA ALA A 193 12.02 -29.72 49.94
C ALA A 193 12.66 -30.96 49.30
N LEU A 194 12.65 -32.08 50.03
CA LEU A 194 13.31 -33.29 49.58
C LEU A 194 12.39 -34.20 48.76
N LYS A 195 11.14 -33.77 48.57
CA LYS A 195 10.15 -34.62 47.93
C LYS A 195 10.42 -34.74 46.42
N GLY A 196 11.24 -33.83 45.90
CA GLY A 196 11.58 -33.84 44.50
C GLY A 196 12.59 -34.93 44.14
N PHE A 197 13.20 -35.52 45.17
CA PHE A 197 14.25 -36.50 44.97
C PHE A 197 13.72 -37.93 44.90
N ARG A 198 13.98 -38.59 43.78
CA ARG A 198 13.62 -39.99 43.59
C ARG A 198 14.56 -40.86 44.41
N LEU A 199 15.84 -40.49 44.42
CA LEU A 199 16.85 -41.25 45.15
C LEU A 199 17.72 -40.32 45.99
N VAL A 200 18.01 -40.76 47.21
CA VAL A 200 19.01 -40.10 48.03
C VAL A 200 20.03 -41.13 48.53
N PHE A 201 21.31 -40.86 48.28
CA PHE A 201 22.36 -41.79 48.69
C PHE A 201 23.24 -41.14 49.75
N PHE A 202 23.40 -41.80 50.89
CA PHE A 202 24.33 -41.30 51.90
C PHE A 202 25.53 -42.21 52.03
N ILE A 203 26.72 -41.67 51.77
CA ILE A 203 27.95 -42.43 51.91
C ILE A 203 29.00 -41.64 52.70
N HIS A 204 29.83 -42.36 53.43
CA HIS A 204 30.99 -41.76 54.06
C HIS A 204 32.13 -41.75 53.05
N LEU A 205 32.63 -40.56 52.73
CA LEU A 205 33.58 -40.37 51.63
C LEU A 205 34.89 -41.09 51.92
N ARG A 206 35.12 -41.36 53.20
CA ARG A 206 36.33 -42.04 53.67
C ARG A 206 36.41 -43.46 53.11
N SER A 207 35.27 -44.10 52.96
CA SER A 207 35.20 -45.46 52.45
C SER A 207 34.97 -45.52 50.95
N ALA A 208 35.11 -44.40 50.28
CA ALA A 208 34.98 -44.37 48.83
C ALA A 208 36.24 -44.88 48.16
N ARG A 209 36.10 -46.00 47.45
CA ARG A 209 37.20 -46.65 46.74
C ARG A 209 36.59 -47.13 45.44
N GLY A 210 37.39 -47.66 44.52
CA GLY A 210 36.81 -48.19 43.31
C GLY A 210 36.20 -47.08 42.48
N GLY A 211 34.89 -47.20 42.30
CA GLY A 211 34.11 -46.23 41.54
C GLY A 211 32.81 -45.97 42.30
N LEU A 212 32.03 -45.02 41.81
CA LEU A 212 30.76 -44.65 42.45
C LEU A 212 29.85 -45.83 42.71
N PHE A 213 29.69 -46.68 41.70
CA PHE A 213 28.81 -47.83 41.81
C PHE A 213 29.29 -48.79 42.89
N GLU A 214 30.58 -49.09 42.88
CA GLU A 214 31.15 -50.02 43.85
C GLU A 214 31.02 -49.48 45.26
N THR A 215 31.21 -48.17 45.40
CA THR A 215 31.11 -47.53 46.70
C THR A 215 29.69 -47.61 47.23
N LEU A 216 28.72 -47.25 46.39
CA LEU A 216 27.31 -47.32 46.78
C LEU A 216 26.90 -48.75 47.13
N TYR A 217 27.32 -49.70 46.31
CA TYR A 217 26.96 -51.10 46.47
C TYR A 217 27.54 -51.67 47.76
N ASP A 218 28.82 -51.41 47.99
CA ASP A 218 29.54 -51.94 49.15
C ASP A 218 29.14 -51.26 50.46
N GLN A 219 28.84 -49.97 50.40
CA GLN A 219 28.44 -49.22 51.60
C GLN A 219 26.97 -49.44 51.98
N LEU A 220 26.07 -49.30 51.01
CA LEU A 220 24.63 -49.34 51.29
C LEU A 220 24.08 -50.76 51.46
N LEU A 221 24.59 -51.67 50.64
CA LEU A 221 24.31 -53.11 50.71
C LEU A 221 22.92 -53.49 50.21
N ASN A 222 22.05 -52.50 50.01
CA ASN A 222 20.69 -52.77 49.59
C ASN A 222 20.44 -52.61 48.09
N ILE A 223 21.50 -52.32 47.32
CA ILE A 223 21.36 -52.13 45.88
C ILE A 223 20.99 -53.45 45.21
N PRO A 224 19.94 -53.43 44.37
CA PRO A 224 19.45 -54.65 43.71
C PRO A 224 20.53 -55.35 42.91
N ASP A 225 20.43 -56.67 42.85
CA ASP A 225 21.48 -57.53 42.31
C ASP A 225 21.71 -57.26 40.82
N PHE A 226 20.63 -57.13 40.06
CA PHE A 226 20.77 -57.05 38.60
C PHE A 226 20.96 -55.65 38.02
N ILE A 227 21.07 -54.63 38.87
CA ILE A 227 21.46 -53.32 38.38
C ILE A 227 22.97 -53.26 38.28
N SER A 228 23.46 -52.91 37.11
CA SER A 228 24.88 -52.99 36.82
C SER A 228 25.45 -51.60 36.69
N LYS A 229 26.77 -51.52 36.79
CA LYS A 229 27.48 -50.24 36.78
C LYS A 229 27.12 -49.36 35.57
N PRO A 230 27.15 -49.91 34.33
CA PRO A 230 26.73 -49.04 33.23
C PRO A 230 25.25 -48.68 33.29
N THR A 231 24.42 -49.66 33.63
CA THR A 231 22.97 -49.46 33.75
C THR A 231 22.67 -48.44 34.83
N PHE A 232 23.42 -48.51 35.92
CA PHE A 232 23.26 -47.59 37.03
C PHE A 232 23.69 -46.17 36.64
N LYS A 233 24.80 -46.05 35.92
CA LYS A 233 25.27 -44.73 35.49
C LYS A 233 24.25 -44.09 34.57
N ALA A 234 23.76 -44.87 33.60
CA ALA A 234 22.74 -44.39 32.67
C ALA A 234 21.49 -44.01 33.45
N LEU A 235 21.20 -44.76 34.51
CA LEU A 235 20.07 -44.47 35.39
C LEU A 235 20.20 -43.12 36.08
N LEU A 236 21.39 -42.83 36.60
CA LEU A 236 21.62 -41.56 37.29
C LEU A 236 21.53 -40.39 36.32
N LEU A 237 22.16 -40.55 35.16
CA LEU A 237 22.15 -39.49 34.15
C LEU A 237 20.74 -39.20 33.66
N LYS A 238 19.97 -40.27 33.45
CA LYS A 238 18.59 -40.17 33.02
C LYS A 238 17.75 -39.49 34.11
N LEU A 239 18.05 -39.83 35.36
CA LEU A 239 17.29 -39.32 36.49
C LEU A 239 17.62 -37.86 36.81
N HIS A 240 18.76 -37.39 36.31
CA HIS A 240 19.12 -35.97 36.38
C HIS A 240 19.26 -35.46 37.82
N LYS A 241 18.50 -34.43 38.15
CA LYS A 241 18.62 -33.75 39.43
C LYS A 241 17.67 -34.30 40.49
N GLU A 242 17.01 -35.39 40.15
CA GLU A 242 16.07 -36.06 41.04
C GLU A 242 16.83 -36.99 41.98
N VAL A 243 18.17 -36.98 41.86
CA VAL A 243 19.01 -37.77 42.74
C VAL A 243 19.87 -36.89 43.62
N LEU A 244 19.83 -37.14 44.92
CA LEU A 244 20.62 -36.37 45.88
C LEU A 244 21.70 -37.24 46.50
N PHE A 245 22.95 -36.79 46.38
CA PHE A 245 24.08 -37.46 46.97
C PHE A 245 24.46 -36.71 48.22
N LEU A 246 24.57 -37.42 49.33
CA LEU A 246 25.10 -36.82 50.55
C LEU A 246 26.47 -37.43 50.80
N LEU A 247 27.50 -36.60 50.64
CA LEU A 247 28.87 -37.06 50.70
C LEU A 247 29.53 -36.46 51.94
N ASP A 248 30.04 -37.33 52.82
CA ASP A 248 30.47 -36.90 54.14
C ASP A 248 31.98 -36.94 54.32
N GLY A 249 32.53 -35.85 54.85
CA GLY A 249 33.94 -35.82 55.21
C GLY A 249 34.94 -35.83 54.07
N TYR A 250 34.85 -34.84 53.19
CA TYR A 250 35.83 -34.67 52.10
C TYR A 250 37.23 -34.51 52.69
N ASN A 251 37.29 -34.07 53.94
CA ASN A 251 38.55 -33.96 54.67
C ASN A 251 39.12 -35.34 54.98
N GLU A 252 38.25 -36.34 54.98
CA GLU A 252 38.66 -37.71 55.24
C GLU A 252 38.87 -38.43 53.93
N PHE A 253 38.67 -37.72 52.83
CA PHE A 253 38.67 -38.30 51.50
C PHE A 253 40.00 -38.08 50.77
N HIS A 254 40.59 -39.16 50.27
CA HIS A 254 41.76 -39.06 49.40
C HIS A 254 41.26 -39.39 47.99
N PRO A 255 41.17 -38.37 47.14
CA PRO A 255 40.52 -38.43 45.82
C PRO A 255 41.12 -39.44 44.84
N GLN A 256 42.39 -39.83 45.01
CA GLN A 256 42.99 -40.80 44.10
C GLN A 256 42.40 -42.20 44.28
N ASN A 257 41.85 -42.47 45.45
CA ASN A 257 41.25 -43.78 45.71
C ASN A 257 39.97 -43.96 44.89
N CYS A 258 39.20 -42.89 44.73
CA CYS A 258 37.98 -42.95 43.93
C CYS A 258 37.79 -41.69 43.08
N PRO A 259 38.42 -41.66 41.89
CA PRO A 259 38.35 -40.52 40.98
C PRO A 259 36.93 -40.19 40.52
N GLU A 260 36.07 -41.20 40.49
CA GLU A 260 34.71 -41.05 39.98
C GLU A 260 33.85 -40.16 40.88
N ILE A 261 33.96 -40.35 42.19
CA ILE A 261 33.27 -39.51 43.17
C ILE A 261 33.88 -38.11 43.20
N GLU A 262 35.20 -38.07 43.08
CA GLU A 262 35.91 -36.80 42.99
C GLU A 262 35.38 -35.99 41.81
N ALA A 263 35.08 -36.69 40.71
CA ALA A 263 34.48 -36.04 39.56
C ALA A 263 33.03 -35.68 39.85
N LEU A 264 32.36 -36.50 40.64
CA LEU A 264 30.96 -36.27 40.98
C LEU A 264 30.85 -34.91 41.66
N ILE A 265 31.79 -34.63 42.56
CA ILE A 265 31.87 -33.33 43.21
C ILE A 265 32.41 -32.23 42.29
N LYS A 266 33.57 -32.49 41.69
CA LYS A 266 34.34 -31.44 41.01
C LYS A 266 33.82 -31.09 39.64
N GLU A 267 33.41 -32.09 38.86
CA GLU A 267 32.73 -31.81 37.60
C GLU A 267 31.31 -32.32 37.75
N ASN A 268 30.40 -31.42 38.04
CA ASN A 268 29.02 -31.81 38.31
C ASN A 268 28.12 -31.76 37.08
N HIS A 269 28.62 -31.14 36.02
CA HIS A 269 27.86 -30.96 34.78
C HIS A 269 27.71 -32.26 34.00
N ARG A 270 28.72 -33.11 34.07
CA ARG A 270 28.71 -34.42 33.42
C ARG A 270 27.68 -35.31 34.08
N PHE A 271 27.55 -35.15 35.39
CA PHE A 271 26.69 -35.98 36.21
C PHE A 271 25.27 -35.41 36.23
N LYS A 272 25.17 -34.14 36.60
CA LYS A 272 23.92 -33.40 36.67
C LYS A 272 23.01 -33.94 37.76
N ASN A 273 23.60 -34.69 38.68
CA ASN A 273 22.89 -35.08 39.89
C ASN A 273 23.12 -33.98 40.91
N MET A 274 22.41 -34.00 42.02
CA MET A 274 22.66 -33.02 43.06
C MET A 274 23.59 -33.57 44.11
N VAL A 275 24.57 -32.78 44.52
CA VAL A 275 25.50 -33.22 45.55
C VAL A 275 25.60 -32.23 46.71
N ILE A 276 25.64 -32.78 47.91
CA ILE A 276 25.91 -32.00 49.11
C ILE A 276 27.16 -32.61 49.73
N VAL A 277 28.18 -31.78 49.89
CA VAL A 277 29.47 -32.27 50.36
C VAL A 277 29.75 -31.70 51.74
N THR A 278 30.35 -32.53 52.59
CA THR A 278 30.71 -32.15 53.94
C THR A 278 32.22 -32.08 54.07
N THR A 279 32.70 -31.02 54.70
CA THR A 279 34.12 -30.82 54.91
C THR A 279 34.36 -29.90 56.08
N THR A 280 35.59 -29.91 56.61
CA THR A 280 35.93 -28.97 57.67
C THR A 280 36.24 -27.60 57.07
N THR A 281 36.35 -26.61 57.93
CA THR A 281 36.72 -25.26 57.50
C THR A 281 38.14 -25.30 56.98
N GLU A 282 38.95 -26.09 57.65
CA GLU A 282 40.37 -26.23 57.39
C GLU A 282 40.63 -26.76 55.99
N CYS A 283 39.83 -27.73 55.58
CA CYS A 283 40.00 -28.41 54.30
C CYS A 283 39.12 -27.84 53.20
N LEU A 284 38.37 -26.78 53.52
CA LEU A 284 37.38 -26.23 52.61
C LEU A 284 38.00 -25.74 51.29
N ARG A 285 39.28 -25.38 51.34
CA ARG A 285 40.02 -24.93 50.16
C ARG A 285 39.99 -25.95 49.03
N HIS A 286 39.98 -27.22 49.40
CA HIS A 286 39.99 -28.29 48.41
C HIS A 286 38.74 -28.29 47.51
N ILE A 287 37.57 -28.07 48.10
CA ILE A 287 36.33 -28.02 47.34
C ILE A 287 35.78 -26.62 47.01
N ARG A 288 36.46 -25.57 47.48
CA ARG A 288 35.87 -24.22 47.51
C ARG A 288 35.41 -23.68 46.16
N HIS A 289 36.25 -23.84 45.15
CA HIS A 289 35.98 -23.34 43.81
C HIS A 289 34.71 -23.95 43.20
N VAL A 290 34.41 -25.18 43.61
CA VAL A 290 33.33 -25.96 43.03
C VAL A 290 31.91 -25.62 43.53
N GLY A 291 31.78 -25.21 44.78
CA GLY A 291 30.47 -25.07 45.40
C GLY A 291 29.62 -23.90 44.95
N ALA A 292 28.35 -24.18 44.64
CA ALA A 292 27.40 -23.14 44.23
C ALA A 292 26.62 -22.61 45.44
N LEU A 293 26.77 -23.28 46.57
CA LEU A 293 26.14 -22.82 47.79
C LEU A 293 27.12 -23.19 48.90
N THR A 294 27.30 -22.33 49.88
CA THR A 294 28.18 -22.66 51.00
C THR A 294 27.52 -22.24 52.30
N ALA A 295 27.40 -23.21 53.20
CA ALA A 295 26.78 -22.95 54.49
C ALA A 295 27.66 -23.47 55.61
N GLU A 296 27.62 -22.79 56.75
CA GLU A 296 28.43 -23.20 57.89
C GLU A 296 27.50 -23.59 59.03
N VAL A 297 27.84 -24.68 59.70
CA VAL A 297 27.10 -25.11 60.87
C VAL A 297 27.56 -24.27 62.05
N GLY A 298 26.62 -23.57 62.67
CA GLY A 298 26.95 -22.63 63.72
C GLY A 298 27.19 -23.30 65.06
N ASP A 299 27.51 -22.49 66.06
CA ASP A 299 27.73 -22.98 67.42
C ASP A 299 26.42 -23.46 68.03
N MET A 300 26.53 -24.30 69.05
CA MET A 300 25.36 -24.87 69.71
C MET A 300 24.92 -24.01 70.89
N THR A 301 23.65 -23.63 70.89
CA THR A 301 23.07 -22.78 71.93
C THR A 301 22.94 -23.51 73.26
N GLU A 302 22.91 -22.74 74.34
CA GLU A 302 22.88 -23.27 75.69
C GLU A 302 21.64 -24.14 75.88
N ASP A 303 20.53 -23.70 75.28
CA ASP A 303 19.27 -24.45 75.33
C ASP A 303 19.41 -25.78 74.62
N SER A 304 20.02 -25.74 73.43
CA SER A 304 20.25 -26.94 72.65
C SER A 304 21.30 -27.85 73.29
N ALA A 305 22.34 -27.23 73.83
CA ALA A 305 23.41 -27.99 74.49
C ALA A 305 22.87 -28.75 75.68
N LYS A 306 22.11 -28.06 76.53
CA LYS A 306 21.49 -28.69 77.68
C LYS A 306 20.38 -29.66 77.24
N ASP A 307 19.78 -29.41 76.09
CA ASP A 307 18.79 -30.34 75.56
C ASP A 307 19.47 -31.67 75.28
N LEU A 308 20.65 -31.60 74.68
CA LEU A 308 21.44 -32.80 74.43
C LEU A 308 21.89 -33.45 75.74
N ILE A 309 22.38 -32.63 76.67
CA ILE A 309 22.85 -33.12 77.96
C ILE A 309 21.76 -33.86 78.74
N GLU A 310 20.57 -33.25 78.79
CA GLU A 310 19.42 -33.80 79.50
C GLU A 310 18.99 -35.13 78.88
N ALA A 311 19.13 -35.24 77.57
CA ALA A 311 18.72 -36.45 76.84
C ALA A 311 19.61 -37.66 77.12
N VAL A 312 20.92 -37.45 77.13
CA VAL A 312 21.86 -38.56 77.19
C VAL A 312 22.33 -38.86 78.62
N LEU A 313 21.84 -38.09 79.58
CA LEU A 313 22.34 -38.18 80.95
C LEU A 313 21.19 -38.23 81.96
N VAL A 314 21.44 -38.88 83.10
CA VAL A 314 20.47 -38.93 84.19
C VAL A 314 20.43 -37.58 84.91
N PRO A 315 19.25 -37.18 85.41
CA PRO A 315 18.98 -35.82 85.91
C PRO A 315 19.99 -35.31 86.94
N ASP A 316 20.40 -36.17 87.87
CA ASP A 316 21.38 -35.79 88.89
C ASP A 316 22.66 -35.38 88.19
N GLN A 317 23.04 -36.20 87.22
CA GLN A 317 24.26 -35.98 86.46
C GLN A 317 24.10 -34.79 85.53
N VAL A 318 22.86 -34.56 85.08
CA VAL A 318 22.55 -33.41 84.23
C VAL A 318 22.80 -32.09 84.94
N GLU A 319 22.23 -31.94 86.14
CA GLU A 319 22.42 -30.68 86.87
C GLU A 319 23.82 -30.55 87.45
N ARG A 320 24.40 -31.67 87.89
CA ARG A 320 25.76 -31.66 88.38
C ARG A 320 26.69 -31.14 87.28
N LEU A 321 26.55 -31.71 86.08
CA LEU A 321 27.38 -31.29 84.95
C LEU A 321 27.10 -29.84 84.55
N TRP A 322 25.83 -29.45 84.60
CA TRP A 322 25.45 -28.10 84.20
C TRP A 322 26.02 -27.04 85.14
N ALA A 323 26.08 -27.36 86.42
CA ALA A 323 26.68 -26.45 87.40
C ALA A 323 28.14 -26.25 87.03
N GLN A 324 28.82 -27.35 86.72
CA GLN A 324 30.21 -27.33 86.30
C GLN A 324 30.41 -26.51 85.04
N ILE A 325 29.42 -26.55 84.15
CA ILE A 325 29.47 -25.78 82.91
C ILE A 325 29.34 -24.29 83.19
N GLN A 326 28.36 -23.92 84.00
CA GLN A 326 28.13 -22.51 84.27
C GLN A 326 29.17 -21.87 85.18
N GLU A 327 29.88 -22.71 85.95
CA GLU A 327 30.94 -22.21 86.84
C GLU A 327 32.26 -21.95 86.10
N SER A 328 32.52 -22.69 85.03
CA SER A 328 33.74 -22.52 84.25
C SER A 328 33.43 -21.94 82.88
N ARG A 329 34.16 -20.91 82.47
CA ARG A 329 33.90 -20.25 81.19
C ARG A 329 34.40 -21.05 79.98
N CYS A 330 35.53 -21.72 80.15
CA CYS A 330 36.14 -22.49 79.07
C CYS A 330 35.24 -23.64 78.65
N LEU A 331 34.64 -24.31 79.62
CA LEU A 331 33.70 -25.39 79.33
C LEU A 331 32.47 -24.86 78.61
N ARG A 332 32.02 -23.67 79.00
CA ARG A 332 30.87 -23.06 78.34
C ARG A 332 31.19 -22.81 76.87
N ASN A 333 32.41 -22.34 76.61
CA ASN A 333 32.85 -22.12 75.24
C ASN A 333 33.01 -23.42 74.46
N LEU A 334 33.49 -24.45 75.14
CA LEU A 334 33.63 -25.78 74.56
C LEU A 334 32.27 -26.40 74.26
N MET A 335 31.23 -25.88 74.89
CA MET A 335 29.90 -26.46 74.74
C MET A 335 29.15 -25.95 73.52
N LYS A 336 29.80 -25.10 72.74
CA LYS A 336 29.22 -24.57 71.53
C LYS A 336 29.26 -25.58 70.40
N THR A 337 30.11 -26.59 70.57
CA THR A 337 30.21 -27.71 69.64
C THR A 337 29.74 -29.03 70.25
N PRO A 338 28.76 -29.68 69.61
CA PRO A 338 28.04 -30.87 70.10
C PRO A 338 28.93 -32.07 70.45
N LEU A 339 29.98 -32.34 69.68
CA LEU A 339 30.85 -33.47 69.96
C LEU A 339 31.47 -33.36 71.33
N PHE A 340 31.97 -32.17 71.63
CA PHE A 340 32.61 -31.92 72.91
C PHE A 340 31.59 -32.06 74.04
N VAL A 341 30.35 -31.67 73.76
CA VAL A 341 29.28 -31.83 74.74
C VAL A 341 29.08 -33.31 75.07
N VAL A 342 29.02 -34.13 74.03
CA VAL A 342 28.87 -35.57 74.23
C VAL A 342 30.05 -36.13 75.01
N ILE A 343 31.24 -35.65 74.68
CA ILE A 343 32.44 -36.11 75.36
C ILE A 343 32.46 -35.78 76.85
N THR A 344 32.10 -34.54 77.22
CA THR A 344 32.06 -34.20 78.64
C THR A 344 30.95 -34.96 79.33
N CYS A 345 29.89 -35.28 78.58
CA CYS A 345 28.82 -36.10 79.15
C CYS A 345 29.38 -37.46 79.53
N ALA A 346 30.17 -38.03 78.62
CA ALA A 346 30.81 -39.32 78.87
C ALA A 346 31.78 -39.25 80.04
N ILE A 347 32.51 -38.14 80.14
CA ILE A 347 33.41 -37.93 81.27
C ILE A 347 32.63 -37.91 82.57
N GLN A 348 31.51 -37.19 82.55
CA GLN A 348 30.64 -37.06 83.70
C GLN A 348 30.07 -38.40 84.15
N MET A 349 29.81 -39.28 83.19
CA MET A 349 29.35 -40.62 83.55
C MET A 349 30.41 -41.37 84.36
N GLY A 350 31.67 -41.22 83.93
CA GLY A 350 32.79 -41.85 84.62
C GLY A 350 33.28 -41.09 85.84
N ARG A 351 33.39 -39.78 85.68
CA ARG A 351 34.03 -38.93 86.68
C ARG A 351 33.08 -37.88 87.25
N GLN A 352 33.15 -37.67 88.56
CA GLN A 352 32.25 -36.76 89.26
C GLN A 352 32.64 -35.29 89.04
N GLU A 353 33.91 -34.99 89.25
CA GLU A 353 34.41 -33.62 89.11
C GLU A 353 35.56 -33.59 88.11
N PHE A 354 35.55 -32.64 87.18
CA PHE A 354 36.63 -32.53 86.19
C PHE A 354 36.93 -31.08 85.77
N GLN A 355 38.20 -30.82 85.50
CA GLN A 355 38.73 -29.47 85.33
C GLN A 355 39.07 -28.98 83.90
N ALA A 356 38.78 -29.75 82.85
CA ALA A 356 39.34 -29.44 81.54
C ALA A 356 39.09 -28.01 81.02
N HIS A 357 40.17 -27.27 80.83
CA HIS A 357 40.15 -25.91 80.30
C HIS A 357 40.22 -25.79 78.77
N THR A 358 40.90 -26.72 78.12
CA THR A 358 41.03 -26.67 76.67
C THR A 358 40.48 -27.95 76.05
N GLN A 359 40.16 -27.88 74.77
CA GLN A 359 39.62 -29.03 74.05
C GLN A 359 40.61 -30.18 74.04
N THR A 360 41.90 -29.86 74.10
CA THR A 360 42.94 -30.87 74.25
C THR A 360 42.85 -31.54 75.62
N MET A 361 42.53 -30.75 76.65
CA MET A 361 42.41 -31.27 78.01
C MET A 361 41.13 -32.07 78.21
N LEU A 362 40.12 -31.79 77.39
CA LEU A 362 38.89 -32.55 77.41
C LEU A 362 39.19 -33.96 76.95
N PHE A 363 39.85 -34.03 75.79
CA PHE A 363 40.28 -35.28 75.19
C PHE A 363 41.25 -36.04 76.08
N GLN A 364 42.13 -35.30 76.74
CA GLN A 364 43.08 -35.93 77.65
C GLN A 364 42.38 -36.50 78.88
N THR A 365 41.40 -35.77 79.41
CA THR A 365 40.61 -36.24 80.53
C THR A 365 39.89 -37.52 80.13
N PHE A 366 39.32 -37.50 78.93
CA PHE A 366 38.61 -38.66 78.41
C PHE A 366 39.50 -39.88 78.22
N TYR A 367 40.67 -39.68 77.62
CA TYR A 367 41.64 -40.74 77.36
C TYR A 367 42.12 -41.36 78.67
N ASP A 368 42.56 -40.51 79.59
CA ASP A 368 43.04 -40.93 80.89
C ASP A 368 41.96 -41.71 81.62
N LEU A 369 40.72 -41.22 81.50
CA LEU A 369 39.56 -41.85 82.12
C LEU A 369 39.35 -43.24 81.52
N LEU A 370 39.52 -43.34 80.20
CA LEU A 370 39.39 -44.61 79.49
C LEU A 370 40.41 -45.64 79.99
N ILE A 371 41.68 -45.23 80.11
CA ILE A 371 42.67 -46.18 80.62
C ILE A 371 42.33 -46.55 82.07
N GLN A 372 41.94 -45.57 82.87
CA GLN A 372 41.65 -45.78 84.29
C GLN A 372 40.56 -46.81 84.48
N LYS A 373 39.48 -46.68 83.71
CA LYS A 373 38.37 -47.61 83.82
C LYS A 373 38.63 -48.97 83.19
N ASN A 374 39.19 -48.97 81.98
CA ASN A 374 39.29 -50.19 81.19
C ASN A 374 40.61 -50.95 81.23
N SER A 375 41.58 -50.47 82.02
CA SER A 375 42.90 -51.11 82.07
C SER A 375 42.79 -52.54 82.55
N HIS A 376 41.84 -52.77 83.45
CA HIS A 376 41.73 -54.07 84.10
C HIS A 376 41.37 -55.20 83.13
N ARG A 377 40.75 -54.90 81.99
CA ARG A 377 40.33 -55.96 81.08
C ARG A 377 41.53 -56.62 80.41
N TYR A 378 42.69 -55.96 80.42
CA TYR A 378 43.83 -56.57 79.74
C TYR A 378 44.51 -57.49 80.73
N ARG A 379 44.21 -58.77 80.58
CA ARG A 379 44.77 -59.81 81.42
C ARG A 379 45.86 -60.61 80.71
N GLY A 380 46.09 -60.24 79.46
CA GLY A 380 46.94 -61.00 78.54
C GLY A 380 48.42 -61.14 78.80
N GLY A 381 49.12 -60.04 79.08
CA GLY A 381 50.56 -60.15 79.24
C GLY A 381 51.30 -59.15 80.10
N ALA A 382 52.61 -59.36 80.20
CA ALA A 382 53.54 -58.58 81.03
C ALA A 382 53.28 -57.08 81.02
N ASP A 385 52.30 -56.22 76.97
CA ASP A 385 52.55 -55.00 77.73
C ASP A 385 51.55 -53.90 77.39
N PHE A 386 50.96 -53.31 78.43
CA PHE A 386 49.96 -52.26 78.30
C PHE A 386 50.53 -51.05 77.57
N ALA A 387 51.72 -50.62 78.00
CA ALA A 387 52.38 -49.45 77.44
C ALA A 387 52.71 -49.66 75.97
N ARG A 388 53.11 -50.88 75.62
CA ARG A 388 53.45 -51.22 74.25
C ARG A 388 52.22 -51.11 73.36
N SER A 389 51.08 -51.45 73.92
CA SER A 389 49.80 -51.34 73.24
C SER A 389 49.40 -49.88 73.04
N LEU A 390 49.60 -49.08 74.07
CA LEU A 390 49.28 -47.65 73.98
C LEU A 390 50.16 -46.96 72.95
N ASP A 391 51.44 -47.31 72.95
CA ASP A 391 52.39 -46.80 71.97
C ASP A 391 51.93 -47.22 70.57
N TYR A 392 51.46 -48.47 70.47
CA TYR A 392 50.94 -48.96 69.19
C TYR A 392 49.76 -48.14 68.73
N CYS A 393 48.87 -47.77 69.65
CA CYS A 393 47.71 -46.95 69.32
C CYS A 393 48.16 -45.60 68.79
N GLY A 394 49.09 -44.99 69.51
CA GLY A 394 49.61 -43.68 69.14
C GLY A 394 50.25 -43.68 67.76
N ASP A 395 51.04 -44.71 67.48
CA ASP A 395 51.66 -44.87 66.18
C ASP A 395 50.62 -45.13 65.09
N LEU A 396 49.60 -45.90 65.42
CA LEU A 396 48.51 -46.20 64.49
C LEU A 396 47.85 -44.90 64.06
N ALA A 397 47.50 -44.08 65.03
CA ALA A 397 46.87 -42.80 64.75
C ALA A 397 47.81 -41.86 63.99
N LEU A 398 49.08 -41.85 64.39
CA LEU A 398 50.06 -40.97 63.77
C LEU A 398 50.23 -41.31 62.29
N GLU A 399 50.58 -42.56 61.98
CA GLU A 399 50.71 -42.99 60.60
C GLU A 399 49.40 -42.81 59.88
N GLY A 400 48.30 -42.95 60.61
CA GLY A 400 46.98 -42.77 60.05
C GLY A 400 46.78 -41.38 59.49
N VAL A 401 47.15 -40.36 60.26
CA VAL A 401 47.03 -38.98 59.83
C VAL A 401 47.88 -38.69 58.60
N PHE A 402 49.12 -39.14 58.63
CA PHE A 402 50.07 -38.89 57.55
C PHE A 402 49.75 -39.65 56.26
N ALA A 403 49.20 -40.85 56.40
CA ALA A 403 48.84 -41.67 55.25
C ALA A 403 47.38 -41.40 54.84
N HIS A 404 46.72 -40.54 55.61
CA HIS A 404 45.33 -40.17 55.38
C HIS A 404 44.40 -41.37 55.54
N LYS A 405 44.75 -42.31 56.41
CA LYS A 405 43.96 -43.51 56.59
C LYS A 405 43.28 -43.51 57.95
N PHE A 406 41.96 -43.34 57.93
CA PHE A 406 41.16 -43.26 59.15
C PHE A 406 40.44 -44.57 59.49
N ASP A 407 40.62 -45.56 58.62
CA ASP A 407 40.09 -46.90 58.85
C ASP A 407 41.29 -47.81 58.85
N PHE A 408 41.32 -48.77 59.76
CA PHE A 408 42.49 -49.63 59.87
C PHE A 408 42.12 -51.10 59.77
N GLU A 409 42.56 -51.73 58.68
CA GLU A 409 42.32 -53.14 58.49
C GLU A 409 43.64 -53.89 58.38
N PRO A 410 44.04 -54.58 59.45
CA PRO A 410 45.23 -55.42 59.36
C PRO A 410 44.83 -56.71 58.67
N GLU A 411 45.77 -57.47 58.13
CA GLU A 411 45.42 -58.73 57.49
C GLU A 411 44.87 -59.66 58.55
N HIS A 412 44.09 -60.63 58.15
CA HIS A 412 43.32 -61.45 59.08
C HIS A 412 44.18 -62.44 59.86
N GLY A 413 44.03 -62.43 61.17
CA GLY A 413 44.93 -63.13 62.08
C GLY A 413 45.95 -62.25 62.78
N SER A 414 46.25 -61.11 62.16
CA SER A 414 47.26 -60.17 62.65
C SER A 414 46.69 -59.00 63.47
N SER A 415 45.41 -59.11 63.82
CA SER A 415 44.64 -58.01 64.42
C SER A 415 44.89 -57.86 65.91
N MET A 416 45.84 -58.63 66.44
CA MET A 416 45.96 -58.82 67.88
C MET A 416 46.11 -57.51 68.66
N ASN A 417 47.02 -56.64 68.23
CA ASN A 417 47.22 -55.37 68.91
C ASN A 417 45.96 -54.51 68.80
N GLU A 418 45.30 -54.57 67.64
CA GLU A 418 44.12 -53.76 67.42
C GLU A 418 43.03 -54.24 68.35
N ASP A 419 42.91 -55.56 68.46
CA ASP A 419 41.90 -56.19 69.29
C ASP A 419 42.12 -55.83 70.76
N VAL A 420 43.37 -55.86 71.20
CA VAL A 420 43.71 -55.43 72.56
C VAL A 420 43.26 -53.99 72.73
N LEU A 421 43.45 -53.17 71.70
CA LEU A 421 43.04 -51.77 71.78
C LEU A 421 41.52 -51.61 71.82
N VAL A 422 40.79 -52.56 71.23
CA VAL A 422 39.33 -52.56 71.33
C VAL A 422 38.90 -52.91 72.75
N THR A 423 39.63 -53.86 73.36
CA THR A 423 39.34 -54.24 74.73
C THR A 423 39.50 -53.07 75.68
N ILE A 424 40.54 -52.27 75.50
CA ILE A 424 40.74 -51.08 76.33
C ILE A 424 39.73 -49.99 75.97
N GLY A 425 39.33 -49.92 74.71
CA GLY A 425 38.34 -48.93 74.32
C GLY A 425 38.91 -47.72 73.61
N LEU A 426 40.20 -47.75 73.28
CA LEU A 426 40.78 -46.64 72.54
C LEU A 426 40.29 -46.59 71.10
N LEU A 427 40.13 -47.76 70.48
CA LEU A 427 39.56 -47.83 69.14
C LEU A 427 38.35 -48.76 69.03
N CYS A 428 37.59 -48.57 67.96
CA CYS A 428 36.37 -49.32 67.71
C CYS A 428 36.56 -50.18 66.47
N LYS A 429 35.95 -51.36 66.45
CA LYS A 429 35.99 -52.19 65.25
C LYS A 429 34.59 -52.19 64.66
N TYR A 430 34.50 -52.30 63.34
CA TYR A 430 33.23 -52.14 62.66
C TYR A 430 32.42 -53.40 62.94
N THR A 431 31.24 -53.22 63.52
CA THR A 431 30.31 -54.34 63.73
C THR A 431 29.73 -54.87 62.43
N ALA A 432 29.51 -53.98 61.47
CA ALA A 432 28.90 -54.37 60.21
C ALA A 432 29.84 -55.35 59.54
N GLN A 433 29.31 -56.21 58.67
CA GLN A 433 30.19 -57.17 58.02
C GLN A 433 31.08 -56.59 56.92
N ARG A 434 32.38 -56.72 57.15
CA ARG A 434 33.43 -56.20 56.28
C ARG A 434 34.21 -57.39 55.75
N LEU A 435 34.87 -57.21 54.60
CA LEU A 435 35.61 -58.29 53.98
C LEU A 435 36.69 -58.80 54.93
N LYS A 436 37.36 -57.87 55.60
CA LYS A 436 38.37 -58.19 56.60
C LYS A 436 38.07 -57.33 57.84
N PRO A 437 38.64 -57.68 59.01
CA PRO A 437 38.39 -56.84 60.19
C PRO A 437 38.87 -55.40 60.01
N THR A 438 38.01 -54.44 60.33
CA THR A 438 38.33 -53.02 60.13
C THR A 438 38.11 -52.24 61.43
N TYR A 439 39.01 -51.32 61.74
CA TYR A 439 38.95 -50.58 62.99
C TYR A 439 39.01 -49.06 62.75
N LYS A 440 38.47 -48.31 63.72
CA LYS A 440 38.54 -46.85 63.68
C LYS A 440 38.43 -46.28 65.09
N PHE A 441 38.81 -45.02 65.23
CA PHE A 441 38.58 -44.26 66.45
C PHE A 441 37.16 -43.71 66.36
N PHE A 442 36.48 -43.51 67.50
CA PHE A 442 35.06 -43.14 67.48
C PHE A 442 34.77 -41.90 66.66
N HIS A 443 35.77 -41.02 66.57
CA HIS A 443 35.70 -39.84 65.73
C HIS A 443 37.09 -39.55 65.20
N LYS A 444 37.17 -38.78 64.12
CA LYS A 444 38.46 -38.41 63.55
C LYS A 444 39.28 -37.58 64.55
N SER A 445 38.59 -36.73 65.30
CA SER A 445 39.24 -35.86 66.27
C SER A 445 39.94 -36.64 67.37
N PHE A 446 39.41 -37.80 67.73
CA PHE A 446 40.07 -38.65 68.73
C PHE A 446 41.32 -39.30 68.16
N GLN A 447 41.31 -39.63 66.87
CA GLN A 447 42.49 -40.14 66.20
C GLN A 447 43.54 -39.04 66.20
N GLU A 448 43.11 -37.83 65.90
CA GLU A 448 43.98 -36.67 65.90
C GLU A 448 44.55 -36.37 67.28
N TYR A 449 43.74 -36.50 68.32
CA TYR A 449 44.24 -36.33 69.68
C TYR A 449 45.23 -37.42 70.06
N THR A 450 44.90 -38.67 69.78
CA THR A 450 45.77 -39.79 70.16
C THR A 450 47.11 -39.66 69.45
N ALA A 451 47.05 -39.24 68.19
CA ALA A 451 48.24 -39.00 67.38
C ALA A 451 49.06 -37.82 67.91
N GLY A 452 48.37 -36.76 68.36
CA GLY A 452 49.03 -35.61 68.93
C GLY A 452 49.71 -35.91 70.26
N ARG A 453 49.01 -36.66 71.09
CA ARG A 453 49.51 -37.12 72.38
C ARG A 453 50.74 -37.96 72.14
N ARG A 454 50.67 -38.81 71.12
CA ARG A 454 51.81 -39.64 70.75
C ARG A 454 52.99 -38.80 70.25
N LEU A 455 52.71 -37.81 69.42
CA LEU A 455 53.77 -36.99 68.85
C LEU A 455 54.48 -36.23 69.95
N SER A 456 53.69 -35.64 70.84
CA SER A 456 54.21 -34.88 71.98
C SER A 456 55.01 -35.80 72.87
N SER A 457 54.50 -37.01 73.10
CA SER A 457 55.18 -37.98 73.93
C SER A 457 56.53 -38.35 73.32
N LEU A 458 56.60 -38.35 72.00
CA LEU A 458 57.84 -38.63 71.30
C LEU A 458 58.84 -37.46 71.39
N LEU A 459 58.35 -36.24 71.16
CA LEU A 459 59.20 -35.07 71.17
C LEU A 459 59.75 -34.77 72.56
N THR A 460 58.93 -35.03 73.57
CA THR A 460 59.30 -34.79 74.96
C THR A 460 59.92 -36.01 75.61
N SER A 461 60.30 -37.00 74.81
CA SER A 461 60.76 -38.28 75.34
C SER A 461 62.21 -38.21 75.80
N LYS A 462 62.55 -39.09 76.73
CA LYS A 462 63.87 -39.14 77.32
C LYS A 462 64.74 -40.15 76.58
N GLU A 463 64.16 -40.75 75.53
CA GLU A 463 64.89 -41.64 74.64
C GLU A 463 65.17 -40.88 73.35
N PRO A 464 66.45 -40.71 73.01
CA PRO A 464 66.88 -39.97 71.82
C PRO A 464 66.24 -40.52 70.56
N GLU A 465 66.02 -41.83 70.52
CA GLU A 465 65.42 -42.46 69.35
C GLU A 465 63.99 -41.99 69.13
N GLU A 466 63.19 -42.02 70.20
CA GLU A 466 61.80 -41.57 70.12
C GLU A 466 61.70 -40.11 69.71
N VAL A 467 62.59 -39.29 70.24
CA VAL A 467 62.63 -37.88 69.89
C VAL A 467 63.00 -37.72 68.41
N SER A 468 63.93 -38.55 67.96
CA SER A 468 64.35 -38.52 66.57
C SER A 468 63.20 -38.89 65.65
N LYS A 469 62.39 -39.86 66.07
CA LYS A 469 61.22 -40.25 65.31
C LYS A 469 60.16 -39.14 65.30
N GLY A 470 59.96 -38.49 66.44
CA GLY A 470 58.99 -37.40 66.51
C GLY A 470 59.39 -36.23 65.62
N ASN A 471 60.66 -35.85 65.67
CA ASN A 471 61.18 -34.79 64.81
C ASN A 471 61.13 -35.21 63.35
N SER A 472 61.24 -36.52 63.10
CA SER A 472 61.09 -37.06 61.75
C SER A 472 59.66 -36.84 61.28
N TYR A 473 58.69 -37.06 62.18
CA TYR A 473 57.28 -36.79 61.88
C TYR A 473 57.07 -35.32 61.59
N LEU A 474 57.73 -34.46 62.35
CA LEU A 474 57.65 -33.02 62.11
C LEU A 474 58.22 -32.68 60.74
N ASN A 475 59.27 -33.40 60.35
CA ASN A 475 59.97 -33.15 59.10
C ASN A 475 59.13 -33.51 57.88
N LYS A 476 58.08 -34.29 58.13
CA LYS A 476 57.14 -34.65 57.08
C LYS A 476 56.21 -33.49 56.76
N MET A 477 56.28 -32.43 57.56
CA MET A 477 55.48 -31.25 57.29
C MET A 477 56.36 -30.20 56.64
N VAL A 478 56.19 -30.04 55.33
CA VAL A 478 57.00 -29.13 54.52
C VAL A 478 56.23 -27.86 54.18
N SER A 479 55.08 -28.02 53.56
CA SER A 479 54.33 -26.90 53.02
C SER A 479 53.19 -26.49 53.95
N ILE A 480 52.95 -25.19 54.04
CA ILE A 480 51.94 -24.64 54.93
C ILE A 480 50.53 -25.12 54.58
N SER A 481 50.33 -25.42 53.29
CA SER A 481 49.03 -25.90 52.81
C SER A 481 48.66 -27.17 53.55
N ASP A 482 49.61 -28.11 53.61
CA ASP A 482 49.38 -29.37 54.32
C ASP A 482 49.19 -29.12 55.81
N ILE A 483 49.97 -28.19 56.35
CA ILE A 483 49.95 -27.91 57.78
C ILE A 483 48.61 -27.36 58.27
N THR A 484 48.09 -26.35 57.60
CA THR A 484 46.82 -25.75 58.00
C THR A 484 45.62 -26.68 57.85
N SER A 485 45.61 -27.46 56.77
CA SER A 485 44.52 -28.38 56.48
C SER A 485 44.70 -29.77 57.10
N LEU A 486 45.70 -30.50 56.62
CA LEU A 486 45.91 -31.88 57.04
C LEU A 486 46.41 -31.99 58.48
N TYR A 487 47.46 -31.25 58.80
CA TYR A 487 48.16 -31.41 60.07
C TYR A 487 47.72 -30.42 61.16
N GLY A 488 46.72 -29.59 60.85
CA GLY A 488 46.31 -28.53 61.76
C GLY A 488 45.84 -29.02 63.12
N ASN A 489 44.97 -30.02 63.14
CA ASN A 489 44.47 -30.54 64.39
C ASN A 489 45.53 -31.40 65.08
N LEU A 490 46.42 -31.98 64.28
CA LEU A 490 47.51 -32.79 64.82
C LEU A 490 48.36 -31.97 65.76
N LEU A 491 48.69 -30.76 65.33
CA LEU A 491 49.53 -29.84 66.09
C LEU A 491 48.74 -29.16 67.21
N LEU A 492 47.42 -29.06 67.05
CA LEU A 492 46.56 -28.48 68.06
C LEU A 492 46.66 -29.32 69.33
N TYR A 493 46.53 -30.63 69.17
CA TYR A 493 46.63 -31.56 70.30
C TYR A 493 48.08 -31.79 70.73
N THR A 494 49.01 -31.75 69.78
CA THR A 494 50.43 -31.88 70.09
C THR A 494 50.90 -30.74 70.99
N CYS A 495 50.60 -29.52 70.59
CA CYS A 495 50.95 -28.33 71.37
C CYS A 495 50.12 -28.29 72.65
N GLY A 496 48.87 -28.71 72.54
CA GLY A 496 47.97 -28.71 73.68
C GLY A 496 48.42 -29.67 74.76
N SER A 497 49.13 -30.73 74.37
CA SER A 497 49.56 -31.73 75.33
C SER A 497 50.73 -31.30 76.21
N SER A 498 51.73 -30.66 75.61
CA SER A 498 52.93 -30.28 76.36
C SER A 498 53.53 -28.97 75.87
N THR A 499 54.24 -28.28 76.76
CA THR A 499 54.86 -27.00 76.45
C THR A 499 56.17 -27.17 75.66
N GLU A 500 56.90 -28.21 76.02
CA GLU A 500 58.14 -28.58 75.35
C GLU A 500 57.81 -28.90 73.90
N ALA A 501 56.67 -29.54 73.72
CA ALA A 501 56.21 -29.92 72.39
C ALA A 501 55.90 -28.69 71.55
N THR A 502 55.27 -27.69 72.16
CA THR A 502 55.00 -26.44 71.43
C THR A 502 56.30 -25.78 71.05
N ARG A 503 57.34 -25.96 71.86
CA ARG A 503 58.64 -25.41 71.48
C ARG A 503 59.15 -26.00 70.18
N ALA A 504 59.09 -27.32 70.06
CA ALA A 504 59.54 -28.00 68.85
C ALA A 504 58.65 -27.65 67.65
N VAL A 505 57.34 -27.65 67.86
CA VAL A 505 56.40 -27.37 66.78
C VAL A 505 56.56 -25.94 66.26
N MET A 506 56.65 -24.97 67.15
CA MET A 506 56.80 -23.57 66.75
C MET A 506 58.18 -23.29 66.17
N ARG A 507 59.20 -23.96 66.68
CA ARG A 507 60.54 -23.86 66.10
C ARG A 507 60.54 -24.38 64.67
N HIS A 508 59.77 -25.45 64.43
CA HIS A 508 59.63 -26.02 63.10
C HIS A 508 58.84 -25.15 62.14
N LEU A 509 57.70 -24.64 62.60
CA LEU A 509 56.78 -23.87 61.77
C LEU A 509 57.41 -22.54 61.34
N ALA A 510 58.29 -22.02 62.18
CA ALA A 510 58.99 -20.77 61.90
C ALA A 510 60.00 -20.95 60.77
N MET A 511 60.33 -22.22 60.50
CA MET A 511 61.35 -22.58 59.53
C MET A 511 60.71 -22.89 58.16
N VAL A 512 59.39 -22.79 58.08
CA VAL A 512 58.68 -23.31 56.92
C VAL A 512 58.56 -22.27 55.80
N TYR A 513 59.25 -22.54 54.68
CA TYR A 513 59.28 -21.65 53.54
C TYR A 513 58.35 -22.02 52.38
N GLN A 514 57.68 -23.17 52.49
CA GLN A 514 56.99 -23.74 51.34
C GLN A 514 55.46 -23.57 51.39
N HIS A 515 54.89 -23.01 50.34
CA HIS A 515 53.44 -22.78 50.31
C HIS A 515 52.61 -24.04 50.07
N GLY A 516 53.03 -24.87 49.12
CA GLY A 516 52.20 -25.97 48.68
C GLY A 516 51.12 -25.51 47.72
N SER A 517 49.91 -26.07 47.86
CA SER A 517 48.84 -25.82 46.91
C SER A 517 48.10 -24.52 47.20
N LEU A 518 48.04 -23.66 46.19
CA LEU A 518 47.38 -22.36 46.29
C LEU A 518 45.95 -22.42 45.77
N GLN A 519 45.47 -23.62 45.48
CA GLN A 519 44.24 -23.82 44.72
C GLN A 519 43.01 -23.04 45.23
N GLY A 520 42.40 -23.54 46.30
CA GLY A 520 41.14 -23.00 46.80
C GLY A 520 41.14 -21.66 47.50
N LEU A 521 42.26 -20.95 47.53
CA LEU A 521 42.36 -19.75 48.37
C LEU A 521 41.64 -18.47 47.90
N SER A 522 41.35 -18.36 46.61
CA SER A 522 40.78 -17.15 46.03
C SER A 522 39.60 -16.54 46.81
N VAL A 523 39.69 -15.24 47.08
CA VAL A 523 38.64 -14.55 47.83
C VAL A 523 37.72 -13.72 46.92
N THR A 524 38.10 -13.60 45.66
CA THR A 524 37.27 -12.91 44.68
C THR A 524 36.75 -13.87 43.62
N LYS A 525 36.09 -13.33 42.60
CA LYS A 525 35.53 -14.13 41.51
C LYS A 525 36.28 -13.84 40.22
N ARG A 526 37.04 -14.83 39.73
CA ARG A 526 37.82 -14.66 38.51
C ARG A 526 38.62 -13.36 38.57
N PRO A 527 39.58 -13.26 39.49
CA PRO A 527 40.35 -12.04 39.67
C PRO A 527 41.24 -11.70 38.47
N ARG A 530 44.13 -5.71 39.51
CA ARG A 530 44.17 -4.51 40.33
C ARG A 530 42.78 -4.00 40.68
N GLN A 531 42.74 -2.92 41.45
CA GLN A 531 41.51 -2.14 41.74
C GLN A 531 40.42 -2.89 42.53
N GLU A 532 40.54 -4.21 42.62
CA GLU A 532 39.52 -5.01 43.29
C GLU A 532 39.77 -4.95 44.79
N SEP A 533 41.04 -4.74 45.12
CA SEP A 533 41.49 -4.71 46.51
CB SEP A 533 41.54 -6.14 47.07
OG SEP A 533 42.14 -6.17 48.34
C SEP A 533 42.88 -4.11 46.55
O SEP A 533 43.53 -3.93 45.52
P SEP A 533 41.06 -5.77 49.47
O1P SEP A 533 41.42 -6.52 50.85
O2P SEP A 533 41.06 -4.18 49.68
O3P SEP A 533 39.60 -6.25 48.97
N ILE A 534 43.35 -3.79 47.76
CA ILE A 534 44.73 -3.40 47.97
C ILE A 534 45.59 -4.58 47.57
N GLN A 535 45.09 -5.77 47.89
CA GLN A 535 45.78 -7.02 47.62
C GLN A 535 45.99 -7.23 46.12
N SER A 536 45.00 -6.84 45.31
CA SER A 536 45.14 -6.90 43.86
C SER A 536 46.04 -5.79 43.33
N LEU A 537 45.86 -4.60 43.89
CA LEU A 537 46.61 -3.42 43.49
C LEU A 537 48.09 -3.51 43.81
N ARG A 538 48.40 -3.97 45.02
CA ARG A 538 49.76 -3.95 45.51
C ARG A 538 50.57 -5.17 45.07
N ASN A 539 49.88 -6.20 44.60
CA ASN A 539 50.55 -7.45 44.22
C ASN A 539 50.57 -7.61 42.69
N THR A 540 51.71 -8.01 42.14
CA THR A 540 51.88 -8.07 40.69
C THR A 540 51.09 -9.21 40.03
N THR A 541 51.04 -10.36 40.68
CA THR A 541 50.37 -11.53 40.12
C THR A 541 49.30 -12.11 41.04
N GLU A 542 48.40 -12.89 40.46
CA GLU A 542 47.36 -13.57 41.22
C GLU A 542 47.94 -14.55 42.24
N GLN A 543 49.02 -15.22 41.82
CA GLN A 543 49.70 -16.16 42.68
C GLN A 543 50.15 -15.47 43.96
N ASP A 544 50.59 -14.23 43.83
CA ASP A 544 51.02 -13.45 44.99
C ASP A 544 49.88 -13.19 45.96
N VAL A 545 48.69 -12.93 45.41
CA VAL A 545 47.50 -12.73 46.22
C VAL A 545 47.20 -14.01 46.99
N LEU A 546 47.22 -15.13 46.29
CA LEU A 546 46.94 -16.42 46.91
C LEU A 546 47.94 -16.76 48.01
N LYS A 547 49.23 -16.50 47.75
CA LYS A 547 50.26 -16.72 48.74
C LYS A 547 50.00 -15.87 49.97
N ALA A 548 49.61 -14.61 49.74
CA ALA A 548 49.30 -13.70 50.83
C ALA A 548 48.18 -14.26 51.71
N ILE A 549 47.13 -14.77 51.07
CA ILE A 549 46.03 -15.40 51.81
C ILE A 549 46.52 -16.62 52.62
N ASN A 550 47.36 -17.42 51.97
CA ASN A 550 47.91 -18.63 52.57
C ASN A 550 48.66 -18.29 53.86
N VAL A 551 49.43 -17.21 53.84
CA VAL A 551 50.15 -16.78 55.04
C VAL A 551 49.20 -16.32 56.16
N ASN A 552 48.09 -15.71 55.78
CA ASN A 552 47.06 -15.31 56.74
C ASN A 552 46.57 -16.56 57.46
N SER A 553 46.25 -17.59 56.69
CA SER A 553 45.73 -18.83 57.27
C SER A 553 46.77 -19.54 58.13
N PHE A 554 48.02 -19.49 57.68
CA PHE A 554 49.13 -20.10 58.40
C PHE A 554 49.27 -19.45 59.78
N VAL A 555 49.20 -18.12 59.78
CA VAL A 555 49.32 -17.37 61.02
C VAL A 555 48.15 -17.65 61.96
N GLU A 556 46.94 -17.73 61.42
CA GLU A 556 45.79 -18.08 62.26
C GLU A 556 45.98 -19.45 62.90
N CYS A 557 46.51 -20.40 62.12
CA CYS A 557 46.84 -21.72 62.67
C CYS A 557 47.81 -21.55 63.84
N GLY A 558 48.82 -20.71 63.63
CA GLY A 558 49.82 -20.47 64.66
C GLY A 558 49.22 -19.92 65.94
N ILE A 559 48.30 -18.98 65.82
CA ILE A 559 47.65 -18.39 66.97
C ILE A 559 46.76 -19.40 67.69
N ASN A 560 46.11 -20.27 66.93
CA ASN A 560 45.32 -21.33 67.52
C ASN A 560 46.22 -22.22 68.37
N LEU A 561 47.37 -22.56 67.81
CA LEU A 561 48.35 -23.35 68.51
C LEU A 561 48.81 -22.64 69.78
N PHE A 562 48.91 -21.31 69.68
CA PHE A 562 49.31 -20.47 70.81
C PHE A 562 48.31 -20.56 71.96
N SER A 563 47.03 -20.45 71.64
CA SER A 563 45.98 -20.53 72.66
C SER A 563 45.94 -21.91 73.29
N GLU A 564 46.02 -22.95 72.47
CA GLU A 564 46.01 -24.31 72.99
C GLU A 564 47.24 -24.66 73.84
N SER A 565 48.37 -24.02 73.55
CA SER A 565 49.60 -24.28 74.29
C SER A 565 49.43 -23.91 75.75
N MET A 566 48.58 -22.92 76.02
CA MET A 566 48.24 -22.45 77.36
C MET A 566 49.45 -21.91 78.11
N SER A 567 50.48 -21.52 77.37
CA SER A 567 51.64 -20.84 77.93
C SER A 567 51.44 -19.37 77.63
N LYS A 568 51.18 -18.56 78.64
CA LYS A 568 50.86 -17.15 78.41
C LYS A 568 51.97 -16.42 77.64
N SER A 569 52.99 -15.98 78.37
CA SER A 569 54.14 -15.30 77.78
C SER A 569 55.41 -16.16 77.70
N ASP A 570 55.34 -17.40 78.17
CA ASP A 570 56.53 -18.24 78.32
C ASP A 570 57.22 -18.60 77.01
N LEU A 571 56.44 -18.81 75.95
CA LEU A 571 56.99 -19.17 74.64
C LEU A 571 57.18 -18.01 73.69
N SER A 572 57.01 -16.79 74.20
CA SER A 572 57.01 -15.58 73.38
C SER A 572 58.22 -15.49 72.44
N GLN A 573 59.36 -16.02 72.88
CA GLN A 573 60.57 -16.01 72.06
C GLN A 573 60.41 -16.86 70.81
N GLU A 574 59.94 -18.09 71.00
CA GLU A 574 59.74 -19.03 69.91
C GLU A 574 58.63 -18.55 68.98
N PHE A 575 57.55 -18.05 69.57
CA PHE A 575 56.41 -17.57 68.82
C PHE A 575 56.69 -16.33 67.96
N GLU A 576 57.47 -15.40 68.49
CA GLU A 576 57.79 -14.21 67.70
C GLU A 576 58.61 -14.57 66.47
N ALA A 577 59.46 -15.59 66.62
CA ALA A 577 60.25 -16.09 65.49
C ALA A 577 59.35 -16.61 64.38
N PHE A 578 58.23 -17.21 64.77
CA PHE A 578 57.25 -17.70 63.81
C PHE A 578 56.47 -16.59 63.12
N PHE A 579 55.93 -15.65 63.90
CA PHE A 579 55.00 -14.67 63.35
C PHE A 579 55.67 -13.53 62.58
N GLN A 580 56.98 -13.41 62.71
CA GLN A 580 57.69 -12.27 62.14
C GLN A 580 57.73 -12.28 60.61
N GLY A 581 57.37 -11.15 60.02
CA GLY A 581 57.39 -10.99 58.58
C GLY A 581 56.14 -11.56 57.95
N LYS A 582 55.21 -11.97 58.81
CA LYS A 582 53.97 -12.57 58.35
C LYS A 582 52.77 -11.63 58.53
N SER A 583 51.58 -12.11 58.21
CA SER A 583 50.41 -11.24 58.24
C SER A 583 49.26 -11.87 59.03
N LEU A 584 48.36 -11.04 59.53
CA LEU A 584 47.19 -11.54 60.26
C LEU A 584 45.88 -11.02 59.70
N TYR A 585 44.86 -11.87 59.59
CA TYR A 585 43.55 -11.40 59.13
C TYR A 585 42.54 -11.34 60.27
N ILE A 586 41.89 -10.19 60.42
CA ILE A 586 40.86 -10.01 61.44
C ILE A 586 39.55 -9.47 60.85
N ASN A 587 38.46 -10.20 61.09
CA ASN A 587 37.14 -9.74 60.69
C ASN A 587 36.45 -9.18 61.93
N SER A 588 36.08 -7.92 61.88
CA SER A 588 35.51 -7.26 63.05
C SER A 588 34.19 -7.91 63.45
N GLU A 589 33.46 -8.42 62.47
CA GLU A 589 32.19 -9.08 62.73
C GLU A 589 32.43 -10.40 63.46
N ASN A 590 33.51 -11.10 63.09
CA ASN A 590 33.89 -12.34 63.75
C ASN A 590 35.27 -12.31 64.39
N ILE A 591 35.31 -12.23 65.72
CA ILE A 591 36.56 -12.20 66.47
C ILE A 591 36.66 -13.40 67.40
N PRO A 592 37.63 -14.29 67.14
CA PRO A 592 37.87 -15.44 68.01
C PRO A 592 38.43 -15.02 69.37
N ASP A 593 38.24 -15.87 70.38
CA ASP A 593 38.73 -15.58 71.72
C ASP A 593 40.26 -15.63 71.79
N TYR A 594 40.88 -16.44 70.94
CA TYR A 594 42.32 -16.56 70.95
C TYR A 594 43.04 -15.32 70.41
N LEU A 595 42.31 -14.49 69.67
CA LEU A 595 42.83 -13.20 69.23
C LEU A 595 43.07 -12.29 70.43
N PHE A 596 42.15 -12.30 71.38
CA PHE A 596 42.30 -11.55 72.61
C PHE A 596 43.51 -12.02 73.39
N ASP A 597 43.70 -13.33 73.48
CA ASP A 597 44.85 -13.91 74.14
C ASP A 597 46.14 -13.50 73.44
N PHE A 598 46.09 -13.50 72.11
CA PHE A 598 47.24 -13.16 71.27
C PHE A 598 47.65 -11.72 71.52
N PHE A 599 46.68 -10.81 71.51
CA PHE A 599 46.96 -9.40 71.74
C PHE A 599 47.42 -9.14 73.18
N GLU A 600 46.80 -9.84 74.12
CA GLU A 600 47.10 -9.65 75.53
C GLU A 600 48.49 -10.12 75.93
N TYR A 601 48.77 -11.40 75.70
CA TYR A 601 49.98 -12.01 76.24
C TYR A 601 51.19 -11.86 75.31
N LEU A 602 50.93 -11.55 74.04
CA LEU A 602 51.99 -11.50 73.03
C LEU A 602 51.92 -10.25 72.14
N PRO A 603 52.14 -9.06 72.73
CA PRO A 603 52.09 -7.83 71.94
C PRO A 603 53.26 -7.73 70.97
N ASN A 604 54.37 -8.38 71.28
CA ASN A 604 55.54 -8.37 70.42
C ASN A 604 55.31 -9.03 69.08
N CYS A 605 54.56 -10.13 69.07
CA CYS A 605 54.26 -10.87 67.84
C CYS A 605 53.33 -10.08 66.92
N ALA A 606 52.37 -9.39 67.52
CA ALA A 606 51.46 -8.54 66.76
C ALA A 606 52.24 -7.43 66.07
N SER A 607 53.28 -6.95 66.75
CA SER A 607 54.15 -5.91 66.20
C SER A 607 55.16 -6.49 65.23
N ALA A 608 55.38 -7.80 65.30
CA ALA A 608 56.35 -8.48 64.46
C ALA A 608 55.74 -8.87 63.13
N LEU A 609 54.42 -8.74 63.03
CA LEU A 609 53.74 -9.07 61.79
C LEU A 609 54.03 -7.93 60.82
N ASP A 610 54.29 -8.28 59.57
CA ASP A 610 54.51 -7.26 58.55
C ASP A 610 53.25 -6.41 58.40
N PHE A 611 52.09 -7.06 58.42
CA PHE A 611 50.83 -6.33 58.47
C PHE A 611 49.63 -7.10 59.05
N VAL A 612 48.66 -6.32 59.50
CA VAL A 612 47.39 -6.84 59.97
C VAL A 612 46.30 -6.28 59.06
N LYS A 613 45.42 -7.16 58.60
CA LYS A 613 44.37 -6.80 57.66
C LYS A 613 43.09 -6.78 58.48
N LEU A 614 42.41 -5.65 58.47
CA LEU A 614 41.23 -5.50 59.31
C LEU A 614 40.01 -5.27 58.42
N ASP A 615 38.93 -6.00 58.68
CA ASP A 615 37.74 -5.86 57.85
C ASP A 615 36.50 -5.44 58.64
N PHE A 616 35.83 -4.40 58.16
CA PHE A 616 34.62 -3.91 58.80
C PHE A 616 33.44 -4.10 57.84
N TYR A 617 32.38 -4.74 58.31
CA TYR A 617 31.25 -5.04 57.46
C TYR A 617 30.01 -4.37 58.03
N GLU A 618 29.51 -3.34 57.35
CA GLU A 618 28.23 -2.70 57.65
C GLU A 618 28.20 -1.92 58.98
N ARG A 619 29.20 -2.16 59.82
CA ARG A 619 29.29 -1.53 61.14
C ARG A 619 30.69 -0.97 61.32
N ALA A 620 30.80 0.32 61.63
CA ALA A 620 32.11 0.89 61.87
C ALA A 620 32.56 0.67 63.31
N THR A 621 31.60 0.39 64.19
CA THR A 621 31.87 0.14 65.61
C THR A 621 30.74 -0.64 66.27
N PRO A 645 32.29 -2.98 65.24
CA PRO A 645 31.70 -3.83 66.27
C PRO A 645 32.35 -3.59 67.63
N PRO A 646 31.57 -3.71 68.71
CA PRO A 646 32.07 -3.48 70.07
C PRO A 646 33.16 -4.48 70.43
N ARG A 647 33.08 -5.70 69.92
CA ARG A 647 34.08 -6.71 70.25
C ARG A 647 35.44 -6.37 69.65
N ALA A 648 35.43 -5.76 68.46
CA ALA A 648 36.66 -5.32 67.82
C ALA A 648 37.28 -4.20 68.64
N VAL A 649 36.41 -3.29 69.10
CA VAL A 649 36.81 -2.19 69.96
C VAL A 649 37.48 -2.73 71.21
N SER A 650 36.87 -3.75 71.82
CA SER A 650 37.44 -4.40 72.99
C SER A 650 38.79 -5.02 72.66
N LEU A 651 38.89 -5.66 71.51
CA LEU A 651 40.11 -6.35 71.10
C LEU A 651 41.27 -5.35 71.00
N PHE A 652 41.06 -4.26 70.25
CA PHE A 652 42.14 -3.30 70.02
C PHE A 652 42.44 -2.38 71.21
N PHE A 653 41.40 -1.98 71.94
CA PHE A 653 41.56 -1.01 73.03
C PHE A 653 42.10 -1.56 74.35
N ASN A 654 41.62 -2.73 74.77
CA ASN A 654 41.99 -3.33 76.06
C ASN A 654 43.49 -3.17 76.34
N TRP A 655 44.31 -3.58 75.39
CA TRP A 655 45.77 -3.43 75.51
C TRP A 655 46.33 -2.51 74.40
N LYS A 656 47.52 -1.97 74.64
CA LYS A 656 48.15 -1.02 73.71
C LYS A 656 48.98 -1.80 72.70
N GLN A 657 48.59 -1.73 71.43
CA GLN A 657 49.31 -2.48 70.42
C GLN A 657 50.02 -1.53 69.47
N GLU A 658 51.07 -1.99 68.81
CA GLU A 658 51.72 -1.21 67.77
C GLU A 658 51.97 -2.08 66.55
N PHE A 659 51.47 -1.63 65.41
CA PHE A 659 51.50 -2.41 64.18
C PHE A 659 52.37 -1.73 63.11
N LYS A 660 53.17 -2.53 62.41
CA LYS A 660 53.98 -2.00 61.30
C LYS A 660 53.05 -1.40 60.26
N THR A 661 52.02 -2.16 59.88
CA THR A 661 51.03 -1.70 58.92
C THR A 661 49.65 -2.23 59.28
N LEU A 662 48.64 -1.38 59.12
CA LEU A 662 47.26 -1.81 59.31
C LEU A 662 46.57 -1.68 57.97
N GLU A 663 45.96 -2.76 57.51
CA GLU A 663 45.26 -2.76 56.23
C GLU A 663 43.79 -2.93 56.52
N VAL A 664 43.02 -1.87 56.31
CA VAL A 664 41.62 -1.90 56.69
C VAL A 664 40.67 -1.60 55.52
N THR A 665 39.59 -2.38 55.46
CA THR A 665 38.59 -2.21 54.43
C THR A 665 37.24 -1.93 55.09
N LEU A 666 36.61 -0.84 54.68
CA LEU A 666 35.35 -0.39 55.25
C LEU A 666 34.24 -0.72 54.25
N ARG A 667 33.35 -1.62 54.64
CA ARG A 667 32.37 -2.16 53.72
C ARG A 667 30.94 -1.75 54.02
N ASP A 668 30.33 -1.13 53.02
CA ASP A 668 28.90 -0.82 53.04
C ASP A 668 28.51 -0.02 54.27
N ILE A 669 29.35 0.93 54.69
CA ILE A 669 28.97 1.74 55.83
C ILE A 669 28.29 3.01 55.31
N ASN A 670 26.97 3.04 55.45
CA ASN A 670 26.15 4.18 55.09
C ASN A 670 25.70 5.04 56.27
N LYS A 671 26.12 4.65 57.46
CA LYS A 671 25.82 5.40 58.67
C LYS A 671 27.08 5.58 59.48
N LEU A 672 27.41 6.82 59.78
CA LEU A 672 28.61 7.12 60.55
C LEU A 672 28.31 8.22 61.57
N ASN A 673 28.78 8.02 62.79
CA ASN A 673 28.58 9.01 63.85
C ASN A 673 29.89 9.36 64.53
N LYS A 674 29.82 10.17 65.58
CA LYS A 674 31.00 10.63 66.29
C LYS A 674 31.77 9.47 66.92
N GLN A 675 31.07 8.55 67.56
CA GLN A 675 31.73 7.42 68.21
C GLN A 675 32.52 6.63 67.18
N ASP A 676 31.91 6.44 66.02
CA ASP A 676 32.53 5.67 64.95
C ASP A 676 33.83 6.33 64.47
N ILE A 677 33.76 7.63 64.19
CA ILE A 677 34.93 8.38 63.73
C ILE A 677 36.06 8.44 64.74
N LYS A 678 35.74 8.79 65.98
CA LYS A 678 36.80 8.87 66.98
C LYS A 678 37.41 7.49 67.19
N TYR A 679 36.58 6.45 67.26
CA TYR A 679 37.09 5.11 67.50
C TYR A 679 37.97 4.61 66.35
N LEU A 680 37.54 4.86 65.11
CA LEU A 680 38.35 4.49 63.97
C LEU A 680 39.67 5.25 63.99
N GLY A 681 39.64 6.49 64.45
CA GLY A 681 40.88 7.23 64.60
C GLY A 681 41.81 6.53 65.56
N LYS A 682 41.27 6.09 66.69
CA LYS A 682 42.10 5.40 67.69
C LYS A 682 42.68 4.11 67.12
N ILE A 683 41.86 3.35 66.40
CA ILE A 683 42.33 2.10 65.81
C ILE A 683 43.40 2.32 64.72
N PHE A 684 43.19 3.30 63.84
CA PHE A 684 44.15 3.59 62.78
C PHE A 684 45.46 4.10 63.36
N SER A 685 45.40 4.73 64.53
CA SER A 685 46.61 5.29 65.13
C SER A 685 47.54 4.21 65.69
N SER A 686 47.07 2.97 65.73
CA SER A 686 47.85 1.87 66.26
C SER A 686 49.02 1.51 65.35
N ALA A 687 48.92 1.84 64.07
CA ALA A 687 49.93 1.45 63.09
C ALA A 687 50.77 2.62 62.59
N THR A 688 52.04 2.35 62.32
CA THR A 688 52.92 3.33 61.69
C THR A 688 52.48 3.60 60.26
N ASN A 689 52.02 2.55 59.58
CA ASN A 689 51.55 2.66 58.21
C ASN A 689 50.11 2.22 58.08
N LEU A 690 49.34 2.89 57.23
CA LEU A 690 47.94 2.53 57.02
C LEU A 690 47.59 2.41 55.54
N ARG A 691 46.92 1.30 55.20
CA ARG A 691 46.38 1.11 53.88
C ARG A 691 44.86 1.04 54.01
N LEU A 692 44.17 1.90 53.25
CA LEU A 692 42.73 2.08 53.45
C LEU A 692 41.91 1.82 52.19
N HIS A 693 40.88 0.99 52.32
CA HIS A 693 39.93 0.78 51.24
C HIS A 693 38.53 1.15 51.75
N ILE A 694 37.87 2.03 51.02
CA ILE A 694 36.52 2.46 51.34
C ILE A 694 35.63 1.95 50.24
N LYS A 695 34.76 1.00 50.54
CA LYS A 695 33.95 0.33 49.53
C LYS A 695 32.48 0.55 49.76
N ARG A 696 31.84 1.22 48.80
CA ARG A 696 30.40 1.42 48.83
C ARG A 696 29.96 2.08 50.14
N CYS A 697 30.77 3.01 50.63
CA CYS A 697 30.49 3.70 51.88
C CYS A 697 29.92 5.08 51.61
N ALA A 698 28.65 5.27 51.92
CA ALA A 698 27.99 6.55 51.67
C ALA A 698 28.14 7.49 52.86
N ALA A 699 28.68 6.96 53.95
CA ALA A 699 28.85 7.72 55.17
C ALA A 699 30.12 8.58 55.18
N MET A 700 30.98 8.43 54.17
CA MET A 700 32.19 9.24 54.12
C MET A 700 31.88 10.44 53.25
N ALA A 701 31.70 11.60 53.90
CA ALA A 701 31.42 12.84 53.17
C ALA A 701 32.43 13.93 53.54
N GLY A 702 32.43 14.31 54.80
CA GLY A 702 33.35 15.31 55.31
C GLY A 702 34.38 14.59 56.16
N ARG A 703 34.17 13.28 56.30
CA ARG A 703 34.84 12.48 57.32
C ARG A 703 36.20 11.89 56.98
N LEU A 704 36.64 11.96 55.73
CA LEU A 704 37.95 11.40 55.39
C LEU A 704 39.06 12.06 56.19
N SER A 705 39.01 13.38 56.28
CA SER A 705 40.01 14.13 57.04
C SER A 705 39.96 13.83 58.53
N SER A 706 38.76 13.75 59.08
CA SER A 706 38.59 13.53 60.52
C SER A 706 38.94 12.11 60.97
N VAL A 707 38.56 11.12 60.16
CA VAL A 707 38.85 9.72 60.47
C VAL A 707 40.37 9.49 60.50
N LEU A 708 41.05 10.10 59.53
CA LEU A 708 42.48 9.91 59.34
C LEU A 708 43.31 10.94 60.11
N ARG A 709 42.63 11.72 60.96
CA ARG A 709 43.25 12.81 61.70
C ARG A 709 44.56 12.44 62.42
N THR A 710 44.61 11.23 62.98
CA THR A 710 45.88 10.73 63.50
C THR A 710 46.40 9.58 62.65
N CYS A 711 47.30 9.92 61.74
CA CYS A 711 48.04 8.95 60.97
C CYS A 711 49.46 9.43 60.72
N LYS A 712 50.45 8.59 61.01
CA LYS A 712 51.81 8.94 60.63
C LYS A 712 51.98 8.76 59.13
N ASN A 713 51.67 7.57 58.64
CA ASN A 713 51.67 7.25 57.21
C ASN A 713 50.38 6.63 56.71
N MET A 714 49.79 7.20 55.65
CA MET A 714 48.80 6.45 54.87
C MET A 714 49.50 6.05 53.58
N HIS A 715 49.76 4.76 53.43
CA HIS A 715 50.49 4.23 52.29
C HIS A 715 49.65 4.23 51.01
N THR A 716 48.45 3.66 51.09
CA THR A 716 47.57 3.56 49.92
C THR A 716 46.14 3.91 50.26
N LEU A 717 45.47 4.57 49.32
CA LEU A 717 44.05 4.87 49.46
C LEU A 717 43.25 4.39 48.25
N MET A 718 42.20 3.64 48.55
CA MET A 718 41.26 3.17 47.55
C MET A 718 39.87 3.63 47.97
N VAL A 719 39.20 4.37 47.10
CA VAL A 719 37.82 4.77 47.32
C VAL A 719 37.04 4.20 46.17
N GLU A 720 35.98 3.45 46.46
CA GLU A 720 35.25 2.72 45.43
C GLU A 720 33.75 2.89 45.55
N ALA A 721 33.15 3.45 44.49
CA ALA A 721 31.71 3.66 44.41
C ALA A 721 31.17 4.39 45.64
N SER A 722 31.97 5.31 46.16
CA SER A 722 31.57 6.10 47.32
C SER A 722 31.68 7.59 47.01
N PRO A 723 30.70 8.38 47.50
CA PRO A 723 30.72 9.82 47.25
C PRO A 723 31.82 10.52 48.04
N LEU A 724 32.44 11.52 47.44
CA LEU A 724 33.54 12.23 48.05
C LEU A 724 33.34 13.74 47.85
N THR A 725 33.34 14.49 48.95
CA THR A 725 33.15 15.93 48.87
C THR A 725 34.49 16.59 48.56
N THR A 726 34.47 17.90 48.33
CA THR A 726 35.66 18.64 47.96
C THR A 726 36.68 18.68 49.11
N ASP A 727 36.17 18.60 50.35
CA ASP A 727 37.03 18.54 51.53
C ASP A 727 37.89 17.29 51.47
N ASP A 728 37.26 16.15 51.17
CA ASP A 728 37.97 14.89 51.09
C ASP A 728 39.00 14.90 49.97
N GLU A 729 38.59 15.40 48.81
CA GLU A 729 39.48 15.48 47.65
C GLU A 729 40.71 16.29 48.02
N GLN A 730 40.48 17.40 48.71
CA GLN A 730 41.56 18.25 49.19
C GLN A 730 42.48 17.50 50.16
N TYR A 731 41.90 16.71 51.06
CA TYR A 731 42.72 15.95 52.00
C TYR A 731 43.56 14.88 51.30
N ILE A 732 43.00 14.26 50.27
CA ILE A 732 43.69 13.20 49.55
C ILE A 732 44.98 13.74 48.93
N THR A 733 44.90 14.92 48.33
CA THR A 733 46.07 15.54 47.73
C THR A 733 46.94 16.19 48.80
N SER A 734 46.37 16.37 49.99
CA SER A 734 47.10 16.98 51.10
C SER A 734 48.19 16.06 51.64
N VAL A 735 47.96 14.76 51.57
CA VAL A 735 48.94 13.81 52.08
C VAL A 735 49.89 13.42 50.94
N THR A 736 51.13 13.88 51.03
CA THR A 736 52.09 13.74 49.93
C THR A 736 52.78 12.37 49.92
N GLY A 737 52.68 11.66 51.04
CA GLY A 737 53.34 10.38 51.20
C GLY A 737 52.65 9.22 50.51
N LEU A 738 51.51 9.50 49.87
CA LEU A 738 50.69 8.46 49.28
C LEU A 738 51.41 7.84 48.07
N GLN A 739 51.68 6.54 48.13
CA GLN A 739 52.28 5.84 47.00
C GLN A 739 51.27 5.17 46.07
N ASN A 740 50.05 5.00 46.55
CA ASN A 740 49.01 4.36 45.75
C ASN A 740 47.67 5.05 45.93
N LEU A 741 47.08 5.44 44.80
CA LEU A 741 45.77 6.07 44.86
C LEU A 741 44.85 5.50 43.79
N SER A 742 43.71 4.98 44.21
CA SER A 742 42.72 4.50 43.27
C SER A 742 41.34 4.98 43.67
N ILE A 743 40.70 5.76 42.81
CA ILE A 743 39.33 6.18 43.09
C ILE A 743 38.37 5.83 41.94
N HIS A 744 37.23 5.28 42.33
CA HIS A 744 36.22 4.74 41.43
C HIS A 744 34.93 5.54 41.55
N ARG A 745 34.48 6.06 40.43
CA ARG A 745 33.19 6.76 40.37
C ARG A 745 33.10 8.04 41.18
N LEU A 746 33.80 9.08 40.76
CA LEU A 746 33.54 10.42 41.27
C LEU A 746 32.67 11.13 40.25
N HIS A 747 31.41 11.33 40.58
CA HIS A 747 30.48 12.01 39.69
C HIS A 747 30.29 13.49 40.03
N THR A 748 31.02 13.95 41.04
CA THR A 748 30.95 15.34 41.43
C THR A 748 31.88 16.14 40.53
N GLN A 749 31.37 17.26 40.02
CA GLN A 749 32.15 18.10 39.10
C GLN A 749 33.40 18.64 39.80
N GLN A 750 34.48 18.73 39.05
CA GLN A 750 35.77 19.15 39.59
C GLN A 750 35.95 20.66 39.58
N LEU A 751 36.40 21.21 40.71
CA LEU A 751 36.64 22.66 40.81
C LEU A 751 38.11 22.87 41.21
N PRO A 752 38.57 24.14 41.23
CA PRO A 752 39.92 24.44 41.72
C PRO A 752 40.20 23.92 43.14
N GLY A 753 41.45 23.61 43.42
CA GLY A 753 41.82 22.88 44.63
C GLY A 753 41.34 21.45 44.67
N GLY A 754 40.74 20.99 43.58
CA GLY A 754 40.16 19.66 43.53
C GLY A 754 41.17 18.53 43.48
N LEU A 755 40.66 17.32 43.28
CA LEU A 755 41.48 16.11 43.21
C LEU A 755 42.47 16.19 42.05
N ILE A 756 41.94 16.35 40.84
CA ILE A 756 42.79 16.36 39.65
C ILE A 756 43.48 17.70 39.36
N ASP A 757 42.92 18.80 39.87
CA ASP A 757 43.53 20.12 39.63
C ASP A 757 44.91 20.11 40.27
N SER A 758 44.98 19.72 41.54
CA SER A 758 46.30 19.50 42.11
C SER A 758 46.43 18.01 42.33
N LEU A 759 46.93 17.33 41.31
CA LEU A 759 47.38 15.94 41.44
C LEU A 759 48.89 15.88 41.64
N GLY A 760 49.55 16.99 41.36
CA GLY A 760 50.99 17.05 41.36
C GLY A 760 51.52 17.09 42.77
N ASN A 761 50.59 17.29 43.70
CA ASN A 761 50.92 17.38 45.10
C ASN A 761 51.51 16.07 45.60
N LEU A 762 51.05 14.96 45.05
CA LEU A 762 51.57 13.67 45.46
C LEU A 762 52.68 13.32 44.49
N LYS A 763 53.94 13.47 44.92
CA LYS A 763 55.05 13.21 44.03
C LYS A 763 55.54 11.79 44.15
N ASN A 764 55.11 11.12 45.21
CA ASN A 764 55.58 9.77 45.52
C ASN A 764 54.66 8.69 45.00
N LEU A 765 53.62 9.09 44.27
CA LEU A 765 52.60 8.16 43.85
C LEU A 765 53.20 7.23 42.81
N GLU A 766 53.24 5.93 43.13
CA GLU A 766 53.74 4.94 42.18
C GLU A 766 52.62 4.25 41.41
N ARG A 767 51.39 4.40 41.87
CA ARG A 767 50.24 3.79 41.21
C ARG A 767 49.05 4.74 41.26
N LEU A 768 48.46 5.01 40.09
CA LEU A 768 47.28 5.87 40.02
C LEU A 768 46.19 5.20 39.21
N ILE A 769 44.99 5.13 39.77
CA ILE A 769 43.84 4.58 39.08
C ILE A 769 42.65 5.52 39.21
N LEU A 770 42.20 6.06 38.08
CA LEU A 770 41.05 6.94 38.04
C LEU A 770 39.98 6.30 37.18
N ASP A 771 38.86 5.98 37.82
CA ASP A 771 37.78 5.29 37.15
C ASP A 771 36.45 6.01 37.33
N ASP A 772 35.77 6.27 36.21
CA ASP A 772 34.47 6.92 36.21
C ASP A 772 34.53 8.30 36.88
N ILE A 773 35.51 9.10 36.46
CA ILE A 773 35.62 10.47 36.98
C ILE A 773 34.83 11.43 36.10
N ARG A 774 34.03 12.28 36.72
CA ARG A 774 33.35 13.31 35.96
C ARG A 774 34.39 14.35 35.59
N MET A 775 34.57 14.57 34.30
CA MET A 775 35.62 15.44 33.80
C MET A 775 35.21 16.04 32.46
N ASN A 776 35.92 17.10 32.09
CA ASN A 776 35.77 17.72 30.78
C ASN A 776 37.14 17.96 30.16
N GLU A 777 37.17 18.61 29.01
CA GLU A 777 38.42 18.82 28.29
C GLU A 777 39.46 19.55 29.15
N GLU A 778 39.01 20.60 29.84
CA GLU A 778 39.91 21.35 30.70
C GLU A 778 40.39 20.53 31.90
N ASP A 779 39.48 19.73 32.45
CA ASP A 779 39.85 18.83 33.54
C ASP A 779 40.88 17.82 33.07
N ALA A 780 40.71 17.34 31.84
CA ALA A 780 41.67 16.42 31.24
C ALA A 780 43.02 17.09 31.09
N LYS A 781 43.03 18.34 30.63
CA LYS A 781 44.28 19.10 30.50
C LYS A 781 44.98 19.30 31.84
N ASN A 782 44.21 19.61 32.88
CA ASN A 782 44.76 19.77 34.23
C ASN A 782 45.35 18.45 34.72
N LEU A 783 44.66 17.36 34.39
CA LEU A 783 45.12 16.03 34.73
C LEU A 783 46.44 15.74 34.04
N ALA A 784 46.54 16.19 32.79
CA ALA A 784 47.76 16.03 32.01
C ALA A 784 48.91 16.79 32.66
N GLU A 785 48.67 18.05 33.02
CA GLU A 785 49.71 18.86 33.67
C GLU A 785 50.14 18.21 34.99
N GLY A 786 49.18 17.59 35.69
CA GLY A 786 49.47 16.92 36.93
C GLY A 786 50.31 15.66 36.77
N LEU A 787 50.00 14.88 35.74
CA LEU A 787 50.71 13.63 35.49
C LEU A 787 52.18 13.88 35.20
N ARG A 788 52.49 15.09 34.76
CA ARG A 788 53.87 15.49 34.51
C ARG A 788 54.75 15.44 35.75
N SER A 789 54.14 15.70 36.90
CA SER A 789 54.86 15.83 38.15
C SER A 789 55.08 14.52 38.90
N LEU A 790 54.44 13.45 38.44
CA LEU A 790 54.60 12.18 39.13
C LEU A 790 55.70 11.39 38.43
N LYS A 791 56.85 11.31 39.09
CA LYS A 791 58.03 10.71 38.50
C LYS A 791 58.19 9.25 38.93
N LYS A 792 57.37 8.83 39.89
CA LYS A 792 57.48 7.49 40.44
C LYS A 792 56.51 6.46 39.86
N MET A 793 55.69 6.86 38.89
CA MET A 793 54.57 6.01 38.51
C MET A 793 55.01 4.80 37.71
N ARG A 794 54.78 3.64 38.30
CA ARG A 794 54.93 2.37 37.62
C ARG A 794 53.59 1.77 37.17
N LEU A 795 52.49 2.39 37.57
CA LEU A 795 51.14 1.96 37.20
C LEU A 795 50.21 3.14 36.94
N LEU A 796 49.55 3.14 35.79
CA LEU A 796 48.52 4.14 35.52
C LEU A 796 47.32 3.53 34.81
N HIS A 797 46.15 3.71 35.42
CA HIS A 797 44.89 3.34 34.79
C HIS A 797 44.00 4.57 34.73
N LEU A 798 43.64 4.99 33.52
CA LEU A 798 42.63 6.02 33.35
C LEU A 798 41.51 5.38 32.56
N THR A 799 40.37 5.15 33.20
CA THR A 799 39.34 4.34 32.58
C THR A 799 37.95 4.97 32.65
N HIS A 800 37.16 4.71 31.61
CA HIS A 800 35.76 5.12 31.54
C HIS A 800 35.56 6.62 31.65
N LEU A 801 36.51 7.40 31.13
CA LEU A 801 36.35 8.84 31.14
C LEU A 801 35.58 9.29 29.90
N SER A 802 34.42 9.88 30.11
CA SER A 802 33.57 10.31 29.00
C SER A 802 33.57 11.82 28.88
N ASP A 803 33.37 12.31 27.67
CA ASP A 803 33.27 13.75 27.41
C ASP A 803 34.58 14.51 27.49
N ILE A 804 35.71 13.84 27.71
CA ILE A 804 36.92 14.64 27.74
C ILE A 804 37.40 14.73 26.30
N GLY A 805 37.08 15.87 25.70
CA GLY A 805 37.38 16.11 24.30
C GLY A 805 38.84 16.39 24.06
N GLU A 806 39.47 15.57 23.23
CA GLU A 806 40.89 15.73 22.89
C GLU A 806 41.80 15.82 24.10
N GLY A 807 41.28 15.50 25.28
CA GLY A 807 42.03 15.64 26.51
C GLY A 807 43.18 14.68 26.53
N MET A 808 42.98 13.55 25.85
CA MET A 808 43.97 12.49 25.81
C MET A 808 45.21 12.83 25.00
N ASP A 809 45.08 13.68 23.97
CA ASP A 809 46.26 14.15 23.25
C ASP A 809 47.21 14.78 24.26
N TYR A 810 46.63 15.59 25.15
CA TYR A 810 47.40 16.25 26.21
C TYR A 810 47.90 15.26 27.25
N ILE A 811 47.03 14.35 27.68
CA ILE A 811 47.36 13.39 28.73
C ILE A 811 48.48 12.42 28.35
N VAL A 812 48.36 11.82 27.17
CA VAL A 812 49.35 10.89 26.66
C VAL A 812 50.73 11.55 26.51
N LYS A 813 50.74 12.78 26.02
CA LYS A 813 52.00 13.52 25.88
C LYS A 813 52.74 13.62 27.20
N SER A 814 52.03 14.01 28.26
CA SER A 814 52.63 14.15 29.58
C SER A 814 53.21 12.83 30.08
N LEU A 815 52.55 11.73 29.75
CA LEU A 815 53.02 10.41 30.15
C LEU A 815 54.27 10.00 29.41
N SER A 816 54.23 10.09 28.09
CA SER A 816 55.27 9.47 27.27
C SER A 816 56.37 10.43 26.81
N GLU A 817 56.26 11.70 27.17
CA GLU A 817 57.24 12.70 26.77
C GLU A 817 58.63 12.40 27.28
N GLU A 818 58.67 11.85 28.49
CA GLU A 818 59.93 11.70 29.19
C GLU A 818 60.18 10.23 29.48
N SER A 819 61.44 9.88 29.73
CA SER A 819 61.82 8.52 30.05
C SER A 819 61.12 8.10 31.34
N CYS A 820 60.45 6.96 31.34
CA CYS A 820 59.61 6.61 32.47
C CYS A 820 59.85 5.23 33.06
N ASP A 821 59.38 5.04 34.30
CA ASP A 821 59.43 3.76 34.98
C ASP A 821 58.11 3.01 34.81
N LEU A 822 57.20 3.58 34.01
CA LEU A 822 55.86 3.04 33.87
C LEU A 822 55.86 1.60 33.35
N GLN A 823 55.26 0.69 34.12
CA GLN A 823 55.14 -0.70 33.70
C GLN A 823 53.72 -1.12 33.30
N GLU A 824 52.73 -0.30 33.60
CA GLU A 824 51.35 -0.64 33.27
C GLU A 824 50.59 0.59 32.82
N MET A 825 49.99 0.52 31.64
CA MET A 825 49.12 1.60 31.24
C MET A 825 47.79 1.09 30.70
N LYS A 826 46.71 1.35 31.42
CA LYS A 826 45.38 1.04 30.88
C LYS A 826 44.65 2.30 30.53
N LEU A 827 44.52 2.56 29.24
CA LEU A 827 43.70 3.66 28.78
C LEU A 827 42.49 3.02 28.12
N VAL A 828 41.35 2.98 28.79
CA VAL A 828 40.19 2.27 28.23
C VAL A 828 38.92 3.08 28.46
N ALA A 829 38.12 3.22 27.41
CA ALA A 829 36.80 3.82 27.50
C ALA A 829 36.89 5.30 27.87
N CYS A 830 38.11 5.75 28.15
CA CYS A 830 38.43 7.16 28.23
C CYS A 830 38.42 7.55 26.77
N CYS A 831 38.40 8.84 26.45
CA CYS A 831 38.32 9.15 25.04
C CYS A 831 39.72 9.24 24.49
N LEU A 832 40.09 8.22 23.73
CA LEU A 832 41.41 8.13 23.15
C LEU A 832 41.24 8.59 21.72
N THR A 833 42.19 9.35 21.23
CA THR A 833 42.11 9.88 19.88
C THR A 833 43.24 9.22 19.12
N ALA A 834 43.09 9.15 17.80
CA ALA A 834 44.13 8.56 16.97
C ALA A 834 45.40 9.36 17.10
N ASN A 835 45.25 10.66 17.38
CA ASN A 835 46.39 11.53 17.63
C ASN A 835 47.16 11.07 18.87
N SER A 836 46.43 10.71 19.91
CA SER A 836 47.04 10.25 21.15
C SER A 836 47.75 8.92 20.95
N VAL A 837 47.19 8.05 20.12
CA VAL A 837 47.81 6.78 19.80
C VAL A 837 49.07 6.99 18.96
N LYS A 838 49.02 7.97 18.06
CA LYS A 838 50.16 8.33 17.24
C LYS A 838 51.29 8.85 18.14
N VAL A 839 50.95 9.73 19.07
CA VAL A 839 51.90 10.25 20.04
C VAL A 839 52.49 9.12 20.88
N LEU A 840 51.62 8.20 21.30
CA LEU A 840 52.04 7.05 22.09
C LEU A 840 53.06 6.24 21.32
N ALA A 841 52.81 6.09 20.01
CA ALA A 841 53.71 5.35 19.14
C ALA A 841 55.04 6.08 19.06
N GLN A 842 54.97 7.38 18.83
CA GLN A 842 56.16 8.20 18.65
C GLN A 842 57.03 8.22 19.90
N ASN A 843 56.40 8.31 21.05
CA ASN A 843 57.11 8.39 22.32
C ASN A 843 57.26 7.07 23.07
N LEU A 844 56.80 5.97 22.45
CA LEU A 844 56.79 4.67 23.11
C LEU A 844 58.17 4.26 23.59
N HIS A 845 59.20 4.79 22.94
CA HIS A 845 60.58 4.46 23.30
C HIS A 845 60.94 5.02 24.67
N ASN A 846 60.16 5.99 25.14
CA ASN A 846 60.36 6.56 26.47
C ASN A 846 59.90 5.65 27.61
N LEU A 847 58.84 4.89 27.38
CA LEU A 847 58.46 3.87 28.35
C LEU A 847 58.94 2.54 27.77
N ILE A 848 60.10 2.10 28.25
CA ILE A 848 60.68 0.83 27.87
C ILE A 848 60.18 -0.35 28.71
N LYS A 849 59.93 -0.06 29.97
CA LYS A 849 59.67 -1.09 30.98
C LYS A 849 58.22 -1.54 30.99
N LEU A 850 57.43 -1.00 30.05
CA LEU A 850 56.01 -1.30 30.04
C LEU A 850 55.81 -2.76 29.63
N SER A 851 55.25 -3.54 30.55
CA SER A 851 54.91 -4.93 30.25
C SER A 851 53.43 -5.08 29.98
N ILE A 852 52.66 -4.02 30.22
CA ILE A 852 51.21 -4.07 30.02
C ILE A 852 50.67 -2.82 29.35
N LEU A 853 50.07 -3.02 28.17
CA LEU A 853 49.41 -1.94 27.46
C LEU A 853 47.98 -2.33 27.13
N ASP A 854 47.03 -1.67 27.79
CA ASP A 854 45.63 -1.85 27.46
C ASP A 854 45.09 -0.51 26.99
N ILE A 855 44.94 -0.37 25.68
CA ILE A 855 44.27 0.79 25.07
C ILE A 855 42.86 0.46 24.60
N SER A 856 42.39 -0.74 24.96
CA SER A 856 41.18 -1.31 24.39
C SER A 856 39.92 -0.53 24.77
N GLU A 857 38.81 -0.84 24.10
CA GLU A 857 37.53 -0.17 24.27
C GLU A 857 37.58 1.28 23.79
N ASN A 858 38.44 1.54 22.80
CA ASN A 858 38.54 2.86 22.21
C ASN A 858 38.43 2.82 20.70
N TYR A 859 37.66 3.76 20.15
CA TYR A 859 37.54 3.89 18.69
C TYR A 859 38.41 5.03 18.20
N LEU A 860 39.20 4.76 17.16
CA LEU A 860 40.02 5.81 16.57
C LEU A 860 39.34 6.29 15.30
N GLU A 861 38.87 7.53 15.31
CA GLU A 861 38.02 8.00 14.23
C GLU A 861 38.77 8.22 12.94
N LYS A 862 39.66 9.20 12.90
CA LYS A 862 40.33 9.52 11.66
C LYS A 862 41.79 9.08 11.72
N ASP A 863 42.32 8.73 10.55
CA ASP A 863 43.67 8.18 10.40
C ASP A 863 43.88 7.09 11.45
N GLY A 864 42.80 6.39 11.78
CA GLY A 864 42.81 5.41 12.85
C GLY A 864 43.73 4.25 12.56
N ASN A 865 43.58 3.66 11.39
CA ASN A 865 44.42 2.53 11.01
C ASN A 865 45.87 2.95 10.78
N GLU A 866 46.06 4.17 10.28
CA GLU A 866 47.40 4.71 10.08
C GLU A 866 48.13 4.87 11.42
N ALA A 867 47.44 5.45 12.39
CA ALA A 867 48.00 5.64 13.73
C ALA A 867 48.22 4.32 14.43
N LEU A 868 47.26 3.42 14.29
CA LEU A 868 47.34 2.10 14.91
C LEU A 868 48.49 1.29 14.34
N GLN A 869 48.68 1.34 13.02
CA GLN A 869 49.79 0.65 12.37
C GLN A 869 51.10 1.29 12.80
N GLU A 870 51.06 2.62 12.98
CA GLU A 870 52.21 3.37 13.48
C GLU A 870 52.61 2.88 14.87
N LEU A 871 51.62 2.58 15.70
CA LEU A 871 51.89 2.02 17.02
C LEU A 871 52.41 0.60 16.92
N ILE A 872 51.76 -0.20 16.07
CA ILE A 872 52.09 -1.61 15.92
C ILE A 872 53.54 -1.69 15.48
N GLY A 873 53.94 -0.76 14.62
CA GLY A 873 55.29 -0.69 14.12
C GLY A 873 56.33 -0.41 15.19
N ARG A 874 55.92 0.31 16.23
CA ARG A 874 56.86 0.69 17.28
C ARG A 874 56.83 -0.29 18.46
N LEU A 875 56.05 -1.35 18.35
CA LEU A 875 55.94 -2.36 19.40
C LEU A 875 57.25 -3.12 19.69
N GLY A 876 58.18 -3.10 18.75
CA GLY A 876 59.45 -3.79 18.93
C GLY A 876 60.25 -3.23 20.08
N VAL A 877 59.96 -1.98 20.43
CA VAL A 877 60.68 -1.28 21.50
C VAL A 877 60.48 -1.95 22.87
N LEU A 878 59.32 -2.56 23.07
CA LEU A 878 58.99 -3.14 24.38
C LEU A 878 59.44 -4.59 24.44
N GLY A 879 60.49 -4.85 25.22
CA GLY A 879 61.03 -6.20 25.34
C GLY A 879 60.25 -7.06 26.30
N GLU A 880 59.72 -6.44 27.35
CA GLU A 880 59.06 -7.17 28.42
C GLU A 880 57.55 -7.25 28.29
N LEU A 881 56.99 -6.80 27.17
CA LEU A 881 55.55 -6.63 27.08
C LEU A 881 54.85 -7.99 27.13
N THR A 882 54.07 -8.20 28.18
CA THR A 882 53.27 -9.41 28.34
C THR A 882 51.77 -9.25 28.09
N THR A 883 51.30 -8.02 27.89
CA THR A 883 49.87 -7.78 27.71
C THR A 883 49.59 -6.73 26.65
N LEU A 884 48.84 -7.09 25.62
CA LEU A 884 48.48 -6.14 24.59
C LEU A 884 46.98 -6.20 24.28
N MET A 885 46.32 -5.08 24.53
CA MET A 885 44.91 -4.93 24.21
C MET A 885 44.76 -3.75 23.27
N LEU A 886 44.21 -3.98 22.08
CA LEU A 886 44.25 -2.96 21.05
C LEU A 886 42.89 -2.28 20.88
N PRO A 887 42.91 -1.02 20.42
CA PRO A 887 41.65 -0.34 20.12
C PRO A 887 41.18 -0.71 18.72
N TRP A 888 40.05 -0.17 18.28
CA TRP A 888 39.49 -0.54 16.98
C TRP A 888 39.18 0.68 16.11
N CYS A 889 39.07 0.43 14.81
CA CYS A 889 38.77 1.49 13.85
C CYS A 889 38.28 0.91 12.53
N TRP A 890 38.15 1.77 11.53
CA TRP A 890 37.82 1.35 10.18
C TRP A 890 39.02 0.60 9.59
N ASP A 891 38.77 -0.62 9.12
CA ASP A 891 39.80 -1.48 8.50
C ASP A 891 40.88 -2.06 9.44
N VAL A 892 40.57 -2.18 10.73
CA VAL A 892 41.53 -2.68 11.73
C VAL A 892 42.11 -4.03 11.36
N HIS A 893 41.27 -4.88 10.76
CA HIS A 893 41.67 -6.25 10.46
C HIS A 893 42.81 -6.29 9.43
N THR A 894 42.88 -5.26 8.61
CA THR A 894 43.95 -5.13 7.63
C THR A 894 45.32 -4.96 8.31
N SER A 895 45.28 -4.60 9.60
CA SER A 895 46.50 -4.44 10.38
C SER A 895 46.91 -5.74 11.07
N LEU A 896 46.11 -6.80 10.90
CA LEU A 896 46.40 -8.07 11.58
C LEU A 896 47.70 -8.75 11.14
N PRO A 897 47.99 -8.83 9.83
CA PRO A 897 49.27 -9.44 9.44
C PRO A 897 50.46 -8.70 10.03
N LYS A 898 50.36 -7.37 10.08
CA LYS A 898 51.43 -6.52 10.58
C LYS A 898 51.66 -6.74 12.07
N LEU A 899 50.57 -6.94 12.80
CA LEU A 899 50.62 -7.17 14.23
C LEU A 899 51.28 -8.50 14.56
N LEU A 900 50.97 -9.53 13.77
CA LEU A 900 51.50 -10.86 13.99
C LEU A 900 53.01 -10.96 13.78
N LYS A 901 53.52 -10.22 12.80
CA LYS A 901 54.97 -10.18 12.55
C LYS A 901 55.68 -9.57 13.75
N GLN A 902 55.04 -8.58 14.36
CA GLN A 902 55.57 -7.93 15.55
C GLN A 902 55.53 -8.89 16.72
N LEU A 903 54.54 -9.77 16.72
CA LEU A 903 54.35 -10.72 17.79
C LEU A 903 55.23 -11.96 17.66
N GLU A 904 55.93 -12.07 16.54
CA GLU A 904 56.89 -13.14 16.34
C GLU A 904 58.03 -12.94 17.34
N GLY A 905 58.29 -11.68 17.66
CA GLY A 905 59.33 -11.31 18.59
C GLY A 905 58.79 -11.16 20.01
N THR A 906 57.53 -11.52 20.20
CA THR A 906 56.89 -11.45 21.51
C THR A 906 56.29 -12.81 21.86
N PRO A 907 57.17 -13.78 22.21
CA PRO A 907 56.76 -15.15 22.55
C PRO A 907 56.10 -15.28 23.92
N GLY A 908 56.34 -14.31 24.79
CA GLY A 908 55.84 -14.35 26.15
C GLY A 908 54.57 -13.56 26.39
N LEU A 909 53.83 -13.26 25.33
CA LEU A 909 52.62 -12.47 25.47
C LEU A 909 51.56 -13.27 26.24
N ALA A 910 51.16 -12.73 27.39
CA ALA A 910 50.20 -13.38 28.29
C ALA A 910 48.74 -13.09 27.91
N LYS A 911 48.47 -11.84 27.59
CA LYS A 911 47.11 -11.39 27.27
C LYS A 911 47.08 -10.75 25.91
N LEU A 912 46.20 -11.25 25.05
CA LEU A 912 46.03 -10.60 23.77
C LEU A 912 44.57 -10.31 23.50
N GLY A 913 44.27 -9.09 23.08
CA GLY A 913 42.97 -8.90 22.51
C GLY A 913 42.88 -7.86 21.43
N LEU A 914 41.97 -8.14 20.49
CA LEU A 914 41.59 -7.20 19.49
C LEU A 914 40.09 -7.19 19.61
N LYS A 915 39.55 -6.09 20.11
CA LYS A 915 38.14 -5.99 20.36
C LYS A 915 37.48 -5.13 19.29
N ASN A 916 36.44 -5.68 18.67
CA ASN A 916 35.72 -4.99 17.61
C ASN A 916 36.60 -4.72 16.39
N TRP A 917 37.61 -5.56 16.20
CA TRP A 917 38.40 -5.53 14.97
C TRP A 917 37.68 -6.16 13.79
N ARG A 918 36.54 -6.80 14.05
CA ARG A 918 35.85 -7.56 13.02
C ARG A 918 36.80 -8.47 12.27
N LEU A 919 37.26 -9.54 12.93
CA LEU A 919 38.17 -10.45 12.27
C LEU A 919 37.28 -11.27 11.36
N ARG A 920 37.81 -11.66 10.21
CA ARG A 920 37.02 -12.45 9.30
C ARG A 920 37.74 -13.78 9.21
N ASP A 921 37.20 -14.71 8.42
CA ASP A 921 37.81 -16.03 8.34
C ASP A 921 39.24 -15.95 7.84
N GLU A 922 39.55 -14.99 6.96
CA GLU A 922 40.92 -14.84 6.49
C GLU A 922 41.83 -14.44 7.65
N GLU A 923 41.33 -13.52 8.48
CA GLU A 923 42.06 -13.11 9.67
C GLU A 923 42.10 -14.22 10.73
N ILE A 924 41.01 -14.96 10.88
CA ILE A 924 40.98 -16.02 11.88
C ILE A 924 41.94 -17.17 11.55
N LYS A 925 42.04 -17.53 10.26
CA LYS A 925 43.03 -18.53 9.89
C LYS A 925 44.42 -17.91 9.94
N SER A 926 44.54 -16.62 9.61
CA SER A 926 45.83 -15.96 9.68
C SER A 926 46.39 -16.08 11.09
N LEU A 927 45.56 -15.77 12.07
CA LEU A 927 45.90 -15.87 13.49
C LEU A 927 46.13 -17.32 13.92
N GLY A 928 45.36 -18.24 13.34
CA GLY A 928 45.54 -19.66 13.64
C GLY A 928 46.89 -20.18 13.18
N GLU A 929 47.25 -19.83 11.95
CA GLU A 929 48.52 -20.18 11.33
C GLU A 929 49.65 -19.56 12.13
N PHE A 930 49.47 -18.31 12.53
CA PHE A 930 50.45 -17.62 13.38
C PHE A 930 50.62 -18.41 14.68
N LEU A 931 49.51 -18.88 15.22
CA LEU A 931 49.49 -19.58 16.51
C LEU A 931 50.16 -20.95 16.41
N GLU A 932 50.03 -21.59 15.26
CA GLU A 932 50.67 -22.87 15.01
C GLU A 932 52.18 -22.72 14.80
N MET A 933 52.53 -21.78 13.92
CA MET A 933 53.93 -21.53 13.58
C MET A 933 54.66 -20.89 14.76
N ASN A 934 54.06 -19.85 15.31
CA ASN A 934 54.67 -19.08 16.37
C ASN A 934 53.90 -19.19 17.68
N PRO A 935 53.94 -20.35 18.34
CA PRO A 935 52.89 -20.55 19.35
C PRO A 935 53.13 -19.67 20.58
N LEU A 936 52.03 -19.20 21.16
CA LEU A 936 52.09 -18.44 22.39
C LEU A 936 51.75 -19.47 23.45
N ARG A 937 52.73 -19.93 24.21
CA ARG A 937 52.46 -20.99 25.17
C ARG A 937 52.07 -20.46 26.55
N ASP A 938 52.25 -19.16 26.75
CA ASP A 938 51.86 -18.53 28.00
C ASP A 938 50.55 -17.76 27.95
N LEU A 939 49.89 -17.74 26.79
CA LEU A 939 48.82 -16.78 26.60
C LEU A 939 47.68 -17.13 27.55
N GLN A 940 47.38 -16.21 28.47
CA GLN A 940 46.41 -16.43 29.52
C GLN A 940 44.98 -16.11 29.13
N GLN A 941 44.80 -15.04 28.35
CA GLN A 941 43.45 -14.72 27.91
C GLN A 941 43.39 -14.02 26.55
N LEU A 942 42.37 -14.40 25.79
CA LEU A 942 42.22 -13.96 24.42
C LEU A 942 40.87 -13.30 24.23
N ASP A 943 40.89 -12.04 23.81
CA ASP A 943 39.63 -11.35 23.57
C ASP A 943 39.49 -11.07 22.08
N LEU A 944 38.61 -11.81 21.43
CA LEU A 944 38.16 -11.46 20.09
C LEU A 944 36.67 -11.20 20.18
N ALA A 945 36.29 -9.93 20.18
CA ALA A 945 34.88 -9.58 20.29
C ALA A 945 34.44 -8.80 19.08
N GLY A 946 33.14 -8.83 18.79
CA GLY A 946 32.61 -8.20 17.60
C GLY A 946 33.37 -8.59 16.36
N HIS A 947 33.53 -9.89 16.17
CA HIS A 947 34.23 -10.41 15.01
C HIS A 947 33.23 -10.81 13.94
N CYS A 948 33.71 -11.14 12.75
CA CYS A 948 32.87 -11.82 11.79
C CYS A 948 33.48 -13.19 11.57
N VAL A 949 33.01 -14.19 12.32
CA VAL A 949 33.55 -15.53 12.15
C VAL A 949 32.43 -16.53 11.85
N SER A 950 32.59 -17.29 10.77
CA SER A 950 31.61 -18.30 10.41
C SER A 950 31.70 -19.46 11.40
N SER A 951 30.66 -20.26 11.49
CA SER A 951 30.66 -21.44 12.37
C SER A 951 31.79 -22.37 11.96
N ASP A 952 31.97 -22.50 10.65
CA ASP A 952 33.05 -23.30 10.07
C ASP A 952 34.38 -22.65 10.43
N GLY A 953 34.38 -21.32 10.44
CA GLY A 953 35.57 -20.57 10.77
C GLY A 953 36.04 -20.83 12.19
N TRP A 954 35.10 -20.80 13.13
CA TRP A 954 35.42 -21.14 14.52
C TRP A 954 35.85 -22.61 14.60
N LEU A 955 35.18 -23.45 13.82
CA LEU A 955 35.45 -24.89 13.83
C LEU A 955 36.89 -25.19 13.42
N TYR A 956 37.39 -24.46 12.43
CA TYR A 956 38.79 -24.58 12.04
C TYR A 956 39.66 -24.18 13.20
N PHE A 957 39.31 -23.06 13.83
CA PHE A 957 40.14 -22.47 14.88
C PHE A 957 40.22 -23.31 16.14
N MET A 958 39.19 -24.14 16.40
CA MET A 958 39.15 -24.93 17.62
C MET A 958 40.36 -25.84 17.72
N ASN A 959 40.89 -26.23 16.57
CA ASN A 959 42.04 -27.11 16.49
C ASN A 959 43.29 -26.52 17.15
N VAL A 960 43.58 -25.26 16.85
CA VAL A 960 44.69 -24.55 17.46
C VAL A 960 44.32 -24.05 18.86
N PHE A 961 43.04 -23.71 19.00
CA PHE A 961 42.48 -23.15 20.23
C PHE A 961 42.62 -24.17 21.37
N GLU A 962 42.58 -25.44 21.00
CA GLU A 962 42.71 -26.53 21.94
C GLU A 962 44.05 -26.51 22.66
N ASN A 963 45.08 -26.15 21.92
CA ASN A 963 46.46 -26.31 22.39
C ASN A 963 47.01 -25.22 23.31
N LEU A 964 46.25 -24.14 23.53
CA LEU A 964 46.69 -23.17 24.51
C LEU A 964 46.03 -23.57 25.82
N LYS A 965 46.83 -24.15 26.72
CA LYS A 965 46.30 -24.72 27.95
C LYS A 965 46.36 -23.75 29.12
N GLN A 966 47.05 -22.64 28.91
CA GLN A 966 47.24 -21.66 29.97
C GLN A 966 46.15 -20.62 29.87
N LEU A 967 45.20 -20.86 28.98
CA LEU A 967 44.16 -19.89 28.71
C LEU A 967 43.22 -19.85 29.91
N VAL A 968 43.15 -18.69 30.56
CA VAL A 968 42.24 -18.47 31.66
C VAL A 968 40.86 -18.01 31.19
N PHE A 969 40.88 -17.06 30.26
CA PHE A 969 39.69 -16.32 29.86
C PHE A 969 39.66 -16.16 28.34
N PHE A 970 38.50 -16.38 27.74
CA PHE A 970 38.33 -15.99 26.35
C PHE A 970 36.96 -15.41 26.02
N ASP A 971 36.97 -14.41 25.16
CA ASP A 971 35.75 -13.73 24.79
C ASP A 971 35.61 -13.89 23.28
N PHE A 972 34.64 -14.71 22.85
CA PHE A 972 34.26 -14.81 21.45
C PHE A 972 32.96 -14.09 21.10
N SER A 973 32.46 -13.25 22.00
CA SER A 973 31.15 -12.61 21.80
C SER A 973 31.04 -11.87 20.47
N THR A 974 29.81 -11.78 19.98
CA THR A 974 29.53 -11.22 18.65
C THR A 974 28.05 -10.90 18.45
N GLU A 975 27.69 -10.53 17.23
CA GLU A 975 26.31 -10.20 16.91
C GLU A 975 25.57 -11.53 16.79
N GLU A 976 24.25 -11.51 16.94
CA GLU A 976 23.51 -12.73 17.24
C GLU A 976 23.80 -13.83 16.23
N PHE A 977 24.30 -14.93 16.77
CA PHE A 977 24.95 -15.95 15.96
C PHE A 977 24.62 -17.36 16.43
N LEU A 978 24.17 -18.19 15.49
CA LEU A 978 23.78 -19.56 15.80
C LEU A 978 24.92 -20.48 15.41
N PRO A 979 25.60 -21.05 16.41
CA PRO A 979 26.69 -21.95 16.03
C PRO A 979 26.08 -23.21 15.46
N ASP A 980 26.70 -23.77 14.43
CA ASP A 980 26.25 -25.06 13.93
C ASP A 980 26.54 -26.04 15.07
N ALA A 981 25.73 -27.08 15.18
CA ALA A 981 25.87 -28.04 16.28
C ALA A 981 27.25 -28.71 16.27
N ALA A 982 27.78 -28.94 15.07
CA ALA A 982 29.09 -29.54 14.90
C ALA A 982 30.15 -28.68 15.58
N LEU A 983 29.95 -27.37 15.52
CA LEU A 983 30.81 -26.44 16.25
C LEU A 983 30.72 -26.61 17.76
N VAL A 984 29.50 -26.81 18.25
CA VAL A 984 29.25 -26.93 19.68
C VAL A 984 29.88 -28.19 20.27
N ARG A 985 29.80 -29.28 19.52
CA ARG A 985 30.37 -30.55 19.97
C ARG A 985 31.85 -30.32 20.28
N LYS A 986 32.54 -29.75 19.31
CA LYS A 986 33.92 -29.38 19.48
C LYS A 986 34.10 -28.32 20.58
N LEU A 987 33.08 -27.49 20.80
CA LEU A 987 33.19 -26.45 21.81
C LEU A 987 33.36 -27.09 23.18
N SER A 988 32.44 -27.99 23.49
CA SER A 988 32.48 -28.72 24.75
C SER A 988 33.75 -29.54 24.86
N GLN A 989 34.16 -30.18 23.78
CA GLN A 989 35.38 -30.99 23.82
C GLN A 989 36.64 -30.15 24.11
N VAL A 990 36.80 -29.02 23.43
CA VAL A 990 37.94 -28.13 23.68
C VAL A 990 37.88 -27.59 25.11
N LEU A 991 36.68 -27.25 25.54
CA LEU A 991 36.48 -26.77 26.91
C LEU A 991 36.92 -27.82 27.92
N SER A 992 36.73 -29.09 27.59
CA SER A 992 37.26 -30.19 28.41
C SER A 992 38.78 -30.23 28.40
N LYS A 993 39.38 -29.96 27.24
CA LYS A 993 40.84 -30.03 27.09
C LYS A 993 41.54 -28.92 27.86
N LEU A 994 40.86 -27.80 28.08
CA LEU A 994 41.42 -26.68 28.83
C LEU A 994 41.02 -26.70 30.30
N THR A 995 41.99 -27.00 31.17
CA THR A 995 41.73 -27.16 32.60
C THR A 995 41.69 -25.83 33.36
N LEU A 996 42.37 -24.83 32.83
CA LEU A 996 42.59 -23.56 33.52
C LEU A 996 41.54 -22.48 33.31
N LEU A 997 40.47 -22.81 32.59
CA LEU A 997 39.43 -21.84 32.27
C LEU A 997 38.79 -21.31 33.54
N GLN A 998 38.88 -20.00 33.70
CA GLN A 998 38.24 -19.30 34.80
C GLN A 998 36.90 -18.69 34.31
N GLU A 999 37.02 -17.98 33.18
CA GLU A 999 35.88 -17.31 32.57
C GLU A 999 35.74 -17.60 31.09
N VAL A 1000 34.51 -17.92 30.67
CA VAL A 1000 34.21 -18.08 29.26
C VAL A 1000 33.09 -17.11 28.92
N LYS A 1001 33.36 -16.18 28.00
CA LYS A 1001 32.31 -15.22 27.63
C LYS A 1001 31.86 -15.40 26.20
N LEU A 1002 30.68 -15.99 26.02
CA LEU A 1002 30.07 -16.10 24.71
C LEU A 1002 28.72 -15.37 24.68
N THR A 1003 28.67 -14.21 24.04
CA THR A 1003 27.45 -13.42 24.01
C THR A 1003 26.93 -13.32 22.58
N GLY A 1004 25.62 -13.47 22.39
CA GLY A 1004 25.07 -13.50 21.04
C GLY A 1004 25.03 -14.92 20.50
N TRP A 1005 25.84 -15.81 21.08
CA TRP A 1005 25.75 -17.22 20.76
C TRP A 1005 24.38 -17.75 21.20
N GLU A 1006 23.66 -18.45 20.31
CA GLU A 1006 22.39 -19.00 20.76
C GLU A 1006 22.47 -20.44 21.28
N PHE A 1007 22.34 -20.52 22.60
CA PHE A 1007 22.12 -21.77 23.28
C PHE A 1007 20.96 -21.54 24.23
N ASP A 1008 19.83 -22.15 23.90
CA ASP A 1008 18.65 -21.96 24.71
C ASP A 1008 18.17 -23.32 25.19
N ASP A 1009 17.53 -24.05 24.28
CA ASP A 1009 17.08 -25.41 24.53
C ASP A 1009 18.16 -26.49 24.48
N TYR A 1010 18.93 -26.51 23.40
CA TYR A 1010 19.70 -27.69 23.01
C TYR A 1010 21.08 -27.93 23.63
N ASP A 1011 22.05 -27.13 23.20
CA ASP A 1011 23.45 -27.43 23.44
C ASP A 1011 24.04 -27.06 24.81
N ILE A 1012 23.24 -26.47 25.69
CA ILE A 1012 23.78 -25.91 26.94
C ILE A 1012 24.32 -26.91 27.97
N SER A 1013 23.73 -28.10 28.02
CA SER A 1013 24.05 -29.04 29.10
C SER A 1013 25.51 -29.49 29.11
N ALA A 1014 26.09 -29.66 27.93
CA ALA A 1014 27.48 -30.09 27.82
C ALA A 1014 28.48 -28.94 27.91
N ILE A 1015 27.99 -27.71 27.83
CA ILE A 1015 28.90 -26.56 27.74
C ILE A 1015 29.27 -26.02 29.14
N LYS A 1016 28.70 -26.62 30.17
CA LYS A 1016 28.99 -26.19 31.54
C LYS A 1016 30.39 -26.64 31.96
N GLY A 1017 30.90 -26.00 33.00
CA GLY A 1017 32.26 -26.26 33.46
C GLY A 1017 32.51 -25.60 34.80
N THR A 1018 33.63 -25.94 35.43
CA THR A 1018 34.06 -25.30 36.67
C THR A 1018 34.00 -23.78 36.53
N PHE A 1019 34.37 -23.29 35.34
CA PHE A 1019 34.44 -21.87 35.08
C PHE A 1019 33.04 -21.27 35.02
N LYS A 1020 32.94 -19.96 35.21
CA LYS A 1020 31.70 -19.25 34.94
C LYS A 1020 31.55 -19.01 33.44
N LEU A 1021 30.33 -19.19 32.94
CA LEU A 1021 30.04 -18.99 31.54
C LEU A 1021 29.02 -17.87 31.38
N VAL A 1022 29.23 -17.02 30.39
CA VAL A 1022 28.30 -15.93 30.11
C VAL A 1022 27.69 -16.13 28.73
N THR A 1023 26.36 -16.24 28.68
CA THR A 1023 25.65 -16.40 27.42
C THR A 1023 24.69 -15.25 27.15
N VAL B 93 12.13 -9.22 27.35
CA VAL B 93 12.11 -10.58 27.86
C VAL B 93 12.78 -10.59 29.23
N THR B 94 12.82 -9.42 29.86
CA THR B 94 13.48 -9.26 31.15
C THR B 94 12.82 -10.07 32.27
N GLU B 95 13.64 -10.44 33.26
CA GLU B 95 13.20 -11.23 34.40
C GLU B 95 12.50 -10.40 35.47
N GLU B 96 12.95 -9.16 35.62
CA GLU B 96 12.29 -8.24 36.52
C GLU B 96 10.84 -7.98 36.09
N ASP B 97 10.60 -7.87 34.79
CA ASP B 97 9.24 -7.65 34.29
C ASP B 97 8.36 -8.82 34.70
N LEU B 98 8.95 -10.00 34.70
CA LEU B 98 8.27 -11.21 35.12
C LEU B 98 7.90 -11.12 36.59
N ASN B 99 8.85 -10.66 37.41
CA ASN B 99 8.55 -10.55 38.84
C ASN B 99 7.46 -9.53 39.13
N VAL B 100 7.47 -8.40 38.42
CA VAL B 100 6.40 -7.41 38.63
C VAL B 100 5.06 -7.90 38.09
N LEU B 101 5.09 -8.75 37.07
CA LEU B 101 3.87 -9.34 36.54
C LEU B 101 3.26 -10.24 37.61
N ALA B 102 4.11 -11.10 38.17
CA ALA B 102 3.67 -12.03 39.20
C ALA B 102 3.14 -11.28 40.42
N GLN B 103 3.82 -10.19 40.80
CA GLN B 103 3.33 -9.34 41.88
C GLN B 103 2.01 -8.65 41.55
N ASN B 104 1.82 -8.29 40.29
CA ASN B 104 0.59 -7.65 39.86
C ASN B 104 -0.58 -8.59 39.98
N LEU B 105 -0.38 -9.85 39.61
CA LEU B 105 -1.45 -10.83 39.74
C LEU B 105 -1.87 -10.97 41.21
N LYS B 106 -0.88 -11.06 42.09
CA LYS B 106 -1.12 -11.16 43.51
C LYS B 106 -1.85 -9.94 44.05
N ASP B 107 -1.46 -8.77 43.57
CA ASP B 107 -2.09 -7.52 43.99
C ASP B 107 -3.56 -7.52 43.58
N LEU B 108 -3.82 -8.01 42.37
CA LEU B 108 -5.19 -8.10 41.87
C LEU B 108 -6.04 -9.04 42.71
N TYR B 109 -5.53 -10.25 42.94
CA TYR B 109 -6.31 -11.26 43.64
C TYR B 109 -6.49 -10.92 45.13
N ASN B 110 -5.65 -10.04 45.65
CA ASN B 110 -5.69 -9.69 47.06
C ASN B 110 -6.50 -8.43 47.35
N SER B 111 -7.01 -7.79 46.30
CA SER B 111 -7.76 -6.55 46.44
C SER B 111 -9.22 -6.81 46.78
N PRO B 112 -9.87 -5.86 47.45
CA PRO B 112 -11.30 -5.97 47.76
C PRO B 112 -12.12 -6.05 46.48
N ALA B 113 -11.58 -5.54 45.39
CA ALA B 113 -12.25 -5.60 44.10
C ALA B 113 -12.41 -7.04 43.63
N PHE B 114 -11.35 -7.83 43.77
CA PHE B 114 -11.42 -9.26 43.45
C PHE B 114 -12.08 -10.07 44.57
N LEU B 115 -11.78 -9.71 45.81
CA LEU B 115 -12.24 -10.46 46.98
C LEU B 115 -13.76 -10.41 47.17
N ASN B 116 -14.36 -9.29 46.84
CA ASN B 116 -15.80 -9.10 47.04
C ASN B 116 -16.56 -8.97 45.73
N PHE B 117 -17.72 -9.62 45.64
CA PHE B 117 -18.61 -9.47 44.50
C PHE B 117 -20.08 -9.58 44.88
N TYR B 118 -20.94 -9.06 44.02
CA TYR B 118 -22.38 -9.15 44.22
C TYR B 118 -22.91 -10.33 43.41
N PRO B 119 -23.36 -11.39 44.10
CA PRO B 119 -23.87 -12.59 43.44
C PRO B 119 -25.12 -12.30 42.62
N LEU B 120 -26.00 -11.47 43.17
CA LEU B 120 -27.29 -11.20 42.54
C LEU B 120 -27.31 -9.92 41.71
N GLY B 121 -26.16 -9.29 41.56
CA GLY B 121 -26.08 -8.03 40.85
C GLY B 121 -25.87 -6.87 41.80
N GLU B 122 -25.51 -5.71 41.27
CA GLU B 122 -25.14 -4.55 42.09
C GLU B 122 -26.33 -3.89 42.78
N ASP B 123 -27.55 -4.23 42.37
CA ASP B 123 -28.74 -3.55 42.89
C ASP B 123 -29.40 -4.30 44.05
N ILE B 124 -28.82 -5.40 44.48
CA ILE B 124 -29.34 -6.15 45.63
C ILE B 124 -28.26 -6.22 46.68
N ASP B 125 -28.59 -5.98 47.95
CA ASP B 125 -27.51 -5.95 48.91
C ASP B 125 -27.33 -7.36 49.45
N ILE B 126 -26.38 -8.04 48.84
CA ILE B 126 -25.80 -9.28 49.31
C ILE B 126 -24.37 -9.17 48.83
N ILE B 127 -23.40 -9.41 49.71
CA ILE B 127 -22.01 -9.30 49.30
C ILE B 127 -21.26 -10.57 49.66
N PHE B 128 -20.54 -11.15 48.70
CA PHE B 128 -19.82 -12.38 48.97
C PHE B 128 -18.33 -12.12 49.04
N ASN B 129 -17.70 -12.66 50.08
CA ASN B 129 -16.27 -12.49 50.31
C ASN B 129 -15.56 -13.83 50.21
N LEU B 130 -14.48 -13.87 49.43
CA LEU B 130 -13.74 -15.10 49.16
C LEU B 130 -13.19 -15.78 50.42
N GLU B 131 -12.90 -15.00 51.45
CA GLU B 131 -12.44 -15.55 52.72
C GLU B 131 -13.58 -15.88 53.66
N LYS B 132 -14.32 -14.83 54.00
CA LYS B 132 -15.26 -14.80 55.11
C LYS B 132 -16.57 -15.53 54.86
N THR B 133 -17.13 -15.31 53.68
CA THR B 133 -18.43 -15.83 53.36
C THR B 133 -18.31 -17.23 52.79
N PHE B 134 -17.08 -17.65 52.51
CA PHE B 134 -16.82 -18.93 51.87
C PHE B 134 -16.78 -20.05 52.90
N THR B 135 -17.58 -21.08 52.69
CA THR B 135 -17.51 -22.29 53.51
C THR B 135 -16.93 -23.41 52.67
N GLU B 136 -16.08 -24.24 53.28
CA GLU B 136 -15.39 -25.30 52.53
C GLU B 136 -16.40 -26.35 52.06
N PRO B 137 -16.44 -26.58 50.74
CA PRO B 137 -17.37 -27.51 50.09
C PRO B 137 -16.92 -28.97 50.15
N ILE B 138 -17.78 -29.86 49.70
CA ILE B 138 -17.45 -31.28 49.59
C ILE B 138 -17.14 -31.58 48.13
N MET B 139 -16.02 -32.24 47.87
CA MET B 139 -15.63 -32.50 46.50
C MET B 139 -15.56 -34.01 46.27
N TRP B 140 -15.69 -34.45 45.02
CA TRP B 140 -15.61 -35.88 44.75
C TRP B 140 -14.68 -36.17 43.59
N LYS B 141 -13.73 -37.08 43.78
CA LYS B 141 -12.89 -37.47 42.66
C LYS B 141 -13.72 -38.40 41.81
N LYS B 142 -13.71 -38.18 40.50
CA LYS B 142 -14.59 -38.93 39.60
C LYS B 142 -13.84 -39.77 38.57
N ASP B 143 -14.28 -41.00 38.39
CA ASP B 143 -13.68 -41.90 37.41
C ASP B 143 -14.41 -41.82 36.07
N HIS B 144 -13.89 -42.52 35.07
CA HIS B 144 -14.48 -42.55 33.74
C HIS B 144 -16.00 -42.74 33.74
N ARG B 145 -16.47 -43.66 34.58
CA ARG B 145 -17.88 -44.02 34.69
C ARG B 145 -18.76 -43.01 35.43
N HIS B 146 -18.20 -41.87 35.81
CA HIS B 146 -18.91 -40.79 36.53
C HIS B 146 -19.35 -41.23 37.93
N HIS B 147 -18.61 -42.18 38.50
CA HIS B 147 -18.87 -42.61 39.86
C HIS B 147 -17.87 -41.93 40.79
N ARG B 148 -18.28 -41.67 42.03
CA ARG B 148 -17.40 -40.95 42.96
C ARG B 148 -16.53 -41.95 43.70
N VAL B 149 -15.23 -41.93 43.37
CA VAL B 149 -14.28 -42.87 43.96
C VAL B 149 -13.93 -42.51 45.39
N GLU B 150 -13.54 -41.26 45.60
CA GLU B 150 -13.04 -40.82 46.90
C GLU B 150 -13.47 -39.38 47.19
N GLN B 151 -13.66 -39.06 48.46
CA GLN B 151 -14.07 -37.73 48.86
C GLN B 151 -12.86 -36.82 48.99
N LEU B 152 -13.00 -35.59 48.49
CA LEU B 152 -11.90 -34.65 48.51
C LEU B 152 -12.30 -33.30 49.06
N THR B 153 -11.29 -32.50 49.37
CA THR B 153 -11.47 -31.11 49.74
C THR B 153 -10.64 -30.32 48.75
N LEU B 154 -10.84 -29.02 48.71
CA LEU B 154 -10.07 -28.16 47.81
C LEU B 154 -8.57 -28.32 48.06
N GLY B 155 -8.19 -28.43 49.33
CA GLY B 155 -6.80 -28.63 49.68
C GLY B 155 -6.30 -29.98 49.18
N SER B 156 -7.10 -31.01 49.42
CA SER B 156 -6.76 -32.36 49.00
C SER B 156 -6.71 -32.45 47.48
N LEU B 157 -7.60 -31.72 46.82
CA LEU B 157 -7.64 -31.65 45.37
C LEU B 157 -6.41 -30.93 44.80
N LEU B 158 -6.06 -29.81 45.41
CA LEU B 158 -4.91 -29.02 44.97
C LEU B 158 -3.58 -29.73 45.19
N GLU B 159 -3.50 -30.51 46.26
CA GLU B 159 -2.25 -31.20 46.54
C GLU B 159 -2.00 -32.33 45.53
N ALA B 160 -3.07 -33.00 45.12
CA ALA B 160 -2.98 -34.12 44.19
C ALA B 160 -3.25 -33.72 42.73
N LEU B 161 -3.42 -32.43 42.49
CA LEU B 161 -3.94 -31.91 41.22
C LEU B 161 -3.06 -32.30 40.00
N LYS B 162 -3.72 -32.73 38.93
CA LYS B 162 -3.07 -33.08 37.66
C LYS B 162 -3.77 -32.38 36.50
N SER B 163 -3.06 -32.18 35.39
CA SER B 163 -3.60 -31.39 34.31
C SER B 163 -3.88 -32.19 33.03
N PRO B 164 -4.91 -31.77 32.27
CA PRO B 164 -5.93 -30.78 32.67
C PRO B 164 -6.89 -31.29 33.74
N CYS B 165 -7.17 -30.47 34.74
CA CYS B 165 -8.12 -30.83 35.79
C CYS B 165 -9.47 -30.23 35.45
N LEU B 166 -10.53 -31.03 35.57
CA LEU B 166 -11.88 -30.56 35.26
C LEU B 166 -12.75 -30.58 36.51
N ILE B 167 -13.39 -29.46 36.79
CA ILE B 167 -14.36 -29.39 37.88
C ILE B 167 -15.78 -29.22 37.33
N GLU B 168 -16.64 -30.15 37.74
CA GLU B 168 -18.01 -30.22 37.25
C GLU B 168 -19.02 -30.17 38.39
N GLY B 169 -20.26 -29.85 38.04
CA GLY B 169 -21.37 -29.84 38.98
C GLY B 169 -22.55 -29.15 38.31
N GLU B 170 -23.69 -29.11 39.00
CA GLU B 170 -24.86 -28.42 38.47
C GLU B 170 -24.58 -26.92 38.51
N SER B 171 -25.39 -26.15 37.80
CA SER B 171 -25.21 -24.71 37.75
C SER B 171 -25.50 -24.10 39.12
N GLY B 172 -24.62 -23.21 39.57
CA GLY B 172 -24.77 -22.61 40.89
C GLY B 172 -24.13 -23.41 42.02
N LYS B 173 -23.28 -24.37 41.67
CA LYS B 173 -22.68 -25.25 42.66
C LYS B 173 -21.55 -24.60 43.44
N GLY B 174 -21.03 -23.48 42.93
CA GLY B 174 -19.91 -22.81 43.58
C GLY B 174 -18.57 -23.03 42.90
N LYS B 175 -18.59 -23.53 41.67
CA LYS B 175 -17.37 -23.84 40.93
C LYS B 175 -16.51 -22.60 40.63
N SER B 176 -17.16 -21.56 40.10
CA SER B 176 -16.46 -20.32 39.77
C SER B 176 -15.85 -19.73 41.03
N THR B 177 -16.63 -19.69 42.10
CA THR B 177 -16.17 -19.22 43.39
C THR B 177 -15.01 -20.08 43.88
N LEU B 178 -15.02 -21.37 43.50
CA LEU B 178 -13.93 -22.26 43.85
C LEU B 178 -12.65 -21.83 43.13
N LEU B 179 -12.77 -21.47 41.86
CA LEU B 179 -11.61 -21.00 41.11
C LEU B 179 -11.06 -19.70 41.71
N GLN B 180 -11.97 -18.78 42.01
CA GLN B 180 -11.58 -17.52 42.65
C GLN B 180 -10.90 -17.77 43.99
N ARG B 181 -11.41 -18.77 44.72
CA ARG B 181 -10.81 -19.22 45.95
C ARG B 181 -9.38 -19.71 45.73
N ILE B 182 -9.16 -20.45 44.64
CA ILE B 182 -7.82 -20.92 44.32
C ILE B 182 -6.86 -19.76 44.04
N ALA B 183 -7.32 -18.81 43.21
CA ALA B 183 -6.49 -17.65 42.87
C ALA B 183 -6.14 -16.86 44.13
N MET B 184 -7.16 -16.61 44.93
CA MET B 184 -7.01 -15.87 46.19
C MET B 184 -6.09 -16.60 47.16
N LEU B 185 -6.13 -17.93 47.14
CA LEU B 185 -5.26 -18.73 48.00
C LEU B 185 -3.81 -18.63 47.56
N TRP B 186 -3.60 -18.61 46.25
CA TRP B 186 -2.25 -18.45 45.71
C TRP B 186 -1.70 -17.09 46.09
N ALA B 187 -2.53 -16.06 45.94
CA ALA B 187 -2.12 -14.70 46.32
C ALA B 187 -1.82 -14.56 47.81
N SER B 188 -2.82 -14.83 48.65
CA SER B 188 -2.70 -14.73 50.11
C SER B 188 -1.48 -15.47 50.66
N GLY B 189 -1.12 -16.57 50.00
CA GLY B 189 -0.03 -17.41 50.47
C GLY B 189 -0.50 -18.24 51.65
N GLY B 190 -1.74 -18.70 51.56
CA GLY B 190 -2.35 -19.50 52.60
C GLY B 190 -2.44 -20.97 52.25
N CYS B 191 -1.94 -21.31 51.07
CA CYS B 191 -1.96 -22.70 50.61
C CYS B 191 -0.58 -23.20 50.24
N ARG B 192 -0.21 -24.35 50.82
CA ARG B 192 1.06 -24.99 50.53
C ARG B 192 1.13 -25.53 49.10
N ALA B 193 0.01 -26.07 48.62
CA ALA B 193 -0.04 -26.70 47.30
C ALA B 193 0.19 -25.71 46.16
N LEU B 194 -0.23 -24.47 46.36
CA LEU B 194 -0.14 -23.45 45.30
C LEU B 194 1.19 -22.70 45.36
N LYS B 195 2.04 -23.09 46.30
CA LYS B 195 3.30 -22.40 46.54
C LYS B 195 4.29 -22.60 45.38
N GLY B 196 4.02 -23.63 44.58
CA GLY B 196 4.85 -23.96 43.43
C GLY B 196 4.62 -23.09 42.21
N PHE B 197 3.53 -22.33 42.21
CA PHE B 197 3.12 -21.59 41.03
C PHE B 197 3.68 -20.16 40.95
N ARG B 198 4.39 -19.86 39.87
CA ARG B 198 4.95 -18.53 39.67
C ARG B 198 3.86 -17.53 39.26
N LEU B 199 2.98 -17.95 38.36
CA LEU B 199 1.87 -17.09 37.94
C LEU B 199 0.59 -17.91 37.92
N VAL B 200 -0.51 -17.32 38.36
CA VAL B 200 -1.81 -17.92 38.13
C VAL B 200 -2.75 -16.91 37.47
N PHE B 201 -3.41 -17.34 36.40
CA PHE B 201 -4.29 -16.45 35.65
C PHE B 201 -5.72 -16.91 35.80
N PHE B 202 -6.60 -15.98 36.18
CA PHE B 202 -8.01 -16.31 36.27
C PHE B 202 -8.74 -15.68 35.10
N ILE B 203 -9.44 -16.51 34.33
CA ILE B 203 -10.16 -16.07 33.15
C ILE B 203 -11.61 -16.50 33.23
N HIS B 204 -12.51 -15.62 32.81
CA HIS B 204 -13.88 -16.03 32.56
C HIS B 204 -13.94 -16.42 31.09
N LEU B 205 -14.21 -17.70 30.85
CA LEU B 205 -14.12 -18.25 29.50
C LEU B 205 -15.21 -17.70 28.60
N ARG B 206 -16.25 -17.14 29.22
CA ARG B 206 -17.39 -16.61 28.49
C ARG B 206 -16.91 -15.49 27.59
N SER B 207 -16.05 -14.61 28.10
CA SER B 207 -15.43 -13.64 27.23
C SER B 207 -14.00 -14.11 27.00
N ALA B 208 -13.80 -14.78 25.88
CA ALA B 208 -12.48 -15.18 25.42
C ALA B 208 -12.49 -14.96 23.93
N ARG B 209 -11.66 -14.04 23.46
CA ARG B 209 -11.67 -13.67 22.06
C ARG B 209 -10.24 -13.45 21.63
N GLY B 210 -10.00 -13.37 20.33
CA GLY B 210 -8.64 -13.13 19.89
C GLY B 210 -7.79 -14.35 20.22
N GLY B 211 -6.80 -14.15 21.06
CA GLY B 211 -5.90 -15.22 21.47
C GLY B 211 -5.69 -15.13 22.97
N LEU B 212 -4.98 -16.12 23.51
CA LEU B 212 -4.75 -16.21 24.95
C LEU B 212 -4.16 -14.92 25.52
N PHE B 213 -3.17 -14.38 24.83
CA PHE B 213 -2.52 -13.15 25.28
C PHE B 213 -3.49 -11.98 25.34
N GLU B 214 -4.26 -11.80 24.27
CA GLU B 214 -5.22 -10.70 24.20
C GLU B 214 -6.28 -10.85 25.28
N THR B 215 -6.69 -12.08 25.54
CA THR B 215 -7.69 -12.36 26.55
C THR B 215 -7.18 -12.01 27.94
N LEU B 216 -5.99 -12.50 28.27
CA LEU B 216 -5.35 -12.19 29.55
C LEU B 216 -5.16 -10.70 29.74
N TYR B 217 -4.72 -10.04 28.67
CA TYR B 217 -4.43 -8.61 28.70
C TYR B 217 -5.69 -7.80 28.95
N ASP B 218 -6.74 -8.13 28.20
CA ASP B 218 -8.00 -7.38 28.28
C ASP B 218 -8.77 -7.66 29.57
N GLN B 219 -8.68 -8.89 30.07
CA GLN B 219 -9.38 -9.27 31.29
C GLN B 219 -8.67 -8.78 32.55
N LEU B 220 -7.37 -9.06 32.65
CA LEU B 220 -6.59 -8.73 33.86
C LEU B 220 -6.13 -7.27 33.95
N LEU B 221 -5.72 -6.71 32.80
CA LEU B 221 -5.37 -5.29 32.69
C LEU B 221 -4.04 -4.91 33.33
N ASN B 222 -3.45 -5.85 34.09
CA ASN B 222 -2.22 -5.57 34.80
C ASN B 222 -0.94 -6.03 34.09
N ILE B 223 -1.11 -6.57 32.88
CA ILE B 223 0.02 -7.05 32.10
C ILE B 223 0.87 -5.88 31.60
N PRO B 224 2.18 -5.92 31.84
CA PRO B 224 3.05 -4.83 31.41
C PRO B 224 3.00 -4.61 29.90
N ASP B 225 3.10 -3.36 29.48
CA ASP B 225 2.91 -2.97 28.09
C ASP B 225 3.97 -3.52 27.15
N PHE B 226 5.20 -3.58 27.64
CA PHE B 226 6.32 -3.97 26.79
C PHE B 226 6.49 -5.49 26.66
N ILE B 227 5.60 -6.26 27.25
CA ILE B 227 5.56 -7.68 26.97
C ILE B 227 4.73 -7.91 25.72
N SER B 228 5.36 -8.41 24.67
CA SER B 228 4.70 -8.62 23.39
C SER B 228 4.08 -10.01 23.38
N LYS B 229 3.14 -10.22 22.48
CA LYS B 229 2.46 -11.51 22.34
C LYS B 229 3.43 -12.70 22.18
N PRO B 230 4.40 -12.60 21.25
CA PRO B 230 5.31 -13.74 21.11
C PRO B 230 6.16 -13.93 22.35
N THR B 231 6.59 -12.82 22.95
CA THR B 231 7.37 -12.85 24.17
C THR B 231 6.60 -13.54 25.27
N PHE B 232 5.30 -13.28 25.32
CA PHE B 232 4.45 -13.91 26.31
C PHE B 232 4.35 -15.41 26.05
N LYS B 233 4.24 -15.78 24.77
CA LYS B 233 4.12 -17.19 24.42
C LYS B 233 5.39 -17.94 24.85
N ALA B 234 6.54 -17.35 24.54
CA ALA B 234 7.83 -17.92 24.93
C ALA B 234 7.95 -18.00 26.45
N LEU B 235 7.43 -16.99 27.15
CA LEU B 235 7.47 -16.95 28.61
C LEU B 235 6.66 -18.10 29.22
N LEU B 236 5.48 -18.32 28.65
CA LEU B 236 4.60 -19.39 29.13
C LEU B 236 5.28 -20.72 28.89
N LEU B 237 5.92 -20.87 27.73
CA LEU B 237 6.65 -22.10 27.44
C LEU B 237 7.83 -22.32 28.40
N LYS B 238 8.55 -21.26 28.72
CA LYS B 238 9.72 -21.34 29.61
C LYS B 238 9.34 -21.68 31.04
N LEU B 239 8.29 -21.04 31.57
CA LEU B 239 7.90 -21.26 32.96
C LEU B 239 7.28 -22.63 33.20
N HIS B 240 6.93 -23.31 32.10
CA HIS B 240 6.50 -24.71 32.20
C HIS B 240 5.25 -24.83 33.04
N LYS B 241 5.35 -25.63 34.09
CA LYS B 241 4.21 -25.91 34.94
C LYS B 241 4.12 -24.98 36.14
N GLU B 242 4.96 -23.94 36.17
CA GLU B 242 4.95 -22.98 37.28
C GLU B 242 3.85 -21.96 37.06
N VAL B 243 3.11 -22.11 35.96
CA VAL B 243 1.98 -21.24 35.66
C VAL B 243 0.66 -22.02 35.65
N LEU B 244 -0.30 -21.51 36.42
CA LEU B 244 -1.61 -22.15 36.55
C LEU B 244 -2.69 -21.27 35.93
N PHE B 245 -3.47 -21.86 35.04
CA PHE B 245 -4.59 -21.17 34.41
C PHE B 245 -5.85 -21.64 35.10
N LEU B 246 -6.66 -20.68 35.56
CA LEU B 246 -7.97 -21.01 36.09
C LEU B 246 -9.00 -20.50 35.10
N LEU B 247 -9.67 -21.42 34.42
CA LEU B 247 -10.59 -21.08 33.34
C LEU B 247 -12.00 -21.44 33.75
N ASP B 248 -12.89 -20.45 33.72
CA ASP B 248 -14.21 -20.60 34.31
C ASP B 248 -15.32 -20.70 33.28
N GLY B 249 -16.17 -21.71 33.43
CA GLY B 249 -17.35 -21.84 32.59
C GLY B 249 -17.11 -22.21 31.14
N TYR B 250 -16.48 -23.36 30.90
CA TYR B 250 -16.32 -23.89 29.55
C TYR B 250 -17.66 -24.08 28.85
N ASN B 251 -18.73 -24.22 29.64
CA ASN B 251 -20.07 -24.33 29.09
C ASN B 251 -20.52 -23.00 28.49
N GLU B 252 -19.87 -21.92 28.90
CA GLU B 252 -20.18 -20.60 28.39
C GLU B 252 -19.25 -20.24 27.25
N PHE B 253 -18.37 -21.19 26.89
CA PHE B 253 -17.32 -20.92 25.92
C PHE B 253 -17.67 -21.45 24.53
N HIS B 254 -17.54 -20.58 23.52
CA HIS B 254 -17.67 -20.99 22.13
C HIS B 254 -16.27 -20.99 21.55
N PRO B 255 -15.71 -22.18 21.32
CA PRO B 255 -14.31 -22.41 20.94
C PRO B 255 -13.90 -21.73 19.64
N GLN B 256 -14.86 -21.36 18.81
CA GLN B 256 -14.56 -20.73 17.53
C GLN B 256 -13.98 -19.34 17.76
N ASN B 257 -14.38 -18.73 18.88
CA ASN B 257 -13.95 -17.37 19.21
C ASN B 257 -12.49 -17.26 19.64
N CYS B 258 -12.01 -18.26 20.37
CA CYS B 258 -10.63 -18.26 20.80
C CYS B 258 -10.03 -19.66 20.69
N PRO B 259 -9.55 -20.03 19.48
CA PRO B 259 -8.98 -21.34 19.21
C PRO B 259 -7.76 -21.66 20.06
N GLU B 260 -6.98 -20.65 20.43
CA GLU B 260 -5.78 -20.87 21.22
C GLU B 260 -6.09 -21.33 22.65
N ILE B 261 -7.11 -20.76 23.28
CA ILE B 261 -7.52 -21.21 24.61
C ILE B 261 -8.12 -22.62 24.54
N GLU B 262 -8.91 -22.87 23.51
CA GLU B 262 -9.45 -24.20 23.28
C GLU B 262 -8.30 -25.19 23.15
N ALA B 263 -7.22 -24.75 22.51
CA ALA B 263 -6.03 -25.57 22.39
C ALA B 263 -5.34 -25.73 23.75
N LEU B 264 -5.36 -24.68 24.55
CA LEU B 264 -4.73 -24.69 25.88
C LEU B 264 -5.39 -25.76 26.73
N ILE B 265 -6.70 -25.85 26.62
CA ILE B 265 -7.44 -26.87 27.33
C ILE B 265 -7.21 -28.24 26.73
N LYS B 266 -7.44 -28.35 25.44
CA LYS B 266 -7.50 -29.65 24.79
C LYS B 266 -6.16 -30.25 24.40
N GLU B 267 -5.25 -29.41 23.95
CA GLU B 267 -3.90 -29.86 23.70
C GLU B 267 -2.96 -29.17 24.67
N ASN B 268 -2.59 -29.88 25.73
CA ASN B 268 -1.78 -29.30 26.79
C ASN B 268 -0.29 -29.53 26.57
N HIS B 269 0.03 -30.37 25.59
CA HIS B 269 1.41 -30.73 25.31
C HIS B 269 2.18 -29.60 24.65
N ARG B 270 1.51 -28.81 23.80
CA ARG B 270 2.17 -27.67 23.17
C ARG B 270 2.42 -26.61 24.21
N PHE B 271 1.49 -26.51 25.15
CA PHE B 271 1.51 -25.49 26.19
C PHE B 271 2.32 -25.92 27.41
N LYS B 272 1.98 -27.07 27.97
CA LYS B 272 2.70 -27.64 29.11
C LYS B 272 2.42 -26.89 30.41
N ASN B 273 1.56 -25.89 30.34
CA ASN B 273 1.18 -25.17 31.55
C ASN B 273 0.10 -25.99 32.26
N MET B 274 -0.22 -25.61 33.50
CA MET B 274 -1.23 -26.33 34.26
C MET B 274 -2.58 -25.65 34.10
N VAL B 275 -3.64 -26.40 33.83
CA VAL B 275 -4.96 -25.79 33.69
C VAL B 275 -6.03 -26.45 34.55
N ILE B 276 -6.89 -25.62 35.12
CA ILE B 276 -8.08 -26.09 35.81
C ILE B 276 -9.28 -25.45 35.12
N VAL B 277 -10.16 -26.29 34.60
CA VAL B 277 -11.29 -25.83 33.81
C VAL B 277 -12.57 -26.10 34.57
N THR B 278 -13.52 -25.17 34.47
CA THR B 278 -14.80 -25.30 35.14
C THR B 278 -15.91 -25.49 34.12
N THR B 279 -16.81 -26.43 34.39
CA THR B 279 -17.93 -26.66 33.49
C THR B 279 -19.12 -27.30 34.21
N THR B 280 -20.29 -27.22 33.60
CA THR B 280 -21.46 -27.90 34.11
C THR B 280 -21.40 -29.38 33.74
N THR B 281 -22.12 -30.20 34.50
CA THR B 281 -22.16 -31.63 34.27
C THR B 281 -22.70 -31.92 32.88
N GLU B 282 -23.68 -31.10 32.49
CA GLU B 282 -24.39 -31.24 31.24
C GLU B 282 -23.45 -31.11 30.04
N CYS B 283 -22.50 -30.19 30.15
CA CYS B 283 -21.57 -29.91 29.08
C CYS B 283 -20.23 -30.62 29.22
N LEU B 284 -20.09 -31.44 30.26
CA LEU B 284 -18.82 -32.08 30.57
C LEU B 284 -18.37 -32.99 29.43
N ARG B 285 -19.33 -33.45 28.63
CA ARG B 285 -19.09 -34.30 27.47
C ARG B 285 -18.09 -33.66 26.50
N HIS B 286 -18.13 -32.34 26.41
CA HIS B 286 -17.22 -31.61 25.53
C HIS B 286 -15.74 -31.74 25.91
N ILE B 287 -15.43 -31.64 27.20
CA ILE B 287 -14.04 -31.75 27.68
C ILE B 287 -13.64 -33.10 28.24
N ARG B 288 -14.57 -34.04 28.27
CA ARG B 288 -14.46 -35.25 29.09
C ARG B 288 -13.21 -36.08 28.77
N HIS B 289 -12.97 -36.23 27.48
CA HIS B 289 -11.85 -37.01 26.97
C HIS B 289 -10.46 -36.48 27.35
N VAL B 290 -10.36 -35.17 27.54
CA VAL B 290 -9.08 -34.49 27.76
C VAL B 290 -8.50 -34.56 29.19
N GLY B 291 -9.37 -34.58 30.20
CA GLY B 291 -8.94 -34.40 31.58
C GLY B 291 -8.18 -35.54 32.24
N ALA B 292 -7.08 -35.20 32.91
CA ALA B 292 -6.30 -36.18 33.66
C ALA B 292 -6.76 -36.27 35.10
N LEU B 293 -7.60 -35.32 35.51
CA LEU B 293 -8.23 -35.36 36.82
C LEU B 293 -9.62 -34.76 36.68
N THR B 294 -10.60 -35.35 37.35
CA THR B 294 -11.94 -34.80 37.32
C THR B 294 -12.57 -34.84 38.70
N ALA B 295 -13.07 -33.68 39.13
CA ALA B 295 -13.71 -33.57 40.44
C ALA B 295 -15.07 -32.91 40.32
N GLU B 296 -15.97 -33.28 41.22
CA GLU B 296 -17.33 -32.73 41.24
C GLU B 296 -17.58 -31.95 42.52
N VAL B 297 -18.22 -30.80 42.40
CA VAL B 297 -18.60 -30.02 43.57
C VAL B 297 -19.86 -30.63 44.16
N GLY B 298 -19.78 -31.05 45.42
CA GLY B 298 -20.89 -31.76 46.04
C GLY B 298 -22.00 -30.83 46.50
N ASP B 299 -23.05 -31.42 47.08
CA ASP B 299 -24.15 -30.65 47.63
C ASP B 299 -23.72 -29.88 48.86
N MET B 300 -24.47 -28.84 49.20
CA MET B 300 -24.14 -28.00 50.34
C MET B 300 -24.79 -28.55 51.58
N THR B 301 -23.97 -28.77 52.62
CA THR B 301 -24.47 -29.33 53.86
C THR B 301 -25.30 -28.26 54.56
N GLU B 302 -26.26 -28.68 55.38
CA GLU B 302 -27.20 -27.76 56.01
C GLU B 302 -26.44 -26.76 56.89
N ASP B 303 -25.33 -27.21 57.46
CA ASP B 303 -24.50 -26.38 58.32
C ASP B 303 -23.92 -25.22 57.51
N SER B 304 -23.42 -25.55 56.33
CA SER B 304 -22.83 -24.55 55.44
C SER B 304 -23.88 -23.59 54.92
N ALA B 305 -25.06 -24.13 54.62
CA ALA B 305 -26.16 -23.33 54.15
C ALA B 305 -26.61 -22.31 55.21
N LYS B 306 -26.76 -22.77 56.44
CA LYS B 306 -27.14 -21.89 57.53
C LYS B 306 -26.05 -20.86 57.81
N ASP B 307 -24.80 -21.26 57.59
CA ASP B 307 -23.69 -20.34 57.75
C ASP B 307 -23.80 -19.22 56.72
N LEU B 308 -24.13 -19.61 55.49
CA LEU B 308 -24.29 -18.65 54.41
C LEU B 308 -25.44 -17.69 54.71
N ILE B 309 -26.57 -18.24 55.14
CA ILE B 309 -27.74 -17.44 55.46
C ILE B 309 -27.42 -16.45 56.57
N GLU B 310 -26.77 -16.94 57.62
CA GLU B 310 -26.37 -16.10 58.75
C GLU B 310 -25.43 -15.00 58.28
N ALA B 311 -24.61 -15.32 57.28
CA ALA B 311 -23.69 -14.34 56.73
C ALA B 311 -24.40 -13.23 55.95
N VAL B 312 -25.36 -13.60 55.10
CA VAL B 312 -25.94 -12.62 54.19
C VAL B 312 -27.26 -12.00 54.69
N LEU B 313 -27.72 -12.42 55.86
CA LEU B 313 -29.05 -12.02 56.33
C LEU B 313 -29.04 -11.55 57.78
N VAL B 314 -29.98 -10.67 58.12
CA VAL B 314 -30.14 -10.22 59.51
C VAL B 314 -30.79 -11.36 60.31
N PRO B 315 -30.40 -11.49 61.60
CA PRO B 315 -30.73 -12.65 62.44
C PRO B 315 -32.23 -12.99 62.51
N ASP B 316 -33.07 -11.97 62.55
CA ASP B 316 -34.52 -12.15 62.63
C ASP B 316 -34.97 -12.97 61.42
N GLN B 317 -34.50 -12.54 60.26
CA GLN B 317 -34.82 -13.17 58.99
C GLN B 317 -34.06 -14.49 58.82
N VAL B 318 -32.93 -14.61 59.49
CA VAL B 318 -32.20 -15.88 59.50
C VAL B 318 -33.04 -16.97 60.16
N GLU B 319 -33.59 -16.67 61.33
CA GLU B 319 -34.42 -17.63 62.03
C GLU B 319 -35.75 -17.84 61.33
N ARG B 320 -36.29 -16.76 60.77
CA ARG B 320 -37.54 -16.82 60.01
C ARG B 320 -37.41 -17.76 58.80
N LEU B 321 -36.40 -17.49 57.98
CA LEU B 321 -36.17 -18.28 56.77
C LEU B 321 -35.80 -19.71 57.11
N TRP B 322 -34.99 -19.90 58.16
CA TRP B 322 -34.60 -21.26 58.54
C TRP B 322 -35.85 -22.01 58.96
N ALA B 323 -36.76 -21.30 59.60
CA ALA B 323 -38.04 -21.87 59.99
C ALA B 323 -38.82 -22.32 58.76
N GLN B 324 -38.87 -21.48 57.73
CA GLN B 324 -39.51 -21.86 56.47
C GLN B 324 -38.84 -23.08 55.81
N ILE B 325 -37.51 -23.16 55.93
CA ILE B 325 -36.72 -24.21 55.31
C ILE B 325 -36.99 -25.56 55.96
N GLN B 326 -37.02 -25.58 57.29
CA GLN B 326 -37.24 -26.83 58.01
C GLN B 326 -38.67 -27.32 57.82
N GLU B 327 -39.52 -26.40 57.39
CA GLU B 327 -40.92 -26.70 57.09
C GLU B 327 -41.12 -27.34 55.71
N SER B 328 -40.23 -27.02 54.78
CA SER B 328 -40.34 -27.54 53.42
C SER B 328 -39.21 -28.49 53.03
N ARG B 329 -39.55 -29.63 52.44
CA ARG B 329 -38.53 -30.56 51.96
C ARG B 329 -37.92 -30.05 50.65
N CYS B 330 -38.76 -29.44 49.82
CA CYS B 330 -38.33 -28.94 48.52
C CYS B 330 -37.35 -27.77 48.67
N LEU B 331 -37.64 -26.84 49.57
CA LEU B 331 -36.76 -25.72 49.84
C LEU B 331 -35.44 -26.22 50.41
N ARG B 332 -35.54 -27.23 51.26
CA ARG B 332 -34.39 -27.85 51.91
C ARG B 332 -33.48 -28.51 50.87
N ASN B 333 -34.05 -29.19 49.89
CA ASN B 333 -33.27 -29.75 48.79
C ASN B 333 -32.70 -28.65 47.89
N LEU B 334 -33.49 -27.59 47.71
CA LEU B 334 -33.06 -26.43 46.93
C LEU B 334 -31.88 -25.75 47.61
N MET B 335 -31.70 -26.04 48.90
CA MET B 335 -30.65 -25.43 49.69
C MET B 335 -29.30 -26.14 49.53
N LYS B 336 -29.28 -27.17 48.70
CA LYS B 336 -28.04 -27.90 48.41
C LYS B 336 -27.17 -27.15 47.40
N THR B 337 -27.77 -26.19 46.70
CA THR B 337 -27.04 -25.34 45.76
C THR B 337 -26.95 -23.94 46.32
N PRO B 338 -25.72 -23.43 46.50
CA PRO B 338 -25.46 -22.15 47.16
C PRO B 338 -26.14 -20.97 46.47
N LEU B 339 -26.19 -21.02 45.14
CA LEU B 339 -26.81 -19.95 44.35
C LEU B 339 -28.28 -19.82 44.74
N PHE B 340 -28.96 -20.95 44.84
CA PHE B 340 -30.37 -20.95 45.21
C PHE B 340 -30.55 -20.40 46.61
N VAL B 341 -29.58 -20.70 47.49
CA VAL B 341 -29.59 -20.19 48.86
C VAL B 341 -29.53 -18.66 48.87
N VAL B 342 -28.62 -18.10 48.08
CA VAL B 342 -28.49 -16.65 48.00
C VAL B 342 -29.78 -16.03 47.44
N ILE B 343 -30.32 -16.65 46.40
CA ILE B 343 -31.55 -16.12 45.80
C ILE B 343 -32.74 -16.14 46.75
N THR B 344 -32.95 -17.26 47.45
CA THR B 344 -34.05 -17.33 48.40
C THR B 344 -33.80 -16.39 49.56
N CYS B 345 -32.53 -16.12 49.87
CA CYS B 345 -32.22 -15.11 50.88
C CYS B 345 -32.74 -13.75 50.41
N ALA B 346 -32.51 -13.44 49.15
CA ALA B 346 -33.02 -12.19 48.57
C ALA B 346 -34.55 -12.15 48.60
N ILE B 347 -35.17 -13.29 48.31
CA ILE B 347 -36.62 -13.40 48.33
C ILE B 347 -37.14 -13.09 49.73
N GLN B 348 -36.47 -13.65 50.73
CA GLN B 348 -36.83 -13.40 52.11
C GLN B 348 -36.67 -11.92 52.44
N MET B 349 -35.66 -11.28 51.86
CA MET B 349 -35.53 -9.84 52.02
C MET B 349 -36.71 -9.09 51.41
N GLY B 350 -37.29 -9.62 50.33
CA GLY B 350 -38.44 -8.97 49.73
C GLY B 350 -39.77 -9.20 50.43
N ARG B 351 -40.08 -10.46 50.69
CA ARG B 351 -41.36 -10.86 51.27
C ARG B 351 -41.13 -11.75 52.50
N GLN B 352 -41.94 -11.59 53.55
CA GLN B 352 -41.69 -12.38 54.76
C GLN B 352 -42.08 -13.86 54.60
N GLU B 353 -43.12 -14.15 53.83
CA GLU B 353 -43.45 -15.55 53.54
C GLU B 353 -43.62 -15.82 52.04
N PHE B 354 -43.03 -16.91 51.59
CA PHE B 354 -43.06 -17.32 50.18
C PHE B 354 -43.03 -18.84 50.09
N GLN B 355 -43.40 -19.36 48.92
CA GLN B 355 -43.41 -20.81 48.73
C GLN B 355 -42.78 -21.23 47.40
N ALA B 356 -41.71 -22.02 47.46
CA ALA B 356 -41.12 -22.55 46.23
C ALA B 356 -40.77 -24.04 46.36
N HIS B 357 -41.49 -24.86 45.58
CA HIS B 357 -41.22 -26.29 45.52
C HIS B 357 -40.15 -26.68 44.50
N THR B 358 -40.05 -25.91 43.41
CA THR B 358 -39.05 -26.17 42.39
C THR B 358 -38.16 -24.94 42.23
N GLN B 359 -36.98 -25.13 41.67
CA GLN B 359 -36.06 -24.01 41.46
C GLN B 359 -36.67 -22.99 40.48
N THR B 360 -37.51 -23.48 39.58
CA THR B 360 -38.20 -22.61 38.64
C THR B 360 -39.14 -21.67 39.36
N MET B 361 -39.78 -22.16 40.41
CA MET B 361 -40.71 -21.33 41.17
C MET B 361 -39.93 -20.37 42.07
N LEU B 362 -38.71 -20.76 42.43
CA LEU B 362 -37.80 -19.91 43.20
C LEU B 362 -37.43 -18.71 42.33
N PHE B 363 -36.97 -19.02 41.13
CA PHE B 363 -36.59 -18.03 40.13
C PHE B 363 -37.78 -17.14 39.77
N GLN B 364 -38.97 -17.74 39.72
CA GLN B 364 -40.19 -17.01 39.45
C GLN B 364 -40.55 -16.04 40.57
N THR B 365 -40.43 -16.51 41.80
CA THR B 365 -40.70 -15.67 42.96
C THR B 365 -39.75 -14.48 42.96
N PHE B 366 -38.48 -14.76 42.68
CA PHE B 366 -37.47 -13.73 42.60
C PHE B 366 -37.73 -12.70 41.49
N TYR B 367 -38.04 -13.19 40.31
CA TYR B 367 -38.32 -12.33 39.14
C TYR B 367 -39.53 -11.44 39.42
N ASP B 368 -40.62 -12.06 39.86
CA ASP B 368 -41.86 -11.35 40.15
C ASP B 368 -41.61 -10.31 41.23
N LEU B 369 -40.80 -10.67 42.21
CA LEU B 369 -40.44 -9.75 43.29
C LEU B 369 -39.67 -8.56 42.72
N LEU B 370 -38.77 -8.85 41.80
CA LEU B 370 -37.95 -7.83 41.17
C LEU B 370 -38.83 -6.81 40.46
N ILE B 371 -39.78 -7.31 39.68
CA ILE B 371 -40.71 -6.44 38.98
C ILE B 371 -41.55 -5.65 39.97
N GLN B 372 -42.02 -6.33 41.00
CA GLN B 372 -42.93 -5.73 41.98
C GLN B 372 -42.29 -4.56 42.71
N LYS B 373 -41.11 -4.77 43.26
CA LYS B 373 -40.44 -3.72 44.02
C LYS B 373 -39.81 -2.65 43.13
N ASN B 374 -39.25 -3.06 42.00
CA ASN B 374 -38.49 -2.12 41.18
C ASN B 374 -39.26 -1.47 40.02
N SER B 375 -40.56 -1.76 39.90
CA SER B 375 -41.36 -1.24 38.78
C SER B 375 -41.38 0.28 38.69
N HIS B 376 -41.39 0.95 39.84
CA HIS B 376 -41.54 2.40 39.86
C HIS B 376 -40.35 3.13 39.25
N ARG B 377 -39.19 2.46 39.22
CA ARG B 377 -37.97 3.09 38.74
C ARG B 377 -37.98 3.38 37.24
N TYR B 378 -38.93 2.78 36.53
CA TYR B 378 -39.04 2.97 35.09
C TYR B 378 -39.38 4.42 34.81
N ARG B 379 -40.53 4.86 35.33
CA ARG B 379 -40.95 6.26 35.23
C ARG B 379 -40.84 6.90 33.85
N GLY B 380 -41.50 6.33 32.85
CA GLY B 380 -41.35 6.84 31.51
C GLY B 380 -42.01 6.00 30.45
N GLY B 381 -42.07 6.54 29.23
CA GLY B 381 -42.69 5.85 28.12
C GLY B 381 -44.19 5.95 28.15
N ALA B 382 -44.83 5.51 27.08
CA ALA B 382 -46.28 5.62 26.95
C ALA B 382 -46.95 4.25 27.00
N SER B 383 -48.07 4.20 27.73
CA SER B 383 -48.97 3.05 27.69
C SER B 383 -48.32 1.74 28.11
N GLY B 384 -48.29 0.76 27.20
CA GLY B 384 -47.88 -0.60 27.53
C GLY B 384 -46.40 -0.89 27.42
N ASP B 385 -45.57 0.13 27.60
CA ASP B 385 -44.15 0.04 27.28
C ASP B 385 -43.37 -0.90 28.19
N PHE B 386 -43.76 -0.93 29.47
CA PHE B 386 -43.05 -1.74 30.46
C PHE B 386 -42.97 -3.21 30.09
N ALA B 387 -44.10 -3.78 29.70
CA ALA B 387 -44.15 -5.20 29.34
C ALA B 387 -43.22 -5.46 28.17
N ARG B 388 -43.14 -4.48 27.27
CA ARG B 388 -42.33 -4.61 26.08
C ARG B 388 -40.86 -4.72 26.44
N SER B 389 -40.47 -4.07 27.54
CA SER B 389 -39.11 -4.18 28.02
C SER B 389 -38.89 -5.61 28.51
N LEU B 390 -39.88 -6.10 29.24
CA LEU B 390 -39.84 -7.44 29.79
C LEU B 390 -39.79 -8.44 28.66
N ASP B 391 -40.51 -8.16 27.58
CA ASP B 391 -40.45 -9.00 26.40
C ASP B 391 -39.04 -8.97 25.83
N TYR B 392 -38.47 -7.76 25.72
CA TYR B 392 -37.13 -7.62 25.16
C TYR B 392 -36.13 -8.43 25.95
N CYS B 393 -36.22 -8.29 27.28
CA CYS B 393 -35.34 -9.02 28.18
C CYS B 393 -35.55 -10.49 27.91
N GLY B 394 -36.82 -10.89 27.86
CA GLY B 394 -37.18 -12.27 27.61
C GLY B 394 -36.60 -12.73 26.30
N ASP B 395 -36.69 -11.89 25.27
CA ASP B 395 -36.10 -12.24 24.00
C ASP B 395 -34.57 -12.23 24.08
N LEU B 396 -34.04 -11.23 24.80
CA LEU B 396 -32.59 -11.06 24.90
C LEU B 396 -31.94 -12.33 25.39
N ALA B 397 -32.51 -12.88 26.45
CA ALA B 397 -32.00 -14.12 27.02
C ALA B 397 -32.15 -15.28 26.06
N LEU B 398 -33.31 -15.37 25.43
CA LEU B 398 -33.62 -16.52 24.58
C LEU B 398 -32.62 -16.62 23.45
N GLU B 399 -32.49 -15.56 22.67
CA GLU B 399 -31.56 -15.59 21.55
C GLU B 399 -30.16 -15.83 22.06
N GLY B 400 -29.85 -15.30 23.25
CA GLY B 400 -28.53 -15.50 23.82
C GLY B 400 -28.26 -16.98 23.97
N VAL B 401 -29.24 -17.69 24.51
CA VAL B 401 -29.09 -19.12 24.74
C VAL B 401 -28.79 -19.81 23.42
N PHE B 402 -29.52 -19.42 22.37
CA PHE B 402 -29.30 -20.03 21.08
C PHE B 402 -28.00 -19.59 20.43
N ALA B 403 -27.57 -18.35 20.71
CA ALA B 403 -26.34 -17.84 20.12
C ALA B 403 -25.13 -18.10 21.01
N HIS B 404 -25.37 -18.65 22.19
CA HIS B 404 -24.31 -18.92 23.17
C HIS B 404 -23.66 -17.61 23.59
N LYS B 405 -24.46 -16.55 23.62
CA LYS B 405 -23.95 -15.22 23.93
C LYS B 405 -24.56 -14.79 25.27
N PHE B 406 -23.72 -14.76 26.30
CA PHE B 406 -24.19 -14.42 27.64
C PHE B 406 -23.86 -13.00 28.10
N ASP B 407 -23.17 -12.25 27.23
CA ASP B 407 -22.90 -10.85 27.48
C ASP B 407 -23.51 -10.09 26.32
N PHE B 408 -24.14 -8.96 26.59
CA PHE B 408 -24.85 -8.27 25.53
C PHE B 408 -24.34 -6.84 25.41
N GLU B 409 -23.67 -6.55 24.30
CA GLU B 409 -23.14 -5.20 24.06
C GLU B 409 -23.75 -4.57 22.82
N PRO B 410 -24.71 -3.66 23.00
CA PRO B 410 -25.20 -2.99 21.80
C PRO B 410 -24.32 -1.77 21.51
N GLU B 411 -24.52 -1.15 20.35
CA GLU B 411 -23.77 0.05 19.98
C GLU B 411 -24.12 1.24 20.88
N HIS B 412 -23.23 2.22 20.96
CA HIS B 412 -23.34 3.27 21.96
C HIS B 412 -24.45 4.26 21.62
N GLY B 413 -25.29 4.57 22.61
CA GLY B 413 -26.49 5.36 22.41
C GLY B 413 -27.72 4.55 22.05
N SER B 414 -27.50 3.37 21.50
CA SER B 414 -28.59 2.51 21.05
C SER B 414 -28.90 1.48 22.14
N SER B 415 -28.28 1.68 23.30
CA SER B 415 -28.34 0.75 24.42
C SER B 415 -29.57 0.95 25.30
N MET B 416 -30.48 1.82 24.88
CA MET B 416 -31.56 2.29 25.73
C MET B 416 -32.39 1.15 26.36
N ASN B 417 -32.74 0.15 25.55
CA ASN B 417 -33.59 -0.95 26.02
C ASN B 417 -32.96 -1.74 27.15
N GLU B 418 -31.65 -2.00 27.04
CA GLU B 418 -30.91 -2.73 28.06
C GLU B 418 -30.80 -1.87 29.31
N ASP B 419 -30.61 -0.57 29.10
CA ASP B 419 -30.48 0.39 30.19
C ASP B 419 -31.74 0.37 31.03
N VAL B 420 -32.89 0.32 30.35
CA VAL B 420 -34.17 0.22 31.05
C VAL B 420 -34.20 -1.03 31.92
N LEU B 421 -33.70 -2.14 31.39
CA LEU B 421 -33.71 -3.40 32.14
C LEU B 421 -32.74 -3.36 33.32
N VAL B 422 -31.70 -2.54 33.21
CA VAL B 422 -30.83 -2.31 34.35
C VAL B 422 -31.55 -1.49 35.41
N THR B 423 -32.35 -0.52 34.98
CA THR B 423 -33.15 0.27 35.91
C THR B 423 -34.16 -0.61 36.65
N ILE B 424 -34.78 -1.55 35.92
CA ILE B 424 -35.70 -2.49 36.56
C ILE B 424 -34.94 -3.49 37.42
N GLY B 425 -33.72 -3.84 37.00
CA GLY B 425 -32.89 -4.74 37.75
C GLY B 425 -32.82 -6.15 37.18
N LEU B 426 -33.40 -6.33 36.00
CA LEU B 426 -33.31 -7.60 35.31
C LEU B 426 -31.92 -7.83 34.74
N LEU B 427 -31.26 -6.74 34.36
CA LEU B 427 -29.90 -6.85 33.86
C LEU B 427 -28.90 -6.09 34.70
N CYS B 428 -27.65 -6.50 34.56
CA CYS B 428 -26.54 -5.90 35.24
C CYS B 428 -25.69 -5.34 34.12
N LYS B 429 -25.11 -4.17 34.35
CA LYS B 429 -24.21 -3.57 33.38
C LYS B 429 -22.84 -3.62 34.00
N TYR B 430 -21.85 -4.03 33.21
CA TYR B 430 -20.52 -4.30 33.73
C TYR B 430 -19.98 -3.00 34.29
N THR B 431 -19.57 -3.01 35.56
CA THR B 431 -18.72 -1.95 36.05
C THR B 431 -17.27 -2.33 35.85
N ALA B 432 -16.65 -1.64 34.91
CA ALA B 432 -15.29 -1.89 34.47
C ALA B 432 -15.08 -0.94 33.31
N GLN B 433 -13.82 -0.72 32.94
CA GLN B 433 -13.55 0.12 31.79
C GLN B 433 -13.77 -0.74 30.55
N ARG B 434 -14.83 -0.43 29.81
CA ARG B 434 -15.22 -1.26 28.68
C ARG B 434 -15.20 -0.53 27.34
N LEU B 435 -14.98 -1.29 26.27
CA LEU B 435 -14.99 -0.75 24.91
C LEU B 435 -16.39 -0.27 24.54
N LYS B 436 -17.39 -1.07 24.90
CA LYS B 436 -18.79 -0.74 24.69
C LYS B 436 -19.52 -0.91 26.01
N PRO B 437 -20.71 -0.30 26.13
CA PRO B 437 -21.48 -0.68 27.32
C PRO B 437 -21.80 -2.17 27.17
N THR B 438 -21.54 -2.95 28.22
CA THR B 438 -21.75 -4.39 28.12
C THR B 438 -22.64 -4.87 29.25
N TYR B 439 -23.56 -5.78 28.95
CA TYR B 439 -24.55 -6.21 29.94
C TYR B 439 -24.54 -7.72 30.11
N LYS B 440 -25.02 -8.18 31.26
CA LYS B 440 -25.14 -9.60 31.53
C LYS B 440 -26.24 -9.80 32.54
N PHE B 441 -26.71 -11.03 32.66
CA PHE B 441 -27.53 -11.43 33.78
C PHE B 441 -26.58 -11.85 34.89
N PHE B 442 -26.96 -11.65 36.15
CA PHE B 442 -26.04 -11.89 37.27
C PHE B 442 -25.47 -13.31 37.28
N HIS B 443 -26.23 -14.24 36.72
CA HIS B 443 -25.78 -15.62 36.55
C HIS B 443 -26.38 -16.16 35.26
N LYS B 444 -25.77 -17.21 34.70
CA LYS B 444 -26.30 -17.83 33.50
C LYS B 444 -27.68 -18.39 33.79
N SER B 445 -27.88 -18.93 34.98
CA SER B 445 -29.14 -19.56 35.37
C SER B 445 -30.33 -18.60 35.32
N PHE B 446 -30.09 -17.33 35.63
CA PHE B 446 -31.15 -16.33 35.54
C PHE B 446 -31.50 -16.01 34.08
N GLN B 447 -30.50 -16.02 33.22
CA GLN B 447 -30.71 -15.84 31.78
C GLN B 447 -31.53 -17.00 31.24
N GLU B 448 -31.18 -18.20 31.69
CA GLU B 448 -31.88 -19.42 31.32
C GLU B 448 -33.31 -19.40 31.80
N TYR B 449 -33.54 -18.92 33.01
CA TYR B 449 -34.89 -18.80 33.53
C TYR B 449 -35.71 -17.79 32.75
N THR B 450 -35.13 -16.62 32.51
CA THR B 450 -35.84 -15.57 31.79
C THR B 450 -36.19 -16.04 30.39
N ALA B 451 -35.27 -16.77 29.77
CA ALA B 451 -35.47 -17.34 28.45
C ALA B 451 -36.56 -18.42 28.45
N GLY B 452 -36.60 -19.23 29.51
CA GLY B 452 -37.62 -20.25 29.64
C GLY B 452 -39.00 -19.67 29.87
N ARG B 453 -39.07 -18.67 30.74
CA ARG B 453 -40.27 -17.90 31.01
C ARG B 453 -40.78 -17.29 29.72
N ARG B 454 -39.85 -16.76 28.94
CA ARG B 454 -40.18 -16.20 27.65
C ARG B 454 -40.71 -17.25 26.69
N LEU B 455 -40.10 -18.43 26.71
CA LEU B 455 -40.47 -19.52 25.83
C LEU B 455 -41.90 -19.95 26.15
N SER B 456 -42.20 -20.08 27.43
CA SER B 456 -43.55 -20.42 27.87
C SER B 456 -44.52 -19.32 27.48
N SER B 457 -44.09 -18.08 27.65
CA SER B 457 -44.93 -16.92 27.34
C SER B 457 -45.28 -16.90 25.86
N LEU B 458 -44.36 -17.38 25.03
CA LEU B 458 -44.62 -17.51 23.60
C LEU B 458 -45.52 -18.70 23.29
N LEU B 459 -45.22 -19.87 23.86
CA LEU B 459 -45.99 -21.08 23.57
C LEU B 459 -47.42 -21.05 24.10
N THR B 460 -47.61 -20.46 25.28
CA THR B 460 -48.93 -20.39 25.88
C THR B 460 -49.65 -19.10 25.51
N SER B 461 -49.07 -18.37 24.55
CA SER B 461 -49.56 -17.04 24.18
C SER B 461 -50.93 -17.05 23.55
N LYS B 462 -51.62 -15.92 23.65
CA LYS B 462 -52.96 -15.79 23.11
C LYS B 462 -52.91 -15.25 21.68
N GLU B 463 -51.71 -14.88 21.24
CA GLU B 463 -51.49 -14.44 19.87
C GLU B 463 -50.67 -15.46 19.10
N PRO B 464 -51.23 -15.97 17.99
CA PRO B 464 -50.67 -17.01 17.12
C PRO B 464 -49.25 -16.71 16.68
N GLU B 465 -48.93 -15.43 16.52
CA GLU B 465 -47.59 -15.04 16.10
C GLU B 465 -46.54 -15.40 17.15
N GLU B 466 -46.88 -15.14 18.41
CA GLU B 466 -46.00 -15.45 19.52
C GLU B 466 -45.85 -16.96 19.68
N VAL B 467 -46.95 -17.69 19.49
CA VAL B 467 -46.93 -19.13 19.57
C VAL B 467 -46.08 -19.72 18.45
N SER B 468 -46.18 -19.14 17.27
CA SER B 468 -45.41 -19.58 16.12
C SER B 468 -43.92 -19.33 16.33
N LYS B 469 -43.58 -18.19 16.90
CA LYS B 469 -42.18 -17.90 17.20
C LYS B 469 -41.67 -18.85 18.30
N GLY B 470 -42.51 -19.14 19.29
CA GLY B 470 -42.15 -20.08 20.33
C GLY B 470 -41.87 -21.47 19.80
N ASN B 471 -42.73 -21.94 18.91
CA ASN B 471 -42.54 -23.22 18.24
C ASN B 471 -41.32 -23.23 17.32
N SER B 472 -41.00 -22.06 16.78
CA SER B 472 -39.82 -21.90 15.95
C SER B 472 -38.55 -22.17 16.75
N TYR B 473 -38.50 -21.67 17.99
CA TYR B 473 -37.38 -21.93 18.89
C TYR B 473 -37.25 -23.41 19.23
N LEU B 474 -38.38 -24.08 19.47
CA LEU B 474 -38.38 -25.52 19.74
C LEU B 474 -37.86 -26.27 18.53
N ASN B 475 -38.21 -25.80 17.34
CA ASN B 475 -37.82 -26.47 16.11
C ASN B 475 -36.33 -26.33 15.85
N LYS B 476 -35.69 -25.40 16.54
CA LYS B 476 -34.25 -25.22 16.44
C LYS B 476 -33.50 -26.29 17.24
N MET B 477 -34.24 -27.07 18.01
CA MET B 477 -33.62 -28.15 18.75
C MET B 477 -33.86 -29.46 17.99
N VAL B 478 -32.78 -29.92 17.37
CA VAL B 478 -32.79 -31.09 16.50
C VAL B 478 -32.20 -32.33 17.17
N SER B 479 -30.96 -32.19 17.63
CA SER B 479 -30.14 -33.32 18.07
C SER B 479 -30.15 -33.49 19.58
N ILE B 480 -30.08 -34.74 20.04
CA ILE B 480 -30.11 -35.07 21.47
C ILE B 480 -28.97 -34.39 22.22
N SER B 481 -27.84 -34.29 21.55
CA SER B 481 -26.63 -33.71 22.11
C SER B 481 -26.85 -32.26 22.50
N ASP B 482 -27.38 -31.47 21.58
CA ASP B 482 -27.62 -30.06 21.83
C ASP B 482 -28.68 -29.86 22.92
N ILE B 483 -29.73 -30.69 22.89
CA ILE B 483 -30.82 -30.58 23.85
C ILE B 483 -30.37 -30.86 25.27
N THR B 484 -29.66 -31.96 25.49
CA THR B 484 -29.18 -32.28 26.84
C THR B 484 -28.16 -31.27 27.35
N SER B 485 -27.28 -30.80 26.47
CA SER B 485 -26.22 -29.87 26.86
C SER B 485 -26.61 -28.40 26.80
N LEU B 486 -26.85 -27.89 25.60
CA LEU B 486 -27.12 -26.47 25.40
C LEU B 486 -28.49 -26.02 25.93
N TYR B 487 -29.54 -26.70 25.49
CA TYR B 487 -30.90 -26.23 25.72
C TYR B 487 -31.58 -26.89 26.93
N GLY B 488 -30.84 -27.71 27.66
CA GLY B 488 -31.40 -28.49 28.76
C GLY B 488 -32.01 -27.67 29.87
N ASN B 489 -31.31 -26.64 30.31
CA ASN B 489 -31.80 -25.79 31.39
C ASN B 489 -32.92 -24.87 30.92
N LEU B 490 -32.87 -24.49 29.64
CA LEU B 490 -33.88 -23.65 29.04
C LEU B 490 -35.24 -24.31 29.16
N LEU B 491 -35.27 -25.61 28.86
CA LEU B 491 -36.50 -26.38 28.86
C LEU B 491 -36.93 -26.71 30.28
N LEU B 492 -35.97 -26.74 31.21
CA LEU B 492 -36.27 -26.97 32.61
C LEU B 492 -37.18 -25.86 33.12
N TYR B 493 -36.76 -24.63 32.84
CA TYR B 493 -37.51 -23.45 33.26
C TYR B 493 -38.76 -23.25 32.39
N THR B 494 -38.68 -23.66 31.13
CA THR B 494 -39.84 -23.59 30.25
C THR B 494 -40.96 -24.47 30.79
N CYS B 495 -40.63 -25.71 31.11
CA CYS B 495 -41.60 -26.66 31.66
C CYS B 495 -42.06 -26.25 33.06
N GLY B 496 -41.13 -25.74 33.86
CA GLY B 496 -41.44 -25.38 35.23
C GLY B 496 -42.45 -24.25 35.38
N SER B 497 -42.47 -23.34 34.41
CA SER B 497 -43.36 -22.17 34.44
C SER B 497 -44.81 -22.50 34.15
N SER B 498 -45.04 -23.34 33.15
CA SER B 498 -46.39 -23.66 32.73
C SER B 498 -46.49 -25.11 32.29
N THR B 499 -47.66 -25.70 32.45
CA THR B 499 -47.88 -27.10 32.09
C THR B 499 -48.14 -27.27 30.59
N GLU B 500 -48.76 -26.28 29.96
CA GLU B 500 -49.00 -26.28 28.53
C GLU B 500 -47.66 -26.30 27.81
N ALA B 501 -46.72 -25.54 28.35
CA ALA B 501 -45.41 -25.42 27.76
C ALA B 501 -44.69 -26.76 27.79
N THR B 502 -44.78 -27.49 28.89
CA THR B 502 -44.19 -28.83 28.95
C THR B 502 -44.88 -29.78 27.98
N ARG B 503 -46.17 -29.57 27.74
CA ARG B 503 -46.87 -30.38 26.74
C ARG B 503 -46.26 -30.16 25.37
N ALA B 504 -46.02 -28.89 25.03
CA ALA B 504 -45.40 -28.56 23.75
C ALA B 504 -43.98 -29.13 23.70
N VAL B 505 -43.25 -28.99 24.79
CA VAL B 505 -41.87 -29.48 24.87
C VAL B 505 -41.76 -30.98 24.71
N MET B 506 -42.60 -31.73 25.42
CA MET B 506 -42.56 -33.19 25.32
C MET B 506 -43.07 -33.69 23.99
N ARG B 507 -44.08 -32.98 23.44
CA ARG B 507 -44.55 -33.30 22.11
C ARG B 507 -43.43 -33.12 21.10
N HIS B 508 -42.61 -32.09 21.29
CA HIS B 508 -41.47 -31.87 20.42
C HIS B 508 -40.34 -32.88 20.63
N LEU B 509 -40.00 -33.15 21.88
CA LEU B 509 -38.89 -34.03 22.19
C LEU B 509 -39.19 -35.45 21.75
N ALA B 510 -40.48 -35.80 21.71
CA ALA B 510 -40.89 -37.13 21.29
C ALA B 510 -40.66 -37.37 19.80
N MET B 511 -40.49 -36.30 19.03
CA MET B 511 -40.33 -36.42 17.58
C MET B 511 -38.86 -36.41 17.14
N VAL B 512 -37.95 -36.40 18.11
CA VAL B 512 -36.54 -36.18 17.81
C VAL B 512 -35.77 -37.47 17.53
N TYR B 513 -35.33 -37.62 16.27
CA TYR B 513 -34.60 -38.79 15.81
C TYR B 513 -33.09 -38.60 15.73
N GLN B 514 -32.61 -37.39 15.98
CA GLN B 514 -31.22 -37.04 15.66
C GLN B 514 -30.31 -36.98 16.88
N HIS B 515 -29.17 -37.68 16.80
CA HIS B 515 -28.20 -37.73 17.89
C HIS B 515 -27.30 -36.50 18.04
N GLY B 516 -26.77 -36.02 16.93
CA GLY B 516 -25.74 -35.00 16.97
C GLY B 516 -24.38 -35.62 17.26
N SER B 517 -23.57 -34.94 18.06
CA SER B 517 -22.19 -35.38 18.30
C SER B 517 -22.15 -36.42 19.41
N LEU B 518 -21.51 -37.55 19.13
CA LEU B 518 -21.41 -38.63 20.11
C LEU B 518 -20.13 -38.53 20.92
N GLN B 519 -19.37 -37.46 20.66
CA GLN B 519 -18.04 -37.30 21.24
C GLN B 519 -18.08 -37.16 22.77
N GLY B 520 -17.03 -37.64 23.43
CA GLY B 520 -16.92 -37.59 24.89
C GLY B 520 -17.86 -38.46 25.71
N LEU B 521 -18.72 -39.22 25.06
CA LEU B 521 -19.70 -40.04 25.76
C LEU B 521 -19.13 -41.35 26.26
N SER B 522 -18.01 -41.77 25.68
CA SER B 522 -17.41 -43.07 26.00
C SER B 522 -17.17 -43.28 27.50
N VAL B 523 -17.80 -44.32 28.03
CA VAL B 523 -17.70 -44.66 29.44
C VAL B 523 -16.76 -45.85 29.64
N THR B 524 -16.32 -46.41 28.51
CA THR B 524 -15.39 -47.51 28.49
C THR B 524 -13.97 -47.00 28.23
N LYS B 525 -13.81 -45.68 28.21
CA LYS B 525 -12.54 -45.04 27.85
C LYS B 525 -11.25 -45.51 28.53
N ARG B 526 -11.33 -46.06 29.73
CA ARG B 526 -10.07 -46.48 30.36
C ARG B 526 -9.41 -47.53 29.42
N PRO B 527 -10.01 -48.73 29.21
CA PRO B 527 -9.40 -49.53 28.14
C PRO B 527 -9.64 -48.90 26.78
N LEU B 528 -10.84 -48.34 26.62
CA LEU B 528 -11.27 -47.57 25.44
C LEU B 528 -11.65 -48.41 24.21
N TRP B 529 -11.27 -49.69 24.15
CA TRP B 529 -11.32 -50.33 22.84
C TRP B 529 -12.25 -51.51 22.55
N ARG B 530 -13.23 -51.21 21.71
CA ARG B 530 -14.03 -52.16 20.94
C ARG B 530 -14.94 -53.04 21.79
N GLN B 531 -14.60 -53.18 23.06
CA GLN B 531 -15.47 -53.90 23.98
C GLN B 531 -15.28 -53.57 25.45
N GLU B 532 -16.40 -53.63 26.18
CA GLU B 532 -16.51 -54.24 27.50
C GLU B 532 -17.92 -54.14 28.04
N SEP B 533 -18.21 -55.04 28.98
CA SEP B 533 -19.51 -55.15 29.60
CB SEP B 533 -19.88 -53.84 30.32
OG SEP B 533 -21.20 -53.87 30.82
C SEP B 533 -20.64 -55.58 28.67
O SEP B 533 -20.43 -55.87 27.48
P SEP B 533 -21.34 -52.68 31.90
O1P SEP B 533 -21.81 -51.33 31.17
O2P SEP B 533 -19.89 -52.44 32.58
O3P SEP B 533 -22.41 -53.09 33.02
N ILE B 534 -21.83 -55.65 29.24
CA ILE B 534 -23.04 -56.08 28.54
C ILE B 534 -23.30 -55.19 27.34
N GLN B 535 -23.11 -53.90 27.52
CA GLN B 535 -23.41 -52.91 26.48
C GLN B 535 -22.59 -53.10 25.22
N SER B 536 -21.31 -53.43 25.37
CA SER B 536 -20.45 -53.74 24.22
C SER B 536 -20.69 -55.16 23.68
N LEU B 537 -20.92 -56.11 24.58
CA LEU B 537 -21.12 -57.49 24.16
C LEU B 537 -22.34 -57.57 23.25
N ARG B 538 -23.37 -56.81 23.58
CA ARG B 538 -24.62 -56.83 22.83
C ARG B 538 -24.52 -55.95 21.59
N ASN B 539 -23.53 -55.08 21.56
CA ASN B 539 -23.42 -54.10 20.48
C ASN B 539 -22.28 -54.37 19.50
N THR B 540 -22.58 -54.24 18.22
CA THR B 540 -21.61 -54.52 17.17
C THR B 540 -20.55 -53.40 17.06
N THR B 541 -20.97 -52.17 17.29
CA THR B 541 -20.11 -51.01 17.10
C THR B 541 -19.91 -50.13 18.34
N GLU B 542 -18.82 -49.38 18.31
CA GLU B 542 -18.52 -48.35 19.29
C GLU B 542 -19.62 -47.31 19.25
N GLN B 543 -20.04 -47.00 18.03
CA GLN B 543 -21.10 -46.05 17.78
C GLN B 543 -22.40 -46.44 18.46
N ASP B 544 -22.75 -47.73 18.39
CA ASP B 544 -24.00 -48.20 18.99
C ASP B 544 -23.98 -48.02 20.51
N VAL B 545 -22.83 -48.28 21.11
CA VAL B 545 -22.66 -48.09 22.55
C VAL B 545 -22.82 -46.62 22.90
N LEU B 546 -22.15 -45.75 22.14
CA LEU B 546 -22.23 -44.32 22.39
C LEU B 546 -23.65 -43.78 22.25
N LYS B 547 -24.37 -44.24 21.25
CA LYS B 547 -25.75 -43.83 21.04
C LYS B 547 -26.57 -44.21 22.26
N ALA B 548 -26.34 -45.43 22.75
CA ALA B 548 -27.04 -45.93 23.93
C ALA B 548 -26.78 -45.04 25.12
N ILE B 549 -25.53 -44.62 25.30
CA ILE B 549 -25.20 -43.69 26.38
C ILE B 549 -25.93 -42.35 26.20
N ASN B 550 -25.98 -41.86 24.98
CA ASN B 550 -26.64 -40.60 24.67
C ASN B 550 -28.13 -40.62 25.03
N VAL B 551 -28.80 -41.71 24.69
CA VAL B 551 -30.22 -41.86 24.99
C VAL B 551 -30.51 -41.88 26.49
N ASN B 552 -29.57 -42.42 27.25
CA ASN B 552 -29.70 -42.46 28.71
C ASN B 552 -29.84 -41.05 29.27
N SER B 553 -28.95 -40.16 28.81
CA SER B 553 -28.97 -38.77 29.25
C SER B 553 -30.18 -38.04 28.72
N PHE B 554 -30.61 -38.38 27.49
CA PHE B 554 -31.80 -37.76 26.92
C PHE B 554 -32.99 -38.04 27.83
N VAL B 555 -33.09 -39.30 28.25
CA VAL B 555 -34.16 -39.75 29.13
C VAL B 555 -34.09 -39.12 30.52
N GLU B 556 -32.88 -39.06 31.08
CA GLU B 556 -32.71 -38.44 32.40
C GLU B 556 -33.17 -36.99 32.35
N CYS B 557 -32.80 -36.31 31.26
CA CYS B 557 -33.23 -34.95 31.03
C CYS B 557 -34.75 -34.87 31.02
N GLY B 558 -35.38 -35.81 30.32
CA GLY B 558 -36.83 -35.85 30.25
C GLY B 558 -37.47 -36.00 31.61
N ILE B 559 -36.88 -36.87 32.44
CA ILE B 559 -37.39 -37.09 33.79
C ILE B 559 -37.22 -35.83 34.64
N ASN B 560 -36.13 -35.11 34.43
CA ASN B 560 -35.92 -33.84 35.13
C ASN B 560 -37.00 -32.82 34.77
N LEU B 561 -37.29 -32.70 33.48
CA LEU B 561 -38.32 -31.78 33.02
C LEU B 561 -39.65 -32.21 33.62
N PHE B 562 -39.85 -33.52 33.72
CA PHE B 562 -41.05 -34.09 34.31
C PHE B 562 -41.22 -33.66 35.76
N SER B 563 -40.13 -33.74 36.53
CA SER B 563 -40.15 -33.35 37.93
C SER B 563 -40.43 -31.86 38.07
N GLU B 564 -39.77 -31.06 37.25
CA GLU B 564 -39.96 -29.61 37.30
C GLU B 564 -41.37 -29.18 36.91
N SER B 565 -42.00 -29.92 36.00
CA SER B 565 -43.33 -29.59 35.51
C SER B 565 -44.37 -29.66 36.63
N MET B 566 -44.12 -30.53 37.61
CA MET B 566 -45.01 -30.67 38.76
C MET B 566 -46.39 -31.15 38.30
N SER B 567 -46.42 -31.85 37.16
CA SER B 567 -47.66 -32.36 36.59
C SER B 567 -48.02 -33.74 37.09
N LYS B 568 -47.08 -34.41 37.75
CA LYS B 568 -47.29 -35.78 38.21
C LYS B 568 -47.78 -36.69 37.10
N SER B 569 -48.99 -37.19 37.24
CA SER B 569 -49.58 -38.10 36.26
C SER B 569 -50.46 -37.41 35.20
N ASP B 570 -50.58 -36.09 35.28
CA ASP B 570 -51.46 -35.37 34.36
C ASP B 570 -50.96 -35.42 32.92
N LEU B 571 -49.65 -35.35 32.74
CA LEU B 571 -49.06 -35.38 31.40
C LEU B 571 -48.53 -36.76 30.98
N SER B 572 -48.82 -37.79 31.79
CA SER B 572 -48.25 -39.12 31.61
C SER B 572 -48.40 -39.65 30.17
N GLN B 573 -49.47 -39.27 29.50
CA GLN B 573 -49.71 -39.69 28.13
C GLN B 573 -48.67 -39.13 27.17
N GLU B 574 -48.42 -37.82 27.28
CA GLU B 574 -47.43 -37.16 26.44
C GLU B 574 -46.02 -37.65 26.77
N PHE B 575 -45.76 -37.83 28.06
CA PHE B 575 -44.46 -38.31 28.53
C PHE B 575 -44.12 -39.73 28.07
N GLU B 576 -45.13 -40.60 28.05
CA GLU B 576 -44.91 -41.98 27.59
C GLU B 576 -44.48 -42.01 26.14
N ALA B 577 -44.99 -41.09 25.34
CA ALA B 577 -44.58 -40.96 23.95
C ALA B 577 -43.10 -40.64 23.84
N PHE B 578 -42.60 -39.83 24.78
CA PHE B 578 -41.17 -39.52 24.84
C PHE B 578 -40.35 -40.71 25.30
N PHE B 579 -40.76 -41.34 26.40
CA PHE B 579 -39.94 -42.36 27.04
C PHE B 579 -39.98 -43.70 26.29
N GLN B 580 -40.89 -43.82 25.34
CA GLN B 580 -41.11 -45.10 24.66
C GLN B 580 -39.93 -45.51 23.79
N GLY B 581 -39.45 -46.73 23.98
CA GLY B 581 -38.37 -47.27 23.17
C GLY B 581 -36.99 -46.81 23.61
N LYS B 582 -36.93 -46.13 24.74
CA LYS B 582 -35.68 -45.57 25.24
C LYS B 582 -35.11 -46.32 26.44
N SER B 583 -34.01 -45.80 27.00
CA SER B 583 -33.32 -46.50 28.07
C SER B 583 -33.08 -45.58 29.27
N LEU B 584 -32.96 -46.17 30.46
CA LEU B 584 -32.69 -45.37 31.65
C LEU B 584 -31.46 -45.88 32.43
N TYR B 585 -30.61 -44.97 32.91
CA TYR B 585 -29.48 -45.39 33.73
C TYR B 585 -29.65 -45.04 35.20
N ILE B 586 -29.46 -46.03 36.07
CA ILE B 586 -29.55 -45.82 37.51
C ILE B 586 -28.33 -46.30 38.27
N ASN B 587 -27.74 -45.40 39.06
CA ASN B 587 -26.65 -45.72 39.96
C ASN B 587 -27.27 -45.84 41.34
N SER B 588 -27.14 -47.00 41.97
CA SER B 588 -27.81 -47.25 43.24
C SER B 588 -27.32 -46.34 44.35
N GLU B 589 -26.04 -45.99 44.32
CA GLU B 589 -25.47 -45.10 45.33
C GLU B 589 -25.94 -43.67 45.17
N ASN B 590 -26.09 -43.22 43.93
CA ASN B 590 -26.60 -41.87 43.69
C ASN B 590 -27.91 -41.91 42.93
N ILE B 591 -28.99 -41.64 43.65
CA ILE B 591 -30.34 -41.64 43.09
C ILE B 591 -30.97 -40.27 43.22
N PRO B 592 -31.27 -39.62 42.10
CA PRO B 592 -31.96 -38.33 42.15
C PRO B 592 -33.37 -38.49 42.71
N ASP B 593 -33.92 -37.41 43.28
CA ASP B 593 -35.26 -37.45 43.85
C ASP B 593 -36.32 -37.59 42.77
N TYR B 594 -36.00 -37.12 41.56
CA TYR B 594 -36.93 -37.20 40.44
C TYR B 594 -37.16 -38.62 39.93
N LEU B 595 -36.25 -39.53 40.28
CA LEU B 595 -36.45 -40.95 39.99
C LEU B 595 -37.64 -41.49 40.77
N PHE B 596 -37.76 -41.08 42.02
CA PHE B 596 -38.89 -41.45 42.87
C PHE B 596 -40.19 -40.92 42.27
N ASP B 597 -40.16 -39.68 41.78
CA ASP B 597 -41.32 -39.09 41.13
C ASP B 597 -41.68 -39.89 39.88
N PHE B 598 -40.66 -40.32 39.15
CA PHE B 598 -40.82 -41.07 37.91
C PHE B 598 -41.49 -42.41 38.19
N PHE B 599 -41.00 -43.13 39.20
CA PHE B 599 -41.55 -44.43 39.56
C PHE B 599 -42.95 -44.33 40.17
N GLU B 600 -43.16 -43.33 41.00
CA GLU B 600 -44.44 -43.15 41.67
C GLU B 600 -45.53 -42.75 40.67
N TYR B 601 -45.31 -41.65 39.96
CA TYR B 601 -46.34 -41.08 39.10
C TYR B 601 -46.39 -41.62 37.67
N LEU B 602 -45.30 -42.20 37.19
CA LEU B 602 -45.25 -42.62 35.78
C LEU B 602 -44.68 -44.03 35.58
N PRO B 603 -45.38 -45.06 36.11
CA PRO B 603 -44.91 -46.44 35.93
C PRO B 603 -45.09 -46.90 34.49
N ASN B 604 -46.03 -46.28 33.78
CA ASN B 604 -46.27 -46.61 32.38
C ASN B 604 -45.04 -46.34 31.53
N CYS B 605 -44.35 -45.24 31.84
CA CYS B 605 -43.14 -44.87 31.11
C CYS B 605 -41.97 -45.81 31.44
N ALA B 606 -41.87 -46.22 32.69
CA ALA B 606 -40.84 -47.15 33.11
C ALA B 606 -41.02 -48.49 32.37
N SER B 607 -42.28 -48.85 32.14
CA SER B 607 -42.61 -50.07 31.41
C SER B 607 -42.45 -49.87 29.91
N ALA B 608 -42.45 -48.60 29.49
CA ALA B 608 -42.35 -48.27 28.06
C ALA B 608 -40.91 -48.19 27.56
N LEU B 609 -39.96 -48.19 28.49
CA LEU B 609 -38.55 -48.14 28.12
C LEU B 609 -38.09 -49.50 27.61
N ASP B 610 -37.26 -49.49 26.57
CA ASP B 610 -36.71 -50.74 26.04
C ASP B 610 -35.89 -51.43 27.12
N PHE B 611 -35.11 -50.66 27.87
CA PHE B 611 -34.43 -51.20 29.05
C PHE B 611 -34.05 -50.20 30.14
N VAL B 612 -33.89 -50.74 31.34
CA VAL B 612 -33.40 -50.01 32.49
C VAL B 612 -32.08 -50.66 32.92
N LYS B 613 -31.07 -49.83 33.12
CA LYS B 613 -29.71 -50.25 33.40
C LYS B 613 -29.38 -49.94 34.87
N LEU B 614 -28.96 -50.95 35.61
CA LEU B 614 -28.73 -50.77 37.04
C LEU B 614 -27.28 -51.03 37.43
N ASP B 615 -26.71 -50.14 38.25
CA ASP B 615 -25.33 -50.32 38.69
C ASP B 615 -25.24 -50.43 40.22
N PHE B 616 -24.61 -51.51 40.71
CA PHE B 616 -24.44 -51.73 42.15
C PHE B 616 -22.98 -51.74 42.55
N TYR B 617 -22.64 -50.94 43.56
CA TYR B 617 -21.26 -50.80 43.99
C TYR B 617 -21.07 -51.22 45.45
N GLU B 618 -20.36 -52.32 45.64
CA GLU B 618 -19.86 -52.77 46.94
C GLU B 618 -20.93 -53.28 47.90
N ARG B 619 -22.19 -52.93 47.64
CA ARG B 619 -23.31 -53.32 48.47
C ARG B 619 -24.48 -53.71 47.58
N ALA B 620 -25.11 -54.85 47.86
CA ALA B 620 -26.24 -55.27 47.05
C ALA B 620 -27.54 -54.60 47.52
N THR B 621 -27.52 -54.05 48.72
CA THR B 621 -28.66 -53.33 49.30
C THR B 621 -28.18 -52.41 50.42
N PRO B 645 -28.12 -50.29 48.36
CA PRO B 645 -28.42 -49.11 49.16
C PRO B 645 -29.90 -49.05 49.54
N PRO B 646 -30.21 -48.48 50.72
CA PRO B 646 -31.59 -48.39 51.19
C PRO B 646 -32.46 -47.58 50.24
N ARG B 647 -31.90 -46.55 49.63
CA ARG B 647 -32.67 -45.71 48.73
C ARG B 647 -33.08 -46.45 47.46
N ALA B 648 -32.24 -47.38 47.01
CA ALA B 648 -32.56 -48.19 45.84
C ALA B 648 -33.71 -49.13 46.18
N VAL B 649 -33.62 -49.72 47.37
CA VAL B 649 -34.65 -50.61 47.88
C VAL B 649 -35.97 -49.89 47.92
N SER B 650 -35.97 -48.68 48.49
CA SER B 650 -37.18 -47.87 48.55
C SER B 650 -37.67 -47.51 47.15
N LEU B 651 -36.74 -47.17 46.26
CA LEU B 651 -37.08 -46.76 44.90
C LEU B 651 -37.87 -47.83 44.18
N PHE B 652 -37.34 -49.04 44.15
CA PHE B 652 -37.99 -50.12 43.43
C PHE B 652 -39.21 -50.69 44.15
N PHE B 653 -39.15 -50.73 45.47
CA PHE B 653 -40.21 -51.36 46.28
C PHE B 653 -41.47 -50.52 46.50
N ASN B 654 -41.30 -49.23 46.79
CA ASN B 654 -42.41 -48.33 47.11
C ASN B 654 -43.63 -48.50 46.21
N TRP B 655 -43.39 -48.69 44.91
CA TRP B 655 -44.48 -48.84 43.95
C TRP B 655 -44.19 -49.97 42.97
N LYS B 656 -45.16 -50.84 42.75
CA LYS B 656 -44.99 -52.01 41.88
C LYS B 656 -44.53 -51.57 40.49
N GLN B 657 -43.37 -52.06 40.05
CA GLN B 657 -42.90 -51.69 38.74
C GLN B 657 -42.89 -52.87 37.77
N GLU B 658 -42.93 -52.57 36.48
CA GLU B 658 -42.79 -53.59 35.46
C GLU B 658 -41.83 -53.09 34.37
N PHE B 659 -40.78 -53.86 34.11
CA PHE B 659 -39.71 -53.45 33.18
C PHE B 659 -39.60 -54.41 32.00
N LYS B 660 -39.45 -53.88 30.78
CA LYS B 660 -39.23 -54.75 29.63
C LYS B 660 -37.93 -55.53 29.83
N THR B 661 -36.86 -54.81 30.17
CA THR B 661 -35.57 -55.41 30.41
C THR B 661 -34.81 -54.69 31.52
N LEU B 662 -34.13 -55.47 32.36
CA LEU B 662 -33.25 -54.89 33.37
C LEU B 662 -31.84 -55.35 33.08
N GLU B 663 -30.92 -54.40 32.91
CA GLU B 663 -29.53 -54.74 32.66
C GLU B 663 -28.73 -54.23 33.86
N VAL B 664 -28.27 -55.17 34.68
CA VAL B 664 -27.63 -54.81 35.94
C VAL B 664 -26.22 -55.39 36.10
N THR B 665 -25.34 -54.57 36.67
CA THR B 665 -23.97 -54.98 36.91
C THR B 665 -23.69 -54.91 38.41
N LEU B 666 -23.16 -56.01 38.95
CA LEU B 666 -22.87 -56.09 40.37
C LEU B 666 -21.37 -55.95 40.51
N ARG B 667 -20.96 -54.85 41.13
CA ARG B 667 -19.55 -54.49 41.20
C ARG B 667 -18.99 -54.56 42.61
N ASP B 668 -17.93 -55.35 42.76
CA ASP B 668 -17.16 -55.40 43.99
C ASP B 668 -17.99 -55.73 45.21
N ILE B 669 -18.95 -56.63 45.02
CA ILE B 669 -19.76 -57.04 46.14
C ILE B 669 -19.15 -58.31 46.73
N ASN B 670 -18.49 -58.16 47.87
CA ASN B 670 -17.89 -59.27 48.61
C ASN B 670 -18.68 -59.73 49.82
N LYS B 671 -19.80 -59.06 50.07
CA LYS B 671 -20.67 -59.40 51.17
C LYS B 671 -22.11 -59.46 50.69
N LEU B 672 -22.76 -60.60 50.91
CA LEU B 672 -24.13 -60.78 50.49
C LEU B 672 -24.86 -61.50 51.64
N ASN B 673 -26.07 -61.04 51.96
CA ASN B 673 -26.82 -61.63 53.04
C ASN B 673 -28.23 -62.06 52.66
N LYS B 674 -29.00 -62.49 53.65
CA LYS B 674 -30.35 -62.98 53.39
C LYS B 674 -31.19 -61.85 52.78
N GLN B 675 -31.10 -60.66 53.36
CA GLN B 675 -31.82 -59.52 52.82
C GLN B 675 -31.31 -59.18 51.42
N ASP B 676 -29.98 -59.24 51.23
CA ASP B 676 -29.38 -58.91 49.94
C ASP B 676 -29.85 -59.88 48.85
N ILE B 677 -29.74 -61.19 49.11
CA ILE B 677 -30.18 -62.20 48.18
C ILE B 677 -31.69 -62.12 47.90
N LYS B 678 -32.48 -61.92 48.95
CA LYS B 678 -33.92 -61.81 48.82
C LYS B 678 -34.32 -60.62 47.96
N TYR B 679 -33.71 -59.48 48.25
CA TYR B 679 -34.04 -58.23 47.57
C TYR B 679 -33.54 -58.19 46.12
N LEU B 680 -32.34 -58.69 45.86
CA LEU B 680 -31.88 -58.76 44.48
C LEU B 680 -32.81 -59.68 43.69
N GLY B 681 -33.28 -60.72 44.36
CA GLY B 681 -34.23 -61.64 43.77
C GLY B 681 -35.49 -60.89 43.41
N LYS B 682 -35.94 -60.01 44.31
CA LYS B 682 -37.13 -59.19 44.05
C LYS B 682 -36.93 -58.21 42.88
N ILE B 683 -35.77 -57.56 42.84
CA ILE B 683 -35.44 -56.59 41.80
C ILE B 683 -35.32 -57.22 40.40
N PHE B 684 -34.67 -58.37 40.31
CA PHE B 684 -34.49 -59.03 39.02
C PHE B 684 -35.83 -59.50 38.45
N SER B 685 -36.77 -59.79 39.34
CA SER B 685 -38.10 -60.27 38.96
C SER B 685 -38.95 -59.17 38.42
N SER B 686 -38.47 -57.93 38.56
CA SER B 686 -39.24 -56.79 38.11
C SER B 686 -39.30 -56.75 36.59
N ALA B 687 -38.31 -57.36 35.94
CA ALA B 687 -38.22 -57.33 34.49
C ALA B 687 -38.51 -58.69 33.87
N THR B 688 -39.14 -58.67 32.70
CA THR B 688 -39.37 -59.88 31.91
C THR B 688 -38.04 -60.43 31.42
N ASN B 689 -37.11 -59.52 31.13
CA ASN B 689 -35.80 -59.87 30.64
C ASN B 689 -34.71 -59.37 31.59
N LEU B 690 -33.68 -60.18 31.82
CA LEU B 690 -32.59 -59.75 32.68
C LEU B 690 -31.21 -60.02 32.10
N ARG B 691 -30.36 -59.01 32.10
CA ARG B 691 -28.97 -59.17 31.72
C ARG B 691 -28.09 -58.87 32.93
N LEU B 692 -27.20 -59.80 33.24
CA LEU B 692 -26.43 -59.74 34.48
C LEU B 692 -24.93 -59.70 34.20
N HIS B 693 -24.26 -58.76 34.83
CA HIS B 693 -22.80 -58.69 34.76
C HIS B 693 -22.32 -58.88 36.19
N ILE B 694 -21.44 -59.85 36.40
CA ILE B 694 -20.88 -60.02 37.74
C ILE B 694 -19.40 -59.66 37.68
N LYS B 695 -19.04 -58.56 38.32
CA LYS B 695 -17.69 -58.03 38.16
C LYS B 695 -17.02 -57.95 39.53
N ARG B 696 -15.96 -58.73 39.71
CA ARG B 696 -15.18 -58.71 40.95
C ARG B 696 -16.03 -58.98 42.19
N CYS B 697 -16.97 -59.91 42.05
CA CYS B 697 -17.87 -60.25 43.16
C CYS B 697 -17.47 -61.56 43.83
N ALA B 698 -16.97 -61.46 45.05
CA ALA B 698 -16.54 -62.65 45.77
C ALA B 698 -17.71 -63.25 46.57
N ALA B 699 -18.82 -62.51 46.60
CA ALA B 699 -20.00 -62.92 47.37
C ALA B 699 -20.88 -63.93 46.64
N MET B 700 -20.57 -64.22 45.38
CA MET B 700 -21.38 -65.17 44.62
C MET B 700 -20.72 -66.55 44.75
N ALA B 701 -21.31 -67.44 45.55
CA ALA B 701 -20.76 -68.79 45.72
C ALA B 701 -21.80 -69.86 45.40
N GLY B 702 -22.79 -70.01 46.28
CA GLY B 702 -23.86 -70.97 46.10
C GLY B 702 -25.07 -70.14 45.72
N ARG B 703 -24.83 -68.84 45.71
CA ARG B 703 -25.88 -67.84 45.72
C ARG B 703 -26.42 -67.45 44.34
N LEU B 704 -25.78 -67.92 43.27
CA LEU B 704 -26.29 -67.63 41.92
C LEU B 704 -27.70 -68.16 41.73
N SER B 705 -27.92 -69.39 42.19
CA SER B 705 -29.21 -70.05 42.09
C SER B 705 -30.27 -69.31 42.90
N SER B 706 -29.89 -68.89 44.10
CA SER B 706 -30.80 -68.22 45.02
C SER B 706 -31.16 -66.80 44.58
N VAL B 707 -30.17 -66.08 44.07
CA VAL B 707 -30.36 -64.71 43.60
C VAL B 707 -31.28 -64.64 42.38
N LEU B 708 -31.10 -65.58 41.46
CA LEU B 708 -31.84 -65.62 40.19
C LEU B 708 -33.14 -66.41 40.33
N ARG B 709 -33.50 -66.70 41.57
CA ARG B 709 -34.65 -67.52 41.94
C ARG B 709 -35.93 -67.23 41.14
N THR B 710 -36.27 -65.94 40.97
CA THR B 710 -37.37 -65.63 40.08
C THR B 710 -36.88 -64.90 38.83
N CYS B 711 -36.59 -65.65 37.78
CA CYS B 711 -36.32 -65.09 36.46
C CYS B 711 -36.87 -66.02 35.38
N LYS B 712 -37.69 -65.52 34.46
CA LYS B 712 -38.05 -66.36 33.33
C LYS B 712 -36.89 -66.34 32.34
N ASN B 713 -36.48 -65.12 32.00
CA ASN B 713 -35.38 -64.93 31.06
C ASN B 713 -34.16 -64.19 31.56
N MET B 714 -33.02 -64.87 31.45
CA MET B 714 -31.73 -64.23 31.54
C MET B 714 -31.19 -64.23 30.11
N HIS B 715 -31.10 -63.04 29.53
CA HIS B 715 -30.64 -62.86 28.16
C HIS B 715 -29.16 -63.12 28.05
N THR B 716 -28.40 -62.49 28.93
CA THR B 716 -26.94 -62.57 28.91
C THR B 716 -26.39 -62.77 30.30
N LEU B 717 -25.30 -63.51 30.41
CA LEU B 717 -24.61 -63.62 31.69
C LEU B 717 -23.12 -63.33 31.54
N MET B 718 -22.63 -62.41 32.36
CA MET B 718 -21.21 -62.10 32.39
C MET B 718 -20.65 -62.26 33.80
N VAL B 719 -19.64 -63.10 33.92
CA VAL B 719 -18.94 -63.29 35.18
C VAL B 719 -17.48 -62.93 34.97
N GLU B 720 -16.97 -62.00 35.78
CA GLU B 720 -15.63 -61.49 35.56
C GLU B 720 -14.83 -61.43 36.86
N ALA B 721 -13.73 -62.17 36.90
CA ALA B 721 -12.83 -62.20 38.05
C ALA B 721 -13.58 -62.48 39.34
N SER B 722 -14.60 -63.32 39.26
CA SER B 722 -15.38 -63.70 40.43
C SER B 722 -15.39 -65.21 40.55
N PRO B 723 -15.29 -65.72 41.79
CA PRO B 723 -15.29 -67.19 41.89
C PRO B 723 -16.66 -67.76 41.59
N LEU B 724 -16.70 -69.05 41.32
CA LEU B 724 -17.94 -69.75 40.97
C LEU B 724 -17.85 -71.19 41.46
N THR B 725 -18.86 -71.65 42.20
CA THR B 725 -18.84 -73.03 42.65
C THR B 725 -19.38 -73.87 41.51
N THR B 726 -19.33 -75.19 41.67
CA THR B 726 -19.83 -76.10 40.66
C THR B 726 -21.36 -75.99 40.58
N ASP B 727 -21.96 -75.59 41.70
CA ASP B 727 -23.40 -75.34 41.78
C ASP B 727 -23.78 -74.24 40.80
N ASP B 728 -22.99 -73.16 40.78
CA ASP B 728 -23.29 -72.05 39.89
C ASP B 728 -23.15 -72.45 38.43
N GLU B 729 -22.08 -73.16 38.09
CA GLU B 729 -21.86 -73.60 36.72
C GLU B 729 -23.04 -74.46 36.28
N GLN B 730 -23.45 -75.35 37.16
CA GLN B 730 -24.58 -76.23 36.87
C GLN B 730 -25.85 -75.42 36.64
N TYR B 731 -26.05 -74.37 37.43
CA TYR B 731 -27.20 -73.51 37.22
C TYR B 731 -27.14 -72.75 35.89
N ILE B 732 -25.94 -72.30 35.52
CA ILE B 732 -25.75 -71.52 34.31
C ILE B 732 -26.15 -72.29 33.06
N THR B 733 -25.77 -73.56 33.01
CA THR B 733 -26.09 -74.40 31.88
C THR B 733 -27.55 -74.85 31.93
N SER B 734 -28.17 -74.66 33.08
CA SER B 734 -29.58 -75.01 33.26
C SER B 734 -30.52 -74.07 32.53
N VAL B 735 -30.13 -72.80 32.38
CA VAL B 735 -31.01 -71.85 31.71
C VAL B 735 -30.68 -71.86 30.22
N THR B 736 -31.60 -72.41 29.43
CA THR B 736 -31.36 -72.68 28.02
C THR B 736 -31.64 -71.48 27.12
N GLY B 737 -32.34 -70.49 27.66
CA GLY B 737 -32.72 -69.31 26.90
C GLY B 737 -31.59 -68.32 26.71
N LEU B 738 -30.43 -68.63 27.27
CA LEU B 738 -29.29 -67.72 27.28
C LEU B 738 -28.75 -67.55 25.86
N GLN B 739 -28.76 -66.31 25.35
CA GLN B 739 -28.16 -66.04 24.05
C GLN B 739 -26.70 -65.57 24.13
N ASN B 740 -26.27 -65.14 25.31
CA ASN B 740 -24.90 -64.64 25.48
C ASN B 740 -24.27 -65.07 26.80
N LEU B 741 -23.09 -65.67 26.72
CA LEU B 741 -22.38 -66.07 27.94
C LEU B 741 -20.90 -65.70 27.88
N SER B 742 -20.42 -64.96 28.87
CA SER B 742 -19.00 -64.64 28.96
C SER B 742 -18.46 -64.80 30.38
N ILE B 743 -17.49 -65.68 30.57
CA ILE B 743 -16.84 -65.77 31.88
C ILE B 743 -15.30 -65.62 31.80
N HIS B 744 -14.81 -64.66 32.58
CA HIS B 744 -13.40 -64.27 32.56
C HIS B 744 -12.37 -64.95 33.47
N ARG B 745 -12.76 -65.35 34.68
CA ARG B 745 -11.79 -66.03 35.53
C ARG B 745 -12.43 -67.20 36.29
N LEU B 746 -11.98 -68.43 36.03
CA LEU B 746 -12.43 -69.58 36.83
C LEU B 746 -11.45 -70.06 37.91
N HIS B 747 -10.44 -70.82 37.47
CA HIS B 747 -9.37 -71.38 38.31
C HIS B 747 -9.80 -72.60 39.12
N THR B 748 -11.09 -72.91 39.06
CA THR B 748 -11.67 -74.09 39.69
C THR B 748 -11.67 -75.25 38.70
N GLN B 749 -11.33 -76.44 39.17
CA GLN B 749 -11.31 -77.61 38.30
C GLN B 749 -12.70 -77.93 37.72
N GLN B 750 -12.72 -78.38 36.47
CA GLN B 750 -13.95 -78.73 35.78
C GLN B 750 -14.33 -80.20 36.02
N LEU B 751 -15.58 -80.44 36.40
CA LEU B 751 -16.05 -81.79 36.69
C LEU B 751 -17.27 -82.11 35.81
N PRO B 752 -17.83 -83.35 35.89
CA PRO B 752 -18.97 -83.79 35.07
C PRO B 752 -20.22 -82.90 34.94
N GLY B 753 -20.56 -82.09 35.93
CA GLY B 753 -21.87 -81.46 35.90
C GLY B 753 -21.65 -80.02 35.46
N GLY B 754 -20.37 -79.69 35.31
CA GLY B 754 -19.89 -78.33 35.18
C GLY B 754 -20.20 -77.57 33.92
N LEU B 755 -19.55 -76.41 33.82
CA LEU B 755 -19.71 -75.46 32.75
C LEU B 755 -19.34 -76.11 31.41
N ILE B 756 -18.14 -76.67 31.34
CA ILE B 756 -17.65 -77.21 30.08
C ILE B 756 -18.17 -78.60 29.70
N ASP B 757 -18.48 -79.45 30.68
CA ASP B 757 -18.95 -80.80 30.35
C ASP B 757 -20.30 -80.67 29.63
N SER B 758 -21.24 -79.97 30.24
CA SER B 758 -22.45 -79.68 29.50
C SER B 758 -22.49 -78.19 29.21
N LEU B 759 -21.90 -77.82 28.07
CA LEU B 759 -22.08 -76.49 27.50
C LEU B 759 -23.14 -76.54 26.42
N GLY B 760 -23.47 -77.76 25.98
CA GLY B 760 -24.32 -77.96 24.84
C GLY B 760 -25.77 -77.71 25.13
N ASN B 761 -26.09 -77.60 26.41
CA ASN B 761 -27.45 -77.38 26.87
C ASN B 761 -28.01 -76.04 26.38
N LEU B 762 -27.15 -75.04 26.25
CA LEU B 762 -27.63 -73.75 25.80
C LEU B 762 -27.50 -73.76 24.29
N LYS B 763 -28.62 -73.93 23.61
CA LYS B 763 -28.62 -74.05 22.16
C LYS B 763 -28.87 -72.69 21.54
N ASN B 764 -29.30 -71.76 22.39
CA ASN B 764 -29.70 -70.45 21.93
C ASN B 764 -28.55 -69.47 22.03
N LEU B 765 -27.38 -69.98 22.39
CA LEU B 765 -26.23 -69.12 22.66
C LEU B 765 -25.71 -68.61 21.32
N GLU B 766 -25.77 -67.30 21.14
CA GLU B 766 -25.25 -66.66 19.93
C GLU B 766 -23.85 -66.08 20.14
N ARG B 767 -23.44 -65.95 21.40
CA ARG B 767 -22.12 -65.42 21.73
C ARG B 767 -21.54 -66.15 22.92
N LEU B 768 -20.33 -66.67 22.77
CA LEU B 768 -19.65 -67.34 23.87
C LEU B 768 -18.25 -66.81 24.05
N ILE B 769 -17.91 -66.42 25.27
CA ILE B 769 -16.57 -65.95 25.59
C ILE B 769 -16.06 -66.66 26.84
N LEU B 770 -15.00 -67.45 26.66
CA LEU B 770 -14.35 -68.14 27.75
C LEU B 770 -12.92 -67.65 27.84
N ASP B 771 -12.61 -67.00 28.96
CA ASP B 771 -11.27 -66.44 29.15
C ASP B 771 -10.70 -66.92 30.46
N ASP B 772 -9.45 -67.40 30.42
CA ASP B 772 -8.75 -67.84 31.62
C ASP B 772 -9.56 -68.90 32.34
N ILE B 773 -10.09 -69.86 31.59
CA ILE B 773 -10.81 -70.97 32.21
C ILE B 773 -9.80 -72.06 32.46
N ARG B 774 -9.79 -72.58 33.69
CA ARG B 774 -8.86 -73.65 34.02
C ARG B 774 -9.40 -74.94 33.43
N MET B 775 -8.60 -75.56 32.58
CA MET B 775 -9.01 -76.74 31.81
C MET B 775 -7.83 -77.64 31.51
N ASN B 776 -8.14 -78.85 31.07
CA ASN B 776 -7.14 -79.76 30.55
C ASN B 776 -7.61 -80.30 29.20
N GLU B 777 -6.86 -81.25 28.64
CA GLU B 777 -7.17 -81.78 27.32
C GLU B 777 -8.59 -82.33 27.21
N GLU B 778 -8.98 -83.09 28.23
CA GLU B 778 -10.28 -83.74 28.22
C GLU B 778 -11.39 -82.69 28.27
N ASP B 779 -11.14 -81.64 29.05
CA ASP B 779 -12.05 -80.52 29.15
C ASP B 779 -12.17 -79.79 27.82
N ALA B 780 -11.06 -79.66 27.10
CA ALA B 780 -11.07 -79.01 25.80
C ALA B 780 -11.89 -79.83 24.80
N LYS B 781 -11.69 -81.14 24.80
CA LYS B 781 -12.48 -82.03 23.93
C LYS B 781 -13.97 -81.99 24.27
N ASN B 782 -14.30 -81.96 25.55
CA ASN B 782 -15.70 -81.80 25.96
C ASN B 782 -16.25 -80.47 25.47
N LEU B 783 -15.40 -79.45 25.49
CA LEU B 783 -15.78 -78.12 25.02
C LEU B 783 -16.10 -78.14 23.53
N ALA B 784 -15.28 -78.83 22.75
CA ALA B 784 -15.52 -78.97 21.31
C ALA B 784 -16.82 -79.71 21.07
N GLU B 785 -16.98 -80.83 21.78
CA GLU B 785 -18.14 -81.70 21.66
C GLU B 785 -19.39 -80.89 21.95
N GLY B 786 -19.28 -79.96 22.90
CA GLY B 786 -20.36 -79.07 23.24
C GLY B 786 -20.60 -78.05 22.13
N LEU B 787 -19.52 -77.53 21.57
CA LEU B 787 -19.62 -76.51 20.52
C LEU B 787 -20.29 -77.05 19.27
N ARG B 788 -20.23 -78.37 19.07
CA ARG B 788 -20.93 -78.99 17.94
C ARG B 788 -22.45 -78.80 18.05
N SER B 789 -22.95 -78.72 19.27
CA SER B 789 -24.38 -78.65 19.51
C SER B 789 -24.96 -77.25 19.44
N LEU B 790 -24.09 -76.25 19.37
CA LEU B 790 -24.55 -74.86 19.28
C LEU B 790 -24.48 -74.41 17.83
N LYS B 791 -25.64 -74.27 17.21
CA LYS B 791 -25.72 -73.92 15.80
C LYS B 791 -25.95 -72.43 15.60
N LYS B 792 -26.15 -71.73 16.72
CA LYS B 792 -26.52 -70.31 16.68
C LYS B 792 -25.37 -69.32 16.90
N MET B 793 -24.15 -69.80 17.06
CA MET B 793 -23.08 -68.93 17.54
C MET B 793 -22.61 -67.97 16.46
N ARG B 794 -22.76 -66.67 16.70
CA ARG B 794 -22.17 -65.68 15.82
C ARG B 794 -20.88 -65.10 16.39
N LEU B 795 -20.57 -65.47 17.63
CA LEU B 795 -19.37 -64.97 18.30
C LEU B 795 -18.72 -66.04 19.17
N LEU B 796 -17.41 -66.22 18.99
CA LEU B 796 -16.65 -67.12 19.84
C LEU B 796 -15.31 -66.54 20.24
N HIS B 797 -15.05 -66.46 21.54
CA HIS B 797 -13.74 -66.12 22.04
C HIS B 797 -13.32 -67.23 22.97
N LEU B 798 -12.24 -67.92 22.64
CA LEU B 798 -11.60 -68.81 23.60
C LEU B 798 -10.21 -68.24 23.76
N THR B 799 -9.95 -67.65 24.93
CA THR B 799 -8.73 -66.89 25.10
C THR B 799 -7.99 -67.23 26.39
N HIS B 800 -6.66 -67.16 26.31
CA HIS B 800 -5.80 -67.32 27.47
C HIS B 800 -5.97 -68.70 28.11
N LEU B 801 -6.25 -69.69 27.28
CA LEU B 801 -6.37 -71.07 27.72
C LEU B 801 -5.02 -71.77 27.78
N SER B 802 -4.69 -72.31 28.95
CA SER B 802 -3.40 -72.95 29.18
C SER B 802 -3.54 -74.42 29.53
N ASP B 803 -2.49 -75.19 29.24
CA ASP B 803 -2.41 -76.60 29.57
C ASP B 803 -3.57 -77.44 29.05
N ILE B 804 -4.03 -77.11 27.84
CA ILE B 804 -5.12 -77.87 27.22
C ILE B 804 -4.64 -78.94 26.26
N GLY B 805 -3.33 -79.17 26.24
CA GLY B 805 -2.74 -80.11 25.30
C GLY B 805 -3.15 -79.85 23.86
N GLU B 806 -3.25 -80.93 23.09
CA GLU B 806 -3.53 -80.89 21.66
C GLU B 806 -5.01 -80.70 21.32
N GLY B 807 -5.82 -80.50 22.35
CA GLY B 807 -7.27 -80.42 22.22
C GLY B 807 -7.83 -79.38 21.25
N MET B 808 -7.06 -78.34 20.96
CA MET B 808 -7.54 -77.31 20.03
C MET B 808 -7.85 -77.81 18.62
N ASP B 809 -7.14 -78.85 18.17
CA ASP B 809 -7.45 -79.47 16.89
C ASP B 809 -8.91 -79.89 16.88
N TYR B 810 -9.34 -80.48 17.99
CA TYR B 810 -10.70 -80.95 18.16
C TYR B 810 -11.67 -79.78 18.16
N ILE B 811 -11.30 -78.70 18.85
CA ILE B 811 -12.16 -77.53 18.96
C ILE B 811 -12.37 -76.84 17.62
N VAL B 812 -11.26 -76.60 16.92
CA VAL B 812 -11.28 -75.99 15.60
C VAL B 812 -12.06 -76.85 14.62
N LYS B 813 -11.89 -78.18 14.73
CA LYS B 813 -12.66 -79.08 13.89
C LYS B 813 -14.16 -78.85 14.08
N SER B 814 -14.59 -78.80 15.34
CA SER B 814 -15.99 -78.60 15.70
C SER B 814 -16.52 -77.26 15.23
N LEU B 815 -15.66 -76.25 15.22
CA LEU B 815 -16.07 -74.94 14.72
C LEU B 815 -16.31 -75.06 13.24
N SER B 816 -15.33 -75.63 12.55
CA SER B 816 -15.27 -75.60 11.10
C SER B 816 -15.76 -76.86 10.39
N GLU B 817 -16.26 -77.84 11.15
CA GLU B 817 -16.69 -79.13 10.56
C GLU B 817 -17.72 -78.96 9.47
N GLU B 818 -18.72 -78.13 9.73
CA GLU B 818 -19.81 -77.91 8.79
C GLU B 818 -19.95 -76.41 8.60
N SER B 819 -20.72 -76.03 7.58
CA SER B 819 -20.99 -74.64 7.27
C SER B 819 -21.62 -73.89 8.45
N CYS B 820 -21.05 -72.74 8.78
CA CYS B 820 -21.49 -72.01 9.95
C CYS B 820 -21.77 -70.56 9.61
N ASP B 821 -22.54 -69.90 10.46
CA ASP B 821 -22.86 -68.48 10.31
C ASP B 821 -21.89 -67.64 11.14
N LEU B 822 -20.86 -68.29 11.68
CA LEU B 822 -19.89 -67.66 12.57
C LEU B 822 -19.30 -66.38 11.99
N GLN B 823 -19.29 -65.34 12.82
CA GLN B 823 -18.83 -64.01 12.44
C GLN B 823 -17.52 -63.62 13.13
N GLU B 824 -17.47 -63.71 14.46
CA GLU B 824 -16.24 -63.36 15.18
C GLU B 824 -15.59 -64.60 15.75
N MET B 825 -14.31 -64.78 15.43
CA MET B 825 -13.56 -65.87 16.06
C MET B 825 -12.23 -65.37 16.64
N LYS B 826 -12.12 -65.33 17.97
CA LYS B 826 -10.87 -65.02 18.63
C LYS B 826 -10.34 -66.22 19.41
N LEU B 827 -9.29 -66.82 18.87
CA LEU B 827 -8.61 -67.96 19.46
C LEU B 827 -7.31 -67.58 20.18
N VAL B 828 -7.16 -66.29 20.49
CA VAL B 828 -5.88 -65.76 20.95
C VAL B 828 -5.38 -66.33 22.28
N ALA B 829 -4.09 -66.64 22.32
CA ALA B 829 -3.36 -66.99 23.55
C ALA B 829 -3.73 -68.34 24.17
N CYS B 830 -4.71 -69.02 23.60
CA CYS B 830 -4.99 -70.41 23.96
C CYS B 830 -3.89 -71.24 23.33
N CYS B 831 -3.92 -72.55 23.45
CA CYS B 831 -2.84 -73.29 22.82
C CYS B 831 -3.31 -73.67 21.42
N LEU B 832 -2.79 -72.96 20.43
CA LEU B 832 -3.15 -73.22 19.04
C LEU B 832 -1.98 -73.96 18.43
N THR B 833 -2.27 -74.95 17.60
CA THR B 833 -1.19 -75.71 16.99
C THR B 833 -1.22 -75.46 15.49
N ALA B 834 -0.19 -75.90 14.79
CA ALA B 834 -0.14 -75.74 13.34
C ALA B 834 -1.21 -76.59 12.68
N ASN B 835 -1.54 -77.72 13.30
CA ASN B 835 -2.63 -78.56 12.80
C ASN B 835 -3.97 -77.85 12.86
N SER B 836 -4.22 -77.14 13.95
CA SER B 836 -5.49 -76.43 14.12
C SER B 836 -5.63 -75.32 13.09
N VAL B 837 -4.51 -74.68 12.76
CA VAL B 837 -4.49 -73.65 11.73
C VAL B 837 -4.67 -74.29 10.35
N LYS B 838 -4.08 -75.47 10.17
CA LYS B 838 -4.20 -76.20 8.90
C LYS B 838 -5.66 -76.54 8.67
N VAL B 839 -6.28 -77.10 9.70
CA VAL B 839 -7.70 -77.44 9.72
C VAL B 839 -8.57 -76.21 9.50
N LEU B 840 -8.21 -75.10 10.14
CA LEU B 840 -8.94 -73.86 10.01
C LEU B 840 -8.95 -73.42 8.56
N ALA B 841 -7.81 -73.56 7.90
CA ALA B 841 -7.68 -73.20 6.50
C ALA B 841 -8.53 -74.13 5.64
N GLN B 842 -8.41 -75.42 5.92
CA GLN B 842 -9.05 -76.47 5.13
C GLN B 842 -10.57 -76.37 5.14
N ASN B 843 -11.13 -76.07 6.30
CA ASN B 843 -12.57 -75.97 6.47
C ASN B 843 -13.11 -74.55 6.39
N LEU B 844 -12.21 -73.60 6.12
CA LEU B 844 -12.54 -72.17 6.17
C LEU B 844 -13.74 -71.80 5.30
N HIS B 845 -13.97 -72.57 4.25
CA HIS B 845 -15.08 -72.34 3.34
C HIS B 845 -16.42 -72.56 4.03
N ASN B 846 -16.39 -73.30 5.13
CA ASN B 846 -17.59 -73.53 5.92
C ASN B 846 -18.02 -72.31 6.72
N LEU B 847 -17.05 -71.51 7.19
CA LEU B 847 -17.40 -70.24 7.77
C LEU B 847 -17.04 -69.16 6.76
N ILE B 848 -18.04 -68.73 5.99
CA ILE B 848 -17.90 -67.61 5.06
C ILE B 848 -18.16 -66.24 5.67
N LYS B 849 -19.03 -66.21 6.68
CA LYS B 849 -19.60 -64.99 7.23
C LYS B 849 -18.69 -64.30 8.23
N LEU B 850 -17.49 -64.85 8.42
CA LEU B 850 -16.58 -64.32 9.42
C LEU B 850 -16.07 -62.96 8.97
N SER B 851 -16.36 -61.92 9.73
CA SER B 851 -15.79 -60.60 9.46
C SER B 851 -14.61 -60.32 10.39
N ILE B 852 -14.41 -61.19 11.36
CA ILE B 852 -13.34 -61.02 12.35
C ILE B 852 -12.59 -62.32 12.67
N LEU B 853 -11.29 -62.30 12.39
CA LEU B 853 -10.42 -63.42 12.73
C LEU B 853 -9.23 -62.95 13.56
N ASP B 854 -9.20 -63.33 14.83
CA ASP B 854 -8.02 -63.08 15.65
C ASP B 854 -7.49 -64.41 16.17
N ILE B 855 -6.41 -64.88 15.56
CA ILE B 855 -5.65 -66.04 16.05
C ILE B 855 -4.33 -65.64 16.73
N SER B 856 -4.14 -64.33 16.93
CA SER B 856 -2.86 -63.75 17.35
C SER B 856 -2.47 -64.19 18.77
N GLU B 857 -1.23 -63.88 19.17
CA GLU B 857 -0.65 -64.34 20.45
C GLU B 857 -0.31 -65.82 20.46
N ASN B 858 -0.50 -66.49 19.32
CA ASN B 858 -0.16 -67.90 19.21
C ASN B 858 1.14 -68.18 18.47
N TYR B 859 1.95 -69.08 19.04
CA TYR B 859 3.16 -69.57 18.38
C TYR B 859 2.92 -70.93 17.75
N LEU B 860 3.24 -71.04 16.47
CA LEU B 860 3.08 -72.30 15.74
C LEU B 860 4.44 -72.99 15.56
N GLU B 861 4.61 -74.12 16.25
CA GLU B 861 5.91 -74.77 16.41
C GLU B 861 6.40 -75.50 15.17
N LYS B 862 5.71 -76.60 14.86
CA LYS B 862 6.11 -77.49 13.79
C LYS B 862 5.20 -77.21 12.62
N ASP B 863 5.74 -77.35 11.41
CA ASP B 863 5.02 -77.05 10.16
C ASP B 863 4.18 -75.77 10.25
N GLY B 864 4.65 -74.82 11.05
CA GLY B 864 3.90 -73.60 11.32
C GLY B 864 3.69 -72.68 10.13
N ASN B 865 4.78 -72.35 9.46
CA ASN B 865 4.73 -71.45 8.31
C ASN B 865 3.93 -72.05 7.17
N GLU B 866 4.01 -73.38 7.05
CA GLU B 866 3.25 -74.13 6.06
C GLU B 866 1.75 -73.96 6.28
N ALA B 867 1.34 -74.13 7.54
CA ALA B 867 -0.04 -74.00 7.91
C ALA B 867 -0.53 -72.58 7.72
N LEU B 868 0.30 -71.61 8.12
CA LEU B 868 -0.09 -70.21 7.99
C LEU B 868 -0.22 -69.79 6.53
N GLN B 869 0.68 -70.27 5.67
CA GLN B 869 0.59 -69.98 4.23
C GLN B 869 -0.65 -70.62 3.64
N GLU B 870 -0.93 -71.84 4.10
CA GLU B 870 -2.13 -72.58 3.71
C GLU B 870 -3.38 -71.81 4.07
N LEU B 871 -3.35 -71.17 5.22
CA LEU B 871 -4.45 -70.32 5.66
C LEU B 871 -4.54 -69.07 4.80
N ILE B 872 -3.39 -68.48 4.50
CA ILE B 872 -3.31 -67.24 3.74
C ILE B 872 -3.93 -67.43 2.36
N GLY B 873 -3.71 -68.61 1.79
CA GLY B 873 -4.24 -68.92 0.48
C GLY B 873 -5.76 -68.92 0.44
N ARG B 874 -6.38 -69.24 1.57
CA ARG B 874 -7.83 -69.38 1.63
C ARG B 874 -8.59 -68.12 2.09
N LEU B 875 -7.86 -67.03 2.31
CA LEU B 875 -8.46 -65.77 2.76
C LEU B 875 -9.47 -65.13 1.80
N GLY B 876 -9.39 -65.48 0.52
CA GLY B 876 -10.31 -64.96 -0.47
C GLY B 876 -11.72 -65.43 -0.23
N VAL B 877 -11.84 -66.56 0.47
CA VAL B 877 -13.13 -67.16 0.78
C VAL B 877 -13.93 -66.22 1.69
N LEU B 878 -13.23 -65.44 2.49
CA LEU B 878 -13.90 -64.55 3.43
C LEU B 878 -14.14 -63.22 2.74
N GLY B 879 -15.40 -62.95 2.43
CA GLY B 879 -15.76 -61.73 1.72
C GLY B 879 -15.88 -60.51 2.62
N GLU B 880 -16.35 -60.75 3.84
CA GLU B 880 -16.66 -59.67 4.78
C GLU B 880 -15.53 -59.35 5.76
N LEU B 881 -14.37 -59.96 5.58
CA LEU B 881 -13.37 -59.92 6.64
C LEU B 881 -12.87 -58.48 6.75
N THR B 882 -13.17 -57.86 7.89
CA THR B 882 -12.66 -56.53 8.21
C THR B 882 -11.54 -56.55 9.25
N THR B 883 -11.29 -57.73 9.84
CA THR B 883 -10.29 -57.84 10.89
C THR B 883 -9.46 -59.10 10.76
N LEU B 884 -8.15 -58.93 10.64
CA LEU B 884 -7.23 -60.05 10.51
C LEU B 884 -6.03 -59.91 11.43
N MET B 885 -5.90 -60.86 12.36
CA MET B 885 -4.75 -60.93 13.26
C MET B 885 -4.10 -62.30 13.13
N LEU B 886 -2.81 -62.34 12.81
CA LEU B 886 -2.23 -63.64 12.47
C LEU B 886 -1.36 -64.15 13.61
N PRO B 887 -1.21 -65.48 13.72
CA PRO B 887 -0.28 -65.97 14.73
C PRO B 887 1.12 -65.95 14.12
N TRP B 888 2.14 -66.30 14.89
CA TRP B 888 3.50 -66.19 14.39
C TRP B 888 4.35 -67.42 14.66
N CYS B 889 5.51 -67.43 14.02
CA CYS B 889 6.56 -68.41 14.25
C CYS B 889 7.82 -67.73 13.76
N TRP B 890 8.99 -68.29 14.02
CA TRP B 890 10.17 -67.73 13.39
C TRP B 890 10.04 -68.14 11.93
N ASP B 891 10.34 -67.19 11.03
CA ASP B 891 10.34 -67.32 9.55
C ASP B 891 9.04 -66.92 8.81
N VAL B 892 8.01 -66.50 9.53
CA VAL B 892 6.73 -66.16 8.90
C VAL B 892 6.83 -65.07 7.85
N HIS B 893 7.75 -64.14 8.04
CA HIS B 893 7.80 -62.92 7.21
C HIS B 893 7.99 -63.20 5.72
N THR B 894 8.56 -64.34 5.38
CA THR B 894 8.79 -64.70 3.98
C THR B 894 7.45 -64.89 3.28
N SER B 895 6.41 -65.09 4.08
CA SER B 895 5.04 -65.26 3.60
C SER B 895 4.26 -63.95 3.51
N LEU B 896 4.89 -62.84 3.88
CA LEU B 896 4.19 -61.55 3.86
C LEU B 896 3.76 -61.16 2.43
N PRO B 897 4.64 -61.37 1.42
CA PRO B 897 4.16 -61.08 0.05
C PRO B 897 2.91 -61.90 -0.28
N LYS B 898 2.84 -63.12 0.22
CA LYS B 898 1.69 -63.98 -0.03
C LYS B 898 0.43 -63.39 0.61
N LEU B 899 0.59 -62.85 1.82
CA LEU B 899 -0.51 -62.26 2.54
C LEU B 899 -0.99 -60.96 1.90
N LEU B 900 -0.04 -60.14 1.45
CA LEU B 900 -0.38 -58.84 0.85
C LEU B 900 -1.17 -58.98 -0.45
N LYS B 901 -0.85 -60.01 -1.23
CA LYS B 901 -1.56 -60.30 -2.46
C LYS B 901 -3.02 -60.65 -2.16
N GLN B 902 -3.22 -61.41 -1.09
CA GLN B 902 -4.55 -61.79 -0.66
C GLN B 902 -5.27 -60.57 -0.08
N LEU B 903 -4.49 -59.64 0.46
CA LEU B 903 -5.04 -58.43 1.05
C LEU B 903 -5.37 -57.42 -0.04
N GLU B 904 -4.98 -57.73 -1.27
CA GLU B 904 -5.37 -56.91 -2.41
C GLU B 904 -6.87 -57.06 -2.65
N GLY B 905 -7.39 -58.23 -2.33
CA GLY B 905 -8.80 -58.53 -2.52
C GLY B 905 -9.62 -58.20 -1.29
N THR B 906 -8.98 -57.62 -0.29
CA THR B 906 -9.65 -57.21 0.93
C THR B 906 -9.37 -55.73 1.23
N PRO B 907 -9.93 -54.82 0.42
CA PRO B 907 -9.71 -53.37 0.59
C PRO B 907 -10.43 -52.78 1.80
N GLY B 908 -11.48 -53.44 2.27
CA GLY B 908 -12.29 -52.93 3.36
C GLY B 908 -11.78 -53.38 4.72
N LEU B 909 -10.52 -53.77 4.78
CA LEU B 909 -9.92 -54.28 6.01
C LEU B 909 -9.76 -53.15 7.04
N ALA B 910 -10.44 -53.31 8.17
CA ALA B 910 -10.41 -52.34 9.27
C ALA B 910 -9.25 -52.52 10.23
N LYS B 911 -8.96 -53.76 10.58
CA LYS B 911 -7.96 -54.07 11.60
C LYS B 911 -6.93 -55.05 11.05
N LEU B 912 -5.66 -54.67 11.06
CA LEU B 912 -4.65 -55.63 10.63
C LEU B 912 -3.53 -55.77 11.64
N GLY B 913 -3.18 -57.00 11.97
CA GLY B 913 -1.95 -57.19 12.68
C GLY B 913 -1.22 -58.47 12.41
N LEU B 914 0.10 -58.34 12.49
CA LEU B 914 1.01 -59.47 12.43
C LEU B 914 1.82 -59.26 13.68
N LYS B 915 1.64 -60.14 14.66
CA LYS B 915 2.32 -59.97 15.93
C LYS B 915 3.47 -60.93 15.95
N ASN B 916 4.65 -60.38 16.20
CA ASN B 916 5.87 -61.16 16.26
C ASN B 916 6.16 -61.87 14.93
N TRP B 917 5.61 -61.34 13.84
CA TRP B 917 6.11 -61.70 12.54
C TRP B 917 7.31 -60.80 12.53
N ARG B 918 8.51 -61.37 12.54
CA ARG B 918 9.64 -60.47 12.66
C ARG B 918 9.90 -60.04 11.24
N LEU B 919 9.32 -58.89 10.92
CA LEU B 919 9.35 -58.31 9.59
C LEU B 919 10.65 -57.56 9.40
N ARG B 920 11.14 -57.53 8.17
CA ARG B 920 12.32 -56.74 7.87
C ARG B 920 11.94 -55.64 6.89
N ASP B 921 12.93 -54.85 6.52
CA ASP B 921 12.76 -53.70 5.64
C ASP B 921 12.20 -54.10 4.28
N GLU B 922 12.50 -55.33 3.87
CA GLU B 922 11.96 -55.86 2.63
C GLU B 922 10.45 -56.00 2.78
N GLU B 923 10.02 -56.48 3.95
CA GLU B 923 8.60 -56.64 4.24
C GLU B 923 7.87 -55.31 4.48
N ILE B 924 8.51 -54.38 5.18
CA ILE B 924 7.90 -53.07 5.42
C ILE B 924 7.80 -52.28 4.11
N LYS B 925 8.77 -52.48 3.22
CA LYS B 925 8.76 -51.83 1.91
C LYS B 925 7.71 -52.47 1.01
N SER B 926 7.59 -53.80 1.08
CA SER B 926 6.58 -54.53 0.33
C SER B 926 5.20 -54.03 0.73
N LEU B 927 5.03 -53.93 2.05
CA LEU B 927 3.79 -53.45 2.64
C LEU B 927 3.55 -52.00 2.26
N GLY B 928 4.61 -51.22 2.09
CA GLY B 928 4.48 -49.83 1.67
C GLY B 928 3.94 -49.72 0.25
N GLU B 929 4.51 -50.52 -0.64
CA GLU B 929 4.09 -50.57 -2.04
C GLU B 929 2.63 -51.01 -2.10
N PHE B 930 2.32 -52.02 -1.29
CA PHE B 930 0.97 -52.52 -1.16
C PHE B 930 0.02 -51.42 -0.70
N LEU B 931 0.48 -50.66 0.29
CA LEU B 931 -0.31 -49.66 0.97
C LEU B 931 -0.66 -48.48 0.09
N GLU B 932 0.28 -48.09 -0.78
CA GLU B 932 -0.02 -47.04 -1.75
C GLU B 932 -0.83 -47.55 -2.95
N MET B 933 -0.41 -48.66 -3.52
CA MET B 933 -1.07 -49.21 -4.71
C MET B 933 -2.45 -49.81 -4.42
N ASN B 934 -2.52 -50.64 -3.39
CA ASN B 934 -3.74 -51.37 -3.06
C ASN B 934 -4.25 -50.95 -1.70
N PRO B 935 -4.63 -49.67 -1.58
CA PRO B 935 -4.54 -49.06 -0.26
C PRO B 935 -5.61 -49.54 0.71
N LEU B 936 -5.31 -49.48 2.00
CA LEU B 936 -6.31 -49.82 3.00
C LEU B 936 -6.85 -48.48 3.47
N ARG B 937 -8.04 -48.17 3.01
CA ARG B 937 -8.71 -46.92 3.31
C ARG B 937 -9.42 -46.97 4.65
N ASP B 938 -10.11 -48.08 4.87
CA ASP B 938 -10.84 -48.33 6.12
C ASP B 938 -9.99 -48.74 7.32
N LEU B 939 -8.69 -48.94 7.13
CA LEU B 939 -7.93 -49.63 8.16
C LEU B 939 -7.83 -48.73 9.40
N GLN B 940 -8.40 -49.21 10.50
CA GLN B 940 -8.46 -48.45 11.74
C GLN B 940 -7.25 -48.64 12.64
N GLN B 941 -6.70 -49.85 12.69
CA GLN B 941 -5.53 -50.05 13.53
C GLN B 941 -4.55 -51.09 13.01
N LEU B 942 -3.28 -50.78 13.22
CA LEU B 942 -2.20 -51.58 12.68
C LEU B 942 -1.28 -52.07 13.78
N ASP B 943 -1.16 -53.39 13.88
CA ASP B 943 -0.29 -53.97 14.89
C ASP B 943 0.88 -54.64 14.20
N LEU B 944 2.04 -53.99 14.29
CA LEU B 944 3.28 -54.65 13.98
C LEU B 944 4.05 -54.65 15.29
N ALA B 945 4.09 -55.81 15.92
CA ALA B 945 4.75 -56.00 17.20
C ALA B 945 6.14 -56.42 16.86
N GLY B 946 6.86 -57.05 17.80
CA GLY B 946 8.29 -57.26 17.63
C GLY B 946 8.59 -57.71 16.22
N HIS B 947 9.39 -56.84 15.62
CA HIS B 947 9.71 -56.79 14.21
C HIS B 947 11.15 -56.37 14.12
N CYS B 948 11.88 -56.83 13.12
CA CYS B 948 13.20 -56.25 12.93
C CYS B 948 13.14 -55.27 11.78
N VAL B 949 12.89 -54.01 12.13
CA VAL B 949 12.82 -52.95 11.14
C VAL B 949 13.91 -51.96 11.45
N SER B 950 14.77 -51.69 10.46
CA SER B 950 15.87 -50.75 10.68
C SER B 950 15.32 -49.33 10.76
N SER B 951 16.13 -48.44 11.30
CA SER B 951 15.76 -47.04 11.45
C SER B 951 15.41 -46.43 10.08
N ASP B 952 16.15 -46.84 9.05
CA ASP B 952 15.90 -46.38 7.69
C ASP B 952 14.53 -46.84 7.18
N GLY B 953 14.18 -48.08 7.52
CA GLY B 953 12.93 -48.67 7.08
C GLY B 953 11.67 -47.97 7.56
N TRP B 954 11.63 -47.64 8.85
CA TRP B 954 10.48 -46.91 9.39
C TRP B 954 10.39 -45.53 8.75
N LEU B 955 11.54 -44.92 8.51
CA LEU B 955 11.61 -43.60 7.90
C LEU B 955 11.07 -43.62 6.46
N TYR B 956 11.40 -44.67 5.72
CA TYR B 956 10.81 -44.84 4.40
C TYR B 956 9.32 -45.02 4.58
N PHE B 957 8.97 -45.84 5.57
CA PHE B 957 7.59 -46.26 5.76
C PHE B 957 6.69 -45.08 6.08
N MET B 958 7.24 -44.02 6.67
CA MET B 958 6.42 -42.89 7.11
C MET B 958 5.69 -42.20 5.97
N ASN B 959 6.28 -42.22 4.79
CA ASN B 959 5.69 -41.56 3.63
C ASN B 959 4.34 -42.15 3.22
N VAL B 960 4.27 -43.49 3.15
CA VAL B 960 3.03 -44.17 2.86
C VAL B 960 2.15 -44.25 4.11
N PHE B 961 2.80 -44.35 5.26
CA PHE B 961 2.14 -44.45 6.56
C PHE B 961 1.29 -43.23 6.81
N GLU B 962 1.72 -42.13 6.19
CA GLU B 962 1.04 -40.85 6.29
C GLU B 962 -0.41 -40.94 5.80
N ASN B 963 -0.63 -41.72 4.75
CA ASN B 963 -1.93 -41.75 4.07
C ASN B 963 -3.03 -42.62 4.67
N LEU B 964 -2.76 -43.37 5.73
CA LEU B 964 -3.86 -44.05 6.39
C LEU B 964 -4.31 -43.06 7.44
N LYS B 965 -5.43 -42.41 7.14
CA LYS B 965 -5.90 -41.29 7.95
C LYS B 965 -6.92 -41.71 9.00
N GLN B 966 -7.41 -42.93 8.87
CA GLN B 966 -8.47 -43.41 9.75
C GLN B 966 -7.86 -44.17 10.91
N LEU B 967 -6.53 -44.18 10.97
CA LEU B 967 -5.84 -45.03 11.93
C LEU B 967 -6.13 -44.49 13.33
N VAL B 968 -6.76 -45.31 14.15
CA VAL B 968 -6.99 -44.98 15.55
C VAL B 968 -5.82 -45.44 16.44
N PHE B 969 -5.33 -46.66 16.18
CA PHE B 969 -4.39 -47.32 17.08
C PHE B 969 -3.28 -47.92 16.20
N PHE B 970 -2.04 -47.73 16.61
CA PHE B 970 -0.96 -48.52 16.03
C PHE B 970 0.08 -48.92 17.06
N ASP B 971 0.57 -50.14 16.92
CA ASP B 971 1.53 -50.69 17.86
C ASP B 971 2.79 -51.07 17.10
N PHE B 972 3.86 -50.33 17.36
CA PHE B 972 5.19 -50.70 16.93
C PHE B 972 6.06 -50.93 18.15
N SER B 973 6.42 -52.17 18.42
CA SER B 973 7.23 -52.47 19.60
C SER B 973 8.40 -53.38 19.24
N THR B 974 9.34 -53.50 20.18
CA THR B 974 10.58 -54.26 20.00
C THR B 974 11.46 -54.08 21.23
N GLU B 975 12.62 -54.72 21.25
CA GLU B 975 13.46 -54.67 22.46
C GLU B 975 14.30 -53.41 22.63
N GLU B 976 15.12 -53.10 21.62
CA GLU B 976 16.08 -52.00 21.74
C GLU B 976 16.11 -51.18 20.47
N PHE B 977 15.67 -49.93 20.55
CA PHE B 977 15.52 -49.13 19.34
C PHE B 977 16.00 -47.69 19.44
N LEU B 978 16.98 -47.32 18.62
CA LEU B 978 17.39 -45.94 18.56
C LEU B 978 16.75 -45.36 17.31
N PRO B 979 15.69 -44.55 17.48
CA PRO B 979 15.13 -43.97 16.27
C PRO B 979 16.08 -42.89 15.80
N ASP B 980 16.29 -42.74 14.49
CA ASP B 980 17.11 -41.65 14.01
C ASP B 980 16.38 -40.35 14.31
N ALA B 981 17.13 -39.26 14.43
CA ALA B 981 16.55 -37.97 14.75
C ALA B 981 15.51 -37.60 13.68
N ALA B 982 15.82 -37.96 12.43
CA ALA B 982 14.88 -37.77 11.33
C ALA B 982 13.64 -38.64 11.48
N LEU B 983 13.80 -39.84 12.02
CA LEU B 983 12.67 -40.74 12.28
C LEU B 983 11.75 -40.07 13.30
N VAL B 984 12.33 -39.41 14.29
CA VAL B 984 11.57 -38.68 15.31
C VAL B 984 10.89 -37.45 14.69
N ARG B 985 11.62 -36.78 13.80
CA ARG B 985 11.12 -35.59 13.11
C ARG B 985 9.85 -35.94 12.35
N LYS B 986 9.96 -36.93 11.47
CA LYS B 986 8.80 -37.40 10.73
C LYS B 986 7.76 -38.06 11.63
N LEU B 987 8.17 -38.68 12.73
CA LEU B 987 7.17 -39.26 13.61
C LEU B 987 6.28 -38.19 14.20
N SER B 988 6.87 -37.13 14.71
CA SER B 988 6.09 -36.03 15.27
C SER B 988 5.22 -35.43 14.17
N GLN B 989 5.80 -35.27 12.98
CA GLN B 989 5.05 -34.69 11.86
C GLN B 989 3.83 -35.52 11.40
N VAL B 990 4.05 -36.80 11.14
CA VAL B 990 2.97 -37.72 10.72
C VAL B 990 1.95 -37.95 11.83
N LEU B 991 2.43 -38.11 13.05
CA LEU B 991 1.58 -38.30 14.21
C LEU B 991 0.66 -37.09 14.35
N SER B 992 1.21 -35.91 14.04
CA SER B 992 0.42 -34.71 13.94
C SER B 992 -0.56 -34.80 12.77
N LYS B 993 -0.12 -35.40 11.67
CA LYS B 993 -0.93 -35.56 10.47
C LYS B 993 -2.09 -36.53 10.64
N LEU B 994 -1.94 -37.49 11.55
CA LEU B 994 -3.00 -38.47 11.78
C LEU B 994 -3.90 -37.93 12.89
N THR B 995 -5.10 -37.53 12.50
CA THR B 995 -6.00 -36.83 13.41
C THR B 995 -6.84 -37.72 14.33
N LEU B 996 -7.12 -38.94 13.91
CA LEU B 996 -8.05 -39.81 14.64
C LEU B 996 -7.39 -40.77 15.65
N LEU B 997 -6.08 -40.68 15.84
CA LEU B 997 -5.39 -41.62 16.73
C LEU B 997 -5.91 -41.52 18.17
N GLN B 998 -6.44 -42.62 18.71
CA GLN B 998 -6.72 -42.68 20.13
C GLN B 998 -5.56 -43.25 20.96
N GLU B 999 -4.86 -44.27 20.45
CA GLU B 999 -3.77 -44.89 21.19
C GLU B 999 -2.52 -45.26 20.36
N VAL B 1000 -1.34 -45.01 20.93
CA VAL B 1000 -0.06 -45.38 20.31
C VAL B 1000 0.85 -46.24 21.21
N LYS B 1001 1.27 -47.41 20.73
CA LYS B 1001 2.20 -48.22 21.53
C LYS B 1001 3.58 -48.25 20.89
N LEU B 1002 4.51 -47.50 21.48
CA LEU B 1002 5.91 -47.41 21.06
C LEU B 1002 6.93 -48.15 21.93
N THR B 1003 6.48 -49.06 22.79
CA THR B 1003 7.35 -49.75 23.74
C THR B 1003 8.67 -50.26 23.14
N GLY B 1004 9.77 -50.00 23.86
CA GLY B 1004 11.10 -50.32 23.39
C GLY B 1004 11.77 -49.22 22.59
N TRP B 1005 10.98 -48.29 22.04
CA TRP B 1005 11.52 -47.15 21.34
C TRP B 1005 11.99 -46.18 22.41
N GLU B 1006 13.30 -45.92 22.48
CA GLU B 1006 13.85 -45.16 23.60
C GLU B 1006 13.46 -43.68 23.59
N PHE B 1007 13.87 -42.99 22.52
CA PHE B 1007 13.52 -41.58 22.20
C PHE B 1007 13.42 -40.62 23.39
N ALA B 1014 8.19 -35.22 24.49
CA ALA B 1014 7.70 -33.86 24.36
C ALA B 1014 6.64 -33.78 23.26
N ILE B 1015 6.57 -34.85 22.48
CA ILE B 1015 5.70 -34.94 21.33
C ILE B 1015 4.34 -35.55 21.73
N LYS B 1016 4.08 -35.71 23.04
CA LYS B 1016 3.08 -36.64 23.59
C LYS B 1016 1.81 -36.80 22.79
N GLY B 1017 1.16 -35.72 22.37
CA GLY B 1017 0.01 -35.96 21.54
C GLY B 1017 -1.36 -35.82 22.18
N THR B 1018 -2.38 -35.84 21.33
CA THR B 1018 -3.77 -35.82 21.76
C THR B 1018 -4.27 -37.24 22.09
N PHE B 1019 -3.36 -38.20 22.10
CA PHE B 1019 -3.68 -39.62 22.25
C PHE B 1019 -2.98 -40.29 23.42
N LYS B 1020 -3.47 -41.48 23.80
CA LYS B 1020 -2.84 -42.27 24.84
C LYS B 1020 -1.49 -42.79 24.35
N LEU B 1021 -0.47 -42.68 25.18
CA LEU B 1021 0.87 -43.13 24.78
C LEU B 1021 1.42 -44.23 25.69
N VAL B 1022 1.98 -45.27 25.09
CA VAL B 1022 2.68 -46.30 25.85
C VAL B 1022 4.11 -46.38 25.34
N THR B 1023 5.08 -45.99 26.18
CA THR B 1023 6.49 -46.02 25.78
C THR B 1023 7.33 -47.12 26.45
N ALA B 1024 6.74 -47.87 27.37
CA ALA B 1024 7.47 -48.95 28.04
C ALA B 1024 6.55 -49.98 28.67
N VAL C 93 -49.15 -24.23 -46.25
CA VAL C 93 -49.30 -25.66 -46.51
C VAL C 93 -49.93 -25.92 -47.87
N THR C 94 -50.00 -24.87 -48.69
CA THR C 94 -50.64 -24.97 -50.01
C THR C 94 -49.89 -25.97 -50.89
N GLU C 95 -50.62 -26.61 -51.80
CA GLU C 95 -50.01 -27.62 -52.63
C GLU C 95 -49.29 -26.90 -53.78
N GLU C 96 -49.78 -25.72 -54.12
CA GLU C 96 -49.13 -24.87 -55.11
C GLU C 96 -47.73 -24.44 -54.67
N ASP C 97 -47.55 -24.14 -53.39
CA ASP C 97 -46.25 -23.73 -52.88
C ASP C 97 -45.24 -24.86 -53.01
N LEU C 98 -45.70 -26.06 -52.71
CA LEU C 98 -44.88 -27.26 -52.80
C LEU C 98 -44.53 -27.50 -54.26
N ASN C 99 -45.53 -27.36 -55.13
CA ASN C 99 -45.35 -27.58 -56.56
C ASN C 99 -44.42 -26.57 -57.23
N VAL C 100 -44.52 -25.31 -56.84
CA VAL C 100 -43.64 -24.27 -57.36
C VAL C 100 -42.23 -24.48 -56.80
N LEU C 101 -42.15 -25.00 -55.58
CA LEU C 101 -40.86 -25.30 -54.99
C LEU C 101 -40.15 -26.41 -55.77
N ALA C 102 -40.87 -27.49 -56.07
CA ALA C 102 -40.28 -28.62 -56.78
C ALA C 102 -39.77 -28.22 -58.17
N GLN C 103 -40.57 -27.44 -58.90
CA GLN C 103 -40.14 -26.94 -60.20
C GLN C 103 -38.99 -25.95 -60.07
N ASN C 104 -38.94 -25.20 -58.98
CA ASN C 104 -37.83 -24.28 -58.76
C ASN C 104 -36.54 -25.07 -58.60
N LEU C 105 -36.61 -26.15 -57.82
CA LEU C 105 -35.47 -27.04 -57.65
C LEU C 105 -35.05 -27.67 -58.97
N LYS C 106 -36.02 -28.13 -59.76
CA LYS C 106 -35.74 -28.71 -61.07
C LYS C 106 -35.07 -27.69 -61.99
N ASP C 107 -35.55 -26.46 -61.94
CA ASP C 107 -35.01 -25.37 -62.75
C ASP C 107 -33.57 -25.10 -62.35
N LEU C 108 -33.31 -25.12 -61.06
CA LEU C 108 -31.97 -24.87 -60.54
C LEU C 108 -31.00 -25.94 -61.02
N TYR C 109 -31.36 -27.20 -60.85
CA TYR C 109 -30.48 -28.30 -61.17
C TYR C 109 -30.28 -28.45 -62.69
N ASN C 110 -31.19 -27.89 -63.47
CA ASN C 110 -31.13 -28.00 -64.93
C ASN C 110 -30.47 -26.82 -65.60
N SER C 111 -30.05 -25.83 -64.81
CA SER C 111 -29.45 -24.62 -65.36
C SER C 111 -27.98 -24.86 -65.69
N PRO C 112 -27.46 -24.12 -66.69
CA PRO C 112 -26.04 -24.22 -67.06
C PRO C 112 -25.15 -23.80 -65.91
N ALA C 113 -25.69 -22.97 -65.02
CA ALA C 113 -24.96 -22.53 -63.85
C ALA C 113 -24.66 -23.69 -62.90
N PHE C 114 -25.66 -24.54 -62.69
CA PHE C 114 -25.49 -25.74 -61.88
C PHE C 114 -24.78 -26.85 -62.67
N LEU C 115 -25.12 -26.97 -63.95
CA LEU C 115 -24.58 -28.04 -64.79
C LEU C 115 -23.09 -27.89 -65.05
N ASN C 116 -22.62 -26.65 -65.16
CA ASN C 116 -21.22 -26.39 -65.43
C ASN C 116 -20.50 -25.68 -64.27
N PHE C 117 -19.29 -26.12 -63.97
CA PHE C 117 -18.45 -25.43 -62.99
C PHE C 117 -16.95 -25.53 -63.28
N TYR C 118 -16.17 -24.65 -62.65
CA TYR C 118 -14.72 -24.67 -62.76
C TYR C 118 -14.14 -25.45 -61.59
N PRO C 119 -13.57 -26.64 -61.87
CA PRO C 119 -13.00 -27.49 -60.82
C PRO C 119 -11.81 -26.84 -60.13
N LEU C 120 -10.96 -26.19 -60.92
CA LEU C 120 -9.72 -25.61 -60.40
C LEU C 120 -9.85 -24.13 -60.07
N GLY C 121 -11.06 -23.61 -60.20
CA GLY C 121 -11.31 -22.19 -59.99
C GLY C 121 -11.55 -21.49 -61.31
N GLU C 122 -12.06 -20.26 -61.23
CA GLU C 122 -12.49 -19.53 -62.42
C GLU C 122 -11.33 -19.01 -63.28
N ASP C 123 -10.11 -18.99 -62.73
CA ASP C 123 -8.98 -18.39 -63.44
C ASP C 123 -8.14 -19.41 -64.21
N ILE C 124 -8.57 -20.66 -64.18
CA ILE C 124 -7.89 -21.72 -64.93
C ILE C 124 -8.96 -22.25 -65.87
N ASP C 125 -8.62 -22.45 -67.15
CA ASP C 125 -9.68 -22.83 -68.06
C ASP C 125 -9.80 -24.34 -68.11
N ILE C 126 -10.74 -24.83 -67.31
CA ILE C 126 -11.28 -26.17 -67.37
C ILE C 126 -12.72 -26.01 -66.94
N ILE C 127 -13.66 -26.56 -67.70
CA ILE C 127 -15.06 -26.45 -67.32
C ILE C 127 -15.68 -27.84 -67.31
N PHE C 128 -16.33 -28.18 -66.21
CA PHE C 128 -16.91 -29.50 -66.04
C PHE C 128 -18.42 -29.52 -66.14
N ASN C 129 -18.95 -30.47 -66.90
CA ASN C 129 -20.39 -30.60 -67.08
C ASN C 129 -20.90 -31.94 -66.52
N LEU C 130 -21.92 -31.88 -65.67
CA LEU C 130 -22.47 -33.06 -65.01
C LEU C 130 -23.05 -34.10 -65.98
N GLU C 131 -23.54 -33.63 -67.11
CA GLU C 131 -24.08 -34.51 -68.13
C GLU C 131 -23.00 -35.04 -69.07
N LYS C 132 -22.32 -34.14 -69.75
CA LYS C 132 -21.41 -34.48 -70.84
C LYS C 132 -20.02 -34.97 -70.42
N THR C 133 -19.43 -34.30 -69.43
CA THR C 133 -18.06 -34.57 -69.04
C THR C 133 -17.97 -35.69 -68.02
N PHE C 134 -19.12 -36.10 -67.50
CA PHE C 134 -19.17 -37.07 -66.43
C PHE C 134 -19.10 -38.47 -67.01
N THR C 135 -18.13 -39.26 -66.53
CA THR C 135 -18.04 -40.67 -66.91
C THR C 135 -18.43 -41.50 -65.70
N GLU C 136 -19.17 -42.59 -65.93
CA GLU C 136 -19.71 -43.37 -64.83
C GLU C 136 -18.63 -44.06 -64.00
N PRO C 137 -18.60 -43.75 -62.70
CA PRO C 137 -17.62 -44.37 -61.79
C PRO C 137 -18.07 -45.78 -61.40
N ILE C 138 -17.16 -46.57 -60.85
CA ILE C 138 -17.53 -47.86 -60.31
C ILE C 138 -17.60 -47.74 -58.80
N MET C 139 -18.65 -48.29 -58.20
CA MET C 139 -18.89 -48.11 -56.78
C MET C 139 -18.84 -49.47 -56.11
N TRP C 140 -18.63 -49.51 -54.80
CA TRP C 140 -18.58 -50.80 -54.13
C TRP C 140 -19.45 -50.78 -52.89
N LYS C 141 -20.31 -51.78 -52.73
CA LYS C 141 -21.10 -51.88 -51.51
C LYS C 141 -20.16 -52.34 -50.41
N LYS C 142 -20.29 -51.72 -49.23
CA LYS C 142 -19.37 -52.02 -48.15
C LYS C 142 -19.99 -52.62 -46.91
N ASP C 143 -19.34 -53.65 -46.38
CA ASP C 143 -19.79 -54.26 -45.14
C ASP C 143 -19.05 -53.62 -43.96
N HIS C 144 -19.41 -54.04 -42.76
CA HIS C 144 -18.79 -53.53 -41.53
C HIS C 144 -17.26 -53.42 -41.54
N ARG C 145 -16.58 -54.49 -41.97
CA ARG C 145 -15.11 -54.52 -42.02
C ARG C 145 -14.49 -53.69 -43.15
N HIS C 146 -15.31 -52.93 -43.87
CA HIS C 146 -14.85 -52.05 -44.94
C HIS C 146 -14.33 -52.87 -46.12
N HIS C 147 -14.94 -54.04 -46.28
CA HIS C 147 -14.70 -54.93 -47.41
C HIS C 147 -15.75 -54.72 -48.50
N ARG C 148 -15.35 -54.89 -49.76
CA ARG C 148 -16.26 -54.64 -50.87
C ARG C 148 -17.04 -55.91 -51.18
N VAL C 149 -18.33 -55.88 -50.88
CA VAL C 149 -19.20 -57.02 -51.05
C VAL C 149 -19.57 -57.27 -52.51
N GLU C 150 -20.09 -56.22 -53.14
CA GLU C 150 -20.62 -56.33 -54.49
C GLU C 150 -20.35 -55.04 -55.25
N GLN C 151 -20.14 -55.15 -56.55
CA GLN C 151 -19.87 -53.97 -57.37
C GLN C 151 -21.16 -53.30 -57.83
N LEU C 152 -21.18 -51.98 -57.77
CA LEU C 152 -22.37 -51.20 -58.08
C LEU C 152 -22.13 -50.07 -59.07
N THR C 153 -23.23 -49.54 -59.57
CA THR C 153 -23.24 -48.35 -60.43
C THR C 153 -24.12 -47.33 -59.73
N LEU C 154 -24.09 -46.08 -60.19
CA LEU C 154 -24.94 -45.04 -59.61
C LEU C 154 -26.42 -45.40 -59.70
N GLY C 155 -26.83 -45.96 -60.83
CA GLY C 155 -28.20 -46.37 -61.02
C GLY C 155 -28.56 -47.51 -60.08
N SER C 156 -27.69 -48.51 -59.99
CA SER C 156 -27.95 -49.66 -59.13
C SER C 156 -27.95 -49.23 -57.68
N LEU C 157 -27.07 -48.31 -57.33
CA LEU C 157 -27.00 -47.78 -55.97
C LEU C 157 -28.26 -47.03 -55.59
N LEU C 158 -28.72 -46.17 -56.49
CA LEU C 158 -29.93 -45.39 -56.26
C LEU C 158 -31.18 -46.26 -56.20
N GLU C 159 -31.19 -47.31 -57.02
CA GLU C 159 -32.31 -48.23 -57.04
C GLU C 159 -32.35 -49.08 -55.77
N ALA C 160 -31.16 -49.36 -55.24
CA ALA C 160 -31.01 -50.21 -54.06
C ALA C 160 -31.02 -49.40 -52.77
N LEU C 161 -31.32 -48.11 -52.88
CA LEU C 161 -31.12 -47.15 -51.79
C LEU C 161 -31.83 -47.47 -50.46
N LYS C 162 -31.08 -47.36 -49.37
CA LYS C 162 -31.65 -47.37 -48.01
C LYS C 162 -31.08 -46.18 -47.31
N SER C 163 -31.82 -45.64 -46.36
CA SER C 163 -31.39 -44.42 -45.69
C SER C 163 -31.09 -44.71 -44.21
N PRO C 164 -30.12 -43.98 -43.62
CA PRO C 164 -29.15 -43.07 -44.25
C PRO C 164 -28.12 -43.77 -45.13
N CYS C 165 -27.86 -43.21 -46.32
CA CYS C 165 -26.85 -43.74 -47.22
C CYS C 165 -25.55 -42.95 -47.12
N LEU C 166 -24.42 -43.65 -47.06
CA LEU C 166 -23.12 -43.02 -46.95
C LEU C 166 -22.26 -43.33 -48.17
N ILE C 167 -21.72 -42.28 -48.79
CA ILE C 167 -20.75 -42.45 -49.88
C ILE C 167 -19.39 -41.96 -49.43
N GLU C 168 -18.40 -42.85 -49.51
CA GLU C 168 -17.07 -42.55 -49.03
C GLU C 168 -16.01 -42.73 -50.11
N GLY C 169 -14.87 -42.09 -49.91
CA GLY C 169 -13.72 -42.20 -50.80
C GLY C 169 -12.70 -41.15 -50.44
N GLU C 170 -11.54 -41.17 -51.10
CA GLU C 170 -10.52 -40.16 -50.84
C GLU C 170 -10.91 -38.82 -51.43
N SER C 171 -10.11 -37.80 -51.15
CA SER C 171 -10.36 -36.48 -51.70
C SER C 171 -10.11 -36.52 -53.20
N GLY C 172 -11.07 -36.00 -53.97
CA GLY C 172 -10.94 -36.02 -55.41
C GLY C 172 -11.47 -37.26 -56.09
N LYS C 173 -12.17 -38.10 -55.34
CA LYS C 173 -12.69 -39.34 -55.90
C LYS C 173 -13.96 -39.10 -56.73
N GLY C 174 -14.57 -37.92 -56.57
CA GLY C 174 -15.77 -37.58 -57.31
C GLY C 174 -17.11 -37.64 -56.59
N LYS C 175 -17.10 -37.69 -55.26
CA LYS C 175 -18.34 -37.80 -54.49
C LYS C 175 -19.30 -36.61 -54.64
N SER C 176 -18.77 -35.40 -54.50
CA SER C 176 -19.59 -34.20 -54.60
C SER C 176 -20.23 -34.10 -55.98
N THR C 177 -19.42 -34.31 -57.00
CA THR C 177 -19.87 -34.32 -58.38
C THR C 177 -20.92 -35.41 -58.59
N LEU C 178 -20.79 -36.50 -57.83
CA LEU C 178 -21.75 -37.59 -57.86
C LEU C 178 -23.11 -37.15 -57.32
N LEU C 179 -23.08 -36.41 -56.21
CA LEU C 179 -24.31 -35.87 -55.63
C LEU C 179 -24.98 -34.89 -56.60
N GLN C 180 -24.16 -34.03 -57.20
CA GLN C 180 -24.66 -33.08 -58.20
C GLN C 180 -25.30 -33.85 -59.35
N ARG C 181 -24.69 -34.98 -59.68
CA ARG C 181 -25.22 -35.88 -60.70
C ARG C 181 -26.59 -36.42 -60.29
N ILE C 182 -26.75 -36.75 -59.01
CA ILE C 182 -28.04 -37.23 -58.52
C ILE C 182 -29.11 -36.15 -58.70
N ALA C 183 -28.79 -34.93 -58.30
CA ALA C 183 -29.73 -33.82 -58.43
C ALA C 183 -30.10 -33.59 -59.90
N MET C 184 -29.08 -33.56 -60.74
CA MET C 184 -29.24 -33.37 -62.18
C MET C 184 -30.06 -34.47 -62.85
N LEU C 185 -29.91 -35.69 -62.34
CA LEU C 185 -30.68 -36.82 -62.85
C LEU C 185 -32.14 -36.70 -62.44
N TRP C 186 -32.38 -36.23 -61.21
CA TRP C 186 -33.75 -36.03 -60.76
C TRP C 186 -34.43 -34.95 -61.58
N ALA C 187 -33.73 -33.84 -61.79
CA ALA C 187 -34.25 -32.75 -62.60
C ALA C 187 -34.39 -33.11 -64.08
N SER C 188 -33.63 -34.10 -64.53
CA SER C 188 -33.60 -34.44 -65.94
C SER C 188 -34.65 -35.43 -66.44
N GLY C 189 -35.15 -36.27 -65.55
CA GLY C 189 -36.02 -37.36 -65.93
C GLY C 189 -35.17 -38.60 -66.14
N GLY C 190 -33.86 -38.39 -66.09
CA GLY C 190 -32.85 -39.41 -66.28
C GLY C 190 -33.00 -40.69 -65.50
N CYS C 191 -33.48 -40.60 -64.25
CA CYS C 191 -33.53 -41.78 -63.39
C CYS C 191 -34.93 -42.20 -62.97
N ARG C 192 -35.18 -43.48 -63.16
CA ARG C 192 -36.42 -44.14 -62.80
C ARG C 192 -36.58 -44.18 -61.28
N ALA C 193 -35.47 -44.44 -60.60
CA ALA C 193 -35.44 -44.59 -59.15
C ALA C 193 -35.74 -43.28 -58.43
N LEU C 194 -35.38 -42.17 -59.05
CA LEU C 194 -35.50 -40.87 -58.40
C LEU C 194 -36.85 -40.22 -58.66
N LYS C 195 -37.69 -40.91 -59.43
CA LYS C 195 -39.00 -40.37 -59.78
C LYS C 195 -39.94 -40.39 -58.58
N GLY C 196 -39.57 -41.16 -57.57
CA GLY C 196 -40.36 -41.25 -56.35
C GLY C 196 -40.22 -40.06 -55.45
N PHE C 197 -39.18 -39.25 -55.70
CA PHE C 197 -38.87 -38.12 -54.82
C PHE C 197 -39.56 -36.85 -55.30
N ARG C 198 -40.37 -36.28 -54.42
CA ARG C 198 -41.09 -35.06 -54.75
C ARG C 198 -40.16 -33.87 -54.76
N LEU C 199 -39.27 -33.80 -53.77
CA LEU C 199 -38.29 -32.72 -53.66
C LEU C 199 -36.93 -33.32 -53.40
N VAL C 200 -35.89 -32.80 -54.06
CA VAL C 200 -34.53 -33.18 -53.69
C VAL C 200 -33.67 -31.95 -53.40
N PHE C 201 -32.99 -31.99 -52.27
CA PHE C 201 -32.19 -30.85 -51.83
C PHE C 201 -30.70 -31.20 -51.82
N PHE C 202 -29.91 -30.33 -52.44
CA PHE C 202 -28.47 -30.50 -52.46
C PHE C 202 -27.85 -29.46 -51.51
N ILE C 203 -27.09 -29.95 -50.53
CA ILE C 203 -26.48 -29.07 -49.54
C ILE C 203 -24.98 -29.28 -49.41
N HIS C 204 -24.25 -28.18 -49.23
CA HIS C 204 -22.86 -28.23 -48.82
C HIS C 204 -22.79 -28.15 -47.30
N LEU C 205 -22.24 -29.19 -46.67
CA LEU C 205 -22.20 -29.28 -45.21
C LEU C 205 -21.26 -28.20 -44.69
N ARG C 206 -20.39 -27.74 -45.57
CA ARG C 206 -19.40 -26.73 -45.28
C ARG C 206 -20.01 -25.38 -44.88
N SER C 207 -21.15 -25.04 -45.48
CA SER C 207 -21.79 -23.77 -45.15
C SER C 207 -22.72 -24.03 -43.96
N ALA C 208 -23.88 -24.65 -44.22
CA ALA C 208 -24.66 -25.33 -43.18
C ALA C 208 -24.69 -24.65 -41.81
N ARG C 209 -25.41 -23.55 -41.68
CA ARG C 209 -25.43 -22.79 -40.43
C ARG C 209 -26.87 -22.52 -40.07
N GLY C 210 -27.12 -22.04 -38.85
CA GLY C 210 -28.49 -21.80 -38.46
C GLY C 210 -29.19 -23.15 -38.33
N GLY C 211 -30.19 -23.36 -39.17
CA GLY C 211 -30.95 -24.60 -39.16
C GLY C 211 -31.17 -25.07 -40.59
N LEU C 212 -31.75 -26.26 -40.72
CA LEU C 212 -31.97 -26.89 -42.02
C LEU C 212 -32.69 -25.95 -42.98
N PHE C 213 -33.74 -25.30 -42.48
CA PHE C 213 -34.50 -24.36 -43.30
C PHE C 213 -33.63 -23.19 -43.74
N GLU C 214 -32.87 -22.62 -42.81
CA GLU C 214 -32.02 -21.49 -43.11
C GLU C 214 -30.93 -21.85 -44.12
N THR C 215 -30.38 -23.05 -43.98
CA THR C 215 -29.34 -23.51 -44.89
C THR C 215 -29.89 -23.69 -46.30
N LEU C 216 -31.02 -24.39 -46.40
CA LEU C 216 -31.66 -24.57 -47.70
C LEU C 216 -32.04 -23.24 -48.35
N TYR C 217 -32.56 -22.34 -47.53
CA TYR C 217 -33.02 -21.04 -48.01
C TYR C 217 -31.86 -20.17 -48.51
N ASP C 218 -30.81 -20.08 -47.72
CA ASP C 218 -29.66 -19.24 -48.04
C ASP C 218 -28.82 -19.81 -49.19
N GLN C 219 -28.75 -21.14 -49.26
CA GLN C 219 -27.96 -21.79 -50.31
C GLN C 219 -28.70 -21.84 -51.65
N LEU C 220 -29.95 -22.28 -51.63
CA LEU C 220 -30.73 -22.49 -52.86
C LEU C 220 -31.35 -21.21 -53.44
N LEU C 221 -31.83 -20.33 -52.56
CA LEU C 221 -32.31 -19.01 -52.91
C LEU C 221 -33.67 -19.02 -53.63
N ASN C 222 -34.12 -20.19 -54.05
CA ASN C 222 -35.35 -20.30 -54.82
C ASN C 222 -36.57 -20.68 -53.98
N ILE C 223 -36.38 -20.78 -52.66
CA ILE C 223 -37.46 -21.18 -51.78
C ILE C 223 -38.51 -20.07 -51.82
N PRO C 224 -39.78 -20.44 -52.08
CA PRO C 224 -40.84 -19.45 -52.18
C PRO C 224 -40.91 -18.65 -50.88
N ASP C 225 -41.28 -17.39 -50.97
CA ASP C 225 -41.14 -16.47 -49.86
C ASP C 225 -41.97 -16.92 -48.66
N PHE C 226 -43.28 -16.97 -48.82
CA PHE C 226 -44.20 -17.24 -47.73
C PHE C 226 -44.15 -18.62 -47.06
N ILE C 227 -43.30 -19.52 -47.53
CA ILE C 227 -43.12 -20.77 -46.79
C ILE C 227 -42.09 -20.53 -45.67
N SER C 228 -42.50 -20.88 -44.45
CA SER C 228 -41.76 -20.51 -43.26
C SER C 228 -41.16 -21.71 -42.55
N LYS C 229 -40.24 -21.44 -41.63
CA LYS C 229 -39.51 -22.47 -40.90
C LYS C 229 -40.40 -23.55 -40.25
N PRO C 230 -41.43 -23.15 -39.48
CA PRO C 230 -42.27 -24.21 -38.90
C PRO C 230 -43.03 -24.93 -40.01
N THR C 231 -43.51 -24.16 -40.98
CA THR C 231 -44.23 -24.69 -42.12
C THR C 231 -43.33 -25.65 -42.90
N PHE C 232 -42.05 -25.30 -42.99
CA PHE C 232 -41.10 -26.15 -43.69
C PHE C 232 -40.87 -27.47 -42.96
N LYS C 233 -40.73 -27.41 -41.64
CA LYS C 233 -40.50 -28.62 -40.85
C LYS C 233 -41.72 -29.54 -40.96
N ALA C 234 -42.91 -28.96 -40.81
CA ALA C 234 -44.14 -29.74 -40.96
C ALA C 234 -44.24 -30.31 -42.37
N LEU C 235 -43.76 -29.54 -43.35
CA LEU C 235 -43.76 -29.94 -44.75
C LEU C 235 -42.90 -31.18 -44.95
N LEU C 236 -41.72 -31.17 -44.32
CA LEU C 236 -40.79 -32.30 -44.42
C LEU C 236 -41.41 -33.53 -43.78
N LEU C 237 -42.01 -33.33 -42.60
CA LEU C 237 -42.67 -34.45 -41.92
C LEU C 237 -43.79 -35.04 -42.77
N LYS C 238 -44.58 -34.18 -43.41
CA LYS C 238 -45.67 -34.66 -44.24
C LYS C 238 -45.16 -35.38 -45.50
N LEU C 239 -44.14 -34.83 -46.14
CA LEU C 239 -43.64 -35.41 -47.37
C LEU C 239 -42.86 -36.70 -47.14
N HIS C 240 -42.41 -36.91 -45.90
CA HIS C 240 -41.81 -38.18 -45.52
C HIS C 240 -40.58 -38.52 -46.37
N LYS C 241 -40.66 -39.65 -47.06
CA LYS C 241 -39.56 -40.18 -47.85
C LYS C 241 -39.57 -39.68 -49.29
N GLU C 242 -40.48 -38.75 -49.60
CA GLU C 242 -40.57 -38.23 -50.96
C GLU C 242 -39.60 -37.09 -51.11
N VAL C 243 -38.87 -36.80 -50.05
CA VAL C 243 -37.86 -35.76 -50.09
C VAL C 243 -36.48 -36.36 -49.87
N LEU C 244 -35.57 -36.04 -50.79
CA LEU C 244 -34.22 -36.57 -50.73
C LEU C 244 -33.23 -35.45 -50.48
N PHE C 245 -32.41 -35.61 -49.45
CA PHE C 245 -31.37 -34.64 -49.14
C PHE C 245 -30.07 -35.18 -49.68
N LEU C 246 -29.37 -34.35 -50.46
CA LEU C 246 -28.04 -34.70 -50.92
C LEU C 246 -27.08 -33.79 -50.17
N LEU C 247 -26.32 -34.40 -49.26
CA LEU C 247 -25.49 -33.68 -48.33
C LEU C 247 -24.02 -33.94 -48.64
N ASP C 248 -23.29 -32.86 -48.89
CA ASP C 248 -21.93 -32.94 -49.44
C ASP C 248 -20.86 -32.55 -48.43
N GLY C 249 -19.85 -33.39 -48.30
CA GLY C 249 -18.67 -33.08 -47.51
C GLY C 249 -18.89 -33.03 -46.00
N TYR C 250 -19.35 -34.13 -45.42
CA TYR C 250 -19.47 -34.21 -43.96
C TYR C 250 -18.13 -33.99 -43.27
N ASN C 251 -17.04 -34.23 -43.99
CA ASN C 251 -15.70 -33.97 -43.48
C ASN C 251 -15.42 -32.48 -43.34
N GLU C 252 -16.20 -31.67 -44.04
CA GLU C 252 -16.07 -30.22 -44.00
C GLU C 252 -17.05 -29.63 -43.01
N PHE C 253 -17.80 -30.50 -42.33
CA PHE C 253 -18.88 -30.07 -41.46
C PHE C 253 -18.50 -30.08 -39.99
N HIS C 254 -18.77 -28.97 -39.31
CA HIS C 254 -18.64 -28.91 -37.87
C HIS C 254 -20.05 -28.95 -37.30
N PRO C 255 -20.43 -30.10 -36.72
CA PRO C 255 -21.81 -30.37 -36.29
C PRO C 255 -22.31 -29.37 -35.26
N GLN C 256 -21.40 -28.71 -34.57
CA GLN C 256 -21.77 -27.72 -33.56
C GLN C 256 -22.39 -26.47 -34.18
N ASN C 257 -22.03 -26.17 -35.43
CA ASN C 257 -22.60 -25.02 -36.12
C ASN C 257 -24.06 -25.20 -36.53
N CYS C 258 -24.43 -26.41 -36.94
CA CYS C 258 -25.81 -26.67 -37.33
C CYS C 258 -26.33 -28.00 -36.78
N PRO C 259 -26.80 -28.00 -35.52
CA PRO C 259 -27.29 -29.19 -34.84
C PRO C 259 -28.49 -29.84 -35.52
N GLU C 260 -29.30 -29.06 -36.21
CA GLU C 260 -30.48 -29.61 -36.88
C GLU C 260 -30.12 -30.55 -38.03
N ILE C 261 -29.13 -30.18 -38.83
CA ILE C 261 -28.66 -31.04 -39.91
C ILE C 261 -27.94 -32.27 -39.34
N GLU C 262 -27.17 -32.06 -38.29
CA GLU C 262 -26.51 -33.16 -37.60
C GLU C 262 -27.55 -34.16 -37.10
N ALA C 263 -28.69 -33.63 -36.65
CA ALA C 263 -29.79 -34.47 -36.21
C ALA C 263 -30.45 -35.15 -37.41
N LEU C 264 -30.50 -34.45 -38.54
CA LEU C 264 -31.06 -34.97 -39.77
C LEU C 264 -30.30 -36.21 -40.20
N ILE C 265 -28.98 -36.16 -40.06
CA ILE C 265 -28.14 -37.30 -40.36
C ILE C 265 -28.23 -38.39 -39.28
N LYS C 266 -28.00 -38.02 -38.03
CA LYS C 266 -27.86 -38.99 -36.94
C LYS C 266 -29.18 -39.54 -36.42
N GLU C 267 -30.21 -38.71 -36.34
CA GLU C 267 -31.51 -39.24 -36.00
C GLU C 267 -32.42 -39.03 -37.19
N ASN C 268 -32.62 -40.10 -37.94
CA ASN C 268 -33.42 -40.03 -39.16
C ASN C 268 -34.88 -40.38 -38.91
N HIS C 269 -35.14 -40.92 -37.73
CA HIS C 269 -36.48 -41.35 -37.35
C HIS C 269 -37.43 -40.18 -37.06
N ARG C 270 -36.92 -39.10 -36.49
CA ARG C 270 -37.74 -37.91 -36.27
C ARG C 270 -38.05 -37.26 -37.60
N PHE C 271 -37.08 -37.33 -38.51
CA PHE C 271 -37.17 -36.69 -39.81
C PHE C 271 -37.90 -37.56 -40.83
N LYS C 272 -37.42 -38.79 -40.99
CA LYS C 272 -38.03 -39.79 -41.88
C LYS C 272 -37.79 -39.45 -43.35
N ASN C 273 -37.07 -38.35 -43.59
CA ASN C 273 -36.72 -37.99 -44.94
C ASN C 273 -35.55 -38.87 -45.33
N MET C 274 -35.23 -38.90 -46.62
CA MET C 274 -34.11 -39.73 -47.07
C MET C 274 -32.86 -38.88 -47.15
N VAL C 275 -31.74 -39.41 -46.65
CA VAL C 275 -30.49 -38.65 -46.72
C VAL C 275 -29.38 -39.44 -47.39
N ILE C 276 -28.60 -38.75 -48.20
CA ILE C 276 -27.38 -39.30 -48.76
C ILE C 276 -26.25 -38.38 -48.33
N VAL C 277 -25.29 -38.92 -47.60
CA VAL C 277 -24.22 -38.09 -47.07
C VAL C 277 -22.91 -38.51 -47.73
N THR C 278 -22.08 -37.51 -48.05
CA THR C 278 -20.80 -37.78 -48.67
C THR C 278 -19.69 -37.41 -47.69
N THR C 279 -18.69 -38.28 -47.58
CA THR C 279 -17.57 -38.01 -46.69
C THR C 279 -16.33 -38.77 -47.14
N THR C 280 -15.17 -38.37 -46.65
CA THR C 280 -13.96 -39.10 -46.92
C THR C 280 -13.89 -40.33 -46.00
N THR C 281 -13.13 -41.33 -46.42
CA THR C 281 -12.96 -42.55 -45.63
C THR C 281 -12.31 -42.18 -44.31
N GLU C 282 -11.42 -41.19 -44.38
CA GLU C 282 -10.67 -40.71 -43.24
C GLU C 282 -11.62 -40.23 -42.15
N CYS C 283 -12.69 -39.55 -42.55
CA CYS C 283 -13.69 -39.03 -41.63
C CYS C 283 -14.91 -39.94 -41.51
N LEU C 284 -14.88 -41.07 -42.21
CA LEU C 284 -16.03 -41.97 -42.29
C LEU C 284 -16.46 -42.52 -40.93
N ARG C 285 -15.50 -42.62 -40.01
CA ARG C 285 -15.75 -43.10 -38.65
C ARG C 285 -16.82 -42.30 -37.91
N HIS C 286 -16.87 -41.00 -38.17
CA HIS C 286 -17.81 -40.13 -37.48
C HIS C 286 -19.28 -40.48 -37.76
N ILE C 287 -19.60 -40.80 -39.01
CA ILE C 287 -20.98 -41.16 -39.37
C ILE C 287 -21.27 -42.65 -39.47
N ARG C 288 -20.25 -43.49 -39.28
CA ARG C 288 -20.34 -44.88 -39.69
C ARG C 288 -21.46 -45.63 -38.97
N HIS C 289 -21.58 -45.41 -37.67
CA HIS C 289 -22.58 -46.06 -36.84
C HIS C 289 -24.01 -45.75 -37.29
N VAL C 290 -24.19 -44.58 -37.88
CA VAL C 290 -25.51 -44.09 -38.26
C VAL C 290 -26.07 -44.67 -39.57
N GLY C 291 -25.18 -44.95 -40.52
CA GLY C 291 -25.58 -45.31 -41.86
C GLY C 291 -26.18 -46.69 -42.07
N ALA C 292 -27.29 -46.74 -42.81
CA ALA C 292 -27.94 -48.00 -43.15
C ALA C 292 -27.46 -48.56 -44.50
N LEU C 293 -26.70 -47.76 -45.23
CA LEU C 293 -26.07 -48.19 -46.48
C LEU C 293 -24.71 -47.54 -46.59
N THR C 294 -23.73 -48.27 -47.11
CA THR C 294 -22.40 -47.69 -47.32
C THR C 294 -21.79 -48.11 -48.65
N ALA C 295 -21.37 -47.13 -49.44
CA ALA C 295 -20.75 -47.38 -50.73
C ALA C 295 -19.45 -46.58 -50.88
N GLU C 296 -18.52 -47.14 -51.64
CA GLU C 296 -17.24 -46.49 -51.90
C GLU C 296 -17.10 -46.11 -53.36
N VAL C 297 -16.59 -44.91 -53.60
CA VAL C 297 -16.29 -44.50 -54.95
C VAL C 297 -14.94 -45.12 -55.33
N GLY C 298 -14.94 -45.93 -56.38
CA GLY C 298 -13.76 -46.68 -56.75
C GLY C 298 -12.74 -45.86 -57.51
N ASP C 299 -11.64 -46.50 -57.88
CA ASP C 299 -10.60 -45.85 -58.67
C ASP C 299 -11.11 -45.58 -60.08
N MET C 300 -10.48 -44.62 -60.75
CA MET C 300 -10.89 -44.25 -62.10
C MET C 300 -10.11 -45.08 -63.11
N THR C 301 -10.83 -45.71 -64.03
CA THR C 301 -10.22 -46.57 -65.03
C THR C 301 -9.43 -45.74 -66.03
N GLU C 302 -8.44 -46.37 -66.66
CA GLU C 302 -7.52 -45.69 -67.55
C GLU C 302 -8.30 -45.05 -68.70
N ASP C 303 -9.34 -45.76 -69.15
CA ASP C 303 -10.17 -45.29 -70.24
C ASP C 303 -10.93 -44.03 -69.87
N SER C 304 -11.52 -44.03 -68.68
CA SER C 304 -12.29 -42.86 -68.21
C SER C 304 -11.39 -41.67 -67.88
N ALA C 305 -10.23 -41.93 -67.29
CA ALA C 305 -9.27 -40.87 -67.00
C ALA C 305 -8.81 -40.23 -68.30
N LYS C 306 -8.50 -41.08 -69.27
CA LYS C 306 -8.10 -40.59 -70.58
C LYS C 306 -9.24 -39.86 -71.26
N ASP C 307 -10.47 -40.28 -70.96
CA ASP C 307 -11.66 -39.63 -71.50
C ASP C 307 -11.77 -38.21 -70.96
N LEU C 308 -11.52 -38.05 -69.66
CA LEU C 308 -11.54 -36.73 -69.04
C LEU C 308 -10.46 -35.87 -69.67
N ILE C 309 -9.26 -36.42 -69.80
CA ILE C 309 -8.15 -35.70 -70.40
C ILE C 309 -8.47 -35.23 -71.83
N GLU C 310 -9.02 -36.15 -72.63
CA GLU C 310 -9.42 -35.87 -74.00
C GLU C 310 -10.49 -34.79 -74.03
N ALA C 311 -11.34 -34.79 -73.01
CA ALA C 311 -12.42 -33.82 -72.91
C ALA C 311 -11.93 -32.41 -72.60
N VAL C 312 -11.01 -32.27 -71.65
CA VAL C 312 -10.64 -30.92 -71.19
C VAL C 312 -9.40 -30.35 -71.87
N LEU C 313 -8.81 -31.09 -72.80
CA LEU C 313 -7.52 -30.71 -73.37
C LEU C 313 -7.50 -30.79 -74.89
N VAL C 314 -6.65 -29.96 -75.51
CA VAL C 314 -6.46 -29.97 -76.95
C VAL C 314 -5.67 -31.21 -77.33
N PRO C 315 -6.00 -31.80 -78.51
CA PRO C 315 -5.52 -33.13 -78.93
C PRO C 315 -4.00 -33.28 -78.89
N ASP C 316 -3.29 -32.25 -79.33
CA ASP C 316 -1.83 -32.28 -79.32
C ASP C 316 -1.30 -32.42 -77.89
N GLN C 317 -1.88 -31.66 -76.96
CA GLN C 317 -1.49 -31.76 -75.55
C GLN C 317 -1.99 -33.06 -74.93
N VAL C 318 -3.09 -33.59 -75.48
CA VAL C 318 -3.60 -34.89 -75.06
C VAL C 318 -2.56 -35.97 -75.35
N GLU C 319 -1.92 -35.87 -76.51
CA GLU C 319 -0.94 -36.86 -76.90
C GLU C 319 0.30 -36.86 -76.00
N ARG C 320 0.82 -35.67 -75.72
CA ARG C 320 1.95 -35.51 -74.82
C ARG C 320 1.61 -36.00 -73.43
N LEU C 321 0.49 -35.53 -72.90
CA LEU C 321 0.12 -35.88 -71.54
C LEU C 321 -0.12 -37.38 -71.39
N TRP C 322 -0.77 -38.00 -72.36
CA TRP C 322 -1.01 -39.44 -72.27
C TRP C 322 0.29 -40.23 -72.38
N ALA C 323 1.22 -39.74 -73.20
CA ALA C 323 2.54 -40.38 -73.29
C ALA C 323 3.25 -40.31 -71.94
N GLN C 324 3.23 -39.12 -71.33
CA GLN C 324 3.81 -38.92 -70.00
C GLN C 324 3.17 -39.81 -68.96
N ILE C 325 1.87 -40.04 -69.09
CA ILE C 325 1.15 -40.87 -68.13
C ILE C 325 1.59 -42.31 -68.26
N GLN C 326 1.60 -42.82 -69.49
CA GLN C 326 1.96 -44.21 -69.70
C GLN C 326 3.43 -44.53 -69.49
N GLU C 327 4.30 -43.53 -69.59
CA GLU C 327 5.72 -43.77 -69.33
C GLU C 327 6.09 -43.80 -67.84
N SER C 328 5.34 -43.09 -67.01
CA SER C 328 5.61 -43.06 -65.57
C SER C 328 4.52 -43.80 -64.78
N ARG C 329 4.94 -44.66 -63.86
CA ARG C 329 4.00 -45.46 -63.07
C ARG C 329 3.31 -44.61 -61.99
N CYS C 330 4.06 -43.68 -61.43
CA CYS C 330 3.54 -42.84 -60.35
C CYS C 330 2.40 -41.95 -60.83
N LEU C 331 2.56 -41.36 -62.00
CA LEU C 331 1.51 -40.55 -62.61
C LEU C 331 0.29 -41.41 -62.96
N ARG C 332 0.54 -42.62 -63.44
CA ARG C 332 -0.52 -43.55 -63.82
C ARG C 332 -1.36 -43.88 -62.61
N ASN C 333 -0.69 -44.12 -61.48
CA ASN C 333 -1.38 -44.40 -60.22
C ASN C 333 -2.08 -43.16 -59.64
N LEU C 334 -1.47 -41.99 -59.78
CA LEU C 334 -2.12 -40.74 -59.38
C LEU C 334 -3.34 -40.43 -60.24
N MET C 335 -3.43 -41.10 -61.38
CA MET C 335 -4.51 -40.84 -62.33
C MET C 335 -5.79 -41.59 -61.97
N LYS C 336 -5.75 -42.33 -60.87
CA LYS C 336 -6.92 -43.08 -60.42
C LYS C 336 -7.95 -42.17 -59.74
N THR C 337 -7.51 -40.97 -59.36
CA THR C 337 -8.43 -39.97 -58.82
C THR C 337 -8.58 -38.80 -59.78
N PRO C 338 -9.82 -38.53 -60.21
CA PRO C 338 -10.15 -37.54 -61.24
C PRO C 338 -9.63 -36.13 -60.95
N LEU C 339 -9.63 -35.72 -59.69
CA LEU C 339 -9.15 -34.38 -59.33
C LEU C 339 -7.70 -34.22 -59.75
N PHE C 340 -6.88 -35.24 -59.48
CA PHE C 340 -5.48 -35.20 -59.87
C PHE C 340 -5.34 -35.19 -61.38
N VAL C 341 -6.26 -35.87 -62.07
CA VAL C 341 -6.28 -35.88 -63.53
C VAL C 341 -6.48 -34.46 -64.06
N VAL C 342 -7.46 -33.76 -63.49
CA VAL C 342 -7.75 -32.38 -63.87
C VAL C 342 -6.58 -31.44 -63.57
N ILE C 343 -5.98 -31.62 -62.39
CA ILE C 343 -4.85 -30.78 -61.99
C ILE C 343 -3.68 -30.98 -62.93
N THR C 344 -3.42 -32.24 -63.29
CA THR C 344 -2.36 -32.57 -64.25
C THR C 344 -2.69 -32.02 -65.61
N CYS C 345 -3.98 -31.91 -65.92
CA CYS C 345 -4.39 -31.32 -67.18
C CYS C 345 -4.02 -29.84 -67.22
N ALA C 346 -4.34 -29.13 -66.14
CA ALA C 346 -4.00 -27.71 -66.05
C ALA C 346 -2.49 -27.54 -66.10
N ILE C 347 -1.79 -28.45 -65.44
CA ILE C 347 -0.34 -28.46 -65.45
C ILE C 347 0.16 -28.67 -66.87
N GLN C 348 -0.43 -29.62 -67.61
CA GLN C 348 0.00 -29.86 -68.98
C GLN C 348 -0.22 -28.61 -69.84
N MET C 349 -1.28 -27.87 -69.53
CA MET C 349 -1.50 -26.59 -70.19
C MET C 349 -0.32 -25.63 -69.92
N GLY C 350 -0.21 -25.17 -68.67
CA GLY C 350 0.87 -24.26 -68.27
C GLY C 350 2.34 -24.61 -68.42
N ARG C 351 2.69 -25.84 -68.02
CA ARG C 351 4.05 -26.32 -67.75
C ARG C 351 5.00 -26.71 -68.88
N GLN C 352 4.48 -27.06 -70.05
CA GLN C 352 5.28 -27.86 -70.99
C GLN C 352 5.67 -29.18 -70.35
N GLU C 353 6.97 -29.36 -70.15
CA GLU C 353 7.53 -30.57 -69.57
C GLU C 353 7.48 -30.55 -68.03
N PHE C 354 7.06 -31.65 -67.41
CA PHE C 354 6.99 -31.70 -65.94
C PHE C 354 7.25 -33.09 -65.39
N GLN C 355 7.56 -33.15 -64.10
CA GLN C 355 7.75 -34.43 -63.42
C GLN C 355 7.10 -34.44 -62.04
N ALA C 356 6.16 -35.35 -61.81
CA ALA C 356 5.56 -35.52 -60.50
C ALA C 356 5.46 -36.99 -60.09
N HIS C 357 6.19 -37.36 -59.02
CA HIS C 357 6.15 -38.71 -58.50
C HIS C 357 5.01 -38.94 -57.50
N THR C 358 4.72 -37.91 -56.70
CA THR C 358 3.66 -38.00 -55.70
C THR C 358 2.65 -36.89 -55.86
N GLN C 359 1.49 -37.09 -55.26
CA GLN C 359 0.41 -36.11 -55.28
C GLN C 359 0.85 -34.77 -54.68
N THR C 360 1.75 -34.82 -53.72
CA THR C 360 2.29 -33.61 -53.11
C THR C 360 3.12 -32.81 -54.11
N MET C 361 3.89 -33.51 -54.94
CA MET C 361 4.68 -32.85 -55.97
C MET C 361 3.82 -32.39 -57.12
N LEU C 362 2.67 -33.04 -57.31
CA LEU C 362 1.71 -32.63 -58.31
C LEU C 362 1.15 -31.26 -57.91
N PHE C 363 0.67 -31.21 -56.67
CA PHE C 363 0.12 -29.99 -56.11
C PHE C 363 1.19 -28.90 -56.08
N GLN C 364 2.41 -29.32 -55.79
CA GLN C 364 3.53 -28.39 -55.73
C GLN C 364 3.83 -27.78 -57.09
N THR C 365 3.80 -28.62 -58.12
CA THR C 365 4.01 -28.16 -59.49
C THR C 365 2.92 -27.17 -59.89
N PHE C 366 1.68 -27.50 -59.54
CA PHE C 366 0.57 -26.60 -59.85
C PHE C 366 0.69 -25.25 -59.16
N TYR C 367 1.00 -25.28 -57.86
CA TYR C 367 1.16 -24.06 -57.06
C TYR C 367 2.26 -23.19 -57.63
N ASP C 368 3.42 -23.81 -57.87
CA ASP C 368 4.58 -23.12 -58.40
C ASP C 368 4.27 -22.50 -59.76
N LEU C 369 3.54 -23.23 -60.59
CA LEU C 369 3.14 -22.73 -61.91
C LEU C 369 2.23 -21.52 -61.79
N LEU C 370 1.29 -21.61 -60.84
CA LEU C 370 0.35 -20.53 -60.59
C LEU C 370 1.13 -19.27 -60.22
N ILE C 371 2.09 -19.42 -59.32
CA ILE C 371 2.92 -18.29 -58.92
C ILE C 371 3.74 -17.76 -60.09
N GLN C 372 4.27 -18.68 -60.90
CA GLN C 372 5.15 -18.33 -62.01
C GLN C 372 4.41 -17.44 -63.00
N LYS C 373 3.22 -17.86 -63.43
CA LYS C 373 2.46 -17.09 -64.40
C LYS C 373 1.81 -15.83 -63.82
N ASN C 374 1.27 -15.93 -62.61
CA ASN C 374 0.46 -14.86 -62.07
C ASN C 374 1.18 -13.86 -61.14
N SER C 375 2.48 -14.02 -60.94
CA SER C 375 3.22 -13.14 -60.02
C SER C 375 3.18 -11.67 -60.45
N HIS C 376 3.22 -11.43 -61.75
CA HIS C 376 3.31 -10.07 -62.27
C HIS C 376 2.05 -9.27 -61.98
N ARG C 377 0.94 -9.95 -61.74
CA ARG C 377 -0.32 -9.26 -61.51
C ARG C 377 -0.32 -8.50 -60.21
N TYR C 378 0.58 -8.87 -59.31
CA TYR C 378 0.69 -8.13 -58.08
C TYR C 378 1.65 -7.00 -58.40
N ARG C 379 1.10 -5.79 -58.48
CA ARG C 379 1.89 -4.60 -58.75
C ARG C 379 1.58 -3.56 -57.70
N GLY C 380 2.54 -2.69 -57.43
CA GLY C 380 2.42 -1.76 -56.31
C GLY C 380 3.00 -2.47 -55.12
N GLY C 381 3.13 -1.75 -54.01
CA GLY C 381 3.74 -2.31 -52.82
C GLY C 381 5.22 -2.47 -53.07
N ALA C 382 5.98 -2.87 -52.05
CA ALA C 382 7.42 -3.00 -52.25
C ALA C 382 8.01 -4.17 -51.46
N SER C 383 9.16 -4.64 -51.91
CA SER C 383 10.02 -5.54 -51.15
C SER C 383 9.30 -6.82 -50.71
N GLY C 384 9.18 -6.99 -49.40
CA GLY C 384 8.61 -8.18 -48.78
C GLY C 384 7.18 -8.54 -49.19
N ASP C 385 6.41 -7.54 -49.60
CA ASP C 385 4.96 -7.65 -49.77
C ASP C 385 4.45 -8.91 -50.47
N PHE C 386 5.04 -9.27 -51.60
CA PHE C 386 4.59 -10.47 -52.30
C PHE C 386 4.75 -11.73 -51.45
N ALA C 387 5.93 -11.91 -50.87
CA ALA C 387 6.22 -13.12 -50.11
C ALA C 387 5.31 -13.25 -48.89
N ARG C 388 5.05 -12.10 -48.26
CA ARG C 388 4.21 -12.05 -47.08
C ARG C 388 2.81 -12.53 -47.44
N SER C 389 2.38 -12.23 -48.66
CA SER C 389 1.05 -12.63 -49.08
C SER C 389 0.98 -14.15 -49.08
N LEU C 390 2.03 -14.78 -49.58
CA LEU C 390 2.05 -16.23 -49.62
C LEU C 390 2.00 -16.78 -48.20
N ASP C 391 2.73 -16.14 -47.30
CA ASP C 391 2.70 -16.58 -45.91
C ASP C 391 1.28 -16.47 -45.39
N TYR C 392 0.61 -15.37 -45.73
CA TYR C 392 -0.76 -15.17 -45.27
C TYR C 392 -1.60 -16.31 -45.80
N CYS C 393 -1.40 -16.64 -47.07
CA CYS C 393 -2.17 -17.71 -47.69
C CYS C 393 -1.86 -18.98 -46.91
N GLY C 394 -0.57 -19.19 -46.68
CA GLY C 394 -0.11 -20.36 -45.95
C GLY C 394 -0.74 -20.40 -44.58
N ASP C 395 -0.82 -19.24 -43.92
CA ASP C 395 -1.43 -19.17 -42.61
C ASP C 395 -2.91 -19.49 -42.66
N LEU C 396 -3.57 -18.97 -43.69
CA LEU C 396 -5.02 -19.11 -43.81
C LEU C 396 -5.34 -20.59 -43.78
N ALA C 397 -4.71 -21.30 -44.71
CA ALA C 397 -4.92 -22.72 -44.89
C ALA C 397 -4.60 -23.44 -43.60
N LEU C 398 -3.54 -23.02 -42.93
CA LEU C 398 -3.18 -23.67 -41.68
C LEU C 398 -4.27 -23.45 -40.63
N GLU C 399 -4.57 -22.18 -40.35
CA GLU C 399 -5.53 -21.88 -39.29
C GLU C 399 -6.91 -22.45 -39.59
N GLY C 400 -7.26 -22.50 -40.86
CA GLY C 400 -8.51 -23.10 -41.26
C GLY C 400 -8.56 -24.57 -40.90
N VAL C 401 -7.51 -25.31 -41.23
CA VAL C 401 -7.52 -26.76 -41.02
C VAL C 401 -7.73 -27.11 -39.55
N PHE C 402 -7.00 -26.42 -38.67
CA PHE C 402 -7.14 -26.64 -37.24
C PHE C 402 -8.48 -26.13 -36.73
N ALA C 403 -8.99 -25.08 -37.35
CA ALA C 403 -10.28 -24.51 -36.94
C ALA C 403 -11.46 -25.11 -37.67
N HIS C 404 -11.18 -26.02 -38.61
CA HIS C 404 -12.21 -26.68 -39.40
C HIS C 404 -12.96 -25.66 -40.27
N LYS C 405 -12.25 -24.62 -40.71
CA LYS C 405 -12.87 -23.54 -41.48
C LYS C 405 -12.35 -23.51 -42.92
N PHE C 406 -13.20 -23.93 -43.85
CA PHE C 406 -12.83 -24.00 -45.26
C PHE C 406 -13.37 -22.86 -46.12
N ASP C 407 -14.12 -21.96 -45.49
CA ASP C 407 -14.58 -20.75 -46.16
C ASP C 407 -14.05 -19.57 -45.38
N PHE C 408 -13.59 -18.54 -46.08
CA PHE C 408 -12.96 -17.41 -45.42
C PHE C 408 -13.64 -16.10 -45.80
N GLU C 409 -14.26 -15.49 -44.81
CA GLU C 409 -14.97 -14.23 -45.00
C GLU C 409 -14.40 -13.21 -44.03
N PRO C 410 -13.47 -12.38 -44.50
CA PRO C 410 -12.98 -11.32 -43.61
C PRO C 410 -14.07 -10.27 -43.50
N GLU C 411 -14.00 -9.44 -42.46
CA GLU C 411 -14.97 -8.39 -42.26
C GLU C 411 -14.82 -7.44 -43.44
N HIS C 412 -15.86 -6.68 -43.76
CA HIS C 412 -15.93 -6.02 -45.07
C HIS C 412 -14.94 -4.87 -45.26
N GLY C 413 -14.66 -4.16 -44.18
CA GLY C 413 -13.85 -2.96 -44.24
C GLY C 413 -12.51 -3.31 -44.87
N SER C 414 -11.78 -4.23 -44.26
CA SER C 414 -10.48 -4.58 -44.79
C SER C 414 -10.40 -6.06 -45.20
N SER C 415 -10.57 -6.28 -46.50
CA SER C 415 -10.48 -7.59 -47.13
C SER C 415 -9.13 -7.76 -47.81
N MET C 416 -8.25 -6.77 -47.65
CA MET C 416 -7.11 -6.55 -48.54
C MET C 416 -6.20 -7.74 -48.84
N ASN C 417 -5.82 -8.52 -47.83
CA ASN C 417 -4.91 -9.64 -48.05
C ASN C 417 -5.47 -10.73 -48.97
N GLU C 418 -6.76 -11.02 -48.82
CA GLU C 418 -7.40 -12.08 -49.60
C GLU C 418 -7.52 -11.75 -51.08
N ASP C 419 -7.86 -10.50 -51.37
CA ASP C 419 -8.05 -10.03 -52.74
C ASP C 419 -6.76 -10.19 -53.53
N VAL C 420 -5.65 -9.87 -52.88
CA VAL C 420 -4.32 -10.04 -53.46
C VAL C 420 -4.11 -11.49 -53.86
N LEU C 421 -4.54 -12.40 -52.99
CA LEU C 421 -4.40 -13.83 -53.25
C LEU C 421 -5.33 -14.31 -54.36
N VAL C 422 -6.46 -13.62 -54.54
CA VAL C 422 -7.34 -13.91 -55.67
C VAL C 422 -6.72 -13.45 -56.99
N THR C 423 -6.01 -12.33 -56.96
CA THR C 423 -5.32 -11.83 -58.14
C THR C 423 -4.27 -12.82 -58.63
N ILE C 424 -3.54 -13.43 -57.70
CA ILE C 424 -2.54 -14.45 -58.02
C ILE C 424 -3.18 -15.78 -58.43
N GLY C 425 -4.33 -16.10 -57.87
CA GLY C 425 -5.00 -17.34 -58.23
C GLY C 425 -4.85 -18.43 -57.18
N LEU C 426 -4.26 -18.11 -56.04
CA LEU C 426 -4.19 -19.06 -54.94
C LEU C 426 -5.56 -19.26 -54.29
N LEU C 427 -6.36 -18.21 -54.26
CA LEU C 427 -7.74 -18.34 -53.80
C LEU C 427 -8.75 -17.93 -54.84
N CYS C 428 -9.97 -18.41 -54.63
CA CYS C 428 -11.08 -18.13 -55.49
C CYS C 428 -12.09 -17.43 -54.61
N LYS C 429 -12.76 -16.43 -55.17
CA LYS C 429 -13.85 -15.80 -54.46
C LYS C 429 -15.03 -16.25 -55.31
N TYR C 430 -15.82 -17.17 -54.79
CA TYR C 430 -16.83 -17.79 -55.62
C TYR C 430 -17.98 -16.82 -55.75
N THR C 431 -18.29 -16.47 -56.99
CA THR C 431 -19.35 -15.51 -57.26
C THR C 431 -20.76 -16.12 -57.12
N ALA C 432 -21.48 -15.59 -56.16
CA ALA C 432 -22.85 -15.99 -55.83
C ALA C 432 -23.28 -14.79 -55.03
N GLN C 433 -24.57 -14.60 -54.80
CA GLN C 433 -24.92 -13.49 -53.96
C GLN C 433 -24.55 -13.94 -52.55
N ARG C 434 -23.48 -13.35 -52.03
CA ARG C 434 -22.96 -13.68 -50.71
C ARG C 434 -23.08 -12.44 -49.85
N LEU C 435 -23.25 -12.63 -48.55
CA LEU C 435 -23.46 -11.51 -47.64
C LEU C 435 -22.26 -10.59 -47.58
N LYS C 436 -21.07 -11.18 -47.49
CA LYS C 436 -19.81 -10.46 -47.44
C LYS C 436 -18.88 -11.15 -48.42
N PRO C 437 -17.75 -10.51 -48.79
CA PRO C 437 -16.83 -11.25 -49.66
C PRO C 437 -16.37 -12.53 -48.99
N THR C 438 -16.48 -13.64 -49.73
CA THR C 438 -16.13 -14.94 -49.19
C THR C 438 -15.13 -15.60 -50.13
N TYR C 439 -14.13 -16.23 -49.55
CA TYR C 439 -13.05 -16.82 -50.33
C TYR C 439 -12.87 -18.27 -49.94
N LYS C 440 -12.35 -19.07 -50.87
CA LYS C 440 -12.02 -20.46 -50.57
C LYS C 440 -10.96 -20.95 -51.53
N PHE C 441 -10.46 -22.15 -51.26
CA PHE C 441 -9.59 -22.83 -52.19
C PHE C 441 -10.47 -23.71 -53.07
N PHE C 442 -10.07 -23.88 -54.32
CA PHE C 442 -10.88 -24.58 -55.31
C PHE C 442 -11.27 -26.00 -54.88
N HIS C 443 -10.46 -26.59 -54.01
CA HIS C 443 -10.81 -27.85 -53.37
C HIS C 443 -10.26 -27.79 -51.96
N LYS C 444 -10.79 -28.64 -51.08
CA LYS C 444 -10.29 -28.74 -49.71
C LYS C 444 -8.83 -29.16 -49.73
N SER C 445 -8.49 -30.03 -50.69
CA SER C 445 -7.14 -30.55 -50.83
C SER C 445 -6.09 -29.49 -51.16
N PHE C 446 -6.48 -28.43 -51.86
CA PHE C 446 -5.52 -27.37 -52.14
C PHE C 446 -5.24 -26.57 -50.87
N GLN C 447 -6.25 -26.44 -50.03
CA GLN C 447 -6.06 -25.83 -48.71
C GLN C 447 -5.17 -26.71 -47.86
N GLU C 448 -5.40 -28.02 -47.90
CA GLU C 448 -4.57 -28.95 -47.14
C GLU C 448 -3.13 -28.93 -47.63
N TYR C 449 -2.95 -28.85 -48.95
CA TYR C 449 -1.61 -28.75 -49.51
C TYR C 449 -0.94 -27.46 -49.09
N THR C 450 -1.66 -26.35 -49.19
CA THR C 450 -1.11 -25.05 -48.85
C THR C 450 -0.70 -25.04 -47.39
N ALA C 451 -1.52 -25.67 -46.56
CA ALA C 451 -1.25 -25.82 -45.14
C ALA C 451 -0.03 -26.70 -44.89
N GLY C 452 0.12 -27.77 -45.66
CA GLY C 452 1.27 -28.64 -45.53
C GLY C 452 2.56 -27.97 -45.94
N ARG C 453 2.50 -27.25 -47.06
CA ARG C 453 3.61 -26.48 -47.57
C ARG C 453 4.02 -25.42 -46.56
N ARG C 454 3.02 -24.79 -45.96
CA ARG C 454 3.26 -23.78 -44.94
C ARG C 454 3.89 -24.37 -43.69
N LEU C 455 3.39 -25.52 -43.25
CA LEU C 455 3.88 -26.18 -42.05
C LEU C 455 5.33 -26.61 -42.26
N SER C 456 5.60 -27.19 -43.42
CA SER C 456 6.96 -27.60 -43.77
C SER C 456 7.87 -26.39 -43.83
N SER C 457 7.37 -25.30 -44.41
CA SER C 457 8.13 -24.06 -44.53
C SER C 457 8.45 -23.49 -43.15
N LEU C 458 7.55 -23.73 -42.20
CA LEU C 458 7.77 -23.31 -40.81
C LEU C 458 8.79 -24.20 -40.11
N LEU C 459 8.65 -25.52 -40.26
CA LEU C 459 9.55 -26.45 -39.60
C LEU C 459 10.97 -26.36 -40.15
N THR C 460 11.09 -26.17 -41.47
CA THR C 460 12.41 -25.92 -42.02
C THR C 460 12.51 -24.42 -42.20
N SER C 461 13.22 -23.77 -41.29
CA SER C 461 13.25 -22.32 -41.29
C SER C 461 14.42 -21.77 -40.51
N LYS C 462 14.79 -20.54 -40.85
CA LYS C 462 15.90 -19.86 -40.22
C LYS C 462 15.42 -18.98 -39.08
N GLU C 463 14.10 -18.94 -38.86
CA GLU C 463 13.55 -18.16 -37.77
C GLU C 463 13.07 -19.09 -36.66
N PRO C 464 13.69 -18.97 -35.48
CA PRO C 464 13.37 -19.81 -34.31
C PRO C 464 11.91 -19.70 -33.93
N GLU C 465 11.35 -18.52 -34.14
CA GLU C 465 9.94 -18.25 -33.86
C GLU C 465 9.05 -19.06 -34.80
N GLU C 466 9.45 -19.12 -36.07
CA GLU C 466 8.71 -19.87 -37.08
C GLU C 466 8.75 -21.37 -36.82
N VAL C 467 9.92 -21.86 -36.43
CA VAL C 467 10.10 -23.28 -36.13
C VAL C 467 9.29 -23.64 -34.89
N SER C 468 9.31 -22.74 -33.90
CA SER C 468 8.57 -22.94 -32.66
C SER C 468 7.06 -22.92 -32.90
N LYS C 469 6.61 -22.03 -33.78
CA LYS C 469 5.19 -21.98 -34.11
C LYS C 469 4.75 -23.22 -34.90
N GLY C 470 5.59 -23.68 -35.82
CA GLY C 470 5.30 -24.89 -36.56
C GLY C 470 5.21 -26.10 -35.64
N ASN C 471 6.17 -26.19 -34.72
CA ASN C 471 6.15 -27.26 -33.74
C ASN C 471 4.95 -27.11 -32.80
N SER C 472 4.52 -25.88 -32.58
CA SER C 472 3.32 -25.61 -31.80
C SER C 472 2.12 -26.21 -32.51
N TYR C 473 2.09 -26.06 -33.83
CA TYR C 473 1.06 -26.69 -34.64
C TYR C 473 1.13 -28.21 -34.54
N LEU C 474 2.33 -28.77 -34.58
CA LEU C 474 2.50 -30.22 -34.49
C LEU C 474 2.10 -30.86 -33.17
N ASN C 475 2.52 -30.26 -32.05
CA ASN C 475 2.22 -30.83 -30.73
C ASN C 475 0.76 -30.61 -30.34
N LYS C 476 0.08 -29.76 -31.10
CA LYS C 476 -1.34 -29.49 -30.89
C LYS C 476 -2.20 -30.66 -31.39
N MET C 477 -1.56 -31.65 -32.01
CA MET C 477 -2.29 -32.85 -32.41
C MET C 477 -2.00 -33.92 -31.36
N VAL C 478 -2.98 -34.16 -30.50
CA VAL C 478 -2.84 -35.08 -29.36
C VAL C 478 -3.26 -36.53 -29.61
N SER C 479 -4.43 -36.67 -30.23
CA SER C 479 -5.11 -37.96 -30.31
C SER C 479 -4.97 -38.66 -31.66
N ILE C 480 -4.94 -39.98 -31.62
CA ILE C 480 -4.81 -40.77 -32.84
C ILE C 480 -5.97 -40.48 -33.78
N SER C 481 -7.13 -40.25 -33.18
CA SER C 481 -8.36 -39.98 -33.92
C SER C 481 -8.26 -38.70 -34.77
N ASP C 482 -7.85 -37.61 -34.13
CA ASP C 482 -7.73 -36.32 -34.81
C ASP C 482 -6.68 -36.37 -35.91
N ILE C 483 -5.58 -37.06 -35.64
CA ILE C 483 -4.49 -37.19 -36.60
C ILE C 483 -4.93 -38.00 -37.83
N THR C 484 -5.53 -39.15 -37.62
CA THR C 484 -5.99 -39.97 -38.76
C THR C 484 -7.12 -39.31 -39.54
N SER C 485 -8.03 -38.66 -38.83
CA SER C 485 -9.19 -38.04 -39.47
C SER C 485 -8.95 -36.61 -39.94
N LEU C 486 -8.75 -35.70 -38.99
CA LEU C 486 -8.62 -34.28 -39.30
C LEU C 486 -7.30 -33.90 -39.96
N TYR C 487 -6.19 -34.33 -39.36
CA TYR C 487 -4.86 -33.84 -39.73
C TYR C 487 -4.07 -34.73 -40.68
N GLY C 488 -4.66 -35.83 -41.14
CA GLY C 488 -3.92 -36.81 -41.93
C GLY C 488 -3.33 -36.29 -43.21
N ASN C 489 -4.14 -35.59 -44.01
CA ASN C 489 -3.68 -35.07 -45.28
C ASN C 489 -2.75 -33.87 -45.10
N LEU C 490 -2.96 -33.11 -44.03
CA LEU C 490 -2.10 -31.97 -43.73
C LEU C 490 -0.68 -32.51 -43.54
N LEU C 491 -0.57 -33.62 -42.82
CA LEU C 491 0.73 -34.23 -42.55
C LEU C 491 1.24 -34.92 -43.79
N LEU C 492 0.32 -35.33 -44.66
CA LEU C 492 0.67 -35.95 -45.92
C LEU C 492 1.47 -34.96 -46.77
N TYR C 493 0.94 -33.75 -46.91
CA TYR C 493 1.60 -32.71 -47.70
C TYR C 493 2.81 -32.12 -46.98
N THR C 494 2.75 -32.05 -45.66
CA THR C 494 3.88 -31.57 -44.87
C THR C 494 5.08 -32.47 -45.09
N CYS C 495 4.87 -33.79 -44.95
CA CYS C 495 5.94 -34.76 -45.18
C CYS C 495 6.36 -34.81 -46.65
N GLY C 496 5.39 -34.69 -47.54
CA GLY C 496 5.66 -34.72 -48.97
C GLY C 496 6.48 -33.53 -49.44
N SER C 497 6.35 -32.41 -48.75
CA SER C 497 7.04 -31.18 -49.13
C SER C 497 8.56 -31.20 -48.85
N SER C 498 8.95 -31.67 -47.68
CA SER C 498 10.37 -31.71 -47.31
C SER C 498 10.70 -32.93 -46.47
N THR C 499 11.97 -33.33 -46.53
CA THR C 499 12.43 -34.51 -45.80
C THR C 499 12.66 -34.22 -44.31
N GLU C 500 13.13 -33.02 -43.99
CA GLU C 500 13.31 -32.59 -42.61
C GLU C 500 11.96 -32.45 -41.90
N ALA C 501 10.98 -31.94 -42.63
CA ALA C 501 9.64 -31.76 -42.09
C ALA C 501 9.04 -33.12 -41.74
N THR C 502 9.34 -34.11 -42.57
CA THR C 502 8.90 -35.46 -42.29
C THR C 502 9.52 -35.96 -41.00
N ARG C 503 10.76 -35.57 -40.74
CA ARG C 503 11.41 -35.92 -39.49
C ARG C 503 10.73 -35.27 -38.30
N ALA C 504 10.34 -34.01 -38.44
CA ALA C 504 9.64 -33.34 -37.35
C ALA C 504 8.29 -34.03 -37.08
N VAL C 505 7.58 -34.34 -38.15
CA VAL C 505 6.26 -34.98 -38.05
C VAL C 505 6.35 -36.35 -37.38
N MET C 506 7.32 -37.15 -37.80
CA MET C 506 7.50 -38.48 -37.23
C MET C 506 8.00 -38.38 -35.79
N ARG C 507 8.77 -37.33 -35.53
CA ARG C 507 9.24 -37.03 -34.18
C ARG C 507 8.06 -36.84 -33.26
N HIS C 508 7.03 -36.14 -33.74
CA HIS C 508 5.83 -36.00 -32.94
C HIS C 508 4.96 -37.26 -32.88
N LEU C 509 4.76 -37.91 -34.03
CA LEU C 509 3.87 -39.05 -34.14
C LEU C 509 4.35 -40.25 -33.33
N ALA C 510 5.66 -40.34 -33.12
CA ALA C 510 6.20 -41.43 -32.31
C ALA C 510 5.80 -41.27 -30.84
N MET C 511 5.39 -40.05 -30.49
CA MET C 511 5.06 -39.71 -29.10
C MET C 511 3.58 -39.78 -28.74
N VAL C 512 2.72 -40.25 -29.65
CA VAL C 512 1.29 -40.14 -29.38
C VAL C 512 0.81 -41.37 -28.62
N TYR C 513 0.49 -41.14 -27.35
CA TYR C 513 0.01 -42.18 -26.44
C TYR C 513 -1.50 -42.12 -26.25
N GLN C 514 -2.13 -41.11 -26.84
CA GLN C 514 -3.53 -40.82 -26.56
C GLN C 514 -4.43 -41.18 -27.74
N HIS C 515 -5.46 -41.96 -27.47
CA HIS C 515 -6.37 -42.40 -28.53
C HIS C 515 -7.34 -41.33 -29.00
N GLY C 516 -7.91 -40.58 -28.07
CA GLY C 516 -8.99 -39.69 -28.42
C GLY C 516 -10.28 -40.49 -28.54
N SER C 517 -11.07 -40.17 -29.56
CA SER C 517 -12.38 -40.80 -29.70
C SER C 517 -12.30 -42.16 -30.37
N LEU C 518 -12.86 -43.16 -29.69
CA LEU C 518 -12.92 -44.54 -30.15
C LEU C 518 -14.26 -44.76 -30.84
N GLN C 519 -14.97 -43.66 -31.06
CA GLN C 519 -16.39 -43.67 -31.42
C GLN C 519 -16.83 -44.61 -32.54
N GLY C 520 -16.57 -44.23 -33.78
CA GLY C 520 -17.04 -44.98 -34.94
C GLY C 520 -16.35 -46.27 -35.29
N LEU C 521 -15.41 -46.71 -34.45
CA LEU C 521 -14.49 -47.77 -34.84
C LEU C 521 -15.00 -49.21 -34.91
N SER C 522 -16.10 -49.53 -34.23
CA SER C 522 -16.59 -50.91 -34.17
C SER C 522 -16.66 -51.61 -35.53
N VAL C 523 -16.05 -52.78 -35.62
CA VAL C 523 -15.98 -53.52 -36.86
C VAL C 523 -16.79 -54.82 -36.80
N GLU C 532 -17.75 -63.78 -32.10
CA GLU C 532 -16.43 -63.49 -31.54
C GLU C 532 -15.32 -63.71 -32.56
N SEP C 533 -14.24 -62.94 -32.41
CA SEP C 533 -13.10 -63.00 -33.30
CB SEP C 533 -13.03 -61.71 -34.14
OG SEP C 533 -11.71 -61.47 -34.61
C SEP C 533 -11.82 -63.20 -32.51
O SEP C 533 -11.83 -63.12 -31.28
P SEP C 533 -11.57 -61.91 -36.15
O1P SEP C 533 -11.38 -60.63 -37.09
O2P SEP C 533 -10.30 -62.88 -36.29
O3P SEP C 533 -12.90 -62.71 -36.58
N ILE C 534 -10.71 -63.48 -33.20
CA ILE C 534 -9.42 -63.67 -32.55
C ILE C 534 -9.07 -62.46 -31.72
N GLN C 535 -9.33 -61.29 -32.29
CA GLN C 535 -9.04 -60.01 -31.65
C GLN C 535 -9.89 -59.78 -30.39
N SER C 536 -11.14 -60.22 -30.41
CA SER C 536 -12.03 -60.13 -29.25
C SER C 536 -11.76 -61.18 -28.16
N LEU C 537 -11.47 -62.40 -28.59
CA LEU C 537 -11.27 -63.52 -27.67
C LEU C 537 -10.06 -63.29 -26.77
N ARG C 538 -8.99 -62.76 -27.35
CA ARG C 538 -7.74 -62.55 -26.65
C ARG C 538 -7.77 -61.27 -25.82
N ASN C 539 -8.76 -60.43 -26.08
CA ASN C 539 -8.85 -59.12 -25.45
C ASN C 539 -9.92 -59.10 -24.37
N THR C 540 -9.59 -58.53 -23.20
CA THR C 540 -10.51 -58.56 -22.06
C THR C 540 -11.73 -57.66 -22.21
N THR C 541 -11.56 -56.47 -22.80
CA THR C 541 -12.68 -55.56 -22.98
C THR C 541 -12.87 -55.13 -24.43
N GLU C 542 -14.08 -54.70 -24.75
CA GLU C 542 -14.44 -54.22 -26.10
C GLU C 542 -13.65 -52.98 -26.50
N GLN C 543 -13.49 -52.07 -25.55
CA GLN C 543 -12.78 -50.83 -25.80
C GLN C 543 -11.37 -51.12 -26.27
N ASP C 544 -10.75 -52.17 -25.72
CA ASP C 544 -9.40 -52.57 -26.12
C ASP C 544 -9.36 -52.98 -27.59
N VAL C 545 -10.40 -53.67 -28.03
CA VAL C 545 -10.52 -54.08 -29.43
C VAL C 545 -10.54 -52.81 -30.28
N LEU C 546 -11.36 -51.86 -29.84
CA LEU C 546 -11.44 -50.58 -30.54
C LEU C 546 -10.07 -49.90 -30.61
N LYS C 547 -9.32 -49.99 -29.52
CA LYS C 547 -7.99 -49.41 -29.45
C LYS C 547 -7.09 -50.05 -30.50
N ALA C 548 -7.18 -51.37 -30.63
CA ALA C 548 -6.41 -52.10 -31.62
C ALA C 548 -6.73 -51.60 -33.02
N ILE C 549 -8.02 -51.41 -33.30
CA ILE C 549 -8.42 -50.86 -34.60
C ILE C 549 -7.82 -49.46 -34.82
N ASN C 550 -7.86 -48.64 -33.77
CA ASN C 550 -7.33 -47.28 -33.85
C ASN C 550 -5.85 -47.27 -34.21
N VAL C 551 -5.05 -48.11 -33.55
CA VAL C 551 -3.63 -48.18 -33.87
C VAL C 551 -3.43 -48.76 -35.28
N ASN C 552 -4.32 -49.66 -35.68
CA ASN C 552 -4.28 -50.21 -37.03
C ASN C 552 -4.35 -49.09 -38.06
N SER C 553 -5.30 -48.20 -37.89
CA SER C 553 -5.46 -47.06 -38.80
C SER C 553 -4.32 -46.05 -38.69
N PHE C 554 -3.83 -45.83 -37.47
CA PHE C 554 -2.73 -44.89 -37.24
C PHE C 554 -1.50 -45.31 -38.01
N VAL C 555 -1.19 -46.61 -37.97
CA VAL C 555 -0.04 -47.11 -38.69
C VAL C 555 -0.19 -46.92 -40.19
N GLU C 556 -1.39 -47.14 -40.71
CA GLU C 556 -1.65 -46.95 -42.13
C GLU C 556 -1.38 -45.50 -42.52
N CYS C 557 -1.81 -44.57 -41.66
CA CYS C 557 -1.50 -43.16 -41.87
C CYS C 557 0.00 -42.95 -41.94
N GLY C 558 0.72 -43.58 -41.00
CA GLY C 558 2.17 -43.46 -40.97
C GLY C 558 2.83 -43.96 -42.23
N ILE C 559 2.37 -45.09 -42.74
CA ILE C 559 2.91 -45.67 -43.97
C ILE C 559 2.62 -44.78 -45.16
N ASN C 560 1.44 -44.16 -45.15
CA ASN C 560 1.10 -43.20 -46.21
C ASN C 560 2.07 -42.03 -46.20
N LEU C 561 2.36 -41.54 -44.99
CA LEU C 561 3.30 -40.45 -44.82
C LEU C 561 4.68 -40.88 -45.32
N PHE C 562 5.02 -42.13 -45.06
CA PHE C 562 6.27 -42.74 -45.51
C PHE C 562 6.40 -42.75 -47.02
N SER C 563 5.33 -43.17 -47.69
CA SER C 563 5.33 -43.24 -49.14
C SER C 563 5.46 -41.83 -49.72
N GLU C 564 4.74 -40.89 -49.12
CA GLU C 564 4.80 -39.51 -49.61
C GLU C 564 6.15 -38.82 -49.37
N SER C 565 6.85 -39.17 -48.30
CA SER C 565 8.14 -38.55 -48.00
C SER C 565 9.17 -38.88 -49.08
N MET C 566 9.02 -40.05 -49.67
CA MET C 566 9.88 -40.55 -50.76
C MET C 566 11.35 -40.68 -50.33
N SER C 567 11.57 -40.77 -49.02
CA SER C 567 12.86 -41.16 -48.49
C SER C 567 12.68 -42.66 -48.25
N LYS C 568 13.35 -43.47 -49.04
CA LYS C 568 13.06 -44.89 -48.99
C LYS C 568 13.64 -45.53 -47.74
N SER C 569 14.94 -45.74 -47.72
CA SER C 569 15.61 -46.28 -46.54
C SER C 569 16.30 -45.17 -45.74
N ASP C 570 16.17 -43.94 -46.22
CA ASP C 570 16.90 -42.82 -45.62
C ASP C 570 16.39 -42.47 -44.22
N LEU C 571 15.08 -42.51 -44.06
CA LEU C 571 14.45 -42.20 -42.77
C LEU C 571 14.05 -43.43 -41.96
N SER C 572 14.44 -44.62 -42.43
CA SER C 572 13.99 -45.88 -41.87
C SER C 572 14.14 -45.99 -40.34
N GLN C 573 15.20 -45.41 -39.80
CA GLN C 573 15.41 -45.45 -38.36
C GLN C 573 14.38 -44.60 -37.62
N GLU C 574 14.14 -43.39 -38.10
CA GLU C 574 13.14 -42.52 -37.48
C GLU C 574 11.75 -43.14 -37.60
N PHE C 575 11.49 -43.74 -38.75
CA PHE C 575 10.21 -44.41 -39.01
C PHE C 575 9.99 -45.63 -38.12
N GLU C 576 11.05 -46.38 -37.85
CA GLU C 576 10.94 -47.57 -37.01
C GLU C 576 10.51 -47.21 -35.59
N ALA C 577 10.93 -46.05 -35.13
CA ALA C 577 10.51 -45.55 -33.82
C ALA C 577 9.00 -45.36 -33.77
N PHE C 578 8.41 -44.92 -34.87
CA PHE C 578 6.97 -44.77 -34.95
C PHE C 578 6.24 -46.11 -34.99
N PHE C 579 6.68 -47.00 -35.87
CA PHE C 579 5.94 -48.22 -36.16
C PHE C 579 6.07 -49.26 -35.05
N GLN C 580 7.03 -49.05 -34.16
CA GLN C 580 7.37 -50.07 -33.17
C GLN C 580 6.29 -50.27 -32.12
N GLY C 581 5.91 -51.52 -31.91
CA GLY C 581 4.92 -51.87 -30.90
C GLY C 581 3.50 -51.65 -31.38
N LYS C 582 3.36 -51.31 -32.65
CA LYS C 582 2.06 -51.05 -33.24
C LYS C 582 1.60 -52.18 -34.15
N SER C 583 0.48 -51.98 -34.84
CA SER C 583 -0.12 -53.04 -35.64
C SER C 583 -0.42 -52.61 -37.07
N LEU C 584 -0.48 -53.58 -37.98
CA LEU C 584 -0.82 -53.27 -39.37
C LEU C 584 -1.98 -54.13 -39.87
N TYR C 585 -2.92 -53.53 -40.59
CA TYR C 585 -4.00 -54.33 -41.17
C TYR C 585 -3.82 -54.46 -42.68
N ILE C 586 -3.88 -55.70 -43.16
CA ILE C 586 -3.75 -55.98 -44.58
C ILE C 586 -4.93 -56.82 -45.11
N ASN C 587 -5.58 -56.28 -46.13
CA ASN C 587 -6.64 -56.98 -46.84
C ASN C 587 -6.04 -57.53 -48.12
N SER C 588 -6.11 -58.85 -48.29
CA SER C 588 -5.46 -59.50 -49.41
C SER C 588 -6.09 -59.06 -50.72
N GLU C 589 -7.39 -58.79 -50.69
CA GLU C 589 -8.12 -58.31 -51.87
C GLU C 589 -7.77 -56.85 -52.23
N ASN C 590 -7.55 -56.02 -51.22
CA ASN C 590 -7.16 -54.65 -51.49
C ASN C 590 -5.80 -54.35 -50.87
N ILE C 591 -4.79 -54.24 -51.73
CA ILE C 591 -3.42 -53.99 -51.28
C ILE C 591 -2.94 -52.67 -51.85
N PRO C 592 -2.73 -51.68 -50.98
CA PRO C 592 -2.19 -50.40 -51.45
C PRO C 592 -0.75 -50.56 -51.94
N ASP C 593 -0.32 -49.68 -52.82
CA ASP C 593 1.03 -49.73 -53.34
C ASP C 593 2.04 -49.34 -52.27
N TYR C 594 1.62 -48.53 -51.30
CA TYR C 594 2.52 -48.12 -50.23
C TYR C 594 2.86 -49.27 -49.32
N LEU C 595 2.06 -50.33 -49.38
CA LEU C 595 2.35 -51.57 -48.66
C LEU C 595 3.59 -52.24 -49.24
N PHE C 596 3.69 -52.27 -50.56
CA PHE C 596 4.86 -52.82 -51.24
C PHE C 596 6.11 -52.00 -50.92
N ASP C 597 5.95 -50.67 -50.94
CA ASP C 597 7.04 -49.77 -50.60
C ASP C 597 7.49 -50.04 -49.18
N PHE C 598 6.51 -50.27 -48.31
CA PHE C 598 6.76 -50.51 -46.90
C PHE C 598 7.55 -51.80 -46.69
N PHE C 599 7.14 -52.88 -47.34
CA PHE C 599 7.84 -54.16 -47.20
C PHE C 599 9.22 -54.11 -47.83
N GLU C 600 9.33 -53.42 -48.95
CA GLU C 600 10.61 -53.33 -49.64
C GLU C 600 11.63 -52.53 -48.85
N TYR C 601 11.29 -51.28 -48.56
CA TYR C 601 12.25 -50.34 -48.00
C TYR C 601 12.35 -50.35 -46.49
N LEU C 602 11.34 -50.90 -45.82
CA LEU C 602 11.29 -50.83 -44.36
C LEU C 602 10.94 -52.17 -43.71
N PRO C 603 11.80 -53.19 -43.89
CA PRO C 603 11.50 -54.48 -43.28
C PRO C 603 11.70 -54.43 -41.77
N ASN C 604 12.53 -53.51 -41.31
CA ASN C 604 12.79 -53.34 -39.88
C ASN C 604 11.52 -52.90 -39.16
N CYS C 605 10.77 -52.02 -39.81
CA CYS C 605 9.52 -51.51 -39.24
C CYS C 605 8.43 -52.57 -39.27
N ALA C 606 8.36 -53.33 -40.35
CA ALA C 606 7.41 -54.41 -40.47
C ALA C 606 7.68 -55.45 -39.39
N SER C 607 8.95 -55.64 -39.09
CA SER C 607 9.38 -56.56 -38.05
C SER C 607 9.20 -55.94 -36.67
N ALA C 608 9.08 -54.62 -36.62
CA ALA C 608 8.96 -53.90 -35.36
C ALA C 608 7.52 -53.84 -34.87
N LEU C 609 6.59 -54.21 -35.73
CA LEU C 609 5.17 -54.19 -35.37
C LEU C 609 4.88 -55.37 -34.45
N ASP C 610 4.09 -55.14 -33.42
CA ASP C 610 3.70 -56.21 -32.50
C ASP C 610 2.93 -57.27 -33.28
N PHE C 611 2.04 -56.84 -34.17
CA PHE C 611 1.39 -57.77 -35.08
C PHE C 611 0.87 -57.21 -36.39
N VAL C 612 0.77 -58.12 -37.35
CA VAL C 612 0.19 -57.85 -38.64
C VAL C 612 -1.05 -58.73 -38.79
N LYS C 613 -2.15 -58.11 -39.21
CA LYS C 613 -3.41 -58.80 -39.34
C LYS C 613 -3.70 -59.00 -40.80
N LEU C 614 -3.92 -60.25 -41.21
CA LEU C 614 -4.10 -60.56 -42.61
C LEU C 614 -5.49 -61.13 -42.83
N ASP C 615 -6.18 -60.63 -43.84
CA ASP C 615 -7.53 -61.11 -44.14
C ASP C 615 -7.65 -61.70 -45.53
N PHE C 616 -8.14 -62.94 -45.60
CA PHE C 616 -8.32 -63.64 -46.88
C PHE C 616 -9.81 -63.93 -47.10
N TYR C 617 -10.31 -63.53 -48.27
CA TYR C 617 -11.73 -63.68 -48.62
C TYR C 617 -11.85 -64.49 -49.91
N GLU C 618 -12.45 -65.68 -49.82
CA GLU C 618 -12.78 -66.52 -50.98
C GLU C 618 -11.59 -67.10 -51.73
N ARG C 619 -10.40 -66.54 -51.49
CA ARG C 619 -9.21 -66.98 -52.18
C ARG C 619 -8.10 -67.16 -51.17
N ALA C 620 -7.47 -68.33 -51.20
CA ALA C 620 -6.38 -68.60 -50.28
C ALA C 620 -5.09 -67.97 -50.81
N THR C 621 -5.01 -67.80 -52.13
CA THR C 621 -3.85 -67.18 -52.79
C THR C 621 -4.24 -66.67 -54.17
N PRO C 645 -4.96 -64.05 -52.99
CA PRO C 645 -4.74 -63.14 -54.12
C PRO C 645 -3.27 -63.11 -54.55
N PRO C 646 -3.02 -62.91 -55.86
CA PRO C 646 -1.66 -62.88 -56.41
C PRO C 646 -0.82 -61.75 -55.83
N ARG C 647 -1.45 -60.61 -55.58
CA ARG C 647 -0.72 -59.47 -55.04
C ARG C 647 -0.23 -59.71 -53.62
N ALA C 648 -0.98 -60.47 -52.85
CA ALA C 648 -0.56 -60.81 -51.50
C ALA C 648 0.67 -61.71 -51.59
N VAL C 649 0.61 -62.65 -52.53
CA VAL C 649 1.72 -63.56 -52.79
C VAL C 649 2.97 -62.78 -53.14
N SER C 650 2.84 -61.81 -54.04
CA SER C 650 3.98 -60.97 -54.41
C SER C 650 4.47 -60.16 -53.22
N LEU C 651 3.53 -59.62 -52.45
CA LEU C 651 3.84 -58.71 -51.35
C LEU C 651 4.71 -59.44 -50.33
N PHE C 652 4.26 -60.60 -49.88
CA PHE C 652 5.00 -61.35 -48.86
C PHE C 652 6.22 -62.08 -49.39
N PHE C 653 6.15 -62.59 -50.62
CA PHE C 653 7.24 -63.39 -51.19
C PHE C 653 8.43 -62.58 -51.67
N ASN C 654 8.17 -61.49 -52.39
CA ASN C 654 9.24 -60.64 -52.95
C ASN C 654 10.41 -60.42 -52.00
N TRP C 655 10.15 -59.73 -50.90
CA TRP C 655 11.18 -59.39 -49.93
C TRP C 655 10.98 -60.15 -48.62
N LYS C 656 11.86 -61.12 -48.34
CA LYS C 656 11.73 -61.96 -47.16
C LYS C 656 11.62 -61.12 -45.89
N GLN C 657 10.51 -61.28 -45.18
CA GLN C 657 10.26 -60.53 -43.96
C GLN C 657 10.13 -61.46 -42.75
N GLU C 658 10.27 -60.89 -41.55
CA GLU C 658 9.98 -61.63 -40.33
C GLU C 658 9.07 -60.81 -39.41
N PHE C 659 7.98 -61.42 -38.99
CA PHE C 659 6.95 -60.76 -38.21
C PHE C 659 6.89 -61.31 -36.79
N LYS C 660 6.76 -60.42 -35.81
CA LYS C 660 6.63 -60.83 -34.42
C LYS C 660 5.41 -61.74 -34.30
N THR C 661 4.29 -61.28 -34.83
CA THR C 661 3.06 -62.08 -34.84
C THR C 661 2.28 -61.81 -36.13
N LEU C 662 1.71 -62.87 -36.70
CA LEU C 662 0.84 -62.74 -37.85
C LEU C 662 -0.55 -63.23 -37.43
N GLU C 663 -1.55 -62.39 -37.61
CA GLU C 663 -2.90 -62.74 -37.24
C GLU C 663 -3.71 -62.84 -38.53
N VAL C 664 -4.06 -64.05 -38.92
CA VAL C 664 -4.71 -64.26 -40.20
C VAL C 664 -6.05 -64.97 -40.07
N THR C 665 -7.02 -64.48 -40.82
CA THR C 665 -8.35 -65.08 -40.83
C THR C 665 -8.69 -65.51 -42.24
N LEU C 666 -9.08 -66.77 -42.38
CA LEU C 666 -9.42 -67.33 -43.67
C LEU C 666 -10.93 -67.41 -43.74
N ARG C 667 -11.50 -66.61 -44.64
CA ARG C 667 -12.93 -66.45 -44.71
C ARG C 667 -13.50 -67.04 -45.98
N ASP C 668 -14.44 -67.97 -45.81
CA ASP C 668 -15.21 -68.50 -46.92
C ASP C 668 -14.36 -69.11 -48.02
N ILE C 669 -13.30 -69.82 -47.66
CA ILE C 669 -12.49 -70.49 -48.67
C ILE C 669 -12.99 -71.92 -48.85
N ASN C 670 -13.69 -72.16 -49.95
CA ASN C 670 -14.16 -73.49 -50.28
C ASN C 670 -13.31 -74.19 -51.35
N LYS C 671 -12.30 -73.48 -51.85
CA LYS C 671 -11.44 -74.01 -52.89
C LYS C 671 -9.99 -73.89 -52.47
N LEU C 672 -9.32 -75.04 -52.33
CA LEU C 672 -7.93 -75.05 -51.88
C LEU C 672 -7.13 -76.14 -52.61
N ASN C 673 -5.93 -75.79 -53.04
CA ASN C 673 -5.08 -76.72 -53.76
C ASN C 673 -3.67 -76.86 -53.16
N LYS C 674 -2.83 -77.64 -53.84
CA LYS C 674 -1.47 -77.89 -53.36
C LYS C 674 -0.65 -76.60 -53.29
N GLN C 675 -0.68 -75.81 -54.36
CA GLN C 675 0.05 -74.56 -54.41
C GLN C 675 -0.50 -73.58 -53.37
N ASP C 676 -1.83 -73.57 -53.20
CA ASP C 676 -2.48 -72.69 -52.22
C ASP C 676 -1.99 -73.03 -50.82
N ILE C 677 -2.01 -74.31 -50.47
CA ILE C 677 -1.50 -74.76 -49.18
C ILE C 677 -0.04 -74.41 -48.96
N LYS C 678 0.81 -74.69 -49.97
CA LYS C 678 2.23 -74.41 -49.82
C LYS C 678 2.47 -72.90 -49.63
N TYR C 679 1.73 -72.09 -50.37
CA TYR C 679 1.89 -70.65 -50.31
C TYR C 679 1.43 -70.10 -48.97
N LEU C 680 0.29 -70.60 -48.49
CA LEU C 680 -0.19 -70.19 -47.18
C LEU C 680 0.77 -70.59 -46.07
N GLY C 681 1.35 -71.78 -46.19
CA GLY C 681 2.33 -72.23 -45.22
C GLY C 681 3.54 -71.31 -45.23
N LYS C 682 3.98 -70.95 -46.43
CA LYS C 682 5.14 -70.08 -46.58
C LYS C 682 4.87 -68.68 -46.01
N ILE C 683 3.68 -68.14 -46.24
CA ILE C 683 3.31 -66.85 -45.65
C ILE C 683 3.23 -66.96 -44.12
N PHE C 684 2.67 -68.07 -43.62
CA PHE C 684 2.53 -68.27 -42.18
C PHE C 684 3.88 -68.39 -41.49
N SER C 685 4.87 -68.88 -42.22
CA SER C 685 6.21 -69.08 -41.66
C SER C 685 6.96 -67.77 -41.51
N SER C 686 6.40 -66.69 -42.06
CA SER C 686 7.07 -65.39 -41.99
C SER C 686 7.08 -64.87 -40.55
N ALA C 687 6.15 -65.35 -39.73
CA ALA C 687 6.04 -64.86 -38.36
C ALA C 687 6.47 -65.90 -37.34
N THR C 688 7.11 -65.45 -36.27
CA THR C 688 7.48 -66.32 -35.16
C THR C 688 6.23 -66.79 -34.42
N ASN C 689 5.23 -65.93 -34.37
CA ASN C 689 3.96 -66.24 -33.72
C ASN C 689 2.83 -66.19 -34.73
N LEU C 690 1.91 -67.13 -34.64
CA LEU C 690 0.78 -67.15 -35.56
C LEU C 690 -0.56 -67.37 -34.87
N ARG C 691 -1.52 -66.52 -35.18
CA ARG C 691 -2.89 -66.71 -34.72
C ARG C 691 -3.79 -66.91 -35.93
N LEU C 692 -4.56 -67.99 -35.92
CA LEU C 692 -5.34 -68.38 -37.08
C LEU C 692 -6.82 -68.47 -36.76
N HIS C 693 -7.64 -67.84 -37.60
CA HIS C 693 -9.08 -67.95 -37.49
C HIS C 693 -9.59 -68.58 -38.77
N ILE C 694 -10.33 -69.67 -38.63
CA ILE C 694 -10.90 -70.32 -39.78
C ILE C 694 -12.40 -70.13 -39.73
N LYS C 695 -12.91 -69.33 -40.66
CA LYS C 695 -14.32 -68.94 -40.62
C LYS C 695 -15.04 -69.39 -41.86
N ARG C 696 -16.02 -70.27 -41.67
CA ARG C 696 -16.87 -70.75 -42.76
C ARG C 696 -16.05 -71.33 -43.91
N CYS C 697 -14.99 -72.05 -43.58
CA CYS C 697 -14.09 -72.63 -44.60
C CYS C 697 -14.36 -74.12 -44.79
N ALA C 698 -14.88 -74.47 -45.95
CA ALA C 698 -15.21 -75.87 -46.23
C ALA C 698 -14.03 -76.60 -46.85
N ALA C 699 -12.97 -75.85 -47.14
CA ALA C 699 -11.78 -76.41 -47.77
C ALA C 699 -10.81 -77.09 -46.79
N MET C 700 -11.08 -76.99 -45.48
CA MET C 700 -10.16 -77.59 -44.52
C MET C 700 -10.66 -78.96 -44.12
N ALA C 701 -10.15 -80.00 -44.76
CA ALA C 701 -10.38 -81.37 -44.32
C ALA C 701 -9.04 -82.09 -44.36
N GLY C 702 -8.52 -82.45 -43.20
CA GLY C 702 -7.22 -83.11 -43.14
C GLY C 702 -6.07 -82.17 -43.49
N ARG C 703 -6.42 -80.98 -43.98
CA ARG C 703 -5.44 -80.06 -44.55
C ARG C 703 -4.85 -79.11 -43.53
N LEU C 704 -5.40 -79.12 -42.32
CA LEU C 704 -4.90 -78.28 -41.24
C LEU C 704 -3.43 -78.58 -40.96
N SER C 705 -3.13 -79.88 -40.91
CA SER C 705 -1.78 -80.37 -40.65
C SER C 705 -0.81 -79.96 -41.76
N SER C 706 -1.25 -80.08 -43.00
CA SER C 706 -0.40 -79.75 -44.14
C SER C 706 -0.20 -78.23 -44.28
N VAL C 707 -1.26 -77.47 -44.04
CA VAL C 707 -1.15 -76.01 -44.09
C VAL C 707 -0.22 -75.49 -43.01
N LEU C 708 -0.35 -76.04 -41.81
CA LEU C 708 0.43 -75.57 -40.66
C LEU C 708 1.72 -76.34 -40.46
N ARG C 709 2.03 -77.22 -41.41
CA ARG C 709 3.21 -78.09 -41.34
C ARG C 709 4.54 -77.34 -41.12
N THR C 710 4.65 -76.14 -41.68
CA THR C 710 5.86 -75.34 -41.53
C THR C 710 5.82 -74.24 -40.48
N CYS C 711 4.71 -74.11 -39.76
CA CYS C 711 4.67 -73.17 -38.63
C CYS C 711 4.85 -73.92 -37.33
N LYS C 712 5.83 -73.49 -36.53
CA LYS C 712 6.01 -74.09 -35.21
C LYS C 712 5.09 -73.51 -34.14
N ASN C 713 5.19 -72.21 -33.87
CA ASN C 713 4.29 -71.62 -32.90
C ASN C 713 2.96 -71.17 -33.49
N MET C 714 1.89 -71.79 -33.00
CA MET C 714 0.55 -71.28 -33.22
C MET C 714 0.01 -70.83 -31.87
N HIS C 715 -0.14 -69.53 -31.69
CA HIS C 715 -0.59 -68.97 -30.43
C HIS C 715 -2.07 -69.24 -30.18
N THR C 716 -2.90 -68.97 -31.18
CA THR C 716 -4.34 -69.09 -31.05
C THR C 716 -4.96 -69.82 -32.23
N LEU C 717 -5.97 -70.65 -31.96
CA LEU C 717 -6.73 -71.30 -33.03
C LEU C 717 -8.24 -71.12 -32.87
N MET C 718 -8.87 -70.59 -33.91
CA MET C 718 -10.33 -70.47 -33.95
C MET C 718 -10.89 -71.14 -35.20
N VAL C 719 -11.78 -72.09 -35.00
CA VAL C 719 -12.45 -72.76 -36.11
C VAL C 719 -13.93 -72.46 -36.00
N GLU C 720 -14.51 -71.87 -37.04
CA GLU C 720 -15.90 -71.42 -36.99
C GLU C 720 -16.68 -71.83 -38.24
N ALA C 721 -17.75 -72.58 -38.01
CA ALA C 721 -18.64 -73.02 -39.08
C ALA C 721 -17.88 -73.72 -40.20
N SER C 722 -16.84 -74.46 -39.82
CA SER C 722 -16.05 -75.20 -40.79
C SER C 722 -16.02 -76.66 -40.38
N PRO C 723 -16.11 -77.57 -41.36
CA PRO C 723 -16.04 -78.98 -40.96
C PRO C 723 -14.61 -79.32 -40.56
N LEU C 724 -14.44 -80.40 -39.83
CA LEU C 724 -13.12 -80.81 -39.37
C LEU C 724 -13.05 -82.33 -39.28
N THR C 725 -12.03 -82.91 -39.90
CA THR C 725 -11.86 -84.35 -39.86
C THR C 725 -11.22 -84.72 -38.53
N THR C 726 -11.30 -86.01 -38.19
CA THR C 726 -10.74 -86.49 -36.94
C THR C 726 -9.22 -86.34 -36.92
N ASP C 727 -8.62 -86.40 -38.11
CA ASP C 727 -7.19 -86.15 -38.28
C ASP C 727 -6.86 -84.72 -37.88
N ASP C 728 -7.72 -83.79 -38.27
CA ASP C 728 -7.55 -82.38 -37.92
C ASP C 728 -7.56 -82.21 -36.42
N GLU C 729 -8.50 -82.88 -35.76
CA GLU C 729 -8.59 -82.86 -34.30
C GLU C 729 -7.29 -83.39 -33.69
N GLN C 730 -6.79 -84.50 -34.26
CA GLN C 730 -5.54 -85.08 -33.79
C GLN C 730 -4.37 -84.10 -33.89
N TYR C 731 -4.31 -83.37 -35.00
CA TYR C 731 -3.27 -82.34 -35.15
C TYR C 731 -3.46 -81.18 -34.17
N ILE C 732 -4.72 -80.80 -33.95
CA ILE C 732 -5.03 -79.68 -33.06
C ILE C 732 -4.54 -80.02 -31.65
N THR C 733 -4.78 -81.25 -31.22
CA THR C 733 -4.31 -81.67 -29.90
C THR C 733 -2.82 -81.99 -29.94
N SER C 734 -2.27 -82.13 -31.14
CA SER C 734 -0.85 -82.39 -31.30
C SER C 734 0.04 -81.20 -30.97
N VAL C 735 -0.47 -79.99 -31.19
CA VAL C 735 0.34 -78.79 -30.97
C VAL C 735 0.17 -78.30 -29.52
N THR C 736 1.24 -78.44 -28.75
CA THR C 736 1.19 -78.20 -27.30
C THR C 736 1.33 -76.73 -26.95
N GLY C 737 1.80 -75.93 -27.90
CA GLY C 737 2.02 -74.52 -27.69
C GLY C 737 0.77 -73.67 -27.70
N LEU C 738 -0.37 -74.31 -27.96
CA LEU C 738 -1.62 -73.58 -28.13
C LEU C 738 -2.06 -73.00 -26.79
N GLN C 739 -2.15 -71.68 -26.72
CA GLN C 739 -2.66 -71.02 -25.51
C GLN C 739 -4.15 -70.68 -25.57
N ASN C 740 -4.72 -70.67 -26.77
CA ASN C 740 -6.12 -70.32 -26.96
C ASN C 740 -6.78 -71.22 -28.00
N LEU C 741 -7.89 -71.85 -27.63
CA LEU C 741 -8.60 -72.69 -28.59
C LEU C 741 -10.10 -72.45 -28.56
N SER C 742 -10.68 -72.14 -29.72
CA SER C 742 -12.13 -71.96 -29.82
C SER C 742 -12.68 -72.67 -31.04
N ILE C 743 -13.59 -73.61 -30.82
CA ILE C 743 -14.25 -74.30 -31.93
C ILE C 743 -15.76 -74.18 -31.88
N HIS C 744 -16.33 -73.76 -33.00
CA HIS C 744 -17.77 -73.52 -33.12
C HIS C 744 -18.34 -74.44 -34.19
N ARG C 745 -19.39 -75.16 -33.81
CA ARG C 745 -20.15 -76.02 -34.71
C ARG C 745 -19.35 -77.20 -35.25
N LEU C 746 -19.03 -78.15 -34.38
CA LEU C 746 -18.49 -79.43 -34.83
C LEU C 746 -19.62 -80.46 -34.80
N HIS C 747 -20.11 -80.84 -35.97
CA HIS C 747 -21.21 -81.80 -36.07
C HIS C 747 -20.74 -83.23 -36.37
N THR C 748 -19.44 -83.40 -36.47
CA THR C 748 -18.85 -84.70 -36.73
C THR C 748 -18.69 -85.49 -35.43
N GLN C 749 -19.00 -86.77 -35.50
CA GLN C 749 -18.94 -87.65 -34.33
C GLN C 749 -17.55 -87.69 -33.72
N GLN C 750 -17.49 -87.75 -32.40
CA GLN C 750 -16.22 -87.75 -31.69
C GLN C 750 -15.66 -89.16 -31.58
N LEU C 751 -14.38 -89.27 -31.88
CA LEU C 751 -13.69 -90.55 -31.94
C LEU C 751 -12.52 -90.54 -30.97
N PRO C 752 -11.91 -91.71 -30.73
CA PRO C 752 -10.70 -91.81 -29.91
C PRO C 752 -9.55 -90.89 -30.33
N GLY C 753 -9.60 -90.31 -31.52
CA GLY C 753 -8.43 -89.69 -32.12
C GLY C 753 -7.64 -88.74 -31.25
N GLY C 754 -8.26 -87.67 -30.72
CA GLY C 754 -9.53 -87.13 -31.18
C GLY C 754 -9.61 -85.77 -30.50
N LEU C 755 -10.67 -85.00 -30.74
CA LEU C 755 -10.74 -83.66 -30.14
C LEU C 755 -10.79 -83.66 -28.62
N ILE C 756 -11.90 -84.12 -28.06
CA ILE C 756 -12.09 -84.11 -26.62
C ILE C 756 -11.55 -85.34 -25.89
N ASP C 757 -11.31 -86.43 -26.62
CA ASP C 757 -10.80 -87.64 -25.98
C ASP C 757 -9.44 -87.30 -25.38
N SER C 758 -8.54 -86.74 -26.18
CA SER C 758 -7.35 -86.18 -25.59
C SER C 758 -7.39 -84.67 -25.80
N LEU C 759 -7.98 -83.96 -24.84
CA LEU C 759 -7.88 -82.51 -24.80
C LEU C 759 -6.79 -82.11 -23.82
N GLY C 760 -6.34 -83.08 -23.03
CA GLY C 760 -5.42 -82.84 -21.93
C GLY C 760 -4.03 -82.59 -22.44
N ASN C 761 -3.82 -82.84 -23.72
CA ASN C 761 -2.52 -82.68 -24.34
C ASN C 761 -2.02 -81.23 -24.28
N LEU C 762 -2.95 -80.29 -24.36
CA LEU C 762 -2.56 -78.88 -24.32
C LEU C 762 -2.63 -78.40 -22.88
N LYS C 763 -1.47 -78.25 -22.25
CA LYS C 763 -1.39 -77.83 -20.86
C LYS C 763 -1.29 -76.32 -20.74
N ASN C 764 -0.94 -75.68 -21.86
CA ASN C 764 -0.65 -74.26 -21.88
C ASN C 764 -1.88 -73.43 -22.26
N LEU C 765 -3.02 -74.09 -22.40
CA LEU C 765 -4.22 -73.42 -22.87
C LEU C 765 -4.74 -72.54 -21.76
N GLU C 766 -4.77 -71.23 -22.01
CA GLU C 766 -5.32 -70.28 -21.04
C GLU C 766 -6.77 -69.91 -21.35
N ARG C 767 -7.22 -70.26 -22.56
CA ARG C 767 -8.60 -69.97 -22.96
C ARG C 767 -9.17 -71.13 -23.78
N LEU C 768 -10.32 -71.63 -23.36
CA LEU C 768 -10.96 -72.71 -24.09
C LEU C 768 -12.44 -72.42 -24.33
N ILE C 769 -12.85 -72.52 -25.59
CA ILE C 769 -14.25 -72.31 -25.96
C ILE C 769 -14.73 -73.44 -26.87
N LEU C 770 -15.72 -74.20 -26.38
CA LEU C 770 -16.33 -75.27 -27.14
C LEU C 770 -17.82 -74.96 -27.34
N ASP C 771 -18.21 -74.74 -28.59
CA ASP C 771 -19.58 -74.38 -28.90
C ASP C 771 -20.16 -75.27 -29.98
N ASP C 772 -21.31 -75.87 -29.68
CA ASP C 772 -22.03 -76.76 -30.60
C ASP C 772 -21.14 -77.92 -31.05
N ILE C 773 -20.48 -78.56 -30.09
CA ILE C 773 -19.68 -79.75 -30.38
C ILE C 773 -20.55 -80.99 -30.19
N ARG C 774 -20.49 -81.92 -31.15
CA ARG C 774 -21.25 -83.16 -31.05
C ARG C 774 -20.64 -84.07 -30.00
N MET C 775 -21.45 -84.47 -29.03
CA MET C 775 -20.96 -85.21 -27.88
C MET C 775 -22.02 -86.17 -27.35
N ASN C 776 -21.55 -87.12 -26.53
CA ASN C 776 -22.44 -87.98 -25.76
C ASN C 776 -21.94 -88.03 -24.33
N GLU C 777 -22.57 -88.83 -23.47
CA GLU C 777 -22.21 -88.85 -22.06
C GLU C 777 -20.74 -89.21 -21.85
N GLU C 778 -20.27 -90.23 -22.58
CA GLU C 778 -18.88 -90.66 -22.47
C GLU C 778 -17.92 -89.59 -23.00
N ASP C 779 -18.32 -88.91 -24.07
CA ASP C 779 -17.53 -87.81 -24.60
C ASP C 779 -17.43 -86.69 -23.58
N ALA C 780 -18.53 -86.46 -22.86
CA ALA C 780 -18.56 -85.45 -21.80
C ALA C 780 -17.65 -85.81 -20.64
N LYS C 781 -17.71 -87.07 -20.21
CA LYS C 781 -16.84 -87.55 -19.15
C LYS C 781 -15.36 -87.42 -19.56
N ASN C 782 -15.07 -87.74 -20.81
CA ASN C 782 -13.73 -87.57 -21.35
C ASN C 782 -13.34 -86.10 -21.34
N LEU C 783 -14.30 -85.22 -21.62
CA LEU C 783 -14.06 -83.78 -21.59
C LEU C 783 -13.70 -83.31 -20.19
N ALA C 784 -14.41 -83.82 -19.19
CA ALA C 784 -14.12 -83.49 -17.79
C ALA C 784 -12.73 -83.98 -17.40
N GLU C 785 -12.47 -85.24 -17.72
CA GLU C 785 -11.21 -85.90 -17.41
C GLU C 785 -10.05 -85.15 -18.05
N GLY C 786 -10.30 -84.61 -19.25
CA GLY C 786 -9.31 -83.80 -19.95
C GLY C 786 -9.11 -82.46 -19.29
N LEU C 787 -10.22 -81.83 -18.87
CA LEU C 787 -10.16 -80.51 -18.23
C LEU C 787 -9.42 -80.60 -16.91
N ARG C 788 -9.39 -81.79 -16.32
CA ARG C 788 -8.64 -82.01 -15.10
C ARG C 788 -7.14 -81.74 -15.30
N SER C 789 -6.65 -81.97 -16.51
CA SER C 789 -5.22 -81.86 -16.80
C SER C 789 -4.73 -80.47 -17.20
N LEU C 790 -5.65 -79.55 -17.44
CA LEU C 790 -5.27 -78.19 -17.81
C LEU C 790 -5.38 -77.27 -16.60
N LYS C 791 -4.23 -76.88 -16.07
CA LYS C 791 -4.20 -76.08 -14.85
C LYS C 791 -4.03 -74.59 -15.13
N LYS C 792 -3.87 -74.24 -16.41
CA LYS C 792 -3.61 -72.86 -16.80
C LYS C 792 -4.85 -72.07 -17.25
N MET C 793 -6.02 -72.67 -17.18
CA MET C 793 -7.18 -72.07 -17.82
C MET C 793 -7.71 -70.87 -17.04
N ARG C 794 -7.69 -69.71 -17.67
CA ARG C 794 -8.34 -68.53 -17.12
C ARG C 794 -9.71 -68.30 -17.74
N LEU C 795 -10.02 -69.05 -18.79
CA LEU C 795 -11.29 -68.90 -19.49
C LEU C 795 -11.89 -70.22 -19.97
N LEU C 796 -13.15 -70.44 -19.66
CA LEU C 796 -13.86 -71.62 -20.16
C LEU C 796 -15.28 -71.29 -20.60
N HIS C 797 -15.58 -71.61 -21.86
CA HIS C 797 -16.94 -71.52 -22.38
C HIS C 797 -17.32 -72.90 -22.91
N LEU C 798 -18.35 -73.51 -22.33
CA LEU C 798 -18.93 -74.70 -22.93
C LEU C 798 -20.39 -74.37 -23.20
N THR C 799 -20.74 -74.24 -24.48
CA THR C 799 -22.06 -73.72 -24.84
C THR C 799 -22.78 -74.55 -25.90
N HIS C 800 -24.10 -74.59 -25.81
CA HIS C 800 -24.95 -75.21 -26.83
C HIS C 800 -24.69 -76.71 -26.99
N LEU C 801 -24.36 -77.37 -25.88
CA LEU C 801 -24.11 -78.81 -25.86
C LEU C 801 -25.39 -79.64 -25.64
N SER C 802 -25.66 -80.57 -26.55
CA SER C 802 -26.86 -81.39 -26.50
C SER C 802 -26.63 -82.86 -26.11
N ASP C 803 -27.63 -83.44 -25.46
CA ASP C 803 -27.67 -84.86 -25.06
C ASP C 803 -26.41 -85.47 -24.46
N ILE C 804 -25.78 -84.77 -23.53
CA ILE C 804 -24.60 -85.31 -22.85
C ILE C 804 -24.96 -85.96 -21.50
N GLY C 805 -26.25 -86.11 -21.26
CA GLY C 805 -26.75 -86.64 -19.99
C GLY C 805 -26.17 -85.97 -18.77
N GLU C 806 -26.05 -86.74 -17.68
CA GLU C 806 -25.54 -86.25 -16.40
C GLU C 806 -24.10 -85.76 -16.45
N GLY C 807 -23.47 -85.86 -17.61
CA GLY C 807 -22.04 -85.63 -17.76
C GLY C 807 -21.52 -84.30 -17.23
N MET C 808 -22.36 -83.27 -17.23
CA MET C 808 -21.93 -81.96 -16.73
C MET C 808 -21.58 -82.01 -15.25
N ASP C 809 -22.24 -82.90 -14.51
CA ASP C 809 -21.94 -83.13 -13.11
C ASP C 809 -20.45 -83.44 -12.98
N TYR C 810 -19.95 -84.26 -13.90
CA TYR C 810 -18.54 -84.60 -13.90
C TYR C 810 -17.71 -83.37 -14.26
N ILE C 811 -18.13 -82.66 -15.30
CA ILE C 811 -17.35 -81.55 -15.85
C ILE C 811 -17.18 -80.44 -14.82
N VAL C 812 -18.29 -80.05 -14.20
CA VAL C 812 -18.27 -79.02 -13.18
C VAL C 812 -17.34 -79.46 -12.07
N LYS C 813 -17.41 -80.75 -11.71
CA LYS C 813 -16.54 -81.28 -10.68
C LYS C 813 -15.10 -81.01 -11.05
N SER C 814 -14.73 -81.36 -12.29
CA SER C 814 -13.36 -81.21 -12.75
C SER C 814 -12.94 -79.75 -12.69
N LEU C 815 -13.89 -78.86 -12.90
CA LEU C 815 -13.58 -77.44 -12.81
C LEU C 815 -13.33 -77.08 -11.35
N SER C 816 -14.24 -77.51 -10.48
CA SER C 816 -14.27 -77.00 -9.12
C SER C 816 -13.59 -77.90 -8.09
N GLU C 817 -13.00 -78.99 -8.54
CA GLU C 817 -12.37 -79.95 -7.63
C GLU C 817 -11.29 -79.31 -6.79
N GLU C 818 -10.46 -78.51 -7.44
CA GLU C 818 -9.28 -77.91 -6.81
C GLU C 818 -9.25 -76.42 -7.08
N SER C 819 -8.45 -75.67 -6.32
CA SER C 819 -8.33 -74.22 -6.49
C SER C 819 -7.90 -73.84 -7.91
N CYS C 820 -8.58 -72.87 -8.50
CA CYS C 820 -8.37 -72.56 -9.91
C CYS C 820 -8.08 -71.08 -10.18
N ASP C 821 -7.53 -70.81 -11.35
CA ASP C 821 -7.25 -69.45 -11.81
C ASP C 821 -8.41 -68.98 -12.70
N LEU C 822 -9.45 -69.79 -12.76
CA LEU C 822 -10.59 -69.54 -13.65
C LEU C 822 -11.19 -68.17 -13.41
N GLN C 823 -11.34 -67.41 -14.49
CA GLN C 823 -11.89 -66.06 -14.44
C GLN C 823 -13.26 -65.97 -15.11
N GLU C 824 -13.36 -66.43 -16.35
CA GLU C 824 -14.62 -66.38 -17.07
C GLU C 824 -15.14 -67.80 -17.23
N MET C 825 -16.36 -68.02 -16.77
CA MET C 825 -16.98 -69.33 -16.97
C MET C 825 -18.40 -69.22 -17.54
N LYS C 826 -18.56 -69.67 -18.78
CA LYS C 826 -19.88 -69.72 -19.39
C LYS C 826 -20.32 -71.17 -19.61
N LEU C 827 -21.28 -71.60 -18.81
CA LEU C 827 -21.86 -72.93 -18.90
C LEU C 827 -23.21 -72.88 -19.62
N VAL C 828 -23.46 -71.78 -20.33
CA VAL C 828 -24.77 -71.51 -20.89
C VAL C 828 -25.20 -72.49 -21.98
N ALA C 829 -26.46 -72.92 -21.90
CA ALA C 829 -27.13 -73.68 -22.94
C ALA C 829 -26.65 -75.13 -23.10
N CYS C 830 -25.62 -75.52 -22.35
CA CYS C 830 -25.25 -76.92 -22.27
C CYS C 830 -26.25 -77.55 -21.30
N CYS C 831 -26.13 -78.85 -21.01
CA CYS C 831 -27.11 -79.44 -20.13
C CYS C 831 -26.65 -79.35 -18.68
N LEU C 832 -27.28 -78.46 -17.93
CA LEU C 832 -26.95 -78.27 -16.52
C LEU C 832 -28.01 -78.95 -15.67
N THR C 833 -27.56 -79.58 -14.59
CA THR C 833 -28.45 -80.28 -13.68
C THR C 833 -28.40 -79.57 -12.35
N ALA C 834 -29.41 -79.78 -11.53
CA ALA C 834 -29.44 -79.19 -10.19
C ALA C 834 -28.25 -79.73 -9.41
N ASN C 835 -27.84 -80.95 -9.75
CA ASN C 835 -26.66 -81.56 -9.17
C ASN C 835 -25.37 -80.80 -9.49
N SER C 836 -25.22 -80.38 -10.74
CA SER C 836 -24.03 -79.67 -11.18
C SER C 836 -23.94 -78.29 -10.53
N VAL C 837 -25.10 -77.65 -10.38
CA VAL C 837 -25.18 -76.35 -9.73
C VAL C 837 -24.88 -76.51 -8.24
N LYS C 838 -25.33 -77.63 -7.68
CA LYS C 838 -25.07 -77.94 -6.28
C LYS C 838 -23.55 -78.10 -6.05
N VAL C 839 -22.93 -78.88 -6.93
CA VAL C 839 -21.49 -79.10 -6.90
C VAL C 839 -20.71 -77.80 -7.06
N LEU C 840 -21.15 -76.98 -8.00
CA LEU C 840 -20.52 -75.68 -8.24
C LEU C 840 -20.64 -74.83 -6.99
N ALA C 841 -21.79 -74.92 -6.33
CA ALA C 841 -22.06 -74.15 -5.13
C ALA C 841 -21.13 -74.56 -3.99
N GLN C 842 -21.04 -75.85 -3.73
CA GLN C 842 -20.23 -76.35 -2.62
C GLN C 842 -18.76 -76.05 -2.84
N ASN C 843 -18.31 -76.17 -4.08
CA ASN C 843 -16.91 -75.96 -4.43
C ASN C 843 -16.56 -74.57 -4.96
N LEU C 844 -17.52 -73.65 -4.95
CA LEU C 844 -17.32 -72.31 -5.52
C LEU C 844 -16.10 -71.60 -4.93
N HIS C 845 -15.75 -71.96 -3.71
CA HIS C 845 -14.60 -71.38 -3.02
C HIS C 845 -13.29 -71.75 -3.71
N ASN C 846 -13.34 -72.73 -4.61
CA ASN C 846 -12.17 -73.08 -5.40
C ASN C 846 -11.87 -72.07 -6.50
N LEU C 847 -12.90 -71.44 -7.06
CA LEU C 847 -12.65 -70.34 -7.98
C LEU C 847 -12.95 -69.01 -7.32
N ILE C 848 -11.91 -68.33 -6.83
CA ILE C 848 -12.02 -66.96 -6.33
C ILE C 848 -11.85 -65.90 -7.40
N LYS C 849 -11.06 -66.24 -8.42
CA LYS C 849 -10.62 -65.26 -9.41
C LYS C 849 -11.68 -65.06 -10.48
N LEU C 850 -12.81 -65.74 -10.33
CA LEU C 850 -13.87 -65.68 -11.31
C LEU C 850 -14.57 -64.34 -11.23
N SER C 851 -14.47 -63.55 -12.28
CA SER C 851 -15.20 -62.29 -12.37
C SER C 851 -16.47 -62.41 -13.19
N ILE C 852 -16.61 -63.53 -13.91
CA ILE C 852 -17.74 -63.72 -14.80
C ILE C 852 -18.34 -65.12 -14.71
N LEU C 853 -19.62 -65.17 -14.36
CA LEU C 853 -20.36 -66.42 -14.32
C LEU C 853 -21.63 -66.32 -15.16
N ASP C 854 -21.63 -67.06 -16.28
CA ASP C 854 -22.85 -67.17 -17.06
C ASP C 854 -23.27 -68.63 -17.07
N ILE C 855 -24.28 -68.94 -16.26
CA ILE C 855 -24.92 -70.25 -16.26
C ILE C 855 -26.29 -70.26 -16.95
N SER C 856 -26.63 -69.14 -17.59
CA SER C 856 -28.00 -68.91 -18.06
C SER C 856 -28.39 -69.83 -19.21
N GLU C 857 -29.65 -69.74 -19.62
CA GLU C 857 -30.22 -70.58 -20.68
C GLU C 857 -30.23 -72.05 -20.29
N ASN C 858 -30.33 -72.32 -18.99
CA ASN C 858 -30.39 -73.68 -18.49
C ASN C 858 -31.61 -73.88 -17.60
N TYR C 859 -32.31 -74.99 -17.82
CA TYR C 859 -33.45 -75.35 -16.99
C TYR C 859 -33.02 -76.37 -15.97
N LEU C 860 -33.35 -76.12 -14.71
CA LEU C 860 -33.02 -77.02 -13.62
C LEU C 860 -34.23 -77.86 -13.23
N GLU C 861 -34.11 -79.17 -13.42
CA GLU C 861 -35.25 -80.08 -13.38
C GLU C 861 -35.89 -80.35 -12.02
N LYS C 862 -35.15 -80.95 -11.10
CA LYS C 862 -35.73 -81.48 -9.88
C LYS C 862 -35.54 -80.58 -8.68
N ASP C 863 -34.30 -80.56 -8.18
CA ASP C 863 -33.94 -79.78 -7.01
C ASP C 863 -33.46 -78.38 -7.36
N GLY C 864 -33.77 -77.94 -8.57
CA GLY C 864 -33.23 -76.71 -9.12
C GLY C 864 -33.31 -75.45 -8.27
N ASN C 865 -34.47 -75.15 -7.70
CA ASN C 865 -34.58 -73.95 -6.87
C ASN C 865 -33.71 -74.07 -5.62
N GLU C 866 -33.65 -75.27 -5.07
CA GLU C 866 -32.82 -75.55 -3.90
C GLU C 866 -31.36 -75.36 -4.20
N ALA C 867 -30.92 -75.91 -5.32
CA ALA C 867 -29.54 -75.82 -5.75
C ALA C 867 -29.16 -74.38 -6.06
N LEU C 868 -30.07 -73.67 -6.70
CA LEU C 868 -29.82 -72.28 -7.07
C LEU C 868 -29.70 -71.42 -5.81
N GLN C 869 -30.53 -71.69 -4.82
CA GLN C 869 -30.44 -70.98 -3.55
C GLN C 869 -29.13 -71.32 -2.87
N GLU C 870 -28.72 -72.58 -3.00
CA GLU C 870 -27.44 -73.06 -2.47
C GLU C 870 -26.25 -72.32 -3.07
N LEU C 871 -26.29 -72.07 -4.36
CA LEU C 871 -25.24 -71.29 -5.04
C LEU C 871 -25.28 -69.84 -4.61
N ILE C 872 -26.49 -69.31 -4.55
CA ILE C 872 -26.70 -67.91 -4.21
C ILE C 872 -26.14 -67.62 -2.82
N GLY C 873 -26.27 -68.58 -1.93
CA GLY C 873 -25.78 -68.42 -0.58
C GLY C 873 -24.27 -68.28 -0.54
N ARG C 874 -23.58 -68.96 -1.46
CA ARG C 874 -22.13 -68.91 -1.49
C ARG C 874 -21.58 -67.90 -2.50
N LEU C 875 -22.48 -67.16 -3.14
CA LEU C 875 -22.05 -66.12 -4.09
C LEU C 875 -21.15 -65.05 -3.47
N GLY C 876 -21.21 -64.89 -2.15
CA GLY C 876 -20.39 -63.92 -1.47
C GLY C 876 -18.90 -64.19 -1.57
N VAL C 877 -18.56 -65.46 -1.85
CA VAL C 877 -17.19 -65.91 -1.97
C VAL C 877 -16.44 -65.22 -3.11
N LEU C 878 -17.18 -64.81 -4.13
CA LEU C 878 -16.54 -64.19 -5.29
C LEU C 878 -16.44 -62.69 -5.11
N GLY C 879 -15.22 -62.22 -4.89
CA GLY C 879 -14.97 -60.82 -4.66
C GLY C 879 -14.91 -60.02 -5.94
N GLU C 880 -14.44 -60.67 -7.00
CA GLU C 880 -14.18 -60.01 -8.27
C GLU C 880 -15.36 -60.10 -9.25
N LEU C 881 -16.47 -60.67 -8.80
CA LEU C 881 -17.53 -61.00 -9.75
C LEU C 881 -18.18 -59.73 -10.25
N THR C 882 -18.03 -59.47 -11.56
CA THR C 882 -18.70 -58.35 -12.20
C THR C 882 -19.86 -58.76 -13.12
N THR C 883 -20.02 -60.06 -13.34
CA THR C 883 -21.05 -60.52 -14.27
C THR C 883 -21.75 -61.78 -13.76
N LEU C 884 -23.08 -61.68 -13.61
CA LEU C 884 -23.85 -62.82 -13.16
C LEU C 884 -25.08 -63.04 -14.03
N MET C 885 -25.13 -64.18 -14.68
CA MET C 885 -26.29 -64.56 -15.46
C MET C 885 -26.79 -65.88 -14.90
N LEU C 886 -28.00 -65.87 -14.35
CA LEU C 886 -28.48 -67.04 -13.60
C LEU C 886 -29.32 -67.98 -14.46
N PRO C 887 -29.37 -69.27 -14.11
CA PRO C 887 -30.25 -70.18 -14.84
C PRO C 887 -31.65 -70.09 -14.25
N TRP C 888 -32.61 -70.83 -14.82
CA TRP C 888 -33.98 -70.69 -14.34
C TRP C 888 -34.71 -72.01 -14.08
N CYS C 889 -35.87 -71.86 -13.45
CA CYS C 889 -36.83 -72.93 -13.22
C CYS C 889 -38.14 -72.17 -13.01
N TRP C 890 -39.24 -72.84 -12.72
CA TRP C 890 -40.48 -72.08 -12.48
C TRP C 890 -40.63 -71.42 -11.10
N ASP C 891 -39.95 -71.94 -10.08
CA ASP C 891 -40.02 -71.32 -8.74
C ASP C 891 -38.89 -70.34 -8.39
N VAL C 892 -38.08 -69.96 -9.37
CA VAL C 892 -36.88 -69.14 -9.13
C VAL C 892 -37.09 -67.82 -8.40
N HIS C 893 -38.22 -67.17 -8.64
CA HIS C 893 -38.43 -65.80 -8.14
C HIS C 893 -38.40 -65.71 -6.62
N THR C 894 -38.77 -66.80 -5.96
CA THR C 894 -38.77 -66.86 -4.50
C THR C 894 -37.35 -66.71 -3.95
N SER C 895 -36.36 -66.92 -4.81
CA SER C 895 -34.96 -66.80 -4.42
C SER C 895 -34.41 -65.39 -4.63
N LEU C 896 -35.24 -64.50 -5.17
CA LEU C 896 -34.78 -63.12 -5.41
C LEU C 896 -34.42 -62.32 -4.14
N PRO C 897 -35.23 -62.43 -3.06
CA PRO C 897 -34.81 -61.73 -1.84
C PRO C 897 -33.45 -62.21 -1.36
N LYS C 898 -33.20 -63.51 -1.47
CA LYS C 898 -31.96 -64.11 -1.04
C LYS C 898 -30.80 -63.66 -1.91
N LEU C 899 -31.06 -63.55 -3.21
CA LEU C 899 -30.04 -63.13 -4.17
C LEU C 899 -29.65 -61.66 -3.97
N LEU C 900 -30.65 -60.83 -3.69
CA LEU C 900 -30.41 -59.41 -3.51
C LEU C 900 -29.56 -59.10 -2.28
N LYS C 901 -29.71 -59.89 -1.22
CA LYS C 901 -28.90 -59.73 -0.02
C LYS C 901 -27.43 -59.95 -0.37
N GLN C 902 -27.17 -60.96 -1.19
CA GLN C 902 -25.82 -61.28 -1.61
C GLN C 902 -25.30 -60.26 -2.62
N LEU C 903 -26.21 -59.66 -3.39
CA LEU C 903 -25.83 -58.67 -4.38
C LEU C 903 -25.62 -57.31 -3.73
N GLU C 904 -25.98 -57.19 -2.46
CA GLU C 904 -25.72 -55.99 -1.69
C GLU C 904 -24.22 -55.86 -1.45
N GLY C 905 -23.55 -57.00 -1.31
CA GLY C 905 -22.13 -57.05 -1.03
C GLY C 905 -21.31 -57.11 -2.31
N THR C 906 -21.99 -57.03 -3.44
CA THR C 906 -21.31 -57.04 -4.73
C THR C 906 -21.70 -55.86 -5.60
N PRO C 907 -21.29 -54.63 -5.20
CA PRO C 907 -21.57 -53.50 -6.06
C PRO C 907 -20.60 -53.49 -7.23
N GLY C 908 -20.75 -52.56 -8.16
CA GLY C 908 -19.92 -52.56 -9.35
C GLY C 908 -20.21 -53.77 -10.20
N LEU C 909 -21.39 -54.37 -10.02
CA LEU C 909 -21.80 -55.52 -10.80
C LEU C 909 -22.02 -54.96 -12.20
N ALA C 910 -21.30 -55.47 -13.18
CA ALA C 910 -21.39 -54.93 -14.53
C ALA C 910 -22.57 -55.48 -15.31
N LYS C 911 -22.77 -56.79 -15.22
CA LYS C 911 -23.85 -57.46 -15.95
C LYS C 911 -24.71 -58.28 -15.04
N LEU C 912 -26.01 -58.05 -15.09
CA LEU C 912 -26.93 -58.90 -14.36
C LEU C 912 -28.02 -59.42 -15.26
N GLY C 913 -28.27 -60.73 -15.21
CA GLY C 913 -29.48 -61.21 -15.83
C GLY C 913 -30.10 -62.39 -15.13
N LEU C 914 -31.42 -62.40 -15.19
CA LEU C 914 -32.21 -63.53 -14.76
C LEU C 914 -33.11 -63.79 -15.95
N LYS C 915 -32.87 -64.89 -16.64
CA LYS C 915 -33.61 -65.15 -17.85
C LYS C 915 -34.61 -66.26 -17.57
N ASN C 916 -35.86 -65.99 -17.91
CA ASN C 916 -36.98 -66.90 -17.65
C ASN C 916 -37.20 -67.14 -16.15
N TRP C 917 -36.70 -66.21 -15.34
CA TRP C 917 -37.14 -66.10 -13.97
C TRP C 917 -38.44 -65.36 -14.14
N ARG C 918 -39.56 -65.97 -13.81
CA ARG C 918 -40.77 -65.26 -14.13
C ARG C 918 -41.05 -64.36 -12.94
N LEU C 919 -40.62 -63.11 -13.12
CA LEU C 919 -40.71 -62.07 -12.11
C LEU C 919 -42.10 -61.49 -12.12
N ARG C 920 -42.57 -61.06 -10.96
CA ARG C 920 -43.87 -60.42 -10.87
C ARG C 920 -43.64 -59.00 -10.38
N ASP C 921 -44.71 -58.22 -10.24
CA ASP C 921 -44.59 -56.84 -9.77
C ASP C 921 -43.99 -56.75 -8.38
N GLU C 922 -44.22 -57.76 -7.56
CA GLU C 922 -43.63 -57.80 -6.23
C GLU C 922 -42.11 -57.94 -6.33
N GLU C 923 -41.66 -58.81 -7.24
CA GLU C 923 -40.23 -59.01 -7.44
C GLU C 923 -39.59 -57.81 -8.14
N ILE C 924 -40.28 -57.22 -9.10
CA ILE C 924 -39.75 -56.07 -9.83
C ILE C 924 -39.66 -54.85 -8.90
N LYS C 925 -40.62 -54.72 -7.99
CA LYS C 925 -40.61 -53.63 -7.04
C LYS C 925 -39.53 -53.87 -5.99
N SER C 926 -39.39 -55.11 -5.56
CA SER C 926 -38.36 -55.48 -4.59
C SER C 926 -36.99 -55.15 -5.16
N LEU C 927 -36.78 -55.51 -6.42
CA LEU C 927 -35.54 -55.24 -7.13
C LEU C 927 -35.34 -53.74 -7.29
N GLY C 928 -36.43 -52.99 -7.47
CA GLY C 928 -36.38 -51.55 -7.57
C GLY C 928 -35.90 -50.91 -6.28
N GLU C 929 -36.46 -51.35 -5.16
CA GLU C 929 -36.10 -50.88 -3.83
C GLU C 929 -34.63 -51.19 -3.58
N PHE C 930 -34.24 -52.40 -3.98
CA PHE C 930 -32.85 -52.83 -3.88
C PHE C 930 -31.99 -51.85 -4.65
N LEU C 931 -32.47 -51.46 -5.82
CA LEU C 931 -31.73 -50.58 -6.72
C LEU C 931 -31.58 -49.16 -6.18
N GLU C 932 -32.59 -48.66 -5.46
CA GLU C 932 -32.48 -47.34 -4.85
C GLU C 932 -31.58 -47.36 -3.62
N MET C 933 -31.82 -48.29 -2.71
CA MET C 933 -31.05 -48.37 -1.47
C MET C 933 -29.62 -48.86 -1.71
N ASN C 934 -29.49 -49.93 -2.47
CA ASN C 934 -28.20 -50.56 -2.70
C ASN C 934 -27.75 -50.50 -4.16
N PRO C 935 -27.52 -49.29 -4.68
CA PRO C 935 -27.52 -49.09 -6.13
C PRO C 935 -26.30 -49.72 -6.77
N LEU C 936 -26.43 -50.10 -8.04
CA LEU C 936 -25.32 -50.65 -8.78
C LEU C 936 -24.63 -49.53 -9.55
N ARG C 937 -25.33 -49.04 -10.58
CA ARG C 937 -24.92 -47.91 -11.41
C ARG C 937 -23.65 -48.13 -12.25
N ASP C 938 -22.93 -49.22 -12.00
CA ASP C 938 -21.86 -49.65 -12.90
C ASP C 938 -22.45 -50.66 -13.86
N LEU C 939 -23.75 -50.92 -13.69
CA LEU C 939 -24.38 -52.04 -14.36
C LEU C 939 -24.40 -51.74 -15.85
N GLN C 940 -23.72 -52.59 -16.60
CA GLN C 940 -23.54 -52.39 -18.03
C GLN C 940 -24.69 -52.97 -18.83
N GLN C 941 -25.25 -54.08 -18.36
CA GLN C 941 -26.41 -54.65 -19.03
C GLN C 941 -27.33 -55.41 -18.08
N LEU C 942 -28.63 -55.30 -18.35
CA LEU C 942 -29.65 -55.94 -17.53
C LEU C 942 -30.55 -56.80 -18.39
N ASP C 943 -30.59 -58.09 -18.09
CA ASP C 943 -31.44 -59.00 -18.84
C ASP C 943 -32.55 -59.54 -17.96
N LEU C 944 -33.77 -59.08 -18.20
CA LEU C 944 -34.92 -59.74 -17.61
C LEU C 944 -35.80 -60.22 -18.76
N ALA C 945 -35.77 -61.52 -19.02
CA ALA C 945 -36.57 -62.11 -20.08
C ALA C 945 -37.43 -63.19 -19.47
N GLY C 946 -38.61 -63.43 -20.04
CA GLY C 946 -39.53 -64.37 -19.43
C GLY C 946 -39.93 -63.83 -18.08
N HIS C 947 -40.41 -62.59 -18.09
CA HIS C 947 -40.86 -61.90 -16.90
C HIS C 947 -42.35 -61.64 -17.00
N CYS C 948 -43.08 -61.78 -15.89
CA CYS C 948 -44.46 -61.34 -15.92
C CYS C 948 -44.61 -60.05 -15.13
N VAL C 949 -44.50 -58.93 -15.83
CA VAL C 949 -44.65 -57.63 -15.19
C VAL C 949 -45.80 -56.88 -15.86
N SER C 950 -46.74 -56.40 -15.05
CA SER C 950 -47.86 -55.64 -15.58
C SER C 950 -47.33 -54.27 -15.99
N SER C 951 -48.07 -53.58 -16.84
CA SER C 951 -47.68 -52.26 -17.31
C SER C 951 -47.50 -51.33 -16.10
N ASP C 952 -48.32 -51.51 -15.08
CA ASP C 952 -48.21 -50.75 -13.85
C ASP C 952 -46.88 -51.03 -13.16
N GLY C 953 -46.48 -52.30 -13.17
CA GLY C 953 -45.22 -52.71 -12.57
C GLY C 953 -44.01 -52.08 -13.25
N TRP C 954 -43.98 -52.13 -14.57
CA TRP C 954 -42.91 -51.51 -15.33
C TRP C 954 -42.91 -50.01 -15.13
N LEU C 955 -44.11 -49.42 -15.02
CA LEU C 955 -44.23 -47.99 -14.77
C LEU C 955 -43.67 -47.62 -13.40
N TYR C 956 -43.88 -48.49 -12.42
CA TYR C 956 -43.30 -48.33 -11.10
C TYR C 956 -41.79 -48.33 -11.28
N PHE C 957 -41.33 -49.31 -12.05
CA PHE C 957 -39.91 -49.57 -12.21
C PHE C 957 -39.11 -48.52 -12.99
N MET C 958 -39.75 -47.83 -13.94
CA MET C 958 -39.04 -46.92 -14.83
C MET C 958 -38.33 -45.78 -14.11
N ASN C 959 -38.94 -45.32 -13.02
CA ASN C 959 -38.42 -44.21 -12.24
C ASN C 959 -37.05 -44.58 -11.66
N VAL C 960 -36.93 -45.82 -11.19
CA VAL C 960 -35.66 -46.33 -10.68
C VAL C 960 -34.73 -46.72 -11.83
N PHE C 961 -35.32 -47.18 -12.93
CA PHE C 961 -34.60 -47.62 -14.11
C PHE C 961 -33.82 -46.47 -14.74
N GLU C 962 -34.31 -45.25 -14.55
CA GLU C 962 -33.65 -44.06 -15.08
C GLU C 962 -32.23 -43.91 -14.58
N ASN C 963 -32.00 -44.33 -13.33
CA ASN C 963 -30.76 -44.01 -12.63
C ASN C 963 -29.51 -44.80 -12.99
N LEU C 964 -29.64 -45.83 -13.81
CA LEU C 964 -28.44 -46.51 -14.30
C LEU C 964 -28.04 -45.86 -15.61
N LYS C 965 -26.98 -45.06 -15.55
CA LYS C 965 -26.54 -44.26 -16.70
C LYS C 965 -25.45 -45.01 -17.48
N GLN C 966 -24.96 -46.08 -16.88
CA GLN C 966 -23.86 -46.85 -17.46
C GLN C 966 -24.37 -48.04 -18.26
N LEU C 967 -25.69 -48.14 -18.38
CA LEU C 967 -26.30 -49.31 -18.98
C LEU C 967 -26.09 -49.33 -20.49
N VAL C 968 -25.42 -50.38 -20.98
CA VAL C 968 -25.22 -50.56 -22.41
C VAL C 968 -26.38 -51.27 -23.12
N PHE C 969 -26.87 -52.33 -22.49
CA PHE C 969 -27.83 -53.23 -23.12
C PHE C 969 -28.92 -53.61 -22.12
N PHE C 970 -30.18 -53.56 -22.53
CA PHE C 970 -31.19 -54.18 -21.66
C PHE C 970 -32.26 -54.94 -22.42
N ASP C 971 -32.67 -56.07 -21.86
CA ASP C 971 -33.65 -56.92 -22.50
C ASP C 971 -34.86 -57.14 -21.61
N PHE C 972 -36.01 -56.58 -22.01
CA PHE C 972 -37.27 -56.94 -21.38
C PHE C 972 -38.11 -57.60 -22.47
N SER C 973 -38.18 -58.93 -22.46
CA SER C 973 -38.83 -59.62 -23.57
C SER C 973 -40.19 -60.26 -23.30
N THR C 974 -40.18 -61.40 -22.62
CA THR C 974 -41.36 -62.25 -22.43
C THR C 974 -42.07 -62.49 -23.78
N GLU C 975 -43.41 -62.53 -23.77
CA GLU C 975 -44.16 -62.73 -25.00
C GLU C 975 -45.18 -61.60 -25.11
N GLU C 976 -46.15 -61.72 -26.02
CA GLU C 976 -46.95 -60.57 -26.43
C GLU C 976 -47.57 -59.81 -25.25
N PHE C 977 -47.24 -58.53 -25.17
CA PHE C 977 -47.52 -57.70 -24.02
C PHE C 977 -47.88 -56.30 -24.52
N LEU C 978 -48.99 -55.75 -24.06
CA LEU C 978 -49.40 -54.40 -24.47
C LEU C 978 -49.17 -53.38 -23.36
N PRO C 979 -48.16 -52.52 -23.55
CA PRO C 979 -47.73 -51.50 -22.58
C PRO C 979 -48.70 -50.34 -22.50
N ASP C 980 -48.85 -49.75 -21.31
CA ASP C 980 -49.66 -48.55 -21.15
C ASP C 980 -49.05 -47.41 -21.95
N ALA C 981 -49.89 -46.46 -22.35
CA ALA C 981 -49.44 -45.29 -23.10
C ALA C 981 -48.46 -44.51 -22.23
N ALA C 982 -48.77 -44.44 -20.94
CA ALA C 982 -47.89 -43.78 -19.97
C ALA C 982 -46.57 -44.54 -19.85
N LEU C 983 -46.64 -45.86 -19.90
CA LEU C 983 -45.45 -46.71 -19.86
C LEU C 983 -44.58 -46.41 -21.08
N VAL C 984 -45.23 -46.22 -22.22
CA VAL C 984 -44.54 -45.91 -23.46
C VAL C 984 -43.89 -44.53 -23.39
N ARG C 985 -44.61 -43.58 -22.82
CA ARG C 985 -44.12 -42.21 -22.65
C ARG C 985 -42.87 -42.20 -21.79
N LYS C 986 -42.99 -42.80 -20.62
CA LYS C 986 -41.89 -42.88 -19.67
C LYS C 986 -40.72 -43.67 -20.26
N LEU C 987 -41.03 -44.65 -21.09
CA LEU C 987 -40.01 -45.46 -21.74
C LEU C 987 -39.21 -44.58 -22.68
N SER C 988 -39.92 -43.75 -23.45
CA SER C 988 -39.29 -42.81 -24.36
C SER C 988 -38.41 -41.85 -23.58
N GLN C 989 -38.89 -41.40 -22.41
CA GLN C 989 -38.09 -40.50 -21.58
C GLN C 989 -36.79 -41.15 -21.08
N VAL C 990 -36.89 -42.37 -20.56
CA VAL C 990 -35.70 -43.07 -20.07
C VAL C 990 -34.72 -43.33 -21.20
N LEU C 991 -35.23 -43.76 -22.35
CA LEU C 991 -34.39 -44.02 -23.51
C LEU C 991 -33.71 -42.73 -23.96
N SER C 992 -34.38 -41.60 -23.77
CA SER C 992 -33.76 -40.30 -24.02
C SER C 992 -32.65 -40.06 -23.02
N LYS C 993 -32.88 -40.46 -21.77
CA LYS C 993 -31.88 -40.29 -20.71
C LYS C 993 -30.66 -41.21 -20.75
N LEU C 994 -30.79 -42.39 -21.34
CA LEU C 994 -29.66 -43.31 -21.35
C LEU C 994 -28.84 -43.12 -22.62
N THR C 995 -27.66 -42.55 -22.44
CA THR C 995 -26.79 -42.18 -23.54
C THR C 995 -25.93 -43.33 -24.04
N LEU C 996 -25.63 -44.27 -23.17
CA LEU C 996 -24.67 -45.32 -23.47
C LEU C 996 -25.30 -46.58 -24.06
N LEU C 997 -26.62 -46.55 -24.27
CA LEU C 997 -27.30 -47.73 -24.76
C LEU C 997 -26.82 -48.15 -26.14
N GLN C 998 -26.28 -49.36 -26.26
CA GLN C 998 -26.03 -49.98 -27.57
C GLN C 998 -27.21 -50.79 -28.07
N GLU C 999 -27.83 -51.55 -27.17
CA GLU C 999 -28.93 -52.43 -27.57
C GLU C 999 -30.12 -52.50 -26.59
N VAL C 1000 -31.31 -52.40 -27.16
CA VAL C 1000 -32.55 -52.55 -26.41
C VAL C 1000 -33.36 -53.67 -27.02
N LYS C 1001 -33.66 -54.70 -26.22
CA LYS C 1001 -34.45 -55.81 -26.72
C LYS C 1001 -35.81 -55.86 -26.04
N LEU C 1002 -36.85 -55.43 -26.75
CA LEU C 1002 -38.22 -55.57 -26.27
C LEU C 1002 -39.00 -56.41 -27.28
N THR C 1003 -39.31 -57.66 -26.95
CA THR C 1003 -39.98 -58.51 -27.91
C THR C 1003 -41.39 -58.89 -27.46
N GLY C 1004 -42.36 -58.71 -28.35
CA GLY C 1004 -43.75 -58.97 -28.02
C GLY C 1004 -44.31 -57.77 -27.28
N TRP C 1005 -43.72 -56.61 -27.54
CA TRP C 1005 -44.17 -55.34 -26.98
C TRP C 1005 -45.14 -54.55 -27.86
N GLU C 1006 -45.64 -55.16 -28.93
CA GLU C 1006 -46.60 -54.49 -29.82
C GLU C 1006 -45.98 -53.24 -30.44
N PHE C 1007 -46.48 -52.07 -30.03
CA PHE C 1007 -45.96 -50.74 -30.39
C PHE C 1007 -46.54 -50.16 -31.68
N ASP C 1008 -47.41 -50.91 -32.34
CA ASP C 1008 -48.01 -50.43 -33.58
C ASP C 1008 -49.10 -49.40 -33.30
N ASP C 1009 -49.52 -49.30 -32.05
CA ASP C 1009 -50.43 -48.26 -31.63
C ASP C 1009 -49.69 -46.93 -31.60
N TYR C 1010 -48.59 -46.91 -30.85
CA TYR C 1010 -47.86 -45.68 -30.57
C TYR C 1010 -46.79 -45.44 -31.63
N ASP C 1011 -46.11 -44.30 -31.54
CA ASP C 1011 -45.10 -43.97 -32.54
C ASP C 1011 -43.78 -44.65 -32.19
N ILE C 1012 -43.30 -45.50 -33.10
CA ILE C 1012 -42.08 -46.26 -32.86
C ILE C 1012 -40.86 -45.32 -32.86
N SER C 1013 -41.00 -44.18 -33.55
CA SER C 1013 -39.92 -43.22 -33.68
C SER C 1013 -39.53 -42.68 -32.31
N ALA C 1014 -40.49 -42.60 -31.41
CA ALA C 1014 -40.22 -42.12 -30.07
C ALA C 1014 -39.59 -43.24 -29.25
N ILE C 1015 -39.73 -44.47 -29.74
CA ILE C 1015 -39.16 -45.62 -29.04
C ILE C 1015 -37.78 -45.93 -29.66
N LYS C 1016 -37.50 -45.29 -30.78
CA LYS C 1016 -36.20 -45.41 -31.44
C LYS C 1016 -35.18 -44.52 -30.75
N GLY C 1017 -34.02 -44.36 -31.38
CA GLY C 1017 -32.91 -43.66 -30.77
C GLY C 1017 -31.66 -44.24 -31.40
N THR C 1018 -30.49 -43.73 -31.04
CA THR C 1018 -29.30 -44.33 -31.60
C THR C 1018 -28.86 -45.48 -30.71
N PHE C 1019 -29.16 -46.68 -31.20
CA PHE C 1019 -28.91 -47.96 -30.53
C PHE C 1019 -29.60 -49.03 -31.37
N LYS C 1020 -29.25 -50.28 -31.17
CA LYS C 1020 -29.98 -51.38 -31.80
C LYS C 1020 -31.34 -51.52 -31.13
N LEU C 1021 -32.39 -51.67 -31.91
CA LEU C 1021 -33.73 -51.88 -31.36
C LEU C 1021 -34.26 -53.22 -31.84
N VAL C 1022 -34.80 -54.00 -30.90
CA VAL C 1022 -35.36 -55.31 -31.24
C VAL C 1022 -36.82 -55.42 -30.83
N THR C 1023 -37.68 -55.72 -31.79
CA THR C 1023 -39.10 -55.94 -31.51
C THR C 1023 -39.53 -57.35 -31.87
N GLU D 95 -30.15 -10.70 6.16
CA GLU D 95 -29.65 -9.57 5.39
C GLU D 95 -29.96 -8.26 6.10
N GLU D 96 -30.96 -8.26 6.97
CA GLU D 96 -31.27 -7.08 7.77
C GLU D 96 -30.03 -6.68 8.57
N ASP D 97 -29.36 -7.69 9.12
CA ASP D 97 -28.12 -7.48 9.88
C ASP D 97 -26.96 -7.00 9.00
N LEU D 98 -26.89 -7.51 7.78
CA LEU D 98 -25.86 -7.10 6.84
C LEU D 98 -26.07 -5.65 6.44
N ASN D 99 -27.33 -5.31 6.16
CA ASN D 99 -27.68 -3.96 5.74
C ASN D 99 -27.44 -2.95 6.87
N VAL D 100 -27.76 -3.35 8.10
CA VAL D 100 -27.52 -2.47 9.24
C VAL D 100 -26.01 -2.33 9.51
N LEU D 101 -25.24 -3.38 9.19
CA LEU D 101 -23.80 -3.29 9.32
C LEU D 101 -23.23 -2.25 8.34
N ALA D 102 -23.63 -2.38 7.07
CA ALA D 102 -23.14 -1.46 6.04
C ALA D 102 -23.56 -0.03 6.33
N GLN D 103 -24.81 0.14 6.77
CA GLN D 103 -25.32 1.45 7.16
C GLN D 103 -24.58 2.02 8.37
N ASN D 104 -24.16 1.16 9.29
CA ASN D 104 -23.40 1.62 10.44
C ASN D 104 -22.03 2.13 10.01
N LEU D 105 -21.40 1.40 9.09
CA LEU D 105 -20.11 1.85 8.56
C LEU D 105 -20.27 3.20 7.85
N LYS D 106 -21.31 3.31 7.03
CA LYS D 106 -21.60 4.55 6.32
C LYS D 106 -21.86 5.70 7.30
N ASP D 107 -22.58 5.42 8.39
CA ASP D 107 -22.87 6.42 9.40
C ASP D 107 -21.57 6.89 10.04
N LEU D 108 -20.67 5.95 10.30
CA LEU D 108 -19.39 6.25 10.91
C LEU D 108 -18.51 7.13 10.04
N TYR D 109 -18.34 6.76 8.78
CA TYR D 109 -17.43 7.49 7.91
C TYR D 109 -17.96 8.87 7.55
N ASN D 110 -19.26 9.08 7.71
CA ASN D 110 -19.87 10.35 7.36
C ASN D 110 -20.00 11.30 8.55
N SER D 111 -19.55 10.86 9.72
CA SER D 111 -19.67 11.64 10.94
C SER D 111 -18.54 12.65 11.04
N PRO D 112 -18.79 13.78 11.73
CA PRO D 112 -17.76 14.79 11.96
C PRO D 112 -16.60 14.22 12.77
N ALA D 113 -16.87 13.18 13.53
CA ALA D 113 -15.84 12.51 14.31
C ALA D 113 -14.79 11.83 13.42
N PHE D 114 -15.25 11.15 12.38
CA PHE D 114 -14.34 10.54 11.41
C PHE D 114 -13.79 11.58 10.44
N LEU D 115 -14.64 12.52 10.06
CA LEU D 115 -14.30 13.52 9.06
C LEU D 115 -13.20 14.49 9.50
N ASN D 116 -13.17 14.79 10.79
CA ASN D 116 -12.22 15.76 11.32
C ASN D 116 -11.21 15.11 12.26
N PHE D 117 -9.95 15.50 12.13
CA PHE D 117 -8.94 15.06 13.09
C PHE D 117 -7.84 16.08 13.35
N TYR D 118 -7.16 15.93 14.47
CA TYR D 118 -6.02 16.77 14.81
C TYR D 118 -4.73 16.09 14.39
N PRO D 119 -4.06 16.63 13.37
CA PRO D 119 -2.81 16.06 12.87
C PRO D 119 -1.72 16.09 13.93
N LEU D 120 -1.65 17.21 14.64
CA LEU D 120 -0.59 17.42 15.62
C LEU D 120 -1.02 17.12 17.06
N GLY D 121 -2.25 16.65 17.24
CA GLY D 121 -2.74 16.41 18.58
C GLY D 121 -3.76 17.41 19.06
N GLU D 122 -4.38 17.11 20.19
CA GLU D 122 -5.49 17.89 20.72
C GLU D 122 -5.06 19.25 21.24
N ASP D 123 -3.76 19.43 21.47
CA ASP D 123 -3.28 20.62 22.15
C ASP D 123 -2.77 21.72 21.19
N ILE D 124 -2.85 21.46 19.90
CA ILE D 124 -2.46 22.45 18.90
C ILE D 124 -3.66 22.66 18.00
N ASP D 125 -4.00 23.91 17.70
CA ASP D 125 -5.21 24.12 16.92
C ASP D 125 -4.82 24.14 15.46
N ILE D 126 -4.98 22.97 14.85
CA ILE D 126 -4.97 22.76 13.42
C ILE D 126 -5.95 21.62 13.22
N ILE D 127 -6.90 21.77 12.31
CA ILE D 127 -7.89 20.72 12.12
C ILE D 127 -8.01 20.29 10.67
N PHE D 128 -7.93 18.99 10.43
CA PHE D 128 -8.00 18.49 9.07
C PHE D 128 -9.34 17.82 8.81
N ASN D 129 -9.96 18.20 7.69
CA ASN D 129 -11.24 17.66 7.29
C ASN D 129 -11.08 16.89 5.98
N LEU D 130 -11.59 15.67 5.96
CA LEU D 130 -11.43 14.77 4.83
C LEU D 130 -12.02 15.32 3.55
N GLU D 131 -13.06 16.13 3.69
CA GLU D 131 -13.73 16.76 2.56
C GLU D 131 -13.06 18.08 2.17
N LYS D 132 -13.06 19.01 3.12
CA LYS D 132 -12.69 20.39 2.87
C LYS D 132 -11.18 20.72 2.83
N THR D 133 -10.40 20.14 3.73
CA THR D 133 -8.98 20.47 3.84
C THR D 133 -8.14 19.64 2.89
N PHE D 134 -8.77 18.66 2.25
CA PHE D 134 -8.06 17.68 1.45
C PHE D 134 -7.75 18.22 0.06
N THR D 135 -6.49 18.16 -0.33
CA THR D 135 -6.08 18.50 -1.68
C THR D 135 -5.73 17.23 -2.41
N GLU D 136 -6.08 17.14 -3.68
CA GLU D 136 -5.86 15.91 -4.43
C GLU D 136 -4.37 15.67 -4.60
N PRO D 137 -3.88 14.53 -4.09
CA PRO D 137 -2.45 14.28 -4.22
C PRO D 137 -2.13 13.80 -5.63
N ILE D 138 -0.84 13.69 -5.95
CA ILE D 138 -0.41 13.14 -7.22
C ILE D 138 0.07 11.72 -6.98
N MET D 139 -0.40 10.79 -7.79
CA MET D 139 -0.07 9.41 -7.53
C MET D 139 0.69 8.86 -8.74
N TRP D 140 1.50 7.83 -8.53
CA TRP D 140 2.26 7.25 -9.64
C TRP D 140 2.13 5.73 -9.62
N LYS D 141 1.74 5.14 -10.74
CA LYS D 141 1.71 3.68 -10.77
C LYS D 141 3.14 3.20 -10.87
N LYS D 142 3.48 2.17 -10.10
CA LYS D 142 4.85 1.70 -10.05
C LYS D 142 5.01 0.28 -10.57
N ASP D 143 6.00 0.09 -11.43
CA ASP D 143 6.31 -1.23 -11.96
C ASP D 143 7.38 -1.89 -11.11
N HIS D 144 7.74 -3.12 -11.47
CA HIS D 144 8.74 -3.92 -10.75
C HIS D 144 10.02 -3.18 -10.32
N ARG D 145 10.66 -2.45 -11.24
CA ARG D 145 11.88 -1.68 -10.96
C ARG D 145 11.70 -0.38 -10.19
N HIS D 146 10.49 -0.12 -9.70
CA HIS D 146 10.20 1.10 -8.93
C HIS D 146 10.30 2.32 -9.85
N HIS D 147 10.00 2.11 -11.12
CA HIS D 147 9.93 3.19 -12.10
C HIS D 147 8.48 3.62 -12.21
N ARG D 148 8.24 4.91 -12.43
CA ARG D 148 6.87 5.39 -12.48
C ARG D 148 6.34 5.28 -13.90
N VAL D 149 5.42 4.35 -14.09
CA VAL D 149 4.87 4.04 -15.40
C VAL D 149 3.86 5.08 -15.88
N GLU D 150 2.89 5.39 -15.03
CA GLU D 150 1.76 6.21 -15.42
C GLU D 150 1.36 7.12 -14.27
N GLN D 151 0.92 8.33 -14.59
CA GLN D 151 0.48 9.24 -13.53
C GLN D 151 -0.99 8.97 -13.25
N LEU D 152 -1.32 8.92 -11.96
CA LEU D 152 -2.67 8.60 -11.55
C LEU D 152 -3.20 9.59 -10.53
N THR D 153 -4.51 9.55 -10.35
CA THR D 153 -5.22 10.29 -9.34
C THR D 153 -5.93 9.23 -8.52
N LEU D 154 -6.47 9.61 -7.37
CA LEU D 154 -7.18 8.66 -6.52
C LEU D 154 -8.33 8.01 -7.29
N GLY D 155 -9.02 8.80 -8.10
CA GLY D 155 -10.12 8.28 -8.90
C GLY D 155 -9.67 7.27 -9.93
N SER D 156 -8.61 7.60 -10.66
CA SER D 156 -8.06 6.72 -11.68
C SER D 156 -7.50 5.43 -11.08
N LEU D 157 -6.89 5.55 -9.90
CA LEU D 157 -6.37 4.38 -9.20
C LEU D 157 -7.50 3.45 -8.75
N LEU D 158 -8.53 4.05 -8.17
CA LEU D 158 -9.69 3.31 -7.69
C LEU D 158 -10.44 2.66 -8.85
N GLU D 159 -10.42 3.33 -10.01
CA GLU D 159 -11.06 2.82 -11.21
C GLU D 159 -10.36 1.57 -11.72
N ALA D 160 -9.04 1.56 -11.57
CA ALA D 160 -8.20 0.47 -12.07
C ALA D 160 -7.89 -0.57 -11.00
N LEU D 161 -8.53 -0.44 -9.84
CA LEU D 161 -8.15 -1.17 -8.63
C LEU D 161 -8.06 -2.68 -8.80
N LYS D 162 -6.94 -3.24 -8.34
CA LYS D 162 -6.74 -4.67 -8.31
C LYS D 162 -6.18 -5.03 -6.94
N SER D 163 -6.45 -6.25 -6.47
CA SER D 163 -6.05 -6.65 -5.12
C SER D 163 -4.95 -7.71 -5.14
N PRO D 164 -4.05 -7.68 -4.14
CA PRO D 164 -3.86 -6.59 -3.17
C PRO D 164 -3.23 -5.34 -3.79
N CYS D 165 -3.74 -4.17 -3.43
CA CYS D 165 -3.18 -2.90 -3.87
C CYS D 165 -2.27 -2.31 -2.80
N LEU D 166 -1.10 -1.81 -3.20
CA LEU D 166 -0.16 -1.24 -2.26
C LEU D 166 0.04 0.24 -2.55
N ILE D 167 -0.13 1.08 -1.54
CA ILE D 167 0.19 2.50 -1.68
C ILE D 167 1.39 2.85 -0.80
N GLU D 168 2.44 3.37 -1.43
CA GLU D 168 3.70 3.62 -0.76
C GLU D 168 4.12 5.08 -0.89
N GLY D 169 5.04 5.51 -0.04
CA GLY D 169 5.57 6.86 -0.09
C GLY D 169 6.41 7.14 1.14
N GLU D 170 7.00 8.32 1.24
CA GLU D 170 7.77 8.64 2.43
C GLU D 170 6.81 8.87 3.59
N SER D 171 7.36 9.02 4.79
CA SER D 171 6.55 9.27 5.98
C SER D 171 5.93 10.67 5.95
N GLY D 172 4.62 10.75 6.20
CA GLY D 172 3.93 12.02 6.18
C GLY D 172 3.46 12.40 4.79
N LYS D 173 3.49 11.44 3.88
CA LYS D 173 3.15 11.70 2.48
C LYS D 173 1.65 11.83 2.25
N GLY D 174 0.86 11.41 3.23
CA GLY D 174 -0.59 11.47 3.12
C GLY D 174 -1.31 10.16 2.85
N LYS D 175 -0.63 9.04 3.05
CA LYS D 175 -1.19 7.72 2.78
C LYS D 175 -2.42 7.36 3.63
N SER D 176 -2.30 7.54 4.95
CA SER D 176 -3.39 7.24 5.86
C SER D 176 -4.61 8.10 5.51
N THR D 177 -4.35 9.39 5.31
CA THR D 177 -5.38 10.33 4.93
C THR D 177 -6.02 9.93 3.60
N LEU D 178 -5.25 9.30 2.73
CA LEU D 178 -5.78 8.81 1.47
C LEU D 178 -6.76 7.67 1.71
N LEU D 179 -6.41 6.77 2.63
CA LEU D 179 -7.32 5.69 2.96
C LEU D 179 -8.61 6.22 3.58
N GLN D 180 -8.48 7.18 4.50
CA GLN D 180 -9.64 7.81 5.10
C GLN D 180 -10.50 8.47 4.02
N ARG D 181 -9.85 9.05 3.02
CA ARG D 181 -10.56 9.63 1.90
C ARG D 181 -11.35 8.56 1.16
N ILE D 182 -10.77 7.38 0.98
CA ILE D 182 -11.48 6.31 0.32
C ILE D 182 -12.74 5.94 1.11
N ALA D 183 -12.58 5.81 2.42
CA ALA D 183 -13.72 5.46 3.27
C ALA D 183 -14.84 6.50 3.17
N MET D 184 -14.47 7.77 3.30
CA MET D 184 -15.44 8.86 3.24
C MET D 184 -16.11 8.99 1.87
N LEU D 185 -15.36 8.72 0.82
CA LEU D 185 -15.90 8.79 -0.54
C LEU D 185 -16.90 7.65 -0.75
N TRP D 186 -16.59 6.49 -0.21
CA TRP D 186 -17.49 5.35 -0.30
C TRP D 186 -18.79 5.64 0.44
N ALA D 187 -18.66 6.16 1.66
CA ALA D 187 -19.83 6.49 2.46
C ALA D 187 -20.70 7.61 1.89
N SER D 188 -20.08 8.59 1.24
CA SER D 188 -20.81 9.76 0.74
C SER D 188 -21.27 9.67 -0.71
N GLY D 189 -21.06 8.52 -1.36
CA GLY D 189 -21.46 8.39 -2.75
C GLY D 189 -20.51 9.09 -3.71
N GLY D 190 -19.53 9.79 -3.16
CA GLY D 190 -18.56 10.57 -3.91
C GLY D 190 -17.90 9.91 -5.11
N CYS D 191 -17.65 8.60 -5.02
CA CYS D 191 -16.89 7.88 -6.05
C CYS D 191 -17.67 6.75 -6.73
N ARG D 192 -17.64 6.75 -8.07
CA ARG D 192 -18.25 5.71 -8.90
C ARG D 192 -17.57 4.35 -8.74
N ALA D 193 -16.25 4.36 -8.60
CA ALA D 193 -15.51 3.10 -8.51
C ALA D 193 -15.91 2.33 -7.26
N LEU D 194 -16.31 3.05 -6.22
CA LEU D 194 -16.58 2.44 -4.92
C LEU D 194 -18.02 1.96 -4.69
N LYS D 195 -18.90 2.15 -5.67
CA LYS D 195 -20.31 1.78 -5.49
C LYS D 195 -20.48 0.27 -5.54
N GLY D 196 -19.46 -0.43 -6.03
CA GLY D 196 -19.49 -1.87 -6.11
C GLY D 196 -19.31 -2.52 -4.76
N PHE D 197 -18.85 -1.75 -3.78
CA PHE D 197 -18.53 -2.29 -2.47
C PHE D 197 -19.70 -2.19 -1.50
N ARG D 198 -20.11 -3.36 -0.99
CA ARG D 198 -21.18 -3.44 0.00
C ARG D 198 -20.68 -2.98 1.36
N LEU D 199 -19.47 -3.37 1.70
CA LEU D 199 -18.87 -2.97 2.97
C LEU D 199 -17.43 -2.52 2.75
N VAL D 200 -17.02 -1.44 3.41
CA VAL D 200 -15.60 -1.11 3.46
C VAL D 200 -15.14 -0.93 4.91
N PHE D 201 -14.04 -1.58 5.26
CA PHE D 201 -13.53 -1.55 6.61
C PHE D 201 -12.20 -0.80 6.65
N PHE D 202 -12.09 0.18 7.53
CA PHE D 202 -10.84 0.90 7.70
C PHE D 202 -10.19 0.53 9.03
N ILE D 203 -8.96 0.06 8.97
CA ILE D 203 -8.24 -0.35 10.17
C ILE D 203 -6.88 0.35 10.28
N HIS D 204 -6.50 0.69 11.50
CA HIS D 204 -5.13 1.11 11.77
C HIS D 204 -4.38 -0.17 12.13
N LEU D 205 -3.41 -0.54 11.31
CA LEU D 205 -2.70 -1.81 11.51
C LEU D 205 -1.84 -1.81 12.77
N ARG D 206 -1.52 -0.62 13.28
CA ARG D 206 -0.67 -0.48 14.46
C ARG D 206 -1.35 -1.21 15.60
N SER D 207 -2.66 -1.03 15.74
CA SER D 207 -3.39 -1.82 16.70
C SER D 207 -4.18 -2.85 15.93
N ALA D 208 -3.62 -4.05 15.85
CA ALA D 208 -4.27 -5.21 15.29
C ALA D 208 -3.88 -6.35 16.19
N ARG D 209 -4.85 -6.93 16.87
CA ARG D 209 -4.55 -7.97 17.85
C ARG D 209 -5.62 -9.01 17.68
N GLY D 210 -5.43 -10.20 18.25
CA GLY D 210 -6.47 -11.20 18.15
C GLY D 210 -6.61 -11.66 16.71
N GLY D 211 -7.79 -11.42 16.16
CA GLY D 211 -8.09 -11.81 14.78
C GLY D 211 -8.83 -10.68 14.10
N LEU D 212 -9.06 -10.84 12.80
CA LEU D 212 -9.70 -9.82 11.98
C LEU D 212 -11.01 -9.32 12.58
N PHE D 213 -11.84 -10.26 13.05
CA PHE D 213 -13.13 -9.91 13.64
C PHE D 213 -12.96 -9.09 14.91
N GLU D 214 -12.07 -9.53 15.78
CA GLU D 214 -11.83 -8.84 17.04
C GLU D 214 -11.28 -7.45 16.78
N THR D 215 -10.42 -7.34 15.78
CA THR D 215 -9.81 -6.05 15.44
C THR D 215 -10.88 -5.09 14.93
N LEU D 216 -11.68 -5.54 13.98
CA LEU D 216 -12.75 -4.70 13.44
C LEU D 216 -13.75 -4.29 14.53
N TYR D 217 -14.11 -5.24 15.39
CA TYR D 217 -15.08 -5.01 16.45
C TYR D 217 -14.57 -3.99 17.46
N ASP D 218 -13.32 -4.17 17.89
CA ASP D 218 -12.72 -3.31 18.89
C ASP D 218 -12.39 -1.92 18.35
N GLN D 219 -12.03 -1.84 17.08
CA GLN D 219 -11.71 -0.54 16.47
C GLN D 219 -12.94 0.27 16.07
N LEU D 220 -13.85 -0.37 15.33
CA LEU D 220 -15.00 0.30 14.74
C LEU D 220 -16.17 0.54 15.72
N LEU D 221 -16.43 -0.44 16.57
CA LEU D 221 -17.39 -0.34 17.67
C LEU D 221 -18.86 -0.43 17.25
N ASN D 222 -19.13 -0.35 15.95
CA ASN D 222 -20.51 -0.35 15.48
C ASN D 222 -21.02 -1.69 14.97
N ILE D 223 -20.19 -2.73 15.07
CA ILE D 223 -20.56 -4.05 14.60
C ILE D 223 -21.65 -4.62 15.50
N PRO D 224 -22.75 -5.10 14.90
CA PRO D 224 -23.90 -5.62 15.65
C PRO D 224 -23.53 -6.73 16.62
N ASP D 225 -24.24 -6.78 17.73
CA ASP D 225 -23.93 -7.63 18.88
C ASP D 225 -24.01 -9.10 18.47
N PHE D 226 -25.11 -9.50 17.85
CA PHE D 226 -25.38 -10.91 17.59
C PHE D 226 -24.78 -11.52 16.31
N ILE D 227 -24.03 -10.75 15.52
CA ILE D 227 -23.27 -11.36 14.43
C ILE D 227 -21.93 -11.79 15.03
N SER D 228 -21.57 -13.04 14.79
CA SER D 228 -20.46 -13.67 15.50
C SER D 228 -19.27 -13.92 14.56
N LYS D 229 -18.12 -14.17 15.17
CA LYS D 229 -16.87 -14.37 14.43
C LYS D 229 -16.98 -15.42 13.31
N PRO D 230 -17.57 -16.60 13.60
CA PRO D 230 -17.70 -17.56 12.48
C PRO D 230 -18.63 -17.03 11.41
N THR D 231 -19.73 -16.40 11.85
CA THR D 231 -20.69 -15.81 10.95
C THR D 231 -20.04 -14.72 10.13
N PHE D 232 -19.14 -13.96 10.77
CA PHE D 232 -18.44 -12.90 10.08
C PHE D 232 -17.52 -13.46 9.02
N LYS D 233 -16.83 -14.55 9.35
CA LYS D 233 -15.91 -15.19 8.42
C LYS D 233 -16.67 -15.71 7.20
N ALA D 234 -17.78 -16.40 7.45
CA ALA D 234 -18.61 -16.92 6.39
C ALA D 234 -19.16 -15.77 5.54
N LEU D 235 -19.47 -14.66 6.20
CA LEU D 235 -19.99 -13.48 5.53
C LEU D 235 -18.96 -12.90 4.57
N LEU D 236 -17.71 -12.84 5.03
CA LEU D 236 -16.62 -12.32 4.23
C LEU D 236 -16.37 -13.22 3.03
N LEU D 237 -16.38 -14.53 3.26
CA LEU D 237 -16.19 -15.50 2.18
C LEU D 237 -17.28 -15.41 1.12
N LYS D 238 -18.52 -15.26 1.58
CA LYS D 238 -19.69 -15.15 0.71
C LYS D 238 -19.69 -13.84 -0.08
N LEU D 239 -19.30 -12.75 0.56
CA LEU D 239 -19.38 -11.43 -0.04
C LEU D 239 -18.35 -11.20 -1.15
N HIS D 240 -17.32 -12.04 -1.20
CA HIS D 240 -16.40 -12.06 -2.33
C HIS D 240 -15.70 -10.71 -2.48
N LYS D 241 -15.86 -10.07 -3.64
CA LYS D 241 -15.15 -8.83 -3.97
C LYS D 241 -15.97 -7.60 -3.61
N GLU D 242 -17.08 -7.82 -2.92
CA GLU D 242 -18.00 -6.74 -2.57
C GLU D 242 -17.57 -6.04 -1.29
N VAL D 243 -16.48 -6.49 -0.69
CA VAL D 243 -15.94 -5.86 0.51
C VAL D 243 -14.52 -5.34 0.31
N LEU D 244 -14.31 -4.09 0.69
CA LEU D 244 -13.00 -3.44 0.56
C LEU D 244 -12.39 -3.17 1.93
N PHE D 245 -11.17 -3.65 2.13
CA PHE D 245 -10.43 -3.40 3.35
C PHE D 245 -9.41 -2.30 3.10
N LEU D 246 -9.40 -1.30 3.97
CA LEU D 246 -8.35 -0.30 3.92
C LEU D 246 -7.46 -0.51 5.13
N LEU D 247 -6.24 -0.96 4.90
CA LEU D 247 -5.32 -1.35 5.95
C LEU D 247 -4.18 -0.33 5.98
N ASP D 248 -4.01 0.30 7.13
CA ASP D 248 -3.14 1.47 7.24
C ASP D 248 -1.86 1.22 8.03
N GLY D 249 -0.73 1.61 7.44
CA GLY D 249 0.54 1.57 8.14
C GLY D 249 1.08 0.18 8.44
N TYR D 250 1.28 -0.61 7.39
CA TYR D 250 1.88 -1.93 7.53
C TYR D 250 3.27 -1.83 8.15
N ASN D 251 3.87 -0.65 8.02
CA ASN D 251 5.16 -0.35 8.63
C ASN D 251 5.03 -0.28 10.14
N GLU D 252 3.81 -0.04 10.62
CA GLU D 252 3.55 0.01 12.05
C GLU D 252 3.02 -1.33 12.55
N PHE D 253 2.94 -2.31 11.66
CA PHE D 253 2.30 -3.58 11.98
C PHE D 253 3.31 -4.67 12.33
N HIS D 254 3.08 -5.33 13.46
CA HIS D 254 3.86 -6.51 13.82
C HIS D 254 2.96 -7.71 13.62
N PRO D 255 3.21 -8.48 12.55
CA PRO D 255 2.32 -9.55 12.07
C PRO D 255 2.06 -10.65 13.09
N GLN D 256 2.93 -10.80 14.07
CA GLN D 256 2.74 -11.83 15.08
C GLN D 256 1.56 -11.49 15.99
N ASN D 257 1.27 -10.20 16.10
CA ASN D 257 0.16 -9.75 16.94
C ASN D 257 -1.19 -10.15 16.36
N CYS D 258 -1.30 -10.11 15.04
CA CYS D 258 -2.52 -10.53 14.36
C CYS D 258 -2.21 -11.31 13.08
N PRO D 259 -1.96 -12.63 13.23
CA PRO D 259 -1.61 -13.49 12.10
C PRO D 259 -2.71 -13.56 11.03
N GLU D 260 -3.96 -13.42 11.45
CA GLU D 260 -5.08 -13.51 10.52
C GLU D 260 -5.12 -12.36 9.51
N ILE D 261 -4.86 -11.13 9.97
CA ILE D 261 -4.79 -9.98 9.06
C ILE D 261 -3.58 -10.11 8.13
N GLU D 262 -2.48 -10.61 8.69
CA GLU D 262 -1.30 -10.90 7.90
C GLU D 262 -1.65 -11.87 6.78
N ALA D 263 -2.52 -12.83 7.10
CA ALA D 263 -3.00 -13.78 6.11
C ALA D 263 -3.93 -13.09 5.10
N LEU D 264 -4.72 -12.13 5.59
CA LEU D 264 -5.66 -11.39 4.74
C LEU D 264 -4.90 -10.64 3.66
N ILE D 265 -3.77 -10.04 4.04
CA ILE D 265 -2.94 -9.33 3.09
C ILE D 265 -2.16 -10.28 2.19
N LYS D 266 -1.45 -11.22 2.81
CA LYS D 266 -0.45 -12.01 2.13
C LYS D 266 -1.00 -13.20 1.34
N GLU D 267 -2.07 -13.82 1.85
CA GLU D 267 -2.79 -14.83 1.08
C GLU D 267 -4.20 -14.31 0.81
N ASN D 268 -4.42 -13.81 -0.40
CA ASN D 268 -5.72 -13.21 -0.72
C ASN D 268 -6.70 -14.19 -1.35
N HIS D 269 -6.19 -15.34 -1.77
CA HIS D 269 -7.01 -16.36 -2.41
C HIS D 269 -7.91 -17.03 -1.38
N ARG D 270 -7.40 -17.16 -0.16
CA ARG D 270 -8.13 -17.77 0.94
C ARG D 270 -9.27 -16.84 1.34
N PHE D 271 -9.02 -15.54 1.23
CA PHE D 271 -9.98 -14.51 1.61
C PHE D 271 -10.91 -14.07 0.47
N LYS D 272 -10.31 -13.66 -0.65
CA LYS D 272 -11.01 -13.23 -1.86
C LYS D 272 -11.61 -11.83 -1.73
N ASN D 273 -11.40 -11.20 -0.57
CA ASN D 273 -11.83 -9.82 -0.37
C ASN D 273 -10.81 -8.88 -1.00
N MET D 274 -11.20 -7.65 -1.27
CA MET D 274 -10.28 -6.70 -1.88
C MET D 274 -9.56 -5.92 -0.77
N VAL D 275 -8.25 -5.77 -0.89
CA VAL D 275 -7.47 -5.05 0.12
C VAL D 275 -6.59 -3.95 -0.46
N ILE D 276 -6.52 -2.84 0.25
CA ILE D 276 -5.59 -1.77 -0.05
C ILE D 276 -4.74 -1.51 1.18
N VAL D 277 -3.43 -1.67 1.03
CA VAL D 277 -2.53 -1.54 2.17
C VAL D 277 -1.62 -0.33 2.00
N THR D 278 -1.35 0.35 3.11
CA THR D 278 -0.50 1.53 3.10
C THR D 278 0.79 1.22 3.85
N THR D 279 1.92 1.65 3.29
CA THR D 279 3.22 1.45 3.92
C THR D 279 4.24 2.48 3.43
N THR D 280 5.33 2.63 4.17
CA THR D 280 6.44 3.47 3.75
C THR D 280 7.31 2.77 2.72
N THR D 281 8.06 3.54 1.94
CA THR D 281 8.92 3.01 0.88
C THR D 281 9.94 2.03 1.45
N GLU D 282 10.42 2.37 2.63
CA GLU D 282 11.44 1.61 3.35
C GLU D 282 10.95 0.20 3.70
N CYS D 283 9.67 0.09 4.06
CA CYS D 283 9.09 -1.19 4.47
C CYS D 283 8.35 -1.90 3.33
N LEU D 284 8.37 -1.32 2.13
CA LEU D 284 7.59 -1.85 1.01
C LEU D 284 8.00 -3.27 0.65
N ARG D 285 9.26 -3.61 0.92
CA ARG D 285 9.80 -4.95 0.67
C ARG D 285 9.05 -6.06 1.40
N HIS D 286 8.57 -5.75 2.60
CA HIS D 286 7.87 -6.75 3.40
C HIS D 286 6.62 -7.32 2.73
N ILE D 287 5.84 -6.45 2.11
CA ILE D 287 4.62 -6.86 1.40
C ILE D 287 4.79 -6.97 -0.11
N ARG D 288 6.00 -6.70 -0.60
CA ARG D 288 6.23 -6.44 -2.03
C ARG D 288 5.83 -7.59 -2.95
N HIS D 289 6.17 -8.82 -2.57
CA HIS D 289 5.90 -9.99 -3.41
C HIS D 289 4.41 -10.22 -3.67
N VAL D 290 3.58 -9.84 -2.70
CA VAL D 290 2.15 -10.14 -2.73
C VAL D 290 1.29 -9.21 -3.61
N GLY D 291 1.70 -7.95 -3.74
CA GLY D 291 0.85 -6.94 -4.34
C GLY D 291 0.63 -7.06 -5.83
N ALA D 292 -0.63 -6.96 -6.23
CA ALA D 292 -1.01 -7.01 -7.64
C ALA D 292 -1.05 -5.63 -8.27
N LEU D 293 -0.97 -4.60 -7.42
CA LEU D 293 -0.88 -3.22 -7.88
C LEU D 293 -0.01 -2.44 -6.91
N THR D 294 0.82 -1.53 -7.43
CA THR D 294 1.60 -0.67 -6.55
C THR D 294 1.63 0.77 -7.05
N ALA D 295 1.22 1.69 -6.20
CA ALA D 295 1.19 3.11 -6.51
C ALA D 295 1.87 3.91 -5.40
N GLU D 296 2.44 5.05 -5.75
CA GLU D 296 3.14 5.90 -4.81
C GLU D 296 2.44 7.24 -4.69
N VAL D 297 2.34 7.75 -3.46
CA VAL D 297 1.84 9.09 -3.26
C VAL D 297 3.01 10.01 -3.57
N GLY D 298 2.82 10.89 -4.54
CA GLY D 298 3.90 11.73 -5.01
C GLY D 298 4.14 12.89 -4.07
N ASP D 299 5.11 13.73 -4.43
CA ASP D 299 5.39 14.91 -3.62
C ASP D 299 4.20 15.86 -3.70
N MET D 300 4.08 16.77 -2.74
CA MET D 300 2.95 17.68 -2.70
C MET D 300 3.27 18.88 -3.58
N THR D 301 2.34 19.19 -4.49
CA THR D 301 2.55 20.28 -5.43
C THR D 301 2.51 21.60 -4.69
N GLU D 302 3.22 22.59 -5.24
CA GLU D 302 3.42 23.88 -4.59
C GLU D 302 2.11 24.63 -4.33
N ASP D 303 1.15 24.48 -5.25
CA ASP D 303 -0.15 25.13 -5.12
C ASP D 303 -0.88 24.57 -3.91
N SER D 304 -0.84 23.24 -3.78
CA SER D 304 -1.52 22.53 -2.71
C SER D 304 -0.95 22.82 -1.33
N ALA D 305 0.37 22.98 -1.25
CA ALA D 305 0.99 23.31 0.02
C ALA D 305 0.47 24.64 0.54
N LYS D 306 0.42 25.63 -0.35
CA LYS D 306 -0.10 26.94 0.00
C LYS D 306 -1.60 26.85 0.29
N ASP D 307 -2.29 25.93 -0.36
CA ASP D 307 -3.70 25.70 -0.09
C ASP D 307 -3.93 25.20 1.34
N LEU D 308 -3.11 24.24 1.75
CA LEU D 308 -3.20 23.66 3.08
C LEU D 308 -2.88 24.75 4.09
N ILE D 309 -1.80 25.49 3.84
CA ILE D 309 -1.37 26.56 4.74
C ILE D 309 -2.48 27.62 4.90
N GLU D 310 -3.04 28.03 3.77
CA GLU D 310 -4.12 29.02 3.77
C GLU D 310 -5.32 28.49 4.53
N ALA D 311 -5.51 27.18 4.47
CA ALA D 311 -6.62 26.54 5.17
C ALA D 311 -6.43 26.57 6.68
N VAL D 312 -5.23 26.22 7.15
CA VAL D 312 -5.03 26.06 8.59
C VAL D 312 -4.45 27.29 9.28
N LEU D 313 -4.22 28.36 8.52
CA LEU D 313 -3.52 29.52 9.08
C LEU D 313 -4.24 30.84 8.75
N VAL D 314 -4.11 31.80 9.65
CA VAL D 314 -4.65 33.14 9.43
C VAL D 314 -3.74 33.91 8.48
N PRO D 315 -4.33 34.79 7.65
CA PRO D 315 -3.59 35.42 6.53
C PRO D 315 -2.29 36.12 6.94
N ASP D 316 -2.25 36.75 8.13
CA ASP D 316 -1.06 37.45 8.60
C ASP D 316 0.12 36.49 8.59
N GLN D 317 -0.10 35.31 9.19
CA GLN D 317 0.90 34.26 9.23
C GLN D 317 1.02 33.49 7.93
N VAL D 318 -0.05 33.45 7.13
CA VAL D 318 0.01 32.78 5.83
C VAL D 318 1.02 33.42 4.89
N GLU D 319 0.92 34.73 4.70
CA GLU D 319 1.85 35.37 3.76
C GLU D 319 3.28 35.46 4.32
N ARG D 320 3.39 35.66 5.62
CA ARG D 320 4.67 35.69 6.33
C ARG D 320 5.39 34.35 6.11
N LEU D 321 4.68 33.27 6.41
CA LEU D 321 5.25 31.93 6.27
C LEU D 321 5.56 31.63 4.81
N TRP D 322 4.71 32.08 3.90
CA TRP D 322 4.95 31.84 2.48
C TRP D 322 6.21 32.57 2.01
N ALA D 323 6.43 33.77 2.54
CA ALA D 323 7.66 34.52 2.25
C ALA D 323 8.86 33.73 2.75
N GLN D 324 8.75 33.23 3.99
CA GLN D 324 9.84 32.44 4.58
C GLN D 324 10.14 31.20 3.75
N ILE D 325 9.10 30.62 3.18
CA ILE D 325 9.20 29.44 2.34
C ILE D 325 9.91 29.77 1.05
N GLN D 326 9.53 30.88 0.44
CA GLN D 326 10.11 31.28 -0.84
C GLN D 326 11.56 31.73 -0.69
N GLU D 327 11.97 32.09 0.51
CA GLU D 327 13.38 32.41 0.73
C GLU D 327 14.28 31.19 0.90
N SER D 328 13.74 30.12 1.47
CA SER D 328 14.54 28.92 1.75
C SER D 328 14.16 27.73 0.86
N ARG D 329 15.14 27.24 0.12
CA ARG D 329 14.92 26.09 -0.76
C ARG D 329 14.76 24.81 0.04
N CYS D 330 15.41 24.75 1.20
CA CYS D 330 15.26 23.62 2.11
C CYS D 330 13.85 23.59 2.69
N LEU D 331 13.34 24.76 3.09
CA LEU D 331 11.96 24.86 3.57
C LEU D 331 10.97 24.54 2.45
N ARG D 332 11.29 24.99 1.24
CA ARG D 332 10.47 24.71 0.08
C ARG D 332 10.41 23.21 -0.18
N ASN D 333 11.55 22.55 0.00
CA ASN D 333 11.66 21.10 -0.15
C ASN D 333 10.91 20.36 0.95
N LEU D 334 10.95 20.91 2.15
CA LEU D 334 10.28 20.38 3.32
C LEU D 334 8.77 20.45 3.13
N MET D 335 8.34 21.33 2.24
CA MET D 335 6.93 21.57 2.00
C MET D 335 6.37 20.58 0.98
N LYS D 336 7.21 19.67 0.50
CA LYS D 336 6.76 18.65 -0.45
C LYS D 336 6.01 17.51 0.25
N THR D 337 6.18 17.41 1.56
CA THR D 337 5.42 16.45 2.36
C THR D 337 4.47 17.21 3.26
N PRO D 338 3.17 16.92 3.17
CA PRO D 338 2.10 17.67 3.82
C PRO D 338 2.23 17.75 5.36
N LEU D 339 2.70 16.68 5.98
CA LEU D 339 2.84 16.64 7.43
C LEU D 339 3.79 17.75 7.88
N PHE D 340 4.89 17.88 7.16
CA PHE D 340 5.87 18.91 7.48
C PHE D 340 5.27 20.30 7.28
N VAL D 341 4.36 20.41 6.33
CA VAL D 341 3.64 21.65 6.11
C VAL D 341 2.81 22.00 7.34
N VAL D 342 2.07 21.02 7.87
CA VAL D 342 1.26 21.28 9.07
C VAL D 342 2.15 21.66 10.27
N ILE D 343 3.29 20.96 10.38
CA ILE D 343 4.23 21.23 11.46
C ILE D 343 4.79 22.64 11.38
N THR D 344 5.15 23.06 10.17
CA THR D 344 5.68 24.40 9.95
C THR D 344 4.59 25.43 10.22
N CYS D 345 3.35 25.05 9.97
CA CYS D 345 2.23 25.93 10.30
C CYS D 345 2.17 26.13 11.80
N ALA D 346 2.32 25.03 12.55
CA ALA D 346 2.31 25.11 14.01
C ALA D 346 3.46 25.96 14.53
N ILE D 347 4.64 25.80 13.92
CA ILE D 347 5.80 26.59 14.29
C ILE D 347 5.52 28.08 14.05
N GLN D 348 4.92 28.38 12.91
CA GLN D 348 4.55 29.76 12.59
C GLN D 348 3.56 30.34 13.59
N MET D 349 2.62 29.53 14.05
CA MET D 349 1.71 29.98 15.11
C MET D 349 2.48 30.23 16.39
N GLY D 350 3.55 29.45 16.57
CA GLY D 350 4.43 29.54 17.71
C GLY D 350 5.54 30.57 17.72
N ARG D 351 6.14 30.79 16.54
CA ARG D 351 7.45 31.45 16.43
C ARG D 351 7.46 32.83 15.74
N GLN D 352 6.98 32.86 14.50
CA GLN D 352 6.98 34.02 13.58
C GLN D 352 8.29 34.23 12.83
N GLU D 353 9.40 33.77 13.40
CA GLU D 353 10.65 33.69 12.64
C GLU D 353 11.39 32.43 13.06
N PHE D 354 11.70 31.60 12.08
CA PHE D 354 12.34 30.33 12.37
C PHE D 354 13.23 29.86 11.22
N GLN D 355 14.33 29.21 11.58
CA GLN D 355 15.31 28.77 10.59
C GLN D 355 15.42 27.26 10.57
N ALA D 356 14.93 26.62 9.50
CA ALA D 356 15.01 25.17 9.43
C ALA D 356 15.54 24.72 8.07
N HIS D 357 16.74 24.16 8.09
CA HIS D 357 17.38 23.60 6.90
C HIS D 357 17.00 22.15 6.66
N THR D 358 16.80 21.42 7.75
CA THR D 358 16.50 19.99 7.66
C THR D 358 15.20 19.62 8.34
N GLN D 359 14.68 18.45 7.99
CA GLN D 359 13.46 17.91 8.57
C GLN D 359 13.65 17.70 10.08
N THR D 360 14.88 17.37 10.46
CA THR D 360 15.23 17.23 11.88
C THR D 360 15.21 18.57 12.62
N MET D 361 15.62 19.64 11.95
CA MET D 361 15.60 20.95 12.58
C MET D 361 14.17 21.46 12.65
N LEU D 362 13.33 20.96 11.75
CA LEU D 362 11.90 21.27 11.78
C LEU D 362 11.31 20.65 13.03
N PHE D 363 11.54 19.35 13.19
CA PHE D 363 11.02 18.62 14.33
C PHE D 363 11.58 19.16 15.64
N GLN D 364 12.85 19.57 15.60
CA GLN D 364 13.51 20.15 16.77
C GLN D 364 12.90 21.49 17.16
N THR D 365 12.62 22.30 16.14
CA THR D 365 11.98 23.60 16.38
C THR D 365 10.64 23.36 17.04
N PHE D 366 9.89 22.38 16.53
CA PHE D 366 8.58 22.07 17.09
C PHE D 366 8.67 21.57 18.54
N TYR D 367 9.59 20.65 18.81
CA TYR D 367 9.78 20.09 20.15
C TYR D 367 10.17 21.17 21.15
N ASP D 368 11.22 21.92 20.82
CA ASP D 368 11.74 22.98 21.69
C ASP D 368 10.67 24.03 21.94
N LEU D 369 9.91 24.35 20.90
CA LEU D 369 8.84 25.33 21.02
C LEU D 369 7.79 24.79 21.99
N LEU D 370 7.51 23.49 21.86
CA LEU D 370 6.56 22.81 22.74
C LEU D 370 6.98 22.93 24.19
N ILE D 371 8.26 22.68 24.47
CA ILE D 371 8.77 22.82 25.83
C ILE D 371 8.67 24.27 26.30
N GLN D 372 9.04 25.20 25.42
CA GLN D 372 9.08 26.61 25.75
C GLN D 372 7.72 27.14 26.19
N LYS D 373 6.70 26.87 25.38
CA LYS D 373 5.34 27.33 25.68
C LYS D 373 4.64 26.53 26.77
N ASN D 374 4.81 25.20 26.75
CA ASN D 374 4.03 24.33 27.63
C ASN D 374 4.70 23.93 28.96
N SER D 375 5.92 24.43 29.20
CA SER D 375 6.64 24.03 30.43
C SER D 375 5.93 24.42 31.71
N HIS D 376 5.28 25.59 31.70
CA HIS D 376 4.68 26.14 32.91
C HIS D 376 3.53 25.28 33.42
N ARG D 377 2.94 24.49 32.53
CA ARG D 377 1.79 23.67 32.90
C ARG D 377 2.17 22.52 33.83
N TYR D 378 3.46 22.18 33.85
CA TYR D 378 3.98 21.19 34.78
C TYR D 378 4.40 21.87 36.09
N ARG D 379 3.74 21.52 37.19
CA ARG D 379 4.06 22.12 38.49
C ARG D 379 4.08 21.10 39.62
N GLY D 380 4.63 21.51 40.77
CA GLY D 380 4.78 20.63 41.91
C GLY D 380 6.01 19.73 41.82
N GLY D 381 6.57 19.62 40.63
CA GLY D 381 7.73 18.79 40.41
C GLY D 381 9.03 19.31 41.02
N ALA D 382 9.40 20.54 40.66
CA ALA D 382 10.68 21.13 41.05
C ALA D 382 11.79 20.14 40.74
N SER D 383 12.79 20.05 41.62
CA SER D 383 13.70 18.89 41.67
C SER D 383 14.52 18.60 40.40
N GLY D 384 14.23 19.32 39.31
CA GLY D 384 14.82 19.01 38.02
C GLY D 384 14.15 17.79 37.43
N ASP D 385 12.95 17.48 37.93
CA ASP D 385 12.24 16.25 37.58
C ASP D 385 11.72 16.35 36.15
N PHE D 386 11.63 17.58 35.67
CA PHE D 386 11.19 17.89 34.31
C PHE D 386 12.09 17.17 33.34
N ALA D 387 13.40 17.26 33.60
CA ALA D 387 14.40 16.63 32.77
C ALA D 387 14.26 15.11 32.77
N ARG D 388 13.97 14.52 33.92
CA ARG D 388 13.74 13.07 33.96
C ARG D 388 12.47 12.66 33.24
N SER D 389 11.47 13.54 33.22
CA SER D 389 10.25 13.25 32.46
C SER D 389 10.54 13.29 30.97
N LEU D 390 11.32 14.28 30.53
CA LEU D 390 11.69 14.39 29.12
C LEU D 390 12.55 13.18 28.70
N ASP D 391 13.47 12.79 29.58
CA ASP D 391 14.29 11.60 29.38
C ASP D 391 13.40 10.36 29.31
N TYR D 392 12.37 10.33 30.14
CA TYR D 392 11.40 9.26 30.14
C TYR D 392 10.72 9.18 28.78
N CYS D 393 10.40 10.33 28.22
CA CYS D 393 9.78 10.40 26.91
C CYS D 393 10.72 9.83 25.85
N GLY D 394 11.96 10.30 25.88
CA GLY D 394 12.96 9.87 24.92
C GLY D 394 13.18 8.37 24.96
N ASP D 395 13.27 7.83 26.18
CA ASP D 395 13.41 6.40 26.38
C ASP D 395 12.16 5.64 25.92
N LEU D 396 10.99 6.22 26.16
CA LEU D 396 9.72 5.62 25.73
C LEU D 396 9.75 5.44 24.22
N ALA D 397 10.12 6.51 23.52
CA ALA D 397 10.21 6.48 22.06
C ALA D 397 11.27 5.50 21.58
N LEU D 398 12.44 5.51 22.23
CA LEU D 398 13.55 4.65 21.84
C LEU D 398 13.23 3.16 22.00
N GLU D 399 12.83 2.79 23.21
CA GLU D 399 12.46 1.41 23.51
C GLU D 399 11.27 1.00 22.65
N GLY D 400 10.40 1.96 22.38
CA GLY D 400 9.25 1.73 21.52
C GLY D 400 9.63 1.35 20.11
N VAL D 401 10.56 2.10 19.53
CA VAL D 401 11.01 1.84 18.16
C VAL D 401 11.60 0.44 18.05
N PHE D 402 12.42 0.07 19.01
CA PHE D 402 13.06 -1.24 19.01
C PHE D 402 12.06 -2.36 19.27
N ALA D 403 11.04 -2.07 20.07
CA ALA D 403 10.01 -3.05 20.39
C ALA D 403 8.85 -3.00 19.39
N HIS D 404 8.93 -2.04 18.46
CA HIS D 404 7.89 -1.84 17.45
C HIS D 404 6.56 -1.44 18.07
N LYS D 405 6.60 -0.72 19.20
CA LYS D 405 5.38 -0.36 19.91
C LYS D 405 5.12 1.15 19.82
N PHE D 406 4.11 1.53 19.04
CA PHE D 406 3.80 2.95 18.83
C PHE D 406 2.61 3.47 19.63
N ASP D 407 1.97 2.58 20.39
CA ASP D 407 0.91 2.96 21.31
C ASP D 407 1.37 2.53 22.69
N PHE D 408 1.15 3.36 23.71
CA PHE D 408 1.65 3.05 25.03
C PHE D 408 0.58 3.01 26.10
N GLU D 409 0.33 1.82 26.64
CA GLU D 409 -0.63 1.65 27.72
C GLU D 409 0.00 1.08 28.98
N PRO D 410 0.23 1.95 29.98
CA PRO D 410 0.73 1.54 31.29
C PRO D 410 -0.40 0.97 32.14
N GLU D 411 -0.03 0.27 33.21
CA GLU D 411 -1.00 -0.29 34.15
C GLU D 411 -1.74 0.86 34.82
N HIS D 412 -2.92 0.57 35.37
CA HIS D 412 -3.83 1.63 35.82
C HIS D 412 -3.02 2.44 36.83
N GLY D 413 -2.58 1.80 37.90
CA GLY D 413 -1.17 1.81 38.25
C GLY D 413 -0.32 3.08 38.15
N SER D 414 0.77 2.90 37.42
CA SER D 414 1.89 3.85 37.24
C SER D 414 1.78 4.87 36.10
N SER D 415 0.57 5.10 35.58
CA SER D 415 0.41 5.94 34.40
C SER D 415 0.89 7.39 34.52
N MET D 416 1.38 7.79 35.70
CA MET D 416 1.69 9.20 35.96
C MET D 416 2.71 9.86 35.01
N ASN D 417 3.81 9.16 34.72
CA ASN D 417 4.86 9.73 33.88
C ASN D 417 4.35 10.08 32.49
N GLU D 418 3.51 9.22 31.92
CA GLU D 418 2.96 9.49 30.59
C GLU D 418 2.01 10.68 30.64
N ASP D 419 1.21 10.76 31.70
CA ASP D 419 0.27 11.86 31.88
C ASP D 419 0.99 13.20 31.95
N VAL D 420 2.13 13.24 32.65
CA VAL D 420 2.93 14.46 32.70
C VAL D 420 3.30 14.89 31.28
N LEU D 421 3.67 13.91 30.46
CA LEU D 421 4.08 14.19 29.09
C LEU D 421 2.90 14.62 28.23
N VAL D 422 1.70 14.18 28.60
CA VAL D 422 0.49 14.67 27.93
C VAL D 422 0.29 16.14 28.30
N THR D 423 0.59 16.48 29.55
CA THR D 423 0.52 17.87 30.00
C THR D 423 1.51 18.76 29.27
N ILE D 424 2.72 18.26 29.02
CA ILE D 424 3.71 19.03 28.27
C ILE D 424 3.38 19.11 26.78
N GLY D 425 2.74 18.07 26.25
CA GLY D 425 2.35 18.06 24.85
C GLY D 425 3.26 17.20 24.00
N LEU D 426 4.19 16.52 24.65
CA LEU D 426 5.03 15.55 23.97
C LEU D 426 4.23 14.29 23.66
N LEU D 427 3.25 13.99 24.51
CA LEU D 427 2.39 12.85 24.29
C LEU D 427 0.93 13.23 24.10
N CYS D 428 0.21 12.32 23.44
CA CYS D 428 -1.21 12.46 23.22
C CYS D 428 -1.80 11.27 23.92
N LYS D 429 -2.94 11.45 24.57
CA LYS D 429 -3.59 10.34 25.21
C LYS D 429 -4.88 10.13 24.44
N TYR D 430 -5.13 8.89 24.03
CA TYR D 430 -6.24 8.59 23.11
C TYR D 430 -7.52 9.04 23.79
N THR D 431 -8.29 9.89 23.11
CA THR D 431 -9.68 10.05 23.51
C THR D 431 -10.51 9.00 22.77
N ALA D 432 -11.02 8.06 23.55
CA ALA D 432 -11.77 6.90 23.07
C ALA D 432 -12.06 6.09 24.33
N GLN D 433 -13.00 5.15 24.25
CA GLN D 433 -13.27 4.32 25.42
C GLN D 433 -12.48 3.03 25.34
N ARG D 434 -11.38 2.97 26.07
CA ARG D 434 -10.50 1.81 26.04
C ARG D 434 -10.27 1.22 27.43
N LEU D 435 -9.87 -0.05 27.45
CA LEU D 435 -9.69 -0.79 28.70
C LEU D 435 -8.67 -0.13 29.62
N LYS D 436 -7.58 0.37 29.03
CA LYS D 436 -6.57 1.06 29.82
C LYS D 436 -6.24 2.40 29.15
N PRO D 437 -5.63 3.33 29.90
CA PRO D 437 -5.17 4.57 29.26
C PRO D 437 -4.13 4.29 28.19
N THR D 438 -4.29 4.88 27.01
CA THR D 438 -3.36 4.62 25.92
C THR D 438 -2.77 5.93 25.42
N TYR D 439 -1.47 5.93 25.15
CA TYR D 439 -0.76 7.14 24.77
C TYR D 439 0.00 6.89 23.48
N LYS D 440 0.24 7.98 22.76
CA LYS D 440 0.94 7.91 21.50
C LYS D 440 1.57 9.25 21.12
N PHE D 441 2.54 9.22 20.21
CA PHE D 441 3.02 10.45 19.61
C PHE D 441 2.10 10.75 18.42
N PHE D 442 1.88 12.02 18.12
CA PHE D 442 0.89 12.41 17.11
C PHE D 442 1.12 11.76 15.76
N HIS D 443 2.37 11.44 15.49
CA HIS D 443 2.73 10.74 14.27
C HIS D 443 3.88 9.81 14.64
N LYS D 444 4.13 8.80 13.81
CA LYS D 444 5.25 7.90 14.04
C LYS D 444 6.53 8.72 13.99
N SER D 445 6.55 9.69 13.09
CA SER D 445 7.72 10.55 12.87
C SER D 445 8.14 11.34 14.10
N PHE D 446 7.18 11.76 14.92
CA PHE D 446 7.53 12.47 16.14
C PHE D 446 8.17 11.55 17.19
N GLN D 447 7.69 10.31 17.24
CA GLN D 447 8.27 9.29 18.10
C GLN D 447 9.69 8.99 17.64
N GLU D 448 9.86 8.88 16.32
CA GLU D 448 11.16 8.65 15.74
C GLU D 448 12.13 9.79 16.01
N TYR D 449 11.64 11.03 15.92
CA TYR D 449 12.47 12.17 16.22
C TYR D 449 12.87 12.20 17.68
N THR D 450 11.90 11.98 18.57
CA THR D 450 12.17 12.02 20.00
C THR D 450 13.19 10.95 20.35
N ALA D 451 13.07 9.79 19.70
CA ALA D 451 14.01 8.70 19.88
C ALA D 451 15.41 9.07 19.39
N GLY D 452 15.49 9.79 18.27
CA GLY D 452 16.75 10.25 17.74
C GLY D 452 17.40 11.27 18.66
N ARG D 453 16.59 12.18 19.17
CA ARG D 453 17.01 13.21 20.11
C ARG D 453 17.57 12.55 21.36
N ARG D 454 16.90 11.51 21.84
CA ARG D 454 17.36 10.76 23.00
C ARG D 454 18.67 10.03 22.73
N LEU D 455 18.77 9.40 21.57
CA LEU D 455 19.96 8.63 21.22
C LEU D 455 21.16 9.56 21.13
N SER D 456 20.95 10.70 20.48
CA SER D 456 21.99 11.72 20.34
C SER D 456 22.39 12.24 21.71
N SER D 457 21.39 12.43 22.57
CA SER D 457 21.62 12.89 23.92
C SER D 457 22.45 11.89 24.73
N LEU D 458 22.27 10.60 24.42
CA LEU D 458 23.03 9.55 25.07
C LEU D 458 24.47 9.43 24.58
N LEU D 459 24.66 9.48 23.27
CA LEU D 459 25.98 9.30 22.67
C LEU D 459 26.95 10.42 23.05
N THR D 460 26.42 11.63 23.15
CA THR D 460 27.21 12.82 23.47
C THR D 460 27.25 13.13 24.97
N SER D 461 26.83 12.19 25.80
CA SER D 461 26.69 12.46 27.22
C SER D 461 28.01 12.40 27.98
N LYS D 462 28.05 13.07 29.13
CA LYS D 462 29.26 13.15 29.93
C LYS D 462 29.28 12.01 30.94
N GLU D 463 28.24 11.19 30.91
CA GLU D 463 28.14 10.05 31.80
C GLU D 463 28.37 8.75 31.02
N PRO D 464 29.40 7.98 31.42
CA PRO D 464 29.80 6.74 30.75
C PRO D 464 28.67 5.73 30.62
N GLU D 465 27.77 5.69 31.61
CA GLU D 465 26.66 4.77 31.55
C GLU D 465 25.70 5.10 30.42
N GLU D 466 25.40 6.39 30.26
CA GLU D 466 24.53 6.85 29.18
C GLU D 466 25.15 6.66 27.80
N VAL D 467 26.44 6.94 27.69
CA VAL D 467 27.16 6.76 26.45
C VAL D 467 27.17 5.29 26.07
N SER D 468 27.40 4.45 27.07
CA SER D 468 27.41 3.01 26.88
C SER D 468 26.04 2.49 26.46
N LYS D 469 24.98 3.05 27.05
CA LYS D 469 23.63 2.67 26.67
C LYS D 469 23.29 3.11 25.24
N GLY D 470 23.71 4.32 24.88
CA GLY D 470 23.49 4.81 23.53
C GLY D 470 24.20 3.90 22.54
N ASN D 471 25.40 3.47 22.90
CA ASN D 471 26.16 2.53 22.10
C ASN D 471 25.51 1.15 22.05
N SER D 472 24.82 0.79 23.13
CA SER D 472 24.05 -0.45 23.21
C SER D 472 22.88 -0.47 22.25
N TYR D 473 22.16 0.66 22.18
CA TYR D 473 21.05 0.79 21.24
C TYR D 473 21.54 0.63 19.81
N LEU D 474 22.69 1.23 19.51
CA LEU D 474 23.28 1.13 18.19
C LEU D 474 23.64 -0.32 17.84
N ASN D 475 24.13 -1.05 18.84
CA ASN D 475 24.57 -2.43 18.64
C ASN D 475 23.42 -3.40 18.39
N LYS D 476 22.21 -2.94 18.68
CA LYS D 476 21.02 -3.75 18.40
C LYS D 476 20.72 -3.76 16.91
N MET D 477 21.43 -2.95 16.16
CA MET D 477 21.25 -2.93 14.72
C MET D 477 22.37 -3.76 14.11
N VAL D 478 21.99 -4.96 13.69
CA VAL D 478 22.91 -5.96 13.17
C VAL D 478 22.84 -6.03 11.65
N SER D 479 21.65 -6.28 11.14
CA SER D 479 21.46 -6.56 9.74
C SER D 479 20.98 -5.33 8.98
N ILE D 480 21.48 -5.15 7.76
CA ILE D 480 21.19 -3.96 6.96
C ILE D 480 19.70 -3.84 6.64
N SER D 481 19.01 -4.97 6.56
CA SER D 481 17.58 -4.98 6.27
C SER D 481 16.82 -4.19 7.31
N ASP D 482 17.04 -4.54 8.58
CA ASP D 482 16.40 -3.88 9.71
C ASP D 482 16.82 -2.42 9.79
N ILE D 483 18.08 -2.15 9.49
CA ILE D 483 18.61 -0.79 9.56
C ILE D 483 17.92 0.12 8.54
N THR D 484 17.86 -0.31 7.29
CA THR D 484 17.19 0.46 6.24
C THR D 484 15.69 0.58 6.47
N SER D 485 15.05 -0.50 6.95
CA SER D 485 13.60 -0.48 7.13
C SER D 485 13.15 0.04 8.49
N LEU D 486 13.49 -0.70 9.55
CA LEU D 486 13.04 -0.38 10.89
C LEU D 486 13.71 0.86 11.49
N TYR D 487 15.04 0.89 11.44
CA TYR D 487 15.82 1.89 12.15
C TYR D 487 16.26 3.10 11.32
N GLY D 488 15.78 3.17 10.08
CA GLY D 488 16.23 4.21 9.16
C GLY D 488 16.01 5.64 9.59
N ASN D 489 14.80 5.96 10.02
CA ASN D 489 14.48 7.32 10.46
C ASN D 489 15.08 7.65 11.82
N LEU D 490 15.26 6.64 12.65
CA LEU D 490 15.87 6.81 13.96
C LEU D 490 17.26 7.44 13.78
N LEU D 491 18.00 6.92 12.81
CA LEU D 491 19.35 7.38 12.53
C LEU D 491 19.30 8.72 11.82
N LEU D 492 18.21 8.97 11.12
CA LEU D 492 18.02 10.24 10.41
C LEU D 492 17.99 11.39 11.41
N TYR D 493 17.17 11.23 12.44
CA TYR D 493 17.05 12.25 13.48
C TYR D 493 18.24 12.25 14.43
N THR D 494 18.81 11.07 14.68
CA THR D 494 20.00 10.97 15.53
C THR D 494 21.17 11.75 14.92
N CYS D 495 21.42 11.52 13.64
CA CYS D 495 22.45 12.25 12.91
C CYS D 495 22.08 13.71 12.73
N GLY D 496 20.80 13.96 12.50
CA GLY D 496 20.31 15.32 12.30
C GLY D 496 20.48 16.20 13.54
N SER D 497 20.47 15.58 14.71
CA SER D 497 20.59 16.35 15.96
C SER D 497 22.01 16.85 16.21
N SER D 498 23.00 15.98 16.05
CA SER D 498 24.39 16.34 16.34
C SER D 498 25.39 15.65 15.43
N THR D 499 26.56 16.27 15.25
CA THR D 499 27.61 15.69 14.40
C THR D 499 28.41 14.58 15.10
N GLU D 500 28.60 14.69 16.41
CA GLU D 500 29.27 13.64 17.16
C GLU D 500 28.45 12.37 17.09
N ALA D 501 27.14 12.53 17.22
CA ALA D 501 26.21 11.41 17.15
C ALA D 501 26.26 10.82 15.75
N THR D 502 26.42 11.68 14.76
CA THR D 502 26.55 11.22 13.38
C THR D 502 27.81 10.37 13.22
N ARG D 503 28.89 10.76 13.89
CA ARG D 503 30.12 9.97 13.88
C ARG D 503 29.88 8.63 14.58
N ALA D 504 29.16 8.66 15.69
CA ALA D 504 28.87 7.44 16.44
C ALA D 504 28.06 6.47 15.59
N VAL D 505 27.08 7.00 14.87
CA VAL D 505 26.24 6.19 13.99
C VAL D 505 27.03 5.61 12.81
N MET D 506 27.83 6.43 12.16
CA MET D 506 28.59 5.99 10.99
C MET D 506 29.68 4.99 11.37
N ARG D 507 30.22 5.15 12.58
CA ARG D 507 31.19 4.24 13.18
C ARG D 507 30.62 2.84 13.29
N HIS D 508 29.36 2.78 13.68
CA HIS D 508 28.63 1.52 13.76
C HIS D 508 28.26 0.97 12.38
N LEU D 509 27.73 1.83 11.53
CA LEU D 509 27.23 1.41 10.22
C LEU D 509 28.37 0.92 9.30
N ALA D 510 29.57 1.44 9.53
CA ALA D 510 30.73 1.03 8.75
C ALA D 510 31.15 -0.40 9.07
N MET D 511 30.66 -0.91 10.19
CA MET D 511 31.05 -2.24 10.65
C MET D 511 30.04 -3.32 10.25
N VAL D 512 29.01 -2.95 9.50
CA VAL D 512 27.91 -3.88 9.30
C VAL D 512 28.08 -4.77 8.06
N TYR D 513 28.30 -6.06 8.31
CA TYR D 513 28.48 -7.06 7.27
C TYR D 513 27.22 -7.90 7.00
N GLN D 514 26.18 -7.70 7.82
CA GLN D 514 25.05 -8.63 7.82
C GLN D 514 23.83 -8.07 7.10
N HIS D 515 23.29 -8.86 6.20
CA HIS D 515 22.16 -8.46 5.36
C HIS D 515 20.79 -8.49 6.04
N GLY D 516 20.49 -9.55 6.77
CA GLY D 516 19.15 -9.79 7.25
C GLY D 516 18.26 -10.43 6.20
N SER D 517 16.99 -10.02 6.14
CA SER D 517 16.04 -10.70 5.27
C SER D 517 16.17 -10.16 3.85
N LEU D 518 16.41 -11.06 2.89
CA LEU D 518 16.57 -10.68 1.50
C LEU D 518 15.29 -10.86 0.68
N GLN D 519 14.20 -11.23 1.34
CA GLN D 519 12.99 -11.69 0.67
C GLN D 519 12.40 -10.70 -0.35
N GLY D 520 11.81 -9.61 0.14
CA GLY D 520 11.10 -8.68 -0.72
C GLY D 520 11.92 -7.84 -1.70
N LEU D 521 13.21 -8.12 -1.78
CA LEU D 521 14.12 -7.27 -2.54
C LEU D 521 14.10 -7.39 -4.07
N SER D 522 13.57 -8.50 -4.58
CA SER D 522 13.62 -8.78 -6.02
C SER D 522 13.16 -7.60 -6.88
N VAL D 523 13.88 -7.35 -7.97
CA VAL D 523 13.60 -6.22 -8.86
C VAL D 523 12.89 -6.60 -10.16
N THR D 524 12.63 -7.88 -10.37
CA THR D 524 11.99 -8.35 -11.59
C THR D 524 10.49 -8.53 -11.43
N GLU D 532 17.52 -11.77 -16.85
CA GLU D 532 18.70 -11.52 -17.67
C GLU D 532 19.13 -10.06 -17.59
N SEP D 533 19.88 -9.72 -16.54
CA SEP D 533 20.50 -8.40 -16.44
CB SEP D 533 19.85 -7.57 -15.33
OG SEP D 533 19.29 -6.37 -15.85
C SEP D 533 21.98 -8.57 -16.15
O SEP D 533 22.45 -9.70 -15.99
P SEP D 533 19.78 -5.09 -15.01
O1P SEP D 533 19.72 -5.43 -13.44
O2P SEP D 533 21.28 -4.72 -15.43
O3P SEP D 533 18.82 -3.83 -15.32
N ILE D 534 22.71 -7.46 -16.10
CA ILE D 534 24.14 -7.53 -15.83
C ILE D 534 24.35 -8.13 -14.44
N GLN D 535 23.51 -7.73 -13.50
CA GLN D 535 23.62 -8.22 -12.14
C GLN D 535 23.36 -9.72 -12.11
N SER D 536 22.45 -10.18 -12.97
CA SER D 536 22.18 -11.61 -13.09
C SER D 536 23.30 -12.36 -13.80
N LEU D 537 23.82 -11.76 -14.86
CA LEU D 537 24.86 -12.38 -15.66
C LEU D 537 26.17 -12.61 -14.91
N ARG D 538 26.62 -11.61 -14.16
CA ARG D 538 27.89 -11.68 -13.47
C ARG D 538 27.82 -12.37 -12.10
N ASN D 539 26.61 -12.57 -11.61
CA ASN D 539 26.42 -13.13 -10.27
C ASN D 539 25.99 -14.60 -10.35
N THR D 540 26.58 -15.45 -9.50
CA THR D 540 26.34 -16.88 -9.58
C THR D 540 24.96 -17.32 -9.09
N THR D 541 24.49 -16.73 -7.99
CA THR D 541 23.19 -17.11 -7.44
C THR D 541 22.28 -15.91 -7.30
N GLU D 542 20.97 -16.17 -7.23
CA GLU D 542 19.98 -15.11 -7.10
C GLU D 542 20.18 -14.35 -5.79
N GLN D 543 20.58 -15.08 -4.75
CA GLN D 543 20.83 -14.46 -3.46
C GLN D 543 21.85 -13.34 -3.59
N ASP D 544 22.86 -13.54 -4.43
CA ASP D 544 23.89 -12.52 -4.63
C ASP D 544 23.27 -11.26 -5.21
N VAL D 545 22.34 -11.43 -6.14
CA VAL D 545 21.62 -10.32 -6.76
C VAL D 545 20.86 -9.56 -5.67
N LEU D 546 20.13 -10.30 -4.84
CA LEU D 546 19.38 -9.71 -3.75
C LEU D 546 20.30 -8.94 -2.80
N LYS D 547 21.48 -9.50 -2.55
CA LYS D 547 22.48 -8.86 -1.68
C LYS D 547 22.88 -7.52 -2.25
N ALA D 548 23.13 -7.52 -3.56
CA ALA D 548 23.52 -6.31 -4.27
C ALA D 548 22.45 -5.24 -4.13
N ILE D 549 21.19 -5.64 -4.29
CA ILE D 549 20.09 -4.70 -4.11
C ILE D 549 20.06 -4.15 -2.67
N ASN D 550 20.27 -5.04 -1.71
CA ASN D 550 20.26 -4.66 -0.31
C ASN D 550 21.33 -3.61 0.01
N VAL D 551 22.55 -3.82 -0.50
CA VAL D 551 23.60 -2.85 -0.29
C VAL D 551 23.29 -1.54 -1.03
N ASN D 552 22.59 -1.65 -2.17
CA ASN D 552 22.13 -0.47 -2.89
C ASN D 552 21.25 0.38 -1.98
N SER D 553 20.31 -0.25 -1.29
CA SER D 553 19.43 0.47 -0.37
C SER D 553 20.18 0.99 0.86
N PHE D 554 21.14 0.21 1.34
CA PHE D 554 21.94 0.58 2.50
C PHE D 554 22.69 1.88 2.24
N VAL D 555 23.29 1.97 1.07
CA VAL D 555 24.00 3.17 0.67
C VAL D 555 23.08 4.37 0.57
N GLU D 556 21.87 4.17 0.05
CA GLU D 556 20.90 5.25 -0.02
C GLU D 556 20.58 5.77 1.37
N CYS D 557 20.44 4.84 2.33
CA CYS D 557 20.23 5.22 3.71
C CYS D 557 21.39 6.10 4.18
N GLY D 558 22.60 5.67 3.83
CA GLY D 558 23.79 6.42 4.21
C GLY D 558 23.84 7.83 3.65
N ILE D 559 23.48 7.99 2.37
CA ILE D 559 23.47 9.29 1.73
C ILE D 559 22.40 10.20 2.34
N ASN D 560 21.27 9.60 2.71
CA ASN D 560 20.22 10.35 3.39
C ASN D 560 20.72 10.88 4.74
N LEU D 561 21.39 9.99 5.48
CA LEU D 561 21.94 10.34 6.78
C LEU D 561 22.97 11.47 6.62
N PHE D 562 23.71 11.40 5.52
CA PHE D 562 24.71 12.42 5.19
C PHE D 562 24.06 13.79 4.99
N SER D 563 22.94 13.81 4.26
CA SER D 563 22.24 15.07 4.03
C SER D 563 21.69 15.64 5.33
N GLU D 564 21.10 14.78 6.15
CA GLU D 564 20.55 15.25 7.42
C GLU D 564 21.62 15.74 8.40
N SER D 565 22.83 15.18 8.27
CA SER D 565 23.93 15.50 9.17
C SER D 565 24.36 16.97 9.10
N MET D 566 24.16 17.61 7.94
CA MET D 566 24.52 19.01 7.74
C MET D 566 26.03 19.23 7.89
N SER D 567 26.81 18.18 7.62
CA SER D 567 28.26 18.27 7.75
C SER D 567 28.97 18.70 6.47
N LYS D 568 28.23 18.76 5.36
CA LYS D 568 28.84 19.06 4.06
C LYS D 568 30.01 18.11 3.80
N SER D 569 31.22 18.65 3.69
CA SER D 569 32.42 17.83 3.48
C SER D 569 33.26 17.56 4.74
N ASP D 570 32.81 18.05 5.90
CA ASP D 570 33.61 17.95 7.12
C ASP D 570 33.82 16.50 7.60
N LEU D 571 32.82 15.65 7.39
CA LEU D 571 32.89 14.27 7.84
C LEU D 571 33.34 13.27 6.76
N SER D 572 33.80 13.77 5.62
CA SER D 572 34.10 12.93 4.46
C SER D 572 34.94 11.67 4.75
N GLN D 573 35.86 11.75 5.71
CA GLN D 573 36.68 10.59 6.05
C GLN D 573 35.89 9.45 6.70
N GLU D 574 35.09 9.76 7.71
CA GLU D 574 34.28 8.74 8.40
C GLU D 574 33.20 8.18 7.47
N PHE D 575 32.61 9.07 6.67
CA PHE D 575 31.61 8.67 5.69
C PHE D 575 32.19 7.75 4.63
N GLU D 576 33.43 8.01 4.23
CA GLU D 576 34.08 7.17 3.24
C GLU D 576 34.28 5.76 3.77
N ALA D 577 34.48 5.64 5.07
CA ALA D 577 34.60 4.33 5.71
C ALA D 577 33.33 3.51 5.53
N PHE D 578 32.17 4.18 5.58
CA PHE D 578 30.90 3.52 5.33
C PHE D 578 30.68 3.18 3.85
N PHE D 579 30.88 4.15 2.98
CA PHE D 579 30.49 4.01 1.56
C PHE D 579 31.45 3.14 0.76
N GLN D 580 32.61 2.85 1.33
CA GLN D 580 33.66 2.12 0.61
C GLN D 580 33.29 0.64 0.41
N GLY D 581 33.45 0.17 -0.81
CA GLY D 581 33.21 -1.22 -1.15
C GLY D 581 31.75 -1.52 -1.39
N LYS D 582 30.95 -0.46 -1.41
CA LYS D 582 29.52 -0.59 -1.60
C LYS D 582 29.10 -0.06 -2.95
N SER D 583 27.80 -0.06 -3.22
CA SER D 583 27.30 0.31 -4.53
C SER D 583 26.19 1.34 -4.44
N LEU D 584 26.00 2.09 -5.52
CA LEU D 584 24.93 3.08 -5.55
C LEU D 584 24.00 2.89 -6.74
N TYR D 585 22.70 3.01 -6.53
CA TYR D 585 21.76 2.96 -7.66
C TYR D 585 21.21 4.34 -7.95
N ILE D 586 21.30 4.73 -9.21
CA ILE D 586 20.79 6.01 -9.67
C ILE D 586 19.82 5.83 -10.82
N ASN D 587 18.62 6.35 -10.61
CA ASN D 587 17.61 6.38 -11.65
C ASN D 587 17.69 7.76 -12.23
N SER D 588 17.98 7.84 -13.53
CA SER D 588 18.21 9.11 -14.17
C SER D 588 16.93 9.93 -14.14
N GLU D 589 15.81 9.23 -14.25
CA GLU D 589 14.51 9.89 -14.21
C GLU D 589 14.10 10.38 -12.83
N ASN D 590 14.44 9.63 -11.79
CA ASN D 590 14.14 10.07 -10.43
C ASN D 590 15.43 10.32 -9.65
N ILE D 591 15.75 11.59 -9.45
CA ILE D 591 16.96 11.98 -8.75
C ILE D 591 16.67 12.77 -7.48
N PRO D 592 16.97 12.19 -6.31
CA PRO D 592 16.80 12.90 -5.03
C PRO D 592 17.78 14.05 -4.90
N ASP D 593 17.46 15.03 -4.05
CA ASP D 593 18.34 16.17 -3.83
C ASP D 593 19.62 15.76 -3.11
N TYR D 594 19.55 14.69 -2.32
CA TYR D 594 20.73 14.25 -1.58
C TYR D 594 21.82 13.65 -2.48
N LEU D 595 21.44 13.27 -3.69
CA LEU D 595 22.43 12.82 -4.68
C LEU D 595 23.35 13.96 -5.10
N PHE D 596 22.77 15.14 -5.29
CA PHE D 596 23.57 16.33 -5.62
C PHE D 596 24.52 16.69 -4.48
N ASP D 597 24.05 16.62 -3.25
CA ASP D 597 24.90 16.87 -2.10
C ASP D 597 26.03 15.84 -2.05
N PHE D 598 25.68 14.59 -2.34
CA PHE D 598 26.65 13.50 -2.31
C PHE D 598 27.75 13.72 -3.35
N PHE D 599 27.36 14.06 -4.58
CA PHE D 599 28.34 14.29 -5.64
C PHE D 599 29.17 15.56 -5.41
N GLU D 600 28.53 16.61 -4.90
CA GLU D 600 29.23 17.86 -4.65
C GLU D 600 30.23 17.73 -3.51
N TYR D 601 29.75 17.35 -2.34
CA TYR D 601 30.56 17.36 -1.12
C TYR D 601 31.39 16.10 -0.91
N LEU D 602 31.02 14.99 -1.53
CA LEU D 602 31.70 13.72 -1.25
C LEU D 602 32.10 12.95 -2.50
N PRO D 603 33.02 13.52 -3.31
CA PRO D 603 33.47 12.78 -4.50
C PRO D 603 34.38 11.61 -4.11
N ASN D 604 35.00 11.70 -2.95
CA ASN D 604 35.86 10.63 -2.45
C ASN D 604 35.08 9.35 -2.19
N CYS D 605 33.89 9.51 -1.63
CA CYS D 605 33.02 8.37 -1.34
C CYS D 605 32.44 7.79 -2.63
N ALA D 606 32.08 8.68 -3.56
CA ALA D 606 31.55 8.27 -4.85
C ALA D 606 32.59 7.45 -5.60
N SER D 607 33.86 7.81 -5.43
CA SER D 607 34.96 7.08 -6.05
C SER D 607 35.28 5.80 -5.28
N ALA D 608 34.86 5.75 -4.03
CA ALA D 608 35.17 4.60 -3.16
C ALA D 608 34.17 3.46 -3.33
N LEU D 609 33.09 3.71 -4.06
CA LEU D 609 32.07 2.69 -4.29
C LEU D 609 32.60 1.66 -5.28
N ASP D 610 32.29 0.39 -5.03
CA ASP D 610 32.69 -0.67 -5.96
C ASP D 610 32.05 -0.39 -7.31
N PHE D 611 30.78 -0.01 -7.31
CA PHE D 611 30.14 0.42 -8.53
C PHE D 611 28.96 1.37 -8.38
N VAL D 612 28.72 2.11 -9.45
CA VAL D 612 27.56 2.96 -9.57
C VAL D 612 26.73 2.45 -10.74
N LYS D 613 25.45 2.24 -10.47
CA LYS D 613 24.54 1.65 -11.44
C LYS D 613 23.58 2.73 -11.92
N LEU D 614 23.55 2.95 -13.22
CA LEU D 614 22.75 4.04 -13.78
C LEU D 614 21.66 3.50 -14.68
N ASP D 615 20.44 3.99 -14.51
CA ASP D 615 19.34 3.52 -15.36
C ASP D 615 18.72 4.66 -16.16
N PHE D 616 18.64 4.47 -17.48
CA PHE D 616 18.04 5.46 -18.36
C PHE D 616 16.77 4.88 -18.99
N TYR D 617 15.67 5.63 -18.93
CA TYR D 617 14.39 5.10 -19.37
C TYR D 617 13.80 5.94 -20.50
N GLU D 618 13.77 5.39 -21.71
CA GLU D 618 13.06 5.98 -22.84
C GLU D 618 13.66 7.31 -23.32
N ARG D 619 14.54 7.86 -22.49
CA ARG D 619 15.18 9.15 -22.74
C ARG D 619 16.66 8.92 -22.52
N ALA D 620 17.49 9.37 -23.45
CA ALA D 620 18.93 9.15 -23.33
C ALA D 620 19.53 10.12 -22.33
N THR D 621 19.12 11.38 -22.42
CA THR D 621 19.58 12.43 -21.51
C THR D 621 18.51 13.50 -21.42
N PRO D 645 17.72 12.25 -18.80
CA PRO D 645 17.15 13.45 -18.17
C PRO D 645 18.21 14.53 -17.92
N PRO D 646 17.82 15.80 -17.99
CA PRO D 646 18.70 16.95 -17.80
C PRO D 646 19.27 16.99 -16.38
N ARG D 647 18.49 16.54 -15.41
CA ARG D 647 18.91 16.55 -14.02
C ARG D 647 20.07 15.59 -13.79
N ALA D 648 20.08 14.48 -14.51
CA ALA D 648 21.17 13.51 -14.44
C ALA D 648 22.43 14.13 -15.03
N VAL D 649 22.23 14.83 -16.13
CA VAL D 649 23.32 15.55 -16.81
C VAL D 649 23.95 16.52 -15.84
N SER D 650 23.11 17.27 -15.12
CA SER D 650 23.58 18.22 -14.12
C SER D 650 24.35 17.49 -13.01
N LEU D 651 23.80 16.35 -12.60
CA LEU D 651 24.36 15.56 -11.51
C LEU D 651 25.78 15.14 -11.79
N PHE D 652 25.98 14.50 -12.94
CA PHE D 652 27.30 14.00 -13.28
C PHE D 652 28.26 15.11 -13.72
N PHE D 653 27.74 16.10 -14.43
CA PHE D 653 28.59 17.16 -14.99
C PHE D 653 29.09 18.23 -14.02
N ASN D 654 28.19 18.76 -13.17
CA ASN D 654 28.56 19.83 -12.25
C ASN D 654 29.93 19.67 -11.57
N TRP D 655 30.04 18.65 -10.74
CA TRP D 655 31.21 18.36 -9.90
C TRP D 655 32.18 17.24 -10.33
N LYS D 656 32.18 16.82 -11.59
CA LYS D 656 32.55 15.44 -11.98
C LYS D 656 33.75 14.78 -11.30
N GLN D 657 33.47 13.58 -10.82
CA GLN D 657 34.40 12.70 -10.12
C GLN D 657 34.70 11.48 -10.99
N GLU D 658 35.42 10.51 -10.43
CA GLU D 658 35.67 9.25 -11.12
C GLU D 658 35.23 8.02 -10.34
N PHE D 659 34.57 7.12 -11.05
CA PHE D 659 33.92 5.95 -10.48
C PHE D 659 34.72 4.71 -10.85
N LYS D 660 34.87 3.77 -9.92
CA LYS D 660 35.59 2.53 -10.20
C LYS D 660 34.95 1.81 -11.38
N THR D 661 33.63 1.66 -11.32
CA THR D 661 32.88 1.04 -12.41
C THR D 661 31.51 1.69 -12.54
N LEU D 662 31.07 1.90 -13.77
CA LEU D 662 29.73 2.42 -14.01
C LEU D 662 28.93 1.36 -14.75
N GLU D 663 27.78 1.01 -14.18
CA GLU D 663 26.94 -0.01 -14.76
C GLU D 663 25.66 0.67 -15.22
N VAL D 664 25.50 0.80 -16.54
CA VAL D 664 24.39 1.58 -17.06
C VAL D 664 23.50 0.76 -17.99
N THR D 665 22.19 0.93 -17.83
CA THR D 665 21.23 0.22 -18.66
C THR D 665 20.36 1.23 -19.38
N LEU D 666 20.29 1.09 -20.70
CA LEU D 666 19.50 1.99 -21.52
C LEU D 666 18.25 1.26 -21.96
N ARG D 667 17.11 1.74 -21.47
CA ARG D 667 15.85 1.05 -21.71
C ARG D 667 14.91 1.83 -22.62
N ASP D 668 14.51 1.16 -23.69
CA ASP D 668 13.47 1.65 -24.57
C ASP D 668 13.78 3.02 -25.17
N ILE D 669 15.05 3.27 -25.49
CA ILE D 669 15.40 4.52 -26.13
C ILE D 669 15.45 4.31 -27.64
N ASN D 670 14.43 4.81 -28.33
CA ASN D 670 14.35 4.73 -29.79
C ASN D 670 14.73 6.02 -30.53
N LYS D 671 15.11 7.05 -29.79
CA LYS D 671 15.51 8.32 -30.38
C LYS D 671 16.83 8.79 -29.79
N LEU D 672 17.79 9.05 -30.67
CA LEU D 672 19.14 9.45 -30.26
C LEU D 672 19.65 10.61 -31.11
N ASN D 673 20.29 11.58 -30.48
CA ASN D 673 20.85 12.71 -31.21
C ASN D 673 22.33 12.96 -30.88
N LYS D 674 22.88 14.04 -31.44
CA LYS D 674 24.30 14.36 -31.26
C LYS D 674 24.65 14.66 -29.81
N GLN D 675 23.86 15.51 -29.18
CA GLN D 675 24.10 15.91 -27.80
C GLN D 675 23.97 14.69 -26.89
N ASP D 676 22.99 13.84 -27.17
CA ASP D 676 22.76 12.63 -26.39
C ASP D 676 23.98 11.71 -26.43
N ILE D 677 24.51 11.46 -27.63
CA ILE D 677 25.72 10.65 -27.79
C ILE D 677 26.92 11.26 -27.07
N LYS D 678 27.12 12.57 -27.26
CA LYS D 678 28.29 13.20 -26.64
C LYS D 678 28.19 13.12 -25.12
N TYR D 679 27.00 13.37 -24.59
CA TYR D 679 26.80 13.38 -23.15
C TYR D 679 26.89 11.99 -22.54
N LEU D 680 26.33 10.99 -23.22
CA LEU D 680 26.45 9.62 -22.76
C LEU D 680 27.93 9.22 -22.75
N GLY D 681 28.67 9.69 -23.76
CA GLY D 681 30.09 9.44 -23.81
C GLY D 681 30.80 10.06 -22.61
N LYS D 682 30.40 11.28 -22.28
CA LYS D 682 30.97 12.00 -21.15
C LYS D 682 30.69 11.29 -19.82
N ILE D 683 29.48 10.80 -19.66
CA ILE D 683 29.11 10.06 -18.46
C ILE D 683 29.88 8.74 -18.37
N PHE D 684 30.01 8.05 -19.50
CA PHE D 684 30.70 6.76 -19.53
C PHE D 684 32.18 6.94 -19.24
N SER D 685 32.74 8.08 -19.61
CA SER D 685 34.16 8.34 -19.41
C SER D 685 34.49 8.67 -17.97
N SER D 686 33.46 8.83 -17.14
CA SER D 686 33.67 9.15 -15.74
C SER D 686 34.26 7.96 -14.98
N ALA D 687 34.01 6.75 -15.49
CA ALA D 687 34.46 5.53 -14.83
C ALA D 687 35.58 4.84 -15.61
N THR D 688 36.51 4.23 -14.88
CA THR D 688 37.57 3.45 -15.51
C THR D 688 37.01 2.20 -16.18
N ASN D 689 35.97 1.63 -15.58
CA ASN D 689 35.32 0.44 -16.12
C ASN D 689 33.87 0.73 -16.46
N LEU D 690 33.39 0.18 -17.56
CA LEU D 690 32.00 0.39 -17.94
C LEU D 690 31.28 -0.90 -18.30
N ARG D 691 30.10 -1.09 -17.71
CA ARG D 691 29.25 -2.23 -18.04
C ARG D 691 28.01 -1.65 -18.71
N LEU D 692 27.69 -2.14 -19.90
CA LEU D 692 26.60 -1.55 -20.68
C LEU D 692 25.53 -2.59 -20.99
N HIS D 693 24.29 -2.23 -20.68
CA HIS D 693 23.15 -3.07 -21.04
C HIS D 693 22.26 -2.25 -21.97
N ILE D 694 22.00 -2.80 -23.15
CA ILE D 694 21.14 -2.14 -24.11
C ILE D 694 19.87 -2.95 -24.29
N LYS D 695 18.74 -2.40 -23.80
CA LYS D 695 17.49 -3.15 -23.81
C LYS D 695 16.41 -2.45 -24.61
N ARG D 696 15.96 -3.12 -25.66
CA ARG D 696 14.86 -2.64 -26.49
C ARG D 696 15.16 -1.25 -27.05
N CYS D 697 16.41 -1.02 -27.44
CA CYS D 697 16.83 0.27 -27.95
C CYS D 697 16.96 0.22 -29.47
N ALA D 698 16.08 0.90 -30.17
CA ALA D 698 16.10 0.92 -31.63
C ALA D 698 16.97 2.06 -32.13
N ALA D 699 17.40 2.91 -31.20
CA ALA D 699 18.21 4.07 -31.55
C ALA D 699 19.69 3.69 -31.73
N MET D 700 20.04 2.44 -31.41
CA MET D 700 21.43 2.06 -31.58
C MET D 700 21.55 1.33 -32.90
N ALA D 701 21.91 2.06 -33.95
CA ALA D 701 22.21 1.46 -35.24
C ALA D 701 23.49 2.08 -35.76
N GLY D 702 24.56 1.31 -35.85
CA GLY D 702 25.83 1.85 -36.32
C GLY D 702 26.44 2.82 -35.33
N ARG D 703 25.65 3.19 -34.33
CA ARG D 703 26.02 4.24 -33.38
C ARG D 703 26.74 3.71 -32.16
N LEU D 704 26.84 2.39 -32.08
CA LEU D 704 27.54 1.75 -30.97
C LEU D 704 28.97 2.25 -30.93
N SER D 705 29.59 2.37 -32.10
CA SER D 705 30.95 2.87 -32.20
C SER D 705 31.05 4.32 -31.76
N SER D 706 30.09 5.14 -32.17
CA SER D 706 30.09 6.57 -31.83
C SER D 706 29.72 6.83 -30.37
N VAL D 707 28.75 6.09 -29.84
CA VAL D 707 28.34 6.26 -28.45
C VAL D 707 29.48 5.89 -27.52
N LEU D 708 30.15 4.79 -27.85
CA LEU D 708 31.24 4.26 -27.04
C LEU D 708 32.59 4.81 -27.48
N ARG D 709 32.56 5.78 -28.38
CA ARG D 709 33.78 6.38 -28.94
C ARG D 709 34.78 6.79 -27.87
N THR D 710 34.28 7.27 -26.73
CA THR D 710 35.17 7.50 -25.62
C THR D 710 34.90 6.47 -24.56
N CYS D 711 35.68 5.39 -24.60
CA CYS D 711 35.70 4.38 -23.55
C CYS D 711 37.12 3.89 -23.36
N LYS D 712 37.61 3.87 -22.13
CA LYS D 712 38.90 3.25 -21.90
C LYS D 712 38.69 1.75 -21.83
N ASN D 713 37.89 1.31 -20.86
CA ASN D 713 37.48 -0.09 -20.76
C ASN D 713 35.97 -0.32 -20.69
N MET D 714 35.47 -1.15 -21.60
CA MET D 714 34.13 -1.70 -21.44
C MET D 714 34.28 -3.15 -21.01
N HIS D 715 33.91 -3.41 -19.76
CA HIS D 715 34.04 -4.71 -19.12
C HIS D 715 33.03 -5.70 -19.69
N THR D 716 31.77 -5.29 -19.73
CA THR D 716 30.69 -6.19 -20.15
C THR D 716 29.74 -5.50 -21.13
N LEU D 717 29.26 -6.27 -22.10
CA LEU D 717 28.24 -5.75 -23.02
C LEU D 717 27.05 -6.71 -23.13
N MET D 718 25.86 -6.15 -22.91
CA MET D 718 24.63 -6.90 -23.08
C MET D 718 23.72 -6.15 -24.05
N VAL D 719 23.36 -6.81 -25.14
CA VAL D 719 22.44 -6.22 -26.10
C VAL D 719 21.21 -7.11 -26.20
N GLU D 720 20.04 -6.52 -25.96
CA GLU D 720 18.80 -7.30 -25.90
C GLU D 720 17.67 -6.66 -26.69
N ALA D 721 17.12 -7.41 -27.63
CA ALA D 721 15.99 -6.96 -28.44
C ALA D 721 16.26 -5.62 -29.11
N SER D 722 17.51 -5.42 -29.52
CA SER D 722 17.89 -4.19 -30.21
C SER D 722 18.47 -4.58 -31.56
N PRO D 723 18.18 -3.79 -32.61
CA PRO D 723 18.77 -4.17 -33.89
C PRO D 723 20.25 -3.85 -33.86
N LEU D 724 21.02 -4.44 -34.77
CA LEU D 724 22.46 -4.22 -34.79
C LEU D 724 22.98 -4.28 -36.23
N THR D 725 23.73 -3.25 -36.61
CA THR D 725 24.31 -3.19 -37.94
C THR D 725 25.55 -4.07 -37.94
N THR D 726 26.04 -4.42 -39.13
CA THR D 726 27.20 -5.28 -39.24
C THR D 726 28.43 -4.54 -38.69
N ASP D 727 28.40 -3.23 -38.84
CA ASP D 727 29.42 -2.34 -38.29
C ASP D 727 29.44 -2.43 -36.78
N ASP D 728 28.25 -2.51 -36.17
CA ASP D 728 28.14 -2.65 -34.71
C ASP D 728 28.80 -3.94 -34.27
N GLU D 729 28.54 -5.02 -35.00
CA GLU D 729 29.13 -6.32 -34.71
C GLU D 729 30.65 -6.20 -34.78
N GLN D 730 31.11 -5.51 -35.82
CA GLN D 730 32.54 -5.30 -36.05
C GLN D 730 33.18 -4.55 -34.88
N TYR D 731 32.49 -3.54 -34.36
CA TYR D 731 32.97 -2.80 -33.19
C TYR D 731 32.95 -3.67 -31.93
N ILE D 732 31.93 -4.50 -31.80
CA ILE D 732 31.79 -5.36 -30.63
C ILE D 732 32.97 -6.30 -30.56
N THR D 733 33.34 -6.86 -31.71
CA THR D 733 34.49 -7.75 -31.78
C THR D 733 35.80 -6.96 -31.77
N SER D 734 35.70 -5.65 -32.00
CA SER D 734 36.88 -4.78 -31.99
C SER D 734 37.47 -4.56 -30.60
N VAL D 735 36.63 -4.59 -29.56
CA VAL D 735 37.10 -4.31 -28.21
C VAL D 735 37.53 -5.61 -27.52
N THR D 736 38.83 -5.75 -27.32
CA THR D 736 39.42 -7.00 -26.85
C THR D 736 39.35 -7.15 -25.33
N GLY D 737 39.10 -6.04 -24.64
CA GLY D 737 39.07 -6.03 -23.19
C GLY D 737 37.78 -6.59 -22.61
N LEU D 738 36.85 -6.96 -23.49
CA LEU D 738 35.54 -7.39 -23.05
C LEU D 738 35.66 -8.75 -22.36
N GLN D 739 35.28 -8.81 -21.09
CA GLN D 739 35.26 -10.08 -20.37
C GLN D 739 33.90 -10.77 -20.39
N ASN D 740 32.86 -10.01 -20.75
CA ASN D 740 31.50 -10.53 -20.79
C ASN D 740 30.74 -10.04 -22.01
N LEU D 741 30.20 -10.96 -22.80
CA LEU D 741 29.40 -10.59 -23.96
C LEU D 741 28.13 -11.41 -24.06
N SER D 742 26.99 -10.71 -24.11
CA SER D 742 25.72 -11.37 -24.30
C SER D 742 24.89 -10.62 -25.33
N ILE D 743 24.55 -11.30 -26.42
CA ILE D 743 23.68 -10.72 -27.43
C ILE D 743 22.44 -11.60 -27.65
N HIS D 744 21.30 -10.93 -27.57
CA HIS D 744 19.98 -11.53 -27.58
C HIS D 744 19.16 -11.07 -28.78
N ARG D 745 18.83 -12.02 -29.66
CA ARG D 745 17.96 -11.80 -30.82
C ARG D 745 18.52 -10.88 -31.91
N LEU D 746 19.51 -11.37 -32.63
CA LEU D 746 19.97 -10.72 -33.85
C LEU D 746 19.33 -11.37 -35.07
N HIS D 747 18.47 -10.63 -35.77
CA HIS D 747 17.80 -11.16 -36.95
C HIS D 747 18.47 -10.77 -38.27
N THR D 748 19.58 -10.05 -38.18
CA THR D 748 20.32 -9.63 -39.37
C THR D 748 21.28 -10.72 -39.83
N GLN D 749 21.31 -10.94 -41.14
CA GLN D 749 22.15 -11.99 -41.74
C GLN D 749 23.64 -11.75 -41.48
N GLN D 750 24.36 -12.85 -41.23
CA GLN D 750 25.79 -12.77 -40.96
C GLN D 750 26.56 -12.89 -42.27
N LEU D 751 27.48 -11.95 -42.48
CA LEU D 751 28.26 -11.85 -43.72
C LEU D 751 29.73 -11.87 -43.35
N PRO D 752 30.62 -11.79 -44.37
CA PRO D 752 32.01 -11.49 -44.02
C PRO D 752 31.98 -10.27 -43.11
N GLY D 753 32.73 -10.31 -42.02
CA GLY D 753 32.39 -9.49 -40.88
C GLY D 753 33.38 -9.54 -39.74
N GLY D 754 32.88 -9.36 -38.52
CA GLY D 754 31.46 -9.54 -38.27
C GLY D 754 31.27 -10.08 -36.86
N LEU D 755 30.06 -10.47 -36.50
CA LEU D 755 29.80 -10.93 -35.14
C LEU D 755 30.46 -12.27 -34.79
N ILE D 756 29.99 -13.36 -35.38
CA ILE D 756 30.53 -14.68 -35.04
C ILE D 756 31.80 -15.03 -35.82
N ASP D 757 31.98 -14.40 -36.97
CA ASP D 757 33.15 -14.65 -37.82
C ASP D 757 34.42 -14.18 -37.11
N SER D 758 34.38 -12.96 -36.60
CA SER D 758 35.49 -12.36 -35.86
C SER D 758 35.35 -12.51 -34.34
N LEU D 759 34.39 -13.33 -33.89
CA LEU D 759 34.28 -13.65 -32.47
C LEU D 759 35.56 -14.16 -31.79
N GLY D 760 36.51 -14.63 -32.59
CA GLY D 760 37.73 -15.20 -32.04
C GLY D 760 38.64 -14.09 -31.56
N ASN D 761 38.29 -12.86 -31.91
CA ASN D 761 39.06 -11.68 -31.57
C ASN D 761 39.14 -11.42 -30.07
N LEU D 762 38.09 -11.77 -29.34
CA LEU D 762 38.05 -11.48 -27.91
C LEU D 762 38.63 -12.68 -27.17
N LYS D 763 39.85 -12.50 -26.68
CA LYS D 763 40.56 -13.59 -26.01
C LYS D 763 40.25 -13.57 -24.52
N ASN D 764 39.72 -12.45 -24.07
CA ASN D 764 39.50 -12.22 -22.65
C ASN D 764 38.08 -12.53 -22.19
N LEU D 765 37.27 -13.06 -23.10
CA LEU D 765 35.86 -13.25 -22.81
C LEU D 765 35.71 -14.43 -21.85
N GLU D 766 35.18 -14.16 -20.66
CA GLU D 766 34.94 -15.23 -19.69
C GLU D 766 33.51 -15.71 -19.72
N ARG D 767 32.64 -14.94 -20.37
CA ARG D 767 31.22 -15.30 -20.48
C ARG D 767 30.68 -14.92 -21.85
N LEU D 768 30.08 -15.88 -22.53
CA LEU D 768 29.49 -15.62 -23.84
C LEU D 768 28.08 -16.18 -23.95
N ILE D 769 27.15 -15.34 -24.39
CA ILE D 769 25.77 -15.76 -24.62
C ILE D 769 25.24 -15.30 -25.97
N LEU D 770 24.88 -16.26 -26.81
CA LEU D 770 24.31 -15.99 -28.13
C LEU D 770 22.89 -16.55 -28.16
N ASP D 771 21.90 -15.67 -28.28
CA ASP D 771 20.51 -16.10 -28.27
C ASP D 771 19.71 -15.54 -29.45
N ASP D 772 19.04 -16.43 -30.17
CA ASP D 772 18.19 -16.06 -31.32
C ASP D 772 18.98 -15.32 -32.41
N ILE D 773 20.13 -15.86 -32.76
CA ILE D 773 20.97 -15.30 -33.82
C ILE D 773 20.67 -15.95 -35.18
N ARG D 774 20.60 -15.15 -36.23
CA ARG D 774 20.44 -15.70 -37.56
C ARG D 774 21.74 -16.37 -37.99
N MET D 775 21.66 -17.65 -38.30
CA MET D 775 22.85 -18.42 -38.63
C MET D 775 22.51 -19.56 -39.59
N ASN D 776 23.54 -20.09 -40.24
CA ASN D 776 23.41 -21.30 -41.03
C ASN D 776 24.59 -22.21 -40.72
N GLU D 777 24.70 -23.33 -41.43
CA GLU D 777 25.72 -24.32 -41.13
C GLU D 777 27.13 -23.73 -41.18
N GLU D 778 27.42 -22.93 -42.20
CA GLU D 778 28.74 -22.31 -42.33
C GLU D 778 29.00 -21.29 -41.24
N ASP D 779 27.98 -20.54 -40.87
CA ASP D 779 28.10 -19.59 -39.76
C ASP D 779 28.38 -20.35 -38.46
N ALA D 780 27.78 -21.52 -38.32
CA ALA D 780 28.02 -22.39 -37.17
C ALA D 780 29.46 -22.87 -37.14
N LYS D 781 29.97 -23.30 -38.30
CA LYS D 781 31.37 -23.71 -38.40
C LYS D 781 32.32 -22.58 -38.03
N ASN D 782 31.98 -21.37 -38.50
CA ASN D 782 32.74 -20.18 -38.18
C ASN D 782 32.69 -19.90 -36.69
N LEU D 783 31.53 -20.16 -36.09
CA LEU D 783 31.34 -20.00 -34.67
C LEU D 783 32.27 -20.95 -33.91
N ALA D 784 32.39 -22.18 -34.41
CA ALA D 784 33.30 -23.15 -33.82
C ALA D 784 34.75 -22.66 -33.90
N GLU D 785 35.13 -22.21 -35.09
CA GLU D 785 36.49 -21.73 -35.34
C GLU D 785 36.82 -20.57 -34.42
N GLY D 786 35.82 -19.72 -34.15
CA GLY D 786 35.98 -18.62 -33.22
C GLY D 786 36.11 -19.09 -31.79
N LEU D 787 35.28 -20.07 -31.42
CA LEU D 787 35.27 -20.60 -30.06
C LEU D 787 36.59 -21.28 -29.72
N ARG D 788 37.31 -21.69 -30.76
CA ARG D 788 38.62 -22.31 -30.57
C ARG D 788 39.62 -21.36 -29.88
N SER D 789 39.46 -20.06 -30.13
CA SER D 789 40.42 -19.06 -29.66
C SER D 789 40.17 -18.50 -28.26
N LEU D 790 39.03 -18.81 -27.66
CA LEU D 790 38.72 -18.27 -26.34
C LEU D 790 39.03 -19.31 -25.26
N LYS D 791 40.10 -19.06 -24.52
CA LYS D 791 40.55 -20.00 -23.49
C LYS D 791 40.09 -19.59 -22.11
N LYS D 792 39.45 -18.43 -22.01
CA LYS D 792 39.03 -17.87 -20.73
C LYS D 792 37.58 -18.14 -20.36
N MET D 793 36.86 -18.89 -21.20
CA MET D 793 35.41 -18.97 -21.05
C MET D 793 35.02 -19.84 -19.87
N ARG D 794 34.36 -19.22 -18.89
CA ARG D 794 33.73 -19.96 -17.80
C ARG D 794 32.22 -20.10 -17.98
N LEU D 795 31.67 -19.42 -18.98
CA LEU D 795 30.24 -19.45 -19.23
C LEU D 795 29.92 -19.44 -20.73
N LEU D 796 29.09 -20.36 -21.18
CA LEU D 796 28.64 -20.35 -22.56
C LEU D 796 27.17 -20.72 -22.69
N HIS D 797 26.39 -19.84 -23.31
CA HIS D 797 25.01 -20.14 -23.66
C HIS D 797 24.84 -19.96 -25.15
N LEU D 798 24.46 -21.02 -25.83
CA LEU D 798 24.06 -20.92 -27.23
C LEU D 798 22.64 -21.41 -27.34
N THR D 799 21.71 -20.51 -27.59
CA THR D 799 20.29 -20.85 -27.49
C THR D 799 19.44 -20.38 -28.67
N HIS D 800 18.43 -21.18 -28.98
CA HIS D 800 17.42 -20.86 -29.97
C HIS D 800 18.00 -20.65 -31.36
N LEU D 801 19.04 -21.41 -31.69
CA LEU D 801 19.67 -21.34 -33.01
C LEU D 801 18.95 -22.25 -34.00
N SER D 802 18.47 -21.67 -35.09
CA SER D 802 17.67 -22.39 -36.08
C SER D 802 18.42 -22.73 -37.37
N ASP D 803 18.09 -23.88 -37.95
CA ASP D 803 18.61 -24.32 -39.24
C ASP D 803 20.14 -24.23 -39.38
N ILE D 804 20.87 -24.68 -38.36
CA ILE D 804 22.32 -24.67 -38.45
C ILE D 804 22.87 -26.02 -38.92
N GLY D 805 21.96 -26.89 -39.35
CA GLY D 805 22.31 -28.24 -39.78
C GLY D 805 23.22 -28.98 -38.82
N GLU D 806 24.04 -29.86 -39.37
CA GLU D 806 25.00 -30.65 -38.60
C GLU D 806 26.06 -29.81 -37.89
N GLY D 807 25.99 -28.49 -38.08
CA GLY D 807 27.04 -27.59 -37.62
C GLY D 807 27.40 -27.69 -36.16
N MET D 808 26.45 -28.09 -35.30
CA MET D 808 26.74 -28.19 -33.87
C MET D 808 27.81 -29.23 -33.59
N ASP D 809 27.84 -30.27 -34.42
CA ASP D 809 28.85 -31.31 -34.32
C ASP D 809 30.22 -30.66 -34.29
N TYR D 810 30.41 -29.66 -35.15
CA TYR D 810 31.68 -28.96 -35.18
C TYR D 810 31.90 -28.16 -33.91
N ILE D 811 30.91 -27.35 -33.54
CA ILE D 811 31.12 -26.41 -32.45
C ILE D 811 31.34 -27.12 -31.10
N VAL D 812 30.54 -28.15 -30.83
CA VAL D 812 30.71 -28.91 -29.60
C VAL D 812 32.13 -29.46 -29.55
N LYS D 813 32.61 -29.91 -30.70
CA LYS D 813 33.98 -30.43 -30.79
C LYS D 813 34.94 -29.34 -30.31
N SER D 814 34.76 -28.15 -30.86
CA SER D 814 35.61 -27.01 -30.54
C SER D 814 35.54 -26.67 -29.05
N LEU D 815 34.38 -26.91 -28.44
CA LEU D 815 34.25 -26.66 -27.02
C LEU D 815 35.10 -27.66 -26.27
N SER D 816 34.94 -28.92 -26.64
CA SER D 816 35.46 -30.02 -25.83
C SER D 816 36.81 -30.61 -26.28
N GLU D 817 37.41 -30.06 -27.33
CA GLU D 817 38.66 -30.63 -27.84
C GLU D 817 39.76 -30.65 -26.80
N GLU D 818 39.90 -29.57 -26.04
CA GLU D 818 40.96 -29.48 -25.05
C GLU D 818 40.36 -29.08 -23.70
N SER D 819 41.12 -29.26 -22.63
CA SER D 819 40.69 -28.95 -21.27
C SER D 819 40.26 -27.51 -21.10
N CYS D 820 39.12 -27.30 -20.45
CA CYS D 820 38.53 -25.98 -20.34
C CYS D 820 38.24 -25.64 -18.89
N ASP D 821 38.06 -24.34 -18.64
CA ASP D 821 37.69 -23.82 -17.33
C ASP D 821 36.17 -23.65 -17.28
N LEU D 822 35.52 -24.14 -18.34
CA LEU D 822 34.08 -23.99 -18.53
C LEU D 822 33.27 -24.50 -17.33
N GLN D 823 32.37 -23.64 -16.85
CA GLN D 823 31.54 -23.95 -15.69
C GLN D 823 30.08 -24.11 -16.08
N GLU D 824 29.53 -23.11 -16.78
CA GLU D 824 28.13 -23.16 -17.18
C GLU D 824 28.05 -23.38 -18.67
N MET D 825 27.33 -24.42 -19.07
CA MET D 825 27.10 -24.63 -20.49
C MET D 825 25.64 -24.91 -20.79
N LYS D 826 24.99 -23.98 -21.50
CA LYS D 826 23.64 -24.16 -21.96
C LYS D 826 23.63 -24.30 -23.48
N LEU D 827 23.38 -25.52 -23.94
CA LEU D 827 23.30 -25.82 -25.37
C LEU D 827 21.86 -25.91 -25.86
N VAL D 828 20.94 -25.41 -25.04
CA VAL D 828 19.51 -25.58 -25.26
C VAL D 828 18.99 -24.84 -26.49
N ALA D 829 18.09 -25.50 -27.22
CA ALA D 829 17.31 -24.90 -28.30
C ALA D 829 18.11 -24.63 -29.59
N CYS D 830 19.40 -24.88 -29.58
CA CYS D 830 20.18 -24.91 -30.80
C CYS D 830 19.85 -26.24 -31.46
N CYS D 831 20.43 -26.55 -32.61
CA CYS D 831 20.13 -27.85 -33.20
C CYS D 831 21.19 -28.83 -32.73
N LEU D 832 20.78 -29.71 -31.82
CA LEU D 832 21.70 -30.68 -31.25
C LEU D 832 21.45 -32.02 -31.91
N THR D 833 22.51 -32.72 -32.22
CA THR D 833 22.41 -34.02 -32.87
C THR D 833 22.96 -35.06 -31.92
N ALA D 834 22.57 -36.32 -32.12
CA ALA D 834 23.07 -37.39 -31.28
C ALA D 834 24.57 -37.52 -31.45
N ASN D 835 25.07 -37.17 -32.63
CA ASN D 835 26.50 -37.15 -32.89
C ASN D 835 27.21 -36.13 -32.01
N SER D 836 26.62 -34.96 -31.86
CA SER D 836 27.18 -33.90 -31.03
C SER D 836 27.15 -34.30 -29.57
N VAL D 837 26.11 -35.03 -29.17
CA VAL D 837 26.02 -35.53 -27.81
C VAL D 837 27.09 -36.59 -27.57
N LYS D 838 27.35 -37.39 -28.61
CA LYS D 838 28.40 -38.40 -28.56
C LYS D 838 29.76 -37.74 -28.38
N VAL D 839 30.01 -36.71 -29.18
CA VAL D 839 31.25 -35.94 -29.11
C VAL D 839 31.40 -35.31 -27.73
N LEU D 840 30.32 -34.73 -27.23
CA LEU D 840 30.32 -34.08 -25.92
C LEU D 840 30.64 -35.09 -24.83
N ALA D 841 30.07 -36.29 -24.95
CA ALA D 841 30.28 -37.35 -23.97
C ALA D 841 31.72 -37.84 -23.99
N GLN D 842 32.23 -38.10 -25.19
CA GLN D 842 33.55 -38.68 -25.37
C GLN D 842 34.62 -37.73 -24.84
N ASN D 843 34.41 -36.44 -25.08
CA ASN D 843 35.34 -35.40 -24.66
C ASN D 843 34.96 -34.73 -23.34
N LEU D 844 33.93 -35.26 -22.68
CA LEU D 844 33.38 -34.65 -21.46
C LEU D 844 34.41 -34.41 -20.38
N HIS D 845 35.46 -35.22 -20.38
CA HIS D 845 36.53 -35.11 -19.39
C HIS D 845 37.30 -33.81 -19.54
N ASN D 846 37.15 -33.14 -20.67
CA ASN D 846 37.79 -31.85 -20.88
C ASN D 846 37.16 -30.73 -20.07
N LEU D 847 35.85 -30.78 -19.85
CA LEU D 847 35.26 -29.86 -18.90
C LEU D 847 34.90 -30.64 -17.65
N ILE D 848 35.77 -30.58 -16.64
CA ILE D 848 35.47 -31.14 -15.32
C ILE D 848 34.77 -30.14 -14.41
N LYS D 849 35.05 -28.86 -14.63
CA LYS D 849 34.62 -27.81 -13.73
C LYS D 849 33.20 -27.40 -14.02
N LEU D 850 32.56 -28.10 -14.96
CA LEU D 850 31.20 -27.78 -15.34
C LEU D 850 30.30 -28.15 -14.17
N SER D 851 29.65 -27.16 -13.58
CA SER D 851 28.67 -27.42 -12.55
C SER D 851 27.26 -27.32 -13.10
N ILE D 852 27.15 -26.85 -14.34
CA ILE D 852 25.85 -26.64 -14.96
C ILE D 852 25.83 -27.10 -16.43
N LEU D 853 24.96 -28.07 -16.71
CA LEU D 853 24.75 -28.53 -18.07
C LEU D 853 23.28 -28.51 -18.45
N ASP D 854 22.93 -27.62 -19.37
CA ASP D 854 21.60 -27.63 -19.95
C ASP D 854 21.72 -27.88 -21.44
N ILE D 855 21.43 -29.11 -21.86
CA ILE D 855 21.32 -29.46 -23.27
C ILE D 855 19.88 -29.61 -23.76
N SER D 856 18.93 -29.28 -22.89
CA SER D 856 17.52 -29.63 -23.09
C SER D 856 16.87 -28.90 -24.26
N GLU D 857 15.61 -29.23 -24.52
CA GLU D 857 14.85 -28.71 -25.66
C GLU D 857 15.47 -29.17 -26.97
N ASN D 858 16.08 -30.34 -26.95
CA ASN D 858 16.70 -30.90 -28.13
C ASN D 858 16.23 -32.32 -28.44
N TYR D 859 15.90 -32.58 -29.70
CA TYR D 859 15.53 -33.92 -30.13
C TYR D 859 16.68 -34.58 -30.87
N LEU D 860 17.03 -35.79 -30.46
CA LEU D 860 18.08 -36.56 -31.13
C LEU D 860 17.43 -37.62 -32.02
N GLU D 861 17.56 -37.48 -33.34
CA GLU D 861 16.79 -38.32 -34.25
C GLU D 861 17.29 -39.76 -34.31
N LYS D 862 18.52 -39.94 -34.79
CA LYS D 862 19.05 -41.29 -34.98
C LYS D 862 20.02 -41.53 -33.83
N ASP D 863 20.16 -42.79 -33.41
CA ASP D 863 21.04 -43.16 -32.32
C ASP D 863 20.94 -42.23 -31.11
N GLY D 864 19.75 -41.68 -30.87
CA GLY D 864 19.55 -40.71 -29.81
C GLY D 864 19.74 -41.27 -28.41
N ASN D 865 19.06 -42.37 -28.14
CA ASN D 865 19.13 -43.01 -26.84
C ASN D 865 20.51 -43.56 -26.55
N GLU D 866 21.17 -44.09 -27.59
CA GLU D 866 22.52 -44.63 -27.45
C GLU D 866 23.51 -43.54 -27.07
N ALA D 867 23.41 -42.40 -27.76
CA ALA D 867 24.28 -41.26 -27.48
C ALA D 867 24.02 -40.66 -26.10
N LEU D 868 22.74 -40.53 -25.76
CA LEU D 868 22.37 -39.97 -24.47
C LEU D 868 22.85 -40.87 -23.33
N GLN D 869 22.74 -42.19 -23.55
CA GLN D 869 23.24 -43.15 -22.57
C GLN D 869 24.75 -43.06 -22.48
N GLU D 870 25.39 -42.78 -23.62
CA GLU D 870 26.83 -42.57 -23.66
C GLU D 870 27.24 -41.40 -22.78
N LEU D 871 26.43 -40.34 -22.79
CA LEU D 871 26.69 -39.20 -21.91
C LEU D 871 26.41 -39.54 -20.45
N ILE D 872 25.30 -40.21 -20.21
CA ILE D 872 24.85 -40.54 -18.86
C ILE D 872 25.89 -41.41 -18.15
N GLY D 873 26.52 -42.30 -18.91
CA GLY D 873 27.56 -43.16 -18.36
C GLY D 873 28.76 -42.35 -17.90
N ARG D 874 29.01 -41.24 -18.59
CA ARG D 874 30.15 -40.39 -18.28
C ARG D 874 29.81 -39.22 -17.37
N LEU D 875 28.57 -39.17 -16.90
CA LEU D 875 28.15 -38.10 -15.98
C LEU D 875 28.97 -38.09 -14.68
N GLY D 876 29.58 -39.21 -14.35
CA GLY D 876 30.39 -39.33 -13.15
C GLY D 876 31.63 -38.45 -13.18
N VAL D 877 32.08 -38.11 -14.38
CA VAL D 877 33.29 -37.31 -14.56
C VAL D 877 33.14 -35.93 -13.95
N LEU D 878 31.92 -35.41 -13.95
CA LEU D 878 31.70 -34.06 -13.45
C LEU D 878 31.41 -34.15 -11.96
N GLY D 879 32.38 -33.72 -11.17
CA GLY D 879 32.28 -33.77 -9.72
C GLY D 879 31.50 -32.63 -9.13
N GLU D 880 31.57 -31.48 -9.78
CA GLU D 880 31.01 -30.25 -9.25
C GLU D 880 29.59 -30.00 -9.75
N LEU D 881 29.05 -30.96 -10.50
CA LEU D 881 27.81 -30.74 -11.24
C LEU D 881 26.62 -30.59 -10.31
N THR D 882 26.01 -29.40 -10.34
CA THR D 882 24.77 -29.16 -9.59
C THR D 882 23.51 -29.06 -10.45
N THR D 883 23.68 -29.03 -11.77
CA THR D 883 22.53 -28.80 -12.65
C THR D 883 22.55 -29.65 -13.91
N LEU D 884 21.50 -30.45 -14.09
CA LEU D 884 21.40 -31.27 -15.29
C LEU D 884 20.02 -31.13 -15.92
N MET D 885 20.00 -30.61 -17.13
CA MET D 885 18.77 -30.55 -17.89
C MET D 885 19.05 -31.34 -19.15
N LEU D 886 18.37 -32.47 -19.30
CA LEU D 886 18.72 -33.41 -20.35
C LEU D 886 17.86 -33.18 -21.58
N PRO D 887 18.38 -33.54 -22.76
CA PRO D 887 17.55 -33.44 -23.96
C PRO D 887 16.73 -34.72 -24.08
N TRP D 888 15.93 -34.81 -25.13
CA TRP D 888 15.06 -35.97 -25.31
C TRP D 888 15.16 -36.60 -26.68
N CYS D 889 14.66 -37.84 -26.79
CA CYS D 889 14.65 -38.56 -28.04
C CYS D 889 13.63 -39.69 -27.96
N TRP D 890 13.62 -40.54 -28.99
CA TRP D 890 12.78 -41.72 -28.96
C TRP D 890 13.34 -42.73 -27.95
N ASP D 891 12.53 -43.06 -26.94
CA ASP D 891 12.84 -44.09 -25.93
C ASP D 891 13.60 -43.60 -24.69
N VAL D 892 13.75 -42.28 -24.54
CA VAL D 892 14.55 -41.71 -23.46
C VAL D 892 14.22 -42.26 -22.07
N HIS D 893 12.96 -42.58 -21.84
CA HIS D 893 12.52 -43.02 -20.53
C HIS D 893 13.21 -44.30 -20.08
N THR D 894 13.59 -45.13 -21.05
CA THR D 894 14.28 -46.38 -20.77
C THR D 894 15.66 -46.11 -20.18
N SER D 895 16.12 -44.88 -20.32
CA SER D 895 17.41 -44.48 -19.77
C SER D 895 17.32 -43.97 -18.34
N LEU D 896 16.11 -43.91 -17.80
CA LEU D 896 15.93 -43.42 -16.42
C LEU D 896 16.60 -44.27 -15.34
N PRO D 897 16.49 -45.61 -15.42
CA PRO D 897 17.21 -46.41 -14.42
C PRO D 897 18.70 -46.15 -14.49
N LYS D 898 19.22 -45.99 -15.70
CA LYS D 898 20.64 -45.78 -15.92
C LYS D 898 21.07 -44.42 -15.37
N LEU D 899 20.23 -43.42 -15.61
CA LEU D 899 20.48 -42.05 -15.15
C LEU D 899 20.34 -41.92 -13.64
N LEU D 900 19.32 -42.59 -13.10
CA LEU D 900 19.03 -42.50 -11.68
C LEU D 900 20.15 -43.13 -10.84
N LYS D 901 20.72 -44.21 -11.38
CA LYS D 901 21.85 -44.87 -10.75
C LYS D 901 23.08 -43.97 -10.74
N GLN D 902 23.27 -43.24 -11.83
CA GLN D 902 24.39 -42.33 -11.95
C GLN D 902 24.21 -41.13 -11.03
N LEU D 903 22.96 -40.80 -10.75
CA LEU D 903 22.64 -39.65 -9.91
C LEU D 903 22.82 -40.00 -8.43
N GLU D 904 23.09 -41.28 -8.15
CA GLU D 904 23.39 -41.72 -6.80
C GLU D 904 24.71 -41.12 -6.36
N GLY D 905 25.61 -40.92 -7.32
CA GLY D 905 26.92 -40.39 -7.06
C GLY D 905 26.93 -38.89 -7.15
N THR D 906 25.75 -38.31 -7.34
CA THR D 906 25.62 -36.86 -7.43
C THR D 906 24.60 -36.32 -6.43
N PRO D 907 24.93 -36.39 -5.13
CA PRO D 907 24.01 -35.76 -4.18
C PRO D 907 24.22 -34.25 -4.24
N GLY D 908 23.19 -33.47 -3.96
CA GLY D 908 23.32 -32.03 -4.04
C GLY D 908 23.03 -31.48 -5.43
N LEU D 909 22.35 -32.25 -6.26
CA LEU D 909 21.94 -31.75 -7.56
C LEU D 909 20.88 -30.70 -7.31
N ALA D 910 21.15 -29.48 -7.76
CA ALA D 910 20.25 -28.35 -7.49
C ALA D 910 19.08 -28.32 -8.46
N LYS D 911 19.37 -28.55 -9.74
CA LYS D 911 18.34 -28.46 -10.77
C LYS D 911 18.33 -29.73 -11.59
N LEU D 912 17.18 -30.37 -11.69
CA LEU D 912 17.06 -31.52 -12.57
C LEU D 912 15.89 -31.35 -13.52
N GLY D 913 16.11 -31.61 -14.81
CA GLY D 913 14.99 -31.71 -15.70
C GLY D 913 15.12 -32.69 -16.83
N LEU D 914 13.96 -33.24 -17.17
CA LEU D 914 13.76 -34.10 -18.31
C LEU D 914 12.59 -33.47 -19.05
N LYS D 915 12.88 -32.91 -20.22
CA LYS D 915 11.85 -32.22 -20.97
C LYS D 915 11.48 -33.13 -22.13
N ASN D 916 10.20 -33.46 -22.21
CA ASN D 916 9.68 -34.37 -23.23
C ASN D 916 10.27 -35.78 -23.16
N TRP D 917 10.76 -36.14 -21.98
CA TRP D 917 11.01 -37.54 -21.65
C TRP D 917 9.63 -38.03 -21.29
N ARG D 918 9.06 -38.95 -22.06
CA ARG D 918 7.70 -39.34 -21.72
C ARG D 918 7.81 -40.37 -20.63
N LEU D 919 7.63 -39.89 -19.41
CA LEU D 919 7.74 -40.70 -18.21
C LEU D 919 6.43 -41.43 -18.03
N ARG D 920 6.49 -42.63 -17.46
CA ARG D 920 5.28 -43.39 -17.20
C ARG D 920 5.22 -43.60 -15.69
N ASP D 921 4.17 -44.26 -15.22
CA ASP D 921 4.03 -44.52 -13.78
C ASP D 921 5.18 -45.37 -13.29
N GLU D 922 5.73 -46.19 -14.20
CA GLU D 922 6.91 -46.99 -13.91
C GLU D 922 8.13 -46.08 -13.72
N GLU D 923 8.28 -45.07 -14.58
CA GLU D 923 9.39 -44.12 -14.45
C GLU D 923 9.20 -43.21 -13.25
N ILE D 924 7.98 -42.77 -13.00
CA ILE D 924 7.69 -41.92 -11.84
C ILE D 924 7.90 -42.70 -10.55
N LYS D 925 7.64 -44.01 -10.62
CA LYS D 925 7.87 -44.88 -9.49
C LYS D 925 9.38 -45.00 -9.27
N SER D 926 10.11 -45.11 -10.37
CA SER D 926 11.56 -45.21 -10.31
C SER D 926 12.17 -43.96 -9.66
N LEU D 927 11.72 -42.80 -10.12
CA LEU D 927 12.20 -41.52 -9.60
C LEU D 927 11.79 -41.30 -8.15
N GLY D 928 10.60 -41.77 -7.79
CA GLY D 928 10.13 -41.66 -6.42
C GLY D 928 10.97 -42.51 -5.48
N GLU D 929 11.20 -43.76 -5.87
CA GLU D 929 12.01 -44.68 -5.07
C GLU D 929 13.42 -44.15 -4.96
N PHE D 930 13.97 -43.65 -6.07
CA PHE D 930 15.30 -43.05 -6.05
C PHE D 930 15.33 -41.91 -5.05
N LEU D 931 14.26 -41.11 -5.08
CA LEU D 931 14.19 -39.92 -4.25
C LEU D 931 14.12 -40.27 -2.77
N GLU D 932 13.48 -41.38 -2.44
CA GLU D 932 13.44 -41.85 -1.05
C GLU D 932 14.77 -42.47 -0.60
N MET D 933 15.31 -43.41 -1.37
CA MET D 933 16.56 -44.06 -1.00
C MET D 933 17.74 -43.09 -1.11
N ASN D 934 17.85 -42.45 -2.26
CA ASN D 934 18.94 -41.52 -2.53
C ASN D 934 18.42 -40.11 -2.73
N PRO D 935 18.15 -39.39 -1.63
CA PRO D 935 17.55 -38.07 -1.82
C PRO D 935 18.56 -37.10 -2.41
N LEU D 936 18.08 -36.08 -3.11
CA LEU D 936 18.95 -35.06 -3.67
C LEU D 936 19.19 -34.03 -2.57
N ARG D 937 18.10 -33.71 -1.86
CA ARG D 937 18.07 -32.91 -0.65
C ARG D 937 18.31 -31.41 -0.86
N ASP D 938 18.99 -31.05 -1.95
CA ASP D 938 19.19 -29.65 -2.29
C ASP D 938 18.35 -29.18 -3.47
N LEU D 939 17.53 -30.06 -4.03
CA LEU D 939 16.96 -29.82 -5.35
C LEU D 939 16.10 -28.56 -5.36
N GLN D 940 16.52 -27.60 -6.17
CA GLN D 940 15.86 -26.31 -6.27
C GLN D 940 14.73 -26.32 -7.29
N GLN D 941 14.90 -27.06 -8.37
CA GLN D 941 13.86 -27.14 -9.37
C GLN D 941 13.81 -28.47 -10.12
N LEU D 942 12.57 -28.89 -10.40
CA LEU D 942 12.32 -30.15 -11.08
C LEU D 942 11.45 -29.91 -12.29
N ASP D 943 11.97 -30.26 -13.45
CA ASP D 943 11.21 -30.10 -14.69
C ASP D 943 10.88 -31.48 -15.25
N LEU D 944 9.62 -31.88 -15.19
CA LEU D 944 9.22 -33.06 -15.93
C LEU D 944 8.20 -32.62 -16.98
N ALA D 945 8.64 -32.59 -18.24
CA ALA D 945 7.75 -32.15 -19.30
C ALA D 945 7.48 -33.28 -20.28
N GLY D 946 6.34 -33.17 -20.97
CA GLY D 946 5.87 -34.22 -21.85
C GLY D 946 5.90 -35.57 -21.16
N HIS D 947 5.35 -35.61 -19.95
CA HIS D 947 5.29 -36.81 -19.14
C HIS D 947 3.94 -37.48 -19.30
N CYS D 948 3.90 -38.80 -19.33
CA CYS D 948 2.61 -39.46 -19.23
C CYS D 948 2.48 -40.08 -17.86
N VAL D 949 1.89 -39.33 -16.94
CA VAL D 949 1.67 -39.83 -15.60
C VAL D 949 0.17 -39.77 -15.27
N SER D 950 -0.38 -40.91 -14.85
CA SER D 950 -1.79 -40.98 -14.49
C SER D 950 -1.97 -40.27 -13.17
N SER D 951 -3.22 -39.91 -12.87
CA SER D 951 -3.55 -39.23 -11.64
C SER D 951 -3.10 -40.11 -10.46
N ASP D 952 -3.22 -41.43 -10.62
CA ASP D 952 -2.75 -42.36 -9.60
C ASP D 952 -1.24 -42.27 -9.43
N GLY D 953 -0.53 -42.12 -10.55
CA GLY D 953 0.91 -42.01 -10.54
C GLY D 953 1.39 -40.76 -9.82
N TRP D 954 0.77 -39.63 -10.13
CA TRP D 954 1.09 -38.38 -9.45
C TRP D 954 0.74 -38.47 -7.98
N LEU D 955 -0.36 -39.15 -7.68
CA LEU D 955 -0.78 -39.34 -6.30
C LEU D 955 0.27 -40.14 -5.52
N TYR D 956 0.85 -41.13 -6.18
CA TYR D 956 1.96 -41.88 -5.58
C TYR D 956 3.14 -40.94 -5.37
N PHE D 957 3.44 -40.15 -6.40
CA PHE D 957 4.64 -39.31 -6.39
C PHE D 957 4.59 -38.20 -5.34
N MET D 958 3.40 -37.72 -5.03
CA MET D 958 3.24 -36.58 -4.13
C MET D 958 3.78 -36.82 -2.73
N ASN D 959 3.72 -38.07 -2.28
CA ASN D 959 4.20 -38.39 -0.94
C ASN D 959 5.69 -38.06 -0.80
N VAL D 960 6.47 -38.46 -1.80
CA VAL D 960 7.89 -38.17 -1.82
C VAL D 960 8.12 -36.72 -2.22
N PHE D 961 7.24 -36.19 -3.07
CA PHE D 961 7.36 -34.84 -3.58
C PHE D 961 7.24 -33.83 -2.44
N GLU D 962 6.50 -34.20 -1.40
CA GLU D 962 6.36 -33.35 -0.22
C GLU D 962 7.70 -33.07 0.44
N ASN D 963 8.57 -34.07 0.41
CA ASN D 963 9.81 -34.05 1.19
C ASN D 963 10.94 -33.20 0.63
N LEU D 964 10.76 -32.66 -0.57
CA LEU D 964 11.75 -31.72 -1.06
C LEU D 964 11.27 -30.35 -0.65
N LYS D 965 11.93 -29.80 0.37
CA LYS D 965 11.51 -28.55 1.00
C LYS D 965 12.21 -27.36 0.38
N GLN D 966 13.24 -27.66 -0.41
CA GLN D 966 14.10 -26.63 -0.96
C GLN D 966 13.68 -26.22 -2.37
N LEU D 967 12.57 -26.80 -2.83
CA LEU D 967 12.19 -26.67 -4.23
C LEU D 967 11.69 -25.25 -4.57
N VAL D 968 12.36 -24.62 -5.53
CA VAL D 968 11.97 -23.30 -6.03
C VAL D 968 10.92 -23.37 -7.13
N PHE D 969 11.11 -24.27 -8.08
CA PHE D 969 10.31 -24.32 -9.30
C PHE D 969 9.99 -25.76 -9.66
N PHE D 970 8.73 -26.05 -10.00
CA PHE D 970 8.48 -27.36 -10.61
C PHE D 970 7.48 -27.32 -11.75
N ASP D 971 7.77 -28.12 -12.78
CA ASP D 971 6.95 -28.09 -13.98
C ASP D 971 6.41 -29.48 -14.35
N PHE D 972 5.09 -29.66 -14.27
CA PHE D 972 4.44 -30.83 -14.83
C PHE D 972 3.54 -30.32 -15.95
N SER D 973 4.01 -30.41 -17.19
CA SER D 973 3.35 -29.79 -18.34
C SER D 973 2.50 -30.63 -19.32
N THR D 974 2.23 -31.89 -19.00
CA THR D 974 1.57 -32.79 -19.98
C THR D 974 0.35 -32.18 -20.67
N GLU D 975 0.22 -32.46 -21.96
CA GLU D 975 -0.80 -31.85 -22.82
C GLU D 975 -2.20 -31.78 -22.21
N GLU D 976 -2.85 -32.91 -22.05
CA GLU D 976 -4.24 -32.90 -21.63
C GLU D 976 -4.44 -33.83 -20.45
N PHE D 977 -4.78 -33.26 -19.30
CA PHE D 977 -4.83 -34.07 -18.09
C PHE D 977 -5.97 -33.60 -17.20
N LEU D 978 -6.85 -34.52 -16.81
CA LEU D 978 -7.91 -34.20 -15.87
C LEU D 978 -7.62 -34.88 -14.54
N PRO D 979 -7.19 -34.09 -13.54
CA PRO D 979 -6.87 -34.74 -12.27
C PRO D 979 -8.15 -35.13 -11.52
N ASP D 980 -8.15 -36.29 -10.89
CA ASP D 980 -9.23 -36.64 -9.97
C ASP D 980 -9.08 -35.74 -8.76
N ALA D 981 -10.18 -35.51 -8.04
CA ALA D 981 -10.19 -34.55 -6.94
C ALA D 981 -9.17 -34.82 -5.83
N ALA D 982 -8.91 -36.07 -5.50
CA ALA D 982 -7.96 -36.41 -4.45
C ALA D 982 -6.53 -35.96 -4.78
N LEU D 983 -6.15 -36.10 -6.05
CA LEU D 983 -4.83 -35.66 -6.52
C LEU D 983 -4.70 -34.15 -6.33
N VAL D 984 -5.77 -33.42 -6.63
CA VAL D 984 -5.78 -31.98 -6.46
C VAL D 984 -5.71 -31.62 -4.97
N ARG D 985 -6.40 -32.38 -4.14
CA ARG D 985 -6.40 -32.15 -2.69
C ARG D 985 -4.97 -32.25 -2.17
N LYS D 986 -4.31 -33.36 -2.49
CA LYS D 986 -2.92 -33.56 -2.11
C LYS D 986 -2.01 -32.51 -2.73
N LEU D 987 -2.37 -32.04 -3.91
CA LEU D 987 -1.57 -31.05 -4.61
C LEU D 987 -1.56 -29.77 -3.79
N SER D 988 -2.75 -29.36 -3.33
CA SER D 988 -2.89 -28.19 -2.48
C SER D 988 -2.15 -28.40 -1.16
N GLN D 989 -2.22 -29.61 -0.63
CA GLN D 989 -1.55 -29.95 0.63
C GLN D 989 -0.04 -29.78 0.54
N VAL D 990 0.55 -30.34 -0.52
CA VAL D 990 1.99 -30.21 -0.74
C VAL D 990 2.37 -28.75 -1.02
N LEU D 991 1.57 -28.06 -1.82
CA LEU D 991 1.83 -26.66 -2.14
C LEU D 991 1.84 -25.78 -0.89
N SER D 992 0.98 -26.09 0.06
CA SER D 992 1.03 -25.42 1.35
C SER D 992 2.29 -25.83 2.09
N LYS D 993 2.66 -27.10 1.96
CA LYS D 993 3.82 -27.65 2.66
C LYS D 993 5.20 -27.19 2.13
N LEU D 994 5.27 -26.81 0.86
CA LEU D 994 6.54 -26.36 0.28
C LEU D 994 6.67 -24.85 0.39
N THR D 995 7.60 -24.40 1.24
CA THR D 995 7.71 -23.00 1.58
C THR D 995 8.45 -22.11 0.56
N LEU D 996 9.40 -22.70 -0.17
CA LEU D 996 10.26 -21.90 -1.06
C LEU D 996 9.80 -21.81 -2.52
N LEU D 997 8.64 -22.36 -2.83
CA LEU D 997 8.21 -22.39 -4.23
C LEU D 997 8.09 -20.97 -4.79
N GLN D 998 8.86 -20.67 -5.83
CA GLN D 998 8.68 -19.45 -6.61
C GLN D 998 7.72 -19.62 -7.78
N GLU D 999 7.87 -20.75 -8.48
CA GLU D 999 7.05 -21.01 -9.65
C GLU D 999 6.58 -22.45 -9.82
N VAL D 1000 5.29 -22.59 -10.12
CA VAL D 1000 4.69 -23.89 -10.40
C VAL D 1000 4.06 -23.84 -11.78
N LYS D 1001 4.53 -24.69 -12.69
CA LYS D 1001 3.96 -24.72 -14.02
C LYS D 1001 3.22 -26.01 -14.27
N LEU D 1002 1.89 -25.96 -14.25
CA LEU D 1002 1.11 -27.11 -14.67
C LEU D 1002 0.30 -26.71 -15.88
N THR D 1003 0.82 -27.02 -17.06
CA THR D 1003 0.16 -26.67 -18.31
C THR D 1003 -0.73 -27.81 -18.81
N GLY D 1004 -1.96 -27.48 -19.19
CA GLY D 1004 -2.91 -28.47 -19.63
C GLY D 1004 -3.71 -29.11 -18.52
N TRP D 1005 -3.16 -29.08 -17.30
CA TRP D 1005 -3.90 -29.51 -16.12
C TRP D 1005 -5.22 -28.73 -16.04
N GLU D 1006 -6.32 -29.42 -15.77
CA GLU D 1006 -7.59 -28.72 -15.61
C GLU D 1006 -8.15 -28.77 -14.20
N PHE D 1007 -8.08 -27.62 -13.54
CA PHE D 1007 -8.72 -27.40 -12.24
C PHE D 1007 -10.07 -26.70 -12.37
N ASP D 1008 -10.55 -26.55 -13.60
CA ASP D 1008 -11.79 -25.82 -13.91
C ASP D 1008 -12.98 -26.17 -13.01
N ASP D 1009 -13.15 -27.45 -12.70
CA ASP D 1009 -14.21 -27.88 -11.79
C ASP D 1009 -13.87 -27.48 -10.36
N TYR D 1010 -12.65 -27.78 -9.95
CA TYR D 1010 -12.20 -27.65 -8.57
C TYR D 1010 -11.94 -26.19 -8.28
N ASP D 1011 -11.84 -25.83 -7.00
CA ASP D 1011 -11.68 -24.43 -6.66
C ASP D 1011 -10.23 -24.04 -6.96
N ILE D 1012 -10.07 -23.09 -7.88
CA ILE D 1012 -8.75 -22.69 -8.34
C ILE D 1012 -8.01 -21.95 -7.23
N SER D 1013 -8.77 -21.26 -6.38
CA SER D 1013 -8.20 -20.45 -5.31
C SER D 1013 -7.43 -21.32 -4.34
N ALA D 1014 -7.84 -22.58 -4.23
CA ALA D 1014 -7.21 -23.50 -3.30
C ALA D 1014 -5.87 -24.00 -3.83
N ILE D 1015 -5.62 -23.85 -5.13
CA ILE D 1015 -4.34 -24.31 -5.67
C ILE D 1015 -3.35 -23.14 -5.77
N LYS D 1016 -3.81 -21.94 -5.46
CA LYS D 1016 -2.95 -20.77 -5.56
C LYS D 1016 -1.95 -20.65 -4.41
N GLY D 1017 -1.23 -19.54 -4.36
CA GLY D 1017 -0.15 -19.41 -3.40
C GLY D 1017 0.76 -18.22 -3.63
N THR D 1018 1.64 -18.00 -2.67
CA THR D 1018 2.68 -16.97 -2.70
C THR D 1018 3.62 -17.07 -3.92
N PHE D 1019 3.33 -17.99 -4.83
CA PHE D 1019 4.20 -18.29 -5.96
C PHE D 1019 3.51 -18.04 -7.29
N LYS D 1020 4.29 -17.94 -8.36
CA LYS D 1020 3.72 -17.84 -9.69
C LYS D 1020 3.08 -19.17 -10.07
N LEU D 1021 1.87 -19.10 -10.62
CA LEU D 1021 1.16 -20.31 -11.03
C LEU D 1021 0.85 -20.26 -12.53
N VAL D 1022 1.10 -21.36 -13.22
CA VAL D 1022 0.80 -21.46 -14.64
C VAL D 1022 -0.17 -22.61 -14.92
N THR D 1023 -1.30 -22.28 -15.53
CA THR D 1023 -2.30 -23.28 -15.87
C THR D 1023 -2.51 -23.37 -17.39
N VAL E 93 -43.93 23.28 41.74
CA VAL E 93 -43.62 21.89 42.08
C VAL E 93 -44.87 21.02 42.08
N THR E 94 -45.03 20.25 41.01
CA THR E 94 -46.16 19.35 40.89
C THR E 94 -46.11 18.28 41.97
N GLU E 95 -47.25 17.72 42.33
CA GLU E 95 -47.30 16.74 43.41
C GLU E 95 -46.64 15.46 42.89
N GLU E 96 -46.72 15.28 41.57
CA GLU E 96 -46.01 14.20 40.90
C GLU E 96 -44.51 14.29 41.15
N ASP E 97 -43.97 15.50 41.01
CA ASP E 97 -42.54 15.72 41.22
C ASP E 97 -42.14 15.52 42.67
N LEU E 98 -43.01 15.89 43.60
CA LEU E 98 -42.75 15.69 45.01
C LEU E 98 -42.71 14.19 45.34
N ASN E 99 -43.66 13.44 44.78
CA ASN E 99 -43.72 12.00 45.01
C ASN E 99 -42.53 11.26 44.42
N VAL E 100 -42.12 11.65 43.21
CA VAL E 100 -40.94 11.03 42.61
C VAL E 100 -39.68 11.45 43.37
N LEU E 101 -39.71 12.65 43.95
CA LEU E 101 -38.58 13.11 44.76
C LEU E 101 -38.42 12.21 45.98
N ALA E 102 -39.52 12.00 46.70
CA ALA E 102 -39.50 11.17 47.90
C ALA E 102 -39.10 9.73 47.54
N GLN E 103 -39.66 9.23 46.45
CA GLN E 103 -39.33 7.90 45.97
C GLN E 103 -37.87 7.76 45.57
N ASN E 104 -37.30 8.83 45.02
CA ASN E 104 -35.89 8.85 44.63
C ASN E 104 -34.99 8.82 45.85
N LEU E 105 -35.37 9.60 46.87
CA LEU E 105 -34.63 9.59 48.12
C LEU E 105 -34.66 8.19 48.74
N LYS E 106 -35.84 7.58 48.78
CA LYS E 106 -35.99 6.23 49.31
C LYS E 106 -35.15 5.22 48.54
N ASP E 107 -35.17 5.35 47.21
CA ASP E 107 -34.42 4.45 46.33
C ASP E 107 -32.93 4.57 46.60
N LEU E 108 -32.48 5.80 46.81
CA LEU E 108 -31.07 6.04 47.12
C LEU E 108 -30.69 5.41 48.45
N TYR E 109 -31.47 5.67 49.48
CA TYR E 109 -31.14 5.20 50.81
C TYR E 109 -31.32 3.68 50.96
N ASN E 110 -32.09 3.09 50.06
CA ASN E 110 -32.34 1.65 50.12
C ASN E 110 -31.40 0.87 49.21
N SER E 111 -30.54 1.58 48.49
CA SER E 111 -29.65 0.95 47.53
C SER E 111 -28.42 0.37 48.24
N PRO E 112 -27.82 -0.67 47.65
CA PRO E 112 -26.59 -1.26 48.20
C PRO E 112 -25.45 -0.25 48.19
N ALA E 113 -25.54 0.75 47.32
CA ALA E 113 -24.54 1.80 47.23
C ALA E 113 -24.50 2.65 48.49
N PHE E 114 -25.68 3.00 49.01
CA PHE E 114 -25.80 3.74 50.24
C PHE E 114 -25.58 2.84 51.46
N LEU E 115 -26.11 1.63 51.38
CA LEU E 115 -26.10 0.70 52.51
C LEU E 115 -24.70 0.21 52.89
N ASN E 116 -23.83 0.07 51.89
CA ASN E 116 -22.48 -0.45 52.11
C ASN E 116 -21.40 0.57 51.80
N PHE E 117 -20.38 0.64 52.66
CA PHE E 117 -19.22 1.47 52.39
C PHE E 117 -17.94 0.87 52.96
N TYR E 118 -16.80 1.34 52.47
CA TYR E 118 -15.50 0.92 52.98
C TYR E 118 -15.06 1.95 54.01
N PRO E 119 -15.01 1.55 55.28
CA PRO E 119 -14.64 2.47 56.37
C PRO E 119 -13.22 2.98 56.22
N LEU E 120 -12.32 2.08 55.83
CA LEU E 120 -10.89 2.41 55.75
C LEU E 120 -10.44 2.78 54.34
N GLY E 121 -11.37 2.83 53.41
CA GLY E 121 -11.06 3.08 52.01
C GLY E 121 -11.21 1.83 51.18
N GLU E 122 -11.22 1.98 49.86
CA GLU E 122 -11.51 0.87 48.95
C GLU E 122 -10.41 -0.17 48.83
N ASP E 123 -9.22 0.16 49.33
CA ASP E 123 -8.07 -0.72 49.13
C ASP E 123 -7.83 -1.66 50.30
N ILE E 124 -8.71 -1.60 51.30
CA ILE E 124 -8.65 -2.49 52.45
C ILE E 124 -9.96 -3.22 52.54
N ASP E 125 -9.94 -4.53 52.78
CA ASP E 125 -11.20 -5.24 52.75
C ASP E 125 -11.77 -5.25 54.16
N ILE E 126 -12.67 -4.29 54.36
CA ILE E 126 -13.57 -4.23 55.49
C ILE E 126 -14.80 -3.59 54.87
N ILE E 127 -15.98 -4.18 55.07
CA ILE E 127 -17.18 -3.56 54.50
C ILE E 127 -18.23 -3.41 55.59
N PHE E 128 -18.75 -2.19 55.72
CA PHE E 128 -19.73 -1.91 56.75
C PHE E 128 -21.11 -1.77 56.15
N ASN E 129 -22.08 -2.46 56.73
CA ASN E 129 -23.45 -2.41 56.26
C ASN E 129 -24.36 -1.83 57.32
N LEU E 130 -25.15 -0.83 56.94
CA LEU E 130 -26.02 -0.10 57.86
C LEU E 130 -27.05 -0.99 58.54
N GLU E 131 -27.46 -2.06 57.88
CA GLU E 131 -28.37 -3.02 58.47
C GLU E 131 -27.62 -4.09 59.26
N LYS E 132 -26.76 -4.82 58.56
CA LYS E 132 -26.13 -6.02 59.08
C LYS E 132 -24.96 -5.80 60.04
N THR E 133 -24.08 -4.85 59.73
CA THR E 133 -22.87 -4.65 60.51
C THR E 133 -23.11 -3.67 61.66
N PHE E 134 -24.28 -3.07 61.70
CA PHE E 134 -24.59 -2.00 62.63
C PHE E 134 -25.01 -2.54 63.98
N THR E 135 -24.36 -2.08 65.03
CA THR E 135 -24.74 -2.44 66.40
C THR E 135 -25.37 -1.23 67.06
N GLU E 136 -26.43 -1.45 67.83
CA GLU E 136 -27.16 -0.36 68.44
C GLU E 136 -26.34 0.34 69.51
N PRO E 137 -26.09 1.64 69.34
CA PRO E 137 -25.30 2.42 70.30
C PRO E 137 -26.15 2.80 71.51
N ILE E 138 -25.50 3.21 72.59
CA ILE E 138 -26.21 3.74 73.74
C ILE E 138 -26.05 5.26 73.69
N MET E 139 -27.16 5.98 73.88
CA MET E 139 -27.17 7.43 73.68
C MET E 139 -27.48 8.13 75.00
N TRP E 140 -27.10 9.39 75.11
CA TRP E 140 -27.40 10.12 76.33
C TRP E 140 -28.03 11.48 76.07
N LYS E 141 -29.14 11.78 76.73
CA LYS E 141 -29.72 13.11 76.61
C LYS E 141 -28.82 14.04 77.40
N LYS E 142 -28.52 15.20 76.83
CA LYS E 142 -27.58 16.10 77.47
C LYS E 142 -28.18 17.42 77.90
N ASP E 143 -27.87 17.81 79.13
CA ASP E 143 -28.28 19.08 79.69
C ASP E 143 -27.15 20.08 79.47
N HIS E 144 -27.50 21.36 79.33
CA HIS E 144 -26.53 22.43 79.06
C HIS E 144 -25.24 22.34 79.88
N ARG E 145 -25.33 21.81 81.10
CA ARG E 145 -24.18 21.54 81.94
C ARG E 145 -23.36 20.30 81.53
N HIS E 146 -23.75 19.66 80.42
CA HIS E 146 -23.06 18.48 79.90
C HIS E 146 -23.17 17.27 80.82
N HIS E 147 -24.26 17.20 81.57
CA HIS E 147 -24.57 16.04 82.39
C HIS E 147 -25.47 15.11 81.60
N ARG E 148 -25.35 13.80 81.80
CA ARG E 148 -26.20 12.89 81.06
C ARG E 148 -27.44 12.70 81.90
N VAL E 149 -28.54 13.27 81.44
CA VAL E 149 -29.81 13.26 82.18
C VAL E 149 -30.50 11.90 82.13
N GLU E 150 -30.68 11.39 80.92
CA GLU E 150 -31.46 10.18 80.71
C GLU E 150 -30.84 9.36 79.59
N GLN E 151 -30.92 8.04 79.71
CA GLN E 151 -30.34 7.15 78.72
C GLN E 151 -31.32 6.87 77.59
N LEU E 152 -30.81 6.88 76.37
CA LEU E 152 -31.63 6.71 75.18
C LEU E 152 -31.10 5.68 74.22
N THR E 153 -31.95 5.31 73.27
CA THR E 153 -31.59 4.47 72.15
C THR E 153 -31.91 5.31 70.92
N LEU E 154 -31.44 4.89 69.76
CA LEU E 154 -31.69 5.62 68.52
C LEU E 154 -33.20 5.77 68.28
N GLY E 155 -33.95 4.71 68.51
CA GLY E 155 -35.38 4.75 68.35
C GLY E 155 -36.05 5.68 69.35
N SER E 156 -35.65 5.58 70.61
CA SER E 156 -36.22 6.42 71.67
C SER E 156 -35.86 7.88 71.43
N LEU E 157 -34.66 8.12 70.90
CA LEU E 157 -34.22 9.48 70.58
C LEU E 157 -35.06 10.05 69.43
N LEU E 158 -35.31 9.22 68.43
CA LEU E 158 -36.12 9.63 67.29
C LEU E 158 -37.57 9.90 67.70
N GLU E 159 -38.06 9.13 68.67
CA GLU E 159 -39.43 9.32 69.18
C GLU E 159 -39.59 10.62 69.97
N ALA E 160 -38.55 11.00 70.69
CA ALA E 160 -38.58 12.21 71.50
C ALA E 160 -37.98 13.40 70.75
N LEU E 161 -37.66 13.17 69.49
CA LEU E 161 -36.86 14.11 68.69
C LEU E 161 -37.48 15.50 68.60
N LYS E 162 -36.63 16.52 68.83
CA LYS E 162 -37.00 17.93 68.69
C LYS E 162 -35.95 18.67 67.87
N SER E 163 -36.34 19.72 67.17
CA SER E 163 -35.42 20.39 66.26
C SER E 163 -35.05 21.81 66.72
N PRO E 164 -33.83 22.28 66.39
CA PRO E 164 -32.73 21.50 65.82
C PRO E 164 -32.11 20.54 66.84
N CYS E 165 -31.86 19.30 66.43
CA CYS E 165 -31.23 18.31 67.29
C CYS E 165 -29.74 18.18 66.99
N LEU E 166 -28.93 18.13 68.04
CA LEU E 166 -27.49 17.99 67.89
C LEU E 166 -27.03 16.66 68.48
N ILE E 167 -26.30 15.89 67.68
CA ILE E 167 -25.69 14.66 68.15
C ILE E 167 -24.20 14.89 68.22
N GLU E 168 -23.62 14.69 69.40
CA GLU E 168 -22.22 15.01 69.60
C GLU E 168 -21.43 13.80 70.06
N GLY E 169 -20.11 13.88 69.89
CA GLY E 169 -19.25 12.82 70.38
C GLY E 169 -17.81 12.90 69.94
N GLU E 170 -16.99 11.99 70.44
CA GLU E 170 -15.58 11.95 70.08
C GLU E 170 -15.43 11.52 68.64
N SER E 171 -14.25 11.76 68.07
CA SER E 171 -13.99 11.37 66.70
C SER E 171 -13.94 9.85 66.58
N GLY E 172 -14.68 9.32 65.61
CA GLY E 172 -14.74 7.88 65.40
C GLY E 172 -15.79 7.18 66.23
N LYS E 173 -16.67 7.95 66.85
CA LYS E 173 -17.70 7.40 67.73
C LYS E 173 -18.89 6.80 66.97
N GLY E 174 -19.02 7.08 65.68
CA GLY E 174 -20.12 6.54 64.91
C GLY E 174 -21.27 7.47 64.56
N LYS E 175 -21.07 8.77 64.69
CA LYS E 175 -22.12 9.75 64.44
C LYS E 175 -22.67 9.76 62.99
N SER E 176 -21.76 9.75 62.02
CA SER E 176 -22.15 9.75 60.61
C SER E 176 -22.96 8.51 60.26
N THR E 177 -22.46 7.36 60.70
CA THR E 177 -23.15 6.08 60.51
C THR E 177 -24.51 6.10 61.19
N LEU E 178 -24.62 6.87 62.26
CA LEU E 178 -25.88 7.06 62.96
C LEU E 178 -26.89 7.82 62.09
N LEU E 179 -26.41 8.88 61.44
CA LEU E 179 -27.27 9.63 60.54
C LEU E 179 -27.73 8.78 59.36
N GLN E 180 -26.78 8.05 58.76
CA GLN E 180 -27.09 7.16 57.65
C GLN E 180 -28.08 6.07 58.07
N ARG E 181 -27.92 5.60 59.30
CA ARG E 181 -28.86 4.65 59.91
C ARG E 181 -30.27 5.24 59.98
N ILE E 182 -30.36 6.51 60.37
CA ILE E 182 -31.65 7.17 60.40
C ILE E 182 -32.25 7.22 59.00
N ALA E 183 -31.43 7.57 58.02
CA ALA E 183 -31.91 7.67 56.64
C ALA E 183 -32.44 6.34 56.13
N MET E 184 -31.66 5.27 56.32
CA MET E 184 -32.08 3.94 55.87
C MET E 184 -33.33 3.48 56.62
N LEU E 185 -33.46 3.87 57.88
CA LEU E 185 -34.64 3.50 58.65
C LEU E 185 -35.87 4.18 58.08
N TRP E 186 -35.70 5.44 57.67
CA TRP E 186 -36.80 6.17 57.04
C TRP E 186 -37.20 5.57 55.70
N ALA E 187 -36.21 5.28 54.87
CA ALA E 187 -36.46 4.71 53.55
C ALA E 187 -37.07 3.32 53.60
N SER E 188 -36.73 2.55 54.63
CA SER E 188 -37.21 1.17 54.74
C SER E 188 -38.48 1.05 55.58
N GLY E 189 -38.99 2.17 56.09
CA GLY E 189 -40.17 2.11 56.94
C GLY E 189 -39.89 1.58 58.32
N GLY E 190 -38.63 1.20 58.55
CA GLY E 190 -38.18 0.61 59.79
C GLY E 190 -38.60 1.26 61.10
N CYS E 191 -38.67 2.59 61.11
CA CYS E 191 -39.00 3.30 62.36
C CYS E 191 -40.27 4.12 62.22
N ARG E 192 -41.16 3.96 63.18
CA ARG E 192 -42.43 4.69 63.25
C ARG E 192 -42.19 6.18 63.45
N ALA E 193 -41.18 6.53 64.24
CA ALA E 193 -40.92 7.93 64.57
C ALA E 193 -40.65 8.74 63.31
N LEU E 194 -40.13 8.06 62.29
CA LEU E 194 -39.76 8.73 61.05
C LEU E 194 -40.88 8.73 60.00
N LYS E 195 -42.03 8.13 60.30
CA LYS E 195 -43.09 8.03 59.29
C LYS E 195 -43.75 9.38 59.01
N GLY E 196 -43.53 10.34 59.90
CA GLY E 196 -44.09 11.66 59.74
C GLY E 196 -43.39 12.46 58.66
N PHE E 197 -42.22 11.98 58.24
CA PHE E 197 -41.39 12.73 57.30
C PHE E 197 -41.67 12.37 55.85
N ARG E 198 -42.07 13.38 55.08
CA ARG E 198 -42.34 13.22 53.66
C ARG E 198 -41.03 13.10 52.88
N LEU E 199 -40.05 13.91 53.27
CA LEU E 199 -38.75 13.90 52.61
C LEU E 199 -37.65 13.85 53.66
N VAL E 200 -36.63 13.04 53.41
CA VAL E 200 -35.43 13.06 54.24
C VAL E 200 -34.17 13.26 53.40
N PHE E 201 -33.38 14.26 53.76
CA PHE E 201 -32.16 14.58 53.02
C PHE E 201 -30.93 14.37 53.88
N PHE E 202 -29.97 13.62 53.35
CA PHE E 202 -28.70 13.42 54.04
C PHE E 202 -27.61 14.19 53.31
N ILE E 203 -26.94 15.07 54.04
CA ILE E 203 -25.89 15.89 53.46
C ILE E 203 -24.59 15.78 54.24
N HIS E 204 -23.47 15.75 53.52
CA HIS E 204 -22.17 15.91 54.14
C HIS E 204 -21.82 17.39 54.10
N LEU E 205 -21.69 18.00 55.28
CA LEU E 205 -21.49 19.45 55.38
C LEU E 205 -20.14 19.88 54.82
N ARG E 206 -19.19 18.96 54.79
CA ARG E 206 -17.86 19.23 54.29
C ARG E 206 -17.86 19.58 52.80
N SER E 207 -18.72 18.91 52.03
CA SER E 207 -18.84 19.17 50.60
C SER E 207 -19.98 20.15 50.28
N ALA E 208 -20.53 20.79 51.30
CA ALA E 208 -21.59 21.76 51.11
C ALA E 208 -21.09 23.12 50.62
N ARG E 209 -21.50 23.50 49.42
CA ARG E 209 -21.10 24.75 48.81
C ARG E 209 -22.32 25.32 48.08
N GLY E 210 -22.21 26.52 47.54
CA GLY E 210 -23.34 27.11 46.83
C GLY E 210 -24.45 27.41 47.82
N GLY E 211 -25.60 26.77 47.63
CA GLY E 211 -26.74 26.95 48.51
C GLY E 211 -27.34 25.60 48.78
N LEU E 212 -28.33 25.56 49.66
CA LEU E 212 -28.96 24.30 50.07
C LEU E 212 -29.44 23.50 48.85
N PHE E 213 -30.08 24.18 47.91
CA PHE E 213 -30.57 23.52 46.70
C PHE E 213 -29.41 22.96 45.87
N GLU E 214 -28.40 23.79 45.67
CA GLU E 214 -27.24 23.39 44.87
C GLU E 214 -26.50 22.23 45.54
N THR E 215 -26.44 22.28 46.86
CA THR E 215 -25.77 21.24 47.63
C THR E 215 -26.52 19.92 47.50
N LEU E 216 -27.84 19.95 47.69
CA LEU E 216 -28.66 18.75 47.54
C LEU E 216 -28.59 18.18 46.13
N TYR E 217 -28.61 19.06 45.14
CA TYR E 217 -28.57 18.66 43.74
C TYR E 217 -27.25 17.95 43.44
N ASP E 218 -26.15 18.55 43.91
CA ASP E 218 -24.82 17.99 43.66
C ASP E 218 -24.55 16.72 44.44
N GLN E 219 -25.12 16.62 45.63
CA GLN E 219 -24.87 15.45 46.47
C GLN E 219 -25.75 14.24 46.09
N LEU E 220 -27.06 14.44 46.00
CA LEU E 220 -28.00 13.34 45.73
C LEU E 220 -28.17 12.93 44.26
N LEU E 221 -28.20 13.92 43.36
CA LEU E 221 -28.23 13.69 41.91
C LEU E 221 -29.61 13.23 41.40
N ASN E 222 -30.51 12.91 42.33
CA ASN E 222 -31.80 12.36 41.96
C ASN E 222 -32.93 13.40 41.90
N ILE E 223 -32.56 14.67 42.07
CA ILE E 223 -33.55 15.74 42.04
C ILE E 223 -34.09 15.89 40.63
N PRO E 224 -35.43 15.92 40.50
CA PRO E 224 -36.07 16.04 39.19
C PRO E 224 -35.60 17.29 38.46
N ASP E 225 -35.59 17.22 37.12
CA ASP E 225 -34.99 18.26 36.29
C ASP E 225 -35.67 19.61 36.55
N PHE E 226 -36.94 19.70 36.18
CA PHE E 226 -37.69 20.94 36.21
C PHE E 226 -37.89 21.57 37.59
N ILE E 227 -37.41 20.92 38.64
CA ILE E 227 -37.41 21.50 39.98
C ILE E 227 -36.21 22.43 40.16
N SER E 228 -36.49 23.69 40.49
CA SER E 228 -35.46 24.73 40.56
C SER E 228 -35.28 25.19 41.99
N LYS E 229 -34.28 26.06 42.19
CA LYS E 229 -33.95 26.61 43.50
C LYS E 229 -35.13 27.31 44.22
N PRO E 230 -35.83 28.26 43.53
CA PRO E 230 -36.93 28.93 44.23
C PRO E 230 -38.06 27.98 44.53
N THR E 231 -38.36 27.13 43.55
CA THR E 231 -39.41 26.13 43.68
C THR E 231 -39.09 25.17 44.81
N PHE E 232 -37.81 24.82 44.95
CA PHE E 232 -37.40 23.93 46.03
C PHE E 232 -37.52 24.57 47.40
N LYS E 233 -37.06 25.81 47.53
CA LYS E 233 -37.12 26.47 48.84
C LYS E 233 -38.59 26.66 49.22
N ALA E 234 -39.40 27.06 48.25
CA ALA E 234 -40.83 27.24 48.46
C ALA E 234 -41.46 25.91 48.85
N LEU E 235 -40.97 24.83 48.25
CA LEU E 235 -41.44 23.48 48.55
C LEU E 235 -41.16 23.13 50.00
N LEU E 236 -39.97 23.48 50.46
CA LEU E 236 -39.56 23.23 51.85
C LEU E 236 -40.46 24.01 52.80
N LEU E 237 -40.71 25.26 52.43
CA LEU E 237 -41.59 26.12 53.22
C LEU E 237 -43.00 25.54 53.30
N LYS E 238 -43.49 24.98 52.20
CA LYS E 238 -44.80 24.35 52.18
C LYS E 238 -44.83 23.12 53.06
N LEU E 239 -43.78 22.30 52.96
CA LEU E 239 -43.74 21.02 53.63
C LEU E 239 -43.46 21.09 55.13
N HIS E 240 -42.90 22.21 55.59
CA HIS E 240 -42.74 22.46 57.03
C HIS E 240 -41.88 21.40 57.71
N LYS E 241 -42.48 20.69 58.66
CA LYS E 241 -41.79 19.71 59.49
C LYS E 241 -41.83 18.32 58.88
N GLU E 242 -42.36 18.23 57.66
CA GLU E 242 -42.45 16.97 56.95
C GLU E 242 -41.14 16.69 56.22
N VAL E 243 -40.18 17.61 56.37
CA VAL E 243 -38.87 17.45 55.78
C VAL E 243 -37.80 17.34 56.85
N LEU E 244 -36.99 16.29 56.77
CA LEU E 244 -35.93 16.09 57.73
C LEU E 244 -34.58 16.18 57.04
N PHE E 245 -33.73 17.08 57.53
CA PHE E 245 -32.37 17.22 57.03
C PHE E 245 -31.43 16.55 57.99
N LEU E 246 -30.55 15.70 57.48
CA LEU E 246 -29.48 15.13 58.29
C LEU E 246 -28.16 15.71 57.82
N LEU E 247 -27.57 16.53 58.69
CA LEU E 247 -26.38 17.29 58.36
C LEU E 247 -25.21 16.75 59.15
N ASP E 248 -24.17 16.35 58.43
CA ASP E 248 -23.09 15.57 59.02
C ASP E 248 -21.81 16.36 59.13
N GLY E 249 -21.22 16.34 60.31
CA GLY E 249 -19.90 16.91 60.51
C GLY E 249 -19.81 18.42 60.42
N TYR E 250 -20.57 19.13 61.26
CA TYR E 250 -20.50 20.58 61.33
C TYR E 250 -19.08 21.04 61.67
N ASN E 251 -18.31 20.15 62.30
CA ASN E 251 -16.91 20.42 62.60
C ASN E 251 -16.07 20.47 61.33
N GLU E 252 -16.58 19.83 60.28
CA GLU E 252 -15.90 19.85 58.98
C GLU E 252 -16.47 20.94 58.10
N PHE E 253 -17.43 21.69 58.64
CA PHE E 253 -18.19 22.66 57.87
C PHE E 253 -17.64 24.07 58.03
N HIS E 254 -17.39 24.72 56.90
CA HIS E 254 -16.99 26.12 56.90
C HIS E 254 -18.20 26.92 56.44
N PRO E 255 -18.82 27.66 57.37
CA PRO E 255 -20.11 28.31 57.16
C PRO E 255 -20.13 29.32 56.02
N GLN E 256 -18.96 29.86 55.66
CA GLN E 256 -18.89 30.82 54.58
C GLN E 256 -19.11 30.16 53.22
N ASN E 257 -18.81 28.86 53.14
CA ASN E 257 -18.96 28.12 51.90
C ASN E 257 -20.42 27.94 51.52
N CYS E 258 -21.27 27.71 52.52
CA CYS E 258 -22.70 27.60 52.30
C CYS E 258 -23.47 28.32 53.40
N PRO E 259 -23.66 29.63 53.25
CA PRO E 259 -24.36 30.45 54.25
C PRO E 259 -25.79 30.01 54.47
N GLU E 260 -26.44 29.45 53.44
CA GLU E 260 -27.83 29.02 53.57
C GLU E 260 -28.03 27.79 54.48
N ILE E 261 -27.13 26.81 54.41
CA ILE E 261 -27.20 25.67 55.32
C ILE E 261 -26.88 26.14 56.74
N GLU E 262 -25.91 27.03 56.83
CA GLU E 262 -25.56 27.65 58.10
C GLU E 262 -26.77 28.35 58.70
N ALA E 263 -27.56 28.98 57.84
CA ALA E 263 -28.79 29.64 58.27
C ALA E 263 -29.84 28.62 58.68
N LEU E 264 -29.90 27.50 57.95
CA LEU E 264 -30.84 26.43 58.22
C LEU E 264 -30.62 25.89 59.62
N ILE E 265 -29.35 25.77 60.00
CA ILE E 265 -29.00 25.34 61.34
C ILE E 265 -29.21 26.44 62.37
N LYS E 266 -28.65 27.62 62.11
CA LYS E 266 -28.58 28.68 63.11
C LYS E 266 -29.92 29.43 63.26
N GLU E 267 -30.60 29.64 62.14
CA GLU E 267 -31.95 30.17 62.20
C GLU E 267 -32.91 29.13 61.66
N ASN E 268 -33.59 28.42 62.54
CA ASN E 268 -34.47 27.34 62.09
C ASN E 268 -35.90 27.80 61.85
N HIS E 269 -36.18 29.01 62.29
CA HIS E 269 -37.51 29.61 62.17
C HIS E 269 -37.84 30.03 60.73
N ARG E 270 -36.85 30.46 59.98
CA ARG E 270 -37.07 30.83 58.58
C ARG E 270 -37.34 29.58 57.72
N PHE E 271 -36.66 28.49 58.03
CA PHE E 271 -36.80 27.26 57.25
C PHE E 271 -37.97 26.39 57.70
N LYS E 272 -38.10 26.22 59.02
CA LYS E 272 -39.20 25.48 59.65
C LYS E 272 -39.13 23.96 59.45
N ASN E 273 -38.10 23.49 58.74
CA ASN E 273 -37.87 22.07 58.56
C ASN E 273 -37.18 21.49 59.79
N MET E 274 -37.25 20.17 59.95
CA MET E 274 -36.58 19.54 61.08
C MET E 274 -35.16 19.22 60.65
N VAL E 275 -34.20 19.55 61.51
CA VAL E 275 -32.79 19.28 61.21
C VAL E 275 -32.12 18.50 62.35
N ILE E 276 -31.27 17.56 61.97
CA ILE E 276 -30.40 16.86 62.89
C ILE E 276 -28.96 17.05 62.44
N VAL E 277 -28.13 17.65 63.28
CA VAL E 277 -26.74 17.93 62.92
C VAL E 277 -25.82 17.14 63.84
N THR E 278 -24.72 16.63 63.28
CA THR E 278 -23.75 15.87 64.07
C THR E 278 -22.43 16.63 64.20
N THR E 279 -21.81 16.53 65.37
CA THR E 279 -20.54 17.21 65.61
C THR E 279 -19.68 16.56 66.70
N THR E 280 -18.41 16.95 66.68
CA THR E 280 -17.48 16.52 67.71
C THR E 280 -17.69 17.36 68.96
N THR E 281 -17.30 16.82 70.11
CA THR E 281 -17.47 17.50 71.39
C THR E 281 -16.69 18.80 71.39
N GLU E 282 -15.50 18.74 70.81
CA GLU E 282 -14.57 19.86 70.79
C GLU E 282 -15.14 21.08 70.05
N CYS E 283 -15.88 20.82 68.97
CA CYS E 283 -16.44 21.88 68.14
C CYS E 283 -17.90 22.20 68.50
N LEU E 284 -18.42 21.53 69.52
CA LEU E 284 -19.83 21.63 69.88
C LEU E 284 -20.26 23.05 70.29
N ARG E 285 -19.32 23.86 70.77
CA ARG E 285 -19.63 25.24 71.17
C ARG E 285 -20.25 26.01 70.02
N HIS E 286 -19.80 25.71 68.81
CA HIS E 286 -20.24 26.43 67.62
C HIS E 286 -21.76 26.33 67.40
N ILE E 287 -22.31 25.15 67.60
CA ILE E 287 -23.76 24.93 67.46
C ILE E 287 -24.55 24.91 68.78
N ARG E 288 -23.85 25.02 69.91
CA ARG E 288 -24.45 24.67 71.20
C ARG E 288 -25.73 25.40 71.60
N HIS E 289 -25.73 26.73 71.49
CA HIS E 289 -26.88 27.53 71.90
C HIS E 289 -28.15 27.24 71.10
N VAL E 290 -27.95 26.79 69.86
CA VAL E 290 -29.05 26.63 68.91
C VAL E 290 -29.90 25.36 69.14
N GLY E 291 -29.28 24.30 69.63
CA GLY E 291 -29.96 23.01 69.69
C GLY E 291 -31.05 22.94 70.74
N ALA E 292 -32.21 22.42 70.32
CA ALA E 292 -33.34 22.22 71.23
C ALA E 292 -33.32 20.82 71.81
N LEU E 293 -32.44 19.99 71.27
CA LEU E 293 -32.18 18.65 71.78
C LEU E 293 -30.71 18.37 71.59
N THR E 294 -30.10 17.73 72.59
CA THR E 294 -28.71 17.35 72.46
C THR E 294 -28.48 15.95 73.00
N ALA E 295 -27.89 15.10 72.18
CA ALA E 295 -27.61 13.74 72.59
C ALA E 295 -26.14 13.42 72.35
N GLU E 296 -25.58 12.54 73.17
CA GLU E 296 -24.18 12.18 73.04
C GLU E 296 -24.08 10.71 72.69
N VAL E 297 -23.17 10.40 71.77
CA VAL E 297 -22.89 9.02 71.40
C VAL E 297 -21.97 8.41 72.44
N GLY E 298 -22.44 7.33 73.08
CA GLY E 298 -21.72 6.73 74.18
C GLY E 298 -20.59 5.83 73.72
N ASP E 299 -19.88 5.26 74.67
CA ASP E 299 -18.81 4.32 74.37
C ASP E 299 -19.38 3.03 73.80
N MET E 300 -18.56 2.28 73.09
CA MET E 300 -19.00 1.02 72.51
C MET E 300 -18.77 -0.10 73.51
N THR E 301 -19.80 -0.87 73.78
CA THR E 301 -19.73 -1.95 74.75
C THR E 301 -18.84 -3.06 74.21
N GLU E 302 -18.26 -3.84 75.10
CA GLU E 302 -17.31 -4.87 74.73
C GLU E 302 -17.97 -5.88 73.79
N ASP E 303 -19.25 -6.15 74.04
CA ASP E 303 -20.03 -7.06 73.21
C ASP E 303 -20.21 -6.52 71.79
N SER E 304 -20.48 -5.23 71.70
CA SER E 304 -20.65 -4.59 70.39
C SER E 304 -19.33 -4.55 69.62
N ALA E 305 -18.24 -4.31 70.36
CA ALA E 305 -16.91 -4.29 69.77
C ALA E 305 -16.53 -5.66 69.23
N LYS E 306 -16.78 -6.70 70.02
CA LYS E 306 -16.49 -8.07 69.57
C LYS E 306 -17.44 -8.49 68.44
N ASP E 307 -18.65 -7.95 68.44
CA ASP E 307 -19.59 -8.22 67.35
C ASP E 307 -19.06 -7.64 66.05
N LEU E 308 -18.55 -6.41 66.11
CA LEU E 308 -17.98 -5.76 64.95
C LEU E 308 -16.74 -6.52 64.47
N ILE E 309 -15.88 -6.91 65.42
CA ILE E 309 -14.67 -7.65 65.10
C ILE E 309 -15.01 -8.96 64.41
N GLU E 310 -15.96 -9.70 64.98
CA GLU E 310 -16.40 -10.97 64.42
C GLU E 310 -17.02 -10.78 63.04
N ALA E 311 -17.66 -9.63 62.85
CA ALA E 311 -18.29 -9.31 61.57
C ALA E 311 -17.27 -9.03 60.46
N VAL E 312 -16.25 -8.23 60.78
CA VAL E 312 -15.31 -7.79 59.76
C VAL E 312 -14.03 -8.62 59.68
N LEU E 313 -13.91 -9.65 60.52
CA LEU E 313 -12.67 -10.42 60.60
C LEU E 313 -12.92 -11.93 60.61
N VAL E 314 -11.96 -12.69 60.10
CA VAL E 314 -12.05 -14.15 60.13
C VAL E 314 -11.79 -14.68 61.54
N PRO E 315 -12.47 -15.77 61.92
CA PRO E 315 -12.53 -16.27 63.30
C PRO E 315 -11.17 -16.50 63.99
N ASP E 316 -10.19 -17.02 63.25
CA ASP E 316 -8.86 -17.24 63.82
C ASP E 316 -8.27 -15.92 64.29
N GLN E 317 -8.38 -14.92 63.41
CA GLN E 317 -7.88 -13.59 63.70
C GLN E 317 -8.79 -12.90 64.72
N VAL E 318 -10.05 -13.31 64.76
CA VAL E 318 -10.98 -12.82 65.78
C VAL E 318 -10.50 -13.20 67.18
N GLU E 319 -10.15 -14.47 67.36
CA GLU E 319 -9.65 -14.94 68.65
C GLU E 319 -8.25 -14.41 68.98
N ARG E 320 -7.40 -14.31 67.96
CA ARG E 320 -6.07 -13.74 68.14
C ARG E 320 -6.20 -12.31 68.67
N LEU E 321 -6.98 -11.52 67.93
CA LEU E 321 -7.18 -10.11 68.25
C LEU E 321 -7.88 -9.93 69.58
N TRP E 322 -8.89 -10.76 69.87
CA TRP E 322 -9.63 -10.65 71.12
C TRP E 322 -8.76 -11.00 72.32
N ALA E 323 -7.87 -11.97 72.14
CA ALA E 323 -6.92 -12.31 73.19
C ALA E 323 -6.05 -11.10 73.45
N GLN E 324 -5.55 -10.50 72.37
CA GLN E 324 -4.72 -9.31 72.47
C GLN E 324 -5.48 -8.16 73.16
N ILE E 325 -6.79 -8.11 72.94
CA ILE E 325 -7.66 -7.08 73.51
C ILE E 325 -7.78 -7.26 75.01
N GLN E 326 -8.04 -8.50 75.42
CA GLN E 326 -8.24 -8.81 76.83
C GLN E 326 -6.94 -8.74 77.62
N GLU E 327 -5.81 -8.81 76.91
CA GLU E 327 -4.52 -8.72 77.57
C GLU E 327 -4.10 -7.30 77.95
N SER E 328 -4.51 -6.33 77.15
CA SER E 328 -4.16 -4.93 77.37
C SER E 328 -5.36 -4.06 77.73
N ARG E 329 -5.23 -3.26 78.77
CA ARG E 329 -6.30 -2.37 79.21
C ARG E 329 -6.45 -1.17 78.28
N CYS E 330 -5.32 -0.69 77.77
CA CYS E 330 -5.31 0.47 76.89
C CYS E 330 -6.01 0.20 75.57
N LEU E 331 -5.75 -0.99 75.00
CA LEU E 331 -6.38 -1.41 73.77
C LEU E 331 -7.87 -1.57 74.00
N ARG E 332 -8.22 -2.07 75.18
CA ARG E 332 -9.61 -2.25 75.59
C ARG E 332 -10.31 -0.91 75.63
N ASN E 333 -9.60 0.11 76.13
CA ASN E 333 -10.13 1.47 76.16
C ASN E 333 -10.29 2.04 74.76
N LEU E 334 -9.34 1.69 73.89
CA LEU E 334 -9.36 2.12 72.51
C LEU E 334 -10.54 1.46 71.79
N MET E 335 -11.02 0.37 72.36
CA MET E 335 -12.11 -0.40 71.76
C MET E 335 -13.47 0.16 72.16
N LYS E 336 -13.48 1.25 72.92
CA LYS E 336 -14.75 1.91 73.27
C LYS E 336 -15.26 2.77 72.10
N THR E 337 -14.36 3.10 71.19
CA THR E 337 -14.72 3.85 69.98
C THR E 337 -14.53 2.98 68.74
N PRO E 338 -15.61 2.79 67.96
CA PRO E 338 -15.72 1.86 66.83
C PRO E 338 -14.71 2.03 65.70
N LEU E 339 -14.35 3.27 65.36
CA LEU E 339 -13.42 3.51 64.27
C LEU E 339 -12.10 2.82 64.61
N PHE E 340 -11.67 2.99 65.85
CA PHE E 340 -10.43 2.39 66.33
C PHE E 340 -10.53 0.88 66.31
N VAL E 341 -11.73 0.35 66.57
CA VAL E 341 -11.95 -1.09 66.48
C VAL E 341 -11.71 -1.58 65.06
N VAL E 342 -12.26 -0.85 64.09
CA VAL E 342 -12.08 -1.21 62.67
C VAL E 342 -10.61 -1.15 62.26
N ILE E 343 -9.94 -0.09 62.70
CA ILE E 343 -8.53 0.09 62.39
C ILE E 343 -7.68 -1.01 62.98
N THR E 344 -7.99 -1.38 64.23
CA THR E 344 -7.28 -2.45 64.92
C THR E 344 -7.55 -3.78 64.22
N CYS E 345 -8.74 -3.91 63.64
CA CYS E 345 -9.07 -5.09 62.85
C CYS E 345 -8.17 -5.16 61.61
N ALA E 346 -7.98 -4.01 60.95
CA ALA E 346 -7.10 -3.94 59.79
C ALA E 346 -5.66 -4.27 60.17
N ILE E 347 -5.22 -3.77 61.32
CA ILE E 347 -3.88 -4.06 61.82
C ILE E 347 -3.75 -5.57 62.03
N GLN E 348 -4.78 -6.17 62.60
CA GLN E 348 -4.81 -7.62 62.79
C GLN E 348 -4.72 -8.35 61.46
N MET E 349 -5.32 -7.78 60.43
CA MET E 349 -5.20 -8.35 59.09
C MET E 349 -3.74 -8.30 58.63
N GLY E 350 -3.12 -7.12 58.72
CA GLY E 350 -1.72 -6.97 58.35
C GLY E 350 -0.75 -7.88 59.09
N ARG E 351 -0.83 -7.89 60.42
CA ARG E 351 0.16 -8.58 61.24
C ARG E 351 -0.45 -9.33 62.42
N GLN E 352 0.10 -10.51 62.71
CA GLN E 352 -0.38 -11.38 63.78
C GLN E 352 -0.27 -10.72 65.15
N GLU E 353 0.90 -10.19 65.48
CA GLU E 353 1.10 -9.57 66.79
C GLU E 353 1.54 -8.12 66.69
N PHE E 354 0.90 -7.28 67.51
CA PHE E 354 1.15 -5.84 67.53
C PHE E 354 0.91 -5.23 68.91
N GLN E 355 1.44 -4.03 69.15
CA GLN E 355 1.23 -3.35 70.43
C GLN E 355 0.88 -1.87 70.26
N ALA E 356 -0.30 -1.48 70.73
CA ALA E 356 -0.68 -0.07 70.72
C ALA E 356 -1.29 0.35 72.05
N HIS E 357 -0.60 1.22 72.78
CA HIS E 357 -1.13 1.75 74.03
C HIS E 357 -2.04 2.97 73.83
N THR E 358 -1.72 3.77 72.81
CA THR E 358 -2.48 4.98 72.53
C THR E 358 -3.02 4.98 71.11
N GLN E 359 -4.04 5.80 70.89
CA GLN E 359 -4.67 5.95 69.58
C GLN E 359 -3.69 6.47 68.53
N THR E 360 -2.71 7.26 68.97
CA THR E 360 -1.67 7.75 68.09
C THR E 360 -0.82 6.58 67.59
N MET E 361 -0.56 5.62 68.46
CA MET E 361 0.20 4.43 68.07
C MET E 361 -0.64 3.43 67.26
N LEU E 362 -1.95 3.48 67.44
CA LEU E 362 -2.85 2.65 66.64
C LEU E 362 -2.75 3.16 65.20
N PHE E 363 -2.94 4.46 65.05
CA PHE E 363 -2.83 5.13 63.76
C PHE E 363 -1.43 4.94 63.17
N GLN E 364 -0.43 4.98 64.03
CA GLN E 364 0.95 4.82 63.62
C GLN E 364 1.25 3.43 63.07
N THR E 365 0.74 2.42 63.76
CA THR E 365 0.88 1.03 63.32
C THR E 365 0.19 0.83 61.98
N PHE E 366 -1.02 1.37 61.87
CA PHE E 366 -1.79 1.27 60.64
C PHE E 366 -1.06 1.90 59.45
N TYR E 367 -0.58 3.11 59.67
CA TYR E 367 0.15 3.88 58.66
C TYR E 367 1.41 3.11 58.25
N ASP E 368 2.16 2.66 59.24
CA ASP E 368 3.41 1.94 59.02
C ASP E 368 3.22 0.66 58.21
N LEU E 369 2.20 -0.13 58.54
CA LEU E 369 1.94 -1.34 57.78
C LEU E 369 1.47 -1.01 56.36
N LEU E 370 0.64 0.02 56.22
CA LEU E 370 0.19 0.43 54.88
C LEU E 370 1.36 0.77 53.98
N ILE E 371 2.29 1.57 54.49
CA ILE E 371 3.48 1.89 53.72
C ILE E 371 4.32 0.65 53.44
N GLN E 372 4.50 -0.18 54.46
CA GLN E 372 5.36 -1.34 54.34
C GLN E 372 4.89 -2.31 53.25
N LYS E 373 3.60 -2.67 53.26
CA LYS E 373 3.10 -3.58 52.24
C LYS E 373 2.85 -2.91 50.88
N ASN E 374 2.41 -1.66 50.87
CA ASN E 374 2.04 -1.03 49.60
C ASN E 374 3.20 -0.29 48.94
N SER E 375 4.38 -0.36 49.53
CA SER E 375 5.55 0.33 48.99
C SER E 375 5.89 -0.13 47.57
N HIS E 376 5.72 -1.42 47.31
CA HIS E 376 6.13 -2.00 46.03
C HIS E 376 5.32 -1.48 44.85
N ARG E 377 4.12 -0.96 45.14
CA ARG E 377 3.23 -0.52 44.08
C ARG E 377 3.72 0.74 43.35
N TYR E 378 4.61 1.52 43.97
CA TYR E 378 5.15 2.67 43.26
C TYR E 378 6.41 2.25 42.53
N ARG E 379 6.26 1.92 41.25
CA ARG E 379 7.37 1.58 40.38
C ARG E 379 8.04 2.78 39.68
N GLY E 380 7.20 3.72 39.26
CA GLY E 380 7.63 4.84 38.44
C GLY E 380 8.69 5.73 39.06
N GLY E 381 9.36 6.49 38.20
CA GLY E 381 10.41 7.39 38.63
C GLY E 381 10.60 8.55 37.67
N GLY E 384 9.49 11.16 40.76
CA GLY E 384 10.33 11.71 41.80
C GLY E 384 10.68 10.71 42.88
N ASP E 385 10.48 11.10 44.13
CA ASP E 385 10.92 10.29 45.26
C ASP E 385 9.76 9.87 46.16
N PHE E 386 9.88 8.67 46.71
CA PHE E 386 8.87 8.11 47.62
C PHE E 386 8.75 9.03 48.83
N ALA E 387 9.90 9.42 49.38
CA ALA E 387 9.96 10.29 50.55
C ALA E 387 9.34 11.65 50.26
N ARG E 388 9.59 12.17 49.07
CA ARG E 388 9.03 13.46 48.68
C ARG E 388 7.51 13.37 48.57
N SER E 389 7.02 12.20 48.15
CA SER E 389 5.58 11.97 48.06
C SER E 389 4.95 11.89 49.45
N LEU E 390 5.62 11.18 50.37
CA LEU E 390 5.12 11.06 51.73
C LEU E 390 5.10 12.41 52.44
N ASP E 391 6.17 13.18 52.23
CA ASP E 391 6.26 14.53 52.76
C ASP E 391 5.15 15.39 52.16
N TYR E 392 4.88 15.19 50.88
CA TYR E 392 3.80 15.90 50.20
C TYR E 392 2.47 15.55 50.88
N CYS E 393 2.30 14.29 51.25
CA CYS E 393 1.10 13.84 51.95
C CYS E 393 0.95 14.54 53.29
N GLY E 394 2.03 14.55 54.07
CA GLY E 394 2.03 15.17 55.38
C GLY E 394 1.70 16.65 55.30
N ASP E 395 2.29 17.31 54.32
CA ASP E 395 2.02 18.73 54.07
C ASP E 395 0.57 18.92 53.67
N LEU E 396 0.05 18.00 52.87
CA LEU E 396 -1.36 18.04 52.44
C LEU E 396 -2.26 18.01 53.66
N ALA E 397 -2.00 17.08 54.56
CA ALA E 397 -2.80 16.94 55.77
C ALA E 397 -2.70 18.18 56.64
N LEU E 398 -1.49 18.71 56.79
CA LEU E 398 -1.26 19.89 57.64
C LEU E 398 -1.99 21.12 57.10
N GLU E 399 -1.70 21.45 55.85
CA GLU E 399 -2.29 22.61 55.18
C GLU E 399 -3.81 22.45 55.13
N GLY E 400 -4.26 21.22 54.98
CA GLY E 400 -5.68 20.91 55.00
C GLY E 400 -6.30 21.26 56.34
N VAL E 401 -5.64 20.82 57.41
CA VAL E 401 -6.13 21.07 58.77
C VAL E 401 -6.21 22.56 59.05
N PHE E 402 -5.16 23.29 58.70
CA PHE E 402 -5.14 24.73 58.95
C PHE E 402 -6.11 25.53 58.07
N ALA E 403 -6.34 25.04 56.84
CA ALA E 403 -7.25 25.71 55.91
C ALA E 403 -8.68 25.20 56.01
N HIS E 404 -8.91 24.23 56.88
CA HIS E 404 -10.23 23.61 57.06
C HIS E 404 -10.69 22.89 55.79
N LYS E 405 -9.73 22.31 55.07
CA LYS E 405 -10.02 21.60 53.83
C LYS E 405 -9.79 20.11 54.00
N PHE E 406 -10.87 19.33 54.03
CA PHE E 406 -10.77 17.89 54.20
C PHE E 406 -10.96 17.11 52.90
N ASP E 407 -11.24 17.83 51.83
CA ASP E 407 -11.34 17.25 50.48
C ASP E 407 -10.38 17.98 49.56
N PHE E 408 -9.73 17.25 48.67
CA PHE E 408 -8.70 17.86 47.82
C PHE E 408 -8.93 17.63 46.33
N GLU E 409 -9.18 18.71 45.59
CA GLU E 409 -9.37 18.64 44.14
C GLU E 409 -8.37 19.56 43.41
N PRO E 410 -7.25 18.97 42.95
CA PRO E 410 -6.16 19.57 42.19
C PRO E 410 -6.51 19.76 40.72
N GLU E 411 -5.72 20.55 40.01
CA GLU E 411 -5.95 20.76 38.59
C GLU E 411 -5.77 19.43 37.85
N HIS E 412 -6.34 19.35 36.65
CA HIS E 412 -6.55 18.06 35.98
C HIS E 412 -5.27 17.35 35.55
N GLY E 413 -4.23 18.10 35.22
CA GLY E 413 -2.97 17.50 34.81
C GLY E 413 -1.96 17.48 35.94
N SER E 414 -2.26 18.24 36.99
CA SER E 414 -1.36 18.44 38.13
C SER E 414 -1.65 17.49 39.31
N SER E 415 -2.49 16.49 39.07
CA SER E 415 -2.98 15.61 40.13
C SER E 415 -2.02 14.47 40.50
N MET E 416 -0.83 14.48 39.91
CA MET E 416 0.08 13.34 39.92
C MET E 416 0.42 12.85 41.34
N ASN E 417 0.72 13.78 42.24
CA ASN E 417 1.10 13.44 43.62
C ASN E 417 0.00 12.69 44.33
N GLU E 418 -1.23 13.15 44.09
CA GLU E 418 -2.39 12.58 44.73
C GLU E 418 -2.57 11.17 44.22
N ASP E 419 -2.32 10.99 42.93
CA ASP E 419 -2.44 9.68 42.29
C ASP E 419 -1.44 8.72 42.91
N VAL E 420 -0.22 9.20 43.12
CA VAL E 420 0.81 8.38 43.75
C VAL E 420 0.38 7.98 45.16
N LEU E 421 -0.18 8.92 45.92
CA LEU E 421 -0.58 8.61 47.29
C LEU E 421 -1.79 7.68 47.36
N VAL E 422 -2.63 7.70 46.34
CA VAL E 422 -3.71 6.72 46.23
C VAL E 422 -3.10 5.35 45.91
N THR E 423 -2.05 5.35 45.10
CA THR E 423 -1.33 4.12 44.79
C THR E 423 -0.75 3.50 46.06
N ILE E 424 -0.21 4.34 46.94
CA ILE E 424 0.31 3.86 48.23
C ILE E 424 -0.83 3.45 49.16
N GLY E 425 -1.97 4.11 49.05
CA GLY E 425 -3.12 3.79 49.89
C GLY E 425 -3.29 4.79 51.01
N LEU E 426 -2.48 5.86 50.95
CA LEU E 426 -2.58 6.93 51.93
C LEU E 426 -3.83 7.79 51.71
N LEU E 427 -4.23 7.94 50.45
CA LEU E 427 -5.47 8.63 50.10
C LEU E 427 -6.44 7.77 49.31
N CYS E 428 -7.69 8.21 49.30
CA CYS E 428 -8.75 7.56 48.56
C CYS E 428 -9.14 8.57 47.50
N LYS E 429 -9.36 8.09 46.28
CA LYS E 429 -9.78 8.94 45.17
C LYS E 429 -11.17 8.59 44.69
N TYR E 430 -12.03 9.59 44.60
CA TYR E 430 -13.39 9.30 44.18
C TYR E 430 -13.56 10.00 42.84
N THR E 431 -13.75 9.22 41.79
CA THR E 431 -14.10 9.76 40.49
C THR E 431 -15.62 9.71 40.28
N ALA E 432 -16.34 9.34 41.32
CA ALA E 432 -17.78 9.16 41.19
C ALA E 432 -18.45 10.51 40.99
N GLN E 433 -19.14 10.65 39.86
CA GLN E 433 -19.94 11.82 39.51
C GLN E 433 -19.23 13.16 39.78
N ARG E 434 -17.91 13.19 39.64
CA ARG E 434 -17.16 14.39 40.03
C ARG E 434 -16.58 15.16 38.85
N LEU E 435 -16.55 16.48 38.99
CA LEU E 435 -16.00 17.39 37.99
C LEU E 435 -14.48 17.30 37.89
N LYS E 436 -13.84 17.14 39.04
CA LYS E 436 -12.38 17.03 39.11
C LYS E 436 -12.02 15.76 39.84
N PRO E 437 -10.77 15.30 39.68
CA PRO E 437 -10.37 14.20 40.55
C PRO E 437 -10.39 14.70 41.99
N THR E 438 -11.01 13.95 42.89
CA THR E 438 -11.15 14.40 44.27
C THR E 438 -10.58 13.34 45.20
N TYR E 439 -9.82 13.79 46.19
CA TYR E 439 -9.13 12.86 47.08
C TYR E 439 -9.44 13.19 48.53
N LYS E 440 -9.41 12.18 49.39
CA LYS E 440 -9.67 12.36 50.82
C LYS E 440 -8.95 11.29 51.61
N PHE E 441 -8.78 11.53 52.91
CA PHE E 441 -8.33 10.49 53.82
C PHE E 441 -9.57 9.74 54.28
N PHE E 442 -9.44 8.45 54.57
CA PHE E 442 -10.60 7.62 54.87
C PHE E 442 -11.46 8.16 56.02
N HIS E 443 -10.81 8.91 56.91
CA HIS E 443 -11.54 9.60 57.96
C HIS E 443 -10.81 10.90 58.25
N LYS E 444 -11.50 11.85 58.88
CA LYS E 444 -10.87 13.11 59.24
C LYS E 444 -9.71 12.86 60.20
N SER E 445 -9.90 11.89 61.09
CA SER E 445 -8.91 11.53 62.08
C SER E 445 -7.59 11.07 61.47
N PHE E 446 -7.68 10.44 60.29
CA PHE E 446 -6.47 10.02 59.61
C PHE E 446 -5.70 11.19 59.00
N GLN E 447 -6.44 12.20 58.53
CA GLN E 447 -5.82 13.42 58.04
C GLN E 447 -5.14 14.13 59.20
N GLU E 448 -5.85 14.15 60.32
CA GLU E 448 -5.34 14.76 61.55
C GLU E 448 -4.09 14.04 62.04
N TYR E 449 -4.10 12.71 61.95
CA TYR E 449 -2.93 11.93 62.32
C TYR E 449 -1.75 12.20 61.42
N THR E 450 -1.99 12.18 60.12
CA THR E 450 -0.91 12.39 59.16
C THR E 450 -0.31 13.77 59.34
N ALA E 451 -1.17 14.74 59.63
CA ALA E 451 -0.74 16.11 59.91
C ALA E 451 0.08 16.20 61.20
N GLY E 452 -0.33 15.46 62.22
CA GLY E 452 0.40 15.43 63.48
C GLY E 452 1.76 14.76 63.34
N ARG E 453 1.78 13.66 62.61
CA ARG E 453 2.99 12.92 62.30
C ARG E 453 3.96 13.81 61.54
N ARG E 454 3.41 14.56 60.58
CA ARG E 454 4.22 15.49 59.80
C ARG E 454 4.78 16.60 60.67
N LEU E 455 3.95 17.15 61.55
CA LEU E 455 4.35 18.25 62.42
C LEU E 455 5.44 17.81 63.37
N SER E 456 5.26 16.65 63.99
CA SER E 456 6.24 16.09 64.89
C SER E 456 7.54 15.80 64.14
N SER E 457 7.40 15.27 62.92
CA SER E 457 8.55 14.95 62.10
C SER E 457 9.34 16.21 61.75
N LEU E 458 8.62 17.33 61.64
CA LEU E 458 9.24 18.62 61.38
C LEU E 458 9.96 19.16 62.62
N LEU E 459 9.29 19.07 63.77
CA LEU E 459 9.84 19.56 65.03
C LEU E 459 11.07 18.76 65.46
N THR E 460 11.04 17.46 65.19
CA THR E 460 12.14 16.56 65.54
C THR E 460 13.15 16.41 64.42
N SER E 461 13.07 17.27 63.41
CA SER E 461 13.91 17.13 62.22
C SER E 461 15.31 17.66 62.47
N LYS E 462 16.27 17.17 61.69
CA LYS E 462 17.67 17.55 61.86
C LYS E 462 17.99 18.75 60.99
N GLU E 463 16.99 19.24 60.26
CA GLU E 463 17.16 20.39 59.40
C GLU E 463 16.48 21.63 59.99
N PRO E 464 17.27 22.69 60.25
CA PRO E 464 16.81 23.93 60.86
C PRO E 464 15.66 24.59 60.10
N GLU E 465 15.64 24.44 58.79
CA GLU E 465 14.56 24.99 57.97
C GLU E 465 13.23 24.31 58.25
N GLU E 466 13.26 22.99 58.34
CA GLU E 466 12.07 22.20 58.62
C GLU E 466 11.56 22.47 60.04
N VAL E 467 12.50 22.59 60.97
CA VAL E 467 12.19 22.89 62.36
C VAL E 467 11.54 24.27 62.41
N SER E 468 12.05 25.19 61.60
CA SER E 468 11.50 26.53 61.51
C SER E 468 10.07 26.51 60.95
N LYS E 469 9.84 25.64 59.97
CA LYS E 469 8.50 25.47 59.41
C LYS E 469 7.53 24.92 60.45
N GLY E 470 7.98 23.93 61.22
CA GLY E 470 7.16 23.36 62.28
C GLY E 470 6.84 24.38 63.34
N ASN E 471 7.83 25.19 63.70
CA ASN E 471 7.64 26.24 64.67
C ASN E 471 6.67 27.30 64.16
N SER E 472 6.67 27.51 62.84
CA SER E 472 5.70 28.41 62.23
C SER E 472 4.29 27.83 62.32
N TYR E 473 4.16 26.53 62.08
CA TYR E 473 2.87 25.84 62.18
C TYR E 473 2.30 25.94 63.59
N LEU E 474 3.15 25.70 64.58
CA LEU E 474 2.73 25.83 65.98
C LEU E 474 2.39 27.29 66.27
N ASN E 475 3.16 28.18 65.66
CA ASN E 475 3.01 29.61 65.90
C ASN E 475 1.72 30.13 65.29
N LYS E 476 1.12 29.33 64.40
CA LYS E 476 -0.18 29.71 63.82
C LYS E 476 -1.33 29.53 64.80
N MET E 477 -1.05 28.93 65.96
CA MET E 477 -2.09 28.75 66.96
C MET E 477 -1.96 29.79 68.05
N VAL E 478 -2.86 30.76 68.03
CA VAL E 478 -2.83 31.90 68.94
C VAL E 478 -3.81 31.77 70.10
N SER E 479 -5.09 31.62 69.79
CA SER E 479 -6.14 31.68 70.79
C SER E 479 -6.57 30.29 71.22
N ILE E 480 -6.87 30.15 72.51
CA ILE E 480 -7.23 28.84 73.09
C ILE E 480 -8.48 28.24 72.44
N SER E 481 -9.38 29.08 71.97
CA SER E 481 -10.61 28.61 71.33
C SER E 481 -10.27 27.74 70.11
N ASP E 482 -9.40 28.26 69.26
CA ASP E 482 -8.97 27.55 68.06
C ASP E 482 -8.23 26.27 68.43
N ILE E 483 -7.42 26.34 69.47
CA ILE E 483 -6.64 25.20 69.91
C ILE E 483 -7.52 24.05 70.39
N THR E 484 -8.46 24.37 71.27
CA THR E 484 -9.37 23.36 71.81
C THR E 484 -10.32 22.82 70.74
N SER E 485 -10.77 23.69 69.84
CA SER E 485 -11.72 23.26 68.82
C SER E 485 -11.04 22.71 67.57
N LEU E 486 -10.34 23.57 66.85
CA LEU E 486 -9.74 23.22 65.57
C LEU E 486 -8.53 22.30 65.65
N TYR E 487 -7.56 22.67 66.49
CA TYR E 487 -6.24 22.02 66.49
C TYR E 487 -6.01 20.94 67.54
N GLY E 488 -7.05 20.59 68.28
CA GLY E 488 -6.92 19.64 69.39
C GLY E 488 -6.39 18.27 69.00
N ASN E 489 -6.93 17.69 67.95
CA ASN E 489 -6.51 16.37 67.51
C ASN E 489 -5.14 16.42 66.86
N LEU E 490 -4.86 17.53 66.17
CA LEU E 490 -3.57 17.74 65.54
C LEU E 490 -2.47 17.66 66.57
N LEU E 491 -2.69 18.32 67.70
CA LEU E 491 -1.72 18.34 68.78
C LEU E 491 -1.75 17.04 69.56
N LEU E 492 -2.89 16.35 69.53
CA LEU E 492 -3.01 15.05 70.16
C LEU E 492 -2.04 14.08 69.50
N TYR E 493 -2.08 14.03 68.17
CA TYR E 493 -1.19 13.15 67.42
C TYR E 493 0.25 13.65 67.36
N THR E 494 0.42 14.96 67.36
CA THR E 494 1.75 15.56 67.39
C THR E 494 2.48 15.17 68.66
N CYS E 495 1.83 15.36 69.80
CA CYS E 495 2.40 14.98 71.09
C CYS E 495 2.52 13.47 71.20
N GLY E 496 1.53 12.76 70.67
CA GLY E 496 1.50 11.32 70.73
C GLY E 496 2.62 10.64 69.97
N SER E 497 3.09 11.30 68.91
CA SER E 497 4.11 10.71 68.04
C SER E 497 5.52 10.70 68.62
N SER E 498 5.92 11.80 69.25
CA SER E 498 7.28 11.94 69.78
C SER E 498 7.28 12.74 71.08
N THR E 499 8.28 12.50 71.92
CA THR E 499 8.38 13.19 73.20
C THR E 499 8.94 14.61 73.05
N GLU E 500 9.87 14.78 72.11
CA GLU E 500 10.40 16.10 71.81
C GLU E 500 9.28 16.97 71.31
N ALA E 501 8.40 16.38 70.51
CA ALA E 501 7.28 17.11 69.93
C ALA E 501 6.30 17.60 71.00
N THR E 502 5.98 16.76 71.98
CA THR E 502 5.12 17.23 73.08
C THR E 502 5.84 18.27 73.92
N ARG E 503 7.17 18.16 74.02
CA ARG E 503 7.92 19.20 74.71
C ARG E 503 7.76 20.55 74.03
N ALA E 504 7.88 20.55 72.70
CA ALA E 504 7.72 21.77 71.92
C ALA E 504 6.29 22.30 71.99
N VAL E 505 5.32 21.40 71.89
CA VAL E 505 3.90 21.77 71.93
C VAL E 505 3.49 22.38 73.26
N MET E 506 3.90 21.75 74.36
CA MET E 506 3.57 22.26 75.69
C MET E 506 4.32 23.55 75.95
N ARG E 507 5.51 23.64 75.37
CA ARG E 507 6.29 24.86 75.41
C ARG E 507 5.54 26.01 74.77
N HIS E 508 4.88 25.72 73.64
CA HIS E 508 4.09 26.73 72.96
C HIS E 508 2.81 27.08 73.70
N LEU E 509 2.10 26.04 74.15
CA LEU E 509 0.80 26.20 74.79
C LEU E 509 0.90 26.92 76.12
N ALA E 510 2.06 26.81 76.77
CA ALA E 510 2.28 27.47 78.04
C ALA E 510 2.38 28.99 77.88
N MET E 511 2.60 29.42 76.65
CA MET E 511 2.81 30.83 76.34
C MET E 511 1.53 31.54 75.88
N VAL E 512 0.40 30.84 75.88
CA VAL E 512 -0.81 31.36 75.27
C VAL E 512 -1.68 32.13 76.26
N TYR E 513 -1.76 33.44 76.07
CA TYR E 513 -2.56 34.30 76.94
C TYR E 513 -3.91 34.69 76.32
N GLN E 514 -4.14 34.25 75.08
CA GLN E 514 -5.28 34.76 74.30
C GLN E 514 -6.42 33.75 74.22
N HIS E 515 -7.63 34.18 74.59
CA HIS E 515 -8.79 33.29 74.60
C HIS E 515 -9.43 33.01 73.23
N GLY E 516 -9.59 34.05 72.42
CA GLY E 516 -10.36 33.94 71.19
C GLY E 516 -11.87 34.07 71.40
N SER E 517 -12.65 33.29 70.67
CA SER E 517 -14.11 33.45 70.68
C SER E 517 -14.79 32.68 71.81
N LEU E 518 -15.53 33.42 72.64
CA LEU E 518 -16.27 32.84 73.75
C LEU E 518 -17.74 32.61 73.42
N GLN E 519 -18.12 32.84 72.15
CA GLN E 519 -19.52 32.88 71.72
C GLN E 519 -20.37 31.67 72.10
N GLY E 520 -19.78 30.48 72.10
CA GLY E 520 -20.54 29.26 72.29
C GLY E 520 -20.46 28.58 73.65
N LEU E 521 -19.76 29.19 74.60
CA LEU E 521 -19.52 28.51 75.87
C LEU E 521 -20.77 28.52 76.75
N SER E 522 -21.64 29.50 76.51
CA SER E 522 -22.97 29.59 77.12
C SER E 522 -23.08 29.27 78.62
N VAL E 523 -24.04 28.40 78.93
CA VAL E 523 -24.38 28.02 80.30
C VAL E 523 -23.92 26.60 80.62
N GLU E 532 -26.29 32.49 88.11
CA GLU E 532 -27.01 31.85 89.21
C GLU E 532 -26.20 30.73 89.85
N SEP E 533 -24.90 30.96 90.03
CA SEP E 533 -24.02 29.95 90.63
CB SEP E 533 -23.68 28.87 89.62
OG SEP E 533 -22.78 27.93 90.20
C SEP E 533 -22.74 30.55 91.20
O SEP E 533 -22.61 31.77 91.33
P SEP E 533 -22.01 27.14 89.03
O1P SEP E 533 -23.08 26.26 88.21
O2P SEP E 533 -21.31 28.18 88.04
O3P SEP E 533 -20.90 26.17 89.69
N ILE E 534 -21.80 29.67 91.55
CA ILE E 534 -20.55 30.07 92.19
C ILE E 534 -19.64 30.81 91.22
N GLN E 535 -19.63 30.33 89.97
CA GLN E 535 -18.80 30.92 88.94
C GLN E 535 -19.22 32.36 88.71
N SER E 536 -20.52 32.59 88.84
CA SER E 536 -21.10 33.93 88.76
C SER E 536 -20.82 34.76 90.01
N LEU E 537 -20.86 34.13 91.17
CA LEU E 537 -20.70 34.83 92.45
C LEU E 537 -19.32 35.46 92.64
N ARG E 538 -18.26 34.73 92.34
CA ARG E 538 -16.91 35.23 92.58
C ARG E 538 -16.43 36.09 91.41
N ASN E 539 -17.11 36.00 90.28
CA ASN E 539 -16.70 36.70 89.07
C ASN E 539 -17.61 37.89 88.77
N THR E 540 -17.00 39.02 88.42
CA THR E 540 -17.76 40.27 88.24
C THR E 540 -18.59 40.31 86.95
N THR E 541 -18.05 39.79 85.85
CA THR E 541 -18.73 39.86 84.56
C THR E 541 -18.93 38.50 83.91
N GLU E 542 -19.87 38.44 82.95
CA GLU E 542 -20.15 37.23 82.20
C GLU E 542 -18.92 36.77 81.42
N GLN E 543 -18.17 37.75 80.90
CA GLN E 543 -16.94 37.48 80.17
C GLN E 543 -15.98 36.64 80.99
N ASP E 544 -15.86 36.96 82.27
CA ASP E 544 -14.96 36.24 83.16
C ASP E 544 -15.38 34.78 83.30
N VAL E 545 -16.68 34.55 83.40
CA VAL E 545 -17.23 33.19 83.49
C VAL E 545 -16.93 32.40 82.21
N LEU E 546 -17.20 33.01 81.07
CA LEU E 546 -16.95 32.35 79.79
C LEU E 546 -15.47 32.02 79.62
N LYS E 547 -14.61 32.96 80.01
CA LYS E 547 -13.17 32.73 79.97
C LYS E 547 -12.80 31.56 80.87
N ALA E 548 -13.43 31.49 82.05
CA ALA E 548 -13.18 30.40 82.99
C ALA E 548 -13.52 29.04 82.37
N ILE E 549 -14.65 28.97 81.68
CA ILE E 549 -15.03 27.76 80.97
C ILE E 549 -14.00 27.41 79.90
N ASN E 550 -13.55 28.45 79.19
CA ASN E 550 -12.57 28.29 78.12
C ASN E 550 -11.26 27.70 78.64
N VAL E 551 -10.78 28.19 79.78
CA VAL E 551 -9.56 27.63 80.37
C VAL E 551 -9.82 26.21 80.90
N ASN E 552 -11.05 25.93 81.35
CA ASN E 552 -11.38 24.57 81.74
C ASN E 552 -11.14 23.61 80.57
N SER E 553 -11.68 23.97 79.40
CA SER E 553 -11.54 23.13 78.22
C SER E 553 -10.09 23.07 77.72
N PHE E 554 -9.38 24.19 77.86
CA PHE E 554 -7.98 24.27 77.48
C PHE E 554 -7.16 23.28 78.30
N VAL E 555 -7.40 23.28 79.60
CA VAL E 555 -6.71 22.38 80.52
C VAL E 555 -7.04 20.93 80.22
N GLU E 556 -8.30 20.65 79.94
CA GLU E 556 -8.69 19.28 79.58
C GLU E 556 -7.94 18.81 78.33
N CYS E 557 -7.82 19.69 77.34
CA CYS E 557 -7.05 19.40 76.15
C CYS E 557 -5.60 19.09 76.52
N GLY E 558 -5.04 19.92 77.40
CA GLY E 558 -3.67 19.74 77.82
C GLY E 558 -3.44 18.40 78.48
N ILE E 559 -4.38 17.98 79.32
CA ILE E 559 -4.30 16.69 79.98
C ILE E 559 -4.42 15.55 78.97
N ASN E 560 -5.24 15.75 77.95
CA ASN E 560 -5.36 14.76 76.88
C ASN E 560 -4.03 14.57 76.15
N LEU E 561 -3.39 15.69 75.82
CA LEU E 561 -2.06 15.64 75.21
C LEU E 561 -1.05 14.97 76.14
N PHE E 562 -1.21 15.20 77.43
CA PHE E 562 -0.35 14.58 78.42
C PHE E 562 -0.49 13.06 78.39
N SER E 563 -1.73 12.59 78.34
CA SER E 563 -2.00 11.15 78.31
C SER E 563 -1.44 10.52 77.04
N GLU E 564 -1.67 11.17 75.90
CA GLU E 564 -1.16 10.63 74.63
C GLU E 564 0.36 10.67 74.53
N SER E 565 0.98 11.64 75.20
CA SER E 565 2.43 11.80 75.17
C SER E 565 3.12 10.59 75.80
N MET E 566 2.44 9.93 76.73
CA MET E 566 2.93 8.73 77.41
C MET E 566 4.18 9.00 78.24
N SER E 567 4.38 10.27 78.61
CA SER E 567 5.47 10.67 79.49
C SER E 567 5.00 10.80 80.93
N LYS E 568 5.53 9.94 81.79
CA LYS E 568 5.10 9.88 83.18
C LYS E 568 6.07 10.58 84.10
N SER E 569 5.68 11.76 84.58
CA SER E 569 6.51 12.57 85.49
C SER E 569 7.83 13.06 84.86
N ASP E 570 8.14 12.61 83.65
CA ASP E 570 9.36 13.02 82.96
C ASP E 570 9.21 14.44 82.44
N LEU E 571 8.01 14.72 81.95
CA LEU E 571 7.67 15.99 81.34
C LEU E 571 6.96 16.90 82.35
N SER E 572 6.90 16.45 83.60
CA SER E 572 6.12 17.09 84.66
C SER E 572 6.37 18.59 84.84
N GLN E 573 7.61 19.02 84.62
CA GLN E 573 7.96 20.43 84.78
C GLN E 573 7.32 21.34 83.73
N GLU E 574 7.46 20.97 82.45
CA GLU E 574 6.88 21.75 81.36
C GLU E 574 5.36 21.68 81.41
N PHE E 575 4.84 20.50 81.75
CA PHE E 575 3.41 20.32 81.90
C PHE E 575 2.88 21.20 83.02
N GLU E 576 3.65 21.31 84.10
CA GLU E 576 3.28 22.20 85.20
C GLU E 576 3.35 23.66 84.74
N ALA E 577 4.29 23.95 83.84
CA ALA E 577 4.41 25.27 83.25
C ALA E 577 3.13 25.60 82.48
N PHE E 578 2.53 24.58 81.87
CA PHE E 578 1.23 24.78 81.23
C PHE E 578 0.08 24.95 82.23
N PHE E 579 -0.01 24.04 83.20
CA PHE E 579 -1.18 23.94 84.06
C PHE E 579 -1.27 25.01 85.16
N GLN E 580 -0.18 25.73 85.39
CA GLN E 580 -0.11 26.65 86.53
C GLN E 580 -1.04 27.85 86.39
N GLY E 581 -1.84 28.09 87.44
CA GLY E 581 -2.74 29.22 87.50
C GLY E 581 -4.03 28.97 86.75
N LYS E 582 -4.21 27.75 86.29
CA LYS E 582 -5.39 27.38 85.51
C LYS E 582 -6.37 26.53 86.32
N SER E 583 -7.45 26.09 85.68
CA SER E 583 -8.51 25.37 86.39
C SER E 583 -8.88 24.07 85.70
N LEU E 584 -9.43 23.12 86.47
CA LEU E 584 -9.85 21.84 85.90
C LEU E 584 -11.29 21.49 86.25
N TYR E 585 -12.04 20.97 85.28
CA TYR E 585 -13.41 20.54 85.55
C TYR E 585 -13.53 19.02 85.58
N ILE E 586 -14.12 18.51 86.64
CA ILE E 586 -14.36 17.08 86.81
C ILE E 586 -15.81 16.78 87.12
N ASN E 587 -16.40 15.91 86.31
CA ASN E 587 -17.74 15.41 86.55
C ASN E 587 -17.62 14.02 87.17
N SER E 588 -18.16 13.86 88.37
CA SER E 588 -17.99 12.63 89.13
C SER E 588 -18.67 11.48 88.40
N GLU E 589 -19.77 11.79 87.70
CA GLU E 589 -20.49 10.78 86.93
C GLU E 589 -19.75 10.36 85.66
N ASN E 590 -19.08 11.30 85.00
CA ASN E 590 -18.30 10.97 83.81
C ASN E 590 -16.82 11.32 84.03
N ILE E 591 -16.00 10.29 84.20
CA ILE E 591 -14.58 10.47 84.46
C ILE E 591 -13.69 9.80 83.40
N PRO E 592 -12.94 10.61 82.65
CA PRO E 592 -11.95 10.10 81.69
C PRO E 592 -10.77 9.40 82.37
N ASP E 593 -10.09 8.51 81.66
CA ASP E 593 -8.95 7.77 82.19
C ASP E 593 -7.73 8.68 82.38
N TYR E 594 -7.65 9.70 81.54
CA TYR E 594 -6.53 10.62 81.60
C TYR E 594 -6.56 11.46 82.87
N LEU E 595 -7.71 11.49 83.53
CA LEU E 595 -7.80 12.11 84.84
C LEU E 595 -7.01 11.29 85.85
N PHE E 596 -7.13 9.96 85.77
CA PHE E 596 -6.34 9.07 86.61
C PHE E 596 -4.87 9.17 86.29
N ASP E 597 -4.54 9.23 84.99
CA ASP E 597 -3.13 9.40 84.61
C ASP E 597 -2.58 10.73 85.17
N PHE E 598 -3.41 11.76 85.10
CA PHE E 598 -3.05 13.10 85.55
C PHE E 598 -2.80 13.15 87.05
N PHE E 599 -3.73 12.59 87.82
CA PHE E 599 -3.60 12.59 89.28
C PHE E 599 -2.44 11.71 89.74
N GLU E 600 -2.28 10.56 89.10
CA GLU E 600 -1.22 9.64 89.50
C GLU E 600 0.17 10.18 89.17
N TYR E 601 0.40 10.50 87.90
CA TYR E 601 1.75 10.83 87.46
C TYR E 601 2.12 12.31 87.59
N LEU E 602 1.12 13.18 87.71
CA LEU E 602 1.36 14.63 87.73
C LEU E 602 0.57 15.34 88.84
N PRO E 603 0.86 15.02 90.11
CA PRO E 603 0.14 15.67 91.22
C PRO E 603 0.54 17.14 91.39
N ASN E 604 1.76 17.48 90.97
CA ASN E 604 2.25 18.84 91.09
C ASN E 604 1.41 19.80 90.27
N CYS E 605 0.96 19.33 89.11
CA CYS E 605 0.14 20.13 88.22
C CYS E 605 -1.25 20.33 88.83
N ALA E 606 -1.79 19.27 89.42
CA ALA E 606 -3.09 19.34 90.07
C ALA E 606 -3.03 20.33 91.22
N SER E 607 -1.89 20.38 91.90
CA SER E 607 -1.69 21.34 92.99
C SER E 607 -1.37 22.73 92.46
N ALA E 608 -0.97 22.80 91.19
CA ALA E 608 -0.58 24.05 90.57
C ALA E 608 -1.78 24.78 89.96
N LEU E 609 -2.91 24.09 89.91
CA LEU E 609 -4.13 24.67 89.35
C LEU E 609 -4.72 25.65 90.34
N ASP E 610 -5.29 26.74 89.82
CA ASP E 610 -5.95 27.72 90.67
C ASP E 610 -7.10 27.04 91.41
N PHE E 611 -7.87 26.24 90.67
CA PHE E 611 -8.91 25.44 91.29
C PHE E 611 -9.35 24.21 90.50
N VAL E 612 -9.92 23.26 91.23
CA VAL E 612 -10.54 22.10 90.64
C VAL E 612 -12.03 22.18 90.98
N LYS E 613 -12.86 21.99 89.96
CA LYS E 613 -14.29 22.14 90.04
C LYS E 613 -14.92 20.75 89.97
N LEU E 614 -15.72 20.40 90.96
CA LEU E 614 -16.28 19.05 91.05
C LEU E 614 -17.79 19.09 90.94
N ASP E 615 -18.34 18.21 90.10
CA ASP E 615 -19.79 18.16 89.95
C ASP E 615 -20.39 16.81 90.31
N PHE E 616 -21.38 16.83 91.19
CA PHE E 616 -22.08 15.61 91.59
C PHE E 616 -23.55 15.71 91.20
N TYR E 617 -24.03 14.71 90.48
CA TYR E 617 -25.40 14.67 90.00
C TYR E 617 -26.10 13.45 90.55
N GLU E 618 -27.07 13.66 91.44
CA GLU E 618 -27.96 12.61 91.92
C GLU E 618 -27.24 11.57 92.79
N ARG E 619 -25.91 11.57 92.77
CA ARG E 619 -25.14 10.57 93.49
C ARG E 619 -24.00 11.25 94.25
N ALA E 620 -23.91 10.96 95.55
CA ALA E 620 -22.87 11.54 96.39
C ALA E 620 -21.53 10.79 96.25
N THR E 621 -21.60 9.47 96.24
CA THR E 621 -20.41 8.63 96.14
C THR E 621 -20.76 7.25 95.58
N PRO E 645 -20.01 8.98 93.01
CA PRO E 645 -19.69 7.82 92.19
C PRO E 645 -18.40 7.14 92.62
N PRO E 646 -18.33 5.81 92.48
CA PRO E 646 -17.16 5.02 92.90
C PRO E 646 -15.90 5.38 92.11
N ARG E 647 -16.06 5.73 90.84
CA ARG E 647 -14.90 6.08 90.03
C ARG E 647 -14.29 7.39 90.51
N ALA E 648 -15.13 8.30 90.97
CA ALA E 648 -14.68 9.56 91.54
C ALA E 648 -13.97 9.30 92.87
N VAL E 649 -14.55 8.42 93.67
CA VAL E 649 -13.99 8.02 94.95
C VAL E 649 -12.59 7.47 94.76
N SER E 650 -12.44 6.57 93.80
CA SER E 650 -11.14 6.00 93.48
C SER E 650 -10.20 7.10 92.97
N LEU E 651 -10.74 7.99 92.15
CA LEU E 651 -9.95 9.03 91.50
C LEU E 651 -9.26 9.86 92.56
N PHE E 652 -10.04 10.38 93.51
CA PHE E 652 -9.49 11.23 94.56
C PHE E 652 -8.72 10.47 95.64
N PHE E 653 -9.15 9.25 95.95
CA PHE E 653 -8.53 8.46 97.02
C PHE E 653 -7.17 7.87 96.67
N ASN E 654 -7.08 7.23 95.50
CA ASN E 654 -5.88 6.51 95.08
C ASN E 654 -4.54 7.15 95.44
N TRP E 655 -4.24 8.31 94.86
CA TRP E 655 -2.92 8.92 95.08
C TRP E 655 -2.76 10.09 96.06
N LYS E 656 -3.86 10.51 96.70
CA LYS E 656 -3.84 11.58 97.70
C LYS E 656 -3.26 12.93 97.23
N GLN E 657 -4.03 13.65 96.43
CA GLN E 657 -3.63 14.93 95.86
C GLN E 657 -3.68 16.07 96.88
N GLU E 658 -3.20 17.26 96.49
CA GLU E 658 -3.38 18.48 97.27
C GLU E 658 -3.89 19.59 96.37
N PHE E 659 -5.02 20.19 96.74
CA PHE E 659 -5.68 21.20 95.90
C PHE E 659 -5.69 22.57 96.57
N LYS E 660 -5.34 23.61 95.81
CA LYS E 660 -5.42 24.98 96.32
C LYS E 660 -6.87 25.31 96.69
N THR E 661 -7.78 25.03 95.77
CA THR E 661 -9.20 25.25 96.00
C THR E 661 -10.03 24.18 95.30
N LEU E 662 -11.08 23.72 95.98
CA LEU E 662 -12.03 22.79 95.38
C LEU E 662 -13.38 23.49 95.30
N GLU E 663 -13.95 23.53 94.11
CA GLU E 663 -15.25 24.17 93.93
C GLU E 663 -16.22 23.06 93.58
N VAL E 664 -17.08 22.71 94.53
CA VAL E 664 -17.96 21.57 94.33
C VAL E 664 -19.42 21.92 94.49
N THR E 665 -20.23 21.41 93.56
CA THR E 665 -21.66 21.62 93.60
C THR E 665 -22.37 20.28 93.62
N LEU E 666 -23.28 20.12 94.57
CA LEU E 666 -24.02 18.88 94.74
C LEU E 666 -25.42 19.08 94.20
N ARG E 667 -25.72 18.36 93.13
CA ARG E 667 -26.97 18.53 92.41
C ARG E 667 -27.92 17.37 92.54
N ASP E 668 -29.14 17.68 92.97
CA ASP E 668 -30.24 16.75 92.97
C ASP E 668 -29.96 15.48 93.76
N ILE E 669 -29.26 15.60 94.89
CA ILE E 669 -28.99 14.44 95.71
C ILE E 669 -30.07 14.32 96.79
N ASN E 670 -30.96 13.34 96.61
CA ASN E 670 -32.02 13.05 97.58
C ASN E 670 -31.75 11.85 98.50
N LYS E 671 -30.60 11.21 98.34
CA LYS E 671 -30.25 10.09 99.20
C LYS E 671 -28.81 10.22 99.69
N LEU E 672 -28.63 10.20 101.02
CA LEU E 672 -27.30 10.33 101.59
C LEU E 672 -27.15 9.38 102.79
N ASN E 673 -26.00 8.73 102.89
CA ASN E 673 -25.75 7.79 103.98
C ASN E 673 -24.44 8.07 104.74
N LYS E 674 -24.09 7.17 105.66
CA LYS E 674 -22.89 7.34 106.49
C LYS E 674 -21.63 7.38 105.64
N GLN E 675 -21.52 6.42 104.72
CA GLN E 675 -20.37 6.30 103.86
C GLN E 675 -20.25 7.54 102.97
N ASP E 676 -21.39 8.02 102.48
CA ASP E 676 -21.43 9.20 101.62
C ASP E 676 -20.87 10.43 102.36
N ILE E 677 -21.33 10.65 103.59
CA ILE E 677 -20.81 11.75 104.40
C ILE E 677 -19.31 11.62 104.66
N LYS E 678 -18.88 10.42 105.03
CA LYS E 678 -17.46 10.21 105.33
C LYS E 678 -16.57 10.46 104.11
N TYR E 679 -16.99 9.93 102.96
CA TYR E 679 -16.22 10.06 101.75
C TYR E 679 -16.21 11.48 101.20
N LEU E 680 -17.37 12.13 101.19
CA LEU E 680 -17.44 13.52 100.74
C LEU E 680 -16.61 14.42 101.65
N GLY E 681 -16.63 14.14 102.94
CA GLY E 681 -15.81 14.89 103.87
C GLY E 681 -14.35 14.72 103.53
N LYS E 682 -13.97 13.47 103.23
CA LYS E 682 -12.60 13.16 102.88
C LYS E 682 -12.16 13.88 101.60
N ILE E 683 -13.04 13.91 100.60
CA ILE E 683 -12.76 14.61 99.35
C ILE E 683 -12.64 16.12 99.57
N PHE E 684 -13.52 16.68 100.39
CA PHE E 684 -13.51 18.12 100.67
C PHE E 684 -12.25 18.52 101.42
N SER E 685 -11.70 17.59 102.20
CA SER E 685 -10.50 17.87 102.97
C SER E 685 -9.24 17.87 102.11
N SER E 686 -9.38 17.46 100.84
CA SER E 686 -8.23 17.41 99.93
C SER E 686 -7.72 18.79 99.56
N ALA E 687 -8.59 19.79 99.68
CA ALA E 687 -8.25 21.16 99.28
C ALA E 687 -8.05 22.08 100.48
N THR E 688 -7.14 23.03 100.35
CA THR E 688 -6.92 24.01 101.40
C THR E 688 -8.15 24.91 101.55
N ASN E 689 -8.78 25.23 100.42
CA ASN E 689 -9.98 26.05 100.42
C ASN E 689 -11.13 25.33 99.74
N LEU E 690 -12.35 25.51 100.26
CA LEU E 690 -13.50 24.85 99.68
C LEU E 690 -14.67 25.79 99.42
N ARG E 691 -15.25 25.66 98.23
CA ARG E 691 -16.46 26.37 97.85
C ARG E 691 -17.55 25.32 97.68
N LEU E 692 -18.69 25.51 98.34
CA LEU E 692 -19.75 24.51 98.33
C LEU E 692 -21.04 25.11 97.78
N HIS E 693 -21.64 24.42 96.82
CA HIS E 693 -22.94 24.79 96.29
C HIS E 693 -23.88 23.63 96.52
N ILE E 694 -25.00 23.89 97.19
CA ILE E 694 -25.99 22.84 97.43
C ILE E 694 -27.24 23.14 96.64
N LYS E 695 -27.50 22.33 95.63
CA LYS E 695 -28.61 22.60 94.72
C LYS E 695 -29.66 21.50 94.69
N ARG E 696 -30.87 21.84 95.12
CA ARG E 696 -32.02 20.93 95.06
C ARG E 696 -31.74 19.60 95.76
N CYS E 697 -31.05 19.66 96.89
CA CYS E 697 -30.65 18.47 97.63
C CYS E 697 -31.54 18.19 98.83
N ALA E 698 -32.30 17.10 98.77
CA ALA E 698 -33.17 16.73 99.88
C ALA E 698 -32.42 15.82 100.85
N ALA E 699 -31.23 15.39 100.44
CA ALA E 699 -30.40 14.52 101.28
C ALA E 699 -29.61 15.35 102.28
N MET E 700 -29.66 16.67 102.11
CA MET E 700 -29.01 17.57 103.03
C MET E 700 -30.09 18.08 103.97
N ALA E 701 -30.14 17.51 105.17
CA ALA E 701 -31.11 17.95 106.18
C ALA E 701 -30.38 18.31 107.46
N GLY E 702 -29.74 17.31 108.07
CA GLY E 702 -28.99 17.51 109.29
C GLY E 702 -27.51 17.45 108.97
N ARG E 703 -27.21 17.17 107.70
CA ARG E 703 -25.87 16.77 107.29
C ARG E 703 -24.84 17.84 106.95
N LEU E 704 -25.19 19.12 106.97
CA LEU E 704 -24.19 20.14 106.67
C LEU E 704 -23.00 20.06 107.63
N SER E 705 -23.30 19.97 108.92
CA SER E 705 -22.28 19.91 109.96
C SER E 705 -21.41 18.65 109.85
N SER E 706 -22.06 17.51 109.60
CA SER E 706 -21.36 16.23 109.51
C SER E 706 -20.51 16.10 108.25
N VAL E 707 -21.05 16.56 107.12
CA VAL E 707 -20.34 16.54 105.85
C VAL E 707 -19.12 17.45 105.96
N LEU E 708 -19.32 18.60 106.60
CA LEU E 708 -18.25 19.57 106.72
C LEU E 708 -17.41 19.36 107.97
N ARG E 709 -17.66 18.25 108.67
CA ARG E 709 -16.96 17.94 109.92
C ARG E 709 -15.44 18.06 109.79
N THR E 710 -14.89 17.62 108.66
CA THR E 710 -13.49 17.89 108.41
C THR E 710 -13.41 18.87 107.26
N CYS E 711 -13.30 20.15 107.60
CA CYS E 711 -13.02 21.21 106.65
C CYS E 711 -12.13 22.23 107.32
N LYS E 712 -11.05 22.63 106.66
CA LYS E 712 -10.22 23.68 107.23
C LYS E 712 -10.93 25.02 106.96
N ASN E 713 -11.10 25.35 105.69
CA ASN E 713 -11.88 26.52 105.30
C ASN E 713 -12.96 26.28 104.25
N MET E 714 -14.20 26.64 104.56
CA MET E 714 -15.20 26.79 103.52
C MET E 714 -15.35 28.28 103.34
N HIS E 715 -14.83 28.80 102.24
CA HIS E 715 -14.87 30.24 102.00
C HIS E 715 -16.23 30.71 101.49
N THR E 716 -16.83 29.96 100.57
CA THR E 716 -18.09 30.37 99.99
C THR E 716 -19.12 29.25 100.10
N LEU E 717 -20.36 29.62 100.38
CA LEU E 717 -21.47 28.66 100.44
C LEU E 717 -22.68 29.11 99.65
N MET E 718 -23.18 28.23 98.79
CA MET E 718 -24.42 28.49 98.07
C MET E 718 -25.41 27.36 98.32
N VAL E 719 -26.59 27.71 98.84
CA VAL E 719 -27.65 26.74 99.06
C VAL E 719 -28.83 27.14 98.20
N GLU E 720 -29.29 26.22 97.35
CA GLU E 720 -30.33 26.54 96.38
C GLU E 720 -31.43 25.49 96.36
N ALA E 721 -32.66 25.93 96.62
CA ALA E 721 -33.83 25.05 96.60
C ALA E 721 -33.65 23.81 97.47
N SER E 722 -32.94 23.98 98.58
CA SER E 722 -32.72 22.90 99.52
C SER E 722 -33.22 23.34 100.89
N PRO E 723 -33.85 22.42 101.63
CA PRO E 723 -34.31 22.85 102.95
C PRO E 723 -33.13 23.00 103.88
N LEU E 724 -33.33 23.69 105.00
CA LEU E 724 -32.25 23.92 105.94
C LEU E 724 -32.82 23.90 107.36
N THR E 725 -32.25 23.06 108.21
CA THR E 725 -32.72 22.97 109.59
C THR E 725 -32.11 24.12 110.36
N THR E 726 -32.65 24.42 111.54
CA THR E 726 -32.13 25.53 112.34
C THR E 726 -30.71 25.20 112.78
N ASP E 727 -30.44 23.90 112.91
CA ASP E 727 -29.10 23.41 113.19
C ASP E 727 -28.15 23.76 112.04
N ASP E 728 -28.64 23.59 110.80
CA ASP E 728 -27.84 23.92 109.62
C ASP E 728 -27.49 25.39 109.62
N GLU E 729 -28.51 26.21 109.86
CA GLU E 729 -28.36 27.66 109.89
C GLU E 729 -27.35 28.04 110.96
N GLN E 730 -27.47 27.40 112.12
CA GLN E 730 -26.54 27.63 113.22
C GLN E 730 -25.11 27.30 112.81
N TYR E 731 -24.92 26.21 112.08
CA TYR E 731 -23.58 25.87 111.62
C TYR E 731 -23.08 26.87 110.58
N ILE E 732 -23.98 27.33 109.72
CA ILE E 732 -23.63 28.28 108.67
C ILE E 732 -23.11 29.56 109.28
N THR E 733 -23.80 30.03 110.32
CA THR E 733 -23.35 31.24 111.01
C THR E 733 -22.19 30.93 111.94
N SER E 734 -21.97 29.64 112.21
CA SER E 734 -20.88 29.20 113.07
C SER E 734 -19.51 29.34 112.43
N VAL E 735 -19.45 29.24 111.10
CA VAL E 735 -18.16 29.30 110.42
C VAL E 735 -17.82 30.74 110.05
N THR E 736 -16.82 31.28 110.73
CA THR E 736 -16.49 32.70 110.65
C THR E 736 -15.64 33.05 109.44
N GLY E 737 -15.06 32.04 108.81
CA GLY E 737 -14.18 32.25 107.67
C GLY E 737 -14.89 32.52 106.36
N LEU E 738 -16.22 32.47 106.39
CA LEU E 738 -17.02 32.59 105.17
C LEU E 738 -16.94 34.01 104.61
N GLN E 739 -16.43 34.14 103.39
CA GLN E 739 -16.44 35.44 102.71
C GLN E 739 -17.64 35.63 101.78
N ASN E 740 -18.30 34.54 101.42
CA ASN E 740 -19.42 34.60 100.49
C ASN E 740 -20.56 33.66 100.89
N LEU E 741 -21.78 34.20 101.01
CA LEU E 741 -22.93 33.40 101.37
C LEU E 741 -24.16 33.70 100.51
N SER E 742 -24.76 32.65 99.95
CA SER E 742 -25.97 32.79 99.16
C SER E 742 -27.01 31.74 99.56
N ILE E 743 -28.18 32.18 99.98
CA ILE E 743 -29.28 31.29 100.30
C ILE E 743 -30.52 31.57 99.44
N HIS E 744 -31.01 30.53 98.78
CA HIS E 744 -32.14 30.62 97.85
C HIS E 744 -33.29 29.70 98.24
N ARG E 745 -34.50 30.25 98.31
CA ARG E 745 -35.71 29.44 98.48
C ARG E 745 -35.67 28.60 99.76
N LEU E 746 -35.85 29.26 100.91
CA LEU E 746 -35.92 28.55 102.18
C LEU E 746 -37.34 28.08 102.47
N HIS E 747 -38.27 29.02 102.63
CA HIS E 747 -39.67 28.73 102.93
C HIS E 747 -39.91 28.15 104.33
N THR E 748 -38.83 27.94 105.06
CA THR E 748 -38.95 27.48 106.44
C THR E 748 -39.07 28.72 107.32
N GLN E 749 -39.99 28.69 108.27
CA GLN E 749 -40.20 29.83 109.15
C GLN E 749 -38.92 30.10 109.93
N GLN E 750 -38.60 31.38 110.12
CA GLN E 750 -37.37 31.73 110.81
C GLN E 750 -37.59 31.81 112.32
N LEU E 751 -36.68 31.19 113.05
CA LEU E 751 -36.77 31.12 114.49
C LEU E 751 -35.53 31.79 115.09
N PRO E 752 -35.47 31.89 116.42
CA PRO E 752 -34.28 32.39 117.12
C PRO E 752 -32.95 31.69 116.79
N GLY E 753 -32.99 30.54 116.12
CA GLY E 753 -31.86 29.63 116.11
C GLY E 753 -30.47 30.20 115.82
N GLY E 754 -30.25 30.86 114.69
CA GLY E 754 -31.11 30.83 113.52
C GLY E 754 -30.30 31.46 112.40
N LEU E 755 -30.87 31.56 111.20
CA LEU E 755 -30.14 32.12 110.06
C LEU E 755 -29.92 33.63 110.15
N ILE E 756 -31.01 34.39 110.04
CA ILE E 756 -30.94 35.84 110.02
C ILE E 756 -30.86 36.46 111.41
N ASP E 757 -31.26 35.69 112.42
CA ASP E 757 -31.25 36.19 113.78
C ASP E 757 -29.81 36.54 114.13
N SER E 758 -28.90 35.60 113.92
CA SER E 758 -27.50 35.94 114.02
C SER E 758 -26.84 35.83 112.65
N LEU E 759 -26.83 36.94 111.91
CA LEU E 759 -26.02 37.03 110.71
C LEU E 759 -24.70 37.72 111.00
N GLY E 760 -24.62 38.34 112.17
CA GLY E 760 -23.48 39.17 112.54
C GLY E 760 -22.30 38.30 112.89
N ASN E 761 -22.56 37.01 113.01
CA ASN E 761 -21.53 36.05 113.37
C ASN E 761 -20.44 36.02 112.32
N LEU E 762 -20.83 36.19 111.06
CA LEU E 762 -19.87 36.21 109.97
C LEU E 762 -19.51 37.66 109.69
N LYS E 763 -18.32 38.06 110.13
CA LYS E 763 -17.89 39.44 110.00
C LYS E 763 -17.09 39.66 108.70
N ASN E 764 -16.65 38.55 108.11
CA ASN E 764 -15.76 38.58 106.96
C ASN E 764 -16.48 38.46 105.63
N LEU E 765 -17.80 38.49 105.65
CA LEU E 765 -18.61 38.24 104.46
C LEU E 765 -18.44 39.42 103.50
N GLU E 766 -17.92 39.15 102.30
CA GLU E 766 -17.80 40.19 101.29
C GLU E 766 -18.97 40.18 100.31
N ARG E 767 -19.72 39.09 100.31
CA ARG E 767 -20.87 38.94 99.41
C ARG E 767 -22.01 38.22 100.11
N LEU E 768 -23.19 38.82 100.08
CA LEU E 768 -24.36 38.19 100.69
C LEU E 768 -25.55 38.24 99.75
N ILE E 769 -26.18 37.09 99.53
CA ILE E 769 -27.37 36.99 98.71
C ILE E 769 -28.46 36.20 99.43
N LEU E 770 -29.57 36.85 99.73
CA LEU E 770 -30.72 36.20 100.37
C LEU E 770 -31.93 36.32 99.46
N ASP E 771 -32.41 35.19 98.96
CA ASP E 771 -33.54 35.22 98.03
C ASP E 771 -34.64 34.25 98.46
N ASP E 772 -35.86 34.77 98.53
CA ASP E 772 -37.05 33.99 98.91
C ASP E 772 -36.90 33.36 100.29
N ILE E 773 -36.46 34.14 101.25
CA ILE E 773 -36.38 33.69 102.64
C ILE E 773 -37.67 34.06 103.37
N ARG E 774 -38.22 33.12 104.13
CA ARG E 774 -39.41 33.39 104.92
C ARG E 774 -39.03 34.27 106.10
N MET E 775 -39.69 35.42 106.22
CA MET E 775 -39.31 36.42 107.20
C MET E 775 -40.52 37.21 107.68
N ASN E 776 -40.33 37.93 108.79
CA ASN E 776 -41.31 38.88 109.27
C ASN E 776 -40.61 40.20 109.62
N GLU E 777 -41.35 41.16 110.14
CA GLU E 777 -40.79 42.48 110.44
C GLU E 777 -39.62 42.37 111.40
N GLU E 778 -39.76 41.55 112.43
CA GLU E 778 -38.70 41.34 113.41
C GLU E 778 -37.50 40.65 112.79
N ASP E 779 -37.75 39.73 111.86
CA ASP E 779 -36.65 39.08 111.13
C ASP E 779 -35.89 40.11 110.32
N ALA E 780 -36.61 41.06 109.75
CA ALA E 780 -36.00 42.13 108.98
C ALA E 780 -35.15 43.03 109.88
N LYS E 781 -35.68 43.38 111.05
CA LYS E 781 -34.94 44.17 112.03
C LYS E 781 -33.67 43.47 112.49
N ASN E 782 -33.77 42.17 112.72
CA ASN E 782 -32.62 41.35 113.09
C ASN E 782 -31.60 41.34 111.97
N LEU E 783 -32.10 41.29 110.73
CA LEU E 783 -31.25 41.33 109.55
C LEU E 783 -30.49 42.65 109.49
N ALA E 784 -31.17 43.74 109.83
CA ALA E 784 -30.52 45.05 109.88
C ALA E 784 -29.42 45.04 110.94
N GLU E 785 -29.75 44.51 112.11
CA GLU E 785 -28.81 44.44 113.22
C GLU E 785 -27.58 43.66 112.81
N GLY E 786 -27.77 42.62 112.01
CA GLY E 786 -26.67 41.82 111.51
C GLY E 786 -25.86 42.56 110.46
N LEU E 787 -26.54 43.23 109.54
CA LEU E 787 -25.89 43.94 108.46
C LEU E 787 -25.04 45.08 108.98
N ARG E 788 -25.36 45.55 110.17
CA ARG E 788 -24.55 46.58 110.80
C ARG E 788 -23.14 46.05 111.10
N SER E 789 -23.03 44.74 111.31
CA SER E 789 -21.78 44.13 111.73
C SER E 789 -20.83 43.70 110.60
N LEU E 790 -21.29 43.74 109.36
CA LEU E 790 -20.43 43.32 108.25
C LEU E 790 -19.83 44.53 107.54
N LYS E 791 -18.53 44.73 107.74
CA LYS E 791 -17.85 45.89 107.18
C LYS E 791 -17.12 45.56 105.88
N LYS E 792 -17.11 44.29 105.51
CA LYS E 792 -16.34 43.84 104.35
C LYS E 792 -17.15 43.67 103.06
N MET E 793 -18.44 43.97 103.11
CA MET E 793 -19.34 43.59 102.03
C MET E 793 -19.19 44.47 100.79
N ARG E 794 -18.83 43.86 99.67
CA ARG E 794 -18.86 44.55 98.38
C ARG E 794 -20.11 44.19 97.59
N LEU E 795 -20.87 43.23 98.09
CA LEU E 795 -22.08 42.78 97.38
C LEU E 795 -23.22 42.46 98.32
N LEU E 796 -24.38 43.06 98.06
CA LEU E 796 -25.57 42.69 98.81
C LEU E 796 -26.78 42.55 97.90
N HIS E 797 -27.37 41.37 97.95
CA HIS E 797 -28.63 41.09 97.28
C HIS E 797 -29.64 40.63 98.32
N LEU E 798 -30.70 41.41 98.50
CA LEU E 798 -31.84 40.96 99.28
C LEU E 798 -33.04 40.99 98.36
N THR E 799 -33.52 39.82 97.97
CA THR E 799 -34.53 39.74 96.93
C THR E 799 -35.69 38.82 97.27
N HIS E 800 -36.88 39.20 96.81
CA HIS E 800 -38.07 38.35 96.91
C HIS E 800 -38.46 37.99 98.34
N LEU E 801 -38.27 38.92 99.27
CA LEU E 801 -38.67 38.66 100.64
C LEU E 801 -40.17 38.91 100.70
N SER E 802 -40.92 37.87 101.08
CA SER E 802 -42.38 37.89 100.99
C SER E 802 -43.05 39.03 101.75
N ASP E 803 -43.11 38.93 103.07
CA ASP E 803 -43.67 40.02 103.84
C ASP E 803 -42.76 40.39 105.02
N ILE E 804 -41.97 41.45 104.84
CA ILE E 804 -41.12 41.98 105.89
C ILE E 804 -41.60 43.26 106.60
N GLY E 805 -42.80 43.73 106.26
CA GLY E 805 -43.28 45.00 106.80
C GLY E 805 -42.31 46.14 106.58
N GLU E 806 -42.37 47.15 107.44
CA GLU E 806 -41.49 48.32 107.34
C GLU E 806 -40.00 48.01 107.51
N GLY E 807 -39.66 46.75 107.73
CA GLY E 807 -38.31 46.37 108.11
C GLY E 807 -37.19 46.87 107.22
N MET E 808 -37.48 47.12 105.94
CA MET E 808 -36.44 47.60 105.03
C MET E 808 -35.92 48.98 105.44
N ASP E 809 -36.80 49.79 106.04
CA ASP E 809 -36.40 51.07 106.59
C ASP E 809 -35.24 50.86 107.54
N TYR E 810 -35.36 49.81 108.35
CA TYR E 810 -34.31 49.46 109.29
C TYR E 810 -33.08 48.94 108.53
N ILE E 811 -33.33 48.11 107.52
CA ILE E 811 -32.25 47.49 106.78
C ILE E 811 -31.40 48.47 105.99
N VAL E 812 -32.07 49.33 105.22
CA VAL E 812 -31.38 50.28 104.37
C VAL E 812 -30.45 51.18 105.18
N LYS E 813 -30.95 51.63 106.33
CA LYS E 813 -30.17 52.45 107.24
C LYS E 813 -28.87 51.76 107.58
N SER E 814 -28.97 50.48 107.96
CA SER E 814 -27.81 49.71 108.37
C SER E 814 -26.78 49.64 107.25
N LEU E 815 -27.28 49.62 106.01
CA LEU E 815 -26.39 49.62 104.86
C LEU E 815 -25.73 50.98 104.72
N SER E 816 -26.55 52.02 104.78
CA SER E 816 -26.11 53.37 104.41
C SER E 816 -25.72 54.30 105.55
N GLU E 817 -25.76 53.81 106.79
CA GLU E 817 -25.50 54.65 107.96
C GLU E 817 -24.14 55.33 107.88
N GLU E 818 -23.13 54.58 107.46
CA GLU E 818 -21.78 55.10 107.40
C GLU E 818 -21.20 54.84 106.02
N SER E 819 -20.08 55.50 105.72
CA SER E 819 -19.43 55.36 104.41
C SER E 819 -19.10 53.90 104.12
N CYS E 820 -19.47 53.43 102.93
CA CYS E 820 -19.35 52.01 102.62
C CYS E 820 -18.59 51.74 101.33
N ASP E 821 -18.11 50.51 101.23
CA ASP E 821 -17.42 50.01 100.05
C ASP E 821 -18.33 49.23 99.12
N LEU E 822 -19.63 49.20 99.43
CA LEU E 822 -20.58 48.37 98.69
C LEU E 822 -20.57 48.70 97.20
N GLN E 823 -20.33 47.69 96.37
CA GLN E 823 -20.31 47.88 94.92
C GLN E 823 -21.57 47.40 94.21
N GLU E 824 -22.38 46.58 94.88
CA GLU E 824 -23.61 46.07 94.28
C GLU E 824 -24.71 46.02 95.32
N MET E 825 -25.84 46.66 95.01
CA MET E 825 -26.99 46.51 95.90
C MET E 825 -28.27 46.22 95.12
N LYS E 826 -28.81 45.01 95.31
CA LYS E 826 -30.10 44.67 94.73
C LYS E 826 -31.14 44.49 95.82
N LEU E 827 -32.05 45.44 95.91
CA LEU E 827 -33.14 45.42 96.89
C LEU E 827 -34.45 44.93 96.27
N VAL E 828 -34.37 44.29 95.12
CA VAL E 828 -35.53 43.96 94.30
C VAL E 828 -36.49 42.95 94.94
N ALA E 829 -37.79 43.23 94.81
CA ALA E 829 -38.86 42.31 95.16
C ALA E 829 -39.08 42.10 96.66
N CYS E 830 -38.23 42.68 97.49
CA CYS E 830 -38.49 42.76 98.92
C CYS E 830 -39.51 43.87 99.11
N CYS E 831 -39.91 44.14 100.34
CA CYS E 831 -40.88 45.22 100.52
C CYS E 831 -40.10 46.50 100.77
N LEU E 832 -40.08 47.35 99.76
CA LEU E 832 -39.38 48.61 99.84
C LEU E 832 -40.43 49.69 100.03
N THR E 833 -40.13 50.65 100.89
CA THR E 833 -41.06 51.74 101.16
C THR E 833 -40.42 53.03 100.70
N ALA E 834 -41.25 54.04 100.44
CA ALA E 834 -40.74 55.33 100.03
C ALA E 834 -39.85 55.92 101.13
N ASN E 835 -40.14 55.55 102.38
CA ASN E 835 -39.30 55.95 103.50
C ASN E 835 -37.89 55.37 103.38
N SER E 836 -37.80 54.10 103.00
CA SER E 836 -36.51 53.43 102.86
C SER E 836 -35.73 54.02 101.70
N VAL E 837 -36.45 54.42 100.65
CA VAL E 837 -35.83 55.06 99.50
C VAL E 837 -35.35 56.45 99.90
N LYS E 838 -36.11 57.10 100.77
CA LYS E 838 -35.76 58.40 101.30
C LYS E 838 -34.47 58.33 102.12
N VAL E 839 -34.42 57.34 103.01
CA VAL E 839 -33.25 57.09 103.83
C VAL E 839 -32.03 56.76 102.98
N LEU E 840 -32.24 55.91 101.99
CA LEU E 840 -31.18 55.48 101.07
C LEU E 840 -30.65 56.70 100.34
N ALA E 841 -31.56 57.60 99.97
CA ALA E 841 -31.21 58.83 99.27
C ALA E 841 -30.38 59.76 100.16
N GLN E 842 -30.83 59.91 101.40
CA GLN E 842 -30.21 60.84 102.33
C GLN E 842 -28.77 60.42 102.60
N ASN E 843 -28.57 59.11 102.70
CA ASN E 843 -27.26 58.53 102.98
C ASN E 843 -26.50 58.04 101.74
N LEU E 844 -27.04 58.30 100.56
CA LEU E 844 -26.47 57.80 99.31
C LEU E 844 -25.01 58.19 99.13
N HIS E 845 -24.63 59.31 99.73
CA HIS E 845 -23.26 59.82 99.65
C HIS E 845 -22.26 58.92 100.37
N ASN E 846 -22.76 58.06 101.25
CA ASN E 846 -21.91 57.11 101.96
C ASN E 846 -21.40 55.98 101.08
N LEU E 847 -22.22 55.53 100.12
CA LEU E 847 -21.71 54.57 99.16
C LEU E 847 -21.43 55.31 97.86
N ILE E 848 -20.16 55.66 97.65
CA ILE E 848 -19.71 56.23 96.38
C ILE E 848 -19.31 55.14 95.40
N LYS E 849 -18.90 53.99 95.95
CA LYS E 849 -18.29 52.92 95.17
C LYS E 849 -19.33 52.03 94.52
N LEU E 850 -20.61 52.36 94.69
CA LEU E 850 -21.67 51.52 94.15
C LEU E 850 -21.71 51.72 92.64
N SER E 851 -21.44 50.65 91.90
CA SER E 851 -21.57 50.67 90.45
C SER E 851 -22.88 50.05 89.98
N ILE E 852 -23.58 49.38 90.89
CA ILE E 852 -24.82 48.70 90.54
C ILE E 852 -25.92 48.89 91.58
N LEU E 853 -27.03 49.47 91.12
CA LEU E 853 -28.20 49.66 91.97
C LEU E 853 -29.45 49.09 91.31
N ASP E 854 -29.98 48.01 91.89
CA ASP E 854 -31.26 47.50 91.44
C ASP E 854 -32.23 47.53 92.62
N ILE E 855 -33.13 48.50 92.60
CA ILE E 855 -34.24 48.57 93.56
C ILE E 855 -35.58 48.14 92.97
N SER E 856 -35.57 47.64 91.74
CA SER E 856 -36.78 47.47 90.95
C SER E 856 -37.74 46.42 91.50
N GLU E 857 -38.89 46.30 90.85
CA GLU E 857 -39.97 45.40 91.25
C GLU E 857 -40.55 45.81 92.60
N ASN E 858 -40.51 47.10 92.89
CA ASN E 858 -41.05 47.64 94.12
C ASN E 858 -42.04 48.78 93.90
N TYR E 859 -43.16 48.72 94.62
CA TYR E 859 -44.13 49.80 94.63
C TYR E 859 -43.92 50.61 95.88
N LEU E 860 -43.83 51.93 95.74
CA LEU E 860 -43.65 52.80 96.88
C LEU E 860 -44.99 53.44 97.25
N GLU E 861 -45.52 53.03 98.39
CA GLU E 861 -46.89 53.33 98.79
C GLU E 861 -47.14 54.78 99.20
N LYS E 862 -46.38 55.27 100.18
CA LYS E 862 -46.61 56.58 100.77
C LYS E 862 -45.65 57.63 100.20
N ASP E 863 -46.19 58.58 99.43
CA ASP E 863 -45.38 59.63 98.83
C ASP E 863 -44.20 59.08 98.01
N GLY E 864 -44.44 57.97 97.32
CA GLY E 864 -43.39 57.25 96.61
C GLY E 864 -42.61 58.01 95.54
N ASN E 865 -43.31 58.72 94.66
CA ASN E 865 -42.64 59.46 93.59
C ASN E 865 -41.76 60.58 94.12
N GLU E 866 -42.21 61.20 95.21
CA GLU E 866 -41.45 62.25 95.87
C GLU E 866 -40.13 61.70 96.40
N ALA E 867 -40.21 60.52 97.02
CA ALA E 867 -39.02 59.85 97.54
C ALA E 867 -38.08 59.42 96.42
N LEU E 868 -38.66 58.91 95.34
CA LEU E 868 -37.86 58.48 94.20
C LEU E 868 -37.11 59.67 93.60
N GLN E 869 -37.78 60.82 93.53
CA GLN E 869 -37.15 62.03 93.06
C GLN E 869 -36.06 62.47 94.03
N GLU E 870 -36.30 62.25 95.32
CA GLU E 870 -35.32 62.53 96.36
C GLU E 870 -34.05 61.74 96.12
N LEU E 871 -34.19 60.49 95.69
CA LEU E 871 -33.02 59.70 95.31
C LEU E 871 -32.38 60.15 94.00
N ILE E 872 -33.22 60.42 93.01
CA ILE E 872 -32.79 60.76 91.67
C ILE E 872 -31.95 62.04 91.67
N GLY E 873 -32.33 62.99 92.52
CA GLY E 873 -31.60 64.24 92.60
C GLY E 873 -30.19 64.03 93.10
N ARG E 874 -30.03 63.03 93.97
CA ARG E 874 -28.73 62.71 94.56
C ARG E 874 -27.99 61.59 93.84
N LEU E 875 -28.56 61.11 92.73
CA LEU E 875 -27.88 60.07 91.93
C LEU E 875 -26.52 60.49 91.41
N GLY E 876 -26.28 61.80 91.34
CA GLY E 876 -25.01 62.32 90.86
C GLY E 876 -23.83 61.92 91.72
N VAL E 877 -24.12 61.57 92.96
CA VAL E 877 -23.10 61.18 93.93
C VAL E 877 -22.35 59.91 93.49
N LEU E 878 -23.03 59.05 92.74
CA LEU E 878 -22.43 57.79 92.35
C LEU E 878 -21.70 57.97 91.03
N GLY E 879 -20.37 57.98 91.10
CA GLY E 879 -19.52 58.19 89.95
C GLY E 879 -19.32 56.93 89.13
N GLU E 880 -19.33 55.80 89.81
CA GLU E 880 -19.00 54.53 89.18
C GLU E 880 -20.23 53.77 88.68
N LEU E 881 -21.41 54.39 88.78
CA LEU E 881 -22.64 53.66 88.57
C LEU E 881 -22.78 53.24 87.11
N THR E 882 -22.77 51.93 86.86
CA THR E 882 -23.03 51.39 85.54
C THR E 882 -24.39 50.72 85.37
N THR E 883 -25.13 50.57 86.47
CA THR E 883 -26.41 49.86 86.41
C THR E 883 -27.49 50.50 87.27
N LEU E 884 -28.60 50.88 86.65
CA LEU E 884 -29.70 51.47 87.40
C LEU E 884 -31.04 50.84 87.03
N MET E 885 -31.68 50.22 88.02
CA MET E 885 -33.02 49.69 87.82
C MET E 885 -33.92 50.33 88.86
N LEU E 886 -34.89 51.11 88.41
CA LEU E 886 -35.66 51.95 89.32
C LEU E 886 -36.97 51.27 89.75
N PRO E 887 -37.48 51.61 90.94
CA PRO E 887 -38.76 51.06 91.36
C PRO E 887 -39.89 51.91 90.79
N TRP E 888 -41.13 51.56 91.08
CA TRP E 888 -42.25 52.29 90.50
C TRP E 888 -43.31 52.70 91.53
N CYS E 889 -44.18 53.59 91.11
CA CYS E 889 -45.34 53.99 91.90
C CYS E 889 -46.34 54.64 90.97
N TRP E 890 -47.43 55.17 91.50
CA TRP E 890 -48.33 55.94 90.68
C TRP E 890 -47.66 57.30 90.42
N ASP E 891 -47.59 57.68 89.13
CA ASP E 891 -47.08 58.99 88.69
C ASP E 891 -45.56 59.05 88.40
N VAL E 892 -44.87 57.92 88.48
CA VAL E 892 -43.40 57.87 88.30
C VAL E 892 -42.94 58.47 86.97
N HIS E 893 -43.78 58.41 85.95
CA HIS E 893 -43.37 58.84 84.62
C HIS E 893 -42.99 60.32 84.60
N THR E 894 -43.61 61.08 85.49
CA THR E 894 -43.31 62.50 85.65
C THR E 894 -41.90 62.76 86.16
N SER E 895 -41.26 61.71 86.70
CA SER E 895 -39.89 61.81 87.17
C SER E 895 -38.91 61.49 86.05
N LEU E 896 -39.42 61.16 84.87
CA LEU E 896 -38.57 60.83 83.72
C LEU E 896 -37.70 62.01 83.24
N PRO E 897 -38.27 63.22 83.13
CA PRO E 897 -37.40 64.35 82.77
C PRO E 897 -36.29 64.56 83.78
N LYS E 898 -36.62 64.38 85.05
CA LYS E 898 -35.69 64.57 86.14
C LYS E 898 -34.57 63.54 86.08
N LEU E 899 -34.93 62.30 85.76
CA LEU E 899 -33.98 61.21 85.69
C LEU E 899 -33.03 61.35 84.50
N LEU E 900 -33.54 61.80 83.34
CA LEU E 900 -32.70 61.92 82.15
C LEU E 900 -31.61 62.96 82.34
N LYS E 901 -31.91 64.01 83.09
CA LYS E 901 -30.90 65.03 83.39
C LYS E 901 -29.76 64.42 84.19
N GLN E 902 -30.11 63.57 85.14
CA GLN E 902 -29.11 62.87 85.93
C GLN E 902 -28.42 61.82 85.08
N LEU E 903 -29.13 61.30 84.10
CA LEU E 903 -28.59 60.27 83.22
C LEU E 903 -27.71 60.85 82.14
N GLU E 904 -27.70 62.18 82.02
CA GLU E 904 -26.78 62.85 81.11
C GLU E 904 -25.35 62.68 81.60
N GLY E 905 -25.22 62.58 82.92
CA GLY E 905 -23.91 62.47 83.55
C GLY E 905 -23.43 61.05 83.71
N THR E 906 -24.18 60.10 83.16
CA THR E 906 -23.77 58.70 83.24
C THR E 906 -23.67 58.00 81.90
N PRO E 907 -22.72 58.42 81.05
CA PRO E 907 -22.54 57.67 79.81
C PRO E 907 -21.80 56.38 80.14
N GLY E 908 -22.02 55.34 79.37
CA GLY E 908 -21.42 54.06 79.69
C GLY E 908 -22.31 53.33 80.69
N LEU E 909 -23.56 53.76 80.79
CA LEU E 909 -24.53 53.11 81.64
C LEU E 909 -24.80 51.76 80.98
N ALA E 910 -24.55 50.67 81.69
CA ALA E 910 -24.67 49.34 81.09
C ALA E 910 -26.10 48.80 81.10
N LYS E 911 -26.79 48.95 82.22
CA LYS E 911 -28.14 48.40 82.38
C LYS E 911 -29.07 49.50 82.87
N LEU E 912 -30.16 49.72 82.13
CA LEU E 912 -31.13 50.72 82.58
C LEU E 912 -32.55 50.14 82.57
N GLY E 913 -33.29 50.36 83.65
CA GLY E 913 -34.71 50.07 83.60
C GLY E 913 -35.68 50.89 84.41
N LEU E 914 -36.88 51.00 83.86
CA LEU E 914 -38.05 51.53 84.53
C LEU E 914 -39.12 50.45 84.36
N LYS E 915 -39.45 49.79 85.46
CA LYS E 915 -40.38 48.68 85.42
C LYS E 915 -41.68 49.16 86.02
N ASN E 916 -42.78 49.01 85.29
CA ASN E 916 -44.09 49.50 85.71
C ASN E 916 -44.15 51.01 85.89
N TRP E 917 -43.23 51.70 85.22
CA TRP E 917 -43.36 53.11 84.99
C TRP E 917 -44.26 53.18 83.79
N ARG E 918 -45.47 53.72 83.92
CA ARG E 918 -46.32 53.66 82.75
C ARG E 918 -45.90 54.83 81.90
N LEU E 919 -45.06 54.50 80.91
CA LEU E 919 -44.49 55.47 80.00
C LEU E 919 -45.53 55.77 78.94
N ARG E 920 -45.52 56.99 78.44
CA ARG E 920 -46.47 57.37 77.43
C ARG E 920 -45.65 57.72 76.20
N ASP E 921 -46.31 58.08 75.11
CA ASP E 921 -45.60 58.46 73.89
C ASP E 921 -44.72 59.67 74.17
N GLU E 922 -45.15 60.49 75.13
CA GLU E 922 -44.40 61.65 75.58
C GLU E 922 -43.11 61.23 76.31
N GLU E 923 -43.18 60.20 77.16
CA GLU E 923 -41.98 59.71 77.83
C GLU E 923 -41.05 58.99 76.85
N ILE E 924 -41.64 58.23 75.93
CA ILE E 924 -40.85 57.52 74.92
C ILE E 924 -40.15 58.51 74.00
N LYS E 925 -40.82 59.62 73.74
CA LYS E 925 -40.25 60.69 72.94
C LYS E 925 -39.14 61.38 73.70
N SER E 926 -39.36 61.60 75.00
CA SER E 926 -38.36 62.22 75.86
C SER E 926 -37.09 61.36 75.89
N LEU E 927 -37.28 60.06 76.07
CA LEU E 927 -36.19 59.10 76.10
C LEU E 927 -35.49 59.04 74.75
N GLY E 928 -36.27 59.18 73.68
CA GLY E 928 -35.71 59.18 72.34
C GLY E 928 -34.81 60.38 72.10
N GLU E 929 -35.30 61.57 72.46
CA GLU E 929 -34.54 62.81 72.32
C GLU E 929 -33.28 62.76 73.15
N PHE E 930 -33.40 62.30 74.40
CA PHE E 930 -32.25 62.12 75.29
C PHE E 930 -31.24 61.16 74.67
N LEU E 931 -31.74 60.07 74.10
CA LEU E 931 -30.89 59.03 73.55
C LEU E 931 -30.17 59.54 72.30
N GLU E 932 -30.82 60.45 71.58
CA GLU E 932 -30.22 61.07 70.41
C GLU E 932 -29.11 62.03 70.81
N MET E 933 -29.45 62.92 71.75
CA MET E 933 -28.52 63.95 72.21
C MET E 933 -27.38 63.42 73.07
N ASN E 934 -27.76 62.61 74.06
CA ASN E 934 -26.81 62.11 75.05
C ASN E 934 -26.66 60.59 75.03
N PRO E 935 -26.14 60.03 73.93
CA PRO E 935 -26.43 58.62 73.66
C PRO E 935 -25.69 57.70 74.62
N LEU E 936 -26.27 56.55 74.89
CA LEU E 936 -25.63 55.55 75.73
C LEU E 936 -25.03 54.50 74.79
N ARG E 937 -23.71 54.49 74.62
CA ARG E 937 -23.13 53.54 73.68
C ARG E 937 -22.61 52.27 74.34
N ASP E 938 -22.65 52.21 75.66
CA ASP E 938 -22.27 51.00 76.38
C ASP E 938 -23.48 50.19 76.84
N LEU E 939 -24.69 50.66 76.52
CA LEU E 939 -25.87 50.12 77.18
C LEU E 939 -26.12 48.68 76.78
N GLN E 940 -26.07 47.82 77.79
CA GLN E 940 -26.19 46.37 77.60
C GLN E 940 -27.64 45.86 77.62
N GLN E 941 -28.48 46.44 78.48
CA GLN E 941 -29.89 46.03 78.52
C GLN E 941 -30.86 47.14 78.93
N LEU E 942 -32.04 47.10 78.33
CA LEU E 942 -33.06 48.10 78.56
C LEU E 942 -34.38 47.45 78.97
N ASP E 943 -34.86 47.79 80.17
CA ASP E 943 -36.12 47.25 80.65
C ASP E 943 -37.13 48.37 80.76
N LEU E 944 -38.12 48.39 79.87
CA LEU E 944 -39.26 49.28 80.04
C LEU E 944 -40.49 48.42 80.21
N ALA E 945 -41.01 48.33 81.43
CA ALA E 945 -42.16 47.46 81.63
C ALA E 945 -43.40 48.21 82.06
N GLY E 946 -44.56 47.59 81.79
CA GLY E 946 -45.84 48.22 82.01
C GLY E 946 -45.87 49.60 81.41
N HIS E 947 -45.42 49.69 80.16
CA HIS E 947 -45.38 50.93 79.42
C HIS E 947 -46.74 51.07 78.73
N CYS E 948 -47.25 52.28 78.62
CA CYS E 948 -48.47 52.51 77.82
C CYS E 948 -48.18 53.05 76.42
N VAL E 949 -46.92 53.10 76.02
CA VAL E 949 -46.54 53.59 74.69
C VAL E 949 -47.28 52.89 73.54
N SER E 950 -47.89 53.70 72.67
CA SER E 950 -48.62 53.23 71.50
C SER E 950 -47.70 52.76 70.39
N SER E 951 -48.29 52.21 69.33
CA SER E 951 -47.53 51.74 68.17
C SER E 951 -46.75 52.86 67.48
N ASP E 952 -47.35 54.04 67.39
CA ASP E 952 -46.70 55.21 66.82
C ASP E 952 -45.50 55.62 67.67
N GLY E 953 -45.66 55.55 68.98
CA GLY E 953 -44.59 55.89 69.89
C GLY E 953 -43.41 54.96 69.69
N TRP E 954 -43.69 53.67 69.58
CA TRP E 954 -42.65 52.70 69.33
C TRP E 954 -41.98 52.92 67.98
N LEU E 955 -42.77 53.27 66.97
CA LEU E 955 -42.24 53.51 65.63
C LEU E 955 -41.30 54.70 65.60
N TYR E 956 -41.65 55.76 66.33
CA TYR E 956 -40.76 56.90 66.48
C TYR E 956 -39.51 56.43 67.22
N PHE E 957 -39.71 55.62 68.24
CA PHE E 957 -38.62 55.18 69.10
C PHE E 957 -37.61 54.33 68.36
N MET E 958 -38.06 53.62 67.33
CA MET E 958 -37.20 52.68 66.61
C MET E 958 -36.00 53.34 65.95
N ASN E 959 -36.16 54.58 65.52
CA ASN E 959 -35.09 55.32 64.85
C ASN E 959 -33.88 55.51 65.75
N VAL E 960 -34.12 55.87 67.00
CA VAL E 960 -33.05 56.00 67.98
C VAL E 960 -32.65 54.64 68.53
N PHE E 961 -33.63 53.75 68.64
CA PHE E 961 -33.45 52.42 69.21
C PHE E 961 -32.48 51.60 68.38
N GLU E 962 -32.42 51.89 67.08
CA GLU E 962 -31.50 51.22 66.17
C GLU E 962 -30.05 51.43 66.60
N ASN E 963 -29.78 52.62 67.14
CA ASN E 963 -28.42 53.08 67.38
C ASN E 963 -27.70 52.49 68.60
N LEU E 964 -28.38 51.71 69.42
CA LEU E 964 -27.68 51.04 70.49
C LEU E 964 -27.25 49.67 69.98
N LYS E 965 -25.97 49.56 69.70
CA LYS E 965 -25.43 48.37 69.05
C LYS E 965 -24.90 47.35 70.05
N GLN E 966 -24.77 47.77 71.30
CA GLN E 966 -24.18 46.95 72.34
C GLN E 966 -25.27 46.22 73.11
N LEU E 967 -26.51 46.37 72.66
CA LEU E 967 -27.67 45.91 73.39
C LEU E 967 -27.79 44.39 73.43
N VAL E 968 -27.85 43.85 74.66
CA VAL E 968 -28.03 42.43 74.90
C VAL E 968 -29.51 42.02 75.04
N PHE E 969 -30.20 42.67 75.98
CA PHE E 969 -31.52 42.25 76.41
C PHE E 969 -32.46 43.46 76.43
N PHE E 970 -33.67 43.31 75.90
CA PHE E 970 -34.65 44.37 76.13
C PHE E 970 -36.06 43.86 76.39
N ASP E 971 -36.74 44.52 77.32
CA ASP E 971 -38.08 44.11 77.72
C ASP E 971 -39.08 45.23 77.49
N PHE E 972 -39.97 45.04 76.52
CA PHE E 972 -41.10 45.92 76.29
C PHE E 972 -42.43 45.35 76.80
N SER E 973 -42.38 44.29 77.60
CA SER E 973 -43.60 43.60 78.02
C SER E 973 -44.66 44.53 78.59
N THR E 974 -45.92 44.21 78.27
CA THR E 974 -47.06 45.04 78.62
C THR E 974 -48.37 44.26 78.52
N GLU E 975 -49.48 44.96 78.65
CA GLU E 975 -50.79 44.32 78.57
C GLU E 975 -51.14 44.18 77.10
N GLU E 976 -52.39 43.84 76.78
CA GLU E 976 -52.73 43.50 75.40
C GLU E 976 -52.47 44.67 74.45
N PHE E 977 -51.60 44.42 73.46
CA PHE E 977 -51.14 45.50 72.58
C PHE E 977 -51.10 45.04 71.12
N LEU E 978 -51.90 45.69 70.26
CA LEU E 978 -51.92 45.30 68.86
C LEU E 978 -51.04 46.26 68.05
N PRO E 979 -49.87 45.78 67.61
CA PRO E 979 -48.93 46.60 66.86
C PRO E 979 -49.37 46.83 65.42
N ASP E 980 -49.14 48.04 64.91
CA ASP E 980 -49.35 48.33 63.49
C ASP E 980 -48.31 47.56 62.68
N ALA E 981 -48.65 47.26 61.42
CA ALA E 981 -47.77 46.50 60.54
C ALA E 981 -46.43 47.19 60.31
N ALA E 982 -46.45 48.51 60.18
CA ALA E 982 -45.23 49.28 59.98
C ALA E 982 -44.29 49.15 61.17
N LEU E 983 -44.86 49.19 62.37
CA LEU E 983 -44.09 49.03 63.60
C LEU E 983 -43.47 47.63 63.67
N VAL E 984 -44.17 46.64 63.12
CA VAL E 984 -43.66 45.28 63.08
C VAL E 984 -42.50 45.16 62.09
N ARG E 985 -42.68 45.73 60.90
CA ARG E 985 -41.63 45.72 59.88
C ARG E 985 -40.36 46.41 60.39
N LYS E 986 -40.53 47.60 60.94
CA LYS E 986 -39.43 48.35 61.51
C LYS E 986 -38.80 47.58 62.66
N LEU E 987 -39.63 46.91 63.45
CA LEU E 987 -39.14 46.14 64.59
C LEU E 987 -38.23 45.03 64.10
N SER E 988 -38.68 44.30 63.08
CA SER E 988 -37.89 43.23 62.50
C SER E 988 -36.58 43.78 61.91
N GLN E 989 -36.66 44.95 61.28
CA GLN E 989 -35.48 45.58 60.69
C GLN E 989 -34.41 45.92 61.75
N VAL E 990 -34.84 46.57 62.82
CA VAL E 990 -33.94 46.93 63.92
C VAL E 990 -33.41 45.69 64.65
N LEU E 991 -34.31 44.75 64.91
CA LEU E 991 -34.00 43.52 65.62
C LEU E 991 -32.95 42.73 64.84
N SER E 992 -33.04 42.78 63.51
CA SER E 992 -32.01 42.21 62.65
C SER E 992 -30.73 43.04 62.76
N LYS E 993 -30.89 44.36 62.86
CA LYS E 993 -29.75 45.27 62.93
C LYS E 993 -29.00 45.18 64.26
N LEU E 994 -29.67 44.73 65.32
CA LEU E 994 -28.99 44.61 66.60
C LEU E 994 -28.41 43.21 66.68
N THR E 995 -27.08 43.14 66.60
CA THR E 995 -26.36 41.88 66.47
C THR E 995 -26.12 41.14 67.78
N LEU E 996 -26.04 41.89 68.87
CA LEU E 996 -25.62 41.31 70.14
C LEU E 996 -26.79 40.83 70.98
N LEU E 997 -28.00 40.92 70.42
CA LEU E 997 -29.19 40.56 71.17
C LEU E 997 -29.20 39.11 71.62
N GLN E 998 -29.29 38.92 72.94
CA GLN E 998 -29.49 37.62 73.56
C GLN E 998 -30.97 37.35 73.86
N GLU E 999 -31.60 38.29 74.55
CA GLU E 999 -32.98 38.10 74.97
C GLU E 999 -33.90 39.28 74.65
N VAL E 1000 -35.04 38.94 74.04
CA VAL E 1000 -36.06 39.92 73.69
C VAL E 1000 -37.39 39.54 74.33
N LYS E 1001 -37.93 40.43 75.14
CA LYS E 1001 -39.18 40.14 75.79
C LYS E 1001 -40.21 41.10 75.21
N LEU E 1002 -41.05 40.58 74.32
CA LEU E 1002 -42.14 41.32 73.68
C LEU E 1002 -43.50 40.98 74.26
N THR E 1003 -43.51 40.30 75.41
CA THR E 1003 -44.71 39.80 76.04
C THR E 1003 -45.88 40.79 76.08
N GLY E 1004 -47.07 40.30 75.77
CA GLY E 1004 -48.28 41.08 75.69
C GLY E 1004 -48.51 41.70 74.32
N TRP E 1005 -47.45 41.91 73.55
CA TRP E 1005 -47.59 42.26 72.14
C TRP E 1005 -48.33 41.10 71.47
N GLU E 1006 -49.39 41.36 70.72
CA GLU E 1006 -49.99 40.24 70.01
C GLU E 1006 -49.36 40.19 68.63
N PHE E 1007 -48.49 39.20 68.47
CA PHE E 1007 -47.79 38.92 67.22
C PHE E 1007 -48.39 37.82 66.36
N ASP E 1008 -49.61 37.40 66.65
CA ASP E 1008 -50.15 36.26 65.93
C ASP E 1008 -50.41 36.61 64.48
N ASP E 1009 -49.72 35.84 63.63
CA ASP E 1009 -49.55 36.09 62.21
C ASP E 1009 -48.63 34.95 61.80
N ASP E 1011 -44.72 36.31 60.10
CA ASP E 1011 -44.20 37.44 60.86
C ASP E 1011 -43.39 37.03 62.07
N ILE E 1012 -43.91 36.08 62.86
CA ILE E 1012 -43.27 35.70 64.11
C ILE E 1012 -41.93 35.01 63.79
N SER E 1013 -41.87 34.37 62.64
CA SER E 1013 -40.66 33.69 62.19
C SER E 1013 -39.56 34.72 61.91
N ALA E 1014 -39.98 35.91 61.46
CA ALA E 1014 -39.05 36.96 61.09
C ALA E 1014 -38.50 37.74 62.28
N ILE E 1015 -39.15 37.62 63.43
CA ILE E 1015 -38.72 38.36 64.63
C ILE E 1015 -37.83 37.50 65.53
N LYS E 1016 -37.65 36.23 65.16
CA LYS E 1016 -36.93 35.28 66.02
C LYS E 1016 -35.43 35.06 65.80
N GLY E 1017 -34.81 35.79 64.89
CA GLY E 1017 -33.43 35.47 64.51
C GLY E 1017 -32.35 35.43 65.58
N THR E 1018 -31.77 34.25 65.75
CA THR E 1018 -30.61 33.98 66.62
C THR E 1018 -30.76 34.21 68.14
N PHE E 1019 -31.91 34.73 68.60
CA PHE E 1019 -32.06 35.03 70.03
C PHE E 1019 -33.33 34.45 70.65
N LYS E 1020 -33.38 34.45 71.98
CA LYS E 1020 -34.59 34.10 72.71
C LYS E 1020 -35.65 35.18 72.53
N LEU E 1021 -36.88 34.76 72.21
CA LEU E 1021 -38.00 35.67 72.07
C LEU E 1021 -39.11 35.23 73.02
N VAL E 1022 -39.72 36.17 73.72
CA VAL E 1022 -40.84 35.84 74.59
C VAL E 1022 -42.13 36.59 74.24
N THR E 1023 -43.16 35.83 73.85
CA THR E 1023 -44.48 36.40 73.57
C THR E 1023 -45.57 35.74 74.41
N ALA E 1024 -46.66 36.47 74.63
CA ALA E 1024 -47.83 35.94 75.33
C ALA E 1024 -49.08 36.76 75.05
N TYR F 91 -8.45 30.07 54.01
CA TYR F 91 -7.28 30.87 54.36
C TYR F 91 -6.42 31.22 53.13
N GLN F 92 -5.13 31.47 53.36
CA GLN F 92 -4.20 32.02 52.35
C GLN F 92 -4.54 33.42 51.84
N VAL F 93 -4.76 33.57 50.52
CA VAL F 93 -4.50 34.78 49.66
C VAL F 93 -3.15 34.90 48.89
N THR F 94 -2.33 33.85 48.87
CA THR F 94 -1.00 33.94 48.23
C THR F 94 -1.00 34.40 46.77
N GLU F 95 0.10 35.05 46.37
CA GLU F 95 0.25 35.65 45.03
C GLU F 95 0.59 34.66 43.92
N GLU F 96 1.32 33.61 44.27
CA GLU F 96 1.64 32.56 43.33
C GLU F 96 0.36 31.95 42.78
N ASP F 97 -0.62 31.77 43.66
CA ASP F 97 -1.91 31.23 43.24
C ASP F 97 -2.63 32.18 42.28
N LEU F 98 -2.48 33.48 42.47
CA LEU F 98 -3.10 34.44 41.57
C LEU F 98 -2.47 34.36 40.18
N ASN F 99 -1.14 34.27 40.16
CA ASN F 99 -0.43 34.18 38.88
C ASN F 99 -0.74 32.89 38.14
N VAL F 100 -0.83 31.79 38.90
CA VAL F 100 -1.17 30.50 38.30
C VAL F 100 -2.63 30.46 37.85
N LEU F 101 -3.50 31.20 38.54
CA LEU F 101 -4.90 31.31 38.13
C LEU F 101 -5.02 32.05 36.81
N ALA F 102 -4.35 33.20 36.72
CA ALA F 102 -4.40 33.99 35.49
C ALA F 102 -3.80 33.19 34.33
N GLN F 103 -2.71 32.49 34.62
CA GLN F 103 -2.08 31.62 33.64
C GLN F 103 -3.01 30.48 33.22
N ASN F 104 -3.82 30.01 34.17
CA ASN F 104 -4.80 28.97 33.89
C ASN F 104 -5.91 29.44 32.96
N LEU F 105 -6.42 30.66 33.21
CA LEU F 105 -7.42 31.24 32.31
C LEU F 105 -6.83 31.41 30.91
N LYS F 106 -5.60 31.92 30.86
CA LYS F 106 -4.92 32.09 29.57
C LYS F 106 -4.75 30.77 28.84
N ASP F 107 -4.39 29.72 29.59
CA ASP F 107 -4.20 28.40 29.05
C ASP F 107 -5.50 27.83 28.49
N LEU F 108 -6.58 28.02 29.24
CA LEU F 108 -7.89 27.50 28.84
C LEU F 108 -8.34 28.20 27.55
N TYR F 109 -8.27 29.53 27.54
CA TYR F 109 -8.79 30.28 26.39
C TYR F 109 -7.96 30.07 25.13
N ASN F 110 -6.73 29.61 25.29
CA ASN F 110 -5.83 29.40 24.16
C ASN F 110 -5.84 27.98 23.64
N SER F 111 -6.62 27.11 24.29
CA SER F 111 -6.69 25.72 23.88
C SER F 111 -7.68 25.57 22.74
N PRO F 112 -7.47 24.56 21.87
CA PRO F 112 -8.38 24.29 20.75
C PRO F 112 -9.78 23.96 21.24
N ALA F 113 -9.89 23.50 22.48
CA ALA F 113 -11.18 23.18 23.08
C ALA F 113 -12.05 24.43 23.20
N PHE F 114 -11.42 25.53 23.60
CA PHE F 114 -12.11 26.82 23.65
C PHE F 114 -12.24 27.44 22.27
N LEU F 115 -11.19 27.30 21.46
CA LEU F 115 -11.13 27.93 20.14
C LEU F 115 -12.12 27.39 19.12
N ASN F 116 -12.40 26.09 19.21
CA ASN F 116 -13.27 25.44 18.24
C ASN F 116 -14.56 24.90 18.87
N PHE F 117 -15.67 25.10 18.17
CA PHE F 117 -16.93 24.52 18.59
C PHE F 117 -17.84 24.17 17.41
N TYR F 118 -18.81 23.30 17.65
CA TYR F 118 -19.79 22.94 16.64
C TYR F 118 -21.01 23.81 16.86
N PRO F 119 -21.28 24.75 15.95
CA PRO F 119 -22.43 25.65 16.12
C PRO F 119 -23.72 24.86 16.10
N LEU F 120 -23.80 23.88 15.22
CA LEU F 120 -25.02 23.11 15.02
C LEU F 120 -25.03 21.76 15.76
N GLY F 121 -23.98 21.49 16.53
CA GLY F 121 -23.89 20.22 17.23
C GLY F 121 -22.88 19.25 16.63
N GLU F 122 -22.58 18.19 17.37
CA GLU F 122 -21.53 17.24 17.00
C GLU F 122 -21.88 16.31 15.83
N ASP F 123 -23.16 16.26 15.45
CA ASP F 123 -23.61 15.29 14.45
C ASP F 123 -23.65 15.92 13.05
N ILE F 124 -23.28 17.19 12.98
CA ILE F 124 -23.23 17.90 11.71
C ILE F 124 -21.84 18.49 11.57
N ASP F 125 -21.23 18.36 10.39
CA ASP F 125 -19.86 18.81 10.28
C ASP F 125 -19.82 20.27 9.84
N ILE F 126 -19.69 21.13 10.83
CA ILE F 126 -19.34 22.53 10.69
C ILE F 126 -18.53 22.86 11.93
N ILE F 127 -17.37 23.48 11.76
CA ILE F 127 -16.57 23.83 12.92
C ILE F 127 -16.20 25.30 12.86
N PHE F 128 -16.46 26.01 13.94
CA PHE F 128 -16.20 27.45 14.00
C PHE F 128 -14.98 27.74 14.84
N ASN F 129 -14.08 28.56 14.30
CA ASN F 129 -12.85 28.91 14.99
C ASN F 129 -12.80 30.41 15.31
N LEU F 130 -12.54 30.72 16.56
CA LEU F 130 -12.53 32.11 17.03
C LEU F 130 -11.48 32.97 16.33
N GLU F 131 -10.37 32.35 15.93
CA GLU F 131 -9.36 33.06 15.15
C GLU F 131 -9.65 33.02 13.65
N LYS F 132 -9.71 31.80 13.11
CA LYS F 132 -9.71 31.59 11.68
C LYS F 132 -11.04 31.88 10.97
N THR F 133 -12.15 31.47 11.58
CA THR F 133 -13.46 31.60 10.94
C THR F 133 -14.15 32.93 11.25
N PHE F 134 -13.56 33.70 12.17
CA PHE F 134 -14.20 34.91 12.67
C PHE F 134 -13.95 36.09 11.75
N THR F 135 -15.03 36.75 11.33
CA THR F 135 -14.93 37.98 10.57
C THR F 135 -15.36 39.13 11.46
N GLU F 136 -14.66 40.26 11.36
CA GLU F 136 -14.94 41.38 12.24
C GLU F 136 -16.30 41.97 11.91
N PRO F 137 -17.21 41.96 12.90
CA PRO F 137 -18.57 42.48 12.71
C PRO F 137 -18.58 44.01 12.76
N ILE F 138 -19.67 44.61 12.32
CA ILE F 138 -19.84 46.05 12.47
C ILE F 138 -20.75 46.28 13.66
N MET F 139 -20.35 47.18 14.55
CA MET F 139 -21.06 47.39 15.79
C MET F 139 -21.58 48.80 15.84
N TRP F 140 -22.58 49.06 16.67
CA TRP F 140 -23.10 50.41 16.74
C TRP F 140 -23.20 50.85 18.19
N LYS F 141 -22.66 52.02 18.50
CA LYS F 141 -22.80 52.55 19.85
C LYS F 141 -24.24 53.01 19.93
N LYS F 142 -24.90 52.71 21.04
CA LYS F 142 -26.32 52.99 21.09
C LYS F 142 -26.70 54.06 22.10
N ASP F 143 -27.55 54.95 21.64
CA ASP F 143 -28.07 56.06 22.41
C ASP F 143 -29.36 55.59 23.05
N HIS F 144 -29.99 56.44 23.84
CA HIS F 144 -31.30 56.10 24.37
C HIS F 144 -32.28 56.13 23.20
N ARG F 145 -33.42 55.48 23.36
CA ARG F 145 -34.38 55.32 22.28
C ARG F 145 -33.79 54.51 21.13
N HIS F 146 -32.70 53.80 21.45
CA HIS F 146 -32.15 52.78 20.55
C HIS F 146 -31.62 53.28 19.22
N HIS F 147 -31.11 54.51 19.19
CA HIS F 147 -30.52 55.04 17.96
C HIS F 147 -29.02 54.80 17.92
N ARG F 148 -28.50 54.56 16.72
CA ARG F 148 -27.09 54.24 16.56
C ARG F 148 -26.31 55.53 16.34
N VAL F 149 -25.53 55.92 17.34
CA VAL F 149 -24.78 57.17 17.31
C VAL F 149 -23.55 57.10 16.40
N GLU F 150 -22.72 56.10 16.64
CA GLU F 150 -21.43 56.00 15.99
C GLU F 150 -21.11 54.54 15.68
N GLN F 151 -20.44 54.30 14.55
CA GLN F 151 -20.09 52.94 14.18
C GLN F 151 -18.77 52.53 14.82
N LEU F 152 -18.72 51.30 15.31
CA LEU F 152 -17.56 50.79 16.01
C LEU F 152 -17.14 49.41 15.50
N THR F 153 -15.95 49.00 15.92
CA THR F 153 -15.47 47.65 15.69
C THR F 153 -15.26 47.06 17.08
N LEU F 154 -14.95 45.77 17.13
CA LEU F 154 -14.72 45.10 18.41
C LEU F 154 -13.54 45.75 19.15
N GLY F 155 -12.48 46.06 18.42
CA GLY F 155 -11.30 46.68 19.00
C GLY F 155 -11.58 48.08 19.53
N SER F 156 -12.28 48.86 18.72
CA SER F 156 -12.63 50.23 19.07
C SER F 156 -13.59 50.24 20.27
N LEU F 157 -14.47 49.26 20.35
CA LEU F 157 -15.38 49.11 21.51
C LEU F 157 -14.57 48.78 22.77
N LEU F 158 -13.60 47.87 22.61
CA LEU F 158 -12.74 47.49 23.73
C LEU F 158 -11.93 48.70 24.21
N GLU F 159 -11.57 49.58 23.28
CA GLU F 159 -10.82 50.79 23.62
C GLU F 159 -11.68 51.77 24.43
N ALA F 160 -12.96 51.83 24.10
CA ALA F 160 -13.86 52.78 24.75
C ALA F 160 -14.64 52.14 25.90
N LEU F 161 -14.31 50.89 26.23
CA LEU F 161 -15.14 50.07 27.10
C LEU F 161 -15.35 50.70 28.49
N LYS F 162 -16.61 50.75 28.95
CA LYS F 162 -16.93 51.20 30.31
C LYS F 162 -17.89 50.20 30.93
N SER F 163 -17.78 50.02 32.24
CA SER F 163 -18.58 49.02 32.92
C SER F 163 -19.80 49.65 33.63
N PRO F 164 -20.93 48.92 33.70
CA PRO F 164 -21.17 47.68 32.96
C PRO F 164 -21.41 47.95 31.46
N CYS F 165 -20.81 47.17 30.59
CA CYS F 165 -21.03 47.31 29.16
C CYS F 165 -22.05 46.28 28.69
N LEU F 166 -23.02 46.70 27.89
CA LEU F 166 -24.05 45.79 27.40
C LEU F 166 -23.96 45.68 25.88
N ILE F 167 -23.87 44.45 25.39
CA ILE F 167 -23.93 44.19 23.96
C ILE F 167 -25.22 43.48 23.63
N GLU F 168 -25.99 44.05 22.71
CA GLU F 168 -27.30 43.54 22.40
C GLU F 168 -27.44 43.19 20.93
N GLY F 169 -28.44 42.37 20.62
CA GLY F 169 -28.74 42.04 19.24
C GLY F 169 -29.76 40.93 19.15
N GLU F 170 -30.22 40.58 17.95
CA GLU F 170 -31.19 39.51 17.82
C GLU F 170 -30.54 38.16 18.08
N SER F 171 -31.36 37.12 18.14
CA SER F 171 -30.84 35.78 18.37
C SER F 171 -30.06 35.31 17.14
N GLY F 172 -28.85 34.82 17.37
CA GLY F 172 -28.01 34.37 16.28
C GLY F 172 -27.15 35.43 15.64
N LYS F 173 -27.06 36.60 16.26
CA LYS F 173 -26.30 37.71 15.71
C LYS F 173 -24.79 37.59 15.88
N GLY F 174 -24.34 36.68 16.74
CA GLY F 174 -22.91 36.49 16.97
C GLY F 174 -22.35 37.06 18.26
N LYS F 175 -23.23 37.39 19.21
CA LYS F 175 -22.81 37.98 20.48
C LYS F 175 -21.95 37.08 21.39
N SER F 176 -22.39 35.83 21.57
CA SER F 176 -21.68 34.89 22.43
C SER F 176 -20.27 34.64 21.90
N THR F 177 -20.19 34.37 20.60
CA THR F 177 -18.92 34.19 19.92
C THR F 177 -18.07 35.45 20.02
N LEU F 178 -18.74 36.60 20.12
CA LEU F 178 -18.04 37.87 20.31
C LEU F 178 -17.37 37.92 21.68
N LEU F 179 -18.08 37.48 22.72
CA LEU F 179 -17.47 37.42 24.06
C LEU F 179 -16.29 36.44 24.08
N GLN F 180 -16.48 35.29 23.44
CA GLN F 180 -15.42 34.29 23.33
C GLN F 180 -14.22 34.88 22.59
N ARG F 181 -14.51 35.71 21.59
CA ARG F 181 -13.51 36.47 20.85
C ARG F 181 -12.73 37.40 21.76
N ILE F 182 -13.43 38.07 22.66
CA ILE F 182 -12.78 38.97 23.62
C ILE F 182 -11.83 38.19 24.53
N ALA F 183 -12.30 37.06 25.04
CA ALA F 183 -11.47 36.23 25.91
C ALA F 183 -10.22 35.74 25.17
N MET F 184 -10.42 35.24 23.96
CA MET F 184 -9.32 34.74 23.15
C MET F 184 -8.32 35.84 22.82
N LEU F 185 -8.82 37.06 22.64
CA LEU F 185 -7.95 38.19 22.37
C LEU F 185 -7.12 38.54 23.61
N TRP F 186 -7.74 38.45 24.77
CA TRP F 186 -7.04 38.73 26.02
C TRP F 186 -5.92 37.72 26.24
N ALA F 187 -6.23 36.44 26.01
CA ALA F 187 -5.25 35.37 26.14
C ALA F 187 -4.10 35.56 25.16
N SER F 188 -4.44 35.62 23.87
CA SER F 188 -3.49 35.77 22.78
C SER F 188 -2.50 36.94 22.94
N GLY F 189 -2.92 37.99 23.65
CA GLY F 189 -2.12 39.19 23.79
C GLY F 189 -2.35 40.11 22.61
N GLY F 190 -3.16 39.62 21.68
CA GLY F 190 -3.53 40.32 20.46
C GLY F 190 -3.97 41.76 20.65
N CYS F 191 -4.66 42.05 21.75
CA CYS F 191 -5.24 43.36 21.97
C CYS F 191 -4.65 44.15 23.14
N ARG F 192 -4.24 45.38 22.84
CA ARG F 192 -3.71 46.34 23.79
C ARG F 192 -4.76 46.82 24.78
N ALA F 193 -6.00 46.95 24.31
CA ALA F 193 -7.07 47.47 25.15
C ALA F 193 -7.32 46.57 26.36
N LEU F 194 -7.05 45.28 26.20
CA LEU F 194 -7.30 44.29 27.24
C LEU F 194 -6.08 44.05 28.13
N LYS F 195 -4.99 44.79 27.90
CA LYS F 195 -3.74 44.55 28.61
C LYS F 195 -3.82 44.94 30.09
N GLY F 196 -4.84 45.72 30.44
CA GLY F 196 -5.05 46.14 31.82
C GLY F 196 -5.62 45.06 32.72
N PHE F 197 -6.13 43.99 32.10
CA PHE F 197 -6.84 42.96 32.85
C PHE F 197 -5.94 41.83 33.35
N ARG F 198 -5.92 41.66 34.66
CA ARG F 198 -5.16 40.60 35.29
C ARG F 198 -5.84 39.24 35.12
N LEU F 199 -7.17 39.23 35.29
CA LEU F 199 -7.95 38.01 35.11
C LEU F 199 -9.18 38.34 34.28
N VAL F 200 -9.53 37.48 33.35
CA VAL F 200 -10.82 37.60 32.67
C VAL F 200 -11.58 36.28 32.75
N PHE F 201 -12.85 36.39 33.15
CA PHE F 201 -13.69 35.21 33.33
C PHE F 201 -14.81 35.22 32.30
N PHE F 202 -14.97 34.11 31.59
CA PHE F 202 -16.07 33.96 30.65
C PHE F 202 -17.10 33.00 31.25
N ILE F 203 -18.33 33.47 31.39
CA ILE F 203 -19.40 32.65 31.96
C ILE F 203 -20.63 32.62 31.07
N HIS F 204 -21.26 31.45 30.99
CA HIS F 204 -22.58 31.35 30.41
C HIS F 204 -23.58 31.51 31.54
N LEU F 205 -24.37 32.57 31.49
CA LEU F 205 -25.28 32.90 32.58
C LEU F 205 -26.38 31.86 32.72
N ARG F 206 -26.63 31.14 31.63
CA ARG F 206 -27.65 30.09 31.64
C ARG F 206 -27.28 28.97 32.61
N SER F 207 -25.98 28.68 32.73
CA SER F 207 -25.47 27.65 33.63
C SER F 207 -25.00 28.17 34.98
N ALA F 208 -25.32 29.42 35.30
CA ALA F 208 -24.93 30.02 36.58
C ALA F 208 -25.78 29.55 37.76
N ARG F 209 -25.13 28.93 38.74
CA ARG F 209 -25.83 28.42 39.92
C ARG F 209 -25.01 28.74 41.16
N GLY F 210 -25.61 28.61 42.33
CA GLY F 210 -24.92 28.82 43.59
C GLY F 210 -24.44 30.25 43.76
N GLY F 211 -23.13 30.39 43.94
CA GLY F 211 -22.49 31.71 44.06
C GLY F 211 -21.62 31.99 42.86
N LEU F 212 -21.05 33.19 42.82
CA LEU F 212 -20.14 33.58 41.74
C LEU F 212 -18.95 32.62 41.67
N PHE F 213 -18.41 32.33 42.85
CA PHE F 213 -17.26 31.44 42.98
C PHE F 213 -17.57 30.03 42.52
N GLU F 214 -18.71 29.50 42.94
CA GLU F 214 -19.09 28.13 42.55
C GLU F 214 -19.27 28.03 41.05
N THR F 215 -19.83 29.08 40.44
CA THR F 215 -20.02 29.10 39.01
C THR F 215 -18.69 29.13 38.27
N LEU F 216 -17.79 30.02 38.70
CA LEU F 216 -16.46 30.07 38.09
C LEU F 216 -15.70 28.75 38.25
N TYR F 217 -15.79 28.17 39.45
CA TYR F 217 -15.10 26.94 39.78
C TYR F 217 -15.59 25.77 38.93
N ASP F 218 -16.91 25.63 38.86
CA ASP F 218 -17.52 24.52 38.14
C ASP F 218 -17.41 24.66 36.63
N GLN F 219 -17.48 25.89 36.14
CA GLN F 219 -17.40 26.16 34.70
C GLN F 219 -15.98 26.15 34.16
N LEU F 220 -15.08 26.88 34.82
CA LEU F 220 -13.71 27.01 34.33
C LEU F 220 -12.84 25.81 34.67
N LEU F 221 -13.04 25.28 35.87
CA LEU F 221 -12.46 24.01 36.30
C LEU F 221 -10.96 24.13 36.62
N ASN F 222 -10.39 25.27 36.28
CA ASN F 222 -8.95 25.51 36.46
C ASN F 222 -8.60 26.30 37.72
N ILE F 223 -9.59 26.60 38.55
CA ILE F 223 -9.34 27.40 39.75
C ILE F 223 -8.46 26.62 40.71
N PRO F 224 -7.34 27.23 41.12
CA PRO F 224 -6.36 26.58 42.00
C PRO F 224 -6.92 26.18 43.35
N ASP F 225 -6.43 25.07 43.87
CA ASP F 225 -6.91 24.52 45.14
C ASP F 225 -6.50 25.44 46.29
N PHE F 226 -7.18 25.27 47.42
CA PHE F 226 -6.97 26.07 48.63
C PHE F 226 -7.40 27.53 48.53
N ILE F 227 -7.88 27.95 47.36
CA ILE F 227 -8.53 29.25 47.25
C ILE F 227 -10.01 29.06 47.56
N SER F 228 -10.49 29.78 48.55
CA SER F 228 -11.84 29.56 49.04
C SER F 228 -12.75 30.69 48.59
N LYS F 229 -14.04 30.53 48.85
CA LYS F 229 -15.04 31.52 48.48
C LYS F 229 -14.73 32.93 49.05
N PRO F 230 -14.46 33.03 50.37
CA PRO F 230 -14.18 34.38 50.90
C PRO F 230 -12.89 34.93 50.34
N THR F 231 -11.88 34.08 50.22
CA THR F 231 -10.58 34.46 49.68
C THR F 231 -10.71 34.96 48.26
N PHE F 232 -11.57 34.30 47.48
CA PHE F 232 -11.83 34.69 46.11
C PHE F 232 -12.54 36.05 46.06
N LYS F 233 -13.51 36.22 46.96
CA LYS F 233 -14.29 37.46 47.03
C LYS F 233 -13.38 38.67 47.36
N ALA F 234 -12.55 38.50 48.38
CA ALA F 234 -11.58 39.51 48.77
C ALA F 234 -10.57 39.75 47.65
N LEU F 235 -10.24 38.68 46.95
CA LEU F 235 -9.29 38.75 45.83
C LEU F 235 -9.84 39.62 44.71
N LEU F 236 -11.11 39.43 44.38
CA LEU F 236 -11.75 40.21 43.32
C LEU F 236 -11.87 41.68 43.71
N LEU F 237 -12.28 41.90 44.96
CA LEU F 237 -12.41 43.26 45.46
C LEU F 237 -11.07 43.98 45.43
N LYS F 238 -10.02 43.27 45.80
CA LYS F 238 -8.68 43.82 45.85
C LYS F 238 -8.19 44.12 44.42
N LEU F 239 -8.50 43.22 43.48
CA LEU F 239 -8.06 43.41 42.09
C LEU F 239 -8.82 44.49 41.32
N HIS F 240 -10.01 44.87 41.82
CA HIS F 240 -10.71 46.04 41.27
C HIS F 240 -11.05 45.90 39.79
N LYS F 241 -10.48 46.82 39.00
CA LYS F 241 -10.78 46.91 37.58
C LYS F 241 -9.83 46.05 36.75
N GLU F 242 -8.99 45.28 37.43
CA GLU F 242 -8.04 44.41 36.73
C GLU F 242 -8.68 43.07 36.40
N VAL F 243 -9.94 42.89 36.77
CA VAL F 243 -10.66 41.68 36.45
C VAL F 243 -11.86 41.98 35.55
N LEU F 244 -11.96 41.23 34.46
CA LEU F 244 -13.02 41.41 33.50
C LEU F 244 -13.93 40.20 33.45
N PHE F 245 -15.22 40.42 33.64
CA PHE F 245 -16.19 39.35 33.52
C PHE F 245 -16.88 39.45 32.16
N LEU F 246 -16.90 38.36 31.43
CA LEU F 246 -17.68 38.29 30.21
C LEU F 246 -18.85 37.35 30.48
N LEU F 247 -20.04 37.93 30.55
CA LEU F 247 -21.23 37.20 30.93
C LEU F 247 -22.14 37.09 29.73
N ASP F 248 -22.48 35.86 29.38
CA ASP F 248 -23.13 35.58 28.11
C ASP F 248 -24.58 35.16 28.30
N GLY F 249 -25.46 35.79 27.52
CA GLY F 249 -26.85 35.39 27.49
C GLY F 249 -27.65 35.67 28.74
N TYR F 250 -27.71 36.94 29.14
CA TYR F 250 -28.57 37.33 30.26
C TYR F 250 -30.03 36.99 29.97
N ASN F 251 -30.36 36.89 28.68
CA ASN F 251 -31.70 36.49 28.25
C ASN F 251 -31.98 35.02 28.56
N GLU F 252 -30.91 34.24 28.73
CA GLU F 252 -31.01 32.84 29.08
C GLU F 252 -30.82 32.66 30.58
N PHE F 253 -30.67 33.78 31.28
CA PHE F 253 -30.35 33.78 32.71
C PHE F 253 -31.59 34.00 33.57
N HIS F 254 -31.78 33.13 34.55
CA HIS F 254 -32.82 33.33 35.55
C HIS F 254 -32.14 33.77 36.85
N PRO F 255 -32.30 35.05 37.20
CA PRO F 255 -31.57 35.71 38.30
C PRO F 255 -31.78 35.05 39.66
N GLN F 256 -32.87 34.30 39.79
CA GLN F 256 -33.20 33.66 41.05
C GLN F 256 -32.23 32.52 41.38
N ASN F 257 -31.67 31.90 40.34
CA ASN F 257 -30.74 30.78 40.51
C ASN F 257 -29.38 31.19 41.07
N CYS F 258 -28.89 32.35 40.65
CA CYS F 258 -27.62 32.87 41.14
C CYS F 258 -27.70 34.36 41.44
N PRO F 259 -28.14 34.70 42.67
CA PRO F 259 -28.29 36.10 43.09
C PRO F 259 -26.98 36.88 43.10
N GLU F 260 -25.86 36.20 43.31
CA GLU F 260 -24.56 36.88 43.36
C GLU F 260 -24.11 37.45 42.01
N ILE F 261 -24.30 36.70 40.92
CA ILE F 261 -23.96 37.19 39.58
C ILE F 261 -24.92 38.31 39.14
N GLU F 262 -26.20 38.13 39.45
CA GLU F 262 -27.20 39.15 39.19
C GLU F 262 -26.82 40.43 39.91
N ALA F 263 -26.30 40.27 41.13
CA ALA F 263 -25.83 41.41 41.90
C ALA F 263 -24.57 42.00 41.28
N LEU F 264 -23.73 41.14 40.70
CA LEU F 264 -22.51 41.57 40.04
C LEU F 264 -22.84 42.51 38.90
N ILE F 265 -23.90 42.18 38.17
CA ILE F 265 -24.37 43.05 37.09
C ILE F 265 -25.07 44.30 37.60
N LYS F 266 -26.07 44.09 38.45
CA LYS F 266 -26.97 45.17 38.83
C LYS F 266 -26.42 46.10 39.90
N GLU F 267 -25.67 45.56 40.85
CA GLU F 267 -24.93 46.42 41.78
C GLU F 267 -23.45 46.21 41.54
N ASN F 268 -22.82 47.14 40.82
CA ASN F 268 -21.42 46.98 40.46
C ASN F 268 -20.45 47.64 41.45
N HIS F 269 -20.99 48.45 42.36
CA HIS F 269 -20.15 49.15 43.32
C HIS F 269 -19.60 48.20 44.37
N ARG F 270 -20.37 47.18 44.71
CA ARG F 270 -19.95 46.20 45.70
C ARG F 270 -18.80 45.36 45.15
N PHE F 271 -18.92 45.00 43.89
CA PHE F 271 -17.94 44.12 43.24
C PHE F 271 -16.75 44.89 42.68
N LYS F 272 -17.04 46.01 42.01
CA LYS F 272 -16.04 46.93 41.46
C LYS F 272 -15.27 46.39 40.26
N ASN F 273 -15.59 45.17 39.85
CA ASN F 273 -14.99 44.56 38.67
C ASN F 273 -15.63 45.06 37.38
N MET F 274 -14.93 44.89 36.25
CA MET F 274 -15.45 45.33 34.96
C MET F 274 -16.34 44.23 34.40
N VAL F 275 -17.51 44.60 33.89
CA VAL F 275 -18.44 43.61 33.37
C VAL F 275 -18.93 43.90 31.95
N ILE F 276 -18.97 42.86 31.13
CA ILE F 276 -19.60 42.92 29.81
C ILE F 276 -20.69 41.86 29.71
N VAL F 277 -21.91 42.29 29.43
CA VAL F 277 -23.06 41.39 29.41
C VAL F 277 -23.62 41.27 28.00
N THR F 278 -24.10 40.08 27.66
CA THR F 278 -24.68 39.81 26.36
C THR F 278 -26.20 39.62 26.45
N THR F 279 -26.93 40.22 25.52
CA THR F 279 -28.37 40.06 25.54
C THR F 279 -29.06 40.29 24.20
N THR F 280 -30.28 39.78 24.12
CA THR F 280 -31.13 40.05 22.97
C THR F 280 -31.74 41.42 23.14
N THR F 281 -32.12 42.05 22.04
CA THR F 281 -32.73 43.36 22.10
C THR F 281 -34.01 43.22 22.89
N GLU F 282 -34.69 42.10 22.66
CA GLU F 282 -35.99 41.80 23.23
C GLU F 282 -35.95 41.88 24.75
N CYS F 283 -34.85 41.37 25.32
CA CYS F 283 -34.68 41.36 26.77
C CYS F 283 -33.83 42.50 27.31
N LEU F 284 -33.36 43.39 26.44
CA LEU F 284 -32.40 44.42 26.88
C LEU F 284 -33.00 45.30 27.97
N ARG F 285 -34.33 45.43 27.94
CA ARG F 285 -35.09 46.19 28.91
C ARG F 285 -34.77 45.75 30.34
N HIS F 286 -34.48 44.47 30.52
CA HIS F 286 -34.16 43.96 31.83
C HIS F 286 -32.87 44.57 32.41
N ILE F 287 -31.83 44.71 31.59
CA ILE F 287 -30.57 45.29 32.09
C ILE F 287 -30.27 46.75 31.75
N ARG F 288 -31.16 47.39 30.99
CA ARG F 288 -30.82 48.67 30.34
C ARG F 288 -30.36 49.75 31.32
N HIS F 289 -31.10 49.86 32.41
CA HIS F 289 -30.85 50.86 33.43
C HIS F 289 -29.48 50.74 34.08
N VAL F 290 -28.93 49.53 34.16
CA VAL F 290 -27.65 49.36 34.85
C VAL F 290 -26.43 49.73 33.99
N GLY F 291 -26.54 49.56 32.67
CA GLY F 291 -25.40 49.69 31.78
C GLY F 291 -24.90 51.10 31.53
N ALA F 292 -23.58 51.28 31.60
CA ALA F 292 -22.96 52.58 31.33
C ALA F 292 -22.51 52.73 29.88
N LEU F 293 -22.53 51.64 29.13
CA LEU F 293 -22.21 51.67 27.71
C LEU F 293 -23.08 50.61 27.05
N THR F 294 -23.61 50.90 25.87
CA THR F 294 -24.39 49.92 25.13
C THR F 294 -24.05 49.91 23.65
N ALA F 295 -23.74 48.71 23.14
CA ALA F 295 -23.43 48.55 21.73
C ALA F 295 -24.29 47.42 21.16
N GLU F 296 -24.62 47.52 19.87
CA GLU F 296 -25.44 46.53 19.21
C GLU F 296 -24.65 45.86 18.11
N VAL F 297 -24.81 44.54 17.98
CA VAL F 297 -24.19 43.81 16.89
C VAL F 297 -25.06 43.99 15.65
N GLY F 298 -24.46 44.53 14.59
CA GLY F 298 -25.19 44.86 13.38
C GLY F 298 -25.44 43.64 12.51
N ASP F 299 -26.09 43.87 11.38
CA ASP F 299 -26.35 42.82 10.42
C ASP F 299 -25.04 42.38 9.79
N MET F 300 -25.01 41.17 9.24
CA MET F 300 -23.80 40.64 8.64
C MET F 300 -23.74 41.04 7.18
N THR F 301 -22.61 41.63 6.78
CA THR F 301 -22.45 42.10 5.42
C THR F 301 -22.36 40.90 4.48
N GLU F 302 -22.76 41.11 3.24
CA GLU F 302 -22.86 40.04 2.27
C GLU F 302 -21.50 39.39 2.04
N ASP F 303 -20.45 40.20 2.10
CA ASP F 303 -19.09 39.70 1.91
C ASP F 303 -18.73 38.76 3.06
N SER F 304 -19.09 39.15 4.27
CA SER F 304 -18.80 38.34 5.45
C SER F 304 -19.59 37.02 5.43
N ALA F 305 -20.83 37.10 4.97
CA ALA F 305 -21.68 35.91 4.85
C ALA F 305 -21.10 34.93 3.84
N LYS F 306 -20.69 35.44 2.68
CA LYS F 306 -20.07 34.59 1.67
C LYS F 306 -18.72 34.05 2.16
N ASP F 307 -18.02 34.83 2.98
CA ASP F 307 -16.76 34.39 3.54
C ASP F 307 -16.97 33.20 4.47
N LEU F 308 -18.00 33.30 5.31
CA LEU F 308 -18.32 32.21 6.21
C LEU F 308 -18.75 30.97 5.42
N ILE F 309 -19.61 31.17 4.43
CA ILE F 309 -20.08 30.06 3.60
C ILE F 309 -18.90 29.36 2.94
N GLU F 310 -17.99 30.15 2.37
CA GLU F 310 -16.80 29.62 1.73
C GLU F 310 -15.95 28.86 2.74
N ALA F 311 -15.97 29.32 3.99
CA ALA F 311 -15.21 28.66 5.05
C ALA F 311 -15.77 27.29 5.43
N VAL F 312 -17.09 27.19 5.58
CA VAL F 312 -17.68 25.95 6.10
C VAL F 312 -18.19 25.00 5.02
N LEU F 313 -18.04 25.37 3.75
CA LEU F 313 -18.65 24.60 2.66
C LEU F 313 -17.67 24.32 1.53
N VAL F 314 -17.90 23.22 0.81
CA VAL F 314 -17.10 22.88 -0.37
C VAL F 314 -17.51 23.80 -1.52
N PRO F 315 -16.54 24.17 -2.38
CA PRO F 315 -16.70 25.22 -3.40
C PRO F 315 -17.90 25.05 -4.33
N ASP F 316 -18.18 23.82 -4.76
CA ASP F 316 -19.33 23.56 -5.62
C ASP F 316 -20.61 23.94 -4.89
N GLN F 317 -20.71 23.51 -3.64
CA GLN F 317 -21.87 23.77 -2.81
C GLN F 317 -21.92 25.25 -2.44
N VAL F 318 -20.74 25.86 -2.38
CA VAL F 318 -20.64 27.30 -2.16
C VAL F 318 -21.29 28.06 -3.31
N GLU F 319 -21.00 27.65 -4.54
CA GLU F 319 -21.55 28.32 -5.70
C GLU F 319 -23.04 28.05 -5.89
N ARG F 320 -23.47 26.82 -5.62
CA ARG F 320 -24.89 26.49 -5.67
C ARG F 320 -25.66 27.36 -4.67
N LEU F 321 -25.19 27.34 -3.43
CA LEU F 321 -25.86 28.06 -2.35
C LEU F 321 -25.84 29.56 -2.60
N TRP F 322 -24.71 30.09 -3.06
CA TRP F 322 -24.61 31.52 -3.32
C TRP F 322 -25.53 31.95 -4.46
N ALA F 323 -25.66 31.09 -5.47
CA ALA F 323 -26.58 31.36 -6.57
C ALA F 323 -28.01 31.43 -6.03
N GLN F 324 -28.37 30.46 -5.21
CA GLN F 324 -29.70 30.43 -4.60
C GLN F 324 -29.95 31.67 -3.74
N ILE F 325 -28.89 32.15 -3.08
CA ILE F 325 -28.96 33.31 -2.21
C ILE F 325 -29.18 34.58 -3.01
N GLN F 326 -28.41 34.73 -4.08
CA GLN F 326 -28.50 35.94 -4.91
C GLN F 326 -29.80 35.96 -5.70
N GLU F 327 -30.41 34.79 -5.87
CA GLU F 327 -31.70 34.73 -6.54
C GLU F 327 -32.90 35.10 -5.65
N SER F 328 -32.79 34.87 -4.35
CA SER F 328 -33.89 35.17 -3.42
C SER F 328 -33.59 36.35 -2.49
N ARG F 329 -34.54 37.25 -2.38
CA ARG F 329 -34.39 38.42 -1.51
C ARG F 329 -34.59 38.06 -0.05
N CYS F 330 -35.51 37.14 0.21
CA CYS F 330 -35.81 36.70 1.57
C CYS F 330 -34.62 35.96 2.19
N LEU F 331 -34.01 35.07 1.40
CA LEU F 331 -32.84 34.34 1.84
C LEU F 331 -31.69 35.30 2.11
N ARG F 332 -31.58 36.30 1.25
CA ARG F 332 -30.56 37.32 1.35
C ARG F 332 -30.74 38.09 2.66
N ASN F 333 -31.99 38.37 3.01
CA ASN F 333 -32.30 39.05 4.26
C ASN F 333 -31.96 38.15 5.45
N LEU F 334 -32.21 36.85 5.30
CA LEU F 334 -31.86 35.87 6.32
C LEU F 334 -30.35 35.73 6.48
N MET F 335 -29.61 36.21 5.48
CA MET F 335 -28.17 36.08 5.49
C MET F 335 -27.50 37.20 6.28
N LYS F 336 -28.31 38.10 6.85
CA LYS F 336 -27.77 39.16 7.70
C LYS F 336 -27.41 38.65 9.10
N THR F 337 -27.92 37.48 9.45
CA THR F 337 -27.58 36.83 10.73
C THR F 337 -26.74 35.58 10.51
N PRO F 338 -25.56 35.53 11.14
CA PRO F 338 -24.58 34.46 10.93
C PRO F 338 -25.12 33.06 11.25
N LEU F 339 -25.96 32.94 12.27
CA LEU F 339 -26.52 31.64 12.66
C LEU F 339 -27.35 31.06 11.52
N PHE F 340 -28.20 31.88 10.91
CA PHE F 340 -29.02 31.40 9.81
C PHE F 340 -28.15 31.01 8.62
N VAL F 341 -27.03 31.72 8.47
CA VAL F 341 -26.07 31.37 7.43
C VAL F 341 -25.50 29.98 7.67
N VAL F 342 -25.12 29.70 8.91
CA VAL F 342 -24.59 28.38 9.27
C VAL F 342 -25.64 27.29 9.03
N ILE F 343 -26.88 27.58 9.42
CA ILE F 343 -27.97 26.63 9.24
C ILE F 343 -28.23 26.34 7.76
N THR F 344 -28.23 27.38 6.93
CA THR F 344 -28.42 27.19 5.50
C THR F 344 -27.25 26.43 4.89
N CYS F 345 -26.07 26.62 5.47
CA CYS F 345 -24.90 25.87 5.05
C CYS F 345 -25.12 24.40 5.33
N ALA F 346 -25.67 24.10 6.50
CA ALA F 346 -26.02 22.74 6.87
C ALA F 346 -27.08 22.15 5.95
N ILE F 347 -28.06 22.98 5.58
CA ILE F 347 -29.12 22.57 4.66
C ILE F 347 -28.58 22.22 3.28
N GLN F 348 -27.68 23.04 2.76
CA GLN F 348 -27.09 22.77 1.45
C GLN F 348 -26.37 21.43 1.48
N MET F 349 -25.78 21.11 2.63
CA MET F 349 -25.23 19.79 2.86
C MET F 349 -26.37 18.77 2.89
N GLY F 350 -26.28 17.74 2.06
CA GLY F 350 -27.27 16.68 2.08
C GLY F 350 -28.49 16.90 1.22
N ARG F 351 -28.83 18.17 0.99
CA ARG F 351 -30.06 18.51 0.29
C ARG F 351 -29.75 19.27 -0.99
N GLN F 352 -30.46 18.95 -2.06
CA GLN F 352 -30.20 19.55 -3.36
C GLN F 352 -30.75 20.97 -3.46
N GLU F 353 -32.07 21.09 -3.32
CA GLU F 353 -32.75 22.37 -3.44
C GLU F 353 -33.65 22.63 -2.25
N PHE F 354 -33.69 23.89 -1.79
CA PHE F 354 -34.57 24.25 -0.69
C PHE F 354 -35.11 25.65 -0.89
N GLN F 355 -36.20 25.96 -0.20
CA GLN F 355 -36.82 27.28 -0.31
C GLN F 355 -37.22 27.79 1.07
N ALA F 356 -36.65 28.93 1.48
CA ALA F 356 -37.08 29.53 2.73
C ALA F 356 -37.30 31.02 2.60
N HIS F 357 -38.57 31.43 2.74
CA HIS F 357 -38.92 32.84 2.72
C HIS F 357 -38.80 33.47 4.11
N THR F 358 -39.08 32.66 5.14
CA THR F 358 -39.02 33.13 6.52
C THR F 358 -38.05 32.27 7.32
N GLN F 359 -37.58 32.82 8.43
CA GLN F 359 -36.67 32.11 9.34
C GLN F 359 -37.30 30.85 9.93
N THR F 360 -38.62 30.89 10.10
CA THR F 360 -39.36 29.73 10.59
C THR F 360 -39.32 28.60 9.56
N MET F 361 -39.35 28.95 8.29
CA MET F 361 -39.30 27.95 7.24
C MET F 361 -37.89 27.39 7.08
N LEU F 362 -36.91 28.20 7.45
CA LEU F 362 -35.52 27.77 7.48
C LEU F 362 -35.34 26.71 8.55
N PHE F 363 -35.78 27.05 9.76
CA PHE F 363 -35.71 26.14 10.90
C PHE F 363 -36.51 24.87 10.62
N GLN F 364 -37.62 25.02 9.90
CA GLN F 364 -38.45 23.88 9.54
C GLN F 364 -37.74 22.96 8.56
N THR F 365 -37.07 23.54 7.57
CA THR F 365 -36.31 22.77 6.61
C THR F 365 -35.18 22.01 7.31
N PHE F 366 -34.50 22.70 8.23
CA PHE F 366 -33.43 22.06 8.99
C PHE F 366 -33.93 20.89 9.84
N TYR F 367 -35.04 21.11 10.55
CA TYR F 367 -35.64 20.10 11.42
C TYR F 367 -36.02 18.87 10.58
N ASP F 368 -36.73 19.12 9.50
CA ASP F 368 -37.19 18.07 8.59
C ASP F 368 -36.00 17.30 8.03
N LEU F 369 -34.93 18.01 7.71
CA LEU F 369 -33.72 17.37 7.22
C LEU F 369 -33.10 16.47 8.27
N LEU F 370 -33.06 16.96 9.51
CA LEU F 370 -32.49 16.21 10.62
C LEU F 370 -33.23 14.90 10.82
N ILE F 371 -34.55 14.97 10.90
CA ILE F 371 -35.32 13.74 11.08
C ILE F 371 -35.19 12.83 9.87
N GLN F 372 -35.21 13.41 8.66
CA GLN F 372 -35.15 12.62 7.43
C GLN F 372 -33.86 11.80 7.32
N LYS F 373 -32.72 12.44 7.50
CA LYS F 373 -31.44 11.74 7.38
C LYS F 373 -31.11 10.86 8.60
N ASN F 374 -31.47 11.32 9.81
CA ASN F 374 -31.08 10.57 11.01
C ASN F 374 -32.12 9.56 11.47
N SER F 375 -33.20 9.39 10.71
CA SER F 375 -34.28 8.48 11.08
C SER F 375 -33.85 7.02 11.26
N HIS F 376 -32.93 6.56 10.43
CA HIS F 376 -32.54 5.14 10.40
C HIS F 376 -31.82 4.65 11.67
N ARG F 377 -31.22 5.57 12.42
CA ARG F 377 -30.44 5.21 13.61
C ARG F 377 -31.27 4.72 14.80
N TYR F 378 -32.58 4.91 14.75
CA TYR F 378 -33.44 4.60 15.88
C TYR F 378 -33.61 3.09 16.10
N ARG F 379 -34.03 2.38 15.06
CA ARG F 379 -34.18 0.92 15.10
C ARG F 379 -34.82 0.38 16.39
N ASP F 385 -43.85 5.23 18.42
CA ASP F 385 -42.85 5.56 19.41
C ASP F 385 -41.99 6.73 18.94
N PHE F 386 -41.73 6.77 17.65
CA PHE F 386 -40.97 7.84 17.02
C PHE F 386 -41.69 9.17 17.22
N ALA F 387 -42.99 9.15 16.93
CA ALA F 387 -43.84 10.32 17.05
C ALA F 387 -43.92 10.80 18.50
N ARG F 388 -43.97 9.84 19.42
CA ARG F 388 -44.01 10.17 20.83
C ARG F 388 -42.70 10.80 21.29
N SER F 389 -41.60 10.39 20.67
CA SER F 389 -40.31 10.99 20.96
C SER F 389 -40.24 12.43 20.45
N LEU F 390 -40.73 12.65 19.23
CA LEU F 390 -40.73 14.00 18.67
C LEU F 390 -41.66 14.94 19.46
N ASP F 391 -42.81 14.42 19.86
CA ASP F 391 -43.75 15.14 20.70
C ASP F 391 -43.11 15.46 22.04
N TYR F 392 -42.34 14.50 22.55
CA TYR F 392 -41.59 14.71 23.79
C TYR F 392 -40.61 15.86 23.62
N CYS F 393 -39.97 15.91 22.46
CA CYS F 393 -39.04 16.99 22.16
C CYS F 393 -39.76 18.34 22.18
N GLY F 394 -40.89 18.40 21.50
CA GLY F 394 -41.67 19.62 21.43
C GLY F 394 -42.15 20.12 22.78
N ASP F 395 -42.66 19.20 23.60
CA ASP F 395 -43.08 19.51 24.95
C ASP F 395 -41.90 19.95 25.81
N LEU F 396 -40.76 19.30 25.60
CA LEU F 396 -39.53 19.66 26.31
C LEU F 396 -39.18 21.10 26.04
N ALA F 397 -39.20 21.47 24.77
CA ALA F 397 -38.89 22.84 24.36
C ALA F 397 -39.90 23.83 24.94
N LEU F 398 -41.17 23.48 24.89
CA LEU F 398 -42.24 24.35 25.39
C LEU F 398 -42.12 24.62 26.90
N GLU F 399 -42.11 23.54 27.67
CA GLU F 399 -42.01 23.61 29.12
C GLU F 399 -40.69 24.27 29.52
N GLY F 400 -39.66 24.03 28.74
CA GLY F 400 -38.37 24.67 28.95
C GLY F 400 -38.47 26.17 28.80
N VAL F 401 -39.11 26.62 27.73
CA VAL F 401 -39.28 28.05 27.47
C VAL F 401 -40.07 28.72 28.59
N PHE F 402 -41.18 28.10 28.98
CA PHE F 402 -42.02 28.68 30.03
C PHE F 402 -41.38 28.66 31.41
N ALA F 403 -40.55 27.66 31.67
CA ALA F 403 -39.84 27.55 32.94
C ALA F 403 -38.49 28.25 32.90
N HIS F 404 -38.15 28.79 31.72
CA HIS F 404 -36.86 29.46 31.50
C HIS F 404 -35.70 28.47 31.64
N LYS F 405 -35.93 27.22 31.26
CA LYS F 405 -34.91 26.19 31.37
C LYS F 405 -34.46 25.75 29.98
N PHE F 406 -33.25 26.14 29.61
CA PHE F 406 -32.70 25.81 28.30
C PHE F 406 -31.69 24.67 28.32
N ASP F 407 -31.41 24.15 29.52
CA ASP F 407 -30.57 22.97 29.68
C ASP F 407 -31.36 21.90 30.42
N PHE F 408 -31.20 20.66 29.99
CA PHE F 408 -31.97 19.57 30.57
C PHE F 408 -31.08 18.45 31.07
N GLU F 409 -31.06 18.27 32.39
CA GLU F 409 -30.32 17.18 33.00
C GLU F 409 -31.26 16.34 33.86
N PRO F 410 -31.76 15.25 33.28
CA PRO F 410 -32.62 14.31 34.02
C PRO F 410 -31.78 13.46 34.95
N GLU F 411 -32.44 12.81 35.90
CA GLU F 411 -31.76 11.93 36.85
C GLU F 411 -31.15 10.75 36.11
N HIS F 412 -30.18 10.09 36.73
CA HIS F 412 -29.40 9.08 36.04
C HIS F 412 -30.28 7.87 35.74
N GLY F 413 -31.41 7.81 36.42
CA GLY F 413 -32.32 6.67 36.30
C GLY F 413 -32.88 6.61 34.89
N SER F 414 -33.62 7.64 34.49
CA SER F 414 -34.22 7.60 33.16
C SER F 414 -33.83 8.82 32.30
N SER F 415 -32.87 8.60 31.41
CA SER F 415 -32.43 9.59 30.44
C SER F 415 -33.03 9.29 29.08
N MET F 416 -33.89 8.27 29.05
CA MET F 416 -34.22 7.54 27.82
C MET F 416 -34.71 8.37 26.64
N ASN F 417 -35.69 9.24 26.87
CA ASN F 417 -36.26 10.05 25.80
C ASN F 417 -35.24 11.01 25.20
N GLU F 418 -34.41 11.58 26.09
CA GLU F 418 -33.41 12.55 25.70
C GLU F 418 -32.37 11.84 24.86
N ASP F 419 -32.04 10.61 25.26
CA ASP F 419 -31.06 9.78 24.57
C ASP F 419 -31.55 9.46 23.16
N VAL F 420 -32.83 9.10 23.06
CA VAL F 420 -33.45 8.84 21.76
C VAL F 420 -33.38 10.09 20.89
N LEU F 421 -33.64 11.24 21.49
CA LEU F 421 -33.61 12.50 20.74
C LEU F 421 -32.19 12.89 20.31
N VAL F 422 -31.19 12.45 21.06
CA VAL F 422 -29.80 12.63 20.63
C VAL F 422 -29.51 11.73 19.45
N THR F 423 -30.07 10.52 19.48
CA THR F 423 -29.92 9.59 18.37
C THR F 423 -30.53 10.16 17.09
N ILE F 424 -31.70 10.79 17.23
CA ILE F 424 -32.34 11.46 16.09
C ILE F 424 -31.60 12.75 15.71
N GLY F 425 -31.01 13.41 16.69
CA GLY F 425 -30.23 14.60 16.42
C GLY F 425 -30.92 15.92 16.75
N LEU F 426 -32.09 15.83 17.38
CA LEU F 426 -32.79 17.03 17.82
C LEU F 426 -32.10 17.70 19.02
N LEU F 427 -31.47 16.89 19.86
CA LEU F 427 -30.70 17.42 20.98
C LEU F 427 -29.22 17.03 20.94
N CYS F 428 -28.45 17.79 21.70
CA CYS F 428 -27.01 17.58 21.83
C CYS F 428 -26.80 17.22 23.28
N LYS F 429 -25.92 16.27 23.54
CA LYS F 429 -25.63 15.91 24.93
C LYS F 429 -24.19 16.29 25.20
N TYR F 430 -23.99 17.19 26.17
CA TYR F 430 -22.68 17.80 26.39
C TYR F 430 -21.64 17.07 27.23
N THR F 431 -20.46 17.02 26.61
CA THR F 431 -19.24 16.35 27.05
C THR F 431 -18.44 16.97 28.19
N ALA F 432 -17.17 16.54 28.23
CA ALA F 432 -16.17 16.81 29.26
C ALA F 432 -16.57 16.11 30.55
N GLN F 433 -16.42 16.79 31.68
CA GLN F 433 -16.80 16.18 32.94
C GLN F 433 -17.96 16.94 33.58
N ARG F 434 -19.15 16.37 33.47
CA ARG F 434 -20.34 17.00 34.00
C ARG F 434 -20.86 16.11 35.14
N LEU F 435 -21.57 16.71 36.09
CA LEU F 435 -22.03 15.98 37.26
C LEU F 435 -22.96 14.85 36.82
N LYS F 436 -23.89 15.18 35.91
CA LYS F 436 -24.74 14.18 35.27
C LYS F 436 -24.80 14.51 33.78
N PRO F 437 -25.24 13.56 32.94
CA PRO F 437 -25.43 13.89 31.53
C PRO F 437 -26.46 15.01 31.34
N THR F 438 -26.10 15.97 30.51
CA THR F 438 -26.92 17.16 30.28
C THR F 438 -27.23 17.29 28.78
N TYR F 439 -28.46 17.72 28.48
CA TYR F 439 -28.86 17.81 27.08
C TYR F 439 -29.30 19.24 26.80
N LYS F 440 -29.16 19.65 25.54
CA LYS F 440 -29.44 21.02 25.16
C LYS F 440 -29.76 21.09 23.66
N PHE F 441 -30.44 22.15 23.23
CA PHE F 441 -30.59 22.41 21.80
C PHE F 441 -29.39 23.25 21.35
N PHE F 442 -28.94 23.05 20.12
CA PHE F 442 -27.68 23.67 19.66
C PHE F 442 -27.68 25.20 19.81
N HIS F 443 -28.86 25.79 19.75
CA HIS F 443 -29.02 27.21 20.02
C HIS F 443 -30.36 27.42 20.68
N LYS F 444 -30.52 28.55 21.37
CA LYS F 444 -31.78 28.87 22.01
C LYS F 444 -32.88 28.97 20.96
N SER F 445 -32.54 29.52 19.80
CA SER F 445 -33.49 29.71 18.71
C SER F 445 -34.09 28.40 18.21
N PHE F 446 -33.31 27.32 18.29
CA PHE F 446 -33.83 26.01 17.89
C PHE F 446 -34.83 25.45 18.90
N GLN F 447 -34.60 25.71 20.18
CA GLN F 447 -35.54 25.32 21.21
C GLN F 447 -36.83 26.12 21.04
N GLU F 448 -36.66 27.41 20.77
CA GLU F 448 -37.78 28.30 20.53
C GLU F 448 -38.59 27.88 19.31
N TYR F 449 -37.91 27.48 18.25
CA TYR F 449 -38.58 26.99 17.06
C TYR F 449 -39.32 25.68 17.33
N THR F 450 -38.65 24.74 17.98
CA THR F 450 -39.25 23.44 18.24
C THR F 450 -40.50 23.62 19.11
N ALA F 451 -40.41 24.54 20.06
CA ALA F 451 -41.52 24.89 20.93
C ALA F 451 -42.66 25.53 20.14
N GLY F 452 -42.31 26.37 19.16
CA GLY F 452 -43.31 27.00 18.32
C GLY F 452 -44.02 26.00 17.42
N ARG F 453 -43.25 25.07 16.88
CA ARG F 453 -43.75 23.99 16.05
C ARG F 453 -44.73 23.16 16.87
N ARG F 454 -44.34 22.88 18.11
CA ARG F 454 -45.18 22.12 19.02
C ARG F 454 -46.46 22.85 19.37
N LEU F 455 -46.35 24.14 19.66
CA LEU F 455 -47.49 24.95 20.06
C LEU F 455 -48.50 25.04 18.92
N SER F 456 -47.99 25.30 17.71
CA SER F 456 -48.83 25.36 16.53
C SER F 456 -49.48 24.02 16.27
N SER F 457 -48.71 22.96 16.42
CA SER F 457 -49.22 21.61 16.18
C SER F 457 -50.33 21.27 17.17
N LEU F 458 -50.23 21.80 18.39
CA LEU F 458 -51.26 21.60 19.39
C LEU F 458 -52.51 22.42 19.07
N LEU F 459 -52.31 23.68 18.70
CA LEU F 459 -53.43 24.57 18.40
C LEU F 459 -54.19 24.11 17.15
N THR F 460 -53.46 23.57 16.18
CA THR F 460 -54.06 23.08 14.94
C THR F 460 -54.42 21.60 15.00
N SER F 461 -54.39 21.00 16.19
CA SER F 461 -54.61 19.57 16.30
C SER F 461 -56.10 19.27 16.26
N LYS F 462 -56.45 18.07 15.82
CA LYS F 462 -57.85 17.68 15.71
C LYS F 462 -58.35 16.96 16.95
N GLU F 463 -57.49 16.85 17.95
CA GLU F 463 -57.87 16.25 19.22
C GLU F 463 -58.06 17.35 20.25
N PRO F 464 -59.28 17.44 20.82
CA PRO F 464 -59.67 18.49 21.76
C PRO F 464 -58.75 18.64 22.98
N GLU F 465 -58.16 17.54 23.43
CA GLU F 465 -57.23 17.60 24.55
C GLU F 465 -55.98 18.38 24.22
N GLU F 466 -55.42 18.12 23.03
CA GLU F 466 -54.22 18.81 22.59
C GLU F 466 -54.44 20.30 22.32
N VAL F 467 -55.57 20.63 21.68
CA VAL F 467 -55.88 22.03 21.43
C VAL F 467 -56.16 22.75 22.75
N SER F 468 -56.79 22.06 23.70
CA SER F 468 -57.04 22.64 25.01
C SER F 468 -55.72 22.93 25.71
N LYS F 469 -54.75 22.02 25.54
CA LYS F 469 -53.41 22.20 26.11
C LYS F 469 -52.69 23.39 25.48
N GLY F 470 -52.82 23.51 24.16
CA GLY F 470 -52.22 24.62 23.44
C GLY F 470 -52.80 25.93 23.91
N ASN F 471 -54.11 25.96 24.09
CA ASN F 471 -54.79 27.15 24.60
C ASN F 471 -54.41 27.45 26.04
N SER F 472 -54.06 26.42 26.81
CA SER F 472 -53.54 26.63 28.16
C SER F 472 -52.21 27.36 28.07
N TYR F 473 -51.37 26.90 27.15
CA TYR F 473 -50.07 27.55 26.92
C TYR F 473 -50.23 29.00 26.50
N LEU F 474 -51.18 29.27 25.61
CA LEU F 474 -51.46 30.64 25.19
C LEU F 474 -51.97 31.46 26.37
N ASN F 475 -52.78 30.83 27.21
CA ASN F 475 -53.38 31.51 28.36
C ASN F 475 -52.36 31.79 29.44
N LYS F 476 -51.19 31.16 29.36
CA LYS F 476 -50.12 31.46 30.31
C LYS F 476 -49.45 32.81 30.01
N MET F 477 -49.80 33.41 28.88
CA MET F 477 -49.23 34.71 28.51
C MET F 477 -50.22 35.83 28.79
N VAL F 478 -49.95 36.58 29.85
CA VAL F 478 -50.86 37.64 30.30
C VAL F 478 -50.43 39.07 29.93
N SER F 479 -49.24 39.46 30.37
CA SER F 479 -48.80 40.85 30.25
C SER F 479 -47.89 41.03 29.04
N ILE F 480 -48.02 42.19 28.38
CA ILE F 480 -47.29 42.47 27.16
C ILE F 480 -45.77 42.49 27.33
N SER F 481 -45.30 42.84 28.53
CA SER F 481 -43.87 42.84 28.82
C SER F 481 -43.31 41.44 28.64
N ASP F 482 -43.97 40.47 29.27
CA ASP F 482 -43.59 39.07 29.20
C ASP F 482 -43.68 38.56 27.77
N ILE F 483 -44.73 39.00 27.07
CA ILE F 483 -44.96 38.57 25.69
C ILE F 483 -43.85 39.03 24.75
N THR F 484 -43.53 40.32 24.80
CA THR F 484 -42.46 40.86 23.96
C THR F 484 -41.08 40.35 24.34
N SER F 485 -40.83 40.18 25.63
CA SER F 485 -39.51 39.76 26.08
C SER F 485 -39.34 38.25 26.06
N LEU F 486 -40.08 37.55 26.90
CA LEU F 486 -39.94 36.10 27.04
C LEU F 486 -40.49 35.29 25.85
N TYR F 487 -41.73 35.57 25.48
CA TYR F 487 -42.46 34.72 24.54
C TYR F 487 -42.46 35.16 23.07
N GLY F 488 -41.73 36.22 22.74
CA GLY F 488 -41.76 36.77 21.40
C GLY F 488 -41.39 35.81 20.29
N ASN F 489 -40.30 35.07 20.50
CA ASN F 489 -39.82 34.12 19.50
C ASN F 489 -40.71 32.89 19.41
N LEU F 490 -41.27 32.50 20.56
CA LEU F 490 -42.18 31.36 20.61
C LEU F 490 -43.37 31.63 19.71
N LEU F 491 -43.89 32.85 19.78
CA LEU F 491 -45.03 33.25 18.97
C LEU F 491 -44.59 33.51 17.53
N LEU F 492 -43.32 33.86 17.35
CA LEU F 492 -42.78 34.06 16.01
C LEU F 492 -42.85 32.74 15.23
N TYR F 493 -42.34 31.68 15.85
CA TYR F 493 -42.33 30.38 15.20
C TYR F 493 -43.71 29.71 15.18
N THR F 494 -44.51 29.97 16.22
CA THR F 494 -45.87 29.47 16.26
C THR F 494 -46.69 30.03 15.10
N CYS F 495 -46.63 31.34 14.92
CA CYS F 495 -47.33 31.98 13.82
C CYS F 495 -46.72 31.57 12.48
N GLY F 496 -45.40 31.42 12.47
CA GLY F 496 -44.69 31.04 11.26
C GLY F 496 -45.06 29.66 10.75
N SER F 497 -45.43 28.78 11.66
CA SER F 497 -45.76 27.39 11.30
C SER F 497 -47.11 27.20 10.61
N SER F 498 -48.15 27.87 11.11
CA SER F 498 -49.50 27.65 10.59
C SER F 498 -50.39 28.89 10.60
N THR F 499 -51.38 28.90 9.71
CA THR F 499 -52.31 30.02 9.58
C THR F 499 -53.39 30.02 10.66
N GLU F 500 -53.95 28.84 10.95
CA GLU F 500 -54.94 28.74 12.00
C GLU F 500 -54.28 29.06 13.34
N ALA F 501 -53.02 28.68 13.47
CA ALA F 501 -52.26 28.93 14.69
C ALA F 501 -51.97 30.41 14.89
N THR F 502 -51.57 31.10 13.82
CA THR F 502 -51.34 32.55 13.92
C THR F 502 -52.65 33.27 14.19
N ARG F 503 -53.75 32.74 13.66
CA ARG F 503 -55.06 33.29 13.95
C ARG F 503 -55.38 33.15 15.44
N ALA F 504 -55.09 32.00 16.01
CA ALA F 504 -55.31 31.77 17.44
C ALA F 504 -54.46 32.71 18.27
N VAL F 505 -53.21 32.88 17.86
CA VAL F 505 -52.28 33.75 18.56
C VAL F 505 -52.75 35.19 18.54
N MET F 506 -53.19 35.68 17.39
CA MET F 506 -53.66 37.06 17.29
C MET F 506 -54.96 37.25 18.06
N ARG F 507 -55.78 36.20 18.09
CA ARG F 507 -56.99 36.20 18.89
C ARG F 507 -56.69 36.37 20.36
N HIS F 508 -55.62 35.72 20.82
CA HIS F 508 -55.23 35.85 22.22
C HIS F 508 -54.62 37.21 22.48
N LEU F 509 -53.74 37.65 21.59
CA LEU F 509 -53.01 38.91 21.77
C LEU F 509 -53.93 40.11 21.71
N ALA F 510 -55.06 39.98 21.02
CA ALA F 510 -56.02 41.07 20.93
C ALA F 510 -56.72 41.31 22.27
N MET F 511 -56.65 40.33 23.16
CA MET F 511 -57.35 40.36 24.44
C MET F 511 -56.51 40.80 25.65
N VAL F 512 -55.24 41.15 25.43
CA VAL F 512 -54.34 41.41 26.57
C VAL F 512 -54.33 42.88 26.98
N TYR F 513 -54.84 43.16 28.16
CA TYR F 513 -54.93 44.52 28.68
C TYR F 513 -53.83 44.93 29.66
N GLN F 514 -52.94 44.00 30.01
CA GLN F 514 -51.97 44.24 31.08
C GLN F 514 -50.55 44.49 30.57
N HIS F 515 -49.93 45.54 31.08
CA HIS F 515 -48.58 45.92 30.66
C HIS F 515 -47.46 45.04 31.21
N GLY F 516 -47.56 44.65 32.48
CA GLY F 516 -46.46 43.98 33.15
C GLY F 516 -45.40 44.97 33.62
N SER F 517 -44.13 44.61 33.45
CA SER F 517 -43.05 45.42 33.99
C SER F 517 -42.66 46.56 33.05
N LEU F 518 -42.73 47.78 33.57
CA LEU F 518 -42.38 48.99 32.82
C LEU F 518 -40.95 49.45 33.05
N GLN F 519 -40.16 48.63 33.76
CA GLN F 519 -38.85 49.03 34.24
C GLN F 519 -37.94 49.60 33.17
N GLY F 520 -37.41 48.78 32.30
CA GLY F 520 -36.30 49.22 31.48
C GLY F 520 -36.64 50.01 30.26
N LEU F 521 -37.81 50.60 30.23
CA LEU F 521 -38.32 51.14 28.99
C LEU F 521 -37.71 52.46 28.58
N SER F 522 -37.46 53.31 29.56
CA SER F 522 -37.33 54.74 29.36
C SER F 522 -36.22 55.12 28.44
N VAL F 523 -36.52 55.83 27.39
CA VAL F 523 -35.46 56.22 26.51
C VAL F 523 -34.63 57.18 27.31
N PRO F 527 -33.72 59.26 30.85
CA PRO F 527 -34.01 59.88 32.14
C PRO F 527 -35.36 59.48 32.68
N LEU F 528 -35.51 59.46 34.00
CA LEU F 528 -36.83 59.38 34.60
C LEU F 528 -37.36 60.79 34.83
N TRP F 529 -36.60 61.77 34.35
CA TRP F 529 -37.01 63.17 34.36
C TRP F 529 -37.84 63.48 33.11
N ARG F 530 -38.83 64.34 33.26
CA ARG F 530 -39.83 64.55 32.21
C ARG F 530 -39.83 65.94 31.57
N GLN F 531 -40.85 66.17 30.74
CA GLN F 531 -41.26 67.48 30.20
C GLN F 531 -40.64 67.97 28.87
N GLU F 532 -39.70 67.22 28.29
CA GLU F 532 -39.20 67.60 26.96
C GLU F 532 -39.10 66.45 25.96
N SEP F 533 -39.92 66.59 24.91
CA SEP F 533 -40.24 65.64 23.83
CB SEP F 533 -39.74 64.21 24.06
OG SEP F 533 -40.33 63.30 23.13
C SEP F 533 -41.75 65.66 23.73
O SEP F 533 -42.42 66.02 24.70
P SEP F 533 -39.61 63.28 21.67
O1P SEP F 533 -38.84 61.87 21.47
O2P SEP F 533 -40.73 63.41 20.53
O3P SEP F 533 -38.55 64.47 21.52
N ILE F 534 -42.28 65.31 22.57
CA ILE F 534 -43.73 65.35 22.38
C ILE F 534 -44.42 64.47 23.41
N GLN F 535 -43.87 63.28 23.64
CA GLN F 535 -44.47 62.35 24.58
C GLN F 535 -44.45 62.84 26.03
N SER F 536 -43.41 63.56 26.42
CA SER F 536 -43.36 64.08 27.78
C SER F 536 -44.36 65.22 27.95
N LEU F 537 -44.47 66.07 26.94
CA LEU F 537 -45.39 67.19 26.99
C LEU F 537 -46.85 66.75 26.99
N ARG F 538 -47.19 65.81 26.11
CA ARG F 538 -48.57 65.42 25.94
C ARG F 538 -49.04 64.36 26.95
N ASN F 539 -48.11 63.70 27.61
CA ASN F 539 -48.48 62.66 28.56
C ASN F 539 -48.24 63.21 29.96
N THR F 540 -49.23 63.04 30.83
CA THR F 540 -49.19 63.66 32.16
C THR F 540 -48.18 63.04 33.12
N THR F 541 -48.04 61.72 33.07
CA THR F 541 -47.15 61.02 34.01
C THR F 541 -46.07 60.19 33.31
N GLU F 542 -45.01 59.89 34.04
CA GLU F 542 -43.90 59.09 33.55
C GLU F 542 -44.37 57.68 33.18
N GLN F 543 -45.25 57.14 34.02
CA GLN F 543 -45.80 55.81 33.81
C GLN F 543 -46.50 55.72 32.47
N ASP F 544 -47.21 56.79 32.10
CA ASP F 544 -47.94 56.83 30.84
C ASP F 544 -46.99 56.73 29.64
N VAL F 545 -45.87 57.43 29.74
CA VAL F 545 -44.84 57.39 28.71
C VAL F 545 -44.31 55.97 28.59
N LEU F 546 -44.03 55.37 29.75
CA LEU F 546 -43.54 54.00 29.78
C LEU F 546 -44.52 53.02 29.15
N LYS F 547 -45.80 53.23 29.42
CA LYS F 547 -46.86 52.42 28.83
C LYS F 547 -46.83 52.57 27.31
N ALA F 548 -46.64 53.79 26.85
CA ALA F 548 -46.56 54.08 25.43
C ALA F 548 -45.41 53.33 24.77
N ILE F 549 -44.25 53.34 25.41
CA ILE F 549 -43.10 52.58 24.89
C ILE F 549 -43.41 51.09 24.85
N ASN F 550 -44.03 50.60 25.92
CA ASN F 550 -44.39 49.18 26.01
C ASN F 550 -45.33 48.74 24.89
N VAL F 551 -46.35 49.56 24.63
CA VAL F 551 -47.29 49.25 23.56
C VAL F 551 -46.63 49.40 22.18
N ASN F 552 -45.68 50.31 22.05
CA ASN F 552 -44.90 50.43 20.82
C ASN F 552 -44.17 49.12 20.53
N SER F 553 -43.51 48.59 21.55
CA SER F 553 -42.76 47.34 21.39
C SER F 553 -43.71 46.19 21.10
N PHE F 554 -44.88 46.22 21.75
CA PHE F 554 -45.90 45.21 21.54
C PHE F 554 -46.36 45.18 20.08
N VAL F 555 -46.59 46.36 19.52
CA VAL F 555 -47.02 46.47 18.14
C VAL F 555 -45.92 46.00 17.20
N GLU F 556 -44.68 46.34 17.50
CA GLU F 556 -43.55 45.89 16.69
C GLU F 556 -43.51 44.36 16.65
N CYS F 557 -43.74 43.75 17.81
CA CYS F 557 -43.85 42.30 17.91
C CYS F 557 -44.97 41.77 17.04
N GLY F 558 -46.13 42.43 17.09
CA GLY F 558 -47.29 42.02 16.32
C GLY F 558 -47.03 42.05 14.82
N ILE F 559 -46.36 43.11 14.36
CA ILE F 559 -46.02 43.22 12.95
C ILE F 559 -45.02 42.15 12.55
N ASN F 560 -44.11 41.82 13.47
CA ASN F 560 -43.16 40.74 13.19
C ASN F 560 -43.89 39.40 13.00
N LEU F 561 -44.86 39.14 13.87
CA LEU F 561 -45.68 37.93 13.72
C LEU F 561 -46.46 37.96 12.41
N PHE F 562 -46.88 39.15 12.01
CA PHE F 562 -47.57 39.33 10.74
C PHE F 562 -46.68 38.93 9.57
N SER F 563 -45.43 39.39 9.60
CA SER F 563 -44.49 39.07 8.54
C SER F 563 -44.20 37.58 8.49
N GLU F 564 -43.98 36.98 9.65
CA GLU F 564 -43.68 35.54 9.69
C GLU F 564 -44.86 34.65 9.30
N SER F 565 -46.08 35.11 9.56
CA SER F 565 -47.27 34.31 9.25
C SER F 565 -47.44 34.05 7.75
N MET F 566 -46.94 34.98 6.93
CA MET F 566 -47.01 34.87 5.47
C MET F 566 -48.45 34.81 4.97
N SER F 567 -49.36 35.39 5.74
CA SER F 567 -50.77 35.39 5.39
C SER F 567 -51.19 36.61 4.56
N LYS F 568 -50.31 37.60 4.46
CA LYS F 568 -50.61 38.85 3.78
C LYS F 568 -51.92 39.48 4.26
N SER F 569 -52.88 39.58 3.34
CA SER F 569 -54.17 40.21 3.62
C SER F 569 -55.27 39.22 4.05
N ASP F 570 -54.94 37.93 4.10
CA ASP F 570 -55.93 36.91 4.43
C ASP F 570 -56.39 37.03 5.87
N LEU F 571 -55.44 37.36 6.75
CA LEU F 571 -55.70 37.46 8.19
C LEU F 571 -55.94 38.91 8.64
N SER F 572 -56.07 39.82 7.68
CA SER F 572 -56.10 41.26 7.95
C SER F 572 -57.09 41.75 9.01
N GLN F 573 -58.26 41.11 9.12
CA GLN F 573 -59.26 41.53 10.10
C GLN F 573 -58.84 41.30 11.55
N GLU F 574 -58.39 40.10 11.86
CA GLU F 574 -57.96 39.77 13.22
C GLU F 574 -56.74 40.59 13.59
N PHE F 575 -55.87 40.79 12.61
CA PHE F 575 -54.69 41.64 12.80
C PHE F 575 -55.13 43.07 13.11
N GLU F 576 -56.18 43.54 12.45
CA GLU F 576 -56.72 44.86 12.77
C GLU F 576 -57.31 44.86 14.17
N ALA F 577 -57.86 43.73 14.59
CA ALA F 577 -58.36 43.59 15.94
C ALA F 577 -57.22 43.76 16.94
N PHE F 578 -56.04 43.27 16.58
CA PHE F 578 -54.86 43.47 17.43
C PHE F 578 -54.35 44.92 17.42
N PHE F 579 -54.17 45.47 16.23
CA PHE F 579 -53.48 46.75 16.08
C PHE F 579 -54.34 47.96 16.43
N GLN F 580 -55.63 47.72 16.63
CA GLN F 580 -56.57 48.83 16.83
C GLN F 580 -56.31 49.54 18.15
N GLY F 581 -56.21 50.86 18.10
CA GLY F 581 -56.06 51.65 19.31
C GLY F 581 -54.65 51.67 19.84
N LYS F 582 -53.72 51.11 19.08
CA LYS F 582 -52.32 51.03 19.49
C LYS F 582 -51.46 52.01 18.71
N SER F 583 -50.14 51.97 18.95
CA SER F 583 -49.23 52.92 18.33
C SER F 583 -48.04 52.23 17.68
N LEU F 584 -47.42 52.90 16.69
CA LEU F 584 -46.25 52.32 16.03
C LEU F 584 -45.06 53.27 15.97
N TYR F 585 -43.86 52.75 16.20
CA TYR F 585 -42.66 53.57 16.09
C TYR F 585 -41.84 53.24 14.84
N ILE F 586 -41.50 54.28 14.08
CA ILE F 586 -40.69 54.14 12.88
C ILE F 586 -39.47 55.07 12.90
N ASN F 587 -38.31 54.47 12.73
CA ASN F 587 -37.06 55.21 12.59
C ASN F 587 -36.71 55.25 11.11
N SER F 588 -36.61 56.44 10.55
CA SER F 588 -36.40 56.58 9.12
C SER F 588 -35.04 56.01 8.72
N GLU F 589 -34.09 56.12 9.63
CA GLU F 589 -32.75 55.59 9.39
C GLU F 589 -32.73 54.06 9.40
N ASN F 590 -33.53 53.45 10.26
CA ASN F 590 -33.64 51.99 10.28
C ASN F 590 -35.07 51.52 9.99
N ILE F 591 -35.29 50.99 8.80
CA ILE F 591 -36.60 50.52 8.40
C ILE F 591 -36.61 49.03 8.09
N PRO F 592 -37.29 48.24 8.91
CA PRO F 592 -37.43 46.80 8.63
C PRO F 592 -38.32 46.57 7.41
N ASP F 593 -38.16 45.42 6.74
CA ASP F 593 -38.97 45.09 5.58
C ASP F 593 -40.41 44.80 5.97
N TYR F 594 -40.61 44.34 7.20
CA TYR F 594 -41.96 44.02 7.65
C TYR F 594 -42.82 45.26 7.81
N LEU F 595 -42.18 46.42 7.87
CA LEU F 595 -42.91 47.69 7.82
C LEU F 595 -43.51 47.88 6.43
N PHE F 596 -42.73 47.55 5.41
CA PHE F 596 -43.20 47.59 4.03
C PHE F 596 -44.33 46.60 3.83
N ASP F 597 -44.16 45.39 4.37
CA ASP F 597 -45.22 44.38 4.29
C ASP F 597 -46.47 44.86 5.00
N PHE F 598 -46.28 45.53 6.13
CA PHE F 598 -47.38 46.03 6.95
C PHE F 598 -48.16 47.08 6.20
N PHE F 599 -47.46 48.04 5.61
CA PHE F 599 -48.13 49.10 4.86
C PHE F 599 -48.79 48.59 3.59
N GLU F 600 -48.12 47.66 2.91
CA GLU F 600 -48.67 47.13 1.66
C GLU F 600 -49.91 46.28 1.90
N TYR F 601 -49.77 45.23 2.70
CA TYR F 601 -50.83 44.23 2.84
C TYR F 601 -51.87 44.56 3.90
N LEU F 602 -51.53 45.44 4.84
CA LEU F 602 -52.41 45.72 5.98
C LEU F 602 -52.58 47.22 6.27
N PRO F 603 -53.15 47.98 5.32
CA PRO F 603 -53.35 49.42 5.55
C PRO F 603 -54.43 49.71 6.59
N ASN F 604 -55.35 48.77 6.74
CA ASN F 604 -56.45 48.91 7.69
C ASN F 604 -55.93 48.97 9.12
N CYS F 605 -54.90 48.18 9.40
CA CYS F 605 -54.28 48.14 10.71
C CYS F 605 -53.51 49.43 10.96
N ALA F 606 -52.83 49.92 9.92
CA ALA F 606 -52.09 51.18 10.02
C ALA F 606 -53.04 52.33 10.31
N SER F 607 -54.23 52.27 9.73
CA SER F 607 -55.24 53.29 9.98
C SER F 607 -55.94 53.06 11.31
N ALA F 608 -55.83 51.84 11.84
CA ALA F 608 -56.48 51.50 13.09
C ALA F 608 -55.63 51.89 14.28
N LEU F 609 -54.38 52.27 14.01
CA LEU F 609 -53.47 52.68 15.07
C LEU F 609 -53.87 54.08 15.54
N ASP F 610 -53.81 54.29 16.84
CA ASP F 610 -54.10 55.62 17.39
C ASP F 610 -53.10 56.62 16.85
N PHE F 611 -51.84 56.23 16.82
CA PHE F 611 -50.82 57.06 16.16
C PHE F 611 -49.56 56.34 15.68
N VAL F 612 -48.91 56.99 14.72
CA VAL F 612 -47.62 56.55 14.21
C VAL F 612 -46.60 57.62 14.55
N LYS F 613 -45.48 57.19 15.12
CA LYS F 613 -44.44 58.07 15.59
C LYS F 613 -43.29 57.93 14.61
N LEU F 614 -42.89 59.04 14.01
CA LEU F 614 -41.90 59.01 12.95
C LEU F 614 -40.67 59.80 13.37
N ASP F 615 -39.50 59.21 13.19
CA ASP F 615 -38.27 59.89 13.56
C ASP F 615 -37.34 60.12 12.38
N PHE F 616 -36.92 61.36 12.19
CA PHE F 616 -36.00 61.71 11.12
C PHE F 616 -34.70 62.23 11.68
N TYR F 617 -33.59 61.67 11.20
CA TYR F 617 -32.28 62.04 11.71
C TYR F 617 -31.46 62.62 10.56
N GLU F 618 -31.21 63.92 10.64
CA GLU F 618 -30.30 64.64 9.75
C GLU F 618 -30.74 64.79 8.29
N ARG F 619 -31.70 63.99 7.84
CA ARG F 619 -32.12 64.05 6.44
C ARG F 619 -33.65 64.02 6.30
N ALA F 620 -34.19 65.02 5.63
CA ALA F 620 -35.63 65.06 5.37
C ALA F 620 -36.00 64.44 4.03
N THR F 621 -36.62 63.27 4.03
CA THR F 621 -37.09 62.65 2.80
C THR F 621 -38.16 61.60 3.13
N PRO F 645 -34.82 60.14 4.35
CA PRO F 645 -34.24 58.99 3.65
C PRO F 645 -35.12 58.51 2.50
N PRO F 646 -34.51 57.97 1.44
CA PRO F 646 -35.23 57.47 0.27
C PRO F 646 -36.15 56.30 0.64
N ARG F 647 -35.71 55.47 1.57
CA ARG F 647 -36.50 54.32 1.98
C ARG F 647 -37.77 54.75 2.70
N ALA F 648 -37.70 55.86 3.44
CA ALA F 648 -38.87 56.40 4.11
C ALA F 648 -39.85 56.87 3.05
N VAL F 649 -39.31 57.49 2.01
CA VAL F 649 -40.12 57.94 0.88
C VAL F 649 -40.84 56.74 0.29
N SER F 650 -40.12 55.65 0.08
CA SER F 650 -40.73 54.44 -0.46
C SER F 650 -41.81 53.91 0.47
N LEU F 651 -41.55 53.95 1.77
CA LEU F 651 -42.43 53.40 2.78
C LEU F 651 -43.78 54.14 2.79
N PHE F 652 -43.73 55.46 2.96
CA PHE F 652 -44.96 56.26 3.04
C PHE F 652 -45.61 56.47 1.68
N PHE F 653 -44.78 56.64 0.66
CA PHE F 653 -45.25 56.75 -0.70
C PHE F 653 -45.52 55.34 -1.18
N ASN F 654 -45.61 55.13 -2.49
CA ASN F 654 -46.02 53.84 -3.01
C ASN F 654 -47.45 53.64 -2.53
N TRP F 655 -47.66 52.62 -1.72
CA TRP F 655 -48.99 52.32 -1.20
C TRP F 655 -49.53 53.51 -0.38
N LYS F 656 -50.70 54.02 -0.79
CA LYS F 656 -51.28 55.22 -0.19
C LYS F 656 -51.90 54.95 1.18
N GLN F 657 -51.38 55.61 2.22
CA GLN F 657 -51.86 55.39 3.58
C GLN F 657 -52.61 56.58 4.18
N GLU F 658 -53.43 56.30 5.18
CA GLU F 658 -54.08 57.36 5.96
C GLU F 658 -53.96 57.06 7.46
N PHE F 659 -53.44 58.04 8.20
CA PHE F 659 -53.09 57.91 9.61
C PHE F 659 -53.96 58.79 10.51
N LYS F 660 -54.42 58.23 11.62
CA LYS F 660 -55.20 59.01 12.59
C LYS F 660 -54.39 60.18 13.11
N THR F 661 -53.18 59.88 13.57
CA THR F 661 -52.27 60.91 14.06
C THR F 661 -50.84 60.55 13.70
N LEU F 662 -50.07 61.56 13.31
CA LEU F 662 -48.65 61.33 13.07
C LEU F 662 -47.86 62.16 14.05
N GLU F 663 -46.94 61.50 14.76
CA GLU F 663 -46.12 62.18 15.74
C GLU F 663 -44.72 62.15 15.16
N VAL F 664 -44.24 63.30 14.69
CA VAL F 664 -42.97 63.31 13.97
C VAL F 664 -41.94 64.28 14.57
N THR F 665 -40.70 63.82 14.64
CA THR F 665 -39.62 64.64 15.16
C THR F 665 -38.53 64.77 14.10
N LEU F 666 -38.17 66.02 13.79
CA LEU F 666 -37.15 66.28 12.79
C LEU F 666 -35.88 66.67 13.52
N ARG F 667 -34.87 65.81 13.40
CA ARG F 667 -33.66 65.96 14.19
C ARG F 667 -32.45 66.33 13.35
N ASP F 668 -31.81 67.43 13.75
CA ASP F 668 -30.52 67.81 13.19
C ASP F 668 -30.53 68.00 11.67
N ILE F 669 -31.61 68.56 11.14
CA ILE F 669 -31.66 68.81 9.70
C ILE F 669 -31.19 70.23 9.41
N ASN F 670 -29.98 70.35 8.85
CA ASN F 670 -29.43 71.64 8.45
C ASN F 670 -29.50 71.89 6.94
N LYS F 671 -30.04 70.93 6.20
CA LYS F 671 -30.19 71.07 4.76
C LYS F 671 -31.59 70.65 4.35
N LEU F 672 -32.29 71.54 3.67
CA LEU F 672 -33.64 71.24 3.24
C LEU F 672 -33.81 71.78 1.81
N ASN F 673 -34.40 70.99 0.93
CA ASN F 673 -34.59 71.42 -0.45
C ASN F 673 -36.04 71.30 -0.94
N LYS F 674 -36.26 71.57 -2.22
CA LYS F 674 -37.60 71.57 -2.79
C LYS F 674 -38.26 70.20 -2.67
N GLN F 675 -37.50 69.18 -3.05
CA GLN F 675 -37.97 67.81 -3.02
C GLN F 675 -38.28 67.41 -1.56
N ASP F 676 -37.38 67.81 -0.66
CA ASP F 676 -37.51 67.52 0.76
C ASP F 676 -38.76 68.17 1.38
N ILE F 677 -38.94 69.47 1.17
CA ILE F 677 -40.11 70.19 1.70
C ILE F 677 -41.40 69.62 1.13
N LYS F 678 -41.40 69.36 -0.18
CA LYS F 678 -42.58 68.84 -0.85
C LYS F 678 -42.96 67.47 -0.29
N TYR F 679 -41.95 66.63 -0.09
CA TYR F 679 -42.17 65.27 0.39
C TYR F 679 -42.61 65.25 1.85
N LEU F 680 -41.99 66.10 2.67
CA LEU F 680 -42.42 66.23 4.06
C LEU F 680 -43.85 66.71 4.11
N GLY F 681 -44.21 67.58 3.18
CA GLY F 681 -45.57 68.06 3.09
C GLY F 681 -46.52 66.92 2.83
N LYS F 682 -46.15 66.04 1.91
CA LYS F 682 -46.98 64.87 1.61
C LYS F 682 -47.10 63.90 2.79
N ILE F 683 -45.98 63.63 3.43
CA ILE F 683 -45.95 62.73 4.59
C ILE F 683 -46.79 63.30 5.73
N PHE F 684 -46.71 64.62 5.94
CA PHE F 684 -47.50 65.25 6.98
C PHE F 684 -48.98 65.20 6.57
N SER F 685 -49.23 65.21 5.27
CA SER F 685 -50.60 65.14 4.77
C SER F 685 -51.15 63.73 4.83
N SER F 686 -50.27 62.77 5.13
CA SER F 686 -50.72 61.39 5.25
C SER F 686 -51.63 61.19 6.46
N ALA F 687 -51.49 62.07 7.45
CA ALA F 687 -52.25 61.94 8.69
C ALA F 687 -53.32 63.02 8.83
N THR F 688 -54.46 62.65 9.42
CA THR F 688 -55.51 63.60 9.70
C THR F 688 -55.10 64.59 10.77
N ASN F 689 -54.35 64.11 11.76
CA ASN F 689 -53.88 64.96 12.84
C ASN F 689 -52.36 64.95 12.90
N LEU F 690 -51.75 66.10 13.19
CA LEU F 690 -50.29 66.13 13.23
C LEU F 690 -49.70 66.77 14.48
N ARG F 691 -48.73 66.07 15.06
CA ARG F 691 -47.91 66.59 16.16
C ARG F 691 -46.46 66.67 15.67
N LEU F 692 -45.89 67.87 15.78
CA LEU F 692 -44.58 68.16 15.19
C LEU F 692 -43.56 68.63 16.22
N HIS F 693 -42.38 68.01 16.21
CA HIS F 693 -41.27 68.44 17.03
C HIS F 693 -40.11 68.78 16.11
N ILE F 694 -39.60 70.00 16.24
CA ILE F 694 -38.45 70.41 15.44
C ILE F 694 -37.27 70.60 16.37
N LYS F 695 -36.29 69.71 16.25
CA LYS F 695 -35.20 69.66 17.20
C LYS F 695 -33.86 69.86 16.50
N ARG F 696 -33.15 70.92 16.87
CA ARG F 696 -31.82 71.21 16.33
C ARG F 696 -31.81 71.34 14.80
N CYS F 697 -32.86 71.95 14.25
CA CYS F 697 -32.98 72.10 12.80
C CYS F 697 -32.64 73.51 12.36
N ALA F 698 -31.50 73.66 11.69
CA ALA F 698 -31.06 74.98 11.22
C ALA F 698 -31.59 75.27 9.82
N ALA F 699 -32.20 74.27 9.20
CA ALA F 699 -32.71 74.40 7.84
C ALA F 699 -34.07 75.07 7.82
N MET F 700 -34.69 75.26 8.99
CA MET F 700 -36.00 75.86 9.02
C MET F 700 -35.87 77.33 9.36
N ALA F 701 -35.83 78.18 8.34
CA ALA F 701 -35.89 79.63 8.52
C ALA F 701 -36.85 80.19 7.47
N GLY F 702 -37.98 80.73 7.90
CA GLY F 702 -38.96 81.25 6.96
C GLY F 702 -39.69 80.14 6.23
N ARG F 703 -39.20 78.91 6.41
CA ARG F 703 -39.64 77.75 5.65
C ARG F 703 -40.77 76.99 6.35
N LEU F 704 -41.07 77.38 7.58
CA LEU F 704 -42.10 76.71 8.37
C LEU F 704 -43.45 76.74 7.68
N SER F 705 -43.79 77.89 7.09
CA SER F 705 -45.05 78.05 6.38
C SER F 705 -45.12 77.10 5.19
N SER F 706 -44.01 76.98 4.47
CA SER F 706 -43.95 76.13 3.30
C SER F 706 -43.93 74.65 3.66
N VAL F 707 -43.21 74.31 4.73
CA VAL F 707 -43.14 72.91 5.18
C VAL F 707 -44.52 72.46 5.63
N LEU F 708 -45.20 73.33 6.36
CA LEU F 708 -46.51 73.02 6.93
C LEU F 708 -47.65 73.42 5.98
N ARG F 709 -47.29 73.81 4.76
CA ARG F 709 -48.24 74.31 3.78
C ARG F 709 -49.46 73.40 3.60
N THR F 710 -49.26 72.09 3.68
CA THR F 710 -50.43 71.22 3.71
C THR F 710 -50.56 70.57 5.08
N CYS F 711 -51.36 71.21 5.93
CA CYS F 711 -51.81 70.64 7.17
C CYS F 711 -53.23 71.12 7.40
N LYS F 712 -54.17 70.23 7.66
CA LYS F 712 -55.48 70.71 8.04
C LYS F 712 -55.36 71.05 9.52
N ASN F 713 -55.02 70.05 10.33
CA ASN F 713 -54.72 70.29 11.74
C ASN F 713 -53.35 69.81 12.22
N MET F 714 -52.57 70.78 12.71
CA MET F 714 -51.41 70.52 13.53
C MET F 714 -51.85 70.91 14.92
N HIS F 715 -52.07 69.92 15.77
CA HIS F 715 -52.55 70.19 17.12
C HIS F 715 -51.45 70.66 18.07
N THR F 716 -50.26 70.06 17.95
CA THR F 716 -49.16 70.44 18.84
C THR F 716 -47.89 70.75 18.03
N LEU F 717 -47.17 71.77 18.48
CA LEU F 717 -45.89 72.17 17.87
C LEU F 717 -44.77 72.34 18.89
N MET F 718 -43.64 71.69 18.62
CA MET F 718 -42.46 71.84 19.46
C MET F 718 -41.24 72.25 18.62
N VAL F 719 -40.63 73.37 19.00
CA VAL F 719 -39.42 73.87 18.36
C VAL F 719 -38.30 73.94 19.38
N GLU F 720 -37.19 73.27 19.11
CA GLU F 720 -36.09 73.20 20.07
C GLU F 720 -34.74 73.47 19.42
N ALA F 721 -34.04 74.48 19.93
CA ALA F 721 -32.70 74.85 19.47
C ALA F 721 -32.65 75.05 17.96
N SER F 722 -33.73 75.61 17.42
CA SER F 722 -33.80 75.89 16.00
C SER F 722 -34.11 77.37 15.78
N PRO F 723 -33.47 77.97 14.76
CA PRO F 723 -33.71 79.39 14.48
C PRO F 723 -35.10 79.56 13.89
N LEU F 724 -35.74 80.69 14.18
CA LEU F 724 -37.08 80.96 13.69
C LEU F 724 -37.19 82.43 13.34
N THR F 725 -37.60 82.72 12.11
CA THR F 725 -37.76 84.11 11.70
C THR F 725 -39.15 84.57 12.10
N THR F 726 -39.42 85.86 11.93
CA THR F 726 -40.69 86.44 12.36
C THR F 726 -41.90 86.00 11.55
N ASP F 727 -41.70 85.73 10.26
CA ASP F 727 -42.77 85.19 9.42
C ASP F 727 -43.18 83.81 9.93
N ASP F 728 -42.21 83.02 10.37
CA ASP F 728 -42.47 81.70 10.94
C ASP F 728 -43.33 81.83 12.18
N GLU F 729 -42.99 82.77 13.04
CA GLU F 729 -43.75 83.02 14.26
C GLU F 729 -45.19 83.43 13.90
N GLN F 730 -45.31 84.29 12.88
CA GLN F 730 -46.61 84.73 12.39
C GLN F 730 -47.44 83.54 11.94
N TYR F 731 -46.81 82.59 11.26
CA TYR F 731 -47.50 81.38 10.84
C TYR F 731 -47.88 80.50 12.03
N ILE F 732 -47.00 80.43 13.02
CA ILE F 732 -47.24 79.61 14.20
C ILE F 732 -48.49 80.12 14.92
N THR F 733 -48.59 81.44 15.04
CA THR F 733 -49.74 82.04 15.69
C THR F 733 -50.94 82.07 14.75
N SER F 734 -50.69 81.84 13.46
CA SER F 734 -51.75 81.83 12.45
C SER F 734 -52.67 80.61 12.57
N VAL F 735 -52.14 79.48 13.04
CA VAL F 735 -52.93 78.26 13.12
C VAL F 735 -53.63 78.18 14.49
N THR F 736 -54.94 78.32 14.46
CA THR F 736 -55.74 78.46 15.68
C THR F 736 -56.02 77.13 16.35
N GLY F 737 -55.81 76.05 15.62
CA GLY F 737 -56.10 74.71 16.13
C GLY F 737 -55.05 74.17 17.08
N LEU F 738 -53.97 74.93 17.29
CA LEU F 738 -52.87 74.43 18.10
C LEU F 738 -53.29 74.37 19.56
N GLN F 739 -53.26 73.17 20.14
CA GLN F 739 -53.54 72.99 21.56
C GLN F 739 -52.28 72.96 22.44
N ASN F 740 -51.13 72.77 21.81
CA ASN F 740 -49.86 72.68 22.53
C ASN F 740 -48.76 73.41 21.79
N LEU F 741 -48.08 74.31 22.48
CA LEU F 741 -46.97 75.04 21.88
C LEU F 741 -45.77 75.09 22.83
N SER F 742 -44.62 74.62 22.36
CA SER F 742 -43.40 74.73 23.15
C SER F 742 -42.23 75.19 22.30
N ILE F 743 -41.64 76.33 22.63
CA ILE F 743 -40.41 76.75 21.95
C ILE F 743 -39.26 77.02 22.93
N HIS F 744 -38.11 76.44 22.60
CA HIS F 744 -36.94 76.49 23.46
C HIS F 744 -35.80 77.22 22.76
N ARG F 745 -35.26 78.23 23.45
CA ARG F 745 -34.11 78.99 23.02
C ARG F 745 -34.33 79.78 21.73
N LEU F 746 -35.16 80.82 21.80
CA LEU F 746 -35.27 81.79 20.72
C LEU F 746 -34.40 83.00 21.03
N HIS F 747 -33.32 83.17 20.27
CA HIS F 747 -32.41 84.28 20.49
C HIS F 747 -32.63 85.44 19.53
N THR F 748 -33.64 85.33 18.68
CA THR F 748 -33.98 86.39 17.75
C THR F 748 -34.87 87.40 18.46
N GLN F 749 -34.58 88.68 18.27
CA GLN F 749 -35.33 89.74 18.93
C GLN F 749 -36.80 89.73 18.50
N GLN F 750 -37.69 89.96 19.46
CA GLN F 750 -39.12 89.95 19.17
C GLN F 750 -39.58 91.36 18.81
N LEU F 751 -40.26 91.47 17.67
CA LEU F 751 -40.72 92.77 17.16
C LEU F 751 -42.23 92.70 16.91
N PRO F 752 -42.83 93.80 16.43
CA PRO F 752 -44.22 93.67 15.96
C PRO F 752 -44.30 92.48 15.01
N GLY F 753 -45.32 91.67 15.19
CA GLY F 753 -45.26 90.28 14.77
C GLY F 753 -46.51 89.57 15.24
N GLY F 754 -46.39 88.29 15.58
CA GLY F 754 -45.11 87.66 15.88
C GLY F 754 -45.41 86.65 16.96
N LEU F 755 -44.38 86.02 17.54
CA LEU F 755 -44.63 85.00 18.57
C LEU F 755 -45.35 85.52 19.81
N ILE F 756 -44.66 86.34 20.59
CA ILE F 756 -45.24 86.83 21.84
C ILE F 756 -46.14 88.03 21.65
N ASP F 757 -45.96 88.74 20.54
CA ASP F 757 -46.77 89.92 20.29
C ASP F 757 -48.22 89.49 20.18
N SER F 758 -48.50 88.53 19.30
CA SER F 758 -49.81 87.91 19.32
C SER F 758 -49.67 86.45 19.70
N LEU F 759 -49.80 86.16 21.00
CA LEU F 759 -49.95 84.78 21.44
C LEU F 759 -51.43 84.48 21.66
N GLY F 760 -52.23 85.54 21.66
CA GLY F 760 -53.64 85.45 21.98
C GLY F 760 -54.40 84.86 20.82
N ASN F 761 -53.71 84.75 19.69
CA ASN F 761 -54.30 84.20 18.49
C ASN F 761 -54.72 82.76 18.70
N LEU F 762 -53.93 82.03 19.48
CA LEU F 762 -54.25 80.65 19.77
C LEU F 762 -55.04 80.61 21.07
N LYS F 763 -56.34 80.41 20.97
CA LYS F 763 -57.22 80.41 22.13
C LYS F 763 -57.37 78.98 22.65
N ASN F 764 -56.98 78.04 21.80
CA ASN F 764 -57.19 76.63 22.07
C ASN F 764 -55.99 76.00 22.74
N LEU F 765 -54.99 76.82 23.07
CA LEU F 765 -53.74 76.30 23.59
C LEU F 765 -53.99 75.84 25.03
N GLU F 766 -53.79 74.54 25.27
CA GLU F 766 -53.92 73.98 26.61
C GLU F 766 -52.57 73.83 27.30
N ARG F 767 -51.49 73.95 26.52
CA ARG F 767 -50.14 73.85 27.04
C ARG F 767 -49.22 74.86 26.36
N LEU F 768 -48.53 75.65 27.17
CA LEU F 768 -47.58 76.62 26.65
C LEU F 768 -46.23 76.55 27.35
N ILE F 769 -45.16 76.46 26.58
CA ILE F 769 -43.82 76.48 27.13
C ILE F 769 -42.94 77.46 26.34
N LEU F 770 -42.47 78.49 27.03
CA LEU F 770 -41.55 79.46 26.44
C LEU F 770 -40.25 79.41 27.23
N ASP F 771 -39.18 78.99 26.58
CA ASP F 771 -37.91 78.83 27.28
C ASP F 771 -36.77 79.55 26.56
N ASP F 772 -36.06 80.39 27.31
CA ASP F 772 -34.91 81.14 26.82
C ASP F 772 -35.27 81.97 25.58
N ILE F 773 -36.37 82.71 25.66
CA ILE F 773 -36.78 83.60 24.58
C ILE F 773 -36.18 84.99 24.83
N ARG F 774 -35.63 85.60 23.78
CA ARG F 774 -35.09 86.95 23.91
C ARG F 774 -36.25 87.92 24.00
N MET F 775 -36.26 88.70 25.08
CA MET F 775 -37.41 89.54 25.42
C MET F 775 -36.98 90.79 26.17
N ASN F 776 -37.90 91.75 26.24
CA ASN F 776 -37.73 92.92 27.10
C ASN F 776 -39.02 93.17 27.88
N GLU F 777 -39.04 94.25 28.66
CA GLU F 777 -40.20 94.54 29.52
C GLU F 777 -41.49 94.65 28.73
N GLU F 778 -41.42 95.33 27.59
CA GLU F 778 -42.59 95.52 26.74
C GLU F 778 -43.05 94.18 26.17
N ASP F 779 -42.09 93.32 25.85
CA ASP F 779 -42.39 91.96 25.39
C ASP F 779 -43.13 91.18 26.47
N ALA F 780 -42.73 91.39 27.72
CA ALA F 780 -43.38 90.74 28.86
C ALA F 780 -44.82 91.22 29.01
N LYS F 781 -45.01 92.53 28.90
CA LYS F 781 -46.36 93.10 28.96
C LYS F 781 -47.23 92.56 27.82
N ASN F 782 -46.65 92.44 26.63
CA ASN F 782 -47.36 91.88 25.48
C ASN F 782 -47.74 90.42 25.72
N LEU F 783 -46.83 89.67 26.34
CA LEU F 783 -47.08 88.27 26.67
C LEU F 783 -48.22 88.12 27.68
N ALA F 784 -48.23 89.00 28.68
CA ALA F 784 -49.31 88.98 29.66
C ALA F 784 -50.64 89.29 28.96
N GLU F 785 -50.59 90.31 28.12
CA GLU F 785 -51.75 90.77 27.37
C GLU F 785 -52.31 89.64 26.51
N GLY F 786 -51.43 88.82 25.96
CA GLY F 786 -51.83 87.66 25.18
C GLY F 786 -52.40 86.55 26.06
N LEU F 787 -51.75 86.32 27.20
CA LEU F 787 -52.15 85.27 28.13
C LEU F 787 -53.51 85.52 28.75
N ARG F 788 -53.95 86.78 28.73
CA ARG F 788 -55.28 87.11 29.25
C ARG F 788 -56.35 86.34 28.48
N SER F 789 -56.06 86.09 27.21
CA SER F 789 -57.03 85.51 26.28
C SER F 789 -57.12 83.99 26.25
N LEU F 790 -56.18 83.31 26.90
CA LEU F 790 -56.20 81.85 26.89
C LEU F 790 -56.76 81.29 28.18
N LYS F 791 -57.99 80.78 28.11
CA LYS F 791 -58.69 80.22 29.26
C LYS F 791 -58.60 78.68 29.30
N LYS F 792 -57.97 78.09 28.30
CA LYS F 792 -57.91 76.62 28.19
C LYS F 792 -56.63 75.97 28.75
N MET F 793 -55.73 76.78 29.31
CA MET F 793 -54.40 76.30 29.64
C MET F 793 -54.36 75.43 30.90
N ARG F 794 -53.93 74.19 30.76
CA ARG F 794 -53.64 73.35 31.92
C ARG F 794 -52.15 73.32 32.27
N LEU F 795 -51.32 73.86 31.37
CA LEU F 795 -49.87 73.85 31.58
C LEU F 795 -49.20 75.13 31.11
N LEU F 796 -48.38 75.70 31.99
CA LEU F 796 -47.60 76.88 31.64
C LEU F 796 -46.17 76.81 32.16
N HIS F 797 -45.20 76.94 31.26
CA HIS F 797 -43.80 77.07 31.62
C HIS F 797 -43.27 78.35 30.98
N LEU F 798 -42.83 79.29 31.81
CA LEU F 798 -42.05 80.41 31.31
C LEU F 798 -40.72 80.34 32.03
N THR F 799 -39.67 79.99 31.30
CA THR F 799 -38.39 79.72 31.95
C THR F 799 -37.20 80.40 31.30
N HIS F 800 -36.23 80.80 32.11
CA HIS F 800 -34.97 81.34 31.65
C HIS F 800 -35.13 82.61 30.81
N LEU F 801 -36.13 83.41 31.17
CA LEU F 801 -36.36 84.68 30.48
C LEU F 801 -35.44 85.72 31.10
N SER F 802 -34.60 86.34 30.27
CA SER F 802 -33.56 87.24 30.76
C SER F 802 -33.91 88.71 30.62
N ASP F 803 -33.73 89.45 31.72
CA ASP F 803 -33.89 90.90 31.74
C ASP F 803 -35.24 91.40 31.22
N ILE F 804 -36.32 90.85 31.76
CA ILE F 804 -37.66 91.24 31.34
C ILE F 804 -38.27 92.36 32.19
N GLY F 805 -37.46 92.97 33.06
CA GLY F 805 -37.99 94.04 33.89
C GLY F 805 -39.07 93.59 34.85
N GLU F 806 -39.99 94.49 35.15
CA GLU F 806 -41.08 94.23 36.08
C GLU F 806 -42.24 93.47 35.46
N GLY F 807 -42.09 93.06 34.19
CA GLY F 807 -43.19 92.49 33.41
C GLY F 807 -43.89 91.28 34.04
N MET F 808 -43.19 90.56 34.91
CA MET F 808 -43.79 89.40 35.56
C MET F 808 -44.97 89.75 36.47
N ASP F 809 -44.97 90.97 37.01
CA ASP F 809 -46.14 91.42 37.76
C ASP F 809 -47.37 91.32 36.87
N TYR F 810 -47.21 91.81 35.64
CA TYR F 810 -48.29 91.81 34.65
C TYR F 810 -48.65 90.40 34.25
N ILE F 811 -47.63 89.58 34.01
CA ILE F 811 -47.85 88.21 33.56
C ILE F 811 -48.57 87.37 34.59
N VAL F 812 -48.08 87.40 35.83
CA VAL F 812 -48.69 86.68 36.94
C VAL F 812 -50.11 87.18 37.17
N LYS F 813 -50.30 88.49 37.05
CA LYS F 813 -51.63 89.07 37.15
C LYS F 813 -52.55 88.43 36.12
N SER F 814 -52.10 88.36 34.87
CA SER F 814 -52.90 87.76 33.79
C SER F 814 -53.18 86.28 34.00
N LEU F 815 -52.23 85.56 34.60
CA LEU F 815 -52.43 84.13 34.88
C LEU F 815 -53.48 83.93 35.94
N SER F 816 -53.34 84.67 37.03
CA SER F 816 -54.11 84.44 38.24
C SER F 816 -55.33 85.34 38.38
N GLU F 817 -55.59 86.15 37.34
CA GLU F 817 -56.67 87.13 37.38
C GLU F 817 -58.02 86.52 37.73
N GLU F 818 -58.33 85.41 37.08
CA GLU F 818 -59.62 84.76 37.21
C GLU F 818 -59.41 83.28 37.52
N SER F 819 -60.45 82.60 37.99
CA SER F 819 -60.33 81.17 38.31
C SER F 819 -59.87 80.37 37.09
N CYS F 820 -58.87 79.53 37.29
CA CYS F 820 -58.23 78.85 36.17
C CYS F 820 -58.15 77.34 36.35
N ASP F 821 -57.94 76.65 35.23
CA ASP F 821 -57.77 75.20 35.21
C ASP F 821 -56.30 74.82 35.27
N LEU F 822 -55.45 75.84 35.49
CA LEU F 822 -54.00 75.65 35.50
C LEU F 822 -53.59 74.56 36.48
N GLN F 823 -52.78 73.63 35.99
CA GLN F 823 -52.31 72.49 36.77
C GLN F 823 -50.81 72.56 37.03
N GLU F 824 -50.03 72.74 35.97
CA GLU F 824 -48.58 72.81 36.11
C GLU F 824 -48.12 74.23 35.82
N MET F 825 -47.40 74.84 36.75
CA MET F 825 -46.84 76.15 36.48
C MET F 825 -45.36 76.27 36.86
N LYS F 826 -44.50 76.47 35.86
CA LYS F 826 -43.10 76.75 36.10
C LYS F 826 -42.76 78.19 35.76
N LEU F 827 -42.54 79.00 36.80
CA LEU F 827 -42.14 80.39 36.65
C LEU F 827 -40.64 80.56 36.86
N VAL F 828 -39.91 79.44 36.78
CA VAL F 828 -38.49 79.39 37.13
C VAL F 828 -37.60 80.15 36.17
N ALA F 829 -36.63 80.87 36.74
CA ALA F 829 -35.55 81.50 35.97
C ALA F 829 -35.97 82.72 35.16
N CYS F 830 -37.26 83.02 35.15
CA CYS F 830 -37.72 84.31 34.63
C CYS F 830 -37.43 85.31 35.73
N CYS F 831 -37.74 86.57 35.51
CA CYS F 831 -37.48 87.53 36.57
C CYS F 831 -38.73 87.67 37.41
N LEU F 832 -38.69 87.10 38.61
CA LEU F 832 -39.85 87.12 39.50
C LEU F 832 -39.64 88.20 40.54
N THR F 833 -40.71 88.90 40.88
CA THR F 833 -40.63 89.97 41.84
C THR F 833 -41.47 89.60 43.06
N ALA F 834 -41.17 90.21 44.20
CA ALA F 834 -41.95 89.98 45.40
C ALA F 834 -43.37 90.47 45.16
N ASN F 835 -43.52 91.45 44.29
CA ASN F 835 -44.83 91.93 43.88
C ASN F 835 -45.63 90.85 43.16
N SER F 836 -44.97 90.14 42.26
CA SER F 836 -45.61 89.07 41.50
C SER F 836 -45.97 87.91 42.40
N VAL F 837 -45.12 87.65 43.39
CA VAL F 837 -45.39 86.59 44.37
C VAL F 837 -46.56 86.99 45.24
N LYS F 838 -46.65 88.29 45.54
CA LYS F 838 -47.75 88.84 46.31
C LYS F 838 -49.06 88.64 45.56
N VAL F 839 -49.04 88.99 44.27
CA VAL F 839 -50.18 88.83 43.38
C VAL F 839 -50.58 87.35 43.31
N LEU F 840 -49.57 86.49 43.20
CA LEU F 840 -49.78 85.04 43.14
C LEU F 840 -50.46 84.56 44.41
N ALA F 841 -50.04 85.11 45.54
CA ALA F 841 -50.60 84.73 46.83
C ALA F 841 -52.06 85.14 46.92
N GLN F 842 -52.34 86.39 46.58
CA GLN F 842 -53.70 86.93 46.71
C GLN F 842 -54.68 86.20 45.79
N ASN F 843 -54.22 85.83 44.61
CA ASN F 843 -55.07 85.15 43.64
C ASN F 843 -54.94 83.63 43.62
N LEU F 844 -54.17 83.06 44.54
CA LEU F 844 -53.89 81.62 44.53
C LEU F 844 -55.16 80.78 44.54
N HIS F 845 -56.23 81.35 45.10
CA HIS F 845 -57.52 80.67 45.17
C HIS F 845 -58.12 80.42 43.79
N ASN F 846 -57.61 81.15 42.79
CA ASN F 846 -58.06 80.96 41.41
C ASN F 846 -57.54 79.69 40.76
N LEU F 847 -56.31 79.28 41.08
CA LEU F 847 -55.86 77.98 40.62
C LEU F 847 -55.88 77.00 41.80
N ILE F 848 -56.94 76.20 41.86
CA ILE F 848 -57.04 75.10 42.81
C ILE F 848 -56.43 73.81 42.26
N LYS F 849 -56.44 73.70 40.93
CA LYS F 849 -56.11 72.46 40.25
C LYS F 849 -54.61 72.30 40.07
N LEU F 850 -53.84 73.25 40.59
CA LEU F 850 -52.40 73.24 40.41
C LEU F 850 -51.77 72.15 41.28
N SER F 851 -51.16 71.16 40.64
CA SER F 851 -50.42 70.14 41.37
C SER F 851 -48.92 70.43 41.37
N ILE F 852 -48.51 71.38 40.55
CA ILE F 852 -47.09 71.70 40.42
C ILE F 852 -46.82 73.19 40.40
N LEU F 853 -46.03 73.64 41.38
CA LEU F 853 -45.60 75.03 41.43
C LEU F 853 -44.09 75.09 41.50
N ASP F 854 -43.46 75.54 40.42
CA ASP F 854 -42.04 75.80 40.44
C ASP F 854 -41.84 77.29 40.17
N ILE F 855 -41.57 78.04 41.23
CA ILE F 855 -41.15 79.43 41.13
C ILE F 855 -39.65 79.62 41.36
N SER F 856 -38.95 78.50 41.48
CA SER F 856 -37.56 78.49 41.97
C SER F 856 -36.59 79.15 41.01
N GLU F 857 -35.34 79.26 41.45
CA GLU F 857 -34.28 79.92 40.70
C GLU F 857 -34.57 81.41 40.54
N ASN F 858 -35.30 81.97 41.52
CA ASN F 858 -35.63 83.38 41.51
C ASN F 858 -35.26 84.09 42.81
N TYR F 859 -34.66 85.27 42.69
CA TYR F 859 -34.35 86.09 43.85
C TYR F 859 -35.37 87.23 43.96
N LEU F 860 -35.98 87.37 45.13
CA LEU F 860 -36.92 88.45 45.38
C LEU F 860 -36.26 89.51 46.26
N GLU F 861 -36.02 90.70 45.70
CA GLU F 861 -35.16 91.67 46.39
C GLU F 861 -35.82 92.31 47.61
N LYS F 862 -36.85 93.12 47.38
CA LYS F 862 -37.46 93.87 48.46
C LYS F 862 -38.77 93.19 48.81
N ASP F 863 -39.17 93.29 50.08
CA ASP F 863 -40.34 92.61 50.60
C ASP F 863 -40.41 91.15 50.16
N GLY F 864 -39.25 90.52 50.00
CA GLY F 864 -39.17 89.15 49.51
C GLY F 864 -39.74 88.12 50.46
N ASN F 865 -39.26 88.16 51.70
CA ASN F 865 -39.72 87.22 52.71
C ASN F 865 -41.19 87.44 53.05
N GLU F 866 -41.61 88.69 53.03
CA GLU F 866 -43.00 89.06 53.30
C GLU F 866 -43.93 88.46 52.26
N ALA F 867 -43.54 88.59 51.00
CA ALA F 867 -44.30 88.04 49.88
C ALA F 867 -44.32 86.53 49.90
N LEU F 868 -43.15 85.94 50.18
CA LEU F 868 -43.03 84.49 50.21
C LEU F 868 -43.90 83.91 51.32
N GLN F 869 -43.91 84.59 52.47
CA GLN F 869 -44.76 84.19 53.58
C GLN F 869 -46.23 84.37 53.22
N GLU F 870 -46.51 85.41 52.45
CA GLU F 870 -47.86 85.67 51.95
C GLU F 870 -48.36 84.52 51.11
N LEU F 871 -47.48 83.95 50.30
CA LEU F 871 -47.82 82.75 49.52
C LEU F 871 -47.95 81.51 50.40
N ILE F 872 -47.00 81.36 51.32
CA ILE F 872 -46.91 80.19 52.19
C ILE F 872 -48.15 80.03 53.05
N GLY F 873 -48.69 81.15 53.52
CA GLY F 873 -49.88 81.11 54.35
C GLY F 873 -51.09 80.62 53.58
N ARG F 874 -51.10 80.92 52.29
CA ARG F 874 -52.23 80.57 51.44
C ARG F 874 -52.01 79.26 50.67
N LEU F 875 -50.88 78.61 50.92
CA LEU F 875 -50.58 77.33 50.26
C LEU F 875 -51.62 76.24 50.52
N GLY F 876 -52.39 76.39 51.60
CA GLY F 876 -53.41 75.41 51.94
C GLY F 876 -54.48 75.29 50.88
N VAL F 877 -54.60 76.34 50.06
CA VAL F 877 -55.60 76.39 48.99
C VAL F 877 -55.38 75.30 47.95
N LEU F 878 -54.12 74.88 47.77
CA LEU F 878 -53.84 73.87 46.75
C LEU F 878 -53.93 72.50 47.39
N GLY F 879 -55.00 71.78 47.06
CA GLY F 879 -55.25 70.46 47.62
C GLY F 879 -54.50 69.35 46.91
N GLU F 880 -54.34 69.51 45.61
CA GLU F 880 -53.76 68.47 44.76
C GLU F 880 -52.26 68.67 44.56
N LEU F 881 -51.69 69.65 45.25
CA LEU F 881 -50.32 70.05 44.97
C LEU F 881 -49.36 68.95 45.38
N THR F 882 -48.66 68.38 44.41
CA THR F 882 -47.64 67.37 44.68
C THR F 882 -46.20 67.89 44.52
N THR F 883 -46.05 69.11 44.02
CA THR F 883 -44.70 69.62 43.74
C THR F 883 -44.52 71.08 44.13
N LEU F 884 -43.56 71.34 45.01
CA LEU F 884 -43.28 72.71 45.44
C LEU F 884 -41.79 73.02 45.38
N MET F 885 -41.44 73.98 44.54
CA MET F 885 -40.08 74.48 44.48
C MET F 885 -40.12 75.97 44.77
N LEU F 886 -39.48 76.37 45.87
CA LEU F 886 -39.63 77.74 46.35
C LEU F 886 -38.52 78.64 45.83
N PRO F 887 -38.81 79.94 45.71
CA PRO F 887 -37.75 80.88 45.34
C PRO F 887 -37.03 81.31 46.60
N TRP F 888 -36.02 82.16 46.47
CA TRP F 888 -35.24 82.55 47.64
C TRP F 888 -35.03 84.06 47.71
N CYS F 889 -34.58 84.50 48.88
CA CYS F 889 -34.21 85.88 49.10
C CYS F 889 -33.28 85.92 50.30
N TRP F 890 -32.89 87.11 50.73
CA TRP F 890 -32.17 87.20 51.98
C TRP F 890 -33.20 86.97 53.08
N ASP F 891 -32.87 86.14 54.07
CA ASP F 891 -33.71 85.90 55.25
C ASP F 891 -34.77 84.80 55.10
N VAL F 892 -34.76 84.08 53.97
CA VAL F 892 -35.79 83.08 53.66
C VAL F 892 -35.98 82.01 54.72
N HIS F 893 -34.90 81.63 55.39
CA HIS F 893 -34.93 80.51 56.33
C HIS F 893 -35.87 80.73 57.51
N THR F 894 -36.13 81.98 57.84
CA THR F 894 -37.06 82.32 58.91
C THR F 894 -38.48 81.89 58.58
N SER F 895 -38.72 81.61 57.30
CA SER F 895 -40.03 81.14 56.85
C SER F 895 -40.15 79.63 56.89
N LEU F 896 -39.10 78.93 57.32
CA LEU F 896 -39.12 77.48 57.34
C LEU F 896 -40.20 76.91 58.30
N PRO F 897 -40.32 77.46 59.52
CA PRO F 897 -41.41 76.96 60.39
C PRO F 897 -42.79 77.16 59.78
N LYS F 898 -42.98 78.29 59.10
CA LYS F 898 -44.28 78.63 58.51
C LYS F 898 -44.62 77.64 57.39
N LEU F 899 -43.61 77.27 56.61
CA LEU F 899 -43.78 76.34 55.50
C LEU F 899 -44.07 74.93 56.00
N LEU F 900 -43.41 74.52 57.08
CA LEU F 900 -43.59 73.17 57.61
C LEU F 900 -45.01 72.94 58.14
N LYS F 901 -45.60 73.97 58.72
CA LYS F 901 -46.98 73.91 59.20
C LYS F 901 -47.92 73.64 58.03
N GLN F 902 -47.65 74.31 56.91
CA GLN F 902 -48.44 74.14 55.70
C GLN F 902 -48.16 72.81 55.02
N LEU F 903 -46.93 72.32 55.16
CA LEU F 903 -46.54 71.07 54.53
C LEU F 903 -47.00 69.88 55.37
N GLU F 904 -47.48 70.16 56.58
CA GLU F 904 -48.10 69.14 57.41
C GLU F 904 -49.42 68.72 56.78
N GLY F 905 -50.07 69.67 56.11
CA GLY F 905 -51.37 69.44 55.51
C GLY F 905 -51.30 68.95 54.07
N THR F 906 -50.07 68.72 53.60
CA THR F 906 -49.87 68.18 52.26
C THR F 906 -48.97 66.96 52.28
N PRO F 907 -49.46 65.84 52.85
CA PRO F 907 -48.65 64.62 52.81
C PRO F 907 -48.71 64.03 51.41
N GLY F 908 -47.67 63.31 51.02
CA GLY F 908 -47.61 62.79 49.67
C GLY F 908 -47.02 63.82 48.73
N LEU F 909 -46.32 64.79 49.31
CA LEU F 909 -45.64 65.82 48.53
C LEU F 909 -44.52 65.11 47.81
N ALA F 910 -44.53 65.16 46.48
CA ALA F 910 -43.57 64.40 45.69
C ALA F 910 -42.21 65.08 45.55
N LYS F 911 -42.23 66.38 45.27
CA LYS F 911 -40.99 67.10 45.05
C LYS F 911 -40.97 68.35 45.93
N LEU F 912 -39.93 68.48 46.73
CA LEU F 912 -39.77 69.68 47.55
C LEU F 912 -38.39 70.29 47.36
N GLY F 913 -38.35 71.59 47.14
CA GLY F 913 -37.06 72.25 47.24
C GLY F 913 -37.05 73.66 47.75
N LEU F 914 -35.95 73.97 48.43
CA LEU F 914 -35.63 75.31 48.85
C LEU F 914 -34.22 75.53 48.34
N LYS F 915 -34.10 76.38 47.33
CA LYS F 915 -32.81 76.58 46.69
C LYS F 915 -32.27 77.93 47.13
N ASN F 916 -31.04 77.92 47.63
CA ASN F 916 -30.37 79.12 48.13
C ASN F 916 -31.07 79.73 49.35
N TRP F 917 -31.84 78.90 50.05
CA TRP F 917 -32.32 79.23 51.37
C TRP F 917 -31.13 78.93 52.25
N ARG F 918 -30.56 79.92 52.92
CA ARG F 918 -29.37 79.59 53.67
C ARG F 918 -29.86 78.98 54.97
N LEU F 919 -29.91 77.67 54.96
CA LEU F 919 -30.38 76.88 56.11
C LEU F 919 -29.20 76.63 57.01
N ARG F 920 -29.43 76.62 58.31
CA ARG F 920 -28.38 76.30 59.26
C ARG F 920 -28.84 75.08 60.06
N ASP F 921 -28.01 74.63 60.99
CA ASP F 921 -28.29 73.39 61.73
C ASP F 921 -29.61 73.43 62.48
N GLU F 922 -30.03 74.61 62.90
CA GLU F 922 -31.32 74.79 63.56
C GLU F 922 -32.47 74.52 62.58
N GLU F 923 -32.35 75.00 61.34
CA GLU F 923 -33.38 74.75 60.33
C GLU F 923 -33.37 73.28 59.91
N ILE F 924 -32.19 72.69 59.81
CA ILE F 924 -32.05 71.28 59.45
C ILE F 924 -32.63 70.40 60.54
N LYS F 925 -32.51 70.86 61.79
CA LYS F 925 -33.07 70.14 62.92
C LYS F 925 -34.59 70.23 62.87
N SER F 926 -35.09 71.42 62.56
CA SER F 926 -36.53 71.63 62.44
C SER F 926 -37.12 70.73 61.37
N LEU F 927 -36.47 70.70 60.21
CA LEU F 927 -36.91 69.87 59.09
C LEU F 927 -36.81 68.39 59.43
N GLY F 928 -35.79 68.02 60.20
CA GLY F 928 -35.65 66.63 60.62
C GLY F 928 -36.79 66.19 61.52
N GLU F 929 -37.09 67.02 62.52
CA GLU F 929 -38.18 66.73 63.45
C GLU F 929 -39.52 66.68 62.73
N PHE F 930 -39.72 67.62 61.82
CA PHE F 930 -40.92 67.64 60.99
C PHE F 930 -41.03 66.35 60.19
N LEU F 931 -39.91 65.93 59.63
CA LEU F 931 -39.89 64.76 58.75
C LEU F 931 -40.12 63.45 59.52
N GLU F 932 -39.64 63.36 60.74
CA GLU F 932 -39.90 62.16 61.52
C GLU F 932 -41.33 62.14 62.09
N MET F 933 -41.77 63.25 62.64
CA MET F 933 -43.11 63.30 63.23
C MET F 933 -44.25 63.24 62.20
N ASN F 934 -44.14 64.07 61.17
CA ASN F 934 -45.19 64.16 60.14
C ASN F 934 -44.69 63.73 58.76
N PRO F 935 -44.32 62.45 58.62
CA PRO F 935 -43.35 62.10 57.57
C PRO F 935 -43.92 62.16 56.18
N LEU F 936 -43.05 62.46 55.21
CA LEU F 936 -43.44 62.46 53.81
C LEU F 936 -42.92 61.16 53.19
N ARG F 937 -43.81 60.20 52.94
CA ARG F 937 -43.41 58.93 52.36
C ARG F 937 -43.35 58.93 50.83
N ASP F 938 -44.28 59.63 50.20
CA ASP F 938 -44.30 59.75 48.74
C ASP F 938 -43.21 60.65 48.17
N LEU F 939 -42.42 61.27 49.04
CA LEU F 939 -41.54 62.35 48.60
C LEU F 939 -40.46 61.77 47.70
N GLN F 940 -40.49 62.21 46.44
CA GLN F 940 -39.60 61.70 45.39
C GLN F 940 -38.26 62.41 45.25
N GLN F 941 -38.22 63.72 45.48
CA GLN F 941 -36.94 64.43 45.42
C GLN F 941 -36.86 65.64 46.34
N LEU F 942 -35.67 65.84 46.90
CA LEU F 942 -35.44 66.92 47.86
C LEU F 942 -34.26 67.79 47.42
N ASP F 943 -34.51 69.07 47.21
CA ASP F 943 -33.44 69.98 46.80
C ASP F 943 -33.14 70.99 47.89
N LEU F 944 -32.00 70.83 48.55
CA LEU F 944 -31.46 71.87 49.40
C LEU F 944 -30.11 72.32 48.85
N ALA F 945 -30.10 73.50 48.24
CA ALA F 945 -28.85 74.06 47.74
C ALA F 945 -28.61 75.35 48.48
N GLY F 946 -27.45 75.96 48.27
CA GLY F 946 -27.03 77.13 49.01
C GLY F 946 -27.37 76.96 50.49
N HIS F 947 -27.04 75.79 51.03
CA HIS F 947 -27.34 75.49 52.42
C HIS F 947 -26.07 75.64 53.23
N CYS F 948 -26.19 76.21 54.42
CA CYS F 948 -25.05 76.17 55.32
C CYS F 948 -25.34 75.22 56.46
N VAL F 949 -24.94 73.96 56.29
CA VAL F 949 -25.16 72.95 57.30
C VAL F 949 -23.84 72.33 57.70
N SER F 950 -23.56 72.31 58.99
CA SER F 950 -22.33 71.70 59.46
C SER F 950 -22.46 70.18 59.31
N SER F 951 -21.33 69.49 59.32
CA SER F 951 -21.30 68.03 59.18
C SER F 951 -22.10 67.39 60.33
N ASP F 952 -22.03 68.00 61.50
CA ASP F 952 -22.77 67.52 62.68
C ASP F 952 -24.28 67.58 62.45
N GLY F 953 -24.73 68.68 61.84
CA GLY F 953 -26.13 68.87 61.54
C GLY F 953 -26.63 67.83 60.57
N TRP F 954 -25.82 67.58 59.54
CA TRP F 954 -26.13 66.54 58.56
C TRP F 954 -26.20 65.17 59.22
N LEU F 955 -25.29 64.91 60.17
CA LEU F 955 -25.29 63.64 60.88
C LEU F 955 -26.58 63.47 61.68
N TYR F 956 -27.05 64.56 62.28
CA TYR F 956 -28.33 64.53 62.96
C TYR F 956 -29.45 64.23 61.95
N PHE F 957 -29.36 64.86 60.80
CA PHE F 957 -30.40 64.75 59.77
C PHE F 957 -30.50 63.36 59.15
N MET F 958 -29.39 62.65 59.09
CA MET F 958 -29.32 61.36 58.38
C MET F 958 -30.21 60.25 58.97
N ASN F 959 -30.36 60.26 60.29
CA ASN F 959 -31.17 59.24 60.97
C ASN F 959 -32.61 59.26 60.49
N VAL F 960 -33.15 60.47 60.33
CA VAL F 960 -34.49 60.63 59.76
C VAL F 960 -34.43 60.48 58.24
N PHE F 961 -33.31 60.88 57.66
CA PHE F 961 -33.14 60.85 56.21
C PHE F 961 -33.25 59.44 55.66
N GLU F 962 -32.89 58.44 56.48
CA GLU F 962 -33.00 57.04 56.06
C GLU F 962 -34.45 56.68 55.70
N ASN F 963 -35.40 57.29 56.40
CA ASN F 963 -36.80 56.85 56.33
C ASN F 963 -37.58 57.27 55.08
N LEU F 964 -36.99 58.09 54.22
CA LEU F 964 -37.66 58.35 52.95
C LEU F 964 -37.12 57.33 51.97
N LYS F 965 -37.94 56.32 51.67
CA LYS F 965 -37.52 55.20 50.85
C LYS F 965 -37.88 55.39 49.38
N GLN F 966 -38.71 56.39 49.12
CA GLN F 966 -39.21 56.62 47.76
C GLN F 966 -38.37 57.67 47.05
N LEU F 967 -37.29 58.11 47.69
CA LEU F 967 -36.52 59.24 47.19
C LEU F 967 -35.76 58.88 45.92
N VAL F 968 -36.06 59.59 44.84
CA VAL F 968 -35.35 59.42 43.57
C VAL F 968 -34.09 60.29 43.48
N PHE F 969 -34.22 61.54 43.88
CA PHE F 969 -33.19 62.54 43.64
C PHE F 969 -32.99 63.41 44.87
N PHE F 970 -31.74 63.65 45.26
CA PHE F 970 -31.53 64.68 46.26
C PHE F 970 -30.29 65.52 46.02
N ASP F 971 -30.42 66.82 46.31
CA ASP F 971 -29.33 67.75 46.10
C ASP F 971 -28.98 68.40 47.42
N PHE F 972 -27.79 68.13 47.95
CA PHE F 972 -27.30 68.89 49.08
C PHE F 972 -26.09 69.66 48.59
N SER F 973 -26.23 70.97 48.34
CA SER F 973 -25.09 71.66 47.75
C SER F 973 -24.65 72.97 48.41
N THR F 974 -23.39 73.29 48.16
CA THR F 974 -22.71 74.44 48.72
C THR F 974 -21.31 74.53 48.10
N GLU F 975 -20.49 75.47 48.53
CA GLU F 975 -19.17 75.63 47.91
C GLU F 975 -18.02 74.75 48.46
N GLU F 976 -17.49 75.14 49.61
CA GLU F 976 -16.24 74.56 50.14
C GLU F 976 -16.35 73.41 51.16
N PHE F 977 -17.56 72.96 51.44
CA PHE F 977 -17.82 72.09 52.60
C PHE F 977 -17.00 70.79 52.74
N LEU F 978 -16.33 70.65 53.88
CA LEU F 978 -15.53 69.48 54.22
C LEU F 978 -16.25 68.60 55.25
N PRO F 979 -16.72 67.41 54.82
CA PRO F 979 -17.51 66.48 55.64
C PRO F 979 -16.72 65.70 56.71
N ASP F 980 -17.37 65.46 57.85
CA ASP F 980 -16.84 64.58 58.90
C ASP F 980 -16.78 63.12 58.43
N ALA F 981 -15.86 62.35 59.01
CA ALA F 981 -15.71 60.95 58.65
C ALA F 981 -16.96 60.12 58.98
N ALA F 982 -17.56 60.40 60.13
CA ALA F 982 -18.78 59.71 60.53
C ALA F 982 -19.90 60.07 59.55
N LEU F 983 -19.89 61.31 59.11
CA LEU F 983 -20.84 61.78 58.11
C LEU F 983 -20.67 61.03 56.81
N VAL F 984 -19.44 60.79 56.41
CA VAL F 984 -19.17 60.07 55.18
C VAL F 984 -19.59 58.61 55.28
N ARG F 985 -19.25 57.96 56.38
CA ARG F 985 -19.61 56.56 56.57
C ARG F 985 -21.13 56.41 56.57
N LYS F 986 -21.81 57.21 57.38
CA LYS F 986 -23.27 57.19 57.37
C LYS F 986 -23.82 57.58 56.00
N LEU F 987 -23.08 58.39 55.26
CA LEU F 987 -23.52 58.79 53.93
C LEU F 987 -23.57 57.59 53.00
N SER F 988 -22.49 56.82 52.97
CA SER F 988 -22.45 55.61 52.16
C SER F 988 -23.51 54.62 52.64
N GLN F 989 -23.67 54.55 53.97
CA GLN F 989 -24.63 53.64 54.60
C GLN F 989 -26.08 53.92 54.19
N VAL F 990 -26.50 55.18 54.33
CA VAL F 990 -27.85 55.60 53.94
C VAL F 990 -28.06 55.56 52.44
N LEU F 991 -27.06 56.01 51.68
CA LEU F 991 -27.14 56.01 50.23
C LEU F 991 -27.33 54.60 49.69
N SER F 992 -26.67 53.63 50.31
CA SER F 992 -26.92 52.23 50.00
C SER F 992 -28.31 51.84 50.48
N LYS F 993 -28.71 52.41 51.63
CA LYS F 993 -30.03 52.14 52.21
C LYS F 993 -31.19 52.67 51.37
N LEU F 994 -30.93 53.72 50.58
CA LEU F 994 -31.98 54.26 49.72
C LEU F 994 -31.87 53.59 48.36
N THR F 995 -32.85 52.75 48.05
CA THR F 995 -32.79 51.89 46.88
C THR F 995 -33.22 52.58 45.58
N LEU F 996 -34.10 53.58 45.69
CA LEU F 996 -34.68 54.19 44.51
C LEU F 996 -33.91 55.41 44.01
N LEU F 997 -32.79 55.72 44.65
CA LEU F 997 -32.04 56.90 44.26
C LEU F 997 -31.53 56.79 42.83
N GLN F 998 -31.94 57.72 41.97
CA GLN F 998 -31.36 57.89 40.65
C GLN F 998 -30.20 58.88 40.59
N GLU F 999 -30.37 60.01 41.28
CA GLU F 999 -29.37 61.06 41.24
C GLU F 999 -29.12 61.73 42.60
N VAL F 1000 -27.83 61.84 42.91
CA VAL F 1000 -27.39 62.53 44.12
C VAL F 1000 -26.42 63.64 43.74
N LYS F 1001 -26.75 64.87 44.09
CA LYS F 1001 -25.84 65.98 43.81
C LYS F 1001 -25.24 66.53 45.08
N LEU F 1002 -23.97 66.21 45.29
CA LEU F 1002 -23.21 66.81 46.38
C LEU F 1002 -22.07 67.60 45.77
N THR F 1003 -22.19 68.92 45.72
CA THR F 1003 -21.14 69.74 45.15
C THR F 1003 -20.14 70.02 46.25
N GLY F 1004 -18.86 69.82 45.96
CA GLY F 1004 -17.86 69.92 47.01
C GLY F 1004 -17.83 68.59 47.72
N TRP F 1005 -17.71 68.63 49.05
CA TRP F 1005 -17.74 67.44 49.91
C TRP F 1005 -16.50 66.60 49.68
N ILE F 1015 -18.58 53.79 48.91
CA ILE F 1015 -18.24 55.09 48.32
C ILE F 1015 -19.29 55.53 47.30
N LYS F 1016 -19.43 54.77 46.22
CA LYS F 1016 -20.38 55.08 45.17
C LYS F 1016 -21.72 54.39 45.41
N GLY F 1017 -22.59 54.43 44.42
CA GLY F 1017 -23.94 53.90 44.56
C GLY F 1017 -24.57 53.48 43.25
N THR F 1018 -25.69 52.78 43.35
CA THR F 1018 -26.49 52.36 42.20
C THR F 1018 -26.98 53.52 41.33
N PHE F 1019 -26.59 54.74 41.70
CA PHE F 1019 -27.09 55.96 41.09
C PHE F 1019 -25.98 56.81 40.48
N LYS F 1020 -26.36 57.99 39.99
CA LYS F 1020 -25.42 58.95 39.45
C LYS F 1020 -25.07 60.00 40.50
N LEU F 1021 -23.79 60.11 40.82
CA LEU F 1021 -23.32 61.05 41.81
C LEU F 1021 -22.64 62.23 41.11
N VAL F 1022 -22.94 63.44 41.57
CA VAL F 1022 -22.33 64.63 41.00
C VAL F 1022 -21.55 65.41 42.07
N THR F 1023 -20.26 65.57 41.82
CA THR F 1023 -19.38 66.30 42.73
C THR F 1023 -18.78 67.53 42.06
N THR G 94 -38.20 13.61 -82.83
CA THR G 94 -38.97 13.09 -81.70
C THR G 94 -39.55 14.22 -80.85
N GLU G 95 -40.72 13.97 -80.25
CA GLU G 95 -41.40 14.97 -79.43
C GLU G 95 -41.81 14.47 -78.05
N GLU G 96 -42.64 13.44 -78.03
CA GLU G 96 -43.08 12.82 -76.78
C GLU G 96 -41.94 12.33 -75.90
N ASP G 97 -40.88 11.81 -76.53
CA ASP G 97 -39.73 11.31 -75.79
C ASP G 97 -39.07 12.43 -74.97
N LEU G 98 -39.12 13.64 -75.51
CA LEU G 98 -38.56 14.82 -74.88
C LEU G 98 -39.23 15.10 -73.54
N ASN G 99 -40.55 14.91 -73.48
CA ASN G 99 -41.29 15.18 -72.27
C ASN G 99 -40.87 14.24 -71.14
N VAL G 100 -40.66 12.97 -71.48
CA VAL G 100 -40.19 11.99 -70.52
C VAL G 100 -38.75 12.27 -70.12
N LEU G 101 -37.97 12.81 -71.05
CA LEU G 101 -36.59 13.19 -70.73
C LEU G 101 -36.59 14.29 -69.68
N ALA G 102 -37.35 15.36 -69.93
CA ALA G 102 -37.41 16.50 -69.03
C ALA G 102 -37.95 16.09 -67.67
N GLN G 103 -38.97 15.25 -67.67
CA GLN G 103 -39.52 14.72 -66.44
C GLN G 103 -38.49 13.88 -65.69
N ASN G 104 -37.63 13.19 -66.43
CA ASN G 104 -36.57 12.40 -65.82
C ASN G 104 -35.52 13.29 -65.15
N LEU G 105 -35.14 14.38 -65.81
CA LEU G 105 -34.24 15.35 -65.18
C LEU G 105 -34.86 15.94 -63.91
N LYS G 106 -36.13 16.32 -63.98
CA LYS G 106 -36.81 16.86 -62.80
C LYS G 106 -36.83 15.85 -61.66
N ASP G 107 -37.10 14.60 -61.98
CA ASP G 107 -37.15 13.53 -60.99
C ASP G 107 -35.78 13.32 -60.35
N LEU G 108 -34.74 13.35 -61.17
CA LEU G 108 -33.38 13.16 -60.69
C LEU G 108 -33.01 14.30 -59.74
N TYR G 109 -33.27 15.54 -60.17
CA TYR G 109 -32.90 16.70 -59.36
C TYR G 109 -33.76 16.83 -58.10
N ASN G 110 -34.93 16.19 -58.10
CA ASN G 110 -35.84 16.29 -56.95
C ASN G 110 -35.68 15.17 -55.95
N SER G 111 -34.77 14.25 -56.24
CA SER G 111 -34.57 13.09 -55.38
C SER G 111 -33.66 13.42 -54.21
N PRO G 112 -33.83 12.71 -53.08
CA PRO G 112 -32.98 12.90 -51.90
C PRO G 112 -31.52 12.58 -52.20
N ALA G 113 -31.29 11.75 -53.20
CA ALA G 113 -29.94 11.40 -53.62
C ALA G 113 -29.20 12.61 -54.19
N PHE G 114 -29.91 13.39 -54.99
CA PHE G 114 -29.37 14.63 -55.53
C PHE G 114 -29.38 15.75 -54.49
N LEU G 115 -30.44 15.79 -53.68
CA LEU G 115 -30.62 16.86 -52.70
C LEU G 115 -29.60 16.80 -51.57
N ASN G 116 -29.21 15.59 -51.19
CA ASN G 116 -28.31 15.39 -50.07
C ASN G 116 -26.95 14.82 -50.48
N PHE G 117 -25.88 15.36 -49.89
CA PHE G 117 -24.55 14.81 -50.10
C PHE G 117 -23.67 14.99 -48.88
N TYR G 118 -22.60 14.19 -48.80
CA TYR G 118 -21.61 14.34 -47.75
C TYR G 118 -20.46 15.19 -48.28
N PRO G 119 -20.30 16.40 -47.76
CA PRO G 119 -19.25 17.32 -48.21
C PRO G 119 -17.86 16.77 -47.93
N LEU G 120 -17.69 16.14 -46.76
CA LEU G 120 -16.38 15.67 -46.33
C LEU G 120 -16.17 14.18 -46.61
N GLY G 121 -17.11 13.55 -47.29
CA GLY G 121 -17.04 12.13 -47.55
C GLY G 121 -17.99 11.31 -46.68
N GLU G 122 -18.16 10.05 -47.03
CA GLU G 122 -19.15 9.20 -46.37
C GLU G 122 -18.79 8.76 -44.95
N ASP G 123 -17.53 8.95 -44.55
CA ASP G 123 -17.06 8.44 -43.27
C ASP G 123 -17.12 9.48 -42.16
N ILE G 124 -17.60 10.67 -42.50
CA ILE G 124 -17.78 11.73 -41.52
C ILE G 124 -19.22 12.17 -41.53
N ASP G 125 -19.83 12.36 -40.36
CA ASP G 125 -21.23 12.70 -40.37
C ASP G 125 -21.37 14.21 -40.40
N ILE G 126 -21.55 14.70 -41.63
CA ILE G 126 -21.97 16.06 -41.93
C ILE G 126 -22.78 15.93 -43.21
N ILE G 127 -23.98 16.50 -43.24
CA ILE G 127 -24.80 16.40 -44.45
C ILE G 127 -25.26 17.78 -44.91
N PHE G 128 -25.04 18.07 -46.19
CA PHE G 128 -25.46 19.34 -46.74
C PHE G 128 -26.67 19.14 -47.63
N ASN G 129 -27.68 19.97 -47.42
CA ASN G 129 -28.91 19.89 -48.19
C ASN G 129 -29.14 21.16 -49.01
N LEU G 130 -29.42 20.98 -50.30
CA LEU G 130 -29.60 22.08 -51.23
C LEU G 130 -30.74 23.02 -50.82
N GLU G 131 -31.75 22.47 -50.15
CA GLU G 131 -32.84 23.29 -49.62
C GLU G 131 -32.52 23.88 -48.24
N LYS G 132 -32.39 23.01 -47.26
CA LYS G 132 -32.31 23.44 -45.86
C LYS G 132 -30.96 24.02 -45.43
N THR G 133 -29.87 23.40 -45.87
CA THR G 133 -28.54 23.81 -45.41
C THR G 133 -27.95 24.95 -46.24
N PHE G 134 -28.62 25.29 -47.33
CA PHE G 134 -28.10 26.28 -48.28
C PHE G 134 -28.42 27.69 -47.80
N THR G 135 -27.39 28.52 -47.71
CA THR G 135 -27.60 29.92 -47.37
C THR G 135 -27.35 30.75 -48.61
N GLU G 136 -28.16 31.78 -48.83
CA GLU G 136 -28.05 32.58 -50.03
C GLU G 136 -26.75 33.37 -50.00
N PRO G 137 -25.88 33.16 -50.99
CA PRO G 137 -24.60 33.87 -51.04
C PRO G 137 -24.80 35.28 -51.56
N ILE G 138 -23.81 36.14 -51.34
CA ILE G 138 -23.84 37.46 -51.94
C ILE G 138 -22.88 37.39 -53.12
N MET G 139 -23.31 37.89 -54.27
CA MET G 139 -22.56 37.74 -55.51
C MET G 139 -22.15 39.09 -56.08
N TRP G 140 -21.12 39.08 -56.92
CA TRP G 140 -20.66 40.34 -57.49
C TRP G 140 -20.46 40.23 -58.99
N LYS G 141 -21.03 41.16 -59.75
CA LYS G 141 -20.83 41.18 -61.19
C LYS G 141 -19.44 41.75 -61.49
N LYS G 142 -18.75 41.16 -62.46
CA LYS G 142 -17.38 41.57 -62.76
C LYS G 142 -17.29 42.24 -64.12
N ASP G 143 -16.57 43.37 -64.17
CA ASP G 143 -16.48 44.23 -65.36
C ASP G 143 -15.32 43.97 -66.32
N HIS G 144 -14.59 42.89 -66.11
CA HIS G 144 -13.39 42.48 -66.88
C HIS G 144 -12.12 43.18 -66.40
N ARG G 145 -12.28 44.18 -65.54
CA ARG G 145 -11.16 44.80 -64.84
C ARG G 145 -11.05 44.08 -63.51
N HIS G 146 -11.90 43.06 -63.36
CA HIS G 146 -11.97 42.20 -62.17
C HIS G 146 -12.42 43.00 -60.95
N HIS G 147 -13.15 44.09 -61.21
CA HIS G 147 -13.77 44.88 -60.16
C HIS G 147 -15.25 44.53 -60.06
N ARG G 148 -15.82 44.63 -58.86
CA ARG G 148 -17.20 44.25 -58.66
C ARG G 148 -18.12 45.43 -58.92
N VAL G 149 -18.87 45.36 -60.01
CA VAL G 149 -19.77 46.44 -60.42
C VAL G 149 -21.04 46.51 -59.60
N GLU G 150 -21.72 45.37 -59.50
CA GLU G 150 -23.05 45.33 -58.90
C GLU G 150 -23.23 44.05 -58.10
N GLN G 151 -23.98 44.15 -57.00
CA GLN G 151 -24.25 43.01 -56.14
C GLN G 151 -25.44 42.22 -56.65
N LEU G 152 -25.35 40.90 -56.55
CA LEU G 152 -26.40 40.03 -57.05
C LEU G 152 -26.86 39.04 -56.00
N THR G 153 -27.97 38.40 -56.30
CA THR G 153 -28.47 37.27 -55.55
C THR G 153 -28.53 36.19 -56.60
N LEU G 154 -28.69 34.94 -56.18
CA LEU G 154 -28.78 33.85 -57.14
C LEU G 154 -29.95 34.11 -58.08
N GLY G 155 -31.05 34.57 -57.51
CA GLY G 155 -32.23 34.91 -58.28
C GLY G 155 -32.04 36.06 -59.24
N SER G 156 -31.43 37.16 -58.79
CA SER G 156 -31.22 38.33 -59.67
C SER G 156 -30.25 37.99 -60.80
N LEU G 157 -29.25 37.18 -60.49
CA LEU G 157 -28.27 36.76 -61.49
C LEU G 157 -28.98 35.90 -62.51
N LEU G 158 -29.86 35.02 -62.04
CA LEU G 158 -30.64 34.19 -62.95
C LEU G 158 -31.58 35.05 -63.80
N GLU G 159 -32.07 36.15 -63.24
CA GLU G 159 -32.96 37.04 -63.97
C GLU G 159 -32.25 37.80 -65.09
N ALA G 160 -31.02 38.22 -64.84
CA ALA G 160 -30.29 38.98 -65.86
C ALA G 160 -29.31 38.16 -66.69
N LEU G 161 -29.28 36.85 -66.48
CA LEU G 161 -28.21 36.00 -67.02
C LEU G 161 -28.08 36.01 -68.56
N LYS G 162 -26.84 36.06 -69.04
CA LYS G 162 -26.50 35.98 -70.46
C LYS G 162 -25.47 34.90 -70.65
N SER G 163 -25.44 34.31 -71.84
CA SER G 163 -24.59 33.16 -72.07
C SER G 163 -23.42 33.49 -73.02
N PRO G 164 -22.27 32.83 -72.86
CA PRO G 164 -21.94 31.94 -71.73
C PRO G 164 -21.75 32.71 -70.42
N CYS G 165 -22.32 32.19 -69.34
CA CYS G 165 -22.18 32.80 -68.03
C CYS G 165 -21.08 32.11 -67.24
N LEU G 166 -20.22 32.90 -66.62
CA LEU G 166 -19.12 32.35 -65.83
C LEU G 166 -19.28 32.72 -64.35
N ILE G 167 -19.25 31.71 -63.49
CA ILE G 167 -19.22 31.95 -62.06
C ILE G 167 -17.87 31.54 -61.52
N GLU G 168 -17.19 32.48 -60.87
CA GLU G 168 -15.84 32.26 -60.41
C GLU G 168 -15.73 32.50 -58.90
N GLY G 169 -14.66 31.99 -58.31
CA GLY G 169 -14.39 32.21 -56.90
C GLY G 169 -13.26 31.32 -56.41
N GLU G 170 -12.88 31.51 -55.15
CA GLU G 170 -11.83 30.72 -54.54
C GLU G 170 -12.34 29.30 -54.30
N SER G 171 -11.43 28.38 -54.04
CA SER G 171 -11.83 26.99 -53.84
C SER G 171 -12.64 26.85 -52.56
N GLY G 172 -13.79 26.18 -52.67
CA GLY G 172 -14.67 26.00 -51.53
C GLY G 172 -15.66 27.14 -51.31
N LYS G 173 -15.79 28.02 -52.30
CA LYS G 173 -16.62 29.22 -52.17
C LYS G 173 -18.13 28.94 -52.26
N GLY G 174 -18.49 27.74 -52.71
CA GLY G 174 -19.90 27.38 -52.84
C GLY G 174 -20.44 27.42 -54.26
N LYS G 175 -19.53 27.45 -55.23
CA LYS G 175 -19.88 27.52 -56.64
C LYS G 175 -20.62 26.29 -57.18
N SER G 176 -20.06 25.11 -56.94
CA SER G 176 -20.64 23.86 -57.40
C SER G 176 -22.01 23.65 -56.77
N THR G 177 -22.06 23.88 -55.46
CA THR G 177 -23.30 23.80 -54.70
C THR G 177 -24.31 24.82 -55.23
N LEU G 178 -23.82 25.93 -55.77
CA LEU G 178 -24.67 26.92 -56.40
C LEU G 178 -25.28 26.37 -57.68
N LEU G 179 -24.48 25.67 -58.47
CA LEU G 179 -25.01 25.05 -59.69
C LEU G 179 -26.07 23.99 -59.36
N GLN G 180 -25.77 23.16 -58.36
CA GLN G 180 -26.73 22.16 -57.91
C GLN G 180 -28.00 22.83 -57.40
N ARG G 181 -27.83 23.97 -56.74
CA ARG G 181 -28.94 24.78 -56.24
C ARG G 181 -29.81 25.28 -57.40
N ILE G 182 -29.17 25.71 -58.48
CA ILE G 182 -29.91 26.12 -59.68
C ILE G 182 -30.69 24.95 -60.25
N ALA G 183 -30.05 23.78 -60.29
CA ALA G 183 -30.69 22.58 -60.82
C ALA G 183 -31.94 22.22 -60.00
N MET G 184 -31.79 22.22 -58.68
CA MET G 184 -32.91 21.90 -57.81
C MET G 184 -34.01 22.96 -57.90
N LEU G 185 -33.62 24.21 -58.16
CA LEU G 185 -34.59 25.29 -58.34
C LEU G 185 -35.38 25.19 -59.64
N TRP G 186 -34.74 24.73 -60.71
CA TRP G 186 -35.43 24.59 -61.99
C TRP G 186 -36.57 23.59 -61.86
N ALA G 187 -36.27 22.41 -61.36
CA ALA G 187 -37.31 21.45 -60.99
C ALA G 187 -37.93 21.97 -59.70
N SER G 188 -38.98 21.32 -59.21
CA SER G 188 -39.66 21.74 -57.99
C SER G 188 -39.88 23.25 -57.98
N GLY G 189 -39.40 23.91 -56.92
CA GLY G 189 -39.48 25.36 -56.84
C GLY G 189 -40.87 25.93 -56.64
N GLY G 190 -41.25 26.83 -57.54
CA GLY G 190 -40.46 27.08 -58.74
C GLY G 190 -39.63 28.33 -58.75
N CYS G 191 -39.00 28.58 -59.89
CA CYS G 191 -38.18 29.77 -60.09
C CYS G 191 -38.70 30.54 -61.29
N ARG G 192 -38.90 31.84 -61.08
CA ARG G 192 -39.42 32.73 -62.09
C ARG G 192 -38.47 32.86 -63.27
N ALA G 193 -37.17 32.97 -63.00
CA ALA G 193 -36.15 33.10 -64.04
C ALA G 193 -35.92 31.81 -64.85
N LEU G 194 -36.08 30.66 -64.19
CA LEU G 194 -35.74 29.37 -64.80
C LEU G 194 -36.88 28.65 -65.52
N LYS G 195 -38.06 29.27 -65.56
CA LYS G 195 -39.23 28.60 -66.13
C LYS G 195 -39.16 28.45 -67.64
N GLY G 196 -38.26 29.21 -68.28
CA GLY G 196 -38.12 29.18 -69.71
C GLY G 196 -37.39 27.95 -70.21
N PHE G 197 -36.74 27.23 -69.30
CA PHE G 197 -35.91 26.09 -69.67
C PHE G 197 -36.68 24.78 -69.68
N ARG G 198 -36.71 24.14 -70.84
CA ARG G 198 -37.35 22.84 -70.99
C ARG G 198 -36.50 21.73 -70.37
N LEU G 199 -35.20 21.81 -70.59
CA LEU G 199 -34.26 20.83 -70.04
C LEU G 199 -33.07 21.54 -69.42
N VAL G 200 -32.62 21.08 -68.26
CA VAL G 200 -31.34 21.51 -67.72
C VAL G 200 -30.47 20.31 -67.36
N PHE G 201 -29.23 20.35 -67.81
CA PHE G 201 -28.29 19.26 -67.59
C PHE G 201 -27.16 19.69 -66.66
N PHE G 202 -26.93 18.93 -65.60
CA PHE G 202 -25.83 19.23 -64.69
C PHE G 202 -24.67 18.27 -64.88
N ILE G 203 -23.49 18.81 -65.15
CA ILE G 203 -22.31 17.99 -65.37
C ILE G 203 -21.11 18.41 -64.51
N HIS G 204 -20.38 17.41 -64.01
CA HIS G 204 -19.08 17.64 -63.43
C HIS G 204 -18.09 17.47 -64.58
N LEU G 205 -17.36 18.52 -64.92
CA LEU G 205 -16.51 18.52 -66.11
C LEU G 205 -15.33 17.54 -65.98
N ARG G 206 -14.99 17.18 -64.75
CA ARG G 206 -13.88 16.26 -64.51
C ARG G 206 -14.14 14.86 -65.08
N SER G 207 -15.38 14.41 -65.00
CA SER G 207 -15.76 13.09 -65.50
C SER G 207 -16.30 13.15 -66.92
N ALA G 208 -16.14 14.29 -67.58
CA ALA G 208 -16.56 14.45 -68.96
C ALA G 208 -15.58 13.84 -69.96
N ARG G 209 -16.05 12.84 -70.70
CA ARG G 209 -15.22 12.13 -71.67
C ARG G 209 -16.05 11.89 -72.92
N GLY G 210 -15.38 11.54 -74.01
CA GLY G 210 -16.04 11.24 -75.27
C GLY G 210 -16.71 12.47 -75.84
N GLY G 211 -18.02 12.38 -76.07
CA GLY G 211 -18.80 13.49 -76.56
C GLY G 211 -19.76 14.00 -75.51
N LEU G 212 -20.45 15.09 -75.82
CA LEU G 212 -21.45 15.66 -74.92
C LEU G 212 -22.54 14.65 -74.60
N PHE G 213 -23.01 13.95 -75.64
CA PHE G 213 -24.07 12.97 -75.51
C PHE G 213 -23.65 11.83 -74.59
N GLU G 214 -22.44 11.31 -74.81
CA GLU G 214 -21.93 10.23 -73.95
C GLU G 214 -21.75 10.70 -72.52
N THR G 215 -21.34 11.96 -72.35
CA THR G 215 -21.14 12.48 -71.01
C THR G 215 -22.47 12.53 -70.26
N LEU G 216 -23.47 13.12 -70.88
CA LEU G 216 -24.80 13.20 -70.28
C LEU G 216 -25.41 11.83 -70.03
N TYR G 217 -25.28 10.94 -71.01
CA TYR G 217 -25.87 9.61 -70.93
C TYR G 217 -25.23 8.79 -69.82
N ASP G 218 -23.89 8.80 -69.77
CA ASP G 218 -23.15 8.02 -68.79
C ASP G 218 -23.27 8.59 -67.37
N GLN G 219 -23.36 9.91 -67.24
CA GLN G 219 -23.47 10.54 -65.92
C GLN G 219 -24.89 10.57 -65.36
N LEU G 220 -25.83 11.13 -66.11
CA LEU G 220 -27.18 11.34 -65.59
C LEU G 220 -27.98 10.04 -65.47
N LEU G 221 -27.78 9.14 -66.43
CA LEU G 221 -28.30 7.76 -66.41
C LEU G 221 -29.79 7.62 -66.71
N ASN G 222 -30.52 8.74 -66.74
CA ASN G 222 -31.96 8.66 -66.95
C ASN G 222 -32.38 8.91 -68.39
N ILE G 223 -31.40 9.09 -69.27
CA ILE G 223 -31.66 9.37 -70.67
C ILE G 223 -32.27 8.15 -71.34
N PRO G 224 -33.39 8.36 -72.05
CA PRO G 224 -34.17 7.30 -72.70
C PRO G 224 -33.35 6.45 -73.67
N ASP G 225 -33.77 5.20 -73.81
CA ASP G 225 -33.06 4.16 -74.54
C ASP G 225 -32.86 4.58 -76.00
N PHE G 226 -33.97 4.81 -76.70
CA PHE G 226 -33.95 5.01 -78.15
C PHE G 226 -33.48 6.38 -78.66
N ILE G 227 -33.11 7.28 -77.75
CA ILE G 227 -32.51 8.55 -78.16
C ILE G 227 -31.01 8.40 -78.45
N SER G 228 -30.63 8.83 -79.64
CA SER G 228 -29.30 8.58 -80.19
C SER G 228 -28.50 9.87 -80.28
N LYS G 229 -27.19 9.74 -80.43
CA LYS G 229 -26.26 10.87 -80.50
C LYS G 229 -26.64 11.92 -81.57
N PRO G 230 -26.91 11.48 -82.82
CA PRO G 230 -27.31 12.50 -83.80
C PRO G 230 -28.67 13.13 -83.46
N THR G 231 -29.62 12.30 -83.03
CA THR G 231 -30.95 12.78 -82.65
C THR G 231 -30.88 13.73 -81.47
N PHE G 232 -30.01 13.43 -80.50
CA PHE G 232 -29.82 14.30 -79.35
C PHE G 232 -29.20 15.62 -79.75
N LYS G 233 -28.21 15.54 -80.63
CA LYS G 233 -27.52 16.71 -81.14
C LYS G 233 -28.49 17.64 -81.86
N ALA G 234 -29.30 17.07 -82.75
CA ALA G 234 -30.32 17.84 -83.46
C ALA G 234 -31.38 18.40 -82.51
N LEU G 235 -31.73 17.60 -81.51
CA LEU G 235 -32.75 17.99 -80.54
C LEU G 235 -32.35 19.23 -79.74
N LEU G 236 -31.09 19.28 -79.33
CA LEU G 236 -30.60 20.41 -78.56
C LEU G 236 -30.68 21.65 -79.44
N LEU G 237 -30.33 21.47 -80.71
CA LEU G 237 -30.41 22.53 -81.71
C LEU G 237 -31.84 23.03 -81.85
N LYS G 238 -32.80 22.12 -81.82
CA LYS G 238 -34.20 22.50 -81.89
C LYS G 238 -34.56 23.32 -80.66
N LEU G 239 -34.07 22.87 -79.52
CA LEU G 239 -34.46 23.47 -78.26
C LEU G 239 -33.84 24.84 -78.00
N HIS G 240 -32.73 25.16 -78.68
CA HIS G 240 -32.20 26.53 -78.68
C HIS G 240 -31.87 27.01 -77.25
N LYS G 241 -32.53 28.09 -76.82
CA LYS G 241 -32.30 28.69 -75.51
C LYS G 241 -33.22 28.10 -74.45
N GLU G 242 -33.97 27.07 -74.84
CA GLU G 242 -34.90 26.43 -73.93
C GLU G 242 -34.17 25.35 -73.15
N VAL G 243 -32.88 25.18 -73.45
CA VAL G 243 -32.04 24.21 -72.76
C VAL G 243 -30.84 24.86 -72.06
N LEU G 244 -30.65 24.52 -70.78
CA LEU G 244 -29.60 25.07 -69.94
C LEU G 244 -28.55 24.05 -69.54
N PHE G 245 -27.28 24.36 -69.79
CA PHE G 245 -26.19 23.51 -69.33
C PHE G 245 -25.52 24.14 -68.10
N LEU G 246 -25.38 23.33 -67.05
CA LEU G 246 -24.62 23.73 -65.87
C LEU G 246 -23.35 22.91 -65.81
N LEU G 247 -22.22 23.56 -66.03
CA LEU G 247 -20.95 22.88 -66.17
C LEU G 247 -20.05 23.23 -65.00
N ASP G 248 -19.57 22.21 -64.30
CA ASP G 248 -18.90 22.42 -63.03
C ASP G 248 -17.40 22.16 -63.09
N GLY G 249 -16.63 23.11 -62.59
CA GLY G 249 -15.20 22.93 -62.43
C GLY G 249 -14.40 22.86 -63.72
N TYR G 250 -14.48 23.90 -64.54
CA TYR G 250 -13.67 23.97 -65.75
C TYR G 250 -12.18 23.90 -65.43
N ASN G 251 -11.81 24.30 -64.21
CA ASN G 251 -10.43 24.19 -63.75
C ASN G 251 -10.04 22.74 -63.52
N GLU G 252 -11.05 21.88 -63.33
CA GLU G 252 -10.83 20.46 -63.11
C GLU G 252 -10.95 19.73 -64.44
N PHE G 253 -11.17 20.50 -65.51
CA PHE G 253 -11.46 19.95 -66.82
C PHE G 253 -10.22 19.94 -67.71
N HIS G 254 -9.93 18.78 -68.29
CA HIS G 254 -8.88 18.70 -69.28
C HIS G 254 -9.60 18.58 -70.62
N PRO G 255 -9.59 19.68 -71.40
CA PRO G 255 -10.42 19.85 -72.60
C PRO G 255 -10.19 18.84 -73.71
N GLN G 256 -9.04 18.19 -73.71
CA GLN G 256 -8.71 17.23 -74.76
C GLN G 256 -9.53 15.95 -74.65
N ASN G 257 -10.00 15.65 -73.44
CA ASN G 257 -10.78 14.44 -73.20
C ASN G 257 -12.18 14.51 -73.81
N CYS G 258 -12.79 15.69 -73.78
CA CYS G 258 -14.10 15.89 -74.37
C CYS G 258 -14.19 17.20 -75.15
N PRO G 259 -13.76 17.17 -76.42
CA PRO G 259 -13.74 18.35 -77.30
C PRO G 259 -15.11 18.96 -77.55
N GLU G 260 -16.16 18.16 -77.52
CA GLU G 260 -17.51 18.67 -77.80
C GLU G 260 -18.01 19.63 -76.71
N ILE G 261 -17.76 19.31 -75.43
CA ILE G 261 -18.12 20.20 -74.34
C ILE G 261 -17.29 21.49 -74.35
N GLU G 262 -15.99 21.33 -74.62
CA GLU G 262 -15.09 22.46 -74.77
C GLU G 262 -15.58 23.39 -75.88
N ALA G 263 -16.07 22.79 -76.95
CA ALA G 263 -16.63 23.57 -78.06
C ALA G 263 -17.92 24.23 -77.62
N LEU G 264 -18.69 23.51 -76.80
CA LEU G 264 -19.97 24.02 -76.29
C LEU G 264 -19.77 25.29 -75.49
N ILE G 265 -18.72 25.32 -74.67
CA ILE G 265 -18.39 26.51 -73.92
C ILE G 265 -17.76 27.59 -74.78
N LYS G 266 -16.71 27.22 -75.51
CA LYS G 266 -15.88 28.21 -76.19
C LYS G 266 -16.48 28.69 -77.50
N GLU G 267 -17.16 27.82 -78.23
CA GLU G 267 -17.94 28.27 -79.36
C GLU G 267 -19.41 27.99 -79.03
N ASN G 268 -20.12 29.02 -78.59
CA ASN G 268 -21.50 28.83 -78.15
C ASN G 268 -22.48 29.04 -79.29
N HIS G 269 -21.97 29.56 -80.40
CA HIS G 269 -22.78 29.85 -81.57
C HIS G 269 -23.20 28.60 -82.32
N ARG G 270 -22.35 27.58 -82.34
CA ARG G 270 -22.69 26.34 -83.00
C ARG G 270 -23.80 25.62 -82.24
N PHE G 271 -23.71 25.68 -80.92
CA PHE G 271 -24.65 25.00 -80.05
C PHE G 271 -25.91 25.83 -79.79
N LYS G 272 -25.70 27.11 -79.49
CA LYS G 272 -26.77 28.08 -79.26
C LYS G 272 -27.54 27.84 -77.97
N ASN G 273 -27.14 26.82 -77.22
CA ASN G 273 -27.74 26.53 -75.92
C ASN G 273 -27.15 27.44 -74.86
N MET G 274 -27.84 27.59 -73.73
CA MET G 274 -27.35 28.44 -72.66
C MET G 274 -26.47 27.62 -71.72
N VAL G 275 -25.31 28.15 -71.39
CA VAL G 275 -24.38 27.46 -70.50
C VAL G 275 -23.93 28.32 -69.32
N ILE G 276 -23.83 27.68 -68.16
CA ILE G 276 -23.25 28.31 -66.98
C ILE G 276 -22.09 27.46 -66.49
N VAL G 277 -20.89 28.05 -66.44
CA VAL G 277 -19.70 27.30 -66.09
C VAL G 277 -19.08 27.79 -64.78
N THR G 278 -18.53 26.84 -64.03
CA THR G 278 -17.90 27.11 -62.74
C THR G 278 -16.39 26.93 -62.79
N THR G 279 -15.66 27.87 -62.20
CA THR G 279 -14.20 27.80 -62.17
C THR G 279 -13.61 28.59 -61.01
N THR G 280 -12.36 28.29 -60.68
CA THR G 280 -11.62 29.08 -59.69
C THR G 280 -11.09 30.35 -60.35
N THR G 281 -10.83 31.37 -59.55
CA THR G 281 -10.34 32.64 -60.06
C THR G 281 -8.98 32.46 -60.74
N GLU G 282 -8.14 31.60 -60.16
CA GLU G 282 -6.80 31.37 -60.67
C GLU G 282 -6.82 30.84 -62.09
N CYS G 283 -7.79 29.98 -62.38
CA CYS G 283 -7.89 29.37 -63.70
C CYS G 283 -8.89 30.10 -64.62
N LEU G 284 -9.47 31.17 -64.11
CA LEU G 284 -10.51 31.90 -64.84
C LEU G 284 -9.97 32.49 -66.14
N ARG G 285 -8.67 32.74 -66.17
CA ARG G 285 -7.99 33.28 -67.34
C ARG G 285 -8.21 32.43 -68.59
N HIS G 286 -8.26 31.12 -68.40
CA HIS G 286 -8.47 30.18 -69.50
C HIS G 286 -9.83 30.33 -70.19
N ILE G 287 -10.87 30.55 -69.39
CA ILE G 287 -12.23 30.68 -69.90
C ILE G 287 -12.72 32.12 -70.05
N ARG G 288 -11.88 33.08 -69.70
CA ARG G 288 -12.34 34.46 -69.50
C ARG G 288 -12.96 35.18 -70.71
N HIS G 289 -12.27 35.12 -71.84
CA HIS G 289 -12.69 35.86 -73.03
C HIS G 289 -14.05 35.46 -73.62
N VAL G 290 -14.47 34.22 -73.41
CA VAL G 290 -15.69 33.73 -74.04
C VAL G 290 -16.97 34.20 -73.34
N GLY G 291 -16.90 34.43 -72.03
CA GLY G 291 -18.09 34.70 -71.24
C GLY G 291 -18.72 36.07 -71.47
N ALA G 292 -20.04 36.08 -71.64
CA ALA G 292 -20.77 37.33 -71.82
C ALA G 292 -21.27 37.86 -70.48
N LEU G 293 -21.15 37.04 -69.46
CA LEU G 293 -21.43 37.45 -68.10
C LEU G 293 -20.47 36.75 -67.17
N THR G 294 -19.97 37.48 -66.17
CA THR G 294 -19.08 36.90 -65.19
C THR G 294 -19.45 37.37 -63.80
N ALA G 295 -19.67 36.42 -62.90
CA ALA G 295 -20.01 36.75 -61.52
C ALA G 295 -19.10 35.99 -60.56
N GLU G 296 -18.87 36.61 -59.41
CA GLU G 296 -18.01 36.03 -58.39
C GLU G 296 -18.85 35.71 -57.16
N VAL G 297 -18.61 34.55 -56.58
CA VAL G 297 -19.27 34.17 -55.34
C VAL G 297 -18.52 34.85 -54.21
N GLY G 298 -19.23 35.67 -53.45
CA GLY G 298 -18.61 36.50 -52.43
C GLY G 298 -18.27 35.75 -51.18
N ASP G 299 -17.75 36.48 -50.19
CA ASP G 299 -17.41 35.90 -48.91
C ASP G 299 -18.68 35.49 -48.18
N MET G 300 -18.53 34.57 -47.23
CA MET G 300 -19.66 34.08 -46.46
C MET G 300 -19.84 34.95 -45.22
N THR G 301 -21.07 35.43 -45.01
CA THR G 301 -21.34 36.32 -43.90
C THR G 301 -21.25 35.54 -42.61
N GLU G 302 -20.92 36.23 -41.53
CA GLU G 302 -20.70 35.59 -40.25
C GLU G 302 -21.97 34.86 -39.78
N ASP G 303 -23.12 35.48 -40.06
CA ASP G 303 -24.41 34.89 -39.73
C ASP G 303 -24.68 33.63 -40.55
N SER G 304 -24.33 33.66 -41.84
CA SER G 304 -24.54 32.50 -42.70
C SER G 304 -23.64 31.34 -42.27
N ALA G 305 -22.40 31.68 -41.89
CA ALA G 305 -21.45 30.70 -41.40
C ALA G 305 -21.93 30.06 -40.10
N LYS G 306 -22.42 30.90 -39.18
CA LYS G 306 -22.95 30.38 -37.92
C LYS G 306 -24.23 29.58 -38.15
N ASP G 307 -24.99 29.95 -39.16
CA ASP G 307 -26.20 29.21 -39.52
C ASP G 307 -25.80 27.82 -39.98
N LEU G 308 -24.74 27.76 -40.79
CA LEU G 308 -24.23 26.47 -41.23
C LEU G 308 -23.71 25.64 -40.07
N ILE G 309 -22.94 26.25 -39.18
CA ILE G 309 -22.41 25.55 -38.01
C ILE G 309 -23.53 25.00 -37.14
N GLU G 310 -24.53 25.83 -36.86
CA GLU G 310 -25.67 25.45 -36.06
C GLU G 310 -26.43 24.32 -36.75
N ALA G 311 -26.41 24.34 -38.08
CA ALA G 311 -27.06 23.30 -38.87
C ALA G 311 -26.36 21.94 -38.77
N VAL G 312 -25.04 21.93 -38.87
CA VAL G 312 -24.32 20.66 -38.93
C VAL G 312 -23.75 20.19 -37.59
N LEU G 313 -23.99 20.95 -36.52
CA LEU G 313 -23.34 20.66 -35.25
C LEU G 313 -24.29 20.71 -34.06
N VAL G 314 -23.96 19.92 -33.03
CA VAL G 314 -24.71 19.93 -31.78
C VAL G 314 -24.36 21.20 -30.99
N PRO G 315 -25.34 21.74 -30.24
CA PRO G 315 -25.25 23.06 -29.59
C PRO G 315 -24.02 23.26 -28.71
N ASP G 316 -23.61 22.22 -27.99
CA ASP G 316 -22.45 22.30 -27.12
C ASP G 316 -21.22 22.67 -27.94
N GLN G 317 -21.06 21.93 -29.03
CA GLN G 317 -19.94 22.14 -29.94
C GLN G 317 -20.14 23.41 -30.76
N VAL G 318 -21.40 23.81 -30.92
CA VAL G 318 -21.70 25.08 -31.58
C VAL G 318 -21.12 26.24 -30.78
N GLU G 319 -21.35 26.25 -29.47
CA GLU G 319 -20.84 27.31 -28.62
C GLU G 319 -19.32 27.22 -28.41
N ARG G 320 -18.81 26.00 -28.25
CA ARG G 320 -17.36 25.82 -28.12
C ARG G 320 -16.65 26.37 -29.35
N LEU G 321 -17.09 25.91 -30.52
CA LEU G 321 -16.50 26.31 -31.78
C LEU G 321 -16.69 27.79 -32.05
N TRP G 322 -17.86 28.33 -31.74
CA TRP G 322 -18.11 29.74 -32.00
C TRP G 322 -17.26 30.65 -31.12
N ALA G 323 -17.07 30.25 -29.87
CA ALA G 323 -16.19 31.00 -28.98
C ALA G 323 -14.78 30.97 -29.53
N GLN G 324 -14.35 29.78 -29.94
CA GLN G 324 -13.01 29.61 -30.52
C GLN G 324 -12.85 30.46 -31.79
N ILE G 325 -13.93 30.63 -32.54
CA ILE G 325 -13.93 31.43 -33.76
C ILE G 325 -13.79 32.90 -33.46
N GLN G 326 -14.60 33.38 -32.52
CA GLN G 326 -14.59 34.81 -32.19
C GLN G 326 -13.33 35.22 -31.45
N GLU G 327 -12.63 34.25 -30.87
CA GLU G 327 -11.37 34.55 -30.21
C GLU G 327 -10.19 34.70 -31.18
N SER G 328 -10.27 34.02 -32.33
CA SER G 328 -9.20 34.08 -33.32
C SER G 328 -9.63 34.81 -34.58
N ARG G 329 -8.81 35.75 -35.03
CA ARG G 329 -9.12 36.53 -36.22
C ARG G 329 -8.87 35.71 -37.49
N CYS G 330 -7.83 34.89 -37.45
CA CYS G 330 -7.46 34.06 -38.59
C CYS G 330 -8.56 33.04 -38.90
N LEU G 331 -9.07 32.41 -37.85
CA LEU G 331 -10.16 31.45 -38.00
C LEU G 331 -11.40 32.12 -38.56
N ARG G 332 -11.64 33.35 -38.10
CA ARG G 332 -12.76 34.15 -38.56
C ARG G 332 -12.63 34.42 -40.06
N ASN G 333 -11.41 34.70 -40.50
CA ASN G 333 -11.15 34.90 -41.92
C ASN G 333 -11.32 33.61 -42.72
N LEU G 334 -10.91 32.49 -42.12
CA LEU G 334 -11.11 31.18 -42.73
C LEU G 334 -12.60 30.84 -42.81
N MET G 335 -13.41 31.53 -42.01
CA MET G 335 -14.83 31.26 -41.97
C MET G 335 -15.58 31.98 -43.09
N LYS G 336 -14.83 32.71 -43.90
CA LYS G 336 -15.41 33.38 -45.07
C LYS G 336 -15.59 32.38 -46.21
N THR G 337 -14.94 31.22 -46.11
CA THR G 337 -15.10 30.15 -47.08
C THR G 337 -15.84 28.97 -46.46
N PRO G 338 -16.99 28.59 -47.04
CA PRO G 338 -17.89 27.56 -46.50
C PRO G 338 -17.28 26.18 -46.31
N LEU G 339 -16.41 25.78 -47.24
CA LEU G 339 -15.76 24.48 -47.17
C LEU G 339 -14.95 24.41 -45.88
N PHE G 340 -14.22 25.49 -45.61
CA PHE G 340 -13.39 25.57 -44.42
C PHE G 340 -14.25 25.54 -43.17
N VAL G 341 -15.44 26.12 -43.24
CA VAL G 341 -16.40 26.07 -42.15
C VAL G 341 -16.82 24.64 -41.84
N VAL G 342 -17.14 23.88 -42.89
CA VAL G 342 -17.53 22.48 -42.72
C VAL G 342 -16.38 21.67 -42.11
N ILE G 343 -15.17 21.94 -42.61
CA ILE G 343 -13.98 21.26 -42.12
C ILE G 343 -13.71 21.55 -40.65
N THR G 344 -13.86 22.81 -40.26
CA THR G 344 -13.68 23.20 -38.87
C THR G 344 -14.75 22.58 -38.00
N CYS G 345 -15.93 22.37 -38.58
CA CYS G 345 -16.99 21.69 -37.86
C CYS G 345 -16.57 20.25 -37.57
N ALA G 346 -16.01 19.59 -38.57
CA ALA G 346 -15.52 18.22 -38.41
C ALA G 346 -14.40 18.15 -37.37
N ILE G 347 -13.52 19.14 -37.40
CA ILE G 347 -12.42 19.25 -36.43
C ILE G 347 -12.97 19.41 -35.02
N GLN G 348 -13.98 20.26 -34.87
CA GLN G 348 -14.62 20.48 -33.59
C GLN G 348 -15.26 19.19 -33.09
N MET G 349 -15.79 18.40 -34.02
CA MET G 349 -16.30 17.08 -33.68
C MET G 349 -15.18 16.22 -33.10
N GLY G 350 -14.16 15.92 -33.90
CA GLY G 350 -13.04 15.12 -33.44
C GLY G 350 -12.37 15.59 -32.16
N ARG G 351 -11.95 16.85 -32.12
CA ARG G 351 -11.21 17.40 -30.98
C ARG G 351 -11.83 18.65 -30.39
N GLN G 352 -11.77 18.76 -29.07
CA GLN G 352 -12.35 19.88 -28.34
C GLN G 352 -11.64 21.21 -28.65
N GLU G 353 -10.31 21.20 -28.56
CA GLU G 353 -9.54 22.42 -28.75
C GLU G 353 -8.51 22.31 -29.88
N PHE G 354 -8.45 23.36 -30.71
CA PHE G 354 -7.52 23.41 -31.84
C PHE G 354 -7.08 24.83 -32.19
N GLN G 355 -5.99 24.95 -32.94
CA GLN G 355 -5.46 26.25 -33.33
C GLN G 355 -5.04 26.27 -34.81
N ALA G 356 -5.65 27.15 -35.59
CA ALA G 356 -5.25 27.29 -36.99
C ALA G 356 -5.06 28.75 -37.40
N HIS G 357 -3.83 29.11 -37.74
CA HIS G 357 -3.53 30.45 -38.25
C HIS G 357 -3.75 30.54 -39.76
N THR G 358 -3.47 29.44 -40.46
CA THR G 358 -3.61 29.40 -41.90
C THR G 358 -4.54 28.27 -42.35
N GLN G 359 -5.04 28.38 -43.57
CA GLN G 359 -5.90 27.35 -44.16
C GLN G 359 -5.16 26.02 -44.29
N THR G 360 -3.84 26.12 -44.48
CA THR G 360 -2.99 24.95 -44.53
C THR G 360 -2.98 24.24 -43.18
N MET G 361 -3.02 25.02 -42.10
CA MET G 361 -3.04 24.45 -40.77
C MET G 361 -4.42 23.85 -40.47
N LEU G 362 -5.44 24.37 -41.14
CA LEU G 362 -6.78 23.84 -41.03
C LEU G 362 -6.81 22.44 -41.64
N PHE G 363 -6.35 22.35 -42.89
CA PHE G 363 -6.28 21.07 -43.60
C PHE G 363 -5.37 20.09 -42.87
N GLN G 364 -4.29 20.61 -42.30
CA GLN G 364 -3.35 19.78 -41.57
C GLN G 364 -3.98 19.21 -40.31
N THR G 365 -4.75 20.04 -39.62
CA THR G 365 -5.48 19.62 -38.44
C THR G 365 -6.47 18.52 -38.80
N PHE G 366 -7.18 18.72 -39.91
CA PHE G 366 -8.14 17.73 -40.38
C PHE G 366 -7.47 16.39 -40.71
N TYR G 367 -6.35 16.46 -41.43
CA TYR G 367 -5.59 15.27 -41.80
C TYR G 367 -5.13 14.53 -40.56
N ASP G 368 -4.55 15.26 -39.62
CA ASP G 368 -4.03 14.70 -38.38
C ASP G 368 -5.13 14.01 -37.59
N LEU G 369 -6.30 14.63 -37.56
CA LEU G 369 -7.46 14.03 -36.90
C LEU G 369 -7.88 12.75 -37.60
N LEU G 370 -7.85 12.79 -38.93
CA LEU G 370 -8.23 11.64 -39.74
C LEU G 370 -7.35 10.44 -39.43
N ILE G 371 -6.04 10.65 -39.47
CA ILE G 371 -5.13 9.54 -39.17
C ILE G 371 -5.23 9.10 -37.71
N GLN G 372 -5.30 10.04 -36.76
CA GLN G 372 -5.34 9.67 -35.34
C GLN G 372 -6.57 8.82 -35.00
N LYS G 373 -7.75 9.27 -35.42
CA LYS G 373 -8.98 8.53 -35.12
C LYS G 373 -9.13 7.25 -35.94
N ASN G 374 -8.79 7.31 -37.23
CA ASN G 374 -9.08 6.19 -38.12
C ASN G 374 -7.94 5.19 -38.33
N SER G 375 -6.81 5.38 -37.65
CA SER G 375 -5.65 4.51 -37.86
C SER G 375 -5.89 3.03 -37.53
N HIS G 376 -6.68 2.78 -36.49
CA HIS G 376 -6.89 1.42 -36.00
C HIS G 376 -7.61 0.50 -36.97
N ARG G 377 -8.39 1.08 -37.89
CA ARG G 377 -9.17 0.29 -38.83
C ARG G 377 -8.33 -0.43 -39.89
N TYR G 378 -7.07 -0.03 -40.02
CA TYR G 378 -6.15 -0.71 -40.94
C TYR G 378 -5.61 -1.97 -40.25
N ARG G 379 -5.87 -3.12 -40.85
CA ARG G 379 -5.39 -4.39 -40.31
C ARG G 379 -4.79 -5.30 -41.38
N GLY G 380 -3.96 -6.24 -40.95
CA GLY G 380 -3.21 -7.08 -41.87
C GLY G 380 -1.84 -6.51 -42.16
N GLY G 381 -1.39 -5.62 -41.27
CA GLY G 381 -0.10 -4.97 -41.45
C GLY G 381 1.07 -5.92 -41.33
N ASP G 385 3.19 -1.54 -45.05
CA ASP G 385 3.40 -0.59 -43.96
C ASP G 385 2.42 0.57 -44.05
N PHE G 386 2.02 1.08 -42.89
CA PHE G 386 1.09 2.20 -42.78
C PHE G 386 1.68 3.43 -43.48
N ALA G 387 2.96 3.68 -43.18
CA ALA G 387 3.67 4.84 -43.71
C ALA G 387 3.77 4.74 -45.24
N ARG G 388 3.94 3.53 -45.74
CA ARG G 388 4.01 3.31 -47.18
C ARG G 388 2.68 3.65 -47.83
N SER G 389 1.60 3.40 -47.10
CA SER G 389 0.26 3.72 -47.58
C SER G 389 0.02 5.23 -47.61
N LEU G 390 0.42 5.92 -46.55
CA LEU G 390 0.25 7.38 -46.51
C LEU G 390 1.10 8.05 -47.58
N ASP G 391 2.32 7.56 -47.74
CA ASP G 391 3.22 8.03 -48.79
C ASP G 391 2.60 7.77 -50.16
N TYR G 392 1.96 6.62 -50.29
CA TYR G 392 1.28 6.27 -51.54
C TYR G 392 0.18 7.30 -51.80
N CYS G 393 -0.52 7.71 -50.74
CA CYS G 393 -1.56 8.72 -50.87
C CYS G 393 -0.98 10.02 -51.38
N GLY G 394 0.13 10.44 -50.77
CA GLY G 394 0.80 11.67 -51.15
C GLY G 394 1.24 11.65 -52.61
N ASP G 395 1.78 10.53 -53.04
CA ASP G 395 2.19 10.36 -54.43
C ASP G 395 0.99 10.42 -55.36
N LEU G 396 -0.11 9.80 -54.95
CA LEU G 396 -1.34 9.80 -55.72
C LEU G 396 -1.84 11.22 -55.93
N ALA G 397 -1.90 11.98 -54.85
CA ALA G 397 -2.37 13.36 -54.91
C ALA G 397 -1.45 14.24 -55.75
N LEU G 398 -0.14 14.10 -55.56
CA LEU G 398 0.84 14.90 -56.28
C LEU G 398 0.81 14.64 -57.78
N GLU G 399 1.00 13.37 -58.14
CA GLU G 399 1.01 12.96 -59.54
C GLU G 399 -0.34 13.26 -60.17
N GLY G 400 -1.39 13.17 -59.36
CA GLY G 400 -2.73 13.53 -59.79
C GLY G 400 -2.81 15.00 -60.17
N VAL G 401 -2.26 15.86 -59.32
CA VAL G 401 -2.26 17.30 -59.57
C VAL G 401 -1.48 17.64 -60.84
N PHE G 402 -0.29 17.06 -60.98
CA PHE G 402 0.53 17.34 -62.16
C PHE G 402 -0.02 16.75 -63.46
N ALA G 403 -0.70 15.61 -63.37
CA ALA G 403 -1.27 14.98 -64.56
C ALA G 403 -2.69 15.48 -64.80
N HIS G 404 -3.17 16.33 -63.90
CA HIS G 404 -4.52 16.90 -63.97
C HIS G 404 -5.62 15.86 -63.86
N LYS G 405 -5.38 14.81 -63.08
CA LYS G 405 -6.38 13.77 -62.88
C LYS G 405 -6.87 13.79 -61.43
N PHE G 406 -8.11 14.22 -61.25
CA PHE G 406 -8.68 14.37 -59.92
C PHE G 406 -9.59 13.20 -59.53
N ASP G 407 -9.76 12.25 -60.45
CA ASP G 407 -10.46 11.00 -60.19
C ASP G 407 -9.54 9.83 -60.54
N PHE G 408 -9.59 8.78 -59.74
CA PHE G 408 -8.67 7.66 -59.89
C PHE G 408 -9.37 6.30 -60.06
N GLU G 409 -9.18 5.68 -61.22
CA GLU G 409 -9.75 4.35 -61.47
C GLU G 409 -8.62 3.37 -61.80
N PRO G 410 -8.14 2.64 -60.78
CA PRO G 410 -7.11 1.62 -60.97
C PRO G 410 -7.67 0.31 -61.51
N GLU G 411 -6.79 -0.51 -62.09
CA GLU G 411 -7.16 -1.81 -62.64
C GLU G 411 -7.56 -2.82 -61.55
N HIS G 412 -8.28 -3.86 -61.97
CA HIS G 412 -8.89 -4.81 -61.04
C HIS G 412 -7.83 -5.71 -60.42
N SER G 415 -5.24 -2.74 -56.95
CA SER G 415 -6.09 -1.64 -56.54
C SER G 415 -6.10 -1.49 -55.02
N MET G 416 -5.29 -2.30 -54.34
CA MET G 416 -5.33 -2.45 -52.89
C MET G 416 -5.09 -1.17 -52.10
N ASN G 417 -4.10 -0.38 -52.53
CA ASN G 417 -3.69 0.82 -51.81
C ASN G 417 -4.81 1.85 -51.63
N GLU G 418 -5.60 2.03 -52.68
CA GLU G 418 -6.69 2.98 -52.64
C GLU G 418 -7.76 2.51 -51.66
N ASP G 419 -8.00 1.20 -51.64
CA ASP G 419 -8.96 0.60 -50.72
C ASP G 419 -8.49 0.82 -49.28
N VAL G 420 -7.20 0.63 -49.07
CA VAL G 420 -6.59 0.88 -47.76
C VAL G 420 -6.82 2.32 -47.35
N LEU G 421 -6.64 3.25 -48.29
CA LEU G 421 -6.81 4.65 -47.97
C LEU G 421 -8.27 5.03 -47.71
N VAL G 422 -9.20 4.28 -48.31
CA VAL G 422 -10.60 4.46 -47.98
C VAL G 422 -10.89 3.95 -46.57
N THR G 423 -10.26 2.85 -46.20
CA THR G 423 -10.41 2.34 -44.83
C THR G 423 -9.86 3.34 -43.81
N ILE G 424 -8.73 3.95 -44.14
CA ILE G 424 -8.16 5.00 -43.29
C ILE G 424 -9.01 6.27 -43.40
N GLY G 425 -9.62 6.49 -44.55
CA GLY G 425 -10.49 7.64 -44.74
C GLY G 425 -9.89 8.78 -45.54
N LEU G 426 -8.71 8.57 -46.11
CA LEU G 426 -8.08 9.57 -46.96
C LEU G 426 -8.75 9.73 -48.33
N LEU G 427 -9.32 8.65 -48.85
CA LEU G 427 -10.07 8.74 -50.11
C LEU G 427 -11.52 8.32 -49.99
N CYS G 428 -12.31 8.72 -50.98
CA CYS G 428 -13.72 8.40 -51.02
C CYS G 428 -13.91 7.51 -52.24
N LYS G 429 -14.70 6.46 -52.10
CA LYS G 429 -15.00 5.55 -53.20
C LYS G 429 -16.48 5.47 -53.52
N TYR G 430 -16.82 5.52 -54.80
CA TYR G 430 -18.21 5.48 -55.24
C TYR G 430 -18.65 4.04 -54.98
N THR G 431 -19.79 3.76 -54.32
CA THR G 431 -21.01 4.59 -54.21
C THR G 431 -21.67 5.00 -55.53
N ALA G 432 -21.44 4.18 -56.56
CA ALA G 432 -22.00 4.40 -57.89
C ALA G 432 -21.96 3.08 -58.66
N GLN G 433 -22.72 3.02 -59.75
CA GLN G 433 -22.71 1.88 -60.68
C GLN G 433 -21.51 1.89 -61.61
N ARG G 434 -20.55 2.78 -61.32
CA ARG G 434 -19.41 3.05 -62.18
C ARG G 434 -18.68 1.77 -62.60
N LEU G 435 -18.08 1.82 -63.79
CA LEU G 435 -17.47 0.65 -64.44
C LEU G 435 -16.34 0.00 -63.65
N LYS G 436 -15.49 0.82 -63.05
CA LYS G 436 -14.40 0.31 -62.23
C LYS G 436 -14.43 1.05 -60.89
N PRO G 437 -13.76 0.51 -59.86
CA PRO G 437 -13.70 1.29 -58.62
C PRO G 437 -13.00 2.61 -58.85
N THR G 438 -13.62 3.70 -58.40
CA THR G 438 -13.07 5.02 -58.61
C THR G 438 -12.93 5.74 -57.27
N TYR G 439 -11.82 6.43 -57.09
CA TYR G 439 -11.52 7.06 -55.81
C TYR G 439 -11.22 8.53 -56.01
N LYS G 440 -11.56 9.33 -55.00
CA LYS G 440 -11.32 10.77 -55.05
C LYS G 440 -11.22 11.35 -53.64
N PHE G 441 -10.58 12.51 -53.54
CA PHE G 441 -10.55 13.25 -52.29
C PHE G 441 -11.85 14.03 -52.19
N PHE G 442 -12.34 14.26 -50.98
CA PHE G 442 -13.66 14.86 -50.77
C PHE G 442 -13.81 16.21 -51.47
N HIS G 443 -12.68 16.89 -51.66
CA HIS G 443 -12.64 18.13 -52.41
C HIS G 443 -11.32 18.17 -53.14
N LYS G 444 -11.24 18.98 -54.20
CA LYS G 444 -9.98 19.15 -54.92
C LYS G 444 -8.93 19.71 -53.98
N SER G 445 -9.36 20.59 -53.10
CA SER G 445 -8.48 21.26 -52.15
C SER G 445 -7.78 20.28 -51.21
N PHE G 446 -8.44 19.17 -50.88
CA PHE G 446 -7.82 18.15 -50.05
C PHE G 446 -6.75 17.35 -50.80
N GLN G 447 -6.97 17.11 -52.08
CA GLN G 447 -5.96 16.47 -52.92
C GLN G 447 -4.76 17.38 -53.04
N GLU G 448 -5.04 18.66 -53.24
CA GLU G 448 -4.00 19.67 -53.33
C GLU G 448 -3.20 19.80 -52.04
N TYR G 449 -3.90 19.74 -50.91
CA TYR G 449 -3.22 19.77 -49.62
C TYR G 449 -2.36 18.54 -49.42
N THR G 450 -2.91 17.36 -49.71
CA THR G 450 -2.18 16.11 -49.51
C THR G 450 -0.92 16.12 -50.37
N ALA G 451 -1.06 16.66 -51.57
CA ALA G 451 0.06 16.81 -52.51
C ALA G 451 1.10 17.78 -51.98
N GLY G 452 0.65 18.88 -51.37
CA GLY G 452 1.55 19.86 -50.79
C GLY G 452 2.31 19.30 -49.60
N ARG G 453 1.58 18.58 -48.75
CA ARG G 453 2.15 17.93 -47.58
C ARG G 453 3.20 16.94 -48.02
N ARG G 454 2.90 16.21 -49.09
CA ARG G 454 3.83 15.24 -49.66
C ARG G 454 5.09 15.91 -50.23
N LEU G 455 4.88 17.00 -50.98
CA LEU G 455 5.98 17.71 -51.63
C LEU G 455 6.90 18.28 -50.56
N SER G 456 6.30 18.88 -49.54
CA SER G 456 7.04 19.49 -48.44
C SER G 456 7.81 18.42 -47.69
N SER G 457 7.14 17.29 -47.48
CA SER G 457 7.74 16.18 -46.76
C SER G 457 8.94 15.65 -47.52
N LEU G 458 8.88 15.74 -48.85
CA LEU G 458 9.99 15.33 -49.69
C LEU G 458 11.16 16.33 -49.64
N LEU G 459 10.84 17.62 -49.72
CA LEU G 459 11.87 18.66 -49.72
C LEU G 459 12.63 18.76 -48.40
N THR G 460 11.91 18.52 -47.30
CA THR G 460 12.49 18.60 -45.95
C THR G 460 13.00 17.25 -45.45
N SER G 461 13.12 16.28 -46.35
CA SER G 461 13.46 14.91 -45.98
C SER G 461 14.97 14.72 -45.79
N LYS G 462 15.34 13.72 -45.01
CA LYS G 462 16.75 13.46 -44.71
C LYS G 462 17.39 12.52 -45.74
N GLU G 463 16.60 12.13 -46.73
CA GLU G 463 17.10 11.32 -47.85
C GLU G 463 17.27 12.15 -49.11
N PRO G 464 18.49 12.21 -49.63
CA PRO G 464 18.85 12.97 -50.83
C PRO G 464 17.98 12.57 -52.03
N GLU G 465 17.58 11.31 -52.07
CA GLU G 465 16.71 10.83 -53.15
C GLU G 465 15.32 11.47 -53.10
N GLU G 466 14.76 11.56 -51.90
CA GLU G 466 13.46 12.16 -51.70
C GLU G 466 13.49 13.67 -52.00
N VAL G 467 14.56 14.31 -51.56
CA VAL G 467 14.77 15.74 -51.81
C VAL G 467 14.91 15.97 -53.31
N SER G 468 15.61 15.07 -53.98
CA SER G 468 15.79 15.15 -55.43
C SER G 468 14.47 14.98 -56.17
N LYS G 469 13.63 14.07 -55.69
CA LYS G 469 12.31 13.88 -56.28
C LYS G 469 11.43 15.11 -56.09
N GLY G 470 11.47 15.69 -54.89
CA GLY G 470 10.70 16.89 -54.61
C GLY G 470 11.13 18.03 -55.50
N ASN G 471 12.46 18.17 -55.67
CA ASN G 471 13.01 19.18 -56.56
C ASN G 471 12.65 18.91 -58.03
N SER G 472 12.47 17.65 -58.39
CA SER G 472 12.00 17.30 -59.72
C SER G 472 10.57 17.78 -59.92
N TYR G 473 9.74 17.56 -58.91
CA TYR G 473 8.36 18.00 -58.95
C TYR G 473 8.30 19.52 -59.09
N LEU G 474 9.16 20.21 -58.35
CA LEU G 474 9.26 21.66 -58.48
C LEU G 474 9.76 22.04 -59.88
N ASN G 475 10.66 21.21 -60.41
CA ASN G 475 11.27 21.47 -61.71
C ASN G 475 10.28 21.28 -62.85
N LYS G 476 9.16 20.63 -62.56
CA LYS G 476 8.13 20.50 -63.59
C LYS G 476 7.35 21.79 -63.81
N MET G 477 7.61 22.82 -63.01
CA MET G 477 6.93 24.09 -63.17
C MET G 477 7.83 25.09 -63.89
N VAL G 478 7.49 25.31 -65.17
CA VAL G 478 8.28 26.16 -66.06
C VAL G 478 7.70 27.57 -66.23
N SER G 479 6.45 27.63 -66.67
CA SER G 479 5.85 28.91 -67.03
C SER G 479 4.97 29.45 -65.92
N ILE G 480 4.99 30.77 -65.72
CA ILE G 480 4.23 31.39 -64.64
C ILE G 480 2.73 31.19 -64.79
N SER G 481 2.26 31.02 -66.02
CA SER G 481 0.84 30.79 -66.27
C SER G 481 0.40 29.52 -65.52
N ASP G 482 1.17 28.45 -65.72
CA ASP G 482 0.89 27.17 -65.07
C ASP G 482 1.03 27.30 -63.55
N ILE G 483 2.03 28.06 -63.12
CA ILE G 483 2.27 28.24 -61.69
C ILE G 483 1.12 28.94 -60.98
N THR G 484 0.69 30.07 -61.54
CA THR G 484 -0.42 30.83 -60.97
C THR G 484 -1.75 30.10 -61.08
N SER G 485 -1.97 29.40 -62.20
CA SER G 485 -3.26 28.74 -62.40
C SER G 485 -3.30 27.33 -61.82
N LEU G 486 -2.54 26.41 -62.42
CA LEU G 486 -2.59 25.01 -62.03
C LEU G 486 -1.93 24.69 -60.69
N TYR G 487 -0.70 25.14 -60.50
CA TYR G 487 0.11 24.73 -59.36
C TYR G 487 0.07 25.67 -58.17
N GLY G 488 -0.76 26.71 -58.26
CA GLY G 488 -0.84 27.74 -57.24
C GLY G 488 -1.22 27.23 -55.86
N ASN G 489 -2.23 26.38 -55.82
CA ASN G 489 -2.72 25.85 -54.55
C ASN G 489 -1.74 24.82 -53.99
N LEU G 490 -1.09 24.11 -54.91
CA LEU G 490 -0.09 23.12 -54.55
C LEU G 490 1.04 23.81 -53.79
N LEU G 491 1.47 24.95 -54.29
CA LEU G 491 2.55 25.71 -53.67
C LEU G 491 2.04 26.43 -52.43
N LEU G 492 0.74 26.72 -52.40
CA LEU G 492 0.13 27.34 -51.23
C LEU G 492 0.26 26.40 -50.04
N TYR G 493 -0.13 25.14 -50.23
CA TYR G 493 -0.06 24.15 -49.16
C TYR G 493 1.38 23.68 -48.90
N THR G 494 2.19 23.63 -49.95
CA THR G 494 3.59 23.26 -49.82
C THR G 494 4.32 24.25 -48.92
N CYS G 495 4.16 25.53 -49.21
CA CYS G 495 4.75 26.57 -48.37
C CYS G 495 4.10 26.64 -46.99
N GLY G 496 2.78 26.43 -46.96
CA GLY G 496 2.04 26.48 -45.71
C GLY G 496 2.42 25.40 -44.71
N SER G 497 2.83 24.24 -45.22
CA SER G 497 3.16 23.11 -44.35
C SER G 497 4.49 23.23 -43.60
N SER G 498 5.52 23.70 -44.29
CA SER G 498 6.85 23.81 -43.69
C SER G 498 7.59 25.05 -44.20
N THR G 499 8.49 25.58 -43.39
CA THR G 499 9.23 26.80 -43.74
C THR G 499 10.40 26.58 -44.70
N GLU G 500 11.15 25.51 -44.49
CA GLU G 500 12.26 25.17 -45.38
C GLU G 500 11.70 24.88 -46.76
N ALA G 501 10.47 24.36 -46.79
CA ALA G 501 9.81 24.05 -48.04
C ALA G 501 9.47 25.31 -48.83
N THR G 502 8.97 26.34 -48.15
CA THR G 502 8.72 27.62 -48.84
C THR G 502 10.04 28.24 -49.26
N ARG G 503 11.10 28.00 -48.50
CA ARG G 503 12.42 28.49 -48.87
C ARG G 503 12.85 27.87 -50.21
N ALA G 504 12.65 26.57 -50.34
CA ALA G 504 12.97 25.85 -51.57
C ALA G 504 12.09 26.32 -52.74
N VAL G 505 10.81 26.46 -52.46
CA VAL G 505 9.84 26.88 -53.47
C VAL G 505 10.15 28.27 -54.02
N MET G 506 10.44 29.21 -53.13
CA MET G 506 10.76 30.57 -53.55
C MET G 506 12.11 30.62 -54.24
N ARG G 507 13.03 29.78 -53.79
CA ARG G 507 14.32 29.64 -54.47
C ARG G 507 14.14 29.18 -55.91
N HIS G 508 13.16 28.29 -56.13
CA HIS G 508 12.83 27.88 -57.49
C HIS G 508 12.11 28.96 -58.28
N LEU G 509 11.11 29.59 -57.66
CA LEU G 509 10.25 30.56 -58.33
C LEU G 509 11.02 31.81 -58.74
N ALA G 510 12.11 32.09 -58.04
CA ALA G 510 12.93 33.24 -58.39
C ALA G 510 13.60 33.04 -59.74
N MET G 511 13.64 31.80 -60.21
CA MET G 511 14.27 31.48 -61.48
C MET G 511 13.33 31.34 -62.68
N VAL G 512 12.05 31.63 -62.50
CA VAL G 512 11.10 31.33 -63.54
C VAL G 512 11.03 32.53 -64.47
N TYR G 513 11.56 32.36 -65.69
CA TYR G 513 11.60 33.43 -66.67
C TYR G 513 10.52 33.33 -67.74
N GLN G 514 9.75 32.24 -67.71
CA GLN G 514 8.87 31.92 -68.84
C GLN G 514 7.42 32.22 -68.49
N HIS G 515 6.76 32.98 -69.35
CA HIS G 515 5.39 33.40 -69.12
C HIS G 515 4.34 32.30 -69.35
N GLY G 516 4.50 31.53 -70.41
CA GLY G 516 3.46 30.60 -70.82
C GLY G 516 2.33 31.27 -71.58
N SER G 517 1.10 30.85 -71.30
CA SER G 517 -0.05 31.31 -72.06
C SER G 517 -0.57 32.66 -71.60
N LEU G 518 -0.65 33.60 -72.53
CA LEU G 518 -1.14 34.95 -72.28
C LEU G 518 -2.62 35.08 -72.64
N GLN G 519 -3.26 33.94 -72.90
CA GLN G 519 -4.59 33.87 -73.51
C GLN G 519 -5.68 34.76 -72.91
N GLY G 520 -5.85 34.72 -71.60
CA GLY G 520 -6.97 35.40 -70.96
C GLY G 520 -6.71 36.68 -70.18
N LEU G 521 -5.48 37.19 -70.20
CA LEU G 521 -5.13 38.32 -69.35
C LEU G 521 -5.69 39.65 -69.84
N SER G 522 -5.99 39.74 -71.13
CA SER G 522 -6.46 40.98 -71.74
C SER G 522 -7.62 41.60 -70.98
N VAL G 523 -7.66 42.93 -70.94
CA VAL G 523 -8.67 43.65 -70.18
C VAL G 523 -9.70 44.31 -71.10
N SEP G 533 -5.04 52.30 -71.02
CA SEP G 533 -4.42 52.55 -69.72
CB SEP G 533 -4.47 51.29 -68.85
OG SEP G 533 -4.18 51.59 -67.50
C SEP G 533 -2.96 53.01 -69.89
O SEP G 533 -2.52 53.30 -71.01
N ILE G 534 -2.24 53.09 -68.79
CA ILE G 534 -0.84 53.48 -68.81
C ILE G 534 0.00 52.37 -69.43
N GLN G 535 -0.40 51.14 -69.13
CA GLN G 535 0.31 49.94 -69.58
C GLN G 535 0.36 49.86 -71.10
N SER G 536 -0.68 50.34 -71.77
CA SER G 536 -0.68 50.36 -73.23
C SER G 536 0.28 51.41 -73.77
N LEU G 537 0.32 52.58 -73.14
CA LEU G 537 1.19 53.66 -73.57
C LEU G 537 2.68 53.39 -73.40
N ARG G 538 3.05 52.88 -72.22
CA ARG G 538 4.47 52.71 -71.91
C ARG G 538 5.04 51.42 -72.48
N ASN G 539 4.15 50.50 -72.85
CA ASN G 539 4.58 49.23 -73.39
C ASN G 539 4.29 49.23 -74.89
N THR G 540 5.26 48.80 -75.68
CA THR G 540 5.16 48.93 -77.14
C THR G 540 4.15 48.01 -77.80
N THR G 541 4.02 46.78 -77.30
CA THR G 541 3.16 45.78 -77.94
C THR G 541 2.08 45.19 -77.02
N GLU G 542 1.08 44.58 -77.64
CA GLU G 542 -0.01 43.91 -76.94
C GLU G 542 0.55 42.80 -76.06
N GLN G 543 1.56 42.11 -76.60
CA GLN G 543 2.24 41.03 -75.90
C GLN G 543 2.81 41.54 -74.59
N ASP G 544 3.38 42.74 -74.62
CA ASP G 544 4.01 43.32 -73.44
C ASP G 544 2.99 43.59 -72.33
N VAL G 545 1.81 44.09 -72.72
CA VAL G 545 0.74 44.34 -71.77
C VAL G 545 0.31 43.03 -71.11
N LEU G 546 0.09 42.01 -71.95
CA LEU G 546 -0.30 40.71 -71.42
C LEU G 546 0.75 40.16 -70.46
N LYS G 547 2.02 40.33 -70.81
CA LYS G 547 3.12 39.90 -69.96
C LYS G 547 3.08 40.61 -68.62
N ALA G 548 2.84 41.92 -68.65
CA ALA G 548 2.79 42.72 -67.41
C ALA G 548 1.68 42.24 -66.48
N ILE G 549 0.51 41.98 -67.04
CA ILE G 549 -0.60 41.44 -66.25
C ILE G 549 -0.20 40.10 -65.65
N ASN G 550 0.46 39.28 -66.46
CA ASN G 550 0.91 37.97 -66.01
C ASN G 550 1.86 38.07 -64.81
N VAL G 551 2.82 38.99 -64.86
CA VAL G 551 3.74 39.15 -63.73
C VAL G 551 3.02 39.72 -62.51
N ASN G 552 1.98 40.53 -62.73
CA ASN G 552 1.16 41.02 -61.63
C ASN G 552 0.57 39.83 -60.88
N SER G 553 -0.01 38.90 -61.64
CA SER G 553 -0.62 37.72 -61.03
C SER G 553 0.43 36.81 -60.38
N PHE G 554 1.60 36.74 -60.99
CA PHE G 554 2.71 35.94 -60.46
C PHE G 554 3.11 36.46 -59.08
N VAL G 555 3.24 37.77 -58.98
CA VAL G 555 3.59 38.42 -57.72
C VAL G 555 2.50 38.20 -56.68
N GLU G 556 1.24 38.28 -57.11
CA GLU G 556 0.12 38.04 -56.21
C GLU G 556 0.22 36.63 -55.62
N CYS G 557 0.54 35.66 -56.48
CA CYS G 557 0.76 34.28 -56.04
C CYS G 557 1.90 34.22 -55.02
N GLY G 558 2.98 34.93 -55.31
CA GLY G 558 4.13 34.94 -54.42
C GLY G 558 3.80 35.47 -53.03
N ILE G 559 3.03 36.56 -52.98
CA ILE G 559 2.61 37.12 -51.70
C ILE G 559 1.66 36.18 -50.96
N ASN G 560 0.83 35.47 -51.71
CA ASN G 560 -0.06 34.49 -51.10
C ASN G 560 0.77 33.40 -50.41
N LEU G 561 1.79 32.93 -51.11
CA LEU G 561 2.72 31.95 -50.56
C LEU G 561 3.43 32.53 -49.34
N PHE G 562 3.72 33.82 -49.40
CA PHE G 562 4.36 34.51 -48.28
C PHE G 562 3.50 34.46 -47.03
N SER G 563 2.21 34.77 -47.19
CA SER G 563 1.29 34.76 -46.06
C SER G 563 1.13 33.35 -45.50
N GLU G 564 0.98 32.37 -46.38
CA GLU G 564 0.82 30.98 -45.93
C GLU G 564 2.06 30.40 -45.27
N SER G 565 3.24 30.85 -45.71
CA SER G 565 4.51 30.37 -45.17
C SER G 565 4.64 30.73 -43.69
N MET G 566 4.03 31.86 -43.33
CA MET G 566 4.03 32.38 -41.96
C MET G 566 5.45 32.70 -41.49
N SER G 567 6.35 32.91 -42.44
CA SER G 567 7.69 33.38 -42.13
C SER G 567 7.64 34.88 -42.30
N LYS G 568 7.76 35.63 -41.21
CA LYS G 568 7.57 37.07 -41.30
C LYS G 568 8.82 37.78 -41.80
N SER G 569 9.82 37.95 -40.95
CA SER G 569 11.07 38.57 -41.38
C SER G 569 12.16 37.53 -41.67
N ASP G 570 11.84 36.26 -41.46
CA ASP G 570 12.82 35.19 -41.56
C ASP G 570 13.29 34.86 -42.98
N LEU G 571 12.34 34.81 -43.91
CA LEU G 571 12.62 34.40 -45.29
C LEU G 571 12.84 35.56 -46.27
N SER G 572 12.92 36.78 -45.73
CA SER G 572 12.91 38.00 -46.54
C SER G 572 13.90 38.03 -47.72
N GLN G 573 15.04 37.38 -47.58
CA GLN G 573 16.02 37.38 -48.67
C GLN G 573 15.56 36.61 -49.92
N GLU G 574 15.05 35.41 -49.73
CA GLU G 574 14.58 34.59 -50.85
C GLU G 574 13.38 35.26 -51.51
N PHE G 575 12.51 35.80 -50.66
CA PHE G 575 11.32 36.50 -51.13
C PHE G 575 11.68 37.75 -51.93
N GLU G 576 12.67 38.50 -51.45
CA GLU G 576 13.14 39.68 -52.19
C GLU G 576 13.81 39.27 -53.48
N ALA G 577 14.47 38.12 -53.46
CA ALA G 577 15.08 37.56 -54.67
C ALA G 577 13.99 37.27 -55.70
N PHE G 578 12.82 36.85 -55.20
CA PHE G 578 11.67 36.63 -56.08
C PHE G 578 11.06 37.94 -56.59
N PHE G 579 10.78 38.86 -55.68
CA PHE G 579 9.99 40.05 -56.00
C PHE G 579 10.74 41.12 -56.79
N GLN G 580 12.06 41.01 -56.85
CA GLN G 580 12.86 42.06 -57.46
C GLN G 580 12.68 42.11 -58.98
N GLY G 581 12.45 43.30 -59.50
CA GLY G 581 12.29 43.51 -60.93
C GLY G 581 10.88 43.21 -61.38
N LYS G 582 9.99 42.99 -60.42
CA LYS G 582 8.60 42.67 -60.73
C LYS G 582 7.63 43.79 -60.39
N SER G 583 6.34 43.52 -60.60
CA SER G 583 5.32 44.53 -60.39
C SER G 583 4.18 43.96 -59.55
N LEU G 584 3.45 44.83 -58.86
CA LEU G 584 2.32 44.36 -58.06
C LEU G 584 1.02 45.13 -58.35
N TYR G 585 -0.10 44.42 -58.41
CA TYR G 585 -1.39 45.07 -58.63
C TYR G 585 -2.25 45.14 -57.37
N ILE G 586 -2.73 46.33 -57.06
CA ILE G 586 -3.60 46.56 -55.92
C ILE G 586 -4.88 47.31 -56.28
N ASN G 587 -6.01 46.70 -55.94
CA ASN G 587 -7.31 47.35 -56.10
C ASN G 587 -7.74 47.85 -54.73
N SER G 588 -7.92 49.15 -54.62
CA SER G 588 -8.23 49.77 -53.34
C SER G 588 -9.57 49.30 -52.81
N GLU G 589 -10.49 48.99 -53.71
CA GLU G 589 -11.82 48.54 -53.32
C GLU G 589 -11.81 47.16 -52.66
N ASN G 590 -10.99 46.25 -53.18
CA ASN G 590 -10.83 44.94 -52.56
C ASN G 590 -9.38 44.70 -52.15
N ILE G 591 -9.12 44.73 -50.85
CA ILE G 591 -7.77 44.55 -50.34
C ILE G 591 -7.63 43.34 -49.43
N PRO G 592 -6.84 42.35 -49.85
CA PRO G 592 -6.54 41.18 -49.02
C PRO G 592 -5.65 41.56 -47.82
N ASP G 593 -5.72 40.77 -46.75
CA ASP G 593 -4.92 41.01 -45.56
C ASP G 593 -3.43 40.70 -45.79
N TYR G 594 -3.17 39.80 -46.74
CA TYR G 594 -1.78 39.44 -47.03
C TYR G 594 -1.02 40.59 -47.67
N LEU G 595 -1.75 41.59 -48.17
CA LEU G 595 -1.14 42.84 -48.61
C LEU G 595 -0.59 43.57 -47.39
N PHE G 596 -1.35 43.55 -46.31
CA PHE G 596 -0.92 44.13 -45.05
C PHE G 596 0.31 43.38 -44.54
N ASP G 597 0.27 42.05 -44.63
CA ASP G 597 1.42 41.23 -44.22
C ASP G 597 2.66 41.52 -45.06
N PHE G 598 2.47 41.67 -46.37
CA PHE G 598 3.55 41.93 -47.30
C PHE G 598 4.20 43.27 -47.00
N PHE G 599 3.36 44.28 -46.82
CA PHE G 599 3.88 45.61 -46.55
C PHE G 599 4.54 45.72 -45.18
N GLU G 600 3.96 45.03 -44.20
CA GLU G 600 4.50 45.07 -42.84
C GLU G 600 5.84 44.34 -42.72
N TYR G 601 5.86 43.07 -43.10
CA TYR G 601 7.03 42.23 -42.83
C TYR G 601 8.10 42.27 -43.94
N LEU G 602 7.71 42.71 -45.13
CA LEU G 602 8.60 42.66 -46.28
C LEU G 602 8.65 43.96 -47.08
N PRO G 603 9.13 45.06 -46.46
CA PRO G 603 9.20 46.33 -47.19
C PRO G 603 10.28 46.34 -48.25
N ASN G 604 11.31 45.52 -48.04
CA ASN G 604 12.43 45.42 -48.98
C ASN G 604 11.95 44.90 -50.33
N CYS G 605 11.00 43.97 -50.29
CA CYS G 605 10.44 43.41 -51.51
C CYS G 605 9.60 44.47 -52.23
N ALA G 606 8.87 45.26 -51.44
CA ALA G 606 8.06 46.35 -51.99
C ALA G 606 8.95 47.37 -52.68
N SER G 607 10.15 47.59 -52.12
CA SER G 607 11.09 48.52 -52.74
C SER G 607 11.82 47.86 -53.90
N ALA G 608 11.80 46.53 -53.95
CA ALA G 608 12.49 45.80 -55.00
C ALA G 608 11.61 45.63 -56.24
N LEU G 609 10.32 45.93 -56.10
CA LEU G 609 9.39 45.81 -57.22
C LEU G 609 9.62 46.96 -58.18
N ASP G 610 9.58 46.68 -59.48
CA ASP G 610 9.74 47.73 -60.48
C ASP G 610 8.66 48.78 -60.34
N PHE G 611 7.42 48.32 -60.13
CA PHE G 611 6.33 49.24 -59.83
C PHE G 611 5.13 48.61 -59.10
N VAL G 612 4.37 49.48 -58.44
CA VAL G 612 3.12 49.09 -57.82
C VAL G 612 2.00 49.85 -58.54
N LYS G 613 0.97 49.13 -58.94
CA LYS G 613 -0.12 49.69 -59.72
C LYS G 613 -1.36 49.77 -58.86
N LEU G 614 -1.93 50.96 -58.75
CA LEU G 614 -3.04 51.18 -57.84
C LEU G 614 -4.32 51.58 -58.58
N ASP G 615 -5.43 50.95 -58.21
CA ASP G 615 -6.71 51.28 -58.84
C ASP G 615 -7.73 51.78 -57.82
N PHE G 616 -8.30 52.95 -58.10
CA PHE G 616 -9.32 53.52 -57.23
C PHE G 616 -10.66 53.62 -57.95
N TYR G 617 -11.70 53.09 -57.32
CA TYR G 617 -13.01 53.07 -57.94
C TYR G 617 -13.98 53.83 -57.06
N GLU G 618 -14.43 55.00 -57.54
CA GLU G 618 -15.50 55.76 -56.90
C GLU G 618 -15.14 56.36 -55.55
N ARG G 619 -14.04 55.89 -54.96
CA ARG G 619 -13.60 56.36 -53.65
C ARG G 619 -12.11 56.67 -53.73
N ALA G 620 -11.73 57.89 -53.39
CA ALA G 620 -10.31 58.24 -53.39
C ALA G 620 -9.67 57.86 -52.06
N THR G 621 -10.52 57.64 -51.06
CA THR G 621 -10.08 57.24 -49.72
C THR G 621 -11.24 56.63 -48.94
N PRO G 645 -11.02 54.09 -50.48
CA PRO G 645 -11.45 53.14 -49.46
C PRO G 645 -10.65 53.28 -48.17
N PRO G 646 -11.29 53.02 -47.01
CA PRO G 646 -10.63 53.12 -45.70
C PRO G 646 -9.51 52.11 -45.57
N ARG G 647 -9.73 50.95 -46.18
CA ARG G 647 -8.79 49.84 -46.11
C ARG G 647 -7.47 50.17 -46.80
N ALA G 648 -7.55 50.93 -47.89
CA ALA G 648 -6.35 51.37 -48.61
C ALA G 648 -5.56 52.35 -47.76
N VAL G 649 -6.29 53.26 -47.12
CA VAL G 649 -5.69 54.25 -46.23
C VAL G 649 -4.92 53.53 -45.14
N SER G 650 -5.56 52.54 -44.54
CA SER G 650 -4.91 51.74 -43.50
C SER G 650 -3.70 50.99 -44.06
N LEU G 651 -3.84 50.43 -45.26
CA LEU G 651 -2.78 49.64 -45.88
C LEU G 651 -1.52 50.48 -46.09
N PHE G 652 -1.63 51.60 -46.78
CA PHE G 652 -0.44 52.40 -47.09
C PHE G 652 0.10 53.18 -45.89
N PHE G 653 -0.78 53.62 -45.00
CA PHE G 653 -0.35 54.52 -43.92
C PHE G 653 0.37 53.91 -42.70
N ASN G 654 -0.05 52.73 -42.28
CA ASN G 654 0.50 52.07 -41.08
C ASN G 654 2.02 52.18 -40.93
N TRP G 655 2.74 51.58 -41.86
CA TRP G 655 4.19 51.52 -41.80
C TRP G 655 4.79 52.36 -42.93
N LYS G 656 6.04 52.80 -42.79
CA LYS G 656 6.62 53.71 -43.77
C LYS G 656 7.27 52.94 -44.91
N GLN G 657 6.69 53.04 -46.10
CA GLN G 657 7.25 52.35 -47.28
C GLN G 657 7.71 53.32 -48.35
N GLU G 658 8.59 52.82 -49.22
CA GLU G 658 8.96 53.55 -50.43
C GLU G 658 8.97 52.63 -51.65
N PHE G 659 8.29 53.07 -52.69
CA PHE G 659 8.14 52.29 -53.92
C PHE G 659 8.96 53.06 -54.94
N LYS G 660 9.77 52.37 -55.74
CA LYS G 660 10.50 53.08 -56.79
C LYS G 660 9.53 53.77 -57.77
N THR G 661 8.47 53.09 -58.18
CA THR G 661 7.49 53.68 -59.08
C THR G 661 6.05 53.27 -58.74
N LEU G 662 5.13 54.22 -58.82
CA LEU G 662 3.71 53.98 -58.59
C LEU G 662 2.83 54.30 -59.81
N GLU G 663 1.96 53.36 -60.18
CA GLU G 663 1.02 53.55 -61.28
C GLU G 663 -0.39 53.61 -60.74
N VAL G 664 -1.04 54.77 -60.79
CA VAL G 664 -2.36 54.87 -60.18
C VAL G 664 -3.44 55.24 -61.20
N THR G 665 -4.59 54.58 -61.11
CA THR G 665 -5.71 54.84 -62.01
C THR G 665 -6.95 55.24 -61.20
N LEU G 666 -7.50 56.40 -61.53
CA LEU G 666 -8.64 56.98 -60.82
C LEU G 666 -9.91 56.90 -61.64
N ARG G 667 -10.87 56.14 -61.12
CA ARG G 667 -12.07 55.82 -61.86
C ARG G 667 -13.38 56.37 -61.29
N ASP G 668 -14.06 57.17 -62.10
CA ASP G 668 -15.43 57.57 -61.83
C ASP G 668 -15.63 58.16 -60.43
N ILE G 669 -14.64 58.91 -59.95
CA ILE G 669 -14.78 59.56 -58.65
C ILE G 669 -15.30 60.97 -58.87
N ASN G 670 -16.57 61.19 -58.54
CA ASN G 670 -17.19 62.51 -58.63
C ASN G 670 -17.31 63.27 -57.30
N LYS G 671 -16.78 62.69 -56.23
CA LYS G 671 -16.80 63.34 -54.92
C LYS G 671 -15.39 63.32 -54.32
N LEU G 672 -14.90 64.51 -53.99
CA LEU G 672 -13.55 64.63 -53.44
C LEU G 672 -13.62 65.64 -52.29
N ASN G 673 -12.95 65.32 -51.19
CA ASN G 673 -13.01 66.13 -49.97
C ASN G 673 -11.69 66.59 -49.36
N LYS G 674 -11.80 67.15 -48.16
CA LYS G 674 -10.64 67.68 -47.44
C LYS G 674 -9.58 66.61 -47.18
N GLN G 675 -9.99 65.48 -46.63
CA GLN G 675 -9.05 64.37 -46.38
C GLN G 675 -8.59 63.69 -47.67
N ASP G 676 -9.44 63.59 -48.68
CA ASP G 676 -9.10 62.87 -49.92
C ASP G 676 -7.83 63.41 -50.60
N ILE G 677 -7.76 64.73 -50.80
CA ILE G 677 -6.58 65.33 -51.42
C ILE G 677 -5.33 65.10 -50.58
N LYS G 678 -5.45 65.28 -49.27
CA LYS G 678 -4.32 65.13 -48.35
C LYS G 678 -3.78 63.68 -48.34
N TYR G 679 -4.69 62.72 -48.26
CA TYR G 679 -4.32 61.32 -48.20
C TYR G 679 -3.78 60.81 -49.53
N LEU G 680 -4.42 61.21 -50.63
CA LEU G 680 -3.91 60.84 -51.94
C LEU G 680 -2.53 61.45 -52.16
N GLY G 681 -2.33 62.65 -51.64
CA GLY G 681 -1.05 63.31 -51.69
C GLY G 681 -0.02 62.48 -50.95
N LYS G 682 -0.41 61.98 -49.78
CA LYS G 682 0.48 61.13 -49.00
C LYS G 682 0.84 59.85 -49.72
N ILE G 683 -0.14 59.22 -50.37
CA ILE G 683 0.12 58.00 -51.13
C ILE G 683 1.04 58.25 -52.33
N PHE G 684 0.76 59.32 -53.07
CA PHE G 684 1.53 59.65 -54.27
C PHE G 684 2.95 60.07 -53.93
N SER G 685 3.16 60.68 -52.76
CA SER G 685 4.50 61.13 -52.40
C SER G 685 5.39 59.98 -51.91
N SER G 686 4.78 58.83 -51.67
CA SER G 686 5.51 57.66 -51.17
C SER G 686 6.44 57.06 -52.22
N ALA G 687 6.17 57.34 -53.48
CA ALA G 687 6.95 56.74 -54.57
C ALA G 687 7.88 57.77 -55.19
N THR G 688 9.06 57.31 -55.60
CA THR G 688 10.03 58.19 -56.26
C THR G 688 9.52 58.66 -57.62
N ASN G 689 8.84 57.76 -58.33
CA ASN G 689 8.28 58.09 -59.64
C ASN G 689 6.78 57.86 -59.66
N LEU G 690 6.03 58.72 -60.33
CA LEU G 690 4.57 58.58 -60.36
C LEU G 690 3.96 58.66 -61.76
N ARG G 691 3.10 57.69 -62.05
CA ARG G 691 2.32 57.64 -63.27
C ARG G 691 0.85 57.77 -62.90
N LEU G 692 0.17 58.74 -63.52
CA LEU G 692 -1.19 59.08 -63.12
C LEU G 692 -2.18 58.93 -64.28
N HIS G 693 -3.26 58.20 -64.02
CA HIS G 693 -4.34 58.06 -64.99
C HIS G 693 -5.66 58.57 -64.40
N ILE G 694 -6.29 59.50 -65.10
CA ILE G 694 -7.59 59.98 -64.68
C ILE G 694 -8.65 59.60 -65.71
N LYS G 695 -9.54 58.69 -65.34
CA LYS G 695 -10.51 58.16 -66.29
C LYS G 695 -11.93 58.43 -65.84
N ARG G 696 -12.62 59.30 -66.59
CA ARG G 696 -14.01 59.63 -66.32
C ARG G 696 -14.19 60.03 -64.85
N CYS G 697 -13.21 60.73 -64.31
CA CYS G 697 -13.24 61.14 -62.91
C CYS G 697 -13.63 62.61 -62.89
N ALA G 698 -14.83 62.91 -62.41
CA ALA G 698 -15.38 64.27 -62.45
C ALA G 698 -15.06 65.14 -61.24
N ALA G 699 -14.43 64.59 -60.22
CA ALA G 699 -14.14 65.36 -59.01
C ALA G 699 -12.88 66.21 -59.19
N MET G 700 -12.21 66.05 -60.33
CA MET G 700 -10.96 66.76 -60.56
C MET G 700 -11.21 68.04 -61.33
N ALA G 701 -11.24 69.17 -60.64
CA ALA G 701 -11.26 70.48 -61.31
C ALA G 701 -10.26 71.41 -60.62
N GLY G 702 -9.18 71.78 -61.30
CA GLY G 702 -8.16 72.64 -60.72
C GLY G 702 -7.40 71.95 -59.60
N ARG G 703 -7.88 70.78 -59.22
CA ARG G 703 -7.48 70.10 -58.00
C ARG G 703 -6.26 69.21 -58.19
N LEU G 704 -5.87 69.05 -59.45
CA LEU G 704 -4.72 68.25 -59.80
C LEU G 704 -3.48 68.87 -59.15
N SER G 705 -3.46 70.21 -59.18
CA SER G 705 -2.36 71.02 -58.67
C SER G 705 -2.11 70.81 -57.17
N SER G 706 -3.18 70.71 -56.39
CA SER G 706 -3.03 70.51 -54.95
C SER G 706 -2.56 69.11 -54.60
N VAL G 707 -3.12 68.11 -55.28
CA VAL G 707 -2.80 66.71 -55.04
C VAL G 707 -1.35 66.41 -55.39
N LEU G 708 -0.88 66.96 -56.50
CA LEU G 708 0.43 66.63 -57.01
C LEU G 708 1.52 67.54 -56.45
N ARG G 709 1.15 68.36 -55.47
CA ARG G 709 2.04 69.35 -54.89
C ARG G 709 3.40 68.79 -54.45
N THR G 710 3.43 67.61 -53.84
CA THR G 710 4.73 67.00 -53.57
C THR G 710 4.93 65.72 -54.38
N CYS G 711 5.52 65.91 -55.55
CA CYS G 711 6.08 64.84 -56.36
C CYS G 711 7.30 65.46 -57.00
N LYS G 712 8.48 64.86 -56.87
CA LYS G 712 9.61 65.42 -57.61
C LYS G 712 9.50 64.95 -59.06
N ASN G 713 9.19 63.67 -59.26
CA ASN G 713 8.95 63.17 -60.60
C ASN G 713 7.54 62.65 -60.85
N MET G 714 6.91 63.23 -61.86
CA MET G 714 5.73 62.67 -62.48
C MET G 714 6.17 62.06 -63.80
N HIS G 715 6.16 60.73 -63.87
CA HIS G 715 6.63 60.06 -65.07
C HIS G 715 5.66 60.22 -66.23
N THR G 716 4.39 59.89 -65.99
CA THR G 716 3.38 59.95 -67.04
C THR G 716 2.10 60.59 -66.51
N LEU G 717 1.44 61.38 -67.35
CA LEU G 717 0.12 61.88 -67.01
C LEU G 717 -0.87 61.56 -68.13
N MET G 718 -1.95 60.89 -67.74
CA MET G 718 -3.04 60.58 -68.66
C MET G 718 -4.35 61.10 -68.10
N VAL G 719 -5.01 61.94 -68.88
CA VAL G 719 -6.32 62.47 -68.51
C VAL G 719 -7.33 62.01 -69.54
N GLU G 720 -8.37 61.33 -69.07
CA GLU G 720 -9.36 60.75 -69.97
C GLU G 720 -10.78 61.04 -69.52
N ALA G 721 -11.53 61.71 -70.38
CA ALA G 721 -12.94 62.02 -70.15
C ALA G 721 -13.22 62.73 -68.82
N SER G 722 -12.28 63.54 -68.38
CA SER G 722 -12.47 64.32 -67.18
C SER G 722 -12.21 65.73 -67.65
N PRO G 723 -12.99 66.71 -67.16
CA PRO G 723 -12.72 68.08 -67.63
C PRO G 723 -11.41 68.55 -67.04
N LEU G 724 -10.90 69.64 -67.57
CA LEU G 724 -9.64 70.19 -67.10
C LEU G 724 -9.86 71.68 -67.01
N THR G 725 -9.10 72.31 -66.13
CA THR G 725 -9.24 73.72 -65.91
C THR G 725 -7.91 74.36 -66.25
N THR G 726 -7.90 75.69 -66.37
CA THR G 726 -6.69 76.38 -66.77
C THR G 726 -5.61 76.22 -65.71
N ASP G 727 -6.03 76.07 -64.46
CA ASP G 727 -5.08 75.77 -63.39
C ASP G 727 -4.43 74.42 -63.65
N ASP G 728 -5.25 73.43 -64.01
CA ASP G 728 -4.76 72.10 -64.33
C ASP G 728 -3.87 72.08 -65.57
N GLU G 729 -4.32 72.72 -66.65
CA GLU G 729 -3.54 72.76 -67.88
C GLU G 729 -2.20 73.45 -67.68
N GLN G 730 -2.23 74.59 -66.99
CA GLN G 730 -1.02 75.34 -66.67
C GLN G 730 -0.08 74.48 -65.83
N TYR G 731 -0.67 73.77 -64.88
CA TYR G 731 0.10 72.89 -64.01
C TYR G 731 0.73 71.72 -64.74
N ILE G 732 0.01 71.15 -65.71
CA ILE G 732 0.49 70.01 -66.48
C ILE G 732 1.76 70.42 -67.19
N THR G 733 1.78 71.65 -67.70
CA THR G 733 2.95 72.16 -68.38
C THR G 733 4.03 72.56 -67.38
N SER G 734 3.62 72.75 -66.12
CA SER G 734 4.56 73.18 -65.09
C SER G 734 5.65 72.14 -64.79
N VAL G 735 5.35 70.86 -64.99
CA VAL G 735 6.32 69.81 -64.66
C VAL G 735 7.24 69.51 -65.85
N THR G 736 8.52 69.82 -65.68
CA THR G 736 9.49 69.74 -66.77
C THR G 736 9.97 68.31 -66.95
N GLY G 737 9.76 67.49 -65.93
CA GLY G 737 10.19 66.09 -65.96
C GLY G 737 9.27 65.14 -66.71
N LEU G 738 8.15 65.64 -67.21
CA LEU G 738 7.14 64.77 -67.81
C LEU G 738 7.65 64.17 -69.13
N GLN G 739 7.74 62.85 -69.17
CA GLN G 739 8.10 62.13 -70.39
C GLN G 739 6.90 61.62 -71.20
N ASN G 740 5.73 61.57 -70.56
CA ASN G 740 4.52 61.08 -71.23
C ASN G 740 3.27 61.90 -70.90
N LEU G 741 2.55 62.34 -71.93
CA LEU G 741 1.29 63.05 -71.73
C LEU G 741 0.22 62.52 -72.71
N SER G 742 -0.95 62.16 -72.18
CA SER G 742 -2.06 61.71 -73.02
C SER G 742 -3.36 62.37 -72.60
N ILE G 743 -4.01 63.08 -73.54
CA ILE G 743 -5.29 63.74 -73.22
C ILE G 743 -6.48 63.38 -74.12
N HIS G 744 -7.59 63.01 -73.46
CA HIS G 744 -8.80 62.57 -74.14
C HIS G 744 -10.03 63.42 -73.79
N ARG G 745 -10.73 63.90 -74.82
CA ARG G 745 -12.01 64.60 -74.68
C ARG G 745 -11.93 65.73 -73.64
N LEU G 746 -11.10 66.72 -73.96
CA LEU G 746 -10.99 67.94 -73.15
C LEU G 746 -12.29 68.74 -73.12
N HIS G 747 -12.75 69.11 -74.32
CA HIS G 747 -13.97 69.90 -74.52
C HIS G 747 -13.94 71.34 -74.00
N THR G 748 -12.89 71.71 -73.29
CA THR G 748 -12.75 73.11 -72.89
C THR G 748 -11.97 73.80 -74.00
N GLN G 749 -12.45 74.95 -74.46
CA GLN G 749 -11.77 75.68 -75.51
C GLN G 749 -10.40 76.09 -74.99
N GLN G 750 -9.40 76.09 -75.88
CA GLN G 750 -8.06 76.45 -75.46
C GLN G 750 -7.94 77.97 -75.55
N LEU G 751 -7.46 78.57 -74.46
CA LEU G 751 -7.33 80.02 -74.37
C LEU G 751 -5.89 80.34 -74.05
N PRO G 752 -5.54 81.64 -73.98
CA PRO G 752 -4.23 81.97 -73.42
C PRO G 752 -4.11 81.23 -72.10
N GLY G 753 -2.95 80.62 -71.84
CA GLY G 753 -2.91 79.50 -70.91
C GLY G 753 -1.55 78.88 -70.89
N GLY G 754 -1.48 77.56 -70.69
CA GLY G 754 -2.64 76.69 -70.85
C GLY G 754 -2.11 75.39 -71.40
N LEU G 755 -3.00 74.50 -71.81
CA LEU G 755 -2.57 73.22 -72.36
C LEU G 755 -1.69 73.35 -73.60
N ILE G 756 -2.28 73.84 -74.68
CA ILE G 756 -1.61 73.87 -75.98
C ILE G 756 -0.68 75.05 -76.21
N ASP G 757 -0.89 76.14 -75.48
CA ASP G 757 -0.09 77.34 -75.66
C ASP G 757 1.36 77.02 -75.35
N SER G 758 1.63 76.44 -74.18
CA SER G 758 3.00 76.00 -73.90
C SER G 758 3.11 74.51 -73.82
N LEU G 759 3.49 73.89 -74.94
CA LEU G 759 3.93 72.51 -74.95
C LEU G 759 5.45 72.46 -74.92
N GLY G 760 6.04 73.62 -75.14
CA GLY G 760 7.49 73.74 -75.19
C GLY G 760 7.96 73.71 -73.76
N ASN G 761 7.01 73.85 -72.84
CA ASN G 761 7.29 73.83 -71.41
C ASN G 761 7.84 72.47 -70.98
N LEU G 762 7.33 71.40 -71.57
CA LEU G 762 7.82 70.07 -71.29
C LEU G 762 8.86 69.77 -72.35
N LYS G 763 10.14 69.83 -71.99
CA LYS G 763 11.20 69.66 -72.97
C LYS G 763 11.68 68.22 -73.10
N ASN G 764 11.34 67.40 -72.12
CA ASN G 764 11.79 66.00 -72.06
C ASN G 764 10.76 64.98 -72.55
N LEU G 765 9.65 65.47 -73.08
CA LEU G 765 8.51 64.61 -73.41
C LEU G 765 8.87 63.65 -74.53
N GLU G 766 8.80 62.36 -74.25
CA GLU G 766 9.05 61.33 -75.27
C GLU G 766 7.76 60.79 -75.90
N ARG G 767 6.61 61.05 -75.27
CA ARG G 767 5.32 60.61 -75.82
C ARG G 767 4.26 61.67 -75.59
N LEU G 768 3.59 62.05 -76.66
CA LEU G 768 2.51 63.03 -76.60
C LEU G 768 1.29 62.54 -77.38
N ILE G 769 0.12 62.57 -76.74
CA ILE G 769 -1.13 62.18 -77.36
C ILE G 769 -2.21 63.24 -77.15
N LEU G 770 -2.69 63.80 -78.25
CA LEU G 770 -3.77 64.78 -78.18
C LEU G 770 -4.98 64.24 -78.93
N ASP G 771 -6.03 63.94 -78.17
CA ASP G 771 -7.23 63.37 -78.77
C ASP G 771 -8.47 64.10 -78.28
N ASP G 772 -9.31 64.50 -79.24
CA ASP G 772 -10.56 65.21 -78.94
C ASP G 772 -10.28 66.46 -78.13
N ILE G 773 -9.27 67.20 -78.56
CA ILE G 773 -8.93 68.47 -77.95
C ILE G 773 -9.67 69.58 -78.69
N ARG G 774 -10.29 70.49 -77.95
CA ARG G 774 -10.99 71.62 -78.57
C ARG G 774 -9.96 72.61 -79.08
N MET G 775 -10.00 72.89 -80.38
CA MET G 775 -8.97 73.69 -81.04
C MET G 775 -9.45 74.45 -82.27
N ASN G 776 -8.68 75.46 -82.65
CA ASN G 776 -8.85 76.16 -83.91
C ASN G 776 -7.50 76.35 -84.58
N GLU G 777 -7.46 77.10 -85.68
CA GLU G 777 -6.23 77.27 -86.45
C GLU G 777 -5.09 77.78 -85.59
N GLU G 778 -5.38 78.77 -84.74
CA GLU G 778 -4.36 79.38 -83.90
C GLU G 778 -3.79 78.40 -82.89
N ASP G 779 -4.65 77.54 -82.36
CA ASP G 779 -4.22 76.51 -81.43
C ASP G 779 -3.26 75.53 -82.12
N ALA G 780 -3.56 75.19 -83.37
CA ALA G 780 -2.69 74.32 -84.16
C ALA G 780 -1.34 74.96 -84.42
N LYS G 781 -1.36 76.24 -84.76
CA LYS G 781 -0.14 77.00 -84.97
C LYS G 781 0.70 76.96 -83.69
N ASN G 782 0.02 77.08 -82.55
CA ASN G 782 0.70 76.99 -81.26
C ASN G 782 1.29 75.59 -80.99
N LEU G 783 0.54 74.57 -81.36
CA LEU G 783 0.98 73.19 -81.22
C LEU G 783 2.21 72.99 -82.09
N ALA G 784 2.17 73.62 -83.26
CA ALA G 784 3.28 73.61 -84.19
C ALA G 784 4.52 74.22 -83.56
N GLU G 785 4.34 75.39 -82.93
CA GLU G 785 5.43 76.09 -82.26
C GLU G 785 6.03 75.24 -81.15
N GLY G 786 5.16 74.50 -80.45
CA GLY G 786 5.61 73.65 -79.37
C GLY G 786 6.40 72.44 -79.84
N LEU G 787 5.94 71.80 -80.90
CA LEU G 787 6.58 70.59 -81.40
C LEU G 787 8.01 70.77 -81.93
N ARG G 788 8.35 71.99 -82.32
CA ARG G 788 9.70 72.28 -82.79
C ARG G 788 10.78 72.11 -81.74
N SER G 789 10.45 72.41 -80.49
CA SER G 789 11.48 72.50 -79.46
C SER G 789 11.84 71.20 -78.74
N LEU G 790 11.02 70.17 -78.86
CA LEU G 790 11.32 68.89 -78.21
C LEU G 790 11.76 67.81 -79.20
N LYS G 791 13.02 67.43 -79.14
CA LYS G 791 13.58 66.42 -80.04
C LYS G 791 13.63 65.02 -79.44
N LYS G 792 13.09 64.85 -78.22
CA LYS G 792 13.11 63.54 -77.56
C LYS G 792 11.91 62.69 -77.93
N MET G 793 11.09 63.19 -78.86
CA MET G 793 9.82 62.58 -79.14
C MET G 793 9.98 61.32 -79.98
N ARG G 794 9.62 60.16 -79.43
CA ARG G 794 9.48 58.97 -80.24
C ARG G 794 8.02 58.64 -80.55
N LEU G 795 7.10 59.37 -79.94
CA LEU G 795 5.69 59.09 -80.17
C LEU G 795 4.93 60.39 -80.26
N LEU G 796 4.13 60.55 -81.31
CA LEU G 796 3.29 61.74 -81.44
C LEU G 796 1.91 61.36 -81.95
N HIS G 797 0.87 61.70 -81.20
CA HIS G 797 -0.49 61.51 -81.67
C HIS G 797 -1.21 62.84 -81.67
N LEU G 798 -1.62 63.29 -82.85
CA LEU G 798 -2.50 64.43 -82.94
C LEU G 798 -3.74 63.94 -83.63
N THR G 799 -4.83 63.81 -82.87
CA THR G 799 -6.03 63.18 -83.41
C THR G 799 -7.29 63.98 -83.10
N HIS G 800 -8.23 63.91 -84.04
CA HIS G 800 -9.54 64.50 -83.88
C HIS G 800 -9.49 66.01 -83.68
N LEU G 801 -8.51 66.66 -84.30
CA LEU G 801 -8.45 68.11 -84.25
C LEU G 801 -9.44 68.51 -85.32
N SER G 802 -10.48 69.25 -84.95
CA SER G 802 -11.58 69.44 -85.88
C SER G 802 -11.44 70.56 -86.92
N ASP G 803 -11.15 71.77 -86.45
CA ASP G 803 -11.10 72.97 -87.29
C ASP G 803 -9.78 73.59 -87.77
N ILE G 804 -8.65 72.92 -87.55
CA ILE G 804 -7.35 73.61 -87.52
C ILE G 804 -6.80 74.17 -88.86
N GLY G 805 -7.53 73.98 -89.96
CA GLY G 805 -7.13 74.49 -91.26
C GLY G 805 -5.69 74.34 -91.75
N GLU G 806 -5.22 75.35 -92.49
CA GLU G 806 -3.91 75.35 -93.15
C GLU G 806 -2.70 75.21 -92.23
N GLY G 807 -2.95 75.19 -90.92
CA GLY G 807 -1.88 75.20 -89.95
C GLY G 807 -0.86 74.08 -90.04
N MET G 808 -1.26 72.94 -90.61
CA MET G 808 -0.40 71.75 -90.62
C MET G 808 0.94 71.79 -91.34
N ASP G 809 1.03 72.55 -92.43
CA ASP G 809 2.25 72.62 -93.23
C ASP G 809 3.42 72.96 -92.34
N TYR G 810 3.24 73.97 -91.50
CA TYR G 810 4.26 74.40 -90.57
C TYR G 810 4.53 73.34 -89.50
N ILE G 811 3.49 72.73 -88.94
CA ILE G 811 3.73 71.75 -87.89
C ILE G 811 4.43 70.49 -88.41
N VAL G 812 3.95 69.92 -89.51
CA VAL G 812 4.59 68.74 -90.09
C VAL G 812 6.02 69.06 -90.50
N LYS G 813 6.21 70.24 -91.09
CA LYS G 813 7.53 70.74 -91.47
C LYS G 813 8.39 70.73 -90.23
N SER G 814 7.82 71.20 -89.13
CA SER G 814 8.50 71.31 -87.85
C SER G 814 8.99 69.95 -87.36
N LEU G 815 8.22 68.90 -87.64
CA LEU G 815 8.58 67.55 -87.22
C LEU G 815 9.77 66.99 -88.00
N SER G 816 9.70 67.11 -89.32
CA SER G 816 10.56 66.35 -90.24
C SER G 816 11.82 67.06 -90.75
N GLU G 817 12.10 68.25 -90.25
CA GLU G 817 13.20 69.06 -90.78
C GLU G 817 14.58 68.38 -90.78
N GLU G 818 14.90 67.66 -89.71
CA GLU G 818 16.24 67.09 -89.60
C GLU G 818 16.17 65.59 -89.26
N SER G 819 17.27 64.88 -89.49
CA SER G 819 17.32 63.44 -89.22
C SER G 819 17.07 63.19 -87.74
N CYS G 820 16.06 62.38 -87.44
CA CYS G 820 15.65 62.17 -86.06
C CYS G 820 15.39 60.70 -85.71
N ASP G 821 15.11 60.47 -84.44
CA ASP G 821 14.83 59.15 -83.90
C ASP G 821 13.34 58.79 -83.82
N LEU G 822 12.47 59.63 -84.38
CA LEU G 822 11.02 59.42 -84.31
C LEU G 822 10.61 58.04 -84.81
N GLN G 823 9.78 57.36 -84.01
CA GLN G 823 9.34 56.01 -84.36
C GLN G 823 7.86 55.94 -84.77
N GLU G 824 6.98 56.38 -83.89
CA GLU G 824 5.55 56.29 -84.16
C GLU G 824 4.96 57.69 -84.29
N MET G 825 4.32 57.93 -85.44
CA MET G 825 3.63 59.18 -85.70
C MET G 825 2.21 58.95 -86.23
N LYS G 826 1.23 59.31 -85.42
CA LYS G 826 -0.18 59.23 -85.81
C LYS G 826 -0.82 60.61 -85.96
N LEU G 827 -1.08 61.00 -87.20
CA LEU G 827 -1.72 62.27 -87.53
C LEU G 827 -3.21 62.14 -87.84
N VAL G 828 -3.81 61.02 -87.45
CA VAL G 828 -5.16 60.67 -87.92
C VAL G 828 -6.25 61.66 -87.50
N ALA G 829 -7.10 62.01 -88.46
CA ALA G 829 -8.34 62.75 -88.25
C ALA G 829 -8.23 64.24 -87.91
N CYS G 830 -7.01 64.73 -87.75
CA CYS G 830 -6.78 66.18 -87.70
C CYS G 830 -6.89 66.68 -89.14
N CYS G 831 -6.71 67.97 -89.36
CA CYS G 831 -6.81 68.49 -90.72
C CYS G 831 -5.41 68.51 -91.34
N LEU G 832 -5.16 67.56 -92.25
CA LEU G 832 -3.88 67.42 -92.92
C LEU G 832 -4.01 67.98 -94.34
N THR G 833 -2.94 68.61 -94.83
CA THR G 833 -2.96 69.22 -96.15
C THR G 833 -2.03 68.47 -97.07
N ALA G 834 -2.27 68.59 -98.38
CA ALA G 834 -1.40 67.96 -99.36
C ALA G 834 0.01 68.55 -99.29
N ASN G 835 0.10 69.81 -98.87
CA ASN G 835 1.38 70.45 -98.65
C ASN G 835 2.16 69.77 -97.53
N SER G 836 1.46 69.44 -96.45
CA SER G 836 2.08 68.80 -95.29
C SER G 836 2.55 67.40 -95.66
N VAL G 837 1.77 66.73 -96.51
CA VAL G 837 2.13 65.41 -96.98
C VAL G 837 3.34 65.50 -97.92
N LYS G 838 3.38 66.58 -98.68
CA LYS G 838 4.49 66.81 -99.59
C LYS G 838 5.81 67.03 -98.83
N VAL G 839 5.77 67.91 -97.84
CA VAL G 839 6.93 68.16 -96.98
C VAL G 839 7.31 66.89 -96.23
N LEU G 840 6.29 66.18 -95.75
CA LEU G 840 6.48 64.93 -95.00
C LEU G 840 7.20 63.90 -95.86
N ALA G 841 6.81 63.83 -97.12
CA ALA G 841 7.40 62.91 -98.08
C ALA G 841 8.84 63.27 -98.37
N GLN G 842 9.04 64.54 -98.69
CA GLN G 842 10.33 65.05 -99.14
C GLN G 842 11.39 64.90 -98.05
N ASN G 843 10.99 65.12 -96.81
CA ASN G 843 11.89 65.02 -95.67
C ASN G 843 11.83 63.67 -94.96
N LEU G 844 11.06 62.74 -95.51
CA LEU G 844 10.81 61.44 -94.88
C LEU G 844 12.07 60.61 -94.59
N HIS G 845 13.12 60.80 -95.38
CA HIS G 845 14.34 60.02 -95.23
C HIS G 845 15.02 60.32 -93.89
N ASN G 846 14.55 61.39 -93.26
CA ASN G 846 15.01 61.79 -91.94
C ASN G 846 14.56 60.82 -90.86
N LEU G 847 13.37 60.24 -91.04
CA LEU G 847 12.95 59.17 -90.16
C LEU G 847 13.08 57.85 -90.89
N ILE G 848 14.18 57.15 -90.62
CA ILE G 848 14.37 55.77 -91.07
C ILE G 848 13.76 54.85 -90.03
N LYS G 849 13.78 55.34 -88.80
CA LYS G 849 13.41 54.55 -87.64
C LYS G 849 11.91 54.59 -87.43
N LEU G 850 11.18 55.23 -88.34
CA LEU G 850 9.74 55.30 -88.20
C LEU G 850 9.20 53.92 -88.53
N SER G 851 8.60 53.28 -87.54
CA SER G 851 7.97 51.99 -87.72
C SER G 851 6.44 52.09 -87.83
N ILE G 852 5.91 53.29 -87.60
CA ILE G 852 4.46 53.47 -87.56
C ILE G 852 4.02 54.72 -88.30
N LEU G 853 3.16 54.56 -89.31
CA LEU G 853 2.60 55.76 -89.90
C LEU G 853 1.08 55.62 -89.97
N ASP G 854 0.36 56.38 -89.14
CA ASP G 854 -1.08 56.45 -89.31
C ASP G 854 -1.42 57.89 -89.61
N ILE G 855 -1.65 58.17 -90.90
CA ILE G 855 -2.14 59.47 -91.34
C ILE G 855 -3.62 59.44 -91.72
N SER G 856 -4.29 58.32 -91.43
CA SER G 856 -5.61 58.02 -91.98
C SER G 856 -6.67 59.00 -91.51
N GLU G 857 -7.82 58.97 -92.18
CA GLU G 857 -8.93 59.90 -91.95
C GLU G 857 -8.61 61.34 -92.35
N ASN G 858 -7.76 61.51 -93.36
CA ASN G 858 -7.47 62.84 -93.87
C ASN G 858 -7.70 62.93 -95.37
N TYR G 859 -8.38 64.00 -95.78
CA TYR G 859 -8.58 64.26 -97.19
C TYR G 859 -7.60 65.32 -97.61
N LEU G 860 -6.85 65.06 -98.68
CA LEU G 860 -5.94 66.07 -99.17
C LEU G 860 -6.62 66.69 -100.38
N GLU G 861 -7.08 67.93 -100.24
CA GLU G 861 -7.96 68.51 -101.25
C GLU G 861 -7.26 68.88 -102.55
N LYS G 862 -6.24 69.75 -102.47
CA LYS G 862 -5.65 70.26 -103.69
C LYS G 862 -4.44 69.45 -104.10
N ASP G 863 -4.56 68.79 -105.24
CA ASP G 863 -3.52 67.91 -105.76
C ASP G 863 -3.02 66.91 -104.73
N GLY G 864 -3.94 66.39 -103.93
CA GLY G 864 -3.62 65.50 -102.83
C GLY G 864 -2.91 64.23 -103.25
N ASN G 865 -3.40 63.61 -104.31
CA ASN G 865 -2.81 62.37 -104.82
C ASN G 865 -1.38 62.59 -105.28
N GLU G 866 -1.13 63.79 -105.79
CA GLU G 866 0.19 64.18 -106.25
C GLU G 866 1.17 64.14 -105.08
N ALA G 867 0.74 64.64 -103.93
CA ALA G 867 1.53 64.59 -102.71
C ALA G 867 1.68 63.16 -102.18
N LEU G 868 0.57 62.43 -102.22
CA LEU G 868 0.52 61.06 -101.69
C LEU G 868 1.48 60.14 -102.43
N GLN G 869 1.53 60.28 -103.75
CA GLN G 869 2.45 59.50 -104.56
C GLN G 869 3.90 59.88 -104.27
N GLU G 870 4.14 61.16 -103.98
CA GLU G 870 5.47 61.60 -103.57
C GLU G 870 5.84 60.89 -102.27
N LEU G 871 4.85 60.69 -101.42
CA LEU G 871 5.07 60.00 -100.15
C LEU G 871 5.39 58.52 -100.37
N ILE G 872 4.64 57.87 -101.25
CA ILE G 872 4.77 56.42 -101.51
C ILE G 872 6.13 55.93 -102.06
N GLY G 873 6.76 56.73 -102.91
CA GLY G 873 8.02 56.31 -103.52
C GLY G 873 9.15 56.10 -102.53
N ARG G 874 9.09 56.83 -101.43
CA ARG G 874 10.15 56.82 -100.43
C ARG G 874 9.88 55.83 -99.28
N LEU G 875 8.83 55.03 -99.41
CA LEU G 875 8.46 54.07 -98.37
C LEU G 875 9.53 53.02 -98.03
N GLY G 876 10.40 52.73 -98.98
CA GLY G 876 11.48 51.77 -98.74
C GLY G 876 12.48 52.28 -97.74
N VAL G 877 12.54 53.60 -97.61
CA VAL G 877 13.47 54.27 -96.69
C VAL G 877 13.13 53.86 -95.26
N LEU G 878 11.87 53.51 -95.03
CA LEU G 878 11.47 53.11 -93.69
C LEU G 878 11.72 51.62 -93.69
N GLY G 879 12.77 51.19 -93.00
CA GLY G 879 13.14 49.79 -92.98
C GLY G 879 12.31 48.99 -92.01
N GLU G 880 11.96 49.63 -90.90
CA GLU G 880 11.29 48.95 -89.82
C GLU G 880 9.77 49.10 -89.84
N LEU G 881 9.23 49.73 -90.87
CA LEU G 881 7.82 50.08 -90.86
C LEU G 881 6.99 48.80 -90.96
N THR G 882 6.24 48.54 -89.90
CA THR G 882 5.29 47.45 -89.88
C THR G 882 3.85 47.95 -90.01
N THR G 883 3.66 49.26 -90.00
CA THR G 883 2.31 49.80 -90.01
C THR G 883 2.11 51.00 -90.92
N LEU G 884 1.18 50.84 -91.85
CA LEU G 884 0.84 51.90 -92.79
C LEU G 884 -0.68 52.05 -92.88
N MET G 885 -1.17 53.21 -92.47
CA MET G 885 -2.57 53.58 -92.62
C MET G 885 -2.56 54.83 -93.48
N LEU G 886 -3.25 54.76 -94.61
CA LEU G 886 -3.12 55.82 -95.60
C LEU G 886 -4.37 56.68 -95.58
N PRO G 887 -4.23 57.96 -95.92
CA PRO G 887 -5.36 58.87 -96.01
C PRO G 887 -5.98 58.78 -97.41
N TRP G 888 -7.02 59.56 -97.67
CA TRP G 888 -7.68 59.46 -98.97
C TRP G 888 -7.71 60.81 -99.67
N CYS G 889 -7.95 60.78 -100.97
CA CYS G 889 -7.96 62.00 -101.77
C CYS G 889 -8.66 61.78 -103.12
N TRP G 890 -8.50 62.77 -103.98
CA TRP G 890 -8.98 62.69 -105.36
C TRP G 890 -8.12 61.66 -106.08
N ASP G 891 -8.76 60.59 -106.57
CA ASP G 891 -8.10 59.54 -107.34
C ASP G 891 -7.06 58.66 -106.60
N VAL G 892 -7.28 58.42 -105.30
CA VAL G 892 -6.33 57.63 -104.49
C VAL G 892 -6.02 56.24 -105.04
N HIS G 893 -7.03 55.56 -105.56
CA HIS G 893 -6.88 54.16 -105.99
C HIS G 893 -5.89 53.99 -107.14
N THR G 894 -5.65 55.06 -107.89
CA THR G 894 -4.69 55.00 -109.00
C THR G 894 -3.28 54.74 -108.47
N SER G 895 -3.07 55.02 -107.19
CA SER G 895 -1.80 54.76 -106.53
C SER G 895 -1.77 53.42 -105.81
N LEU G 896 -2.90 52.70 -105.83
CA LEU G 896 -2.98 51.43 -105.10
C LEU G 896 -2.01 50.37 -105.64
N PRO G 897 -1.93 50.19 -106.97
CA PRO G 897 -0.89 49.27 -107.44
C PRO G 897 0.50 49.81 -107.10
N LYS G 898 0.65 51.13 -107.16
CA LYS G 898 1.93 51.77 -106.82
C LYS G 898 2.24 51.50 -105.36
N LEU G 899 1.20 51.47 -104.54
CA LEU G 899 1.34 51.17 -103.13
C LEU G 899 1.78 49.73 -102.92
N LEU G 900 1.25 48.83 -103.74
CA LEU G 900 1.51 47.39 -103.62
C LEU G 900 2.96 46.97 -103.88
N LYS G 901 3.63 47.63 -104.81
CA LYS G 901 5.05 47.34 -105.03
C LYS G 901 5.83 47.70 -103.78
N GLN G 902 5.44 48.81 -103.16
CA GLN G 902 6.06 49.24 -101.91
C GLN G 902 5.64 48.31 -100.78
N LEU G 903 4.43 47.76 -100.89
CA LEU G 903 3.97 46.81 -99.87
C LEU G 903 4.48 45.39 -100.13
N GLU G 904 5.08 45.15 -101.29
CA GLU G 904 5.74 43.88 -101.53
C GLU G 904 7.01 43.82 -100.68
N GLY G 905 7.59 44.99 -100.43
CA GLY G 905 8.84 45.09 -99.71
C GLY G 905 8.63 45.17 -98.22
N THR G 906 7.39 45.03 -97.78
CA THR G 906 7.10 45.05 -96.36
C THR G 906 6.33 43.81 -95.91
N PRO G 907 6.98 42.63 -95.95
CA PRO G 907 6.31 41.49 -95.35
C PRO G 907 6.47 41.66 -93.85
N GLY G 908 5.52 41.16 -93.07
CA GLY G 908 5.53 41.42 -91.64
C GLY G 908 4.85 42.76 -91.44
N LEU G 909 4.10 43.18 -92.45
CA LEU G 909 3.30 44.38 -92.36
C LEU G 909 2.19 44.04 -91.40
N ALA G 910 2.09 44.78 -90.29
CA ALA G 910 1.10 44.44 -89.30
C ALA G 910 -0.26 45.00 -89.66
N LYS G 911 -0.29 46.28 -90.02
CA LYS G 911 -1.57 46.95 -90.28
C LYS G 911 -1.57 47.72 -91.58
N LEU G 912 -2.56 47.47 -92.43
CA LEU G 912 -2.72 48.29 -93.63
C LEU G 912 -4.13 48.86 -93.68
N GLY G 913 -4.24 50.18 -93.54
CA GLY G 913 -5.47 50.86 -93.87
C GLY G 913 -5.49 51.55 -95.22
N LEU G 914 -6.65 51.52 -95.85
CA LEU G 914 -7.00 52.42 -96.92
C LEU G 914 -8.37 52.87 -96.45
N LYS G 915 -8.52 54.11 -95.99
CA LYS G 915 -9.83 54.50 -95.47
C LYS G 915 -10.49 55.51 -96.40
N ASN G 916 -11.73 55.20 -96.77
CA ASN G 916 -12.52 56.00 -97.70
C ASN G 916 -11.85 56.05 -99.08
N TRP G 917 -11.02 55.04 -99.31
CA TRP G 917 -10.51 54.70 -100.63
C TRP G 917 -11.62 53.90 -101.27
N ARG G 918 -12.17 54.34 -102.38
CA ARG G 918 -13.30 53.59 -102.90
C ARG G 918 -12.76 52.41 -103.69
N LEU G 919 -12.78 51.25 -103.04
CA LEU G 919 -12.26 50.02 -103.63
C LEU G 919 -13.37 49.30 -104.35
N ARG G 920 -13.05 48.72 -105.51
CA ARG G 920 -14.03 47.90 -106.23
C ARG G 920 -13.46 46.51 -106.47
N ASP G 921 -14.23 45.68 -107.16
CA ASP G 921 -13.83 44.31 -107.47
C ASP G 921 -12.56 44.27 -108.31
N GLU G 922 -12.37 45.32 -109.10
CA GLU G 922 -11.15 45.52 -109.86
C GLU G 922 -10.02 45.80 -108.88
N GLU G 923 -10.31 46.70 -107.95
CA GLU G 923 -9.39 47.12 -106.91
C GLU G 923 -9.20 45.97 -105.92
N ILE G 924 -10.28 45.24 -105.65
CA ILE G 924 -10.25 44.08 -104.77
C ILE G 924 -9.41 43.00 -105.40
N LYS G 925 -9.42 42.94 -106.73
CA LYS G 925 -8.59 42.01 -107.48
C LYS G 925 -7.12 42.42 -107.42
N SER G 926 -6.85 43.73 -107.45
CA SER G 926 -5.46 44.16 -107.38
C SER G 926 -4.82 43.68 -106.08
N LEU G 927 -5.49 44.02 -104.98
CA LEU G 927 -5.02 43.64 -103.65
C LEU G 927 -5.08 42.13 -103.47
N GLY G 928 -6.07 41.48 -104.07
CA GLY G 928 -6.20 40.04 -103.99
C GLY G 928 -5.11 39.25 -104.67
N GLU G 929 -4.80 39.61 -105.91
CA GLU G 929 -3.72 38.97 -106.66
C GLU G 929 -2.40 39.24 -105.96
N PHE G 930 -2.22 40.47 -105.49
CA PHE G 930 -1.04 40.79 -104.70
C PHE G 930 -0.97 39.91 -103.44
N LEU G 931 -2.11 39.74 -102.79
CA LEU G 931 -2.27 39.04 -101.51
C LEU G 931 -2.05 37.53 -101.55
N GLU G 932 -2.44 36.91 -102.65
CA GLU G 932 -2.24 35.48 -102.81
C GLU G 932 -0.76 35.18 -103.03
N MET G 933 -0.16 35.97 -103.91
CA MET G 933 1.21 35.77 -104.35
C MET G 933 2.29 35.99 -103.29
N ASN G 934 2.23 37.10 -102.57
CA ASN G 934 3.31 37.42 -101.64
C ASN G 934 3.52 36.36 -100.54
N PRO G 935 2.49 36.06 -99.71
CA PRO G 935 1.26 36.74 -99.29
C PRO G 935 1.62 37.83 -98.31
N LEU G 936 0.65 38.41 -97.61
CA LEU G 936 1.04 39.42 -96.63
C LEU G 936 1.39 38.65 -95.37
N ARG G 937 2.67 38.74 -95.02
CA ARG G 937 3.22 38.05 -93.87
C ARG G 937 2.76 38.68 -92.56
N ASP G 938 2.28 37.84 -91.63
CA ASP G 938 2.04 38.29 -90.27
C ASP G 938 0.90 39.30 -90.07
N LEU G 939 0.18 39.65 -91.13
CA LEU G 939 -0.68 40.85 -91.11
C LEU G 939 -1.63 40.87 -89.92
N GLN G 940 -1.47 41.91 -89.11
CA GLN G 940 -2.17 42.06 -87.84
C GLN G 940 -3.49 42.86 -87.91
N GLN G 941 -3.75 43.52 -89.04
CA GLN G 941 -5.07 44.14 -89.34
C GLN G 941 -5.20 44.83 -90.70
N LEU G 942 -6.42 44.82 -91.20
CA LEU G 942 -6.76 45.35 -92.53
C LEU G 942 -7.97 46.29 -92.45
N ASP G 943 -7.78 47.54 -92.86
CA ASP G 943 -8.88 48.49 -92.83
C ASP G 943 -9.25 48.89 -94.27
N LEU G 944 -10.39 48.43 -94.74
CA LEU G 944 -10.94 48.84 -96.03
C LEU G 944 -12.29 49.53 -95.80
N ALA G 945 -12.38 50.81 -96.16
CA ALA G 945 -13.58 51.59 -95.85
C ALA G 945 -14.47 51.89 -97.06
N GLY G 946 -13.96 52.59 -98.08
CA GLY G 946 -14.79 52.99 -99.20
C GLY G 946 -15.47 51.73 -99.76
N HIS G 947 -14.65 50.78 -100.20
CA HIS G 947 -15.09 49.42 -100.50
C HIS G 947 -16.44 49.28 -101.25
N CYS G 948 -16.43 49.48 -102.56
CA CYS G 948 -17.62 49.12 -103.30
C CYS G 948 -17.25 47.78 -103.88
N VAL G 949 -17.60 46.75 -103.14
CA VAL G 949 -17.29 45.39 -103.50
C VAL G 949 -18.60 44.64 -103.69
N SER G 950 -18.71 43.95 -104.82
CA SER G 950 -19.92 43.20 -105.10
C SER G 950 -19.97 42.05 -104.13
N SER G 951 -21.15 41.53 -103.92
CA SER G 951 -21.31 40.41 -103.03
C SER G 951 -20.53 39.19 -103.58
N ASP G 952 -20.53 39.02 -104.91
CA ASP G 952 -19.73 37.97 -105.56
C ASP G 952 -18.23 38.23 -105.48
N GLY G 953 -17.85 39.50 -105.54
CA GLY G 953 -16.45 39.90 -105.47
C GLY G 953 -15.83 39.42 -104.17
N TRP G 954 -16.60 39.53 -103.10
CA TRP G 954 -16.19 39.05 -101.79
C TRP G 954 -15.93 37.55 -101.75
N LEU G 955 -16.69 36.80 -102.54
CA LEU G 955 -16.56 35.34 -102.55
C LEU G 955 -15.15 34.92 -102.97
N TYR G 956 -14.60 35.63 -103.95
CA TYR G 956 -13.21 35.43 -104.37
C TYR G 956 -12.25 35.78 -103.24
N PHE G 957 -12.46 36.93 -102.61
CA PHE G 957 -11.52 37.45 -101.63
C PHE G 957 -11.48 36.62 -100.36
N MET G 958 -12.61 36.04 -99.97
CA MET G 958 -12.71 35.29 -98.72
C MET G 958 -11.86 34.02 -98.69
N ASN G 959 -11.71 33.39 -99.85
CA ASN G 959 -10.87 32.21 -99.98
C ASN G 959 -9.42 32.56 -99.66
N VAL G 960 -9.02 33.75 -100.09
CA VAL G 960 -7.69 34.29 -99.80
C VAL G 960 -7.57 34.80 -98.37
N PHE G 961 -8.70 35.24 -97.82
CA PHE G 961 -8.77 35.87 -96.50
C PHE G 961 -8.25 34.99 -95.37
N GLU G 962 -8.35 33.68 -95.55
CA GLU G 962 -7.90 32.71 -94.57
C GLU G 962 -6.40 32.78 -94.22
N ASN G 963 -5.59 33.26 -95.16
CA ASN G 963 -4.14 33.13 -95.03
C ASN G 963 -3.51 34.00 -93.95
N LEU G 964 -4.23 35.03 -93.54
CA LEU G 964 -3.79 35.77 -92.37
C LEU G 964 -4.68 35.27 -91.23
N LYS G 965 -4.13 34.36 -90.43
CA LYS G 965 -4.88 33.71 -89.35
C LYS G 965 -4.60 34.26 -87.96
N GLN G 966 -3.58 35.12 -87.86
CA GLN G 966 -3.19 35.71 -86.58
C GLN G 966 -3.89 37.03 -86.42
N LEU G 967 -4.78 37.29 -87.36
CA LEU G 967 -5.48 38.56 -87.45
C LEU G 967 -6.47 38.73 -86.32
N VAL G 968 -6.26 39.81 -85.56
CA VAL G 968 -7.07 40.22 -84.44
C VAL G 968 -8.32 41.02 -84.83
N PHE G 969 -8.12 41.94 -85.78
CA PHE G 969 -9.11 42.93 -86.15
C PHE G 969 -9.21 43.05 -87.68
N PHE G 970 -10.43 42.98 -88.21
CA PHE G 970 -10.57 43.32 -89.63
C PHE G 970 -11.81 44.14 -89.95
N ASP G 971 -11.63 45.13 -90.84
CA ASP G 971 -12.70 46.06 -91.14
C ASP G 971 -13.05 46.19 -92.62
N PHE G 972 -14.24 45.75 -93.01
CA PHE G 972 -14.79 46.13 -94.31
C PHE G 972 -16.10 46.86 -94.00
N SER G 973 -16.32 48.05 -94.56
CA SER G 973 -17.54 48.78 -94.24
C SER G 973 -18.15 49.44 -95.46
N THR G 974 -19.47 49.53 -95.50
CA THR G 974 -20.11 50.11 -96.64
C THR G 974 -21.55 50.29 -96.38
N GLU G 975 -22.21 50.89 -97.33
CA GLU G 975 -23.59 51.25 -97.16
C GLU G 975 -24.66 50.22 -96.93
N GLU G 976 -24.67 49.07 -97.57
CA GLU G 976 -25.75 48.21 -97.10
C GLU G 976 -26.08 46.92 -97.76
N PHE G 977 -25.28 45.88 -97.60
CA PHE G 977 -25.65 44.67 -98.31
C PHE G 977 -26.97 44.01 -97.91
N LEU G 978 -27.64 43.54 -98.95
CA LEU G 978 -28.68 42.58 -98.89
C LEU G 978 -27.91 41.63 -99.76
N PRO G 979 -27.78 40.40 -99.31
CA PRO G 979 -26.97 39.41 -100.00
C PRO G 979 -27.58 38.03 -99.93
N ASP G 980 -27.15 37.18 -100.87
CA ASP G 980 -27.42 35.76 -100.85
C ASP G 980 -26.51 35.20 -99.77
N ALA G 981 -26.84 34.02 -99.30
CA ALA G 981 -26.10 33.40 -98.23
C ALA G 981 -24.67 33.07 -98.61
N ALA G 982 -24.35 33.05 -99.90
CA ALA G 982 -23.11 32.46 -100.33
C ALA G 982 -21.92 33.04 -99.64
N LEU G 983 -21.81 34.34 -99.55
CA LEU G 983 -20.76 34.87 -98.71
C LEU G 983 -21.13 34.54 -97.30
N VAL G 984 -22.40 34.63 -96.99
CA VAL G 984 -22.75 34.36 -95.63
C VAL G 984 -22.35 32.96 -95.34
N ARG G 985 -22.65 32.02 -96.23
CA ARG G 985 -22.36 30.62 -95.92
C ARG G 985 -20.88 30.35 -95.79
N LYS G 986 -20.08 30.91 -96.68
CA LYS G 986 -18.66 30.80 -96.57
C LYS G 986 -18.15 31.54 -95.34
N LEU G 987 -18.71 32.73 -95.12
CA LEU G 987 -18.24 33.61 -94.05
C LEU G 987 -18.24 32.92 -92.71
N SER G 988 -19.34 32.25 -92.40
CA SER G 988 -19.47 31.55 -91.14
C SER G 988 -18.30 30.57 -91.02
N GLN G 989 -17.97 29.94 -92.14
CA GLN G 989 -16.82 29.06 -92.23
C GLN G 989 -15.49 29.78 -92.00
N VAL G 990 -15.30 30.96 -92.59
CA VAL G 990 -14.03 31.67 -92.38
C VAL G 990 -13.86 32.13 -90.93
N LEU G 991 -14.91 32.75 -90.39
CA LEU G 991 -14.89 33.25 -89.01
C LEU G 991 -14.71 32.11 -88.01
N SER G 992 -15.26 30.94 -88.33
CA SER G 992 -14.97 29.75 -87.53
C SER G 992 -13.52 29.32 -87.70
N LYS G 993 -13.02 29.41 -88.94
CA LYS G 993 -11.64 29.03 -89.26
C LYS G 993 -10.61 30.03 -88.75
N LEU G 994 -10.99 31.31 -88.67
CA LEU G 994 -10.09 32.32 -88.13
C LEU G 994 -10.38 32.47 -86.64
N THR G 995 -9.47 31.97 -85.82
CA THR G 995 -9.69 31.91 -84.38
C THR G 995 -9.35 33.16 -83.56
N LEU G 996 -8.46 34.00 -84.09
CA LEU G 996 -7.85 35.08 -83.30
C LEU G 996 -8.58 36.42 -83.33
N LEU G 997 -9.73 36.46 -84.01
CA LEU G 997 -10.45 37.70 -84.23
C LEU G 997 -10.94 38.30 -82.89
N GLN G 998 -10.51 39.52 -82.55
CA GLN G 998 -11.12 40.31 -81.46
C GLN G 998 -12.26 41.18 -81.98
N GLU G 999 -12.02 41.74 -83.16
CA GLU G 999 -12.98 42.63 -83.78
C GLU G 999 -13.25 42.30 -85.24
N VAL G 1000 -14.54 42.20 -85.53
CA VAL G 1000 -14.99 42.01 -86.89
C VAL G 1000 -15.88 43.17 -87.18
N LYS G 1001 -15.48 44.01 -88.13
CA LYS G 1001 -16.34 45.12 -88.49
C LYS G 1001 -16.82 44.91 -89.90
N LEU G 1002 -18.07 44.46 -89.98
CA LEU G 1002 -18.83 44.36 -91.22
C LEU G 1002 -20.10 45.11 -90.90
N THR G 1003 -20.32 46.27 -91.51
CA THR G 1003 -21.46 47.06 -91.10
C THR G 1003 -22.74 46.64 -91.84
N GLY G 1004 -23.71 46.18 -91.06
CA GLY G 1004 -25.01 45.78 -91.57
C GLY G 1004 -25.04 44.71 -92.65
N TRP G 1005 -23.93 44.01 -92.88
CA TRP G 1005 -23.81 42.96 -93.89
C TRP G 1005 -24.89 41.88 -93.94
N ILE G 1015 -23.67 33.89 -88.39
CA ILE G 1015 -22.23 33.79 -88.24
C ILE G 1015 -21.73 34.63 -87.06
N LYS G 1016 -21.95 34.13 -85.85
CA LYS G 1016 -21.50 34.81 -84.65
C LYS G 1016 -20.42 33.98 -83.96
N GLY G 1017 -19.64 34.60 -83.08
CA GLY G 1017 -18.60 33.88 -82.36
C GLY G 1017 -18.19 34.55 -81.05
N THR G 1018 -17.11 34.04 -80.46
CA THR G 1018 -16.59 34.53 -79.18
C THR G 1018 -16.16 36.00 -79.21
N PHE G 1019 -15.86 36.51 -80.40
CA PHE G 1019 -15.42 37.90 -80.55
C PHE G 1019 -16.55 38.90 -80.63
N LYS G 1020 -16.20 40.15 -80.88
CA LYS G 1020 -17.18 41.20 -81.11
C LYS G 1020 -17.37 41.45 -82.60
N LEU G 1021 -18.59 41.21 -83.07
CA LEU G 1021 -18.96 41.45 -84.45
C LEU G 1021 -19.87 42.68 -84.44
N GLN H 92 23.80 0.59 -107.71
CA GLN H 92 23.39 -0.03 -108.97
C GLN H 92 23.61 -1.55 -108.91
N VAL H 93 23.75 -2.08 -107.70
CA VAL H 93 24.22 -3.47 -107.57
C VAL H 93 23.05 -4.43 -107.64
N THR H 94 23.03 -5.27 -108.66
CA THR H 94 21.98 -6.28 -108.80
C THR H 94 22.11 -7.34 -107.71
N GLU H 95 21.00 -8.00 -107.37
CA GLU H 95 21.03 -9.03 -106.33
C GLU H 95 21.61 -10.32 -106.88
N GLU H 96 21.40 -10.55 -108.17
CA GLU H 96 22.00 -11.69 -108.83
C GLU H 96 23.52 -11.63 -108.77
N ASP H 97 24.07 -10.43 -108.99
CA ASP H 97 25.52 -10.23 -108.93
C ASP H 97 26.05 -10.46 -107.52
N LEU H 98 25.28 -10.06 -106.52
CA LEU H 98 25.68 -10.29 -105.13
C LEU H 98 25.67 -11.78 -104.81
N ASN H 99 24.66 -12.48 -105.31
CA ASN H 99 24.53 -13.90 -105.06
C ASN H 99 25.68 -14.68 -105.70
N VAL H 100 26.01 -14.31 -106.93
CA VAL H 100 27.13 -14.94 -107.62
C VAL H 100 28.47 -14.52 -107.00
N LEU H 101 28.53 -13.32 -106.44
CA LEU H 101 29.73 -12.86 -105.77
C LEU H 101 30.01 -13.71 -104.53
N ALA H 102 28.97 -13.87 -103.70
CA ALA H 102 29.09 -14.66 -102.48
C ALA H 102 29.40 -16.11 -102.81
N GLN H 103 28.74 -16.62 -103.84
CA GLN H 103 29.01 -17.97 -104.31
C GLN H 103 30.43 -18.12 -104.81
N ASN H 104 30.96 -17.06 -105.44
CA ASN H 104 32.33 -17.06 -105.93
C ASN H 104 33.35 -17.07 -104.79
N LEU H 105 33.11 -16.26 -103.75
CA LEU H 105 33.99 -16.28 -102.58
C LEU H 105 33.97 -17.65 -101.92
N LYS H 106 32.77 -18.21 -101.78
CA LYS H 106 32.64 -19.55 -101.20
C LYS H 106 33.39 -20.58 -102.03
N ASP H 107 33.28 -20.46 -103.35
CA ASP H 107 33.97 -21.37 -104.27
C ASP H 107 35.47 -21.25 -104.12
N LEU H 108 35.96 -20.02 -104.00
CA LEU H 108 37.39 -19.77 -103.84
C LEU H 108 37.94 -20.34 -102.54
N TYR H 109 37.27 -20.06 -101.43
CA TYR H 109 37.77 -20.51 -100.13
C TYR H 109 37.65 -22.03 -99.95
N ASN H 110 36.80 -22.67 -100.72
CA ASN H 110 36.60 -24.12 -100.60
C ASN H 110 37.42 -24.91 -101.60
N SER H 111 38.18 -24.20 -102.43
CA SER H 111 38.98 -24.86 -103.46
C SER H 111 40.30 -25.37 -102.88
N PRO H 112 40.84 -26.45 -103.47
CA PRO H 112 42.13 -27.01 -103.05
C PRO H 112 43.27 -26.01 -103.22
N ALA H 113 43.08 -25.05 -104.12
CA ALA H 113 44.08 -24.01 -104.34
C ALA H 113 44.23 -23.14 -103.10
N PHE H 114 43.11 -22.78 -102.50
CA PHE H 114 43.09 -22.05 -101.24
C PHE H 114 43.41 -22.96 -100.05
N LEU H 115 42.89 -24.18 -100.11
CA LEU H 115 42.99 -25.12 -99.00
C LEU H 115 44.43 -25.57 -98.72
N ASN H 116 45.23 -25.70 -99.77
CA ASN H 116 46.60 -26.19 -99.63
C ASN H 116 47.64 -25.14 -99.99
N PHE H 117 48.70 -25.06 -99.19
CA PHE H 117 49.83 -24.19 -99.53
C PHE H 117 51.16 -24.77 -99.07
N TYR H 118 52.25 -24.27 -99.64
CA TYR H 118 53.59 -24.68 -99.24
C TYR H 118 54.13 -23.64 -98.25
N PRO H 119 54.29 -24.03 -96.99
CA PRO H 119 54.78 -23.12 -95.96
C PRO H 119 56.21 -22.67 -96.23
N LEU H 120 57.04 -23.61 -96.69
CA LEU H 120 58.46 -23.33 -96.91
C LEU H 120 58.77 -23.03 -98.37
N GLY H 121 57.73 -22.95 -99.19
CA GLY H 121 57.91 -22.72 -100.62
C GLY H 121 57.65 -23.94 -101.47
N GLU H 122 57.52 -23.74 -102.77
CA GLU H 122 57.12 -24.78 -103.70
C GLU H 122 58.21 -25.81 -103.96
N ASP H 123 59.45 -25.48 -103.59
CA ASP H 123 60.59 -26.33 -103.89
C ASP H 123 60.96 -27.26 -102.75
N ILE H 124 60.19 -27.19 -101.67
CA ILE H 124 60.38 -28.07 -100.52
C ILE H 124 59.07 -28.78 -100.24
N ASP H 125 59.13 -30.09 -99.99
CA ASP H 125 57.87 -30.81 -99.84
C ASP H 125 57.45 -30.82 -98.38
N ILE H 126 56.56 -29.89 -98.07
CA ILE H 126 55.77 -29.85 -96.85
C ILE H 126 54.46 -29.23 -97.32
N ILE H 127 53.32 -29.84 -96.99
CA ILE H 127 52.06 -29.27 -97.44
C ILE H 127 51.10 -29.10 -96.27
N PHE H 128 50.57 -27.89 -96.12
CA PHE H 128 49.64 -27.60 -95.04
C PHE H 128 48.23 -27.44 -95.58
N ASN H 129 47.28 -28.10 -94.91
CA ASN H 129 45.89 -28.03 -95.30
C ASN H 129 45.08 -27.39 -94.18
N LEU H 130 44.24 -26.41 -94.53
CA LEU H 130 43.47 -25.66 -93.55
C LEU H 130 42.54 -26.56 -92.73
N GLU H 131 42.08 -27.65 -93.35
CA GLU H 131 41.29 -28.65 -92.63
C GLU H 131 42.18 -29.67 -91.94
N LYS H 132 42.98 -30.37 -92.73
CA LYS H 132 43.67 -31.58 -92.28
C LYS H 132 44.90 -31.35 -91.41
N THR H 133 45.72 -30.36 -91.76
CA THR H 133 46.99 -30.15 -91.06
C THR H 133 46.82 -29.20 -89.88
N PHE H 134 45.64 -28.63 -89.74
CA PHE H 134 45.38 -27.60 -88.75
C PHE H 134 45.11 -28.21 -87.38
N THR H 135 45.85 -27.75 -86.38
CA THR H 135 45.60 -28.15 -85.00
C THR H 135 44.98 -26.96 -84.31
N GLU H 136 44.00 -27.21 -83.44
CA GLU H 136 43.25 -26.13 -82.82
C GLU H 136 44.17 -25.37 -81.87
N PRO H 137 44.37 -24.07 -82.12
CA PRO H 137 45.26 -23.27 -81.27
C PRO H 137 44.58 -22.87 -79.97
N ILE H 138 45.36 -22.46 -78.98
CA ILE H 138 44.79 -21.91 -77.76
C ILE H 138 45.00 -20.40 -77.79
N MET H 139 43.95 -19.65 -77.48
CA MET H 139 43.99 -18.20 -77.60
C MET H 139 43.74 -17.54 -76.25
N TRP H 140 44.17 -16.29 -76.11
CA TRP H 140 43.90 -15.55 -74.88
C TRP H 140 43.35 -14.16 -75.14
N LYS H 141 42.26 -13.83 -74.45
CA LYS H 141 41.66 -12.51 -74.56
C LYS H 141 42.54 -11.52 -73.80
N LYS H 142 42.75 -10.34 -74.38
CA LYS H 142 43.69 -9.39 -73.83
C LYS H 142 43.07 -8.07 -73.35
N ASP H 143 43.50 -7.64 -72.16
CA ASP H 143 43.05 -6.37 -71.58
C ASP H 143 44.02 -5.27 -71.99
N HIS H 144 43.93 -4.10 -71.38
CA HIS H 144 44.79 -2.99 -71.78
C HIS H 144 46.26 -3.14 -71.34
N ARG H 145 46.52 -4.01 -70.36
CA ARG H 145 47.89 -4.32 -69.96
C ARG H 145 48.43 -5.61 -70.58
N HIS H 146 47.63 -6.24 -71.44
CA HIS H 146 48.05 -7.46 -72.14
C HIS H 146 48.32 -8.63 -71.20
N HIS H 147 47.59 -8.67 -70.10
CA HIS H 147 47.60 -9.82 -69.22
C HIS H 147 46.51 -10.72 -69.80
N ARG H 148 46.65 -12.03 -69.68
CA ARG H 148 45.70 -12.91 -70.33
C ARG H 148 44.51 -13.15 -69.43
N VAL H 149 43.38 -12.60 -69.86
CA VAL H 149 42.14 -12.61 -69.10
C VAL H 149 41.43 -13.95 -69.11
N GLU H 150 41.10 -14.41 -70.31
CA GLU H 150 40.29 -15.62 -70.44
C GLU H 150 40.78 -16.43 -71.64
N GLN H 151 40.71 -17.76 -71.51
CA GLN H 151 41.17 -18.65 -72.56
C GLN H 151 40.06 -18.91 -73.57
N LEU H 152 40.42 -18.83 -74.84
CA LEU H 152 39.46 -18.98 -75.92
C LEU H 152 39.94 -19.93 -77.01
N THR H 153 39.00 -20.30 -77.88
CA THR H 153 39.29 -21.06 -79.07
C THR H 153 38.83 -20.20 -80.24
N LEU H 154 39.10 -20.65 -81.46
CA LEU H 154 38.72 -19.90 -82.66
C LEU H 154 37.20 -19.73 -82.70
N GLY H 155 36.49 -20.81 -82.39
CA GLY H 155 35.04 -20.79 -82.38
C GLY H 155 34.46 -19.88 -81.30
N SER H 156 34.99 -19.99 -80.08
CA SER H 156 34.52 -19.17 -78.97
C SER H 156 34.81 -17.69 -79.22
N LEU H 157 35.95 -17.42 -79.85
CA LEU H 157 36.32 -16.05 -80.20
C LEU H 157 35.36 -15.51 -81.26
N LEU H 158 35.05 -16.33 -82.25
CA LEU H 158 34.13 -15.94 -83.31
C LEU H 158 32.72 -15.68 -82.78
N GLU H 159 32.32 -16.44 -81.76
CA GLU H 159 31.02 -16.25 -81.13
C GLU H 159 30.99 -14.94 -80.35
N ALA H 160 32.13 -14.59 -79.76
CA ALA H 160 32.24 -13.38 -78.95
C ALA H 160 32.79 -12.21 -79.77
N LEU H 161 32.94 -12.43 -81.06
CA LEU H 161 33.65 -11.54 -81.98
C LEU H 161 33.08 -10.11 -82.01
N LYS H 162 33.96 -9.12 -81.88
CA LYS H 162 33.60 -7.71 -81.97
C LYS H 162 34.54 -6.91 -82.87
N SER H 163 34.02 -5.87 -83.50
CA SER H 163 34.79 -5.09 -84.46
C SER H 163 35.35 -3.79 -83.88
N PRO H 164 36.56 -3.40 -84.32
CA PRO H 164 37.50 -4.22 -85.08
C PRO H 164 38.16 -5.25 -84.16
N CYS H 165 38.33 -6.49 -84.61
CA CYS H 165 39.00 -7.50 -83.81
C CYS H 165 40.45 -7.62 -84.22
N LEU H 166 41.35 -7.67 -83.24
CA LEU H 166 42.77 -7.81 -83.53
C LEU H 166 43.30 -9.12 -82.97
N ILE H 167 43.97 -9.89 -83.82
CA ILE H 167 44.65 -11.11 -83.40
C ILE H 167 46.16 -10.91 -83.53
N GLU H 168 46.87 -11.11 -82.44
CA GLU H 168 48.28 -10.83 -82.39
C GLU H 168 49.13 -12.03 -81.98
N GLY H 169 50.42 -11.95 -82.25
CA GLY H 169 51.35 -12.99 -81.82
C GLY H 169 52.75 -12.83 -82.40
N GLU H 170 53.67 -13.70 -82.00
CA GLU H 170 55.03 -13.64 -82.54
C GLU H 170 55.01 -14.04 -84.00
N SER H 171 56.09 -13.74 -84.71
CA SER H 171 56.15 -14.10 -86.11
C SER H 171 56.21 -15.62 -86.23
N GLY H 172 55.33 -16.18 -87.07
CA GLY H 172 55.25 -17.61 -87.24
C GLY H 172 54.31 -18.32 -86.27
N LYS H 173 53.50 -17.54 -85.56
CA LYS H 173 52.60 -18.06 -84.53
C LYS H 173 51.36 -18.79 -85.07
N GLY H 174 51.07 -18.61 -86.36
CA GLY H 174 49.92 -19.25 -86.96
C GLY H 174 48.71 -18.36 -87.19
N LYS H 175 48.93 -17.05 -87.11
CA LYS H 175 47.85 -16.07 -87.27
C LYS H 175 47.22 -16.02 -88.67
N SER H 176 48.06 -15.96 -89.70
CA SER H 176 47.57 -15.90 -91.07
C SER H 176 46.77 -17.15 -91.40
N THR H 177 47.32 -18.29 -91.04
CA THR H 177 46.66 -19.57 -91.21
C THR H 177 45.36 -19.62 -90.43
N LEU H 178 45.31 -18.88 -89.33
CA LEU H 178 44.09 -18.74 -88.53
C LEU H 178 43.02 -17.98 -89.32
N LEU H 179 43.44 -16.91 -90.00
CA LEU H 179 42.50 -16.17 -90.85
C LEU H 179 41.98 -17.04 -91.98
N GLN H 180 42.88 -17.79 -92.61
CA GLN H 180 42.49 -18.71 -93.68
C GLN H 180 41.52 -19.75 -93.16
N ARG H 181 41.75 -20.20 -91.93
CA ARG H 181 40.87 -21.14 -91.25
C ARG H 181 39.48 -20.53 -91.07
N ILE H 182 39.44 -19.25 -90.71
CA ILE H 182 38.16 -18.54 -90.57
C ILE H 182 37.41 -18.49 -91.90
N ALA H 183 38.15 -18.15 -92.96
CA ALA H 183 37.57 -18.05 -94.30
C ALA H 183 37.00 -19.39 -94.75
N MET H 184 37.77 -20.44 -94.58
CA MET H 184 37.34 -21.79 -94.96
C MET H 184 36.16 -22.26 -94.12
N LEU H 185 36.11 -21.83 -92.85
CA LEU H 185 34.99 -22.18 -91.98
C LEU H 185 33.71 -21.49 -92.45
N TRP H 186 33.84 -20.24 -92.87
CA TRP H 186 32.71 -19.51 -93.42
C TRP H 186 32.25 -20.19 -94.69
N ALA H 187 33.22 -20.64 -95.49
CA ALA H 187 32.95 -21.33 -96.73
C ALA H 187 32.12 -22.57 -96.47
N SER H 188 32.70 -23.56 -95.80
CA SER H 188 31.99 -24.79 -95.48
C SER H 188 30.67 -24.46 -94.79
N GLY H 189 30.71 -23.47 -93.91
CA GLY H 189 29.54 -22.98 -93.21
C GLY H 189 28.58 -23.93 -92.55
N GLY H 190 29.03 -24.83 -91.67
CA GLY H 190 30.40 -24.99 -91.23
C GLY H 190 30.74 -24.24 -89.96
N CYS H 191 30.12 -23.08 -89.76
CA CYS H 191 30.35 -22.29 -88.54
C CYS H 191 29.07 -21.64 -88.06
N ARG H 192 28.77 -21.79 -86.77
CA ARG H 192 27.60 -21.14 -86.18
C ARG H 192 27.78 -19.63 -86.14
N ALA H 193 28.96 -19.20 -85.71
CA ALA H 193 29.27 -17.79 -85.51
C ALA H 193 29.36 -16.98 -86.80
N LEU H 194 29.81 -17.62 -87.88
CA LEU H 194 30.06 -16.92 -89.14
C LEU H 194 28.84 -16.91 -90.06
N LYS H 195 27.73 -17.47 -89.58
CA LYS H 195 26.53 -17.62 -90.40
C LYS H 195 25.87 -16.27 -90.71
N GLY H 196 26.22 -15.25 -89.92
CA GLY H 196 25.66 -13.93 -90.12
C GLY H 196 26.26 -13.17 -91.29
N PHE H 197 27.39 -13.65 -91.80
CA PHE H 197 28.15 -12.94 -92.82
C PHE H 197 27.75 -13.32 -94.24
N ARG H 198 27.31 -12.34 -95.02
CA ARG H 198 26.94 -12.54 -96.41
C ARG H 198 28.18 -12.70 -97.28
N LEU H 199 29.19 -11.89 -97.02
CA LEU H 199 30.44 -11.93 -97.77
C LEU H 199 31.60 -11.89 -96.81
N VAL H 200 32.63 -12.70 -97.05
CA VAL H 200 33.88 -12.52 -96.33
C VAL H 200 35.04 -12.39 -97.32
N PHE H 201 35.88 -11.38 -97.09
CA PHE H 201 37.00 -11.09 -97.97
C PHE H 201 38.32 -11.32 -97.24
N PHE H 202 39.21 -12.08 -97.88
CA PHE H 202 40.53 -12.31 -97.32
C PHE H 202 41.58 -11.53 -98.10
N ILE H 203 42.32 -10.69 -97.40
CA ILE H 203 43.35 -9.88 -98.03
C ILE H 203 44.70 -10.02 -97.34
N HIS H 204 45.76 -10.03 -98.14
CA HIS H 204 47.10 -9.87 -97.62
C HIS H 204 47.37 -8.37 -97.67
N LEU H 205 47.58 -7.74 -96.50
CA LEU H 205 47.69 -6.29 -96.44
C LEU H 205 48.94 -5.79 -97.13
N ARG H 206 49.93 -6.67 -97.25
CA ARG H 206 51.21 -6.37 -97.88
C ARG H 206 51.04 -6.06 -99.36
N SER H 207 50.10 -6.75 -100.02
CA SER H 207 49.81 -6.57 -101.43
C SER H 207 48.66 -5.60 -101.69
N ALA H 208 48.23 -4.88 -100.66
CA ALA H 208 47.16 -3.88 -100.80
C ALA H 208 47.62 -2.58 -101.42
N ARG H 209 47.04 -2.26 -102.58
CA ARG H 209 47.40 -1.04 -103.31
C ARG H 209 46.12 -0.40 -103.84
N GLY H 210 46.21 0.85 -104.27
CA GLY H 210 45.08 1.55 -104.85
C GLY H 210 43.97 1.75 -103.83
N GLY H 211 42.78 1.24 -104.15
CA GLY H 211 41.65 1.31 -103.25
C GLY H 211 41.26 -0.06 -102.74
N LEU H 212 40.29 -0.11 -101.84
CA LEU H 212 39.77 -1.37 -101.31
C LEU H 212 39.24 -2.25 -102.44
N PHE H 213 38.50 -1.62 -103.35
CA PHE H 213 37.90 -2.31 -104.48
C PHE H 213 38.96 -2.91 -105.39
N GLU H 214 39.98 -2.13 -105.72
CA GLU H 214 41.03 -2.60 -106.61
C GLU H 214 41.79 -3.75 -105.96
N THR H 215 42.00 -3.64 -104.65
CA THR H 215 42.73 -4.66 -103.92
C THR H 215 41.96 -5.98 -103.92
N LEU H 216 40.67 -5.90 -103.57
CA LEU H 216 39.82 -7.10 -103.59
C LEU H 216 39.72 -7.71 -104.99
N TYR H 217 39.59 -6.84 -105.99
CA TYR H 217 39.42 -7.29 -107.37
C TYR H 217 40.68 -8.02 -107.86
N ASP H 218 41.83 -7.42 -107.62
CA ASP H 218 43.09 -7.98 -108.08
C ASP H 218 43.53 -9.22 -107.29
N GLN H 219 43.25 -9.21 -106.00
CA GLN H 219 43.64 -10.33 -105.13
C GLN H 219 42.70 -11.53 -105.24
N LEU H 220 41.39 -11.28 -105.13
CA LEU H 220 40.40 -12.36 -105.13
C LEU H 220 40.12 -12.86 -106.54
N LEU H 221 40.09 -11.91 -107.49
CA LEU H 221 40.05 -12.21 -108.91
C LEU H 221 38.70 -12.71 -109.41
N ASN H 222 37.79 -13.03 -108.48
CA ASN H 222 36.49 -13.57 -108.83
C ASN H 222 35.33 -12.58 -108.85
N ILE H 223 35.60 -11.30 -108.64
CA ILE H 223 34.54 -10.28 -108.62
C ILE H 223 33.94 -10.09 -110.01
N PRO H 224 32.60 -10.12 -110.08
CA PRO H 224 31.84 -10.00 -111.33
C PRO H 224 32.19 -8.74 -112.11
N ASP H 225 32.04 -8.82 -113.43
CA ASP H 225 32.51 -7.77 -114.34
C ASP H 225 31.86 -6.40 -114.10
N PHE H 226 30.58 -6.30 -114.43
CA PHE H 226 29.87 -5.02 -114.44
C PHE H 226 29.67 -4.28 -113.10
N ILE H 227 30.09 -4.87 -112.00
CA ILE H 227 30.04 -4.14 -110.73
C ILE H 227 31.33 -3.33 -110.53
N SER H 228 31.14 -2.03 -110.31
CA SER H 228 32.25 -1.06 -110.29
C SER H 228 32.59 -0.59 -108.88
N LYS H 229 33.65 0.20 -108.80
CA LYS H 229 34.15 0.75 -107.53
C LYS H 229 33.10 1.48 -106.69
N PRO H 230 32.38 2.46 -107.27
CA PRO H 230 31.40 3.16 -106.44
C PRO H 230 30.28 2.23 -106.03
N THR H 231 29.87 1.40 -106.98
CA THR H 231 28.81 0.44 -106.80
C THR H 231 29.20 -0.56 -105.71
N PHE H 232 30.47 -0.94 -105.69
CA PHE H 232 30.99 -1.86 -104.68
C PHE H 232 30.98 -1.20 -103.30
N LYS H 233 31.37 0.07 -103.27
CA LYS H 233 31.42 0.83 -102.03
C LYS H 233 30.02 0.93 -101.42
N ALA H 234 29.06 1.30 -102.26
CA ALA H 234 27.66 1.43 -101.86
C ALA H 234 27.11 0.08 -101.42
N LEU H 235 27.54 -0.98 -102.10
CA LEU H 235 27.10 -2.33 -101.77
C LEU H 235 27.58 -2.72 -100.38
N LEU H 236 28.83 -2.39 -100.06
CA LEU H 236 29.39 -2.71 -98.75
C LEU H 236 28.68 -1.92 -97.66
N LEU H 237 28.43 -0.63 -97.94
CA LEU H 237 27.73 0.23 -96.99
C LEU H 237 26.31 -0.27 -96.72
N LYS H 238 25.63 -0.70 -97.77
CA LYS H 238 24.28 -1.24 -97.64
C LYS H 238 24.31 -2.55 -96.85
N LEU H 239 25.31 -3.38 -97.14
CA LEU H 239 25.40 -4.71 -96.55
C LEU H 239 25.81 -4.64 -95.07
N HIS H 240 26.37 -3.50 -94.67
CA HIS H 240 26.58 -3.21 -93.25
C HIS H 240 27.49 -4.24 -92.56
N LYS H 241 26.95 -4.92 -91.54
CA LYS H 241 27.72 -5.84 -90.72
C LYS H 241 27.64 -7.26 -91.27
N GLU H 242 27.04 -7.41 -92.44
CA GLU H 242 26.88 -8.71 -93.08
C GLU H 242 28.12 -9.09 -93.89
N VAL H 243 29.11 -8.20 -93.89
CA VAL H 243 30.36 -8.47 -94.59
C VAL H 243 31.57 -8.46 -93.64
N LEU H 244 32.39 -9.50 -93.72
CA LEU H 244 33.57 -9.64 -92.88
C LEU H 244 34.86 -9.55 -93.68
N PHE H 245 35.76 -8.67 -93.26
CA PHE H 245 37.06 -8.52 -93.89
C PHE H 245 38.10 -9.24 -93.05
N LEU H 246 38.90 -10.09 -93.67
CA LEU H 246 40.02 -10.70 -92.97
C LEU H 246 41.31 -10.13 -93.53
N LEU H 247 41.99 -9.35 -92.70
CA LEU H 247 43.15 -8.58 -93.10
C LEU H 247 44.37 -9.15 -92.43
N ASP H 248 45.36 -9.55 -93.22
CA ASP H 248 46.47 -10.33 -92.72
C ASP H 248 47.76 -9.52 -92.70
N GLY H 249 48.45 -9.55 -91.56
CA GLY H 249 49.78 -8.97 -91.45
C GLY H 249 49.86 -7.46 -91.57
N TYR H 250 49.17 -6.75 -90.67
CA TYR H 250 49.27 -5.29 -90.64
C TYR H 250 50.71 -4.83 -90.43
N ASN H 251 51.52 -5.71 -89.84
CA ASN H 251 52.94 -5.43 -89.67
C ASN H 251 53.66 -5.41 -91.00
N GLU H 252 53.07 -6.04 -92.01
CA GLU H 252 53.64 -6.08 -93.35
C GLU H 252 53.02 -4.98 -94.20
N PHE H 253 52.14 -4.20 -93.60
CA PHE H 253 51.35 -3.20 -94.32
C PHE H 253 51.93 -1.80 -94.18
N HIS H 254 52.09 -1.13 -95.32
CA HIS H 254 52.45 0.28 -95.32
C HIS H 254 51.19 1.06 -95.69
N PRO H 255 50.59 1.75 -94.71
CA PRO H 255 49.27 2.38 -94.82
C PRO H 255 49.22 3.44 -95.91
N GLN H 256 50.38 3.92 -96.33
CA GLN H 256 50.47 4.96 -97.34
C GLN H 256 50.06 4.43 -98.71
N ASN H 257 50.24 3.13 -98.94
CA ASN H 257 49.91 2.52 -100.22
C ASN H 257 48.42 2.39 -100.49
N CYS H 258 47.64 2.09 -99.46
CA CYS H 258 46.20 1.97 -99.60
C CYS H 258 45.48 2.64 -98.44
N PRO H 259 45.24 3.95 -98.55
CA PRO H 259 44.59 4.75 -97.52
C PRO H 259 43.17 4.27 -97.19
N GLU H 260 42.50 3.69 -98.18
CA GLU H 260 41.14 3.21 -97.97
C GLU H 260 41.05 2.02 -97.00
N ILE H 261 41.99 1.07 -97.12
CA ILE H 261 42.04 -0.06 -96.19
C ILE H 261 42.48 0.37 -94.79
N GLU H 262 43.47 1.27 -94.74
CA GLU H 262 43.91 1.84 -93.48
C GLU H 262 42.75 2.55 -92.79
N ALA H 263 41.92 3.21 -93.58
CA ALA H 263 40.74 3.86 -93.06
C ALA H 263 39.71 2.83 -92.61
N LEU H 264 39.62 1.73 -93.35
CA LEU H 264 38.70 0.64 -93.05
C LEU H 264 39.00 0.10 -91.66
N ILE H 265 40.29 0.01 -91.35
CA ILE H 265 40.71 -0.43 -90.02
C ILE H 265 40.52 0.65 -88.97
N LYS H 266 41.16 1.80 -89.18
CA LYS H 266 41.25 2.81 -88.13
C LYS H 266 40.00 3.66 -87.96
N GLU H 267 39.31 3.97 -89.05
CA GLU H 267 38.00 4.59 -88.90
C GLU H 267 36.98 3.60 -89.44
N ASN H 268 36.35 2.86 -88.54
CA ASN H 268 35.44 1.79 -88.94
C ASN H 268 33.98 2.22 -89.06
N HIS H 269 33.69 3.42 -88.57
CA HIS H 269 32.32 3.91 -88.57
C HIS H 269 31.87 4.28 -89.98
N ARG H 270 32.81 4.74 -90.78
CA ARG H 270 32.51 5.15 -92.16
C ARG H 270 32.16 3.94 -93.01
N PHE H 271 32.86 2.84 -92.78
CA PHE H 271 32.67 1.63 -93.56
C PHE H 271 31.54 0.75 -93.00
N LYS H 272 31.56 0.60 -91.68
CA LYS H 272 30.54 -0.15 -90.92
C LYS H 272 30.54 -1.64 -91.23
N ASN H 273 31.62 -2.11 -91.85
CA ASN H 273 31.83 -3.54 -92.10
C ASN H 273 32.62 -4.16 -90.96
N MET H 274 32.45 -5.46 -90.74
CA MET H 274 33.15 -6.14 -89.66
C MET H 274 34.55 -6.47 -90.13
N VAL H 275 35.55 -6.18 -89.32
CA VAL H 275 36.94 -6.42 -89.71
C VAL H 275 37.75 -7.19 -88.65
N ILE H 276 38.57 -8.13 -89.13
CA ILE H 276 39.53 -8.84 -88.28
C ILE H 276 40.95 -8.65 -88.83
N VAL H 277 41.85 -8.12 -88.01
CA VAL H 277 43.20 -7.80 -88.43
C VAL H 277 44.23 -8.67 -87.72
N THR H 278 45.29 -9.04 -88.45
CA THR H 278 46.36 -9.87 -87.92
C THR H 278 47.65 -9.09 -87.76
N THR H 279 48.34 -9.28 -86.63
CA THR H 279 49.59 -8.57 -86.41
C THR H 279 50.55 -9.24 -85.43
N THR H 280 51.81 -8.80 -85.49
CA THR H 280 52.81 -9.22 -84.53
C THR H 280 52.64 -8.39 -83.26
N THR H 281 53.09 -8.93 -82.14
CA THR H 281 53.00 -8.23 -80.87
C THR H 281 53.85 -6.97 -80.92
N GLU H 282 55.00 -7.09 -81.58
CA GLU H 282 55.96 -6.00 -81.72
C GLU H 282 55.34 -4.80 -82.43
N CYS H 283 54.52 -5.07 -83.45
CA CYS H 283 53.87 -4.01 -84.22
C CYS H 283 52.45 -3.71 -83.75
N LEU H 284 52.01 -4.41 -82.71
CA LEU H 284 50.63 -4.30 -82.24
C LEU H 284 50.31 -2.89 -81.75
N ARG H 285 51.35 -2.18 -81.32
CA ARG H 285 51.23 -0.81 -80.85
C ARG H 285 50.58 0.10 -81.88
N HIS H 286 50.85 -0.15 -83.15
CA HIS H 286 50.31 0.69 -84.22
C HIS H 286 48.78 0.68 -84.33
N ILE H 287 48.17 -0.50 -84.23
CA ILE H 287 46.71 -0.61 -84.31
C ILE H 287 46.01 -0.75 -82.95
N ARG H 288 46.78 -0.75 -81.87
CA ARG H 288 46.27 -1.16 -80.56
C ARG H 288 45.05 -0.37 -80.07
N HIS H 289 45.14 0.95 -80.16
CA HIS H 289 44.09 1.85 -79.69
C HIS H 289 42.75 1.70 -80.42
N VAL H 290 42.79 1.30 -81.69
CA VAL H 290 41.58 1.26 -82.52
C VAL H 290 40.69 0.06 -82.20
N GLY H 291 41.31 -1.05 -81.84
CA GLY H 291 40.60 -2.31 -81.68
C GLY H 291 39.69 -2.39 -80.47
N ALA H 292 38.48 -2.91 -80.69
CA ALA H 292 37.52 -3.11 -79.61
C ALA H 292 37.67 -4.51 -79.01
N LEU H 293 38.48 -5.33 -79.67
CA LEU H 293 38.84 -6.64 -79.17
C LEU H 293 40.28 -6.97 -79.52
N THR H 294 40.99 -7.59 -78.59
CA THR H 294 42.34 -8.04 -78.85
C THR H 294 42.57 -9.43 -78.25
N ALA H 295 42.99 -10.36 -79.09
CA ALA H 295 43.30 -11.71 -78.65
C ALA H 295 44.66 -12.13 -79.18
N GLU H 296 45.34 -12.98 -78.43
CA GLU H 296 46.66 -13.47 -78.83
C GLU H 296 46.69 -14.97 -79.07
N VAL H 297 47.39 -15.36 -80.13
CA VAL H 297 47.63 -16.77 -80.41
C VAL H 297 48.76 -17.24 -79.52
N GLY H 298 48.48 -18.25 -78.70
CA GLY H 298 49.43 -18.71 -77.71
C GLY H 298 50.51 -19.61 -78.27
N ASP H 299 51.38 -20.09 -77.39
CA ASP H 299 52.44 -21.00 -77.79
C ASP H 299 51.81 -22.33 -78.22
N MET H 300 52.55 -23.11 -79.00
CA MET H 300 52.03 -24.38 -79.49
C MET H 300 52.33 -25.49 -78.50
N THR H 301 51.30 -26.24 -78.13
CA THR H 301 51.44 -27.31 -77.17
C THR H 301 52.23 -28.44 -77.81
N GLU H 302 52.91 -29.21 -76.97
CA GLU H 302 53.80 -30.26 -77.45
C GLU H 302 53.02 -31.31 -78.25
N ASP H 303 51.78 -31.55 -77.85
CA ASP H 303 50.92 -32.52 -78.53
C ASP H 303 50.64 -32.10 -79.96
N SER H 304 50.31 -30.83 -80.14
CA SER H 304 50.03 -30.28 -81.45
C SER H 304 51.28 -30.25 -82.32
N ALA H 305 52.41 -29.97 -81.69
CA ALA H 305 53.69 -29.96 -82.39
C ALA H 305 54.04 -31.35 -82.92
N LYS H 306 53.88 -32.37 -82.08
CA LYS H 306 54.15 -33.73 -82.51
C LYS H 306 53.12 -34.19 -83.55
N ASP H 307 51.89 -33.68 -83.46
CA ASP H 307 50.87 -34.00 -84.46
C ASP H 307 51.27 -33.44 -85.82
N LEU H 308 51.74 -32.19 -85.82
CA LEU H 308 52.20 -31.55 -87.05
C LEU H 308 53.40 -32.31 -87.62
N ILE H 309 54.36 -32.64 -86.77
CA ILE H 309 55.54 -33.38 -87.20
C ILE H 309 55.13 -34.70 -87.83
N GLU H 310 54.21 -35.39 -87.17
CA GLU H 310 53.71 -36.67 -87.66
C GLU H 310 53.05 -36.49 -89.01
N ALA H 311 52.41 -35.34 -89.21
CA ALA H 311 51.74 -35.04 -90.47
C ALA H 311 52.70 -34.75 -91.63
N VAL H 312 53.72 -33.95 -91.38
CA VAL H 312 54.58 -33.48 -92.47
C VAL H 312 55.86 -34.28 -92.67
N LEU H 313 56.04 -35.33 -91.87
CA LEU H 313 57.31 -36.07 -91.86
C LEU H 313 57.09 -37.58 -91.94
N VAL H 314 58.07 -38.28 -92.50
CA VAL H 314 58.04 -39.75 -92.51
C VAL H 314 58.37 -40.24 -91.11
N PRO H 315 57.73 -41.35 -90.68
CA PRO H 315 57.78 -41.81 -89.28
C PRO H 315 59.18 -42.01 -88.69
N ASP H 316 60.12 -42.54 -89.48
CA ASP H 316 61.48 -42.75 -89.00
C ASP H 316 62.10 -41.41 -88.60
N GLN H 317 61.94 -40.42 -89.48
CA GLN H 317 62.46 -39.09 -89.24
C GLN H 317 61.66 -38.38 -88.15
N VAL H 318 60.41 -38.80 -87.99
CA VAL H 318 59.59 -38.33 -86.88
C VAL H 318 60.23 -38.75 -85.57
N GLU H 319 60.66 -40.01 -85.50
CA GLU H 319 61.28 -40.52 -84.28
C GLU H 319 62.65 -39.91 -84.03
N ARG H 320 63.43 -39.73 -85.10
CA ARG H 320 64.74 -39.09 -85.01
C ARG H 320 64.60 -37.67 -84.46
N LEU H 321 63.75 -36.89 -85.12
CA LEU H 321 63.55 -35.49 -84.77
C LEU H 321 62.95 -35.34 -83.38
N TRP H 322 61.98 -36.19 -83.04
CA TRP H 322 61.34 -36.13 -81.73
C TRP H 322 62.31 -36.49 -80.61
N ALA H 323 63.17 -37.46 -80.86
CA ALA H 323 64.20 -37.80 -79.89
C ALA H 323 65.10 -36.60 -79.67
N GLN H 324 65.47 -35.97 -80.79
CA GLN H 324 66.31 -34.77 -80.74
C GLN H 324 65.62 -33.62 -79.98
N ILE H 325 64.30 -33.54 -80.10
CA ILE H 325 63.51 -32.50 -79.45
C ILE H 325 63.50 -32.73 -77.95
N GLN H 326 63.26 -33.97 -77.55
CA GLN H 326 63.15 -34.27 -76.13
C GLN H 326 64.52 -34.21 -75.48
N GLU H 327 65.57 -34.32 -76.29
CA GLU H 327 66.94 -34.18 -75.81
C GLU H 327 67.41 -32.72 -75.66
N SER H 328 66.87 -31.81 -76.46
CA SER H 328 67.30 -30.41 -76.43
C SER H 328 66.24 -29.45 -75.90
N ARG H 329 66.64 -28.59 -74.98
CA ARG H 329 65.73 -27.61 -74.38
C ARG H 329 65.48 -26.41 -75.30
N CYS H 330 66.51 -25.98 -76.02
CA CYS H 330 66.40 -24.83 -76.91
C CYS H 330 65.46 -25.11 -78.08
N LEU H 331 65.60 -26.30 -78.67
CA LEU H 331 64.73 -26.73 -79.75
C LEU H 331 63.31 -26.89 -79.21
N ARG H 332 63.19 -27.37 -77.97
CA ARG H 332 61.91 -27.54 -77.32
C ARG H 332 61.19 -26.21 -77.18
N ASN H 333 61.94 -25.18 -76.81
CA ASN H 333 61.38 -23.84 -76.71
C ASN H 333 61.02 -23.28 -78.07
N LEU H 334 61.83 -23.58 -79.08
CA LEU H 334 61.53 -23.19 -80.45
C LEU H 334 60.31 -23.92 -80.98
N MET H 335 59.94 -25.02 -80.33
CA MET H 335 58.85 -25.85 -80.81
C MET H 335 57.48 -25.32 -80.38
N LYS H 336 57.47 -24.22 -79.64
CA LYS H 336 56.22 -23.55 -79.30
C LYS H 336 55.72 -22.73 -80.48
N THR H 337 56.59 -22.53 -81.47
CA THR H 337 56.20 -21.81 -82.69
C THR H 337 56.14 -22.77 -83.87
N PRO H 338 54.96 -22.89 -84.49
CA PRO H 338 54.70 -23.85 -85.57
C PRO H 338 55.59 -23.68 -86.80
N LEU H 339 55.90 -22.43 -87.14
CA LEU H 339 56.74 -22.12 -88.29
C LEU H 339 58.10 -22.77 -88.08
N PHE H 340 58.62 -22.61 -86.86
CA PHE H 340 59.90 -23.19 -86.51
C PHE H 340 59.86 -24.71 -86.55
N VAL H 341 58.70 -25.28 -86.20
CA VAL H 341 58.51 -26.71 -86.27
C VAL H 341 58.62 -27.19 -87.72
N VAL H 342 57.95 -26.48 -88.63
CA VAL H 342 58.00 -26.81 -90.04
C VAL H 342 59.43 -26.69 -90.59
N ILE H 343 60.13 -25.63 -90.19
CA ILE H 343 61.50 -25.41 -90.62
C ILE H 343 62.41 -26.54 -90.13
N THR H 344 62.25 -26.94 -88.88
CA THR H 344 63.02 -28.05 -88.33
C THR H 344 62.68 -29.34 -89.04
N CYS H 345 61.44 -29.46 -89.51
CA CYS H 345 61.06 -30.62 -90.29
C CYS H 345 61.84 -30.66 -91.60
N ALA H 346 61.94 -29.51 -92.25
CA ALA H 346 62.70 -29.41 -93.50
C ALA H 346 64.20 -29.69 -93.29
N ILE H 347 64.73 -29.18 -92.19
CA ILE H 347 66.12 -29.43 -91.83
C ILE H 347 66.35 -30.92 -91.60
N GLN H 348 65.42 -31.55 -90.89
CA GLN H 348 65.49 -32.97 -90.64
C GLN H 348 65.42 -33.77 -91.94
N MET H 349 64.62 -33.30 -92.89
CA MET H 349 64.58 -33.92 -94.21
C MET H 349 65.91 -33.76 -94.96
N GLY H 350 66.60 -32.64 -94.73
CA GLY H 350 67.86 -32.42 -95.40
C GLY H 350 69.10 -33.09 -94.84
N ARG H 351 69.28 -33.00 -93.52
CA ARG H 351 70.51 -33.48 -92.91
C ARG H 351 70.30 -34.53 -91.84
N GLN H 352 71.24 -35.46 -91.78
CA GLN H 352 71.21 -36.63 -90.90
C GLN H 352 70.74 -36.30 -89.48
N GLU H 353 71.49 -35.44 -88.79
CA GLU H 353 71.16 -35.01 -87.43
C GLU H 353 71.73 -33.61 -87.18
N PHE H 354 71.04 -32.81 -86.38
CA PHE H 354 71.47 -31.42 -86.19
C PHE H 354 71.27 -30.84 -84.78
N GLN H 355 71.93 -29.71 -84.52
CA GLN H 355 71.86 -29.01 -83.23
C GLN H 355 71.66 -27.51 -83.44
N ALA H 356 70.61 -26.96 -82.84
CA ALA H 356 70.36 -25.52 -82.92
C ALA H 356 70.10 -24.92 -81.54
N HIS H 357 70.99 -24.01 -81.13
CA HIS H 357 70.86 -23.36 -79.83
C HIS H 357 69.91 -22.16 -79.87
N THR H 358 69.94 -21.43 -80.98
CA THR H 358 69.10 -20.26 -81.15
C THR H 358 68.29 -20.35 -82.44
N GLN H 359 67.22 -19.58 -82.50
CA GLN H 359 66.39 -19.53 -83.72
C GLN H 359 67.18 -18.99 -84.90
N THR H 360 68.16 -18.14 -84.62
CA THR H 360 69.03 -17.62 -85.66
C THR H 360 69.87 -18.76 -86.24
N MET H 361 70.27 -19.67 -85.37
CA MET H 361 71.05 -20.83 -85.78
C MET H 361 70.16 -21.86 -86.48
N LEU H 362 68.87 -21.83 -86.18
CA LEU H 362 67.89 -22.65 -86.88
C LEU H 362 67.78 -22.17 -88.32
N PHE H 363 67.52 -20.87 -88.48
CA PHE H 363 67.38 -20.26 -89.79
C PHE H 363 68.68 -20.42 -90.58
N GLN H 364 69.80 -20.31 -89.88
CA GLN H 364 71.11 -20.45 -90.47
C GLN H 364 71.36 -21.88 -90.94
N THR H 365 70.95 -22.85 -90.13
CA THR H 365 71.06 -24.26 -90.49
C THR H 365 70.23 -24.55 -91.74
N PHE H 366 69.02 -24.02 -91.76
CA PHE H 366 68.14 -24.18 -92.92
C PHE H 366 68.75 -23.57 -94.17
N TYR H 367 69.28 -22.36 -94.03
CA TYR H 367 69.91 -21.63 -95.13
C TYR H 367 71.10 -22.43 -95.68
N ASP H 368 71.98 -22.84 -94.78
CA ASP H 368 73.17 -23.60 -95.13
C ASP H 368 72.83 -24.92 -95.82
N LEU H 369 71.80 -25.58 -95.31
CA LEU H 369 71.36 -26.84 -95.89
C LEU H 369 70.81 -26.62 -97.29
N LEU H 370 70.00 -25.57 -97.44
CA LEU H 370 69.41 -25.22 -98.72
C LEU H 370 70.46 -24.91 -99.77
N ILE H 371 71.42 -24.06 -99.42
CA ILE H 371 72.47 -23.74 -100.36
C ILE H 371 73.31 -24.97 -100.67
N GLN H 372 73.57 -25.81 -99.65
CA GLN H 372 74.38 -27.01 -99.84
C GLN H 372 73.76 -27.98 -100.86
N LYS H 373 72.47 -28.28 -100.69
CA LYS H 373 71.80 -29.22 -101.59
C LYS H 373 71.48 -28.61 -102.96
N ASN H 374 71.08 -27.34 -102.98
CA ASN H 374 70.59 -26.73 -104.21
C ASN H 374 71.66 -25.98 -105.01
N SER H 375 72.90 -26.01 -104.53
CA SER H 375 73.98 -25.29 -105.21
C SER H 375 74.20 -25.76 -106.64
N HIS H 376 74.02 -27.06 -106.88
CA HIS H 376 74.34 -27.66 -108.17
C HIS H 376 73.46 -27.19 -109.33
N ARG H 377 72.26 -26.68 -109.05
CA ARG H 377 71.38 -26.26 -110.13
C ARG H 377 71.88 -25.02 -110.87
N TYR H 378 72.75 -24.24 -110.23
CA TYR H 378 73.34 -23.08 -110.88
C TYR H 378 74.54 -23.59 -111.67
N ARG H 379 74.56 -23.32 -112.98
CA ARG H 379 75.67 -23.79 -113.82
C ARG H 379 76.41 -22.72 -114.60
N GLY H 380 75.72 -22.03 -115.51
CA GLY H 380 76.36 -21.10 -116.42
C GLY H 380 76.91 -19.81 -115.81
N GLY H 381 76.88 -19.72 -114.49
CA GLY H 381 77.35 -18.53 -113.80
C GLY H 381 78.85 -18.28 -113.84
N ALA H 382 79.63 -19.30 -113.51
CA ALA H 382 81.09 -19.18 -113.42
C ALA H 382 81.52 -18.04 -112.50
N ASP H 385 80.73 -15.23 -108.68
CA ASP H 385 79.44 -14.98 -109.31
C ASP H 385 78.29 -15.53 -108.47
N PHE H 386 78.52 -16.69 -107.86
CA PHE H 386 77.55 -17.31 -106.96
C PHE H 386 77.44 -16.47 -105.69
N ALA H 387 78.60 -16.08 -105.18
CA ALA H 387 78.69 -15.28 -103.96
C ALA H 387 78.00 -13.94 -104.16
N ARG H 388 78.15 -13.37 -105.36
CA ARG H 388 77.49 -12.11 -105.68
C ARG H 388 75.97 -12.29 -105.71
N SER H 389 75.52 -13.48 -106.09
CA SER H 389 74.09 -13.77 -106.08
C SER H 389 73.56 -13.85 -104.64
N LEU H 390 74.30 -14.53 -103.78
CA LEU H 390 73.89 -14.66 -102.37
C LEU H 390 73.92 -13.30 -101.66
N ASP H 391 74.96 -12.52 -101.94
CA ASP H 391 75.07 -11.16 -101.41
C ASP H 391 73.92 -10.32 -101.95
N TYR H 392 73.55 -10.54 -103.21
CA TYR H 392 72.42 -9.85 -103.82
C TYR H 392 71.16 -10.18 -103.04
N CYS H 393 71.03 -11.43 -102.62
CA CYS H 393 69.89 -11.85 -101.81
C CYS H 393 69.88 -11.09 -100.50
N GLY H 394 71.03 -11.03 -99.83
CA GLY H 394 71.14 -10.34 -98.57
C GLY H 394 70.78 -8.86 -98.65
N ASP H 395 71.29 -8.20 -99.69
CA ASP H 395 70.99 -6.80 -99.93
C ASP H 395 69.51 -6.59 -100.22
N LEU H 396 68.94 -7.52 -100.98
CA LEU H 396 67.52 -7.49 -101.31
C LEU H 396 66.71 -7.51 -100.02
N ALA H 397 67.05 -8.44 -99.14
CA ALA H 397 66.34 -8.57 -97.87
C ALA H 397 66.51 -7.32 -97.01
N LEU H 398 67.72 -6.77 -96.96
CA LEU H 398 67.99 -5.60 -96.14
C LEU H 398 67.20 -4.38 -96.62
N GLU H 399 67.39 -4.01 -97.89
CA GLU H 399 66.71 -2.87 -98.47
C GLU H 399 65.20 -3.05 -98.44
N GLY H 400 64.76 -4.30 -98.57
CA GLY H 400 63.35 -4.63 -98.45
C GLY H 400 62.84 -4.30 -97.07
N VAL H 401 63.58 -4.73 -96.05
CA VAL H 401 63.19 -4.48 -94.67
C VAL H 401 63.13 -2.99 -94.35
N PHE H 402 64.15 -2.25 -94.77
CA PHE H 402 64.18 -0.81 -94.51
C PHE H 402 63.13 -0.03 -95.30
N ALA H 403 62.80 -0.50 -96.50
CA ALA H 403 61.79 0.15 -97.33
C ALA H 403 60.41 -0.45 -97.07
N HIS H 404 60.37 -1.47 -96.21
CA HIS H 404 59.14 -2.17 -95.85
C HIS H 404 58.50 -2.90 -97.04
N LYS H 405 59.33 -3.38 -97.96
CA LYS H 405 58.84 -4.09 -99.14
C LYS H 405 59.22 -5.56 -99.10
N PHE H 406 58.22 -6.41 -98.91
CA PHE H 406 58.43 -7.84 -98.79
C PHE H 406 58.12 -8.61 -100.07
N ASP H 407 57.69 -7.88 -101.10
CA ASP H 407 57.46 -8.44 -102.43
C ASP H 407 58.32 -7.71 -103.44
N PHE H 408 58.89 -8.45 -104.39
CA PHE H 408 59.85 -7.86 -105.30
C PHE H 408 59.46 -8.07 -106.75
N GLU H 409 59.16 -6.97 -107.44
CA GLU H 409 58.79 -7.08 -108.83
C GLU H 409 59.69 -6.23 -109.72
N PRO H 410 60.76 -6.84 -110.25
CA PRO H 410 61.62 -6.17 -111.23
C PRO H 410 60.98 -6.20 -112.63
N GLU H 411 61.44 -5.35 -113.53
CA GLU H 411 60.97 -5.32 -114.92
C GLU H 411 61.38 -6.64 -115.55
N HIS H 412 60.70 -7.02 -116.63
CA HIS H 412 60.88 -8.34 -117.24
C HIS H 412 61.25 -8.19 -118.72
N GLY H 413 62.47 -8.55 -119.11
CA GLY H 413 63.48 -9.13 -118.24
C GLY H 413 64.22 -8.11 -117.39
N SER H 414 65.44 -8.47 -116.97
CA SER H 414 66.19 -7.87 -115.84
C SER H 414 65.88 -8.63 -114.56
N SER H 415 65.06 -9.67 -114.67
CA SER H 415 64.64 -10.45 -113.49
C SER H 415 65.65 -11.55 -113.15
N MET H 416 66.76 -11.61 -113.89
CA MET H 416 67.69 -12.75 -113.79
C MET H 416 68.25 -13.01 -112.38
N ASN H 417 68.67 -11.97 -111.68
CA ASN H 417 69.23 -12.17 -110.34
C ASN H 417 68.23 -12.83 -109.40
N GLU H 418 66.97 -12.43 -109.50
CA GLU H 418 65.93 -12.98 -108.62
C GLU H 418 65.69 -14.45 -108.97
N ASP H 419 65.65 -14.71 -110.28
CA ASP H 419 65.41 -16.05 -110.79
C ASP H 419 66.51 -17.02 -110.38
N VAL H 420 67.77 -16.55 -110.43
CA VAL H 420 68.89 -17.36 -109.98
C VAL H 420 68.67 -17.75 -108.52
N LEU H 421 68.18 -16.81 -107.72
CA LEU H 421 67.93 -17.09 -106.31
C LEU H 421 66.76 -18.05 -106.12
N VAL H 422 65.83 -18.06 -107.08
CA VAL H 422 64.77 -19.07 -107.07
C VAL H 422 65.38 -20.43 -107.37
N THR H 423 66.36 -20.44 -108.27
CA THR H 423 67.09 -21.65 -108.62
C THR H 423 67.84 -22.21 -107.41
N ILE H 424 68.45 -21.33 -106.63
CA ILE H 424 69.13 -21.74 -105.40
C ILE H 424 68.12 -22.14 -104.33
N GLY H 425 66.95 -21.51 -104.35
CA GLY H 425 65.89 -21.83 -103.42
C GLY H 425 65.74 -20.85 -102.28
N LEU H 426 66.48 -19.75 -102.33
CA LEU H 426 66.35 -18.69 -101.34
C LEU H 426 65.07 -17.86 -101.50
N LEU H 427 64.62 -17.72 -102.74
CA LEU H 427 63.34 -17.03 -102.99
C LEU H 427 62.32 -17.90 -103.68
N CYS H 428 61.08 -17.45 -103.58
CA CYS H 428 59.95 -18.10 -104.19
C CYS H 428 59.45 -17.11 -105.23
N LYS H 429 59.03 -17.62 -106.38
CA LYS H 429 58.50 -16.76 -107.43
C LYS H 429 57.02 -17.10 -107.51
N TYR H 430 56.19 -16.08 -107.61
CA TYR H 430 54.75 -16.26 -107.45
C TYR H 430 54.19 -17.05 -108.61
N THR H 431 53.59 -18.19 -108.31
CA THR H 431 52.76 -18.87 -109.29
C THR H 431 51.36 -18.39 -108.99
N ALA H 432 50.88 -17.52 -109.86
CA ALA H 432 49.69 -16.71 -109.60
C ALA H 432 49.55 -15.76 -110.77
N GLN H 433 48.40 -15.11 -110.88
CA GLN H 433 48.22 -14.12 -111.93
C GLN H 433 48.73 -12.78 -111.42
N ARG H 434 49.86 -12.33 -111.95
CA ARG H 434 50.45 -11.06 -111.56
C ARG H 434 50.97 -10.36 -112.81
N LEU H 435 50.97 -9.03 -112.79
CA LEU H 435 51.35 -8.24 -113.96
C LEU H 435 52.80 -8.45 -114.37
N LYS H 436 53.67 -8.53 -113.37
CA LYS H 436 55.09 -8.78 -113.60
C LYS H 436 55.51 -9.94 -112.70
N PRO H 437 56.66 -10.57 -112.99
CA PRO H 437 57.13 -11.60 -112.07
C PRO H 437 57.39 -11.03 -110.68
N THR H 438 56.88 -11.71 -109.66
CA THR H 438 56.99 -11.23 -108.29
C THR H 438 57.65 -12.31 -107.45
N TYR H 439 58.55 -11.90 -106.57
CA TYR H 439 59.31 -12.87 -105.79
C TYR H 439 59.19 -12.54 -104.31
N LYS H 440 59.31 -13.56 -103.47
CA LYS H 440 59.24 -13.37 -102.03
C LYS H 440 59.96 -14.48 -101.29
N PHE H 441 60.24 -14.22 -100.02
CA PHE H 441 60.72 -15.24 -99.12
C PHE H 441 59.51 -15.96 -98.55
N PHE H 442 59.66 -17.26 -98.27
CA PHE H 442 58.52 -18.09 -97.85
C PHE H 442 57.80 -17.53 -96.60
N HIS H 443 58.54 -16.77 -95.80
CA HIS H 443 57.96 -16.05 -94.67
C HIS H 443 58.72 -14.75 -94.52
N LYS H 444 58.12 -13.77 -93.85
CA LYS H 444 58.79 -12.50 -93.61
C LYS H 444 60.04 -12.73 -92.77
N SER H 445 59.94 -13.65 -91.82
CA SER H 445 61.02 -13.95 -90.90
C SER H 445 62.28 -14.46 -91.60
N PHE H 446 62.12 -15.17 -92.72
CA PHE H 446 63.28 -15.63 -93.47
C PHE H 446 64.00 -14.48 -94.18
N GLN H 447 63.22 -13.51 -94.64
CA GLN H 447 63.77 -12.29 -95.22
C GLN H 447 64.53 -11.55 -94.15
N GLU H 448 63.94 -11.52 -92.96
CA GLU H 448 64.56 -10.89 -91.81
C GLU H 448 65.89 -11.56 -91.43
N TYR H 449 65.93 -12.88 -91.49
CA TYR H 449 67.17 -13.59 -91.24
C TYR H 449 68.21 -13.28 -92.30
N THR H 450 67.81 -13.32 -93.57
CA THR H 450 68.76 -13.08 -94.65
C THR H 450 69.33 -11.66 -94.56
N ALA H 451 68.48 -10.71 -94.17
CA ALA H 451 68.89 -9.33 -93.97
C ALA H 451 69.84 -9.20 -92.78
N GLY H 452 69.59 -9.95 -91.72
CA GLY H 452 70.46 -9.94 -90.55
C GLY H 452 71.82 -10.53 -90.84
N ARG H 453 71.82 -11.64 -91.58
CA ARG H 453 73.04 -12.30 -92.02
C ARG H 453 73.85 -11.35 -92.87
N ARG H 454 73.15 -10.62 -93.75
CA ARG H 454 73.82 -9.64 -94.60
C ARG H 454 74.41 -8.49 -93.78
N LEU H 455 73.66 -8.00 -92.80
CA LEU H 455 74.11 -6.88 -91.99
C LEU H 455 75.35 -7.29 -91.19
N SER H 456 75.31 -8.47 -90.59
CA SER H 456 76.44 -8.99 -89.85
C SER H 456 77.64 -9.19 -90.76
N SER H 457 77.40 -9.70 -91.95
CA SER H 457 78.46 -9.91 -92.93
C SER H 457 79.10 -8.59 -93.33
N LEU H 458 78.31 -7.52 -93.34
CA LEU H 458 78.83 -6.19 -93.64
C LEU H 458 79.63 -5.57 -92.49
N LEU H 459 79.10 -5.67 -91.27
CA LEU H 459 79.77 -5.07 -90.12
C LEU H 459 81.07 -5.77 -89.76
N THR H 460 81.09 -7.09 -89.92
CA THR H 460 82.26 -7.89 -89.59
C THR H 460 83.20 -8.09 -90.78
N SER H 461 82.98 -7.33 -91.83
CA SER H 461 83.75 -7.51 -93.05
C SER H 461 85.10 -6.80 -92.89
N LYS H 462 86.10 -7.26 -93.61
CA LYS H 462 87.44 -6.70 -93.49
C LYS H 462 87.71 -5.60 -94.52
N GLU H 463 86.68 -5.25 -95.30
CA GLU H 463 86.75 -4.13 -96.22
C GLU H 463 85.99 -2.94 -95.63
N PRO H 464 86.69 -1.82 -95.43
CA PRO H 464 86.17 -0.60 -94.83
C PRO H 464 84.92 -0.04 -95.51
N GLU H 465 84.80 -0.25 -96.82
CA GLU H 465 83.63 0.22 -97.56
C GLU H 465 82.36 -0.51 -97.10
N GLU H 466 82.46 -1.82 -96.96
CA GLU H 466 81.34 -2.64 -96.51
C GLU H 466 80.97 -2.34 -95.06
N VAL H 467 81.99 -2.12 -94.22
CA VAL H 467 81.77 -1.76 -92.83
C VAL H 467 81.06 -0.41 -92.75
N SER H 468 81.47 0.51 -93.61
CA SER H 468 80.87 1.84 -93.69
C SER H 468 79.41 1.73 -94.12
N LYS H 469 79.15 0.81 -95.04
CA LYS H 469 77.78 0.55 -95.49
C LYS H 469 76.92 -0.03 -94.37
N GLY H 470 77.47 -0.99 -93.63
CA GLY H 470 76.76 -1.59 -92.51
C GLY H 470 76.44 -0.60 -91.40
N ASN H 471 77.43 0.22 -91.06
CA ASN H 471 77.22 1.27 -90.07
C ASN H 471 76.27 2.35 -90.58
N SER H 472 76.21 2.54 -91.89
CA SER H 472 75.21 3.44 -92.47
C SER H 472 73.82 2.86 -92.24
N TYR H 473 73.68 1.56 -92.46
CA TYR H 473 72.42 0.86 -92.22
C TYR H 473 72.02 0.98 -90.75
N LEU H 474 72.99 0.85 -89.85
CA LEU H 474 72.75 1.04 -88.42
C LEU H 474 72.32 2.47 -88.15
N ASN H 475 72.92 3.40 -88.87
CA ASN H 475 72.67 4.83 -88.71
C ASN H 475 71.28 5.19 -89.22
N LYS H 476 70.68 4.28 -89.99
CA LYS H 476 69.31 4.50 -90.47
C LYS H 476 68.27 4.27 -89.38
N MET H 477 68.70 3.80 -88.21
CA MET H 477 67.77 3.57 -87.10
C MET H 477 67.82 4.71 -86.10
N VAL H 478 66.76 5.51 -86.09
CA VAL H 478 66.68 6.71 -85.25
C VAL H 478 65.87 6.56 -83.96
N SER H 479 64.59 6.20 -84.09
CA SER H 479 63.67 6.22 -82.96
C SER H 479 63.41 4.85 -82.35
N ILE H 480 63.23 4.82 -81.03
CA ILE H 480 63.04 3.58 -80.27
C ILE H 480 61.80 2.78 -80.73
N SER H 481 60.75 3.50 -81.11
CA SER H 481 59.52 2.88 -81.58
C SER H 481 59.81 2.02 -82.80
N ASP H 482 60.50 2.63 -83.76
CA ASP H 482 60.86 1.98 -85.01
C ASP H 482 61.79 0.80 -84.75
N ILE H 483 62.72 0.97 -83.82
CA ILE H 483 63.67 -0.10 -83.49
C ILE H 483 62.99 -1.33 -82.88
N THR H 484 62.17 -1.10 -81.86
CA THR H 484 61.46 -2.19 -81.20
C THR H 484 60.42 -2.86 -82.10
N SER H 485 59.74 -2.06 -82.91
CA SER H 485 58.68 -2.59 -83.76
C SER H 485 59.20 -3.10 -85.11
N LEU H 486 59.70 -2.17 -85.93
CA LEU H 486 60.11 -2.49 -87.28
C LEU H 486 61.41 -3.31 -87.35
N TYR H 487 62.44 -2.82 -86.67
CA TYR H 487 63.79 -3.38 -86.83
C TYR H 487 64.18 -4.43 -85.78
N GLY H 488 63.24 -4.79 -84.91
CA GLY H 488 63.54 -5.70 -83.81
C GLY H 488 64.08 -7.05 -84.26
N ASN H 489 63.42 -7.64 -85.25
CA ASN H 489 63.83 -8.95 -85.75
C ASN H 489 65.10 -8.88 -86.60
N LEU H 490 65.27 -7.78 -87.31
CA LEU H 490 66.47 -7.55 -88.11
C LEU H 490 67.70 -7.57 -87.21
N LEU H 491 67.60 -6.87 -86.09
CA LEU H 491 68.70 -6.78 -85.14
C LEU H 491 68.81 -8.08 -84.36
N LEU H 492 67.70 -8.79 -84.23
CA LEU H 492 67.71 -10.09 -83.59
C LEU H 492 68.59 -11.06 -84.37
N TYR H 493 68.38 -11.13 -85.68
CA TYR H 493 69.18 -12.02 -86.52
C TYR H 493 70.59 -11.49 -86.78
N THR H 494 70.73 -10.17 -86.87
CA THR H 494 72.05 -9.57 -87.05
C THR H 494 72.94 -9.91 -85.86
N CYS H 495 72.41 -9.69 -84.66
CA CYS H 495 73.14 -10.03 -83.45
C CYS H 495 73.31 -11.53 -83.30
N GLY H 496 72.28 -12.28 -83.68
CA GLY H 496 72.30 -13.73 -83.55
C GLY H 496 73.33 -14.42 -84.43
N SER H 497 73.61 -13.83 -85.58
CA SER H 497 74.56 -14.42 -86.53
C SER H 497 76.03 -14.23 -86.13
N SER H 498 76.38 -13.04 -85.64
CA SER H 498 77.79 -12.73 -85.35
C SER H 498 77.99 -11.84 -84.12
N THR H 499 79.16 -11.97 -83.50
CA THR H 499 79.54 -11.22 -82.30
C THR H 499 80.02 -9.78 -82.53
N GLU H 500 80.86 -9.57 -83.54
CA GLU H 500 81.33 -8.23 -83.84
C GLU H 500 80.15 -7.37 -84.28
N ALA H 501 79.21 -8.00 -84.96
CA ALA H 501 78.01 -7.32 -85.43
C ALA H 501 77.10 -6.90 -84.29
N THR H 502 76.90 -7.78 -83.31
CA THR H 502 76.10 -7.40 -82.14
C THR H 502 76.82 -6.32 -81.32
N ARG H 503 78.15 -6.34 -81.34
CA ARG H 503 78.92 -5.28 -80.70
C ARG H 503 78.65 -3.94 -81.36
N ALA H 504 78.66 -3.93 -82.69
CA ALA H 504 78.39 -2.71 -83.44
C ALA H 504 76.96 -2.23 -83.19
N VAL H 505 76.03 -3.18 -83.17
CA VAL H 505 74.62 -2.88 -82.95
C VAL H 505 74.39 -2.28 -81.57
N MET H 506 75.01 -2.85 -80.54
CA MET H 506 74.85 -2.33 -79.19
C MET H 506 75.53 -0.98 -79.01
N ARG H 507 76.67 -0.79 -79.68
CA ARG H 507 77.33 0.50 -79.68
C ARG H 507 76.46 1.59 -80.32
N HIS H 508 75.75 1.25 -81.38
CA HIS H 508 74.81 2.20 -81.99
C HIS H 508 73.58 2.44 -81.11
N LEU H 509 72.98 1.36 -80.63
CA LEU H 509 71.74 1.42 -79.86
C LEU H 509 71.90 2.10 -78.51
N ALA H 510 73.10 2.05 -77.95
CA ALA H 510 73.35 2.62 -76.63
C ALA H 510 73.23 4.14 -76.58
N MET H 511 73.34 4.80 -77.73
CA MET H 511 73.30 6.25 -77.77
C MET H 511 71.94 6.82 -78.13
N VAL H 512 70.96 5.96 -78.36
CA VAL H 512 69.66 6.44 -78.84
C VAL H 512 68.68 6.67 -77.70
N TYR H 513 68.41 7.94 -77.42
CA TYR H 513 67.45 8.33 -76.39
C TYR H 513 66.11 8.79 -76.96
N GLN H 514 65.97 8.77 -78.29
CA GLN H 514 64.81 9.38 -78.93
C GLN H 514 63.72 8.33 -79.11
N HIS H 515 62.53 8.68 -78.64
CA HIS H 515 61.38 7.79 -78.57
C HIS H 515 60.65 7.50 -79.86
N GLY H 516 60.39 8.53 -80.66
CA GLY H 516 59.48 8.38 -81.77
C GLY H 516 58.05 8.47 -81.25
N SER H 517 57.17 7.63 -81.78
CA SER H 517 55.74 7.73 -81.44
C SER H 517 55.37 6.95 -80.17
N LEU H 518 54.74 7.65 -79.23
CA LEU H 518 54.29 7.06 -77.97
C LEU H 518 52.83 6.62 -78.06
N GLN H 519 52.27 6.67 -79.26
CA GLN H 519 50.85 6.50 -79.51
C GLN H 519 50.25 5.25 -78.86
N GLY H 520 50.52 4.09 -79.46
CA GLY H 520 49.85 2.88 -79.05
C GLY H 520 50.13 2.26 -77.69
N LEU H 521 50.96 2.88 -76.87
CA LEU H 521 51.39 2.23 -75.63
C LEU H 521 50.36 2.19 -74.50
N SER H 522 49.39 3.11 -74.54
CA SER H 522 48.36 3.24 -73.49
C SER H 522 47.86 1.91 -72.91
N LEU H 537 50.15 7.39 -59.62
CA LEU H 537 50.02 8.19 -58.42
C LEU H 537 51.26 9.03 -58.15
N ARG H 538 52.43 8.40 -58.24
CA ARG H 538 53.68 9.10 -57.93
C ARG H 538 54.22 9.86 -59.13
N ASN H 539 53.66 9.58 -60.31
CA ASN H 539 54.17 10.18 -61.53
C ASN H 539 53.30 11.33 -61.99
N THR H 540 53.95 12.44 -62.34
CA THR H 540 53.27 13.69 -62.65
C THR H 540 52.57 13.74 -64.01
N THR H 541 53.17 13.15 -65.05
CA THR H 541 52.60 13.27 -66.39
C THR H 541 52.28 11.95 -67.10
N GLU H 542 51.35 12.02 -68.04
CA GLU H 542 50.95 10.90 -68.89
C GLU H 542 52.05 10.43 -69.84
N GLN H 543 52.68 11.42 -70.48
CA GLN H 543 53.74 11.15 -71.43
C GLN H 543 54.88 10.39 -70.79
N ASP H 544 55.18 10.70 -69.53
CA ASP H 544 56.25 10.03 -68.81
C ASP H 544 55.94 8.53 -68.68
N VAL H 545 54.68 8.22 -68.40
CA VAL H 545 54.23 6.84 -68.32
C VAL H 545 54.40 6.14 -69.67
N LEU H 546 53.96 6.81 -70.73
CA LEU H 546 54.09 6.24 -72.07
C LEU H 546 55.57 5.97 -72.41
N LYS H 547 56.42 6.91 -72.07
CA LYS H 547 57.87 6.79 -72.26
C LYS H 547 58.39 5.59 -71.50
N ALA H 548 57.90 5.41 -70.28
CA ALA H 548 58.29 4.28 -69.44
C ALA H 548 57.95 2.96 -70.13
N ILE H 549 56.74 2.87 -70.69
CA ILE H 549 56.34 1.68 -71.42
C ILE H 549 57.25 1.42 -72.63
N ASN H 550 57.55 2.49 -73.36
CA ASN H 550 58.44 2.40 -74.51
C ASN H 550 59.81 1.87 -74.12
N VAL H 551 60.33 2.38 -73.00
CA VAL H 551 61.63 1.93 -72.51
C VAL H 551 61.59 0.48 -72.02
N ASN H 552 60.45 0.06 -71.47
CA ASN H 552 60.27 -1.33 -71.10
C ASN H 552 60.38 -2.25 -72.31
N SER H 553 59.69 -1.87 -73.38
CA SER H 553 59.72 -2.67 -74.61
C SER H 553 61.11 -2.64 -75.24
N PHE H 554 61.77 -1.49 -75.15
CA PHE H 554 63.11 -1.32 -75.67
C PHE H 554 64.06 -2.27 -74.96
N VAL H 555 63.94 -2.33 -73.64
CA VAL H 555 64.78 -3.21 -72.84
C VAL H 555 64.50 -4.68 -73.15
N GLU H 556 63.23 -5.04 -73.30
CA GLU H 556 62.88 -6.42 -73.65
C GLU H 556 63.51 -6.82 -74.99
N CYS H 557 63.44 -5.90 -75.95
CA CYS H 557 64.07 -6.10 -77.26
C CYS H 557 65.57 -6.29 -77.09
N GLY H 558 66.17 -5.45 -76.25
CA GLY H 558 67.60 -5.52 -76.00
C GLY H 558 68.06 -6.82 -75.39
N ILE H 559 67.30 -7.33 -74.41
CA ILE H 559 67.61 -8.59 -73.75
C ILE H 559 67.43 -9.77 -74.71
N ASN H 560 66.41 -9.69 -75.57
CA ASN H 560 66.23 -10.72 -76.59
C ASN H 560 67.42 -10.73 -77.55
N LEU H 561 67.85 -9.53 -77.94
CA LEU H 561 69.01 -9.34 -78.80
C LEU H 561 70.26 -9.92 -78.14
N PHE H 562 70.33 -9.74 -76.82
CA PHE H 562 71.41 -10.28 -76.02
C PHE H 562 71.44 -11.79 -76.04
N SER H 563 70.27 -12.41 -75.85
CA SER H 563 70.18 -13.86 -75.84
C SER H 563 70.54 -14.46 -77.19
N GLU H 564 70.01 -13.87 -78.26
CA GLU H 564 70.31 -14.38 -79.59
C GLU H 564 71.78 -14.14 -79.98
N SER H 565 72.36 -13.05 -79.49
CA SER H 565 73.75 -12.70 -79.83
C SER H 565 74.74 -13.73 -79.31
N MET H 566 74.42 -14.35 -78.17
CA MET H 566 75.25 -15.38 -77.57
C MET H 566 76.65 -14.86 -77.21
N SER H 567 76.74 -13.58 -76.86
CA SER H 567 78.01 -12.99 -76.46
C SER H 567 78.31 -13.34 -75.01
N LYS H 568 77.27 -13.30 -74.17
CA LYS H 568 77.38 -13.70 -72.77
C LYS H 568 78.50 -13.08 -71.94
N SER H 569 78.31 -11.82 -71.55
CA SER H 569 79.23 -11.05 -70.68
C SER H 569 80.53 -10.62 -71.35
N ASP H 570 80.76 -11.08 -72.57
CA ASP H 570 81.94 -10.65 -73.32
C ASP H 570 81.64 -9.21 -73.74
N LEU H 571 80.38 -8.98 -74.05
CA LEU H 571 79.88 -7.70 -74.53
C LEU H 571 79.29 -6.84 -73.40
N SER H 572 79.46 -7.30 -72.16
CA SER H 572 78.80 -6.71 -71.00
C SER H 572 78.96 -5.19 -70.89
N GLN H 573 80.10 -4.67 -71.36
CA GLN H 573 80.34 -3.23 -71.33
C GLN H 573 79.42 -2.49 -72.29
N GLU H 574 79.33 -3.00 -73.52
CA GLU H 574 78.50 -2.38 -74.55
C GLU H 574 77.03 -2.45 -74.13
N PHE H 575 76.68 -3.62 -73.61
CA PHE H 575 75.33 -3.89 -73.15
C PHE H 575 74.91 -3.02 -71.97
N GLU H 576 75.79 -2.83 -70.99
CA GLU H 576 75.45 -1.95 -69.88
C GLU H 576 75.39 -0.50 -70.35
N ALA H 577 76.25 -0.16 -71.31
CA ALA H 577 76.24 1.18 -71.91
C ALA H 577 74.87 1.42 -72.54
N PHE H 578 74.29 0.35 -73.07
CA PHE H 578 72.92 0.40 -73.58
C PHE H 578 71.86 0.50 -72.49
N PHE H 579 71.94 -0.39 -71.51
CA PHE H 579 70.89 -0.57 -70.50
C PHE H 579 70.85 0.48 -69.40
N GLN H 580 71.85 1.35 -69.36
CA GLN H 580 71.96 2.32 -68.28
C GLN H 580 70.83 3.34 -68.38
N GLY H 581 70.15 3.58 -67.26
CA GLY H 581 69.09 4.57 -67.21
C GLY H 581 67.76 4.07 -67.71
N LYS H 582 67.65 2.77 -67.95
CA LYS H 582 66.41 2.20 -68.47
C LYS H 582 65.62 1.42 -67.43
N SER H 583 64.49 0.85 -67.86
CA SER H 583 63.59 0.16 -66.95
C SER H 583 63.18 -1.21 -67.48
N LEU H 584 62.80 -2.12 -66.60
CA LEU H 584 62.37 -3.44 -67.02
C LEU H 584 61.01 -3.87 -66.45
N TYR H 585 60.19 -4.50 -67.29
CA TYR H 585 58.91 -5.04 -66.85
C TYR H 585 58.93 -6.57 -66.79
N ILE H 586 58.47 -7.13 -65.67
CA ILE H 586 58.39 -8.57 -65.49
C ILE H 586 56.99 -9.01 -65.08
N ASN H 587 56.42 -9.93 -65.84
CA ASN H 587 55.13 -10.53 -65.52
C ASN H 587 55.33 -11.94 -64.98
N SER H 588 54.83 -12.19 -63.77
CA SER H 588 55.06 -13.46 -63.08
C SER H 588 54.43 -14.64 -63.82
N GLU H 589 53.29 -14.39 -64.46
CA GLU H 589 52.60 -15.43 -65.22
C GLU H 589 53.30 -15.82 -66.51
N ASN H 590 53.89 -14.86 -67.21
CA ASN H 590 54.63 -15.16 -68.43
C ASN H 590 56.08 -14.71 -68.32
N ILE H 591 56.99 -15.68 -68.20
CA ILE H 591 58.41 -15.39 -68.08
C ILE H 591 59.24 -15.96 -69.22
N PRO H 592 59.86 -15.09 -70.04
CA PRO H 592 60.78 -15.57 -71.06
C PRO H 592 62.03 -16.16 -70.40
N ASP H 593 62.69 -17.10 -71.07
CA ASP H 593 63.89 -17.73 -70.52
C ASP H 593 65.10 -16.80 -70.52
N TYR H 594 65.16 -15.90 -71.48
CA TYR H 594 66.34 -15.05 -71.64
C TYR H 594 66.58 -14.07 -70.51
N LEU H 595 65.53 -13.80 -69.74
CA LEU H 595 65.65 -12.95 -68.58
C LEU H 595 66.62 -13.59 -67.62
N PHE H 596 66.56 -14.91 -67.50
CA PHE H 596 67.46 -15.63 -66.62
C PHE H 596 68.88 -15.34 -67.06
N ASP H 597 69.11 -15.42 -68.36
CA ASP H 597 70.44 -15.19 -68.90
C ASP H 597 70.87 -13.76 -68.58
N PHE H 598 69.95 -12.83 -68.74
CA PHE H 598 70.25 -11.42 -68.51
C PHE H 598 70.65 -11.27 -67.07
N PHE H 599 69.88 -11.92 -66.20
CA PHE H 599 70.11 -11.84 -64.77
C PHE H 599 71.41 -12.54 -64.43
N GLU H 600 71.70 -13.63 -65.15
CA GLU H 600 72.89 -14.43 -64.89
C GLU H 600 74.20 -13.77 -65.32
N TYR H 601 74.33 -13.52 -66.63
CA TYR H 601 75.60 -13.10 -67.21
C TYR H 601 75.82 -11.60 -67.15
N LEU H 602 74.75 -10.85 -66.92
CA LEU H 602 74.80 -9.40 -66.93
C LEU H 602 74.09 -8.81 -65.71
N PRO H 603 74.59 -9.10 -64.49
CA PRO H 603 73.95 -8.56 -63.29
C PRO H 603 74.19 -7.06 -63.15
N ASN H 604 75.29 -6.59 -63.74
CA ASN H 604 75.65 -5.19 -63.70
C ASN H 604 74.61 -4.33 -64.43
N CYS H 605 74.09 -4.87 -65.53
CA CYS H 605 73.06 -4.17 -66.30
C CYS H 605 71.76 -4.15 -65.50
N ALA H 606 71.46 -5.25 -64.83
CA ALA H 606 70.27 -5.33 -63.99
C ALA H 606 70.34 -4.32 -62.85
N SER H 607 71.55 -4.10 -62.33
CA SER H 607 71.76 -3.12 -61.28
C SER H 607 71.82 -1.70 -61.85
N ALA H 608 72.04 -1.60 -63.15
CA ALA H 608 72.16 -0.31 -63.82
C ALA H 608 70.81 0.27 -64.26
N LEU H 609 69.76 -0.53 -64.16
CA LEU H 609 68.43 -0.10 -64.57
C LEU H 609 67.82 0.84 -63.53
N ASP H 610 67.14 1.88 -64.01
CA ASP H 610 66.47 2.83 -63.12
C ASP H 610 65.36 2.20 -62.27
N PHE H 611 64.51 1.37 -62.89
CA PHE H 611 63.56 0.61 -62.08
C PHE H 611 63.05 -0.67 -62.75
N VAL H 612 62.60 -1.61 -61.91
CA VAL H 612 61.95 -2.82 -62.38
C VAL H 612 60.53 -2.94 -61.82
N LYS H 613 59.57 -3.20 -62.70
CA LYS H 613 58.17 -3.32 -62.32
C LYS H 613 57.69 -4.76 -62.48
N LEU H 614 57.18 -5.36 -61.41
CA LEU H 614 56.78 -6.76 -61.45
C LEU H 614 55.28 -6.90 -61.18
N ASP H 615 54.61 -7.75 -61.95
CA ASP H 615 53.17 -7.94 -61.79
C ASP H 615 52.90 -9.37 -61.30
N PHE H 616 52.19 -9.47 -60.17
CA PHE H 616 51.91 -10.77 -59.55
C PHE H 616 50.41 -11.07 -59.51
N TYR H 617 50.05 -12.26 -59.97
CA TYR H 617 48.65 -12.66 -60.04
C TYR H 617 48.42 -13.91 -59.20
N GLU H 618 47.70 -13.74 -58.09
CA GLU H 618 47.26 -14.86 -57.25
C GLU H 618 48.43 -15.60 -56.59
N ARG H 619 49.32 -14.83 -55.97
CA ARG H 619 50.46 -15.34 -55.20
C ARG H 619 51.48 -16.04 -56.09
N PHE H 659 68.56 -2.42 -57.79
CA PHE H 659 67.25 -1.80 -57.95
C PHE H 659 67.17 -0.41 -57.31
N LYS H 660 67.37 0.61 -58.13
CA LYS H 660 67.22 1.99 -57.68
C LYS H 660 65.77 2.17 -57.23
N THR H 661 64.85 1.62 -58.01
CA THR H 661 63.43 1.67 -57.68
C THR H 661 62.77 0.34 -58.03
N LEU H 662 61.91 -0.16 -57.14
CA LEU H 662 61.11 -1.36 -57.43
C LEU H 662 59.62 -1.08 -57.33
N GLU H 663 58.88 -1.43 -58.38
CA GLU H 663 57.45 -1.22 -58.37
C GLU H 663 56.69 -2.54 -58.50
N VAL H 664 56.03 -2.98 -57.44
CA VAL H 664 55.32 -4.26 -57.49
C VAL H 664 53.84 -4.12 -57.13
N THR H 665 53.00 -4.77 -57.93
CA THR H 665 51.57 -4.80 -57.70
C THR H 665 51.07 -6.24 -57.63
N LEU H 666 50.31 -6.53 -56.59
CA LEU H 666 49.77 -7.85 -56.33
C LEU H 666 48.31 -7.82 -56.72
N ARG H 667 47.93 -8.66 -57.68
CA ARG H 667 46.60 -8.53 -58.26
C ARG H 667 45.68 -9.66 -57.81
N ASP H 668 44.66 -9.28 -57.02
CA ASP H 668 43.58 -10.18 -56.64
C ASP H 668 44.09 -11.49 -56.07
N ILE H 669 45.04 -11.43 -55.14
CA ILE H 669 45.52 -12.65 -54.54
C ILE H 669 44.60 -12.87 -53.35
N ASN H 670 43.71 -13.86 -53.49
CA ASN H 670 42.74 -14.14 -52.44
C ASN H 670 43.04 -15.29 -51.47
N LYS H 671 44.12 -16.03 -51.71
CA LYS H 671 44.62 -17.01 -50.74
C LYS H 671 46.15 -17.04 -50.72
N LEU H 672 46.79 -16.84 -49.57
CA LEU H 672 48.27 -16.93 -49.53
C LEU H 672 48.80 -17.59 -48.25
N ASN H 673 49.81 -18.45 -48.44
CA ASN H 673 50.45 -19.20 -47.35
C ASN H 673 51.82 -18.70 -46.83
N LYS H 674 52.44 -19.55 -46.03
CA LYS H 674 53.70 -19.30 -45.32
C LYS H 674 54.92 -18.98 -46.20
N GLN H 675 55.11 -19.72 -47.30
CA GLN H 675 56.26 -19.52 -48.18
C GLN H 675 56.31 -18.11 -48.82
N ASP H 676 55.14 -17.63 -49.18
CA ASP H 676 54.98 -16.40 -49.94
C ASP H 676 55.62 -15.20 -49.22
N ILE H 677 55.25 -14.97 -47.97
CA ILE H 677 55.75 -13.82 -47.22
C ILE H 677 57.28 -13.79 -47.10
N LYS H 678 57.85 -14.94 -46.73
CA LYS H 678 59.28 -15.05 -46.55
C LYS H 678 60.00 -14.77 -47.86
N TYR H 679 59.53 -15.35 -48.96
CA TYR H 679 60.20 -15.09 -50.24
C TYR H 679 59.99 -13.69 -50.88
N LEU H 680 58.79 -13.14 -50.78
CA LEU H 680 58.55 -11.74 -51.21
C LEU H 680 59.41 -10.76 -50.44
N GLY H 681 59.64 -11.04 -49.16
CA GLY H 681 60.41 -10.13 -48.33
C GLY H 681 61.79 -9.77 -48.85
N LYS H 682 62.55 -10.74 -49.34
CA LYS H 682 63.89 -10.49 -49.88
C LYS H 682 63.84 -9.60 -51.12
N ILE H 683 62.88 -9.88 -51.99
CA ILE H 683 62.71 -9.11 -53.22
C ILE H 683 62.38 -7.67 -52.85
N PHE H 684 61.53 -7.49 -51.84
CA PHE H 684 61.19 -6.16 -51.38
C PHE H 684 62.42 -5.48 -50.77
N SER H 685 63.30 -6.28 -50.17
CA SER H 685 64.50 -5.74 -49.53
C SER H 685 65.62 -5.42 -50.51
N SER H 686 65.48 -5.86 -51.75
CA SER H 686 66.50 -5.64 -52.75
C SER H 686 66.62 -4.17 -53.22
N ALA H 687 65.56 -3.40 -53.04
CA ALA H 687 65.50 -2.04 -53.59
C ALA H 687 65.61 -0.88 -52.60
N THR H 688 66.24 0.20 -53.04
CA THR H 688 66.31 1.44 -52.27
C THR H 688 64.93 2.07 -52.17
N ASN H 689 64.16 1.94 -53.25
CA ASN H 689 62.81 2.49 -53.33
C ASN H 689 61.81 1.37 -53.59
N LEU H 690 60.65 1.43 -52.94
CA LEU H 690 59.63 0.41 -53.15
C LEU H 690 58.24 1.04 -53.31
N ARG H 691 57.52 0.65 -54.34
CA ARG H 691 56.14 1.05 -54.53
C ARG H 691 55.26 -0.19 -54.51
N LEU H 692 54.23 -0.21 -53.66
CA LEU H 692 53.41 -1.41 -53.52
C LEU H 692 51.93 -1.13 -53.82
N HIS H 693 51.36 -1.92 -54.72
CA HIS H 693 49.92 -1.80 -55.01
C HIS H 693 49.26 -3.13 -54.69
N ILE H 694 48.20 -3.09 -53.91
CA ILE H 694 47.41 -4.27 -53.58
C ILE H 694 46.03 -4.13 -54.21
N LYS H 695 45.70 -5.04 -55.13
CA LYS H 695 44.50 -4.89 -55.94
C LYS H 695 43.45 -5.99 -55.75
N ARG H 696 42.28 -5.59 -55.26
CA ARG H 696 41.11 -6.48 -55.12
C ARG H 696 41.42 -7.76 -54.32
N CYS H 697 42.21 -7.63 -53.26
CA CYS H 697 42.59 -8.78 -52.44
C CYS H 697 41.84 -8.85 -51.10
N ALA H 698 41.02 -9.89 -50.92
CA ALA H 698 40.30 -10.03 -49.66
C ALA H 698 41.16 -10.81 -48.66
N ALA H 699 42.22 -11.44 -49.15
CA ALA H 699 43.15 -12.20 -48.30
C ALA H 699 44.24 -11.32 -47.74
N MET H 700 44.29 -10.08 -48.23
CA MET H 700 45.34 -9.15 -47.86
C MET H 700 44.88 -8.39 -46.63
N ALA H 701 43.79 -8.85 -46.03
CA ALA H 701 43.34 -8.24 -44.80
C ALA H 701 44.32 -8.61 -43.70
N GLY H 702 44.30 -9.86 -43.25
CA GLY H 702 45.15 -10.28 -42.15
C GLY H 702 46.65 -10.08 -42.23
N ARG H 703 47.22 -10.33 -43.40
CA ARG H 703 48.68 -10.45 -43.52
C ARG H 703 49.43 -9.14 -43.76
N LEU H 704 48.70 -8.03 -43.91
CA LEU H 704 49.35 -6.74 -44.21
C LEU H 704 50.43 -6.38 -43.21
N SER H 705 50.18 -6.61 -41.93
CA SER H 705 51.17 -6.34 -40.90
C SER H 705 52.39 -7.24 -41.05
N SER H 706 52.14 -8.51 -41.31
CA SER H 706 53.19 -9.51 -41.45
C SER H 706 53.98 -9.49 -42.78
N VAL H 707 53.29 -9.24 -43.89
CA VAL H 707 53.96 -9.22 -45.22
C VAL H 707 55.02 -8.13 -45.30
N LEU H 708 54.67 -6.95 -44.80
CA LEU H 708 55.52 -5.77 -44.91
C LEU H 708 56.45 -5.61 -43.72
N ARG H 709 56.50 -6.62 -42.85
CA ARG H 709 57.28 -6.58 -41.62
C ARG H 709 58.73 -6.14 -41.85
N THR H 710 59.33 -6.56 -42.95
CA THR H 710 60.64 -6.05 -43.31
C THR H 710 60.57 -5.19 -44.57
N CYS H 711 60.67 -3.88 -44.38
CA CYS H 711 60.83 -2.95 -45.49
C CYS H 711 61.79 -1.84 -45.09
N LYS H 712 62.79 -1.56 -45.92
CA LYS H 712 63.67 -0.43 -45.64
C LYS H 712 62.97 0.87 -46.06
N ASN H 713 62.66 0.98 -47.35
CA ASN H 713 61.85 2.08 -47.85
C ASN H 713 60.65 1.56 -48.60
N MET H 714 59.45 1.95 -48.17
CA MET H 714 58.26 1.79 -48.99
C MET H 714 57.87 3.19 -49.44
N HIS H 715 58.05 3.47 -50.72
CA HIS H 715 57.82 4.80 -51.24
C HIS H 715 56.33 5.13 -51.33
N THR H 716 55.56 4.21 -51.91
CA THR H 716 54.13 4.43 -52.08
C THR H 716 53.32 3.20 -51.69
N LEU H 717 52.15 3.42 -51.13
CA LEU H 717 51.23 2.32 -50.85
C LEU H 717 49.85 2.61 -51.42
N MET H 718 49.34 1.67 -52.21
CA MET H 718 47.99 1.79 -52.73
C MET H 718 47.24 0.52 -52.35
N VAL H 719 46.13 0.66 -51.65
CA VAL H 719 45.31 -0.50 -51.30
C VAL H 719 43.92 -0.33 -51.88
N GLU H 720 43.49 -1.32 -52.67
CA GLU H 720 42.24 -1.21 -53.42
C GLU H 720 41.38 -2.46 -53.30
N ALA H 721 40.13 -2.26 -52.89
CA ALA H 721 39.16 -3.35 -52.73
C ALA H 721 39.65 -4.45 -51.78
N SER H 722 40.24 -4.03 -50.68
CA SER H 722 40.74 -4.93 -49.65
C SER H 722 40.03 -4.62 -48.33
N PRO H 723 39.77 -5.65 -47.51
CA PRO H 723 39.03 -5.44 -46.25
C PRO H 723 39.81 -4.56 -45.28
N LEU H 724 41.12 -4.81 -45.13
CA LEU H 724 41.98 -3.95 -44.32
C LEU H 724 41.47 -3.66 -42.90
N THR H 725 41.60 -4.62 -41.99
CA THR H 725 41.13 -4.40 -40.63
C THR H 725 42.08 -3.47 -39.88
N THR H 726 41.71 -3.12 -38.66
CA THR H 726 42.39 -2.08 -37.87
C THR H 726 43.85 -2.30 -37.44
N ASP H 727 44.26 -3.53 -37.20
CA ASP H 727 45.67 -3.81 -36.88
C ASP H 727 46.56 -3.44 -38.07
N ASP H 728 46.06 -3.76 -39.25
CA ASP H 728 46.74 -3.51 -40.51
C ASP H 728 46.93 -2.02 -40.73
N GLU H 729 45.85 -1.28 -40.51
CA GLU H 729 45.83 0.17 -40.63
C GLU H 729 46.83 0.75 -39.65
N GLN H 730 46.84 0.16 -38.45
CA GLN H 730 47.76 0.56 -37.40
C GLN H 730 49.20 0.38 -37.86
N TYR H 731 49.47 -0.71 -38.58
CA TYR H 731 50.79 -0.95 -39.13
C TYR H 731 51.14 0.05 -40.25
N ILE H 732 50.15 0.41 -41.05
CA ILE H 732 50.36 1.36 -42.15
C ILE H 732 50.85 2.68 -41.59
N THR H 733 50.27 3.10 -40.47
CA THR H 733 50.67 4.33 -39.81
C THR H 733 51.98 4.14 -39.04
N SER H 734 52.37 2.88 -38.85
CA SER H 734 53.62 2.58 -38.14
C SER H 734 54.86 2.91 -38.98
N VAL H 735 54.75 2.81 -40.29
CA VAL H 735 55.90 3.07 -41.16
C VAL H 735 55.96 4.55 -41.57
N THR H 736 56.99 5.23 -41.10
CA THR H 736 57.11 6.68 -41.24
C THR H 736 57.70 7.08 -42.60
N GLY H 737 58.29 6.12 -43.30
CA GLY H 737 58.94 6.41 -44.56
C GLY H 737 58.03 6.60 -45.76
N LEU H 738 56.73 6.41 -45.55
CA LEU H 738 55.77 6.48 -46.66
C LEU H 738 55.55 7.93 -47.08
N GLN H 739 55.88 8.24 -48.34
CA GLN H 739 55.60 9.57 -48.88
C GLN H 739 54.27 9.66 -49.63
N ASN H 740 53.71 8.51 -50.00
CA ASN H 740 52.47 8.48 -50.76
C ASN H 740 51.52 7.37 -50.29
N LEU H 741 50.28 7.73 -49.96
CA LEU H 741 49.29 6.74 -49.55
C LEU H 741 47.94 6.94 -50.20
N SER H 742 47.43 5.89 -50.85
CA SER H 742 46.11 5.93 -51.46
C SER H 742 45.30 4.67 -51.16
N ILE H 743 44.13 4.83 -50.55
CA ILE H 743 43.26 3.69 -50.31
C ILE H 743 41.86 3.87 -50.92
N HIS H 744 41.43 2.86 -51.65
CA HIS H 744 40.18 2.88 -52.38
C HIS H 744 39.23 1.80 -51.85
N ARG H 745 38.03 2.24 -51.47
CA ARG H 745 36.94 1.35 -51.06
C ARG H 745 37.20 0.56 -49.79
N LEU H 746 37.19 1.25 -48.65
CA LEU H 746 37.22 0.63 -47.33
C LEU H 746 35.80 0.45 -46.80
N HIS H 747 35.38 -0.79 -46.59
CA HIS H 747 34.03 -1.03 -46.08
C HIS H 747 33.93 -1.25 -44.56
N THR H 748 35.06 -1.24 -43.87
CA THR H 748 35.04 -1.38 -42.42
C THR H 748 34.92 -0.01 -41.75
N GLN H 749 34.01 0.09 -40.79
CA GLN H 749 33.81 1.32 -40.04
C GLN H 749 35.07 1.66 -39.25
N GLN H 750 35.39 2.94 -39.14
CA GLN H 750 36.61 3.33 -38.43
C GLN H 750 36.38 3.53 -36.94
N LEU H 751 37.25 2.91 -36.15
CA LEU H 751 37.18 2.90 -34.70
C LEU H 751 38.47 3.47 -34.12
N PRO H 752 38.60 3.53 -32.78
CA PRO H 752 39.91 3.88 -32.21
C PRO H 752 41.00 3.02 -32.85
N GLY H 753 42.15 3.61 -33.12
CA GLY H 753 43.04 3.08 -34.13
C GLY H 753 44.22 4.01 -34.40
N GLY H 754 44.67 4.01 -35.65
CA GLY H 754 43.87 3.50 -36.75
C GLY H 754 44.15 4.31 -37.99
N LEU H 755 43.38 4.11 -39.05
CA LEU H 755 43.62 4.82 -40.30
C LEU H 755 43.53 6.35 -40.19
N ILE H 756 42.33 6.87 -40.02
CA ILE H 756 42.15 8.32 -39.92
C ILE H 756 42.33 8.85 -38.51
N ASP H 757 42.21 7.98 -37.52
CA ASP H 757 42.33 8.41 -36.13
C ASP H 757 43.74 8.97 -35.95
N SER H 758 44.75 8.16 -36.27
CA SER H 758 46.10 8.69 -36.37
C SER H 758 46.57 8.58 -37.81
N LEU H 759 46.37 9.65 -38.59
CA LEU H 759 46.99 9.75 -39.90
C LEU H 759 48.27 10.57 -39.83
N GLY H 760 48.46 11.24 -38.70
CA GLY H 760 49.55 12.18 -38.52
C GLY H 760 50.87 11.47 -38.31
N ASN H 761 50.80 10.16 -38.14
CA ASN H 761 51.99 9.35 -37.91
C ASN H 761 52.97 9.43 -39.08
N LEU H 762 52.42 9.58 -40.28
CA LEU H 762 53.26 9.70 -41.46
C LEU H 762 53.47 11.19 -41.68
N LYS H 763 54.69 11.65 -41.38
CA LYS H 763 55.00 13.07 -41.45
C LYS H 763 55.51 13.41 -42.85
N ASN H 764 55.90 12.37 -43.56
CA ASN H 764 56.54 12.50 -44.86
C ASN H 764 55.61 12.36 -46.05
N LEU H 765 54.31 12.24 -45.80
CA LEU H 765 53.37 11.96 -46.87
C LEU H 765 53.18 13.21 -47.71
N GLU H 766 53.55 13.13 -48.99
CA GLU H 766 53.34 14.24 -49.91
C GLU H 766 52.07 14.09 -50.73
N ARG H 767 51.50 12.89 -50.74
CA ARG H 767 50.28 12.61 -51.49
C ARG H 767 49.35 11.66 -50.73
N LEU H 768 48.10 12.08 -50.59
CA LEU H 768 47.09 11.29 -49.89
C LEU H 768 45.79 11.17 -50.66
N ILE H 769 45.30 9.95 -50.81
CA ILE H 769 44.00 9.72 -51.44
C ILE H 769 43.13 8.81 -50.59
N LEU H 770 41.98 9.33 -50.17
CA LEU H 770 41.02 8.58 -49.39
C LEU H 770 39.75 8.45 -50.20
N ASP H 771 39.41 7.23 -50.56
CA ASP H 771 38.25 6.97 -51.40
C ASP H 771 37.34 5.89 -50.82
N ASP H 772 36.06 6.21 -50.70
CA ASP H 772 35.05 5.27 -50.20
C ASP H 772 35.39 4.73 -48.81
N ILE H 773 35.74 5.63 -47.91
CA ILE H 773 36.01 5.25 -46.52
C ILE H 773 34.74 5.34 -45.67
N ARG H 774 34.47 4.31 -44.88
CA ARG H 774 33.32 4.34 -43.98
C ARG H 774 33.68 5.23 -42.79
N MET H 775 32.88 6.27 -42.58
CA MET H 775 33.23 7.32 -41.62
C MET H 775 32.00 8.01 -41.03
N ASN H 776 32.21 8.72 -39.93
CA ASN H 776 31.20 9.61 -39.35
C ASN H 776 31.82 10.97 -39.01
N GLU H 777 31.04 11.86 -38.39
CA GLU H 777 31.51 13.22 -38.11
C GLU H 777 32.78 13.24 -37.26
N GLU H 778 32.82 12.39 -36.23
CA GLU H 778 33.99 12.30 -35.36
C GLU H 778 35.19 11.77 -36.14
N ASP H 779 34.93 10.86 -37.07
CA ASP H 779 35.98 10.33 -37.94
C ASP H 779 36.56 11.47 -38.78
N ALA H 780 35.68 12.36 -39.23
CA ALA H 780 36.09 13.53 -40.01
C ALA H 780 36.93 14.50 -39.18
N LYS H 781 36.48 14.78 -37.96
CA LYS H 781 37.24 15.66 -37.06
C LYS H 781 38.62 15.07 -36.74
N ASN H 782 38.67 13.76 -36.54
CA ASN H 782 39.94 13.07 -36.32
C ASN H 782 40.83 13.19 -37.55
N LEU H 783 40.22 13.10 -38.73
CA LEU H 783 40.95 13.23 -39.97
C LEU H 783 41.56 14.62 -40.11
N ALA H 784 40.80 15.63 -39.71
CA ALA H 784 41.28 17.01 -39.71
C ALA H 784 42.47 17.12 -38.76
N GLU H 785 42.28 16.53 -37.57
CA GLU H 785 43.29 16.55 -36.51
C GLU H 785 44.59 15.94 -37.02
N GLY H 786 44.47 14.90 -37.84
CA GLY H 786 45.62 14.28 -38.45
C GLY H 786 46.25 15.12 -39.55
N LEU H 787 45.41 15.73 -40.39
CA LEU H 787 45.87 16.54 -41.51
C LEU H 787 46.62 17.77 -41.04
N ARG H 788 46.36 18.19 -39.82
CA ARG H 788 47.02 19.35 -39.22
C ARG H 788 48.52 19.10 -39.07
N SER H 789 48.90 17.83 -38.88
CA SER H 789 50.30 17.46 -38.58
C SER H 789 51.20 17.22 -39.78
N LEU H 790 50.62 17.16 -40.98
CA LEU H 790 51.41 16.91 -42.19
C LEU H 790 51.74 18.19 -42.91
N LYS H 791 53.02 18.56 -42.89
CA LYS H 791 53.46 19.80 -43.48
C LYS H 791 53.97 19.54 -44.91
N LYS H 792 54.04 18.26 -45.27
CA LYS H 792 54.62 17.85 -46.55
C LYS H 792 53.64 17.56 -47.70
N MET H 793 52.35 17.69 -47.48
CA MET H 793 51.39 17.20 -48.46
C MET H 793 51.30 18.11 -49.68
N ARG H 794 51.63 17.58 -50.85
CA ARG H 794 51.39 18.31 -52.09
C ARG H 794 50.12 17.84 -52.80
N LEU H 795 49.52 16.76 -52.29
CA LEU H 795 48.33 16.20 -52.93
C LEU H 795 47.29 15.66 -51.93
N LEU H 796 46.04 16.05 -52.13
CA LEU H 796 44.93 15.52 -51.34
C LEU H 796 43.68 15.23 -52.16
N HIS H 797 43.22 13.99 -52.08
CA HIS H 797 41.94 13.59 -52.66
C HIS H 797 41.07 13.02 -51.54
N LEU H 798 39.93 13.64 -51.30
CA LEU H 798 38.93 13.04 -50.42
C LEU H 798 37.68 12.85 -51.26
N THR H 799 37.35 11.59 -51.55
CA THR H 799 36.28 11.31 -52.50
C THR H 799 35.29 10.26 -51.97
N HIS H 800 34.03 10.39 -52.36
CA HIS H 800 32.98 9.42 -52.06
C HIS H 800 32.63 9.24 -50.57
N LEU H 801 33.29 9.99 -49.68
CA LEU H 801 32.98 9.92 -48.25
C LEU H 801 31.48 10.14 -48.10
N SER H 802 30.80 9.18 -47.46
CA SER H 802 29.33 9.11 -47.52
C SER H 802 28.55 9.77 -46.39
N ASP H 803 28.54 9.23 -45.15
CA ASP H 803 27.85 10.03 -44.13
C ASP H 803 28.81 10.52 -43.04
N ILE H 804 29.37 11.70 -43.25
CA ILE H 804 30.21 12.39 -42.25
C ILE H 804 29.65 13.66 -41.62
N GLY H 805 28.44 14.09 -41.99
CA GLY H 805 27.95 15.35 -41.47
C GLY H 805 28.72 16.55 -41.99
N GLU H 806 28.82 17.58 -41.16
CA GLU H 806 29.45 18.86 -41.51
C GLU H 806 30.97 18.90 -41.29
N GLY H 807 31.59 17.76 -40.98
CA GLY H 807 32.98 17.70 -40.57
C GLY H 807 33.99 18.36 -41.48
N MET H 808 33.62 18.58 -42.74
CA MET H 808 34.51 19.17 -43.72
C MET H 808 35.02 20.55 -43.27
N ASP H 809 34.18 21.27 -42.53
CA ASP H 809 34.54 22.57 -41.97
C ASP H 809 35.85 22.45 -41.22
N TYR H 810 35.98 21.38 -40.45
CA TYR H 810 37.21 21.16 -39.73
C TYR H 810 38.35 20.83 -40.67
N ILE H 811 38.13 19.87 -41.57
CA ILE H 811 39.22 19.37 -42.39
C ILE H 811 39.77 20.46 -43.31
N VAL H 812 38.87 21.21 -43.94
CA VAL H 812 39.27 22.31 -44.80
C VAL H 812 40.11 23.28 -44.01
N LYS H 813 39.70 23.56 -42.77
CA LYS H 813 40.50 24.42 -41.91
C LYS H 813 41.90 23.86 -41.79
N SER H 814 41.99 22.57 -41.49
CA SER H 814 43.29 21.92 -41.31
C SER H 814 44.12 22.05 -42.59
N LEU H 815 43.44 22.03 -43.74
CA LEU H 815 44.12 22.21 -45.00
C LEU H 815 44.56 23.65 -45.16
N SER H 816 43.63 24.57 -44.87
CA SER H 816 43.81 25.97 -45.23
C SER H 816 44.33 26.82 -44.06
N GLU H 817 44.64 26.17 -42.95
CA GLU H 817 45.10 26.87 -41.75
C GLU H 817 46.31 27.74 -42.02
N GLU H 818 47.27 27.15 -42.72
CA GLU H 818 48.56 27.78 -42.92
C GLU H 818 48.94 27.72 -44.39
N SER H 819 49.90 28.55 -44.81
CA SER H 819 50.35 28.54 -46.20
C SER H 819 50.84 27.15 -46.57
N CYS H 820 50.39 26.62 -47.70
CA CYS H 820 50.66 25.23 -48.03
C CYS H 820 51.35 24.99 -49.37
N ASP H 821 51.91 23.80 -49.50
CA ASP H 821 52.57 23.35 -50.71
C ASP H 821 51.58 22.55 -51.56
N LEU H 822 50.33 22.52 -51.12
CA LEU H 822 49.26 21.75 -51.76
C LEU H 822 49.11 22.09 -53.24
N GLN H 823 49.08 21.05 -54.07
CA GLN H 823 48.96 21.20 -55.51
C GLN H 823 47.60 20.75 -56.05
N GLU H 824 47.21 19.52 -55.71
CA GLU H 824 45.96 18.96 -56.20
C GLU H 824 45.01 18.77 -55.03
N MET H 825 43.80 19.32 -55.16
CA MET H 825 42.79 19.07 -54.14
C MET H 825 41.48 18.62 -54.80
N LYS H 826 41.11 17.36 -54.56
CA LYS H 826 39.84 16.86 -55.05
C LYS H 826 38.88 16.61 -53.91
N LEU H 827 37.86 17.45 -53.81
CA LEU H 827 36.83 17.35 -52.78
C LEU H 827 35.57 16.67 -53.31
N VAL H 828 35.71 16.01 -54.46
CA VAL H 828 34.57 15.47 -55.17
C VAL H 828 33.88 14.34 -54.41
N ALA H 829 32.55 14.37 -54.37
CA ALA H 829 31.73 13.27 -53.88
C ALA H 829 31.78 13.02 -52.37
N CYS H 830 32.64 13.77 -51.67
CA CYS H 830 32.61 13.79 -50.21
C CYS H 830 31.44 14.67 -49.80
N CYS H 831 31.21 14.84 -48.51
CA CYS H 831 30.10 15.69 -48.11
C CYS H 831 30.61 17.10 -47.90
N LEU H 832 30.29 17.99 -48.83
CA LEU H 832 30.74 19.36 -48.72
C LEU H 832 29.56 20.22 -48.29
N THR H 833 29.82 21.16 -47.38
CA THR H 833 28.77 22.04 -46.91
C THR H 833 29.15 23.45 -47.35
N ALA H 834 28.16 24.33 -47.46
CA ALA H 834 28.43 25.69 -47.87
C ALA H 834 29.29 26.43 -46.86
N ASN H 835 29.18 26.04 -45.59
CA ASN H 835 30.05 26.61 -44.57
C ASN H 835 31.51 26.25 -44.83
N SER H 836 31.75 24.99 -45.22
CA SER H 836 33.11 24.53 -45.52
C SER H 836 33.65 25.19 -46.79
N VAL H 837 32.77 25.44 -47.75
CA VAL H 837 33.14 26.14 -48.97
C VAL H 837 33.48 27.58 -48.65
N LYS H 838 32.74 28.12 -47.68
CA LYS H 838 32.97 29.47 -47.18
C LYS H 838 34.36 29.55 -46.54
N VAL H 839 34.65 28.57 -45.71
CA VAL H 839 35.93 28.46 -45.03
C VAL H 839 37.08 28.35 -46.04
N LEU H 840 36.90 27.51 -47.05
CA LEU H 840 37.89 27.33 -48.10
C LEU H 840 38.10 28.63 -48.86
N ALA H 841 37.01 29.34 -49.12
CA ALA H 841 37.06 30.58 -49.87
C ALA H 841 37.83 31.66 -49.13
N GLN H 842 37.46 31.88 -47.87
CA GLN H 842 38.10 32.93 -47.07
C GLN H 842 39.56 32.60 -46.76
N ASN H 843 39.86 31.32 -46.58
CA ASN H 843 41.21 30.88 -46.25
C ASN H 843 42.04 30.48 -47.47
N LEU H 844 41.47 30.70 -48.66
CA LEU H 844 42.06 30.30 -49.94
C LEU H 844 43.48 30.81 -50.18
N HIS H 845 43.85 31.92 -49.53
CA HIS H 845 45.15 32.54 -49.73
C HIS H 845 46.34 31.67 -49.31
N ASN H 846 46.09 30.63 -48.53
CA ASN H 846 47.14 29.72 -48.08
C ASN H 846 47.71 28.73 -49.08
N LEU H 847 46.91 28.21 -50.01
CA LEU H 847 47.49 27.34 -51.04
C LEU H 847 47.63 28.10 -52.35
N ILE H 848 48.85 28.53 -52.62
CA ILE H 848 49.19 29.17 -53.89
C ILE H 848 49.57 28.16 -54.97
N LYS H 849 50.11 27.02 -54.53
CA LYS H 849 50.71 26.05 -55.43
C LYS H 849 49.65 25.11 -56.03
N LEU H 850 48.39 25.35 -55.68
CA LEU H 850 47.32 24.47 -56.15
C LEU H 850 47.04 24.74 -57.63
N SER H 851 47.26 23.73 -58.45
CA SER H 851 46.91 23.82 -59.86
C SER H 851 45.61 23.09 -60.20
N ILE H 852 45.07 22.35 -59.24
CA ILE H 852 43.86 21.55 -59.48
C ILE H 852 42.84 21.59 -58.35
N LEU H 853 41.62 22.02 -58.68
CA LEU H 853 40.52 22.00 -57.72
C LEU H 853 39.28 21.27 -58.28
N ASP H 854 38.97 20.13 -57.68
CA ASP H 854 37.71 19.47 -58.00
C ASP H 854 36.87 19.41 -56.74
N ILE H 855 35.87 20.28 -56.67
CA ILE H 855 34.86 20.25 -55.60
C ILE H 855 33.52 19.66 -56.02
N SER H 856 33.45 19.15 -57.25
CA SER H 856 32.18 18.81 -57.88
C SER H 856 31.48 17.61 -57.24
N GLU H 857 30.28 17.31 -57.73
CA GLU H 857 29.43 16.23 -57.19
C GLU H 857 28.99 16.51 -55.77
N ASN H 858 28.81 17.79 -55.44
CA ASN H 858 28.41 18.16 -54.08
C ASN H 858 27.15 19.00 -54.11
N TYR H 859 26.18 18.66 -53.25
CA TYR H 859 24.97 19.45 -53.15
C TYR H 859 25.04 20.29 -51.88
N LEU H 860 24.89 21.60 -52.03
CA LEU H 860 24.93 22.53 -50.89
C LEU H 860 23.55 23.04 -50.49
N GLU H 861 23.08 22.67 -49.29
CA GLU H 861 21.70 22.96 -48.90
C GLU H 861 21.46 24.44 -48.58
N LYS H 862 22.12 24.93 -47.54
CA LYS H 862 21.91 26.32 -47.12
C LYS H 862 23.10 27.17 -47.54
N ASP H 863 22.83 28.44 -47.82
CA ASP H 863 23.83 29.41 -48.26
C ASP H 863 24.82 28.87 -49.31
N GLY H 864 24.36 27.97 -50.17
CA GLY H 864 25.23 27.32 -51.14
C GLY H 864 25.78 28.24 -52.21
N ASN H 865 24.87 28.99 -52.85
CA ASN H 865 25.24 29.89 -53.93
C ASN H 865 26.08 31.06 -53.42
N GLU H 866 25.78 31.51 -52.21
CA GLU H 866 26.53 32.57 -51.56
C GLU H 866 27.98 32.14 -51.35
N ALA H 867 28.14 30.92 -50.88
CA ALA H 867 29.46 30.34 -50.64
C ALA H 867 30.22 30.16 -51.95
N LEU H 868 29.53 29.69 -52.97
CA LEU H 868 30.17 29.46 -54.27
C LEU H 868 30.66 30.77 -54.88
N GLN H 869 29.82 31.81 -54.79
CA GLN H 869 30.20 33.13 -55.29
C GLN H 869 31.34 33.71 -54.45
N GLU H 870 31.29 33.41 -53.15
CA GLU H 870 32.33 33.80 -52.20
C GLU H 870 33.69 33.23 -52.60
N LEU H 871 33.67 31.99 -53.07
CA LEU H 871 34.88 31.35 -53.59
C LEU H 871 35.31 32.01 -54.89
N ILE H 872 34.31 32.27 -55.75
CA ILE H 872 34.55 32.82 -57.07
C ILE H 872 35.26 34.16 -56.99
N GLY H 873 34.92 34.95 -55.98
CA GLY H 873 35.56 36.24 -55.80
C GLY H 873 37.03 36.15 -55.46
N ARG H 874 37.40 35.10 -54.71
CA ARG H 874 38.79 34.90 -54.30
C ARG H 874 39.56 33.94 -55.18
N LEU H 875 38.95 33.47 -56.26
CA LEU H 875 39.61 32.54 -57.18
C LEU H 875 40.90 33.11 -57.79
N GLY H 876 41.03 34.43 -57.79
CA GLY H 876 42.21 35.08 -58.33
C GLY H 876 43.48 34.72 -57.58
N VAL H 877 43.33 34.32 -56.32
CA VAL H 877 44.46 34.01 -55.46
C VAL H 877 45.31 32.87 -56.00
N LEU H 878 44.68 31.94 -56.72
CA LEU H 878 45.39 30.80 -57.24
C LEU H 878 45.89 31.12 -58.64
N GLY H 879 47.20 31.30 -58.77
CA GLY H 879 47.79 31.67 -60.03
C GLY H 879 47.99 30.51 -60.99
N GLU H 880 48.28 29.33 -60.43
CA GLU H 880 48.63 28.17 -61.24
C GLU H 880 47.46 27.25 -61.55
N LEU H 881 46.25 27.62 -61.13
CA LEU H 881 45.14 26.67 -61.17
C LEU H 881 44.75 26.42 -62.63
N THR H 882 44.89 25.16 -63.07
CA THR H 882 44.48 24.77 -64.41
C THR H 882 43.18 23.95 -64.50
N THR H 883 42.63 23.57 -63.36
CA THR H 883 41.46 22.67 -63.36
C THR H 883 40.40 23.05 -62.34
N LEU H 884 39.18 23.28 -62.81
CA LEU H 884 38.08 23.58 -61.89
C LEU H 884 36.82 22.77 -62.18
N MET H 885 36.41 21.99 -61.19
CA MET H 885 35.15 21.28 -61.28
C MET H 885 34.29 21.76 -60.12
N LEU H 886 33.16 22.38 -60.45
CA LEU H 886 32.38 23.08 -59.44
C LEU H 886 31.28 22.18 -58.89
N PRO H 887 30.86 22.42 -57.63
CA PRO H 887 29.75 21.64 -57.09
C PRO H 887 28.44 22.29 -57.48
N TRP H 888 27.32 21.72 -57.05
CA TRP H 888 26.02 22.25 -57.44
C TRP H 888 25.13 22.49 -56.23
N CYS H 889 24.08 23.27 -56.44
CA CYS H 889 23.12 23.58 -55.39
C CYS H 889 21.84 24.07 -56.03
N TRP H 890 20.96 24.61 -55.21
CA TRP H 890 19.75 25.23 -55.73
C TRP H 890 20.15 26.39 -56.63
N ASP H 891 19.71 26.33 -57.88
CA ASP H 891 19.88 27.46 -58.79
C ASP H 891 21.32 27.96 -58.96
N VAL H 892 22.26 27.02 -59.15
CA VAL H 892 23.68 27.35 -59.29
C VAL H 892 23.96 28.34 -60.42
N HIS H 893 23.18 28.21 -61.48
CA HIS H 893 23.42 28.94 -62.72
C HIS H 893 23.37 30.47 -62.61
N THR H 894 22.81 31.00 -61.52
CA THR H 894 22.83 32.45 -61.31
C THR H 894 24.27 32.94 -61.18
N SER H 895 25.18 32.02 -60.89
CA SER H 895 26.59 32.35 -60.78
C SER H 895 27.30 32.20 -62.11
N LEU H 896 26.59 31.77 -63.14
CA LEU H 896 27.20 31.52 -64.45
C LEU H 896 27.78 32.79 -65.11
N PRO H 897 27.00 33.90 -65.16
CA PRO H 897 27.66 35.11 -65.64
C PRO H 897 28.78 35.53 -64.69
N LYS H 898 28.50 35.35 -63.41
CA LYS H 898 29.39 35.77 -62.33
C LYS H 898 30.69 34.96 -62.30
N LEU H 899 30.59 33.65 -62.52
CA LEU H 899 31.76 32.78 -62.54
C LEU H 899 32.62 33.02 -63.78
N LEU H 900 31.95 33.18 -64.91
CA LEU H 900 32.60 33.35 -66.20
C LEU H 900 33.40 34.66 -66.31
N LYS H 901 32.91 35.70 -65.65
CA LYS H 901 33.59 37.00 -65.64
C LYS H 901 34.98 36.87 -65.04
N GLN H 902 35.09 36.10 -63.96
CA GLN H 902 36.36 35.84 -63.31
C GLN H 902 37.28 34.91 -64.10
N LEU H 903 36.68 34.02 -64.89
CA LEU H 903 37.42 33.05 -65.67
C LEU H 903 37.96 33.66 -66.95
N GLU H 904 37.59 34.91 -67.20
CA GLU H 904 38.10 35.66 -68.35
C GLU H 904 39.59 35.92 -68.20
N GLY H 905 40.04 36.04 -66.94
CA GLY H 905 41.42 36.35 -66.63
C GLY H 905 42.33 35.15 -66.42
N THR H 906 41.84 33.95 -66.71
CA THR H 906 42.61 32.73 -66.48
C THR H 906 42.81 31.87 -67.73
N PRO H 907 43.64 32.33 -68.68
CA PRO H 907 43.92 31.52 -69.87
C PRO H 907 44.86 30.35 -69.56
N GLY H 908 44.59 29.21 -70.20
CA GLY H 908 45.35 27.99 -69.97
C GLY H 908 44.69 27.04 -69.00
N LEU H 909 43.40 27.25 -68.75
CA LEU H 909 42.62 26.36 -67.91
C LEU H 909 42.42 25.05 -68.67
N ALA H 910 42.87 23.94 -68.09
CA ALA H 910 42.81 22.65 -68.78
C ALA H 910 41.46 21.92 -68.67
N LYS H 911 40.87 21.87 -67.48
CA LYS H 911 39.63 21.12 -67.28
C LYS H 911 38.56 21.96 -66.62
N LEU H 912 37.39 22.03 -67.25
CA LEU H 912 36.27 22.76 -66.64
C LEU H 912 35.00 21.91 -66.55
N GLY H 913 34.36 21.94 -65.39
CA GLY H 913 33.03 21.37 -65.31
C GLY H 913 32.06 22.02 -64.35
N LEU H 914 30.79 21.92 -64.72
CA LEU H 914 29.68 22.28 -63.86
C LEU H 914 28.82 21.03 -63.90
N LYS H 915 28.78 20.31 -62.79
CA LYS H 915 28.13 19.01 -62.74
C LYS H 915 26.83 19.05 -61.96
N ASN H 916 25.76 18.53 -62.56
CA ASN H 916 24.44 18.49 -61.93
C ASN H 916 23.87 19.88 -61.67
N TRP H 917 24.29 20.84 -62.49
CA TRP H 917 23.72 22.18 -62.48
C TRP H 917 22.35 22.23 -63.16
N ARG H 918 21.61 23.29 -62.86
CA ARG H 918 20.26 23.51 -63.34
C ARG H 918 20.24 24.18 -64.71
N LEU H 919 21.40 24.18 -65.38
CA LEU H 919 21.65 24.93 -66.62
C LEU H 919 20.55 24.82 -67.67
N ARG H 920 20.30 25.95 -68.33
CA ARG H 920 19.31 26.06 -69.40
C ARG H 920 19.97 26.55 -70.68
N ASP H 921 19.15 26.76 -71.72
CA ASP H 921 19.63 27.26 -73.01
C ASP H 921 20.24 28.65 -72.82
N GLU H 922 19.75 29.37 -71.82
CA GLU H 922 20.27 30.69 -71.49
C GLU H 922 21.71 30.63 -71.02
N GLU H 923 22.00 29.65 -70.17
CA GLU H 923 23.36 29.43 -69.69
C GLU H 923 24.25 28.89 -70.79
N ILE H 924 23.68 28.06 -71.65
CA ILE H 924 24.43 27.51 -72.77
C ILE H 924 24.80 28.63 -73.76
N LYS H 925 23.92 29.61 -73.88
CA LYS H 925 24.18 30.76 -74.73
C LYS H 925 25.22 31.67 -74.10
N SER H 926 25.09 31.88 -72.78
CA SER H 926 26.02 32.71 -72.04
C SER H 926 27.43 32.15 -72.12
N LEU H 927 27.53 30.84 -71.89
CA LEU H 927 28.79 30.12 -71.96
C LEU H 927 29.34 30.15 -73.37
N GLY H 928 28.44 30.10 -74.36
CA GLY H 928 28.86 30.17 -75.74
C GLY H 928 29.48 31.51 -76.09
N GLU H 929 28.84 32.60 -75.70
CA GLU H 929 29.35 33.95 -75.96
C GLU H 929 30.66 34.22 -75.23
N PHE H 930 30.72 33.83 -73.95
CA PHE H 930 31.94 33.95 -73.15
C PHE H 930 33.07 33.16 -73.82
N LEU H 931 32.73 31.98 -74.31
CA LEU H 931 33.72 31.11 -74.93
C LEU H 931 34.19 31.74 -76.25
N GLU H 932 33.30 32.48 -76.89
CA GLU H 932 33.63 33.16 -78.14
C GLU H 932 34.58 34.34 -77.96
N MET H 933 34.27 35.23 -77.02
CA MET H 933 35.14 36.40 -76.85
C MET H 933 36.49 36.04 -76.25
N ASN H 934 36.46 35.31 -75.14
CA ASN H 934 37.68 34.92 -74.44
C ASN H 934 37.90 33.42 -74.35
N PRO H 935 38.13 32.75 -75.50
CA PRO H 935 38.33 31.31 -75.40
C PRO H 935 39.66 30.98 -74.74
N LEU H 936 39.73 29.82 -74.10
CA LEU H 936 40.95 29.39 -73.42
C LEU H 936 41.89 28.70 -74.39
N ARG H 937 41.29 28.01 -75.36
CA ARG H 937 41.96 27.31 -76.46
C ARG H 937 42.77 26.10 -76.02
N ASP H 938 43.07 25.99 -74.72
CA ASP H 938 43.78 24.82 -74.21
C ASP H 938 42.89 23.82 -73.49
N LEU H 939 41.59 24.12 -73.41
CA LEU H 939 40.67 23.38 -72.55
C LEU H 939 40.60 21.91 -72.95
N GLN H 940 40.93 21.05 -71.99
CA GLN H 940 41.02 19.63 -72.25
C GLN H 940 39.68 18.91 -72.11
N GLN H 941 38.86 19.31 -71.15
CA GLN H 941 37.57 18.66 -70.98
C GLN H 941 36.47 19.53 -70.41
N LEU H 942 35.25 19.27 -70.87
CA LEU H 942 34.09 20.02 -70.43
C LEU H 942 33.05 19.04 -69.88
N ASP H 943 32.71 19.21 -68.61
CA ASP H 943 31.74 18.31 -68.01
C ASP H 943 30.45 19.05 -67.66
N LEU H 944 29.40 18.80 -68.44
CA LEU H 944 28.06 19.24 -68.06
C LEU H 944 27.16 18.00 -67.98
N ALA H 945 26.76 17.62 -66.78
CA ALA H 945 25.98 16.39 -66.66
C ALA H 945 24.53 16.73 -66.45
N GLY H 946 24.18 17.17 -65.24
CA GLY H 946 22.81 17.51 -64.97
C GLY H 946 22.52 18.83 -65.67
N HIS H 947 21.42 18.88 -66.42
CA HIS H 947 20.97 20.10 -67.10
C HIS H 947 19.69 19.83 -67.89
N CYS H 948 18.89 20.86 -68.09
CA CYS H 948 17.79 20.79 -69.05
C CYS H 948 18.07 21.76 -70.21
N VAL H 949 18.50 21.22 -71.35
CA VAL H 949 18.76 22.06 -72.52
C VAL H 949 18.12 21.53 -73.80
N SER H 950 17.33 22.37 -74.47
CA SER H 950 16.69 22.02 -75.73
C SER H 950 17.72 22.03 -76.87
N SER H 951 17.37 21.39 -77.98
CA SER H 951 18.25 21.25 -79.13
C SER H 951 18.72 22.58 -79.74
N ASP H 952 17.86 23.60 -79.73
CA ASP H 952 18.24 24.91 -80.26
C ASP H 952 19.41 25.48 -79.47
N GLY H 953 19.39 25.33 -78.16
CA GLY H 953 20.48 25.84 -77.33
C GLY H 953 21.81 25.20 -77.66
N TRP H 954 21.80 23.87 -77.82
CA TRP H 954 23.02 23.15 -78.19
C TRP H 954 23.48 23.60 -79.56
N LEU H 955 22.53 23.85 -80.44
CA LEU H 955 22.81 24.32 -81.80
C LEU H 955 23.51 25.68 -81.76
N TYR H 956 23.08 26.54 -80.83
CA TYR H 956 23.72 27.82 -80.59
C TYR H 956 25.15 27.60 -80.10
N PHE H 957 25.29 26.67 -79.17
CA PHE H 957 26.57 26.39 -78.49
C PHE H 957 27.66 25.79 -79.37
N MET H 958 27.25 24.98 -80.35
CA MET H 958 28.19 24.23 -81.19
C MET H 958 29.11 25.11 -82.03
N ASN H 959 28.61 26.29 -82.42
CA ASN H 959 29.39 27.22 -83.24
C ASN H 959 30.67 27.64 -82.53
N VAL H 960 30.55 27.91 -81.24
CA VAL H 960 31.70 28.23 -80.42
C VAL H 960 32.44 26.95 -80.05
N PHE H 961 31.69 25.87 -79.93
CA PHE H 961 32.26 24.58 -79.51
C PHE H 961 33.30 24.08 -80.51
N GLU H 962 33.17 24.46 -81.77
CA GLU H 962 34.10 24.05 -82.82
C GLU H 962 35.57 24.48 -82.59
N ASN H 963 35.77 25.64 -81.98
CA ASN H 963 37.10 26.27 -81.94
C ASN H 963 38.13 25.71 -80.97
N LEU H 964 37.75 24.75 -80.14
CA LEU H 964 38.73 24.11 -79.26
C LEU H 964 39.31 22.86 -79.92
N LYS H 965 40.56 22.96 -80.35
CA LYS H 965 41.19 21.87 -81.09
C LYS H 965 41.98 20.96 -80.16
N GLN H 966 42.13 21.42 -78.91
CA GLN H 966 42.90 20.69 -77.91
C GLN H 966 41.96 19.83 -77.07
N LEU H 967 40.69 19.80 -77.46
CA LEU H 967 39.64 19.18 -76.65
C LEU H 967 39.76 17.66 -76.58
N VAL H 968 39.86 17.17 -75.34
CA VAL H 968 39.93 15.74 -75.04
C VAL H 968 38.59 15.05 -74.79
N PHE H 969 37.85 15.55 -73.80
CA PHE H 969 36.69 14.85 -73.26
C PHE H 969 35.51 15.80 -73.06
N PHE H 970 34.31 15.38 -73.45
CA PHE H 970 33.13 16.14 -73.04
C PHE H 970 31.95 15.26 -72.64
N ASP H 971 31.24 15.70 -71.61
CA ASP H 971 30.12 14.93 -71.08
C ASP H 971 28.84 15.76 -71.12
N PHE H 972 27.89 15.36 -71.98
CA PHE H 972 26.53 15.88 -71.96
C PHE H 972 25.55 14.73 -71.72
N SER H 973 24.92 14.66 -70.55
CA SER H 973 24.04 13.53 -70.24
C SER H 973 22.54 13.82 -70.30
N THR H 974 22.03 14.50 -69.26
CA THR H 974 20.62 14.86 -69.08
C THR H 974 19.57 13.73 -69.29
N GLU H 975 18.44 14.14 -69.85
CA GLU H 975 17.24 13.31 -70.15
C GLU H 975 17.35 12.41 -71.38
N GLU H 976 16.35 11.56 -71.56
CA GLU H 976 16.37 10.65 -72.68
C GLU H 976 16.04 11.53 -73.88
N PHE H 977 16.96 12.47 -74.06
CA PHE H 977 16.86 13.62 -74.95
C PHE H 977 16.74 13.36 -76.47
N LEU H 978 15.84 14.13 -77.06
CA LEU H 978 15.32 13.88 -78.37
C LEU H 978 16.27 13.97 -79.54
N PRO H 979 15.92 13.17 -80.52
CA PRO H 979 16.60 13.14 -81.81
C PRO H 979 15.98 14.19 -82.66
N ASP H 980 16.31 15.45 -82.36
CA ASP H 980 16.07 16.55 -83.28
C ASP H 980 17.41 16.92 -83.91
N ALA H 981 17.48 16.54 -85.18
CA ALA H 981 18.66 16.42 -86.00
C ALA H 981 19.53 17.62 -86.39
N ALA H 982 18.98 18.79 -86.61
CA ALA H 982 19.74 19.83 -87.28
C ALA H 982 21.08 20.08 -86.61
N LEU H 983 21.14 19.98 -85.29
CA LEU H 983 22.40 19.78 -84.55
C LEU H 983 23.03 18.34 -84.71
N VAL H 984 22.17 17.32 -84.71
CA VAL H 984 22.58 15.93 -84.81
C VAL H 984 23.23 15.70 -86.15
N ARG H 985 22.66 16.40 -87.12
CA ARG H 985 23.28 16.74 -88.37
C ARG H 985 24.39 17.73 -88.01
N LYS H 986 24.10 18.60 -87.04
CA LYS H 986 25.06 19.54 -86.49
C LYS H 986 26.20 18.99 -85.63
N LEU H 987 25.82 18.13 -84.68
CA LEU H 987 26.64 17.29 -83.82
C LEU H 987 27.71 16.56 -84.62
N SER H 988 27.29 15.94 -85.72
CA SER H 988 28.21 15.23 -86.59
C SER H 988 29.24 16.17 -87.20
N GLN H 989 28.80 17.34 -87.67
CA GLN H 989 29.74 18.29 -88.28
C GLN H 989 30.80 18.82 -87.29
N VAL H 990 30.33 19.30 -86.13
CA VAL H 990 31.25 19.82 -85.12
C VAL H 990 32.16 18.75 -84.49
N LEU H 991 31.59 17.62 -84.12
CA LEU H 991 32.38 16.54 -83.53
C LEU H 991 33.38 15.98 -84.53
N SER H 992 33.00 15.94 -85.80
CA SER H 992 33.96 15.57 -86.84
C SER H 992 35.05 16.63 -86.92
N LYS H 993 34.67 17.88 -86.69
CA LYS H 993 35.62 18.99 -86.76
C LYS H 993 36.65 18.95 -85.62
N LEU H 994 36.29 18.32 -84.50
CA LEU H 994 37.22 18.20 -83.38
C LEU H 994 38.00 16.91 -83.48
N THR H 995 39.30 17.04 -83.79
CA THR H 995 40.15 15.89 -84.07
C THR H 995 40.74 15.17 -82.86
N LEU H 996 40.95 15.89 -81.76
CA LEU H 996 41.68 15.34 -80.62
C LEU H 996 40.80 14.71 -79.53
N LEU H 997 39.50 14.62 -79.77
CA LEU H 997 38.58 14.11 -78.75
C LEU H 997 38.93 12.67 -78.35
N GLN H 998 39.20 12.44 -77.07
CA GLN H 998 39.37 11.08 -76.55
C GLN H 998 38.07 10.42 -76.11
N GLU H 999 37.22 11.20 -75.43
CA GLU H 999 35.99 10.63 -74.89
C GLU H 999 34.74 11.52 -75.01
N VAL H 1000 33.65 10.90 -75.46
CA VAL H 1000 32.36 11.57 -75.55
C VAL H 1000 31.31 10.81 -74.74
N LYS H 1001 30.73 11.48 -73.75
CA LYS H 1001 29.69 10.84 -72.95
C LYS H 1001 28.33 11.48 -73.21
N LEU H 1002 27.49 10.78 -73.97
CA LEU H 1002 26.10 11.21 -74.13
C LEU H 1002 25.17 10.10 -73.65
N THR H 1003 24.61 10.25 -72.46
CA THR H 1003 23.71 9.23 -71.92
C THR H 1003 22.25 9.54 -72.23
N GLY H 1004 21.54 8.55 -72.77
CA GLY H 1004 20.14 8.70 -73.10
C GLY H 1004 19.83 9.36 -74.43
N TRP H 1005 20.79 10.10 -74.98
CA TRP H 1005 20.64 10.71 -76.30
C TRP H 1005 20.25 9.69 -77.37
N ILE H 1015 25.96 6.51 -85.36
CA ILE H 1015 26.90 7.60 -85.67
C ILE H 1015 28.00 7.68 -84.64
N LYS H 1016 28.98 6.78 -84.75
CA LYS H 1016 30.13 6.76 -83.84
C LYS H 1016 31.35 7.29 -84.57
N GLY H 1017 32.46 7.44 -83.85
CA GLY H 1017 33.68 7.98 -84.44
C GLY H 1017 34.95 7.49 -83.73
N THR H 1018 36.06 8.12 -84.04
CA THR H 1018 37.37 7.73 -83.51
C THR H 1018 37.43 7.74 -81.98
N PHE H 1019 36.53 8.50 -81.35
CA PHE H 1019 36.49 8.57 -79.89
C PHE H 1019 35.68 7.43 -79.29
N LYS H 1020 35.50 7.47 -77.98
CA LYS H 1020 34.66 6.53 -77.27
C LYS H 1020 33.29 7.14 -77.02
N LEU H 1021 32.23 6.48 -77.50
CA LEU H 1021 30.88 7.00 -77.37
C LEU H 1021 30.15 6.27 -76.25
PB ADP I . 31.15 -33.56 62.47
O1B ADP I . 32.55 -33.09 62.74
O2B ADP I . 31.06 -34.72 61.50
O3B ADP I . 30.18 -32.45 62.15
PA ADP I . 29.43 -35.25 63.86
O1A ADP I . 30.05 -36.63 63.89
O2A ADP I . 28.50 -34.88 62.73
O3A ADP I . 30.64 -34.19 63.85
O5' ADP I . 28.66 -35.05 65.26
C5' ADP I . 29.37 -35.16 66.49
C4' ADP I . 28.38 -35.45 67.62
O4' ADP I . 27.61 -34.28 67.93
C3' ADP I . 27.37 -36.52 67.26
O3' ADP I . 27.79 -37.82 67.73
C2' ADP I . 26.08 -36.10 67.95
O2' ADP I . 25.90 -36.83 69.16
C1' ADP I . 26.27 -34.63 68.27
N9 ADP I . 25.32 -33.85 67.44
C8 ADP I . 25.46 -33.59 66.14
N7 ADP I . 24.43 -32.85 65.66
C5 ADP I . 23.59 -32.63 66.69
C6 ADP I . 22.31 -31.92 66.88
N6 ADP I . 21.69 -31.28 65.85
N1 ADP I . 21.77 -31.92 68.12
C2 ADP I . 22.36 -32.54 69.15
N3 ADP I . 23.54 -33.20 69.05
C4 ADP I . 24.18 -33.28 67.86
PB ADP J . -21.26 -22.01 39.61
O1B ADP J . -19.96 -21.41 39.14
O2B ADP J . -21.09 -23.22 40.51
O3B ADP J . -22.29 -22.17 38.52
PA ADP J . -20.98 -19.70 41.17
O1A ADP J . -19.76 -20.28 41.85
O2A ADP J . -20.78 -18.69 40.05
O3A ADP J . -21.89 -20.88 40.57
O5' ADP J . -21.91 -18.99 42.27
C5' ADP J . -22.50 -19.72 43.34
C4' ADP J . -23.07 -18.74 44.34
O4' ADP J . -23.20 -19.38 45.61
C3' ADP J . -22.15 -17.54 44.55
O3' ADP J . -22.77 -16.35 44.05
C2' ADP J . -21.92 -17.43 46.04
O2' ADP J . -22.68 -16.33 46.55
C1' ADP J . -22.45 -18.73 46.62
N9 ADP J . -21.30 -19.59 46.98
C8 ADP J . -20.39 -20.06 46.11
N7 ADP J . -19.46 -20.83 46.73
C5 ADP J . -19.78 -20.86 48.03
C6 ADP J . -19.21 -21.49 49.25
N6 ADP J . -18.10 -22.25 49.18
N1 ADP J . -19.85 -21.27 50.42
C2 ADP J . -20.96 -20.51 50.49
N3 ADP J . -21.52 -19.91 49.43
C4 ADP J . -21.00 -20.04 48.20
S SO4 K . -20.71 -25.38 20.95
O1 SO4 K . -19.59 -24.93 20.15
O2 SO4 K . -20.23 -26.20 22.06
O3 SO4 K . -21.43 -24.22 21.48
O4 SO4 K . -21.61 -26.17 20.11
PB ADP L . -14.72 -35.30 -54.00
O1B ADP L . -13.84 -35.01 -52.80
O2B ADP L . -16.15 -34.83 -53.84
O3B ADP L . -14.59 -36.69 -54.55
PA ADP L . -15.06 -33.60 -56.22
O1A ADP L . -15.46 -32.28 -55.62
O2A ADP L . -16.13 -34.55 -56.69
O3A ADP L . -14.12 -34.33 -55.14
O5' ADP L . -14.07 -33.27 -57.46
C5' ADP L . -13.54 -34.31 -58.26
C4' ADP L . -13.09 -33.72 -59.59
O4' ADP L . -12.93 -34.79 -60.53
C3' ADP L . -14.11 -32.76 -60.17
O3' ADP L . -13.57 -31.43 -60.22
C2' ADP L . -14.39 -33.24 -61.58
O2' ADP L . -13.79 -32.35 -62.51
C1' ADP L . -13.73 -34.60 -61.70
N9 ADP L . -14.75 -35.68 -61.71
C8 ADP L . -15.54 -36.00 -60.66
N7 ADP L . -16.38 -37.03 -60.98
C5 ADP L . -16.12 -37.37 -62.24
C6 ADP L . -16.65 -38.37 -63.20
N6 ADP L . -17.64 -39.23 -62.83
N1 ADP L . -16.12 -38.40 -64.44
C2 ADP L . -15.14 -37.56 -64.81
N3 ADP L . -14.61 -36.62 -64.00
C4 ADP L . -15.05 -36.48 -62.73
PB ADP M . 1.21 9.25 6.42
O1B ADP M . 2.56 8.99 7.06
O2B ADP M . 0.14 8.28 6.84
O3B ADP M . 1.26 9.50 4.93
PA ADP M . -0.78 11.13 7.08
O1A ADP M . -1.24 11.04 8.52
O2A ADP M . -1.52 10.35 6.01
O3A ADP M . 0.76 10.66 7.06
O5' ADP M . -0.78 12.68 6.69
C5' ADP M . 0.11 13.60 7.31
C4' ADP M . -0.52 14.99 7.28
O4' ADP M . -0.55 15.50 5.95
C3' ADP M . -1.95 14.99 7.78
O3' ADP M . -2.01 15.50 9.11
C2' ADP M . -2.72 15.87 6.83
O2' ADP M . -3.04 17.11 7.49
C1' ADP M . -1.78 16.16 5.69
N9 ADP M . -2.33 15.63 4.42
C8 ADP M . -2.34 14.33 4.07
N7 ADP M . -2.91 14.15 2.85
C5 ADP M . -3.28 15.37 2.41
C6 ADP M . -3.94 15.90 1.19
N6 ADP M . -4.32 15.08 0.19
N1 ADP M . -4.13 17.24 1.12
C2 ADP M . -3.75 18.07 2.12
N3 ADP M . -3.15 17.65 3.25
C4 ADP M . -2.89 16.34 3.45
PB ADP N . -17.83 9.62 63.47
O1B ADP N . -16.63 10.30 62.87
O2B ADP N . -19.15 9.96 62.81
O3B ADP N . -17.88 9.69 64.98
PA ADP N . -18.14 7.30 61.86
O1A ADP N . -17.26 7.68 60.69
O2A ADP N . -19.63 7.54 61.78
O3A ADP N . -17.58 8.05 63.17
O5' ADP N . -17.90 5.74 62.15
C5' ADP N . -16.66 5.26 62.67
C4' ADP N . -16.52 3.80 62.26
O4' ADP N . -17.03 2.94 63.27
C3' ADP N . -17.29 3.50 60.98
O3' ADP N . -16.41 3.38 59.87
C2' ADP N . -17.99 2.18 61.24
O2' ADP N . -17.33 1.14 60.52
C1' ADP N . -17.87 1.94 62.73
N9 ADP N . -19.22 2.09 63.35
C8 ADP N . -19.90 3.26 63.41
N7 ADP N . -21.10 3.11 64.02
C5 ADP N . -21.20 1.81 64.36
C6 ADP N . -22.23 0.97 65.03
N6 ADP N . -23.39 1.51 65.47
N1 ADP N . -21.96 -0.34 65.19
C2 ADP N . -20.80 -0.88 64.77
N3 ADP N . -19.83 -0.19 64.15
C4 ADP N . -19.97 1.14 63.91
PB ADP O . -25.96 34.93 19.47
O1B ADP O . -25.38 34.79 20.86
O2B ADP O . -25.47 36.14 18.72
O3B ADP O . -27.45 34.73 19.41
PA ADP O . -23.81 33.24 18.76
O1A ADP O . -23.04 34.38 19.38
O2A ADP O . -23.76 31.87 19.42
O3A ADP O . -25.36 33.66 18.66
O5' ADP O . -23.32 33.05 17.25
C5' ADP O . -24.20 32.51 16.27
C4' ADP O . -23.40 31.80 15.20
O4' ADP O . -22.92 32.71 14.20
C3' ADP O . -22.16 31.11 15.74
O3' ADP O . -22.40 29.71 15.96
C2' ADP O . -21.10 31.28 14.68
O2' ADP O . -20.76 30.01 14.12
C1' ADP O . -21.76 32.13 13.60
N9 ADP O . -20.84 33.15 13.02
C8 ADP O . -20.37 33.09 11.76
N7 ADP O . -19.56 34.12 11.46
C5 ADP O . -19.49 34.89 12.56
C6 ADP O . -18.79 36.15 12.92
N6 ADP O . -18.00 36.78 12.03
N1 ADP O . -18.97 36.63 14.17
C2 ADP O . -19.76 35.99 15.06
N3 ADP O . -20.42 34.85 14.80
C4 ADP O . -20.33 34.25 13.59
PB ADP P . -16.51 24.93 -54.67
O1B ADP P . -15.02 24.83 -54.42
O2B ADP P . -17.21 25.93 -53.78
O3B ADP P . -16.89 25.01 -56.13
PA ADP P . -18.36 23.22 -53.28
O1A ADP P . -18.87 21.84 -53.63
O2A ADP P . -19.34 24.37 -53.37
O3A ADP P . -17.08 23.48 -54.24
O5' ADP P . -17.79 23.12 -51.78
C5' ADP P . -18.09 24.13 -50.82
C4' ADP P . -18.65 23.46 -49.56
O4' ADP P . -19.18 24.47 -48.70
C3' ADP P . -19.78 22.50 -49.89
O3' ADP P . -19.38 21.15 -49.66
C2' ADP P . -20.93 22.88 -48.98
O2' ADP P . -21.07 21.89 -47.95
C1' ADP P . -20.54 24.20 -48.36
N9 ADP P . -21.39 25.26 -48.98
C8 ADP P . -21.40 25.57 -50.29
N7 ADP P . -22.28 26.56 -50.56
C5 ADP P . -22.87 26.89 -49.40
C6 ADP P . -23.90 27.87 -48.98
N6 ADP P . -24.49 28.70 -49.88
N1 ADP P . -24.24 27.90 -47.67
C2 ADP P . -23.66 27.08 -46.77
N3 ADP P . -22.72 26.18 -47.09
C4 ADP P . -22.29 26.03 -48.36
S SO4 Q . -6.28 46.54 -79.82
O1 SO4 Q . -5.32 45.79 -80.63
O2 SO4 Q . -6.26 46.03 -78.45
O3 SO4 Q . -7.61 46.38 -80.38
O4 SO4 Q . -5.91 47.95 -79.82
PB ADP R . 52.06 -15.98 -88.70
O1B ADP R . 53.20 -14.99 -88.54
O2B ADP R . 50.89 -15.45 -89.48
O3B ADP R . 51.69 -16.70 -87.43
PA ADP R . 51.75 -18.08 -90.54
O1A ADP R . 51.79 -17.54 -91.95
O2A ADP R . 50.42 -18.25 -89.86
O3A ADP R . 52.70 -17.11 -89.64
O5' ADP R . 52.53 -19.49 -90.56
C5' ADP R . 52.57 -20.36 -89.42
C4' ADP R . 52.95 -21.75 -89.91
O4' ADP R . 52.74 -22.71 -88.89
C3' ADP R . 52.09 -22.17 -91.10
O3' ADP R . 52.86 -22.16 -92.30
C2' ADP R . 51.61 -23.57 -90.79
O2' ADP R . 52.14 -24.47 -91.76
C1' ADP R . 52.18 -23.91 -89.42
N9 ADP R . 51.11 -24.43 -88.52
C8 ADP R . 51.10 -25.64 -87.95
N7 ADP R . 50.00 -25.84 -87.17
C5 ADP R . 49.28 -24.71 -87.24
C6 ADP R . 48.01 -24.23 -86.66
N6 ADP R . 47.27 -25.02 -85.83
N1 ADP R . 47.60 -22.98 -86.97
C2 ADP R . 48.32 -22.20 -87.78
N3 ADP R . 49.48 -22.56 -88.34
C4 ADP R . 50.01 -23.78 -88.12
#